data_8FAA
#
_entry.id   8FAA
#
_cell.length_a   128.271
_cell.length_b   162.991
_cell.length_c   235.478
_cell.angle_alpha   90.00
_cell.angle_beta   92.83
_cell.angle_gamma   90.00
#
_symmetry.space_group_name_H-M   'P 1 21 1'
#
loop_
_entity.id
_entity.type
_entity.pdbx_description
1 polymer Beta-galactosidase
2 water water
#
_entity_poly.entity_id   1
_entity_poly.type   'polypeptide(L)'
_entity_poly.pdbx_seq_one_letter_code
;MEELPRFFTQNGRHALLVDGAPYTILAAQLHNSSAWPAVLPPALDQVVALHANTVEAPVYWEQFEPAPGRFDTTNVDALI
AGARKRGLRVALLWFGSWKNGQMHYVPEWIKRDEATYPRMRDANGEPVDVLSPHVAANVQADARAFTALMQHLRKIDGDR
HTVIVVQVENEPGAIGTVRDHGPAGEAAFAQPVPAAIAAALGKPAGSWQQLFGAEAAEAFNAHATAAYIEQVAAAGKRAY
PLPLYVNTWLRYKGKRYPGMDYPSGGATVNVFALWRAATPSIDFIGTDIYTSDYGEYTKVIGQYARPDNPAWVSETGFEA
ATAPYLFHVLGQGGIGFSVFGIDGNPDSGANRAAIAAHAANFRQLAPLQRLIAQANLDGRLQAVAEQPGAPQRTLRFGDW
EAKVSFGAPLWGDAPAILPGNDDHAGRLLVAQLGPEEFLVTGTAARIEFFRSAADTRHGQLLQVEQGRYVDGRWQMERQL
NGDQTDYGLNFGRTDAAGQPPPVLRVRVGSY
;
_entity_poly.pdbx_strand_id   A,B,C,D,E,F,G,H,I,J,K,L,M,N,O,P
#
# COMPACT_ATOMS: atom_id res chain seq x y z
N GLU A 2 0.33 -67.92 -21.68
CA GLU A 2 -0.90 -68.60 -22.07
C GLU A 2 -1.92 -68.36 -20.93
N GLU A 3 -3.12 -68.96 -20.95
CA GLU A 3 -4.19 -68.62 -20.01
C GLU A 3 -3.80 -68.92 -18.56
N LEU A 4 -4.42 -68.21 -17.64
CA LEU A 4 -4.24 -68.50 -16.24
C LEU A 4 -4.82 -69.86 -15.88
N PRO A 5 -4.10 -70.71 -15.14
CA PRO A 5 -4.70 -71.96 -14.66
C PRO A 5 -5.98 -71.65 -13.93
N ARG A 6 -7.01 -72.46 -14.16
CA ARG A 6 -8.34 -72.07 -13.72
C ARG A 6 -9.18 -73.31 -13.45
N PHE A 7 -9.82 -73.35 -12.29
CA PHE A 7 -10.74 -74.42 -11.94
C PHE A 7 -12.12 -74.13 -12.50
N PHE A 8 -12.74 -75.15 -13.09
CA PHE A 8 -13.95 -74.99 -13.89
C PHE A 8 -15.00 -76.00 -13.49
N THR A 9 -16.25 -75.54 -13.38
CA THR A 9 -17.39 -76.40 -13.05
C THR A 9 -18.51 -76.18 -14.04
N GLN A 10 -19.10 -77.29 -14.49
CA GLN A 10 -20.11 -77.29 -15.53
C GLN A 10 -20.96 -78.54 -15.35
N ASN A 11 -22.26 -78.36 -15.17
CA ASN A 11 -23.21 -79.48 -15.12
C ASN A 11 -22.82 -80.51 -14.06
N GLY A 12 -22.45 -80.04 -12.88
CA GLY A 12 -22.02 -80.94 -11.81
C GLY A 12 -20.74 -81.70 -12.08
N ARG A 13 -20.04 -81.41 -13.18
CA ARG A 13 -18.74 -81.98 -13.49
C ARG A 13 -17.68 -80.90 -13.43
N HIS A 14 -16.45 -81.30 -13.10
CA HIS A 14 -15.37 -80.37 -12.78
C HIS A 14 -14.12 -80.67 -13.60
N ALA A 15 -13.28 -79.65 -13.73
CA ALA A 15 -12.01 -79.81 -14.44
C ALA A 15 -11.06 -78.71 -13.99
N LEU A 16 -9.79 -79.06 -13.85
CA LEU A 16 -8.72 -78.07 -13.71
C LEU A 16 -8.25 -77.71 -15.11
N LEU A 17 -8.49 -76.46 -15.50
CA LEU A 17 -8.02 -75.96 -16.78
C LEU A 17 -6.58 -75.49 -16.63
N VAL A 18 -5.69 -76.03 -17.46
CA VAL A 18 -4.28 -75.66 -17.47
C VAL A 18 -3.87 -75.44 -18.93
N ASP A 19 -3.27 -74.28 -19.21
CA ASP A 19 -2.96 -73.89 -20.59
C ASP A 19 -4.18 -74.07 -21.49
N GLY A 20 -5.36 -73.71 -20.98
CA GLY A 20 -6.57 -73.59 -21.75
C GLY A 20 -7.41 -74.85 -21.91
N ALA A 21 -6.99 -75.97 -21.34
CA ALA A 21 -7.65 -77.24 -21.55
C ALA A 21 -7.69 -78.01 -20.24
N PRO A 22 -8.59 -79.00 -20.11
CA PRO A 22 -8.59 -79.83 -18.91
C PRO A 22 -7.26 -80.53 -18.71
N TYR A 23 -6.90 -80.68 -17.43
CA TYR A 23 -5.61 -81.21 -17.01
C TYR A 23 -5.82 -82.21 -15.88
N THR A 24 -5.11 -83.34 -15.94
CA THR A 24 -5.19 -84.38 -14.93
C THR A 24 -3.89 -84.39 -14.14
N ILE A 25 -3.97 -84.05 -12.86
CA ILE A 25 -2.79 -83.97 -12.02
C ILE A 25 -2.36 -85.39 -11.65
N LEU A 26 -1.11 -85.73 -11.94
CA LEU A 26 -0.53 -87.03 -11.59
C LEU A 26 0.73 -86.73 -10.77
N ALA A 27 0.56 -86.62 -9.45
CA ALA A 27 1.47 -85.86 -8.59
C ALA A 27 2.25 -86.74 -7.61
N ALA A 28 3.39 -86.22 -7.18
CA ALA A 28 4.19 -86.78 -6.10
C ALA A 28 4.63 -85.65 -5.15
N GLN A 29 4.46 -85.88 -3.86
CA GLN A 29 4.79 -84.88 -2.86
C GLN A 29 6.10 -85.24 -2.16
N LEU A 30 6.93 -84.22 -1.95
CA LEU A 30 8.18 -84.38 -1.22
C LEU A 30 7.90 -84.43 0.28
N HIS A 31 8.87 -84.95 1.02
CA HIS A 31 8.71 -84.96 2.47
C HIS A 31 8.73 -83.52 2.98
N ASN A 32 8.13 -83.34 4.17
CA ASN A 32 7.92 -82.00 4.73
C ASN A 32 9.18 -81.15 4.72
N SER A 33 10.33 -81.76 5.01
CA SER A 33 11.58 -81.01 5.15
C SER A 33 12.48 -81.13 3.93
N SER A 34 11.91 -81.44 2.75
CA SER A 34 12.68 -81.64 1.53
C SER A 34 12.74 -80.41 0.64
N ALA A 35 11.94 -79.38 0.90
CA ALA A 35 11.89 -78.23 0.00
C ALA A 35 13.00 -77.23 0.31
N TRP A 36 14.25 -77.71 0.38
CA TRP A 36 15.43 -76.88 0.59
C TRP A 36 16.38 -76.99 -0.60
N PRO A 37 17.11 -75.92 -0.91
CA PRO A 37 17.92 -75.91 -2.16
C PRO A 37 18.86 -77.11 -2.36
N ALA A 38 19.49 -77.62 -1.30
CA ALA A 38 20.38 -78.78 -1.43
C ALA A 38 19.64 -80.09 -1.64
N VAL A 39 18.39 -80.17 -1.22
CA VAL A 39 17.62 -81.40 -1.35
C VAL A 39 16.89 -81.47 -2.69
N LEU A 40 16.49 -80.31 -3.23
CA LEU A 40 15.62 -80.30 -4.40
C LEU A 40 16.15 -81.11 -5.60
N PRO A 41 17.43 -81.04 -5.98
CA PRO A 41 17.88 -81.74 -7.20
C PRO A 41 17.71 -83.26 -7.09
N PRO A 42 18.28 -83.95 -6.09
CA PRO A 42 18.01 -85.39 -6.00
C PRO A 42 16.54 -85.70 -5.74
N ALA A 43 15.84 -84.85 -4.98
CA ALA A 43 14.44 -85.08 -4.67
C ALA A 43 13.54 -84.90 -5.88
N LEU A 44 13.79 -83.86 -6.67
CA LEU A 44 13.00 -83.67 -7.88
C LEU A 44 13.34 -84.71 -8.94
N ASP A 45 14.56 -85.25 -8.92
CA ASP A 45 14.91 -86.33 -9.83
C ASP A 45 14.05 -87.57 -9.57
N GLN A 46 13.83 -87.91 -8.30
CA GLN A 46 13.02 -89.09 -8.00
C GLN A 46 11.58 -88.89 -8.42
N VAL A 47 11.10 -87.64 -8.41
CA VAL A 47 9.76 -87.37 -8.93
C VAL A 47 9.72 -87.68 -10.42
N VAL A 48 10.79 -87.36 -11.15
CA VAL A 48 10.85 -87.66 -12.58
C VAL A 48 10.84 -89.17 -12.79
N ALA A 49 11.59 -89.91 -11.97
CA ALA A 49 11.60 -91.37 -12.07
C ALA A 49 10.24 -91.98 -11.79
N LEU A 50 9.33 -91.25 -11.14
CA LEU A 50 7.96 -91.72 -11.01
C LEU A 50 7.11 -91.36 -12.22
N HIS A 51 7.63 -90.53 -13.12
CA HIS A 51 6.93 -90.03 -14.31
C HIS A 51 5.71 -89.18 -13.93
N ALA A 52 5.75 -88.55 -12.76
CA ALA A 52 4.71 -87.63 -12.37
C ALA A 52 4.75 -86.37 -13.25
N ASN A 53 3.58 -85.73 -13.41
CA ASN A 53 3.56 -84.47 -14.13
C ASN A 53 3.52 -83.27 -13.20
N THR A 54 3.31 -83.48 -11.91
CA THR A 54 3.26 -82.40 -10.94
C THR A 54 4.03 -82.84 -9.70
N VAL A 55 4.75 -81.91 -9.08
CA VAL A 55 5.32 -82.09 -7.75
C VAL A 55 4.56 -81.20 -6.79
N GLU A 56 4.25 -81.73 -5.61
CA GLU A 56 3.70 -80.96 -4.50
C GLU A 56 4.81 -80.72 -3.48
N ALA A 57 5.07 -79.46 -3.16
CA ALA A 57 6.14 -79.11 -2.25
C ALA A 57 5.78 -77.89 -1.42
N PRO A 58 6.29 -77.79 -0.20
CA PRO A 58 5.88 -76.68 0.68
C PRO A 58 6.73 -75.42 0.55
N VAL A 59 6.06 -74.29 0.79
CA VAL A 59 6.71 -73.03 1.10
C VAL A 59 6.49 -72.77 2.58
N TYR A 60 7.57 -72.78 3.36
CA TYR A 60 7.52 -72.61 4.81
C TYR A 60 7.41 -71.13 5.16
N TRP A 61 6.38 -70.77 5.94
CA TRP A 61 6.26 -69.38 6.40
C TRP A 61 7.47 -68.99 7.24
N GLU A 62 7.98 -69.94 8.04
CA GLU A 62 9.25 -69.82 8.75
C GLU A 62 10.35 -69.13 7.96
N GLN A 63 10.72 -69.68 6.80
CA GLN A 63 11.83 -69.13 6.05
C GLN A 63 11.39 -68.06 5.05
N PHE A 64 10.11 -68.00 4.72
CA PHE A 64 9.69 -67.03 3.72
C PHE A 64 9.62 -65.61 4.30
N GLU A 65 9.22 -65.47 5.55
CA GLU A 65 9.18 -64.17 6.24
C GLU A 65 9.97 -64.29 7.53
N PRO A 66 11.32 -64.25 7.45
CA PRO A 66 12.14 -64.45 8.66
C PRO A 66 12.10 -63.29 9.65
N ALA A 67 11.64 -62.11 9.22
CA ALA A 67 11.43 -60.95 10.06
C ALA A 67 10.20 -60.23 9.53
N PRO A 68 9.50 -59.48 10.38
CA PRO A 68 8.27 -58.81 9.93
C PRO A 68 8.52 -57.94 8.71
N GLY A 69 7.85 -58.29 7.61
CA GLY A 69 7.84 -57.46 6.43
C GLY A 69 9.02 -57.63 5.50
N ARG A 70 9.97 -58.49 5.84
CA ARG A 70 11.08 -58.85 4.95
C ARG A 70 10.90 -60.29 4.50
N PHE A 71 10.91 -60.51 3.19
CA PHE A 71 10.60 -61.81 2.62
C PHE A 71 11.80 -62.42 1.90
N ASP A 72 11.97 -63.73 2.06
CA ASP A 72 13.05 -64.47 1.43
C ASP A 72 12.44 -65.46 0.44
N THR A 73 12.78 -65.30 -0.84
CA THR A 73 12.24 -66.16 -1.89
C THR A 73 13.23 -67.20 -2.38
N THR A 74 14.35 -67.40 -1.68
CA THR A 74 15.35 -68.38 -2.08
C THR A 74 14.71 -69.72 -2.39
N ASN A 75 13.95 -70.25 -1.44
CA ASN A 75 13.45 -71.62 -1.58
C ASN A 75 12.39 -71.73 -2.66
N VAL A 76 11.46 -70.76 -2.76
CA VAL A 76 10.43 -70.86 -3.79
C VAL A 76 11.04 -70.66 -5.17
N ASP A 77 12.08 -69.83 -5.30
CA ASP A 77 12.70 -69.69 -6.60
C ASP A 77 13.45 -70.97 -6.99
N ALA A 78 14.10 -71.62 -6.02
CA ALA A 78 14.78 -72.90 -6.29
C ALA A 78 13.79 -73.99 -6.68
N LEU A 79 12.62 -74.01 -6.06
CA LEU A 79 11.65 -75.04 -6.37
C LEU A 79 11.11 -74.86 -7.78
N ILE A 80 10.83 -73.62 -8.17
CA ILE A 80 10.30 -73.42 -9.52
C ILE A 80 11.38 -73.60 -10.57
N ALA A 81 12.61 -73.17 -10.28
CA ALA A 81 13.70 -73.44 -11.21
C ALA A 81 13.93 -74.94 -11.38
N GLY A 82 13.91 -75.69 -10.28
CA GLY A 82 14.11 -77.13 -10.38
C GLY A 82 13.03 -77.82 -11.21
N ALA A 83 11.79 -77.33 -11.11
CA ALA A 83 10.70 -77.97 -11.82
C ALA A 83 10.73 -77.62 -13.31
N ARG A 84 11.03 -76.37 -13.64
CA ARG A 84 11.14 -75.98 -15.04
C ARG A 84 12.27 -76.75 -15.73
N LYS A 85 13.41 -76.91 -15.06
CA LYS A 85 14.50 -77.65 -15.66
C LYS A 85 14.10 -79.10 -15.94
N ARG A 86 13.18 -79.65 -15.15
CA ARG A 86 12.82 -81.06 -15.24
C ARG A 86 11.45 -81.26 -15.89
N GLY A 87 10.83 -80.20 -16.41
CA GLY A 87 9.57 -80.32 -17.11
C GLY A 87 8.34 -80.48 -16.24
N LEU A 88 8.42 -80.15 -14.95
CA LEU A 88 7.32 -80.41 -14.04
C LEU A 88 6.46 -79.17 -13.84
N ARG A 89 5.17 -79.39 -13.66
CA ARG A 89 4.28 -78.41 -13.06
C ARG A 89 4.39 -78.51 -11.54
N VAL A 90 4.09 -77.41 -10.84
CA VAL A 90 4.24 -77.35 -9.40
C VAL A 90 2.90 -77.10 -8.75
N ALA A 91 2.63 -77.85 -7.69
CA ALA A 91 1.56 -77.58 -6.74
C ALA A 91 2.22 -77.05 -5.46
N LEU A 92 1.94 -75.81 -5.13
CA LEU A 92 2.62 -75.12 -4.04
C LEU A 92 1.79 -75.22 -2.78
N LEU A 93 2.39 -75.75 -1.72
CA LEU A 93 1.71 -75.88 -0.44
C LEU A 93 2.20 -74.79 0.51
N TRP A 94 1.28 -73.92 0.93
CA TRP A 94 1.58 -72.83 1.87
C TRP A 94 1.47 -73.35 3.30
N PHE A 95 2.63 -73.66 3.90
CA PHE A 95 2.70 -74.08 5.30
C PHE A 95 2.65 -72.81 6.17
N GLY A 96 1.42 -72.35 6.42
CA GLY A 96 1.24 -71.11 7.15
C GLY A 96 0.88 -71.29 8.60
N SER A 97 -0.20 -70.63 9.04
CA SER A 97 -0.66 -70.75 10.43
C SER A 97 -0.91 -72.19 10.83
N TRP A 98 -1.43 -73.02 9.92
CA TRP A 98 -1.76 -74.41 10.21
C TRP A 98 -0.97 -75.36 9.35
N LYS A 99 -0.29 -76.31 10.00
CA LYS A 99 0.22 -77.51 9.36
C LYS A 99 -0.08 -78.67 10.32
N ASN A 100 -0.90 -79.62 9.86
CA ASN A 100 -1.36 -80.73 10.68
C ASN A 100 -1.96 -80.24 11.99
N GLY A 101 -2.80 -79.20 11.88
CA GLY A 101 -3.49 -78.67 13.03
C GLY A 101 -2.64 -77.91 14.02
N GLN A 102 -1.39 -77.60 13.68
CA GLN A 102 -0.48 -76.93 14.61
C GLN A 102 0.27 -75.81 13.89
N MET A 103 0.94 -74.98 14.69
CA MET A 103 1.55 -73.73 14.25
C MET A 103 3.08 -73.84 14.07
N HIS A 104 3.63 -75.05 13.95
CA HIS A 104 5.08 -75.25 13.99
C HIS A 104 5.84 -74.60 12.84
N TYR A 105 5.16 -74.09 11.81
CA TYR A 105 5.83 -73.43 10.70
C TYR A 105 5.72 -71.92 10.75
N VAL A 106 4.93 -71.40 11.67
CA VAL A 106 4.78 -69.98 11.92
C VAL A 106 6.14 -69.36 12.25
N PRO A 107 6.48 -68.15 11.77
CA PRO A 107 7.85 -67.64 11.92
C PRO A 107 8.23 -67.47 13.38
N GLU A 108 9.55 -67.43 13.62
CA GLU A 108 10.04 -67.40 14.99
C GLU A 108 9.52 -66.18 15.74
N TRP A 109 9.50 -65.02 15.09
CA TRP A 109 9.02 -63.80 15.75
C TRP A 109 7.55 -63.85 16.12
N ILE A 110 6.76 -64.79 15.60
CA ILE A 110 5.43 -65.01 16.14
C ILE A 110 5.47 -65.99 17.32
N LYS A 111 6.30 -67.02 17.22
CA LYS A 111 6.46 -67.96 18.32
C LYS A 111 7.02 -67.30 19.59
N ARG A 112 7.84 -66.25 19.44
CA ARG A 112 8.38 -65.59 20.64
C ARG A 112 7.34 -64.73 21.36
N ASP A 113 6.24 -64.35 20.70
CA ASP A 113 5.36 -63.29 21.17
C ASP A 113 3.93 -63.83 21.29
N GLU A 114 3.70 -64.67 22.30
CA GLU A 114 2.35 -65.15 22.57
C GLU A 114 1.39 -64.00 22.92
N ALA A 115 1.92 -62.85 23.33
CA ALA A 115 1.05 -61.74 23.69
C ALA A 115 0.42 -61.11 22.45
N THR A 116 1.24 -60.84 21.44
CA THR A 116 0.72 -60.29 20.20
C THR A 116 -0.01 -61.35 19.36
N TYR A 117 0.40 -62.61 19.47
CA TYR A 117 -0.14 -63.68 18.64
C TYR A 117 -0.60 -64.80 19.57
N PRO A 118 -1.84 -64.72 20.05
CA PRO A 118 -2.29 -65.64 21.12
C PRO A 118 -2.55 -67.05 20.60
N ARG A 119 -2.06 -68.02 21.37
CA ARG A 119 -2.37 -69.42 21.15
C ARG A 119 -3.75 -69.75 21.70
N MET A 120 -4.40 -70.74 21.10
CA MET A 120 -5.64 -71.27 21.65
C MET A 120 -5.43 -71.77 23.07
N ARG A 121 -6.50 -71.73 23.86
CA ARG A 121 -6.54 -72.31 25.18
C ARG A 121 -7.45 -73.53 25.17
N ASP A 122 -7.03 -74.59 25.84
CA ASP A 122 -7.85 -75.80 25.89
C ASP A 122 -8.83 -75.71 27.05
N ALA A 123 -9.61 -76.78 27.25
CA ALA A 123 -10.65 -76.78 28.28
C ALA A 123 -10.10 -76.50 29.68
N ASN A 124 -8.83 -76.79 29.92
CA ASN A 124 -8.22 -76.57 31.21
C ASN A 124 -7.59 -75.19 31.35
N GLY A 125 -7.62 -74.38 30.29
CA GLY A 125 -6.99 -73.07 30.29
C GLY A 125 -5.54 -73.06 29.88
N GLU A 126 -4.98 -74.20 29.47
CA GLU A 126 -3.60 -74.34 29.03
C GLU A 126 -3.47 -74.02 27.53
N PRO A 127 -2.36 -73.40 27.12
CA PRO A 127 -2.14 -73.14 25.70
C PRO A 127 -1.82 -74.41 24.93
N VAL A 128 -2.13 -74.40 23.64
CA VAL A 128 -1.80 -75.49 22.76
C VAL A 128 -1.03 -74.92 21.57
N ASP A 129 -0.46 -75.81 20.77
CA ASP A 129 0.38 -75.39 19.66
C ASP A 129 -0.44 -74.92 18.47
N VAL A 130 -1.42 -74.04 18.69
CA VAL A 130 -2.31 -73.58 17.62
C VAL A 130 -2.56 -72.09 17.80
N LEU A 131 -2.48 -71.35 16.71
CA LEU A 131 -2.78 -69.91 16.75
C LEU A 131 -4.29 -69.71 16.91
N SER A 132 -4.68 -68.79 17.78
CA SER A 132 -6.09 -68.58 18.04
C SER A 132 -6.79 -68.07 16.79
N PRO A 133 -7.90 -68.70 16.37
CA PRO A 133 -8.64 -68.21 15.21
C PRO A 133 -9.55 -67.02 15.48
N HIS A 134 -9.44 -66.37 16.64
CA HIS A 134 -10.36 -65.31 17.02
C HIS A 134 -9.66 -63.99 17.28
N VAL A 135 -8.37 -63.90 17.03
CA VAL A 135 -7.62 -62.67 17.25
C VAL A 135 -7.14 -62.16 15.89
N ALA A 136 -7.49 -60.91 15.58
CA ALA A 136 -7.23 -60.36 14.24
C ALA A 136 -5.74 -60.39 13.89
N ALA A 137 -4.87 -60.22 14.88
CA ALA A 137 -3.44 -60.15 14.62
C ALA A 137 -2.94 -61.39 13.90
N ASN A 138 -3.51 -62.56 14.22
CA ASN A 138 -3.01 -63.80 13.62
C ASN A 138 -3.41 -63.92 12.16
N VAL A 139 -4.71 -63.80 11.87
CA VAL A 139 -5.17 -63.96 10.49
C VAL A 139 -4.58 -62.87 9.60
N GLN A 140 -4.32 -61.68 10.17
CA GLN A 140 -3.76 -60.60 9.35
C GLN A 140 -2.31 -60.85 8.99
N ALA A 141 -1.54 -61.45 9.89
CA ALA A 141 -0.16 -61.78 9.53
C ALA A 141 -0.16 -62.83 8.43
N ASP A 142 -0.95 -63.89 8.59
CA ASP A 142 -1.03 -64.94 7.58
C ASP A 142 -1.46 -64.39 6.23
N ALA A 143 -2.55 -63.61 6.21
CA ALA A 143 -3.03 -63.04 4.95
C ALA A 143 -1.97 -62.18 4.30
N ARG A 144 -1.24 -61.40 5.11
CA ARG A 144 -0.26 -60.46 4.58
C ARG A 144 0.93 -61.20 3.97
N ALA A 145 1.38 -62.28 4.61
CA ALA A 145 2.46 -63.08 4.07
C ALA A 145 2.00 -63.87 2.84
N PHE A 146 0.80 -64.46 2.90
CA PHE A 146 0.28 -65.18 1.73
C PHE A 146 0.15 -64.24 0.55
N THR A 147 -0.23 -62.98 0.80
CA THR A 147 -0.30 -61.99 -0.26
C THR A 147 1.07 -61.74 -0.87
N ALA A 148 2.10 -61.58 -0.03
CA ALA A 148 3.45 -61.39 -0.53
C ALA A 148 3.91 -62.56 -1.37
N LEU A 149 3.53 -63.78 -0.98
CA LEU A 149 3.91 -64.96 -1.75
C LEU A 149 3.23 -64.97 -3.12
N MET A 150 1.92 -64.70 -3.14
CA MET A 150 1.19 -64.73 -4.40
C MET A 150 1.62 -63.59 -5.32
N GLN A 151 1.94 -62.42 -4.75
CA GLN A 151 2.44 -61.32 -5.55
C GLN A 151 3.77 -61.67 -6.18
N HIS A 152 4.68 -62.27 -5.40
CA HIS A 152 5.93 -62.75 -5.96
C HIS A 152 5.67 -63.82 -7.01
N LEU A 153 4.63 -64.62 -6.80
CA LEU A 153 4.33 -65.71 -7.73
C LEU A 153 3.76 -65.18 -9.04
N ARG A 154 2.82 -64.23 -8.98
CA ARG A 154 2.35 -63.62 -10.21
C ARG A 154 3.51 -63.02 -10.97
N LYS A 155 4.41 -62.39 -10.24
CA LYS A 155 5.67 -61.96 -10.77
C LYS A 155 6.35 -63.22 -11.32
N ILE A 156 6.56 -64.34 -10.57
CA ILE A 156 7.49 -65.32 -11.17
C ILE A 156 6.87 -66.12 -12.28
N ASP A 157 5.57 -66.26 -12.30
CA ASP A 157 5.01 -67.35 -13.03
C ASP A 157 3.84 -66.87 -13.86
N GLY A 158 3.66 -65.57 -13.99
CA GLY A 158 2.52 -65.05 -14.70
C GLY A 158 2.56 -65.40 -16.16
N ASP A 159 3.76 -65.51 -16.74
CA ASP A 159 3.83 -65.91 -18.14
C ASP A 159 3.91 -67.43 -18.26
N ARG A 160 4.78 -68.04 -17.48
CA ARG A 160 5.09 -69.45 -17.64
C ARG A 160 4.06 -70.37 -16.99
N HIS A 161 3.51 -69.96 -15.85
CA HIS A 161 2.48 -70.72 -15.12
C HIS A 161 2.99 -72.10 -14.69
N THR A 162 4.26 -72.18 -14.29
CA THR A 162 4.79 -73.43 -13.75
C THR A 162 3.97 -73.90 -12.56
N VAL A 163 3.55 -72.96 -11.72
CA VAL A 163 2.72 -73.28 -10.56
C VAL A 163 1.27 -73.39 -11.01
N ILE A 164 0.64 -74.50 -10.67
CA ILE A 164 -0.66 -74.84 -11.23
C ILE A 164 -1.78 -74.73 -10.21
N VAL A 165 -1.54 -75.10 -8.95
CA VAL A 165 -2.50 -74.97 -7.87
C VAL A 165 -1.72 -74.54 -6.64
N VAL A 166 -2.40 -73.88 -5.72
CA VAL A 166 -1.80 -73.55 -4.43
C VAL A 166 -2.71 -74.08 -3.33
N GLN A 167 -2.12 -74.80 -2.38
CA GLN A 167 -2.82 -75.32 -1.22
C GLN A 167 -2.69 -74.32 -0.08
N VAL A 168 -3.80 -73.83 0.44
CA VAL A 168 -3.80 -72.81 1.49
C VAL A 168 -3.85 -73.53 2.84
N GLU A 169 -2.79 -73.35 3.63
CA GLU A 169 -2.55 -74.07 4.87
C GLU A 169 -2.29 -75.54 4.57
N ASN A 170 -2.13 -76.36 5.60
CA ASN A 170 -1.96 -77.80 5.38
C ASN A 170 -2.63 -78.56 6.52
N GLU A 171 -3.70 -79.28 6.19
CA GLU A 171 -4.52 -80.00 7.16
C GLU A 171 -4.93 -79.09 8.33
N PRO A 172 -5.70 -78.04 8.07
CA PRO A 172 -6.03 -77.09 9.14
C PRO A 172 -7.00 -77.69 10.16
N GLY A 173 -7.26 -76.90 11.19
CA GLY A 173 -8.02 -77.30 12.36
C GLY A 173 -7.14 -77.24 13.60
N ALA A 174 -7.67 -77.75 14.69
CA ALA A 174 -7.05 -77.62 16.00
C ALA A 174 -6.71 -79.00 16.57
N ILE A 175 -5.46 -79.16 16.96
CA ILE A 175 -5.00 -80.32 17.73
C ILE A 175 -4.79 -79.86 19.16
N GLY A 176 -5.44 -80.55 20.10
CA GLY A 176 -5.25 -80.27 21.52
C GLY A 176 -6.45 -79.66 22.19
N THR A 177 -7.47 -79.26 21.44
CA THR A 177 -8.70 -78.72 22.00
C THR A 177 -9.74 -78.72 20.89
N VAL A 178 -11.02 -78.82 21.29
CA VAL A 178 -12.09 -78.75 20.31
C VAL A 178 -12.34 -77.31 19.87
N ARG A 179 -12.26 -76.35 20.81
CA ARG A 179 -12.49 -74.97 20.45
C ARG A 179 -11.60 -74.08 21.33
N ASP A 180 -11.61 -72.78 21.04
CA ASP A 180 -10.79 -71.82 21.77
C ASP A 180 -11.52 -71.37 23.04
N HIS A 181 -10.85 -71.52 24.18
CA HIS A 181 -11.40 -71.12 25.47
C HIS A 181 -10.71 -69.88 26.03
N GLY A 182 -9.86 -69.23 25.23
CA GLY A 182 -9.44 -67.88 25.51
C GLY A 182 -10.63 -66.94 25.48
N PRO A 183 -10.46 -65.77 26.10
CA PRO A 183 -11.58 -64.79 26.15
C PRO A 183 -12.23 -64.52 24.81
N ALA A 184 -11.44 -64.27 23.78
CA ALA A 184 -12.01 -63.97 22.48
C ALA A 184 -12.83 -65.15 21.95
N GLY A 185 -12.26 -66.36 22.02
CA GLY A 185 -13.03 -67.53 21.61
C GLY A 185 -14.29 -67.69 22.40
N GLU A 186 -14.20 -67.51 23.73
CA GLU A 186 -15.35 -67.69 24.59
C GLU A 186 -16.45 -66.69 24.27
N ALA A 187 -16.07 -65.45 23.96
CA ALA A 187 -17.07 -64.44 23.64
C ALA A 187 -17.78 -64.77 22.33
N ALA A 188 -17.02 -65.19 21.32
CA ALA A 188 -17.63 -65.49 20.03
C ALA A 188 -18.52 -66.72 20.12
N PHE A 189 -18.10 -67.72 20.90
CA PHE A 189 -18.92 -68.90 21.12
C PHE A 189 -20.23 -68.56 21.82
N ALA A 190 -20.28 -67.43 22.53
CA ALA A 190 -21.51 -66.98 23.18
C ALA A 190 -22.41 -66.19 22.25
N GLN A 191 -21.93 -65.83 21.07
CA GLN A 191 -22.73 -65.13 20.09
C GLN A 191 -23.51 -66.12 19.26
N PRO A 192 -24.55 -65.67 18.56
CA PRO A 192 -25.30 -66.57 17.66
C PRO A 192 -24.51 -66.93 16.41
N VAL A 193 -25.06 -67.86 15.66
CA VAL A 193 -24.50 -68.27 14.36
C VAL A 193 -24.84 -67.20 13.33
N PRO A 194 -23.89 -66.74 12.52
CA PRO A 194 -24.23 -65.83 11.42
C PRO A 194 -25.22 -66.47 10.46
N ALA A 195 -26.24 -65.68 10.05
CA ALA A 195 -27.36 -66.25 9.28
C ALA A 195 -26.96 -66.62 7.87
N ALA A 196 -26.01 -65.89 7.26
CA ALA A 196 -25.44 -66.39 6.00
C ALA A 196 -25.12 -67.88 6.13
N ILE A 197 -24.40 -68.25 7.20
CA ILE A 197 -24.19 -69.66 7.52
C ILE A 197 -25.52 -70.37 7.77
N ALA A 198 -26.33 -69.85 8.70
CA ALA A 198 -27.62 -70.48 8.99
C ALA A 198 -28.46 -70.61 7.72
N ALA A 199 -28.58 -69.53 6.93
CA ALA A 199 -29.36 -69.60 5.71
C ALA A 199 -28.75 -70.62 4.73
N ALA A 200 -27.43 -70.54 4.53
CA ALA A 200 -26.78 -71.41 3.55
C ALA A 200 -26.97 -72.88 3.88
N LEU A 201 -27.15 -73.20 5.16
CA LEU A 201 -27.41 -74.57 5.58
C LEU A 201 -28.88 -74.92 5.67
N GLY A 202 -29.78 -73.99 5.30
CA GLY A 202 -31.20 -74.24 5.42
C GLY A 202 -31.65 -74.38 6.85
N LYS A 203 -31.21 -73.48 7.73
CA LYS A 203 -31.49 -73.56 9.15
C LYS A 203 -32.09 -72.26 9.65
N PRO A 204 -32.81 -72.31 10.78
CA PRO A 204 -33.30 -71.08 11.40
C PRO A 204 -32.18 -70.40 12.19
N ALA A 205 -32.46 -69.17 12.61
CA ALA A 205 -31.53 -68.48 13.49
C ALA A 205 -31.43 -69.21 14.81
N GLY A 206 -30.28 -69.08 15.45
CA GLY A 206 -30.12 -69.69 16.75
C GLY A 206 -28.67 -69.66 17.20
N SER A 207 -28.46 -70.28 18.36
CA SER A 207 -27.15 -70.48 18.93
C SER A 207 -26.49 -71.72 18.35
N TRP A 208 -25.18 -71.86 18.58
CA TRP A 208 -24.47 -73.01 18.07
C TRP A 208 -25.07 -74.31 18.58
N GLN A 209 -25.42 -74.34 19.86
CA GLN A 209 -26.02 -75.54 20.44
C GLN A 209 -27.38 -75.85 19.85
N GLN A 210 -28.15 -74.82 19.48
CA GLN A 210 -29.50 -75.05 18.97
C GLN A 210 -29.47 -75.54 17.53
N LEU A 211 -28.50 -75.08 16.74
CA LEU A 211 -28.40 -75.48 15.34
C LEU A 211 -27.61 -76.75 15.15
N PHE A 212 -26.73 -77.09 16.09
CA PHE A 212 -25.77 -78.16 15.88
C PHE A 212 -25.69 -79.18 17.01
N GLY A 213 -26.43 -78.98 18.10
CA GLY A 213 -26.56 -80.00 19.12
C GLY A 213 -25.23 -80.31 19.77
N ALA A 214 -24.90 -81.61 19.82
CA ALA A 214 -23.66 -82.07 20.43
C ALA A 214 -22.41 -81.60 19.69
N GLU A 215 -22.55 -81.22 18.42
CA GLU A 215 -21.43 -80.75 17.62
C GLU A 215 -21.21 -79.25 17.71
N ALA A 216 -21.81 -78.59 18.71
CA ALA A 216 -21.80 -77.13 18.77
C ALA A 216 -20.38 -76.57 18.84
N ALA A 217 -19.53 -77.16 19.68
CA ALA A 217 -18.16 -76.66 19.80
C ALA A 217 -17.34 -76.93 18.53
N GLU A 218 -17.46 -78.14 17.96
CA GLU A 218 -16.69 -78.46 16.75
C GLU A 218 -17.16 -77.63 15.57
N ALA A 219 -18.48 -77.60 15.33
CA ALA A 219 -19.05 -76.72 14.32
C ALA A 219 -18.54 -75.28 14.46
N PHE A 220 -18.46 -74.79 15.70
CA PHE A 220 -18.00 -73.43 15.94
C PHE A 220 -16.54 -73.25 15.52
N ASN A 221 -15.68 -74.21 15.85
CA ASN A 221 -14.28 -74.08 15.43
C ASN A 221 -14.09 -74.41 13.95
N ALA A 222 -14.98 -75.22 13.37
CA ALA A 222 -14.94 -75.39 11.92
C ALA A 222 -15.16 -74.06 11.23
N HIS A 223 -16.15 -73.28 11.69
CA HIS A 223 -16.42 -72.00 11.06
C HIS A 223 -15.27 -71.04 11.32
N ALA A 224 -14.82 -70.95 12.57
CA ALA A 224 -13.68 -70.10 12.91
C ALA A 224 -12.52 -70.39 11.97
N THR A 225 -12.17 -71.67 11.79
CA THR A 225 -11.04 -72.05 10.94
C THR A 225 -11.28 -71.68 9.48
N ALA A 226 -12.49 -71.96 8.96
CA ALA A 226 -12.80 -71.62 7.57
C ALA A 226 -12.77 -70.12 7.33
N ALA A 227 -13.43 -69.34 8.19
CA ALA A 227 -13.46 -67.89 8.00
C ALA A 227 -12.05 -67.29 8.03
N TYR A 228 -11.21 -67.81 8.93
CA TYR A 228 -9.80 -67.44 8.96
C TYR A 228 -9.15 -67.69 7.60
N ILE A 229 -9.32 -68.90 7.06
CA ILE A 229 -8.71 -69.27 5.78
C ILE A 229 -9.34 -68.49 4.63
N GLU A 230 -10.62 -68.15 4.73
CA GLU A 230 -11.24 -67.32 3.69
C GLU A 230 -10.56 -65.96 3.57
N GLN A 231 -10.21 -65.35 4.72
CA GLN A 231 -9.53 -64.06 4.70
C GLN A 231 -8.18 -64.17 4.03
N VAL A 232 -7.40 -65.21 4.37
CA VAL A 232 -6.11 -65.43 3.75
C VAL A 232 -6.27 -65.67 2.27
N ALA A 233 -7.27 -66.46 1.89
CA ALA A 233 -7.41 -66.88 0.49
C ALA A 233 -7.90 -65.74 -0.38
N ALA A 234 -8.87 -64.97 0.11
CA ALA A 234 -9.34 -63.83 -0.66
C ALA A 234 -8.20 -62.86 -0.93
N ALA A 235 -7.30 -62.68 0.04
CA ALA A 235 -6.20 -61.75 -0.12
C ALA A 235 -5.22 -62.22 -1.19
N GLY A 236 -4.95 -63.52 -1.24
CA GLY A 236 -4.17 -64.08 -2.33
C GLY A 236 -4.88 -64.02 -3.67
N LYS A 237 -6.21 -64.15 -3.67
CA LYS A 237 -6.95 -64.10 -4.93
C LYS A 237 -6.80 -62.73 -5.60
N ARG A 238 -6.83 -61.66 -4.81
CA ARG A 238 -6.60 -60.32 -5.34
C ARG A 238 -5.21 -60.20 -5.95
N ALA A 239 -4.21 -60.75 -5.26
CA ALA A 239 -2.84 -60.63 -5.74
C ALA A 239 -2.62 -61.43 -7.01
N TYR A 240 -3.18 -62.65 -7.10
CA TYR A 240 -2.90 -63.61 -8.16
C TYR A 240 -3.87 -64.79 -8.08
N PRO A 241 -4.96 -64.76 -8.82
CA PRO A 241 -6.06 -65.72 -8.60
C PRO A 241 -5.83 -67.10 -9.23
N LEU A 242 -4.76 -67.76 -8.79
CA LEU A 242 -4.57 -69.18 -9.09
C LEU A 242 -5.63 -70.02 -8.38
N PRO A 243 -5.92 -71.22 -8.88
CA PRO A 243 -6.82 -72.11 -8.13
C PRO A 243 -6.26 -72.39 -6.74
N LEU A 244 -7.15 -72.35 -5.75
CA LEU A 244 -6.79 -72.57 -4.36
C LEU A 244 -7.60 -73.74 -3.80
N TYR A 245 -6.94 -74.58 -3.00
CA TYR A 245 -7.59 -75.70 -2.35
C TYR A 245 -7.01 -75.88 -0.95
N VAL A 246 -7.72 -76.66 -0.13
CA VAL A 246 -7.20 -77.08 1.17
C VAL A 246 -7.33 -78.60 1.23
N ASN A 247 -6.35 -79.24 1.88
CA ASN A 247 -6.31 -80.67 2.14
C ASN A 247 -6.85 -80.94 3.54
N THR A 248 -7.31 -82.18 3.75
CA THR A 248 -8.10 -82.50 4.93
C THR A 248 -7.58 -83.75 5.61
N TRP A 249 -7.19 -83.62 6.88
CA TRP A 249 -6.98 -84.78 7.73
C TRP A 249 -8.37 -85.31 8.12
N LEU A 250 -8.70 -86.51 7.65
CA LEU A 250 -10.10 -86.88 7.57
C LEU A 250 -10.65 -87.41 8.89
N ARG A 251 -11.97 -87.38 8.98
CA ARG A 251 -12.72 -88.08 10.02
C ARG A 251 -13.09 -89.41 9.38
N TYR A 252 -12.18 -90.37 9.51
CA TYR A 252 -12.28 -91.67 8.86
C TYR A 252 -11.58 -92.69 9.74
N LYS A 253 -11.63 -93.96 9.34
CA LYS A 253 -10.99 -95.08 10.06
C LYS A 253 -11.36 -95.12 11.54
N GLY A 254 -12.62 -94.82 11.85
CA GLY A 254 -13.06 -94.84 13.22
C GLY A 254 -12.62 -93.66 14.07
N LYS A 255 -11.89 -92.71 13.48
CA LYS A 255 -11.49 -91.51 14.19
C LYS A 255 -12.72 -90.73 14.65
N ARG A 256 -12.83 -90.52 15.96
CA ARG A 256 -14.06 -89.98 16.54
C ARG A 256 -13.89 -88.73 17.39
N TYR A 257 -12.66 -88.31 17.70
CA TYR A 257 -12.39 -87.32 18.74
C TYR A 257 -11.73 -86.08 18.13
N PRO A 258 -12.52 -85.08 17.74
CA PRO A 258 -11.93 -83.84 17.20
C PRO A 258 -11.00 -83.18 18.22
N GLY A 259 -9.81 -82.83 17.77
CA GLY A 259 -8.75 -82.37 18.63
C GLY A 259 -7.73 -83.43 19.00
N MET A 260 -8.08 -84.70 18.89
CA MET A 260 -7.00 -85.67 19.08
C MET A 260 -6.93 -86.73 17.99
N ASP A 261 -8.07 -87.25 17.53
CA ASP A 261 -8.07 -88.15 16.37
C ASP A 261 -7.77 -87.40 15.09
N TYR A 262 -8.18 -86.14 15.02
CA TYR A 262 -8.07 -85.33 13.81
C TYR A 262 -8.21 -83.87 14.21
N PRO A 263 -7.69 -82.94 13.41
CA PRO A 263 -7.79 -81.52 13.79
C PRO A 263 -9.25 -81.09 13.82
N SER A 264 -9.68 -80.65 15.00
CA SER A 264 -11.02 -80.11 15.16
C SER A 264 -11.24 -78.91 14.24
N GLY A 265 -12.14 -79.04 13.28
CA GLY A 265 -12.54 -77.91 12.48
C GLY A 265 -11.91 -77.79 11.10
N GLY A 266 -11.15 -78.79 10.65
CA GLY A 266 -10.84 -78.91 9.25
C GLY A 266 -12.10 -79.17 8.44
N ALA A 267 -11.91 -79.37 7.14
CA ALA A 267 -13.05 -79.64 6.26
C ALA A 267 -13.46 -81.12 6.30
N THR A 268 -13.84 -81.58 7.48
CA THR A 268 -14.25 -82.97 7.63
C THR A 268 -15.68 -83.17 7.16
N VAL A 269 -16.03 -84.44 6.92
CA VAL A 269 -17.32 -84.77 6.32
C VAL A 269 -18.46 -84.22 7.16
N ASN A 270 -18.29 -84.15 8.48
CA ASN A 270 -19.41 -83.83 9.34
C ASN A 270 -19.71 -82.33 9.36
N VAL A 271 -18.84 -81.49 8.80
CA VAL A 271 -19.03 -80.04 8.78
C VAL A 271 -18.73 -79.48 7.39
N PHE A 272 -18.84 -80.32 6.36
CA PHE A 272 -18.37 -79.95 5.03
C PHE A 272 -19.14 -78.75 4.46
N ALA A 273 -20.47 -78.84 4.40
CA ALA A 273 -21.24 -77.74 3.82
C ALA A 273 -21.02 -76.44 4.60
N LEU A 274 -20.90 -76.55 5.92
CA LEU A 274 -20.59 -75.37 6.74
C LEU A 274 -19.22 -74.80 6.38
N TRP A 275 -18.21 -75.66 6.27
CA TRP A 275 -16.86 -75.19 5.93
C TRP A 275 -16.85 -74.50 4.58
N ARG A 276 -17.64 -75.02 3.63
CA ARG A 276 -17.63 -74.53 2.25
C ARG A 276 -18.45 -73.28 2.06
N ALA A 277 -19.50 -73.07 2.87
CA ALA A 277 -20.24 -71.83 2.79
C ALA A 277 -19.37 -70.64 3.21
N ALA A 278 -18.39 -70.88 4.07
CA ALA A 278 -17.56 -69.81 4.61
C ALA A 278 -16.29 -69.56 3.80
N THR A 279 -16.07 -70.28 2.71
CA THR A 279 -14.82 -70.17 1.94
C THR A 279 -15.11 -70.13 0.45
N PRO A 280 -15.79 -69.09 -0.04
CA PRO A 280 -15.99 -68.97 -1.49
C PRO A 280 -14.71 -68.64 -2.25
N SER A 281 -13.63 -68.21 -1.57
CA SER A 281 -12.35 -68.03 -2.24
C SER A 281 -11.52 -69.28 -2.31
N ILE A 282 -11.94 -70.38 -1.66
CA ILE A 282 -11.31 -71.69 -1.82
C ILE A 282 -12.11 -72.46 -2.86
N ASP A 283 -11.40 -73.03 -3.85
CA ASP A 283 -12.07 -73.59 -5.02
C ASP A 283 -12.49 -75.04 -4.80
N PHE A 284 -11.68 -75.85 -4.12
CA PHE A 284 -12.02 -77.25 -3.94
C PHE A 284 -11.23 -77.83 -2.77
N ILE A 285 -11.64 -79.03 -2.36
CA ILE A 285 -11.12 -79.70 -1.16
C ILE A 285 -10.47 -81.02 -1.57
N GLY A 286 -9.21 -81.20 -1.19
CA GLY A 286 -8.53 -82.47 -1.37
C GLY A 286 -8.66 -83.37 -0.14
N THR A 287 -8.54 -84.68 -0.38
CA THR A 287 -8.60 -85.69 0.66
C THR A 287 -7.25 -86.38 0.79
N ASP A 288 -6.71 -86.38 2.02
CA ASP A 288 -5.50 -87.12 2.37
C ASP A 288 -5.92 -88.48 2.91
N ILE A 289 -5.81 -89.52 2.08
CA ILE A 289 -6.32 -90.84 2.41
C ILE A 289 -5.15 -91.79 2.63
N TYR A 290 -4.98 -92.23 3.87
CA TYR A 290 -3.92 -93.16 4.24
C TYR A 290 -4.51 -94.46 4.72
N THR A 291 -5.23 -95.13 3.83
CA THR A 291 -5.65 -96.51 4.02
C THR A 291 -5.47 -97.22 2.70
N SER A 292 -5.37 -98.54 2.77
CA SER A 292 -5.39 -99.37 1.58
C SER A 292 -6.70 -100.13 1.40
N ASP A 293 -7.57 -100.11 2.41
CA ASP A 293 -8.79 -100.91 2.40
C ASP A 293 -9.76 -100.37 1.36
N TYR A 294 -10.30 -101.27 0.53
CA TYR A 294 -11.16 -100.85 -0.58
C TYR A 294 -12.39 -100.11 -0.09
N GLY A 295 -13.12 -100.71 0.86
CA GLY A 295 -14.34 -100.10 1.35
C GLY A 295 -14.10 -98.72 1.93
N GLU A 296 -13.07 -98.58 2.76
CA GLU A 296 -12.79 -97.30 3.38
C GLU A 296 -12.33 -96.26 2.37
N TYR A 297 -11.49 -96.66 1.40
CA TYR A 297 -11.04 -95.73 0.39
C TYR A 297 -12.20 -95.26 -0.48
N THR A 298 -13.03 -96.20 -0.90
CA THR A 298 -14.17 -95.89 -1.76
C THR A 298 -15.18 -95.00 -1.04
N LYS A 299 -15.37 -95.23 0.27
CA LYS A 299 -16.33 -94.45 1.04
C LYS A 299 -15.93 -92.98 1.09
N VAL A 300 -14.66 -92.72 1.47
CA VAL A 300 -14.19 -91.35 1.57
C VAL A 300 -14.37 -90.61 0.25
N ILE A 301 -14.00 -91.27 -0.86
CA ILE A 301 -14.14 -90.64 -2.18
C ILE A 301 -15.60 -90.28 -2.45
N GLY A 302 -16.53 -91.17 -2.09
CA GLY A 302 -17.94 -90.85 -2.25
C GLY A 302 -18.42 -89.70 -1.38
N GLN A 303 -17.75 -89.45 -0.25
CA GLN A 303 -18.14 -88.33 0.60
C GLN A 303 -17.69 -87.00 0.03
N TYR A 304 -16.59 -87.01 -0.71
CA TYR A 304 -16.02 -85.77 -1.21
C TYR A 304 -16.24 -85.56 -2.70
N ALA A 305 -16.70 -86.57 -3.44
CA ALA A 305 -17.07 -86.40 -4.84
C ALA A 305 -18.51 -85.95 -4.89
N ARG A 306 -18.72 -84.63 -4.99
CA ARG A 306 -20.01 -83.98 -4.87
C ARG A 306 -20.24 -83.07 -6.06
N PRO A 307 -21.49 -82.65 -6.29
CA PRO A 307 -21.75 -81.59 -7.27
C PRO A 307 -20.97 -80.31 -7.00
N ASP A 308 -20.64 -80.02 -5.75
CA ASP A 308 -19.87 -78.83 -5.41
C ASP A 308 -18.39 -79.11 -5.18
N ASN A 309 -17.96 -80.37 -5.30
CA ASN A 309 -16.56 -80.71 -5.01
C ASN A 309 -16.12 -81.89 -5.87
N PRO A 310 -15.00 -81.76 -6.58
CA PRO A 310 -14.46 -82.89 -7.33
C PRO A 310 -13.72 -83.84 -6.42
N ALA A 311 -13.62 -85.10 -6.87
CA ALA A 311 -12.66 -85.99 -6.25
C ALA A 311 -11.25 -85.50 -6.57
N TRP A 312 -10.41 -85.45 -5.56
CA TRP A 312 -9.06 -84.91 -5.71
C TRP A 312 -8.25 -85.45 -4.54
N VAL A 313 -7.40 -86.43 -4.81
CA VAL A 313 -6.62 -87.05 -3.75
C VAL A 313 -5.32 -86.25 -3.65
N SER A 314 -5.27 -85.36 -2.66
CA SER A 314 -4.08 -84.55 -2.41
C SER A 314 -2.93 -85.35 -1.79
N GLU A 315 -3.23 -86.44 -1.07
CA GLU A 315 -2.19 -87.25 -0.46
C GLU A 315 -2.70 -88.68 -0.33
N THR A 316 -1.85 -89.66 -0.64
CA THR A 316 -2.13 -91.05 -0.32
C THR A 316 -0.80 -91.74 -0.02
N GLY A 317 -0.88 -92.88 0.64
CA GLY A 317 0.33 -93.58 1.05
C GLY A 317 1.17 -93.98 -0.15
N PHE A 318 2.48 -93.77 -0.04
CA PHE A 318 3.41 -94.18 -1.08
C PHE A 318 3.66 -95.66 -0.83
N GLU A 319 2.80 -96.49 -1.42
CA GLU A 319 2.93 -97.93 -1.29
C GLU A 319 2.24 -98.57 -2.49
N ALA A 320 2.66 -99.81 -2.79
CA ALA A 320 2.13 -100.52 -3.96
C ALA A 320 0.63 -100.70 -3.86
N ALA A 321 0.11 -101.02 -2.68
CA ALA A 321 -1.29 -101.40 -2.55
C ALA A 321 -2.23 -100.22 -2.77
N THR A 322 -1.70 -99.02 -2.87
CA THR A 322 -2.51 -97.82 -3.08
C THR A 322 -2.65 -97.49 -4.57
N ALA A 323 -1.81 -98.10 -5.42
CA ALA A 323 -1.78 -97.74 -6.83
C ALA A 323 -3.07 -98.04 -7.62
N PRO A 324 -3.90 -99.04 -7.30
CA PRO A 324 -5.12 -99.22 -8.10
C PRO A 324 -6.13 -98.11 -7.93
N TYR A 325 -6.05 -97.31 -6.85
CA TYR A 325 -7.11 -96.35 -6.59
C TYR A 325 -6.99 -95.10 -7.46
N LEU A 326 -5.85 -94.91 -8.12
CA LEU A 326 -5.76 -93.88 -9.15
C LEU A 326 -6.90 -94.06 -10.16
N PHE A 327 -7.15 -95.30 -10.56
CA PHE A 327 -8.22 -95.53 -11.52
C PHE A 327 -9.59 -95.33 -10.89
N HIS A 328 -9.78 -95.77 -9.64
CA HIS A 328 -11.03 -95.47 -8.97
C HIS A 328 -11.29 -93.97 -8.90
N VAL A 329 -10.25 -93.19 -8.57
CA VAL A 329 -10.44 -91.74 -8.40
C VAL A 329 -10.78 -91.09 -9.74
N LEU A 330 -10.05 -91.45 -10.80
CA LEU A 330 -10.40 -90.98 -12.13
C LEU A 330 -11.85 -91.31 -12.46
N GLY A 331 -12.28 -92.54 -12.20
CA GLY A 331 -13.63 -93.01 -12.50
C GLY A 331 -14.74 -92.32 -11.76
N GLN A 332 -14.45 -91.53 -10.72
CA GLN A 332 -15.47 -90.74 -10.04
C GLN A 332 -15.36 -89.26 -10.38
N GLY A 333 -14.84 -88.94 -11.56
CA GLY A 333 -14.68 -87.56 -11.97
C GLY A 333 -13.48 -86.87 -11.39
N GLY A 334 -12.59 -87.61 -10.72
CA GLY A 334 -11.47 -86.98 -10.06
C GLY A 334 -10.55 -86.26 -11.03
N ILE A 335 -9.92 -85.20 -10.52
CA ILE A 335 -9.04 -84.34 -11.29
C ILE A 335 -7.58 -84.61 -11.04
N GLY A 336 -7.24 -85.42 -10.04
CA GLY A 336 -5.85 -85.65 -9.72
C GLY A 336 -5.69 -86.69 -8.63
N PHE A 337 -4.44 -87.13 -8.48
CA PHE A 337 -4.04 -88.22 -7.60
C PHE A 337 -2.58 -88.00 -7.23
N SER A 338 -2.24 -88.21 -5.95
CA SER A 338 -0.95 -87.76 -5.42
C SER A 338 -0.44 -88.73 -4.37
N VAL A 339 0.76 -89.30 -4.60
CA VAL A 339 1.45 -90.09 -3.60
C VAL A 339 2.34 -89.17 -2.77
N PHE A 340 2.38 -89.42 -1.46
CA PHE A 340 3.09 -88.57 -0.52
C PHE A 340 4.37 -89.21 -0.02
N GLY A 341 5.42 -88.42 0.08
CA GLY A 341 6.65 -88.83 0.72
C GLY A 341 7.48 -89.77 -0.13
N ILE A 342 7.85 -89.33 -1.32
CA ILE A 342 8.48 -90.26 -2.26
C ILE A 342 10.01 -90.25 -2.20
N ASP A 343 10.62 -89.19 -1.70
CA ASP A 343 12.06 -88.99 -1.80
C ASP A 343 12.80 -89.44 -0.55
N GLY A 344 13.93 -90.12 -0.76
CA GLY A 344 14.91 -90.37 0.28
C GLY A 344 14.56 -91.43 1.31
N ASN A 345 13.63 -92.32 1.03
CA ASN A 345 13.30 -93.33 2.00
C ASN A 345 14.42 -94.37 2.10
N PRO A 346 14.54 -95.03 3.25
CA PRO A 346 15.43 -96.19 3.34
C PRO A 346 15.03 -97.25 2.31
N ASP A 347 16.02 -97.74 1.58
CA ASP A 347 15.80 -98.78 0.59
C ASP A 347 15.18 -100.02 1.26
N SER A 348 14.13 -100.56 0.63
CA SER A 348 13.47 -101.75 1.12
C SER A 348 12.62 -102.31 0.00
N GLY A 349 12.25 -103.58 0.13
CA GLY A 349 11.36 -104.19 -0.84
C GLY A 349 10.07 -103.41 -0.99
N ALA A 350 9.52 -102.90 0.12
CA ALA A 350 8.26 -102.16 0.06
C ALA A 350 8.44 -100.85 -0.70
N ASN A 351 9.56 -100.15 -0.47
CA ASN A 351 9.77 -98.85 -1.12
C ASN A 351 10.03 -99.04 -2.61
N ARG A 352 10.78 -100.08 -2.98
CA ARG A 352 10.98 -100.37 -4.39
C ARG A 352 9.67 -100.74 -5.06
N ALA A 353 8.80 -101.47 -4.35
CA ALA A 353 7.52 -101.87 -4.93
C ALA A 353 6.57 -100.69 -5.06
N ALA A 354 6.68 -99.71 -4.16
CA ALA A 354 5.93 -98.47 -4.29
C ALA A 354 6.36 -97.69 -5.52
N ILE A 355 7.67 -97.50 -5.70
CA ILE A 355 8.19 -96.85 -6.90
C ILE A 355 7.71 -97.57 -8.15
N ALA A 356 7.92 -98.90 -8.20
CA ALA A 356 7.59 -99.63 -9.42
C ALA A 356 6.12 -99.52 -9.76
N ALA A 357 5.24 -99.62 -8.75
CA ALA A 357 3.80 -99.67 -9.01
C ALA A 357 3.25 -98.31 -9.43
N HIS A 358 3.74 -97.24 -8.79
CA HIS A 358 3.24 -95.91 -9.10
C HIS A 358 3.90 -95.33 -10.34
N ALA A 359 5.17 -95.67 -10.59
CA ALA A 359 5.80 -95.23 -11.83
C ALA A 359 5.13 -95.87 -13.03
N ALA A 360 4.71 -97.13 -12.89
CA ALA A 360 4.06 -97.82 -13.98
C ALA A 360 2.81 -97.07 -14.46
N ASN A 361 1.90 -96.74 -13.55
CA ASN A 361 0.70 -96.17 -14.12
C ASN A 361 0.81 -94.67 -14.39
N PHE A 362 1.74 -93.94 -13.77
CA PHE A 362 1.97 -92.59 -14.24
C PHE A 362 2.58 -92.60 -15.65
N ARG A 363 3.47 -93.55 -15.89
CA ARG A 363 4.05 -93.72 -17.22
C ARG A 363 3.00 -94.15 -18.24
N GLN A 364 2.06 -95.00 -17.83
CA GLN A 364 0.98 -95.40 -18.71
C GLN A 364 0.03 -94.24 -19.01
N LEU A 365 -0.31 -93.44 -18.01
CA LEU A 365 -1.36 -92.44 -18.17
C LEU A 365 -0.85 -91.04 -18.50
N ALA A 366 0.37 -90.67 -18.11
CA ALA A 366 0.91 -89.34 -18.44
C ALA A 366 0.70 -88.93 -19.89
N PRO A 367 1.03 -89.75 -20.91
CA PRO A 367 0.76 -89.34 -22.31
C PRO A 367 -0.72 -89.19 -22.63
N LEU A 368 -1.61 -89.66 -21.78
CA LEU A 368 -3.04 -89.67 -22.04
C LEU A 368 -3.79 -88.61 -21.27
N GLN A 369 -3.10 -87.82 -20.44
CA GLN A 369 -3.80 -87.05 -19.42
C GLN A 369 -4.70 -85.99 -20.04
N ARG A 370 -4.27 -85.35 -21.11
CA ARG A 370 -5.15 -84.37 -21.75
C ARG A 370 -6.44 -85.04 -22.23
N LEU A 371 -6.30 -86.19 -22.90
CA LEU A 371 -7.44 -86.94 -23.40
C LEU A 371 -8.31 -87.47 -22.26
N ILE A 372 -7.69 -87.92 -21.17
CA ILE A 372 -8.44 -88.42 -20.01
C ILE A 372 -9.19 -87.27 -19.33
N ALA A 373 -8.51 -86.14 -19.12
CA ALA A 373 -9.15 -85.03 -18.40
C ALA A 373 -10.35 -84.50 -19.18
N GLN A 374 -10.23 -84.42 -20.50
CA GLN A 374 -11.33 -83.90 -21.30
C GLN A 374 -12.51 -84.86 -21.32
N ALA A 375 -12.24 -86.15 -21.42
CA ALA A 375 -13.32 -87.13 -21.33
C ALA A 375 -13.95 -87.13 -19.95
N ASN A 376 -13.17 -86.82 -18.91
CA ASN A 376 -13.73 -86.75 -17.56
C ASN A 376 -14.68 -85.56 -17.44
N LEU A 377 -14.29 -84.40 -17.96
CA LEU A 377 -15.20 -83.26 -17.94
C LEU A 377 -16.45 -83.56 -18.75
N ASP A 378 -16.31 -84.29 -19.84
CA ASP A 378 -17.40 -84.56 -20.77
C ASP A 378 -18.32 -85.69 -20.33
N GLY A 379 -18.06 -86.34 -19.19
CA GLY A 379 -18.86 -87.50 -18.83
C GLY A 379 -18.66 -88.71 -19.72
N ARG A 380 -17.54 -88.79 -20.43
CA ARG A 380 -17.24 -89.88 -21.34
C ARG A 380 -16.21 -90.85 -20.78
N LEU A 381 -15.81 -90.68 -19.53
CA LEU A 381 -14.75 -91.47 -18.95
C LEU A 381 -15.32 -92.36 -17.86
N GLN A 382 -14.96 -93.65 -17.89
CA GLN A 382 -15.27 -94.58 -16.81
C GLN A 382 -14.01 -95.38 -16.47
N ALA A 383 -13.79 -95.59 -15.18
CA ALA A 383 -12.60 -96.29 -14.71
C ALA A 383 -12.90 -96.93 -13.35
N VAL A 384 -12.18 -98.01 -13.06
CA VAL A 384 -12.55 -98.92 -11.98
C VAL A 384 -11.27 -99.51 -11.39
N ALA A 385 -11.31 -99.73 -10.07
CA ALA A 385 -10.29 -100.47 -9.33
C ALA A 385 -10.90 -101.76 -8.80
N GLU A 386 -10.06 -102.79 -8.66
CA GLU A 386 -10.56 -104.13 -8.35
C GLU A 386 -10.98 -104.22 -6.89
N GLN A 387 -12.19 -104.76 -6.64
CA GLN A 387 -12.70 -104.94 -5.29
C GLN A 387 -12.56 -106.39 -4.88
N PRO A 388 -12.00 -106.69 -3.69
CA PRO A 388 -11.64 -108.09 -3.37
C PRO A 388 -12.78 -109.08 -3.39
N GLY A 389 -13.95 -108.70 -2.91
CA GLY A 389 -14.99 -109.70 -2.92
C GLY A 389 -15.73 -109.86 -4.22
N ALA A 390 -15.57 -108.91 -5.15
CA ALA A 390 -16.44 -108.81 -6.32
C ALA A 390 -15.60 -108.51 -7.56
N PRO A 391 -14.99 -109.54 -8.15
CA PRO A 391 -14.00 -109.30 -9.21
C PRO A 391 -14.57 -108.92 -10.57
N GLN A 392 -15.82 -108.44 -10.63
CA GLN A 392 -16.42 -108.11 -11.91
C GLN A 392 -17.17 -106.77 -11.83
N ARG A 393 -17.23 -106.09 -12.97
CA ARG A 393 -17.86 -104.78 -13.06
C ARG A 393 -18.41 -104.61 -14.47
N THR A 394 -19.52 -103.88 -14.57
CA THR A 394 -20.16 -103.62 -15.86
C THR A 394 -20.20 -102.11 -16.08
N LEU A 395 -19.47 -101.65 -17.10
CA LEU A 395 -19.44 -100.27 -17.53
C LEU A 395 -20.39 -100.09 -18.71
N ARG A 396 -21.30 -99.12 -18.61
CA ARG A 396 -22.36 -98.96 -19.60
C ARG A 396 -22.11 -97.73 -20.47
N PHE A 397 -22.32 -97.89 -21.79
CA PHE A 397 -22.06 -96.84 -22.77
C PHE A 397 -23.20 -96.79 -23.79
N GLY A 398 -24.41 -96.51 -23.29
CA GLY A 398 -25.60 -96.58 -24.13
C GLY A 398 -25.78 -97.94 -24.77
N ASP A 399 -25.59 -98.00 -26.08
CA ASP A 399 -25.80 -99.25 -26.82
C ASP A 399 -24.75 -100.31 -26.49
N TRP A 400 -23.57 -99.91 -26.03
CA TRP A 400 -22.49 -100.84 -25.76
C TRP A 400 -22.25 -100.93 -24.25
N GLU A 401 -21.84 -102.12 -23.82
CA GLU A 401 -21.44 -102.38 -22.44
C GLU A 401 -20.06 -103.00 -22.42
N ALA A 402 -19.31 -102.74 -21.36
CA ALA A 402 -18.02 -103.35 -21.11
C ALA A 402 -18.07 -104.14 -19.83
N LYS A 403 -17.63 -105.40 -19.89
CA LYS A 403 -17.62 -106.29 -18.73
C LYS A 403 -16.17 -106.46 -18.32
N VAL A 404 -15.81 -105.95 -17.15
CA VAL A 404 -14.45 -106.00 -16.64
C VAL A 404 -14.33 -107.20 -15.72
N SER A 405 -13.31 -108.02 -15.94
CA SER A 405 -13.01 -109.19 -15.12
C SER A 405 -11.61 -109.05 -14.51
N PHE A 406 -11.47 -109.51 -13.28
CA PHE A 406 -10.17 -109.54 -12.61
C PHE A 406 -9.83 -110.97 -12.22
N GLY A 407 -8.58 -111.35 -12.41
CA GLY A 407 -8.18 -112.70 -12.11
C GLY A 407 -8.54 -113.72 -13.16
N ALA A 408 -8.89 -113.29 -14.36
CA ALA A 408 -8.94 -114.19 -15.50
C ALA A 408 -7.51 -114.48 -15.97
N PRO A 409 -7.30 -115.59 -16.68
CA PRO A 409 -5.97 -115.84 -17.24
C PRO A 409 -5.72 -114.92 -18.43
N LEU A 410 -4.43 -114.71 -18.71
CA LEU A 410 -4.07 -113.79 -19.78
C LEU A 410 -4.60 -114.25 -21.13
N TRP A 411 -4.81 -115.57 -21.28
CA TRP A 411 -5.44 -116.16 -22.45
C TRP A 411 -6.34 -117.30 -21.98
N GLY A 412 -7.47 -117.48 -22.67
CA GLY A 412 -8.33 -118.63 -22.47
C GLY A 412 -9.57 -118.34 -21.62
N ASP A 413 -10.35 -119.40 -21.43
CA ASP A 413 -11.62 -119.31 -20.71
C ASP A 413 -11.41 -118.87 -19.27
N ALA A 414 -12.22 -117.92 -18.83
CA ALA A 414 -12.24 -117.59 -17.42
C ALA A 414 -12.87 -118.73 -16.63
N PRO A 415 -12.43 -118.96 -15.40
CA PRO A 415 -13.02 -120.03 -14.59
C PRO A 415 -14.46 -119.72 -14.22
N ALA A 416 -15.15 -120.76 -13.73
CA ALA A 416 -16.56 -120.61 -13.36
C ALA A 416 -16.75 -119.49 -12.36
N ILE A 417 -15.85 -119.39 -11.38
CA ILE A 417 -15.89 -118.36 -10.34
C ILE A 417 -14.58 -117.58 -10.42
N LEU A 418 -14.65 -116.36 -10.90
CA LEU A 418 -13.47 -115.51 -10.94
C LEU A 418 -12.86 -115.39 -9.55
N PRO A 419 -11.58 -115.68 -9.38
CA PRO A 419 -10.94 -115.56 -8.06
C PRO A 419 -10.39 -114.18 -7.76
N GLY A 420 -10.43 -113.25 -8.70
CA GLY A 420 -9.71 -112.00 -8.56
C GLY A 420 -8.19 -112.21 -8.60
N ASN A 421 -7.47 -111.09 -8.56
CA ASN A 421 -6.02 -111.13 -8.50
C ASN A 421 -5.55 -111.39 -7.07
N ASP A 422 -4.42 -112.08 -6.94
CA ASP A 422 -3.91 -112.39 -5.62
C ASP A 422 -3.53 -111.14 -4.85
N ASP A 423 -2.95 -110.14 -5.53
CA ASP A 423 -2.60 -108.87 -4.91
C ASP A 423 -3.65 -107.79 -5.15
N HIS A 424 -4.79 -108.15 -5.75
CA HIS A 424 -5.92 -107.24 -5.96
C HIS A 424 -5.51 -105.96 -6.68
N ALA A 425 -4.50 -106.04 -7.56
CA ALA A 425 -4.00 -104.86 -8.25
C ALA A 425 -4.74 -104.53 -9.54
N GLY A 426 -5.79 -105.28 -9.90
CA GLY A 426 -6.45 -105.04 -11.16
C GLY A 426 -7.07 -103.65 -11.23
N ARG A 427 -7.03 -103.06 -12.42
CA ARG A 427 -7.67 -101.76 -12.68
C ARG A 427 -7.82 -101.57 -14.18
N LEU A 428 -8.75 -100.69 -14.56
CA LEU A 428 -8.98 -100.45 -15.97
C LEU A 428 -9.73 -99.14 -16.16
N LEU A 429 -9.53 -98.53 -17.34
CA LEU A 429 -10.09 -97.24 -17.69
C LEU A 429 -10.63 -97.33 -19.12
N VAL A 430 -11.80 -96.74 -19.36
CA VAL A 430 -12.39 -96.70 -20.69
C VAL A 430 -12.81 -95.27 -21.00
N ALA A 431 -12.28 -94.71 -22.07
CA ALA A 431 -12.65 -93.39 -22.53
C ALA A 431 -13.38 -93.50 -23.86
N GLN A 432 -14.55 -92.89 -23.95
CA GLN A 432 -15.37 -92.99 -25.15
C GLN A 432 -15.00 -91.87 -26.11
N LEU A 433 -14.40 -92.24 -27.24
CA LEU A 433 -13.91 -91.27 -28.21
C LEU A 433 -14.96 -90.92 -29.26
N GLY A 434 -15.79 -91.88 -29.64
CA GLY A 434 -16.87 -91.66 -30.56
C GLY A 434 -18.03 -92.57 -30.24
N PRO A 435 -19.13 -92.44 -30.99
CA PRO A 435 -20.26 -93.37 -30.80
C PRO A 435 -19.85 -94.83 -30.80
N GLU A 436 -18.76 -95.19 -31.48
CA GLU A 436 -18.36 -96.60 -31.55
C GLU A 436 -16.85 -96.77 -31.45
N GLU A 437 -16.18 -95.91 -30.69
CA GLU A 437 -14.72 -95.98 -30.59
C GLU A 437 -14.32 -95.73 -29.14
N PHE A 438 -13.43 -96.57 -28.61
CA PHE A 438 -13.04 -96.51 -27.22
C PHE A 438 -11.53 -96.59 -27.07
N LEU A 439 -11.03 -96.02 -25.99
CA LEU A 439 -9.65 -96.10 -25.59
C LEU A 439 -9.59 -96.80 -24.24
N VAL A 440 -8.79 -97.86 -24.16
CA VAL A 440 -8.78 -98.76 -23.00
C VAL A 440 -7.34 -98.96 -22.54
N THR A 441 -7.14 -98.97 -21.23
CA THR A 441 -5.85 -99.33 -20.65
C THR A 441 -6.03 -99.59 -19.15
N GLY A 442 -5.08 -100.33 -18.59
CA GLY A 442 -5.13 -100.71 -17.20
C GLY A 442 -4.10 -101.78 -16.89
N THR A 443 -4.29 -102.43 -15.75
CA THR A 443 -3.36 -103.45 -15.25
C THR A 443 -4.17 -104.63 -14.73
N ALA A 444 -3.71 -105.83 -15.09
CA ALA A 444 -4.25 -107.09 -14.56
C ALA A 444 -5.77 -107.15 -14.68
N ALA A 445 -6.24 -107.11 -15.92
CA ALA A 445 -7.68 -107.03 -16.17
C ALA A 445 -8.05 -107.58 -17.54
N ARG A 446 -9.29 -108.04 -17.63
CA ARG A 446 -9.91 -108.46 -18.88
C ARG A 446 -11.16 -107.61 -19.09
N ILE A 447 -11.38 -107.15 -20.33
CA ILE A 447 -12.58 -106.41 -20.70
C ILE A 447 -13.20 -107.02 -21.95
N GLU A 448 -14.54 -107.11 -21.97
CA GLU A 448 -15.30 -107.60 -23.12
C GLU A 448 -16.41 -106.61 -23.44
N PHE A 449 -16.59 -106.32 -24.72
CA PHE A 449 -17.63 -105.39 -25.16
C PHE A 449 -18.83 -106.17 -25.70
N PHE A 450 -20.03 -105.70 -25.34
CA PHE A 450 -21.29 -106.32 -25.72
C PHE A 450 -22.25 -105.23 -26.22
N ARG A 451 -22.99 -105.54 -27.28
CA ARG A 451 -23.97 -104.63 -27.85
C ARG A 451 -25.37 -105.13 -27.51
N SER A 452 -26.24 -104.21 -27.08
CA SER A 452 -27.64 -104.56 -26.85
C SER A 452 -28.55 -103.78 -27.81
N ALA A 453 -28.88 -102.55 -27.44
CA ALA A 453 -29.33 -101.46 -28.33
C ALA A 453 -30.75 -101.53 -28.90
N ALA A 454 -31.57 -102.51 -28.53
CA ALA A 454 -32.95 -102.60 -29.03
C ALA A 454 -32.99 -102.62 -30.56
N ASP A 455 -31.95 -103.17 -31.16
CA ASP A 455 -31.90 -103.47 -32.58
C ASP A 455 -32.28 -104.92 -32.80
N THR A 456 -32.33 -105.31 -34.06
CA THR A 456 -32.15 -106.70 -34.43
C THR A 456 -30.72 -106.94 -34.93
N ARG A 457 -29.84 -105.97 -34.74
CA ARG A 457 -28.46 -106.00 -35.21
C ARG A 457 -27.56 -106.70 -34.20
N HIS A 458 -26.40 -107.14 -34.68
CA HIS A 458 -25.45 -107.89 -33.86
C HIS A 458 -24.16 -107.10 -33.76
N GLY A 459 -23.58 -107.04 -32.56
CA GLY A 459 -22.34 -106.31 -32.38
C GLY A 459 -21.14 -107.11 -32.87
N GLN A 460 -20.06 -106.39 -33.21
CA GLN A 460 -18.86 -107.08 -33.62
C GLN A 460 -17.66 -106.15 -33.50
N LEU A 461 -16.50 -106.79 -33.29
CA LEU A 461 -15.23 -106.08 -33.21
C LEU A 461 -14.72 -105.79 -34.62
N LEU A 462 -14.48 -104.52 -34.93
CA LEU A 462 -13.98 -104.11 -36.24
C LEU A 462 -12.46 -103.92 -36.29
N GLN A 463 -11.89 -103.19 -35.33
CA GLN A 463 -10.45 -102.90 -35.36
C GLN A 463 -9.94 -102.59 -33.96
N VAL A 464 -8.82 -103.22 -33.59
CA VAL A 464 -8.21 -103.07 -32.27
C VAL A 464 -6.74 -102.71 -32.46
N GLU A 465 -6.40 -101.45 -32.25
CA GLU A 465 -5.03 -100.97 -32.44
C GLU A 465 -4.30 -100.89 -31.10
N GLN A 466 -3.17 -101.59 -31.00
CA GLN A 466 -2.26 -101.50 -29.87
C GLN A 466 -1.16 -100.50 -30.23
N GLY A 467 -0.88 -99.56 -29.32
CA GLY A 467 0.10 -98.54 -29.60
C GLY A 467 0.30 -97.54 -28.48
N ARG A 468 0.86 -96.37 -28.82
CA ARG A 468 1.16 -95.35 -27.83
C ARG A 468 0.82 -93.98 -28.41
N TYR A 469 0.79 -92.98 -27.53
CA TYR A 469 0.67 -91.59 -27.92
C TYR A 469 2.02 -90.95 -27.77
N VAL A 470 2.58 -90.45 -28.86
CA VAL A 470 3.87 -89.77 -28.85
C VAL A 470 3.61 -88.31 -29.20
N ASP A 471 3.67 -87.44 -28.18
CA ASP A 471 3.50 -86.00 -28.29
C ASP A 471 2.06 -85.59 -28.65
N GLY A 472 1.09 -86.43 -28.32
CA GLY A 472 -0.25 -86.23 -28.81
C GLY A 472 -0.54 -86.90 -30.13
N ARG A 473 0.38 -87.72 -30.63
CA ARG A 473 0.22 -88.43 -31.89
C ARG A 473 0.10 -89.93 -31.61
N TRP A 474 -0.96 -90.54 -32.12
CA TRP A 474 -1.17 -91.97 -31.97
C TRP A 474 -0.25 -92.75 -32.92
N GLN A 475 0.46 -93.74 -32.39
CA GLN A 475 1.42 -94.55 -33.15
C GLN A 475 1.06 -96.03 -33.00
N MET A 476 0.39 -96.58 -34.00
CA MET A 476 0.02 -97.98 -33.98
C MET A 476 1.27 -98.85 -33.99
N GLU A 477 1.35 -99.80 -33.04
CA GLU A 477 2.40 -100.81 -33.04
C GLU A 477 1.94 -102.09 -33.75
N ARG A 478 0.71 -102.54 -33.46
CA ARG A 478 0.16 -103.75 -34.05
C ARG A 478 -1.36 -103.68 -33.99
N GLN A 479 -2.01 -104.59 -34.68
CA GLN A 479 -3.45 -104.76 -34.55
C GLN A 479 -3.73 -106.09 -33.88
N LEU A 480 -4.70 -106.10 -32.96
CA LEU A 480 -5.01 -107.30 -32.19
C LEU A 480 -6.19 -108.03 -32.81
N ASN A 481 -6.08 -109.35 -32.88
CA ASN A 481 -7.10 -110.24 -33.43
C ASN A 481 -6.71 -111.67 -33.08
N GLY A 482 -7.58 -112.62 -33.41
CA GLY A 482 -7.28 -114.03 -33.14
C GLY A 482 -7.11 -114.27 -31.65
N ASP A 483 -5.97 -114.87 -31.27
CA ASP A 483 -5.73 -115.20 -29.87
C ASP A 483 -5.83 -113.96 -28.97
N GLN A 484 -5.36 -112.81 -29.45
CA GLN A 484 -5.36 -111.60 -28.61
C GLN A 484 -6.73 -110.96 -28.49
N THR A 485 -7.74 -111.55 -29.14
CA THR A 485 -9.09 -111.00 -29.16
C THR A 485 -10.15 -112.04 -28.81
N ASP A 486 -9.83 -113.33 -28.86
CA ASP A 486 -10.81 -114.40 -28.67
C ASP A 486 -11.46 -114.36 -27.29
N TYR A 487 -10.67 -114.01 -26.27
CA TYR A 487 -11.12 -114.07 -24.89
C TYR A 487 -10.99 -112.69 -24.23
N GLY A 488 -11.64 -111.70 -24.82
CA GLY A 488 -11.56 -110.34 -24.35
C GLY A 488 -10.22 -109.71 -24.67
N LEU A 489 -10.10 -108.46 -24.25
CA LEU A 489 -8.83 -107.74 -24.27
C LEU A 489 -8.23 -107.84 -22.88
N ASN A 490 -7.00 -108.34 -22.80
CA ASN A 490 -6.36 -108.68 -21.53
C ASN A 490 -5.18 -107.77 -21.28
N PHE A 491 -5.09 -107.23 -20.07
CA PHE A 491 -3.94 -106.47 -19.63
C PHE A 491 -3.25 -107.22 -18.50
N GLY A 492 -1.96 -107.41 -18.64
CA GLY A 492 -1.21 -108.15 -17.64
C GLY A 492 -0.37 -107.20 -16.82
N ARG A 493 0.92 -107.43 -16.78
CA ARG A 493 1.78 -106.79 -15.81
C ARG A 493 2.88 -105.97 -16.50
N THR A 494 3.45 -105.06 -15.72
CA THR A 494 4.59 -104.28 -16.18
C THR A 494 5.83 -105.16 -16.16
N ASP A 495 6.57 -105.17 -17.27
CA ASP A 495 7.80 -105.94 -17.30
C ASP A 495 8.89 -105.27 -16.46
N ALA A 496 9.94 -106.04 -16.15
CA ALA A 496 11.05 -105.53 -15.34
C ALA A 496 11.76 -104.35 -16.01
N ALA A 497 11.64 -104.19 -17.33
CA ALA A 497 12.14 -102.99 -18.01
C ALA A 497 11.16 -101.80 -17.94
N GLY A 498 10.27 -101.75 -16.93
CA GLY A 498 9.42 -100.61 -16.67
C GLY A 498 8.29 -100.33 -17.66
N GLN A 499 8.11 -101.17 -18.68
CA GLN A 499 7.06 -100.94 -19.67
C GLN A 499 5.71 -101.38 -19.12
N PRO A 500 4.73 -100.48 -19.00
CA PRO A 500 3.41 -100.87 -18.49
C PRO A 500 2.58 -101.57 -19.57
N PRO A 501 1.50 -102.24 -19.18
CA PRO A 501 0.60 -102.88 -20.18
C PRO A 501 0.11 -101.88 -21.20
N PRO A 502 -0.41 -102.33 -22.35
CA PRO A 502 -0.61 -101.41 -23.48
C PRO A 502 -1.76 -100.44 -23.35
N VAL A 503 -1.85 -99.54 -24.34
CA VAL A 503 -3.03 -98.73 -24.60
C VAL A 503 -3.64 -99.23 -25.90
N LEU A 504 -4.96 -99.40 -25.92
CA LEU A 504 -5.67 -99.97 -27.05
C LEU A 504 -6.74 -99.00 -27.54
N ARG A 505 -6.84 -98.87 -28.85
CA ARG A 505 -7.90 -98.15 -29.51
C ARG A 505 -8.85 -99.19 -30.10
N VAL A 506 -10.09 -99.22 -29.62
CA VAL A 506 -11.06 -100.23 -30.02
C VAL A 506 -12.16 -99.55 -30.82
N ARG A 507 -12.44 -100.09 -32.01
CA ARG A 507 -13.54 -99.66 -32.86
C ARG A 507 -14.51 -100.81 -33.06
N VAL A 508 -15.80 -100.56 -32.83
CA VAL A 508 -16.83 -101.59 -32.92
C VAL A 508 -17.81 -101.22 -34.02
N GLY A 509 -18.68 -102.18 -34.33
CA GLY A 509 -19.69 -102.00 -35.35
C GLY A 509 -20.78 -103.05 -35.21
N SER A 510 -21.63 -103.12 -36.23
CA SER A 510 -22.75 -104.05 -36.20
C SER A 510 -23.01 -104.60 -37.60
N TYR A 511 -23.92 -105.57 -37.67
CA TYR A 511 -24.33 -106.17 -38.92
C TYR A 511 -25.72 -106.75 -38.79
N GLU B 2 7.15 45.83 -3.70
CA GLU B 2 8.47 46.34 -3.35
C GLU B 2 9.55 45.72 -4.24
N GLU B 3 10.82 46.02 -3.95
CA GLU B 3 11.92 45.60 -4.82
C GLU B 3 11.94 44.08 -4.98
N LEU B 4 12.52 43.63 -6.09
CA LEU B 4 12.78 42.20 -6.26
C LEU B 4 13.92 41.77 -5.33
N PRO B 5 13.81 40.60 -4.69
CA PRO B 5 14.96 40.08 -3.94
C PRO B 5 16.17 39.95 -4.85
N ARG B 6 17.35 40.23 -4.30
CA ARG B 6 18.51 40.41 -5.15
C ARG B 6 19.79 40.12 -4.38
N PHE B 7 20.65 39.29 -4.94
CA PHE B 7 21.95 39.02 -4.34
C PHE B 7 22.93 40.14 -4.71
N PHE B 8 23.60 40.67 -3.69
CA PHE B 8 24.42 41.86 -3.84
C PHE B 8 25.86 41.57 -3.42
N THR B 9 26.82 42.15 -4.15
CA THR B 9 28.24 42.01 -3.84
C THR B 9 28.88 43.39 -3.89
N GLN B 10 29.79 43.66 -2.95
CA GLN B 10 30.43 44.97 -2.86
C GLN B 10 31.70 44.82 -2.04
N ASN B 11 32.86 45.01 -2.70
CA ASN B 11 34.17 45.04 -2.03
C ASN B 11 34.54 43.70 -1.42
N GLY B 12 34.10 42.60 -2.04
CA GLY B 12 34.32 41.29 -1.47
C GLY B 12 33.41 40.92 -0.33
N ARG B 13 32.43 41.75 0.00
CA ARG B 13 31.40 41.41 0.96
C ARG B 13 30.09 41.16 0.22
N HIS B 14 29.19 40.40 0.84
CA HIS B 14 27.97 39.99 0.20
C HIS B 14 26.78 40.24 1.11
N ALA B 15 25.59 40.23 0.52
CA ALA B 15 24.36 40.37 1.27
C ALA B 15 23.20 39.91 0.39
N LEU B 16 22.16 39.39 1.03
CA LEU B 16 20.90 39.12 0.34
C LEU B 16 20.00 40.33 0.53
N LEU B 17 19.63 40.99 -0.58
CA LEU B 17 18.75 42.15 -0.55
C LEU B 17 17.31 41.65 -0.63
N VAL B 18 16.54 41.89 0.43
CA VAL B 18 15.15 41.48 0.54
C VAL B 18 14.35 42.69 0.98
N ASP B 19 13.35 43.06 0.19
CA ASP B 19 12.59 44.30 0.38
C ASP B 19 13.50 45.51 0.56
N GLY B 20 14.58 45.55 -0.24
CA GLY B 20 15.42 46.71 -0.38
C GLY B 20 16.59 46.83 0.59
N ALA B 21 16.73 45.93 1.54
CA ALA B 21 17.78 46.03 2.55
C ALA B 21 18.33 44.63 2.81
N PRO B 22 19.55 44.53 3.35
CA PRO B 22 20.13 43.20 3.61
C PRO B 22 19.26 42.39 4.56
N TYR B 23 19.39 41.07 4.45
CA TYR B 23 18.44 40.15 5.07
C TYR B 23 19.16 38.86 5.42
N THR B 24 19.17 38.52 6.71
CA THR B 24 19.82 37.30 7.20
C THR B 24 18.79 36.19 7.23
N ILE B 25 19.04 35.12 6.47
CA ILE B 25 18.11 33.99 6.41
C ILE B 25 18.32 33.12 7.63
N LEU B 26 17.26 32.94 8.42
CA LEU B 26 17.27 32.04 9.57
C LEU B 26 16.24 30.97 9.25
N ALA B 27 16.70 29.85 8.68
CA ALA B 27 15.85 28.95 7.93
C ALA B 27 15.78 27.55 8.56
N ALA B 28 14.62 26.92 8.37
CA ALA B 28 14.43 25.51 8.64
C ALA B 28 13.88 24.86 7.37
N GLN B 29 14.38 23.67 7.04
CA GLN B 29 13.91 22.92 5.89
C GLN B 29 13.07 21.73 6.33
N LEU B 30 11.97 21.51 5.62
CA LEU B 30 11.13 20.34 5.84
C LEU B 30 11.77 19.10 5.20
N HIS B 31 11.43 17.94 5.74
CA HIS B 31 11.88 16.68 5.16
C HIS B 31 11.46 16.57 3.69
N ASN B 32 12.12 15.68 2.96
CA ASN B 32 11.97 15.62 1.51
C ASN B 32 10.52 15.41 1.09
N SER B 33 9.82 14.48 1.72
CA SER B 33 8.47 14.12 1.31
C SER B 33 7.37 14.89 2.04
N SER B 34 7.68 16.06 2.59
CA SER B 34 6.71 16.76 3.41
C SER B 34 6.01 17.92 2.70
N ALA B 35 6.37 18.20 1.44
CA ALA B 35 5.74 19.28 0.69
C ALA B 35 4.53 18.76 -0.08
N TRP B 36 3.53 18.33 0.69
CA TRP B 36 2.27 17.84 0.18
C TRP B 36 1.13 18.47 0.95
N PRO B 37 -0.01 18.76 0.30
CA PRO B 37 -1.03 19.62 0.92
C PRO B 37 -1.46 19.18 2.31
N ALA B 38 -1.56 17.87 2.58
CA ALA B 38 -2.02 17.43 3.89
C ALA B 38 -0.95 17.59 4.97
N VAL B 39 0.31 17.52 4.60
CA VAL B 39 1.41 17.56 5.56
C VAL B 39 1.88 18.99 5.85
N LEU B 40 1.68 19.91 4.92
CA LEU B 40 2.26 21.25 5.07
C LEU B 40 1.82 21.96 6.34
N PRO B 41 0.53 21.99 6.72
CA PRO B 41 0.11 22.80 7.88
C PRO B 41 0.81 22.42 9.17
N PRO B 42 0.79 21.16 9.61
CA PRO B 42 1.53 20.86 10.85
C PRO B 42 3.04 21.01 10.69
N ALA B 43 3.57 20.83 9.48
CA ALA B 43 5.01 20.96 9.27
C ALA B 43 5.45 22.43 9.29
N LEU B 44 4.64 23.33 8.74
CA LEU B 44 4.97 24.75 8.81
C LEU B 44 4.70 25.30 10.20
N ASP B 45 3.81 24.68 10.97
CA ASP B 45 3.62 25.07 12.36
C ASP B 45 4.88 24.80 13.17
N GLN B 46 5.57 23.69 12.86
CA GLN B 46 6.82 23.38 13.54
C GLN B 46 7.92 24.35 13.13
N VAL B 47 7.86 24.88 11.91
CA VAL B 47 8.84 25.88 11.51
C VAL B 47 8.62 27.17 12.28
N VAL B 48 7.35 27.55 12.51
CA VAL B 48 7.05 28.74 13.30
C VAL B 48 7.56 28.58 14.73
N ALA B 49 7.42 27.38 15.30
CA ALA B 49 7.85 27.14 16.67
C ALA B 49 9.37 27.23 16.83
N LEU B 50 10.13 27.05 15.75
CA LEU B 50 11.57 27.31 15.80
C LEU B 50 11.90 28.78 15.63
N HIS B 51 10.91 29.62 15.33
CA HIS B 51 11.07 31.07 15.16
C HIS B 51 11.92 31.40 13.93
N ALA B 52 11.94 30.51 12.95
CA ALA B 52 12.65 30.79 11.70
C ALA B 52 11.89 31.83 10.89
N ASN B 53 12.64 32.60 10.10
CA ASN B 53 12.02 33.56 9.19
C ASN B 53 11.84 33.00 7.78
N THR B 54 12.40 31.83 7.50
CA THR B 54 12.34 31.22 6.18
C THR B 54 12.10 29.73 6.32
N VAL B 55 11.18 29.19 5.51
CA VAL B 55 11.05 27.75 5.33
C VAL B 55 11.63 27.38 3.97
N GLU B 56 12.47 26.35 3.96
CA GLU B 56 12.97 25.72 2.76
C GLU B 56 12.11 24.49 2.48
N ALA B 57 11.54 24.41 1.28
CA ALA B 57 10.68 23.30 0.88
C ALA B 57 10.84 23.00 -0.60
N PRO B 58 10.72 21.73 -0.99
CA PRO B 58 10.93 21.36 -2.39
C PRO B 58 9.67 21.46 -3.24
N VAL B 59 9.88 21.77 -4.51
CA VAL B 59 8.90 21.56 -5.57
C VAL B 59 9.40 20.37 -6.37
N TYR B 60 8.58 19.33 -6.45
CA TYR B 60 8.96 18.09 -7.13
C TYR B 60 8.61 18.19 -8.60
N TRP B 61 9.62 18.01 -9.47
CA TRP B 61 9.37 17.94 -10.91
C TRP B 61 8.29 16.89 -11.21
N GLU B 62 8.45 15.70 -10.61
CA GLU B 62 7.47 14.62 -10.62
C GLU B 62 6.02 15.05 -10.65
N GLN B 63 5.61 15.87 -9.68
CA GLN B 63 4.21 16.27 -9.61
C GLN B 63 3.94 17.56 -10.36
N PHE B 64 4.97 18.33 -10.66
CA PHE B 64 4.77 19.66 -11.23
C PHE B 64 4.49 19.59 -12.73
N GLU B 65 5.08 18.62 -13.42
CA GLU B 65 4.82 18.36 -14.84
C GLU B 65 4.48 16.89 -14.98
N PRO B 66 3.26 16.48 -14.60
CA PRO B 66 2.91 15.05 -14.65
C PRO B 66 2.73 14.51 -16.05
N ALA B 67 2.52 15.38 -17.04
CA ALA B 67 2.47 15.04 -18.46
C ALA B 67 3.12 16.18 -19.23
N PRO B 68 3.79 15.88 -20.35
CA PRO B 68 4.62 16.91 -21.01
C PRO B 68 3.83 18.17 -21.33
N GLY B 69 4.36 19.31 -20.90
CA GLY B 69 3.71 20.58 -21.14
C GLY B 69 2.50 20.88 -20.28
N ARG B 70 2.01 19.94 -19.47
CA ARG B 70 0.91 20.19 -18.55
C ARG B 70 1.47 20.32 -17.14
N PHE B 71 1.18 21.44 -16.49
CA PHE B 71 1.81 21.80 -15.23
C PHE B 71 0.78 21.93 -14.10
N ASP B 72 1.06 21.29 -12.96
CA ASP B 72 0.19 21.23 -11.79
C ASP B 72 0.79 22.07 -10.66
N THR B 73 0.20 23.22 -10.37
CA THR B 73 0.74 24.14 -9.37
C THR B 73 0.07 24.00 -8.00
N THR B 74 -0.63 22.88 -7.75
CA THR B 74 -1.33 22.71 -6.49
C THR B 74 -0.39 22.80 -5.29
N ASN B 75 0.71 22.04 -5.32
CA ASN B 75 1.59 21.95 -4.16
C ASN B 75 2.29 23.28 -3.89
N VAL B 76 2.95 23.85 -4.90
CA VAL B 76 3.63 25.13 -4.74
C VAL B 76 2.65 26.22 -4.31
N ASP B 77 1.39 26.13 -4.73
CA ASP B 77 0.42 27.13 -4.32
C ASP B 77 0.04 26.97 -2.85
N ALA B 78 -0.10 25.73 -2.38
CA ALA B 78 -0.41 25.50 -0.97
C ALA B 78 0.78 25.89 -0.08
N LEU B 79 2.01 25.54 -0.50
CA LEU B 79 3.19 25.96 0.25
C LEU B 79 3.22 27.47 0.43
N ILE B 80 3.07 28.23 -0.66
CA ILE B 80 3.11 29.69 -0.56
C ILE B 80 1.95 30.20 0.28
N ALA B 81 0.80 29.53 0.18
CA ALA B 81 -0.36 29.93 0.97
C ALA B 81 -0.10 29.73 2.46
N GLY B 82 0.41 28.55 2.84
CA GLY B 82 0.71 28.29 4.23
C GLY B 82 1.79 29.19 4.78
N ALA B 83 2.80 29.51 3.96
CA ALA B 83 3.85 30.44 4.39
C ALA B 83 3.28 31.82 4.65
N ARG B 84 2.60 32.40 3.66
CA ARG B 84 2.02 33.73 3.83
C ARG B 84 1.15 33.79 5.06
N LYS B 85 0.37 32.72 5.30
CA LYS B 85 -0.53 32.68 6.45
C LYS B 85 0.23 32.75 7.78
N ARG B 86 1.47 32.24 7.82
CA ARG B 86 2.23 32.14 9.06
C ARG B 86 3.37 33.15 9.15
N GLY B 87 3.49 34.07 8.18
CA GLY B 87 4.48 35.11 8.26
C GLY B 87 5.87 34.73 7.78
N LEU B 88 6.00 33.62 7.05
CA LEU B 88 7.27 33.07 6.63
C LEU B 88 7.63 33.51 5.22
N ARG B 89 8.92 33.77 5.00
CA ARG B 89 9.46 33.77 3.66
C ARG B 89 9.74 32.33 3.22
N VAL B 90 10.02 32.13 1.94
CA VAL B 90 10.18 30.78 1.39
C VAL B 90 11.49 30.72 0.61
N ALA B 91 12.27 29.68 0.89
CA ALA B 91 13.36 29.24 0.01
C ALA B 91 12.86 28.03 -0.76
N LEU B 92 12.60 28.21 -2.06
CA LEU B 92 12.06 27.17 -2.91
C LEU B 92 13.17 26.32 -3.50
N LEU B 93 13.07 24.99 -3.32
CA LEU B 93 14.07 24.04 -3.82
C LEU B 93 13.49 23.30 -5.02
N TRP B 94 14.17 23.40 -6.17
CA TRP B 94 13.73 22.75 -7.40
C TRP B 94 14.32 21.35 -7.44
N PHE B 95 13.49 20.34 -7.17
CA PHE B 95 13.91 18.94 -7.26
C PHE B 95 13.71 18.47 -8.70
N GLY B 96 14.71 18.76 -9.53
CA GLY B 96 14.66 18.51 -10.97
C GLY B 96 15.43 17.27 -11.42
N SER B 97 16.36 17.46 -12.37
CA SER B 97 17.15 16.33 -12.84
C SER B 97 17.98 15.71 -11.72
N TRP B 98 18.49 16.53 -10.81
CA TRP B 98 19.38 16.06 -9.74
C TRP B 98 18.75 16.31 -8.39
N LYS B 99 18.59 15.23 -7.62
CA LYS B 99 18.42 15.29 -6.18
C LYS B 99 19.38 14.28 -5.59
N ASN B 100 20.35 14.76 -4.82
CA ASN B 100 21.41 13.92 -4.24
C ASN B 100 22.12 13.11 -5.32
N GLY B 101 22.40 13.76 -6.45
CA GLY B 101 23.12 13.13 -7.54
C GLY B 101 22.37 12.03 -8.26
N GLN B 102 21.03 12.04 -8.20
CA GLN B 102 20.24 10.99 -8.83
C GLN B 102 18.97 11.62 -9.41
N MET B 103 18.30 10.86 -10.28
CA MET B 103 17.20 11.38 -11.08
C MET B 103 15.82 11.05 -10.49
N HIS B 104 15.74 10.68 -9.22
CA HIS B 104 14.53 10.04 -8.70
C HIS B 104 13.33 10.96 -8.63
N TYR B 105 13.48 12.26 -8.91
CA TYR B 105 12.34 13.17 -8.90
C TYR B 105 11.93 13.59 -10.30
N VAL B 106 12.65 13.12 -11.31
CA VAL B 106 12.32 13.29 -12.72
C VAL B 106 10.98 12.62 -13.01
N PRO B 107 10.10 13.22 -13.82
CA PRO B 107 8.73 12.70 -13.97
C PRO B 107 8.71 11.30 -14.55
N GLU B 108 7.53 10.67 -14.45
CA GLU B 108 7.38 9.29 -14.89
C GLU B 108 7.53 9.14 -16.39
N TRP B 109 7.12 10.13 -17.17
CA TRP B 109 7.23 9.98 -18.62
C TRP B 109 8.66 10.07 -19.10
N ILE B 110 9.59 10.55 -18.26
CA ILE B 110 11.02 10.48 -18.59
C ILE B 110 11.64 9.18 -18.06
N LYS B 111 11.23 8.72 -16.88
CA LYS B 111 11.72 7.45 -16.35
C LYS B 111 11.37 6.29 -17.26
N ARG B 112 10.24 6.37 -17.97
CA ARG B 112 9.76 5.29 -18.84
C ARG B 112 10.52 5.19 -20.16
N ASP B 113 11.12 6.29 -20.61
CA ASP B 113 11.65 6.42 -21.96
C ASP B 113 13.15 6.70 -21.88
N GLU B 114 13.93 5.63 -21.64
CA GLU B 114 15.38 5.76 -21.60
C GLU B 114 15.98 6.06 -22.97
N ALA B 115 15.27 5.73 -24.06
CA ALA B 115 15.79 6.06 -25.38
C ALA B 115 15.81 7.57 -25.60
N THR B 116 14.71 8.26 -25.29
CA THR B 116 14.65 9.70 -25.47
C THR B 116 15.50 10.45 -24.45
N TYR B 117 15.54 9.94 -23.21
CA TYR B 117 16.13 10.64 -22.07
C TYR B 117 17.19 9.74 -21.44
N PRO B 118 18.35 9.61 -22.09
CA PRO B 118 19.31 8.58 -21.69
C PRO B 118 19.90 8.84 -20.31
N ARG B 119 20.25 7.74 -19.66
CA ARG B 119 20.96 7.73 -18.39
C ARG B 119 22.45 7.58 -18.63
N MET B 120 23.23 8.24 -17.77
CA MET B 120 24.67 8.02 -17.72
C MET B 120 24.98 6.53 -17.67
N ARG B 121 26.08 6.16 -18.30
CA ARG B 121 26.60 4.80 -18.27
C ARG B 121 27.87 4.80 -17.41
N ASP B 122 28.07 3.74 -16.64
CA ASP B 122 29.23 3.69 -15.76
C ASP B 122 30.41 3.08 -16.53
N ALA B 123 31.53 2.88 -15.83
CA ALA B 123 32.73 2.34 -16.45
C ALA B 123 32.55 0.90 -16.97
N ASN B 124 31.48 0.21 -16.60
CA ASN B 124 31.22 -1.14 -17.09
C ASN B 124 30.17 -1.18 -18.18
N GLY B 125 29.69 -0.02 -18.64
CA GLY B 125 28.65 0.06 -19.64
C GLY B 125 27.24 -0.01 -19.11
N GLU B 126 27.06 -0.13 -17.82
CA GLU B 126 25.78 -0.28 -17.14
C GLU B 126 25.16 1.08 -16.81
N PRO B 127 23.83 1.19 -16.85
CA PRO B 127 23.19 2.47 -16.51
C PRO B 127 23.23 2.73 -15.02
N VAL B 128 23.17 4.02 -14.67
CA VAL B 128 23.01 4.47 -13.28
C VAL B 128 21.75 5.33 -13.19
N ASP B 129 21.39 5.74 -11.97
CA ASP B 129 20.18 6.55 -11.77
C ASP B 129 20.44 8.04 -11.97
N VAL B 130 21.09 8.40 -13.08
CA VAL B 130 21.45 9.80 -13.34
C VAL B 130 21.20 10.11 -14.81
N LEU B 131 20.42 11.15 -15.06
CA LEU B 131 20.25 11.61 -16.44
C LEU B 131 21.61 11.98 -17.00
N SER B 132 21.83 11.66 -18.27
CA SER B 132 23.10 11.98 -18.90
C SER B 132 23.23 13.48 -19.14
N PRO B 133 24.33 14.12 -18.73
CA PRO B 133 24.47 15.56 -18.94
C PRO B 133 24.82 15.95 -20.37
N HIS B 134 24.89 15.00 -21.31
CA HIS B 134 25.42 15.24 -22.64
C HIS B 134 24.39 15.10 -23.77
N VAL B 135 23.11 14.96 -23.46
CA VAL B 135 22.08 14.82 -24.49
C VAL B 135 21.09 15.96 -24.37
N ALA B 136 20.80 16.60 -25.50
CA ALA B 136 20.07 17.87 -25.48
C ALA B 136 18.71 17.72 -24.82
N ALA B 137 18.01 16.61 -25.10
CA ALA B 137 16.62 16.48 -24.65
C ALA B 137 16.51 16.56 -23.13
N ASN B 138 17.51 16.05 -22.41
CA ASN B 138 17.46 16.09 -20.95
C ASN B 138 17.50 17.51 -20.42
N VAL B 139 18.58 18.25 -20.72
CA VAL B 139 18.72 19.61 -20.22
C VAL B 139 17.59 20.52 -20.72
N GLN B 140 17.03 20.22 -21.90
CA GLN B 140 15.96 21.07 -22.41
C GLN B 140 14.66 20.82 -21.66
N ALA B 141 14.32 19.55 -21.40
CA ALA B 141 13.16 19.26 -20.57
C ALA B 141 13.25 19.97 -19.22
N ASP B 142 14.43 19.90 -18.59
CA ASP B 142 14.59 20.52 -17.28
C ASP B 142 14.41 22.04 -17.37
N ALA B 143 15.13 22.67 -18.30
CA ALA B 143 15.00 24.12 -18.47
C ALA B 143 13.57 24.52 -18.76
N ARG B 144 12.87 23.72 -19.57
CA ARG B 144 11.50 24.05 -19.92
C ARG B 144 10.60 23.98 -18.69
N ALA B 145 10.75 22.93 -17.88
CA ALA B 145 9.98 22.84 -16.64
C ALA B 145 10.36 23.94 -15.66
N PHE B 146 11.66 24.25 -15.56
CA PHE B 146 12.06 25.29 -14.62
C PHE B 146 11.48 26.64 -15.01
N THR B 147 11.49 26.93 -16.32
CA THR B 147 10.93 28.20 -16.80
C THR B 147 9.45 28.31 -16.46
N ALA B 148 8.71 27.19 -16.58
CA ALA B 148 7.30 27.20 -16.24
C ALA B 148 7.08 27.48 -14.76
N LEU B 149 7.91 26.89 -13.89
CA LEU B 149 7.79 27.15 -12.46
C LEU B 149 8.05 28.62 -12.16
N MET B 150 9.09 29.20 -12.77
CA MET B 150 9.42 30.58 -12.46
C MET B 150 8.43 31.55 -13.08
N GLN B 151 7.94 31.25 -14.29
CA GLN B 151 6.87 32.06 -14.86
C GLN B 151 5.69 32.13 -13.91
N HIS B 152 5.23 30.97 -13.41
CA HIS B 152 4.11 30.92 -12.48
C HIS B 152 4.41 31.68 -11.19
N LEU B 153 5.67 31.63 -10.73
CA LEU B 153 6.06 32.35 -9.52
C LEU B 153 5.91 33.85 -9.72
N ARG B 154 6.29 34.36 -10.90
CA ARG B 154 6.09 35.77 -11.18
C ARG B 154 4.61 36.14 -11.21
N LYS B 155 3.74 35.23 -11.66
CA LYS B 155 2.33 35.58 -11.76
C LYS B 155 1.67 35.66 -10.39
N ILE B 156 2.00 34.75 -9.47
CA ILE B 156 1.36 34.73 -8.16
C ILE B 156 2.23 35.32 -7.05
N ASP B 157 3.51 35.60 -7.31
CA ASP B 157 4.38 36.15 -6.28
C ASP B 157 5.18 37.36 -6.74
N GLY B 158 4.87 37.90 -7.92
CA GLY B 158 5.67 38.99 -8.48
C GLY B 158 5.64 40.27 -7.67
N ASP B 159 4.59 40.49 -6.89
CA ASP B 159 4.47 41.66 -6.03
C ASP B 159 4.86 41.33 -4.59
N ARG B 160 4.35 40.21 -4.07
CA ARG B 160 4.47 39.91 -2.66
C ARG B 160 5.89 39.47 -2.30
N HIS B 161 6.54 38.75 -3.21
CA HIS B 161 7.91 38.28 -3.00
C HIS B 161 8.01 37.43 -1.73
N THR B 162 7.02 36.56 -1.53
CA THR B 162 7.12 35.57 -0.46
C THR B 162 8.31 34.63 -0.70
N VAL B 163 8.53 34.22 -1.96
CA VAL B 163 9.66 33.38 -2.31
C VAL B 163 10.90 34.26 -2.47
N ILE B 164 11.94 33.96 -1.70
CA ILE B 164 13.05 34.89 -1.49
C ILE B 164 14.29 34.46 -2.27
N VAL B 165 14.46 33.15 -2.45
CA VAL B 165 15.57 32.57 -3.19
C VAL B 165 15.04 31.28 -3.79
N VAL B 166 15.76 30.75 -4.78
CA VAL B 166 15.38 29.50 -5.43
C VAL B 166 16.64 28.67 -5.61
N GLN B 167 16.61 27.43 -5.11
CA GLN B 167 17.73 26.51 -5.25
C GLN B 167 17.51 25.65 -6.48
N VAL B 168 18.47 25.67 -7.40
CA VAL B 168 18.36 25.00 -8.70
C VAL B 168 19.02 23.63 -8.56
N GLU B 169 18.23 22.58 -8.78
CA GLU B 169 18.60 21.19 -8.50
C GLU B 169 18.77 20.98 -6.98
N ASN B 170 19.27 19.82 -6.59
CA ASN B 170 19.57 19.60 -5.18
C ASN B 170 20.76 18.65 -5.08
N GLU B 171 21.88 19.14 -4.51
CA GLU B 171 23.15 18.42 -4.44
C GLU B 171 23.44 17.73 -5.77
N PRO B 172 23.65 18.48 -6.84
CA PRO B 172 23.86 17.87 -8.16
C PRO B 172 25.23 17.21 -8.24
N GLY B 173 25.39 16.39 -9.29
CA GLY B 173 26.53 15.54 -9.55
C GLY B 173 26.05 14.16 -9.86
N ALA B 174 26.99 13.23 -9.98
CA ALA B 174 26.66 11.87 -10.39
C ALA B 174 26.98 10.88 -9.28
N ILE B 175 26.02 10.01 -8.97
CA ILE B 175 26.23 8.87 -8.08
C ILE B 175 26.24 7.61 -8.93
N GLY B 176 27.26 6.80 -8.76
CA GLY B 176 27.41 5.54 -9.47
C GLY B 176 28.52 5.54 -10.50
N THR B 177 29.02 6.71 -10.89
CA THR B 177 30.07 6.80 -11.89
C THR B 177 30.73 8.17 -11.76
N VAL B 178 31.98 8.26 -12.23
CA VAL B 178 32.68 9.54 -12.22
C VAL B 178 32.26 10.40 -13.41
N ARG B 179 32.18 9.79 -14.59
CA ARG B 179 31.79 10.49 -15.80
C ARG B 179 30.91 9.57 -16.65
N ASP B 180 30.30 10.15 -17.67
CA ASP B 180 29.42 9.40 -18.57
C ASP B 180 30.23 8.66 -19.62
N HIS B 181 30.02 7.35 -19.71
CA HIS B 181 30.66 6.52 -20.72
C HIS B 181 29.68 6.14 -21.84
N GLY B 182 28.56 6.85 -21.95
CA GLY B 182 27.74 6.84 -23.13
C GLY B 182 28.45 7.51 -24.31
N PRO B 183 27.98 7.22 -25.53
CA PRO B 183 28.70 7.73 -26.71
C PRO B 183 28.86 9.24 -26.74
N ALA B 184 27.85 10.00 -26.30
CA ALA B 184 28.00 11.45 -26.34
C ALA B 184 29.07 11.93 -25.37
N GLY B 185 29.13 11.30 -24.19
CA GLY B 185 30.10 11.68 -23.17
C GLY B 185 31.51 11.23 -23.46
N GLU B 186 31.66 10.04 -24.06
CA GLU B 186 32.98 9.62 -24.54
C GLU B 186 33.48 10.56 -25.63
N ALA B 187 32.58 11.04 -26.49
CA ALA B 187 32.97 11.97 -27.54
C ALA B 187 33.44 13.29 -26.95
N ALA B 188 32.66 13.87 -26.04
CA ALA B 188 33.00 15.16 -25.46
C ALA B 188 34.23 15.05 -24.56
N PHE B 189 34.48 13.86 -23.98
CA PHE B 189 35.66 13.69 -23.13
C PHE B 189 36.95 13.60 -23.95
N ALA B 190 36.84 13.18 -25.21
CA ALA B 190 37.99 13.16 -26.10
C ALA B 190 38.31 14.55 -26.65
N GLN B 191 37.34 15.45 -26.67
CA GLN B 191 37.56 16.81 -27.12
C GLN B 191 38.36 17.56 -26.07
N PRO B 192 39.05 18.61 -26.46
CA PRO B 192 39.84 19.38 -25.46
C PRO B 192 38.93 20.22 -24.58
N VAL B 193 39.54 20.95 -23.66
CA VAL B 193 38.80 21.73 -22.67
C VAL B 193 38.23 22.97 -23.33
N PRO B 194 36.97 23.33 -23.07
CA PRO B 194 36.44 24.59 -23.60
C PRO B 194 37.34 25.74 -23.22
N ALA B 195 37.53 26.63 -24.19
CA ALA B 195 38.58 27.63 -24.13
C ALA B 195 38.25 28.69 -23.11
N ALA B 196 37.00 29.18 -23.12
CA ALA B 196 36.55 30.13 -22.10
C ALA B 196 36.84 29.61 -20.69
N ILE B 197 36.71 28.30 -20.50
CA ILE B 197 37.02 27.69 -19.21
C ILE B 197 38.53 27.73 -18.93
N ALA B 198 39.33 27.20 -19.86
CA ALA B 198 40.79 27.24 -19.71
C ALA B 198 41.28 28.67 -19.45
N ALA B 199 40.67 29.64 -20.11
CA ALA B 199 41.06 31.03 -19.89
C ALA B 199 40.60 31.53 -18.51
N ALA B 200 39.39 31.15 -18.11
CA ALA B 200 38.83 31.62 -16.84
C ALA B 200 39.59 31.06 -15.64
N LEU B 201 40.39 30.01 -15.85
CA LEU B 201 41.20 29.40 -14.81
C LEU B 201 42.68 29.75 -14.94
N GLY B 202 43.04 30.66 -15.86
CA GLY B 202 44.43 30.93 -16.14
C GLY B 202 45.24 29.71 -16.57
N LYS B 203 44.71 28.94 -17.51
CA LYS B 203 45.40 27.75 -17.96
C LYS B 203 45.62 27.81 -19.47
N PRO B 204 46.67 27.17 -19.99
CA PRO B 204 46.80 27.04 -21.44
C PRO B 204 45.68 26.16 -21.98
N ALA B 205 45.53 26.21 -23.31
CA ALA B 205 44.71 25.20 -23.93
C ALA B 205 45.31 23.83 -23.66
N GLY B 206 44.48 22.81 -23.83
CA GLY B 206 44.93 21.47 -23.55
C GLY B 206 43.76 20.56 -23.30
N SER B 207 44.07 19.29 -23.16
CA SER B 207 43.04 18.32 -22.93
C SER B 207 42.72 18.28 -21.44
N TRP B 208 41.74 17.45 -21.06
CA TRP B 208 41.38 17.36 -19.65
C TRP B 208 42.49 16.72 -18.82
N GLN B 209 43.11 15.65 -19.33
CA GLN B 209 44.24 15.05 -18.63
C GLN B 209 45.39 16.03 -18.49
N GLN B 210 45.61 16.88 -19.51
CA GLN B 210 46.76 17.78 -19.45
C GLN B 210 46.53 18.94 -18.49
N LEU B 211 45.29 19.41 -18.36
CA LEU B 211 45.00 20.57 -17.52
C LEU B 211 44.52 20.21 -16.11
N PHE B 212 44.20 18.95 -15.85
CA PHE B 212 43.75 18.55 -14.52
C PHE B 212 44.34 17.23 -14.03
N GLY B 213 45.28 16.64 -14.77
CA GLY B 213 45.96 15.45 -14.30
C GLY B 213 44.99 14.34 -13.91
N ALA B 214 45.14 13.85 -12.68
CA ALA B 214 44.39 12.69 -12.24
C ALA B 214 42.91 12.98 -12.03
N GLU B 215 42.52 14.26 -11.92
CA GLU B 215 41.14 14.67 -11.82
C GLU B 215 40.51 15.02 -13.16
N ALA B 216 41.03 14.47 -14.26
CA ALA B 216 40.46 14.73 -15.57
C ALA B 216 38.98 14.36 -15.62
N ALA B 217 38.67 13.08 -15.40
CA ALA B 217 37.29 12.60 -15.47
C ALA B 217 36.37 13.40 -14.55
N GLU B 218 36.81 13.66 -13.31
CA GLU B 218 35.96 14.36 -12.37
C GLU B 218 35.72 15.81 -12.80
N ALA B 219 36.79 16.53 -13.15
CA ALA B 219 36.62 17.90 -13.64
C ALA B 219 35.76 17.94 -14.90
N PHE B 220 35.90 16.94 -15.78
CA PHE B 220 35.07 16.87 -16.97
C PHE B 220 33.58 16.82 -16.61
N ASN B 221 33.20 15.92 -15.70
CA ASN B 221 31.79 15.85 -15.30
C ASN B 221 31.35 17.06 -14.50
N ALA B 222 32.28 17.69 -13.77
CA ALA B 222 31.92 18.90 -13.04
C ALA B 222 31.57 20.02 -14.00
N HIS B 223 32.26 20.09 -15.15
CA HIS B 223 31.88 21.10 -16.12
C HIS B 223 30.57 20.75 -16.79
N ALA B 224 30.37 19.48 -17.13
CA ALA B 224 29.13 19.07 -17.77
C ALA B 224 27.93 19.38 -16.87
N THR B 225 28.02 18.94 -15.61
CA THR B 225 26.97 19.25 -14.65
C THR B 225 26.72 20.75 -14.59
N ALA B 226 27.80 21.54 -14.54
CA ALA B 226 27.64 22.97 -14.32
C ALA B 226 27.03 23.66 -15.54
N ALA B 227 27.42 23.22 -16.74
CA ALA B 227 26.88 23.80 -17.97
C ALA B 227 25.41 23.46 -18.12
N TYR B 228 25.07 22.18 -17.91
CA TYR B 228 23.67 21.75 -17.85
C TYR B 228 22.86 22.66 -16.94
N ILE B 229 23.33 22.87 -15.71
CA ILE B 229 22.59 23.71 -14.76
C ILE B 229 22.57 25.17 -15.22
N GLU B 230 23.66 25.64 -15.81
CA GLU B 230 23.68 27.02 -16.31
C GLU B 230 22.59 27.24 -17.36
N GLN B 231 22.30 26.22 -18.17
CA GLN B 231 21.23 26.34 -19.15
C GLN B 231 19.88 26.47 -18.46
N VAL B 232 19.60 25.57 -17.51
CA VAL B 232 18.38 25.65 -16.72
C VAL B 232 18.29 27.00 -16.02
N ALA B 233 19.40 27.45 -15.43
CA ALA B 233 19.38 28.65 -14.60
C ALA B 233 19.12 29.91 -15.43
N ALA B 234 19.79 30.03 -16.58
CA ALA B 234 19.58 31.19 -17.44
C ALA B 234 18.14 31.24 -17.94
N ALA B 235 17.58 30.08 -18.32
CA ALA B 235 16.18 30.03 -18.75
C ALA B 235 15.25 30.52 -17.64
N GLY B 236 15.46 30.05 -16.42
CA GLY B 236 14.68 30.58 -15.30
C GLY B 236 14.91 32.07 -15.11
N LYS B 237 16.15 32.52 -15.27
CA LYS B 237 16.46 33.93 -15.05
C LYS B 237 15.65 34.84 -15.97
N ARG B 238 15.49 34.45 -17.24
CA ARG B 238 14.70 35.25 -18.17
C ARG B 238 13.23 35.33 -17.76
N ALA B 239 12.71 34.30 -17.08
CA ALA B 239 11.31 34.31 -16.69
C ALA B 239 11.07 35.21 -15.49
N TYR B 240 11.93 35.12 -14.48
CA TYR B 240 11.75 35.76 -13.19
C TYR B 240 13.08 35.71 -12.46
N PRO B 241 13.90 36.76 -12.55
CA PRO B 241 15.31 36.67 -12.11
C PRO B 241 15.49 36.81 -10.60
N LEU B 242 14.90 35.88 -9.86
CA LEU B 242 15.14 35.79 -8.42
C LEU B 242 16.56 35.31 -8.17
N PRO B 243 17.09 35.50 -6.95
CA PRO B 243 18.41 34.96 -6.62
C PRO B 243 18.42 33.43 -6.69
N LEU B 244 19.49 32.89 -7.27
CA LEU B 244 19.59 31.45 -7.52
C LEU B 244 20.86 30.89 -6.91
N TYR B 245 20.75 29.71 -6.28
CA TYR B 245 21.89 29.04 -5.68
C TYR B 245 21.79 27.54 -5.91
N VAL B 246 22.90 26.85 -5.71
CA VAL B 246 22.89 25.40 -5.63
C VAL B 246 23.52 25.02 -4.29
N ASN B 247 23.16 23.84 -3.81
CA ASN B 247 23.66 23.29 -2.56
C ASN B 247 24.61 22.14 -2.88
N THR B 248 25.54 21.87 -1.97
CA THR B 248 26.64 20.96 -2.24
C THR B 248 26.69 19.84 -1.20
N TRP B 249 26.59 18.60 -1.69
CA TRP B 249 27.09 17.44 -0.94
C TRP B 249 28.62 17.46 -1.01
N LEU B 250 29.27 17.78 0.11
CA LEU B 250 30.65 18.23 0.12
C LEU B 250 31.65 17.09 0.04
N ARG B 251 32.86 17.45 -0.40
CA ARG B 251 34.05 16.61 -0.29
C ARG B 251 34.73 16.96 1.02
N TYR B 252 34.24 16.34 2.10
CA TYR B 252 34.73 16.60 3.44
C TYR B 252 34.83 15.27 4.18
N LYS B 253 35.09 15.37 5.49
CA LYS B 253 35.08 14.23 6.42
C LYS B 253 35.80 13.01 5.86
N GLY B 254 36.86 13.23 5.07
CA GLY B 254 37.60 12.12 4.53
C GLY B 254 37.01 11.47 3.29
N LYS B 255 35.85 11.93 2.81
CA LYS B 255 35.27 11.44 1.56
C LYS B 255 36.22 11.72 0.39
N ARG B 256 36.59 10.66 -0.33
CA ARG B 256 37.60 10.77 -1.37
C ARG B 256 37.16 10.26 -2.74
N TYR B 257 36.04 9.55 -2.85
CA TYR B 257 35.72 8.77 -4.04
C TYR B 257 34.52 9.36 -4.77
N PRO B 258 34.73 10.26 -5.74
CA PRO B 258 33.59 10.82 -6.49
C PRO B 258 32.82 9.69 -7.17
N GLY B 259 31.50 9.84 -7.18
CA GLY B 259 30.64 8.78 -7.62
C GLY B 259 30.11 7.89 -6.51
N MET B 260 30.86 7.74 -5.41
CA MET B 260 30.30 6.98 -4.30
C MET B 260 30.37 7.70 -2.95
N ASP B 261 31.48 8.38 -2.64
CA ASP B 261 31.52 9.18 -1.41
C ASP B 261 30.62 10.39 -1.51
N TYR B 262 30.50 10.94 -2.70
CA TYR B 262 29.84 12.21 -2.96
C TYR B 262 29.61 12.32 -4.47
N PRO B 263 28.62 13.10 -4.89
CA PRO B 263 28.27 13.16 -6.33
C PRO B 263 29.42 13.75 -7.13
N SER B 264 29.99 12.93 -8.00
CA SER B 264 31.03 13.38 -8.91
C SER B 264 30.52 14.55 -9.75
N GLY B 265 31.10 15.72 -9.54
CA GLY B 265 30.79 16.85 -10.38
C GLY B 265 29.88 17.89 -9.78
N GLY B 266 29.54 17.76 -8.50
CA GLY B 266 28.97 18.86 -7.77
C GLY B 266 29.99 19.97 -7.56
N ALA B 267 29.53 21.04 -6.92
CA ALA B 267 30.39 22.20 -6.68
C ALA B 267 31.28 21.97 -5.45
N THR B 268 32.02 20.88 -5.50
CA THR B 268 32.97 20.55 -4.44
C THR B 268 34.16 21.51 -4.46
N VAL B 269 34.94 21.48 -3.38
CA VAL B 269 36.04 22.43 -3.21
C VAL B 269 37.10 22.24 -4.31
N ASN B 270 37.36 20.99 -4.70
CA ASN B 270 38.43 20.72 -5.66
C ASN B 270 38.06 21.08 -7.10
N VAL B 271 36.88 21.65 -7.34
CA VAL B 271 36.43 22.00 -8.67
C VAL B 271 35.60 23.27 -8.59
N PHE B 272 35.78 24.04 -7.53
CA PHE B 272 34.87 25.17 -7.28
C PHE B 272 34.98 26.22 -8.37
N ALA B 273 36.21 26.65 -8.69
CA ALA B 273 36.39 27.74 -9.66
C ALA B 273 35.90 27.32 -11.05
N LEU B 274 36.26 26.12 -11.50
CA LEU B 274 35.72 25.57 -12.74
C LEU B 274 34.19 25.60 -12.75
N TRP B 275 33.57 25.12 -11.67
CA TRP B 275 32.12 25.09 -11.59
C TRP B 275 31.52 26.50 -11.66
N ARG B 276 32.20 27.49 -11.10
CA ARG B 276 31.63 28.82 -11.08
C ARG B 276 31.82 29.55 -12.41
N ALA B 277 32.97 29.33 -13.06
CA ALA B 277 33.20 29.91 -14.37
C ALA B 277 32.10 29.54 -15.35
N ALA B 278 31.56 28.33 -15.23
CA ALA B 278 30.55 27.80 -16.13
C ALA B 278 29.13 28.20 -15.75
N THR B 279 28.93 29.00 -14.71
CA THR B 279 27.58 29.20 -14.18
C THR B 279 27.29 30.64 -13.79
N PRO B 280 27.47 31.62 -14.68
CA PRO B 280 27.19 33.01 -14.29
C PRO B 280 25.74 33.23 -13.87
N SER B 281 24.82 32.37 -14.29
CA SER B 281 23.42 32.51 -13.91
C SER B 281 23.11 31.96 -12.51
N ILE B 282 24.09 31.34 -11.83
CA ILE B 282 23.94 30.94 -10.45
C ILE B 282 24.68 31.96 -9.58
N ASP B 283 23.99 32.46 -8.55
CA ASP B 283 24.46 33.62 -7.81
C ASP B 283 25.42 33.25 -6.68
N PHE B 284 25.15 32.17 -5.95
CA PHE B 284 26.05 31.73 -4.88
C PHE B 284 25.81 30.26 -4.60
N ILE B 285 26.73 29.66 -3.86
CA ILE B 285 26.70 28.24 -3.54
C ILE B 285 26.47 28.09 -2.03
N GLY B 286 25.72 27.06 -1.66
CA GLY B 286 25.50 26.72 -0.26
C GLY B 286 26.18 25.41 0.09
N THR B 287 26.58 25.30 1.36
CA THR B 287 27.26 24.11 1.87
C THR B 287 26.29 23.33 2.74
N ASP B 288 26.21 22.01 2.52
CA ASP B 288 25.40 21.10 3.32
C ASP B 288 26.36 20.42 4.30
N ILE B 289 26.43 20.96 5.53
CA ILE B 289 27.42 20.54 6.51
C ILE B 289 26.71 19.64 7.53
N TYR B 290 27.12 18.37 7.57
CA TYR B 290 26.56 17.41 8.48
C TYR B 290 27.65 16.83 9.37
N THR B 291 28.29 17.70 10.13
CA THR B 291 29.19 17.29 11.20
C THR B 291 28.99 18.24 12.37
N SER B 292 29.44 17.80 13.53
CA SER B 292 29.45 18.62 14.73
C SER B 292 30.84 19.09 15.10
N ASP B 293 31.87 18.58 14.44
CA ASP B 293 33.25 18.82 14.86
C ASP B 293 33.69 20.24 14.52
N TYR B 294 34.21 20.96 15.51
CA TYR B 294 34.60 22.35 15.30
C TYR B 294 35.62 22.48 14.17
N GLY B 295 36.64 21.62 14.17
CA GLY B 295 37.69 21.75 13.16
C GLY B 295 37.19 21.55 11.75
N GLU B 296 36.27 20.61 11.55
CA GLU B 296 35.78 20.31 10.21
C GLU B 296 34.72 21.33 9.78
N TYR B 297 33.88 21.76 10.72
CA TYR B 297 32.87 22.75 10.40
C TYR B 297 33.53 24.06 9.96
N THR B 298 34.54 24.51 10.70
CA THR B 298 35.19 25.76 10.35
C THR B 298 36.06 25.61 9.10
N LYS B 299 36.57 24.41 8.84
CA LYS B 299 37.34 24.20 7.62
C LYS B 299 36.46 24.42 6.40
N VAL B 300 35.28 23.81 6.38
CA VAL B 300 34.41 23.93 5.22
C VAL B 300 34.03 25.38 5.00
N ILE B 301 33.64 26.07 6.08
CA ILE B 301 33.25 27.48 5.96
C ILE B 301 34.40 28.31 5.40
N GLY B 302 35.62 28.03 5.83
CA GLY B 302 36.77 28.71 5.26
C GLY B 302 36.91 28.45 3.76
N GLN B 303 36.50 27.27 3.30
CA GLN B 303 36.66 26.94 1.89
C GLN B 303 35.69 27.70 1.01
N TYR B 304 34.44 27.90 1.49
CA TYR B 304 33.39 28.49 0.66
C TYR B 304 33.12 29.96 0.96
N ALA B 305 33.68 30.53 2.02
CA ALA B 305 33.57 31.96 2.26
C ALA B 305 34.73 32.63 1.53
N ARG B 306 34.45 33.09 0.32
CA ARG B 306 35.42 33.58 -0.64
C ARG B 306 34.99 34.95 -1.13
N PRO B 307 35.89 35.71 -1.75
CA PRO B 307 35.47 37.00 -2.33
C PRO B 307 34.40 36.86 -3.40
N ASP B 308 34.29 35.71 -4.06
CA ASP B 308 33.26 35.46 -5.06
C ASP B 308 32.08 34.66 -4.52
N ASN B 309 32.08 34.28 -3.23
CA ASN B 309 31.01 33.42 -2.69
C ASN B 309 30.81 33.64 -1.20
N PRO B 310 29.59 33.87 -0.74
CA PRO B 310 29.35 34.10 0.68
C PRO B 310 29.21 32.78 1.44
N ALA B 311 29.51 32.86 2.73
CA ALA B 311 29.12 31.81 3.65
C ALA B 311 27.61 31.68 3.65
N TRP B 312 27.13 30.45 3.48
CA TRP B 312 25.69 30.22 3.38
C TRP B 312 25.48 28.74 3.64
N VAL B 313 24.98 28.41 4.83
CA VAL B 313 24.74 27.02 5.21
C VAL B 313 23.32 26.67 4.77
N SER B 314 23.22 26.03 3.61
CA SER B 314 21.91 25.63 3.09
C SER B 314 21.30 24.50 3.90
N GLU B 315 22.12 23.63 4.49
CA GLU B 315 21.66 22.52 5.31
C GLU B 315 22.67 22.19 6.39
N THR B 316 22.19 21.96 7.61
CA THR B 316 22.99 21.43 8.70
C THR B 316 22.11 20.53 9.57
N GLY B 317 22.76 19.64 10.32
CA GLY B 317 22.00 18.67 11.09
C GLY B 317 21.10 19.32 12.12
N PHE B 318 19.91 18.74 12.30
CA PHE B 318 18.97 19.24 13.29
C PHE B 318 19.33 18.62 14.63
N GLU B 319 20.36 19.18 15.25
CA GLU B 319 20.82 18.67 16.54
C GLU B 319 21.35 19.82 17.39
N ALA B 320 21.34 19.63 18.71
CA ALA B 320 21.72 20.70 19.62
C ALA B 320 23.15 21.13 19.37
N ALA B 321 24.03 20.18 19.12
CA ALA B 321 25.45 20.50 19.04
C ALA B 321 25.77 21.41 17.86
N THR B 322 24.85 21.55 16.92
CA THR B 322 25.08 22.32 15.71
C THR B 322 24.69 23.79 15.86
N ALA B 323 24.01 24.15 16.94
CA ALA B 323 23.50 25.49 17.22
C ALA B 323 24.58 26.57 17.40
N PRO B 324 25.75 26.27 17.98
CA PRO B 324 26.76 27.33 18.08
C PRO B 324 27.28 27.83 16.74
N TYR B 325 27.29 26.98 15.70
CA TYR B 325 27.88 27.35 14.41
C TYR B 325 27.09 28.43 13.66
N LEU B 326 25.82 28.65 14.00
CA LEU B 326 25.12 29.81 13.47
C LEU B 326 25.94 31.08 13.70
N PHE B 327 26.59 31.18 14.85
CA PHE B 327 27.34 32.39 15.17
C PHE B 327 28.72 32.42 14.49
N HIS B 328 29.37 31.26 14.34
CA HIS B 328 30.56 31.22 13.48
C HIS B 328 30.22 31.67 12.06
N VAL B 329 29.14 31.13 11.49
CA VAL B 329 28.82 31.37 10.08
C VAL B 329 28.58 32.85 9.85
N LEU B 330 27.82 33.49 10.75
CA LEU B 330 27.63 34.93 10.65
C LEU B 330 28.95 35.66 10.72
N GLY B 331 29.78 35.35 11.73
CA GLY B 331 31.09 35.94 11.95
C GLY B 331 32.05 35.83 10.78
N GLN B 332 31.71 35.01 9.77
CA GLN B 332 32.47 34.96 8.52
C GLN B 332 31.72 35.65 7.38
N GLY B 333 30.81 36.57 7.71
CA GLY B 333 30.05 37.29 6.70
C GLY B 333 28.87 36.54 6.14
N GLY B 334 28.51 35.40 6.71
CA GLY B 334 27.49 34.56 6.13
C GLY B 334 26.13 35.23 6.05
N ILE B 335 25.38 34.85 5.02
CA ILE B 335 24.08 35.45 4.76
C ILE B 335 22.93 34.68 5.41
N GLY B 336 23.16 33.45 5.86
CA GLY B 336 22.08 32.66 6.42
C GLY B 336 22.55 31.32 6.94
N PHE B 337 21.63 30.65 7.62
CA PHE B 337 21.89 29.40 8.33
C PHE B 337 20.60 28.59 8.35
N SER B 338 20.70 27.29 8.04
CA SER B 338 19.51 26.45 7.89
C SER B 338 19.73 25.08 8.52
N VAL B 339 18.84 24.70 9.45
CA VAL B 339 18.75 23.34 9.96
C VAL B 339 17.84 22.51 9.06
N PHE B 340 18.19 21.25 8.84
CA PHE B 340 17.46 20.36 7.95
C PHE B 340 16.65 19.30 8.69
N GLY B 341 15.46 19.00 8.18
CA GLY B 341 14.69 17.87 8.67
C GLY B 341 14.10 18.07 10.05
N ILE B 342 13.27 19.10 10.19
CA ILE B 342 12.83 19.50 11.51
C ILE B 342 11.45 18.97 11.87
N ASP B 343 10.67 18.50 10.89
CA ASP B 343 9.27 18.21 11.11
C ASP B 343 9.03 16.72 11.32
N GLY B 344 8.22 16.42 12.34
CA GLY B 344 7.65 15.09 12.50
C GLY B 344 8.60 14.00 12.90
N ASN B 345 9.69 14.35 13.58
CA ASN B 345 10.65 13.33 13.98
C ASN B 345 10.09 12.54 15.16
N PRO B 346 10.50 11.29 15.32
CA PRO B 346 10.15 10.56 16.54
C PRO B 346 10.60 11.34 17.77
N ASP B 347 9.74 11.35 18.80
CA ASP B 347 10.04 12.10 20.01
C ASP B 347 11.22 11.48 20.74
N SER B 348 12.15 12.32 21.17
CA SER B 348 13.35 11.85 21.86
C SER B 348 13.96 13.02 22.59
N GLY B 349 14.83 12.70 23.55
CA GLY B 349 15.58 13.75 24.22
C GLY B 349 16.41 14.57 23.24
N ALA B 350 17.01 13.89 22.25
CA ALA B 350 17.84 14.57 21.26
C ALA B 350 17.02 15.56 20.44
N ASN B 351 15.86 15.10 19.94
CA ASN B 351 15.03 15.96 19.10
C ASN B 351 14.47 17.14 19.88
N ARG B 352 14.08 16.92 21.14
CA ARG B 352 13.61 18.04 21.97
C ARG B 352 14.72 19.06 22.21
N ALA B 353 15.94 18.57 22.51
CA ALA B 353 17.09 19.45 22.66
C ALA B 353 17.38 20.23 21.38
N ALA B 354 17.27 19.58 20.22
CA ALA B 354 17.52 20.28 18.95
C ALA B 354 16.51 21.41 18.75
N ILE B 355 15.23 21.14 19.01
CA ILE B 355 14.21 22.19 18.93
C ILE B 355 14.56 23.35 19.85
N ALA B 356 14.83 23.04 21.13
CA ALA B 356 15.07 24.09 22.11
C ALA B 356 16.32 24.91 21.79
N ALA B 357 17.38 24.25 21.32
CA ALA B 357 18.63 24.97 21.07
C ALA B 357 18.53 25.88 19.86
N HIS B 358 17.88 25.42 18.78
CA HIS B 358 17.77 26.23 17.59
C HIS B 358 16.65 27.26 17.69
N ALA B 359 15.55 26.91 18.37
CA ALA B 359 14.54 27.92 18.69
C ALA B 359 15.14 29.05 19.50
N ALA B 360 16.05 28.74 20.41
CA ALA B 360 16.55 29.76 21.31
C ALA B 360 17.33 30.83 20.56
N ASN B 361 18.21 30.44 19.63
CA ASN B 361 18.96 31.53 19.04
C ASN B 361 18.25 32.14 17.85
N PHE B 362 17.43 31.39 17.12
CA PHE B 362 16.54 32.05 16.14
C PHE B 362 15.66 33.09 16.82
N ARG B 363 15.04 32.71 17.95
CA ARG B 363 14.29 33.68 18.74
C ARG B 363 15.16 34.87 19.14
N GLN B 364 16.43 34.62 19.50
CA GLN B 364 17.28 35.70 19.98
C GLN B 364 17.66 36.65 18.84
N LEU B 365 17.88 36.11 17.64
CA LEU B 365 18.42 36.90 16.55
C LEU B 365 17.38 37.39 15.55
N ALA B 366 16.29 36.64 15.33
CA ALA B 366 15.23 37.08 14.41
C ALA B 366 14.82 38.54 14.55
N PRO B 367 14.63 39.09 15.76
CA PRO B 367 14.33 40.53 15.86
C PRO B 367 15.51 41.42 15.48
N LEU B 368 16.69 40.85 15.34
CA LEU B 368 17.91 41.60 15.09
C LEU B 368 18.42 41.43 13.68
N GLN B 369 17.71 40.69 12.83
CA GLN B 369 18.32 40.16 11.62
C GLN B 369 18.61 41.26 10.60
N ARG B 370 17.80 42.31 10.57
CA ARG B 370 18.06 43.41 9.64
C ARG B 370 19.30 44.18 10.07
N LEU B 371 19.42 44.46 11.36
CA LEU B 371 20.61 45.13 11.87
C LEU B 371 21.85 44.28 11.66
N ILE B 372 21.75 42.98 11.95
CA ILE B 372 22.88 42.08 11.76
C ILE B 372 23.30 42.02 10.29
N ALA B 373 22.32 41.89 9.40
CA ALA B 373 22.63 41.69 7.99
C ALA B 373 23.35 42.89 7.40
N GLN B 374 22.85 44.10 7.71
CA GLN B 374 23.51 45.31 7.24
C GLN B 374 24.91 45.44 7.84
N ALA B 375 25.04 45.23 9.15
CA ALA B 375 26.35 45.25 9.78
C ALA B 375 27.30 44.28 9.10
N ASN B 376 26.81 43.09 8.76
CA ASN B 376 27.67 42.11 8.09
C ASN B 376 28.14 42.64 6.74
N LEU B 377 27.28 43.37 6.03
CA LEU B 377 27.68 43.93 4.74
C LEU B 377 28.69 45.05 4.92
N ASP B 378 28.50 45.89 5.93
CA ASP B 378 29.39 47.00 6.20
C ASP B 378 30.69 46.59 6.89
N GLY B 379 30.92 45.29 7.08
CA GLY B 379 32.09 44.84 7.82
C GLY B 379 32.09 45.18 9.29
N ARG B 380 30.94 45.52 9.89
CA ARG B 380 30.86 45.94 11.29
C ARG B 380 30.40 44.82 12.23
N LEU B 381 30.39 43.57 11.78
CA LEU B 381 29.89 42.46 12.57
C LEU B 381 30.99 41.43 12.79
N GLN B 382 31.15 41.00 14.04
CA GLN B 382 32.04 39.90 14.37
C GLN B 382 31.29 38.92 15.28
N ALA B 383 31.55 37.63 15.08
CA ALA B 383 30.84 36.61 15.83
C ALA B 383 31.69 35.34 15.86
N VAL B 384 31.51 34.57 16.93
CA VAL B 384 32.41 33.49 17.27
C VAL B 384 31.61 32.37 17.93
N ALA B 385 31.99 31.14 17.62
CA ALA B 385 31.53 29.94 18.31
C ALA B 385 32.66 29.37 19.16
N GLU B 386 32.29 28.70 20.25
CA GLU B 386 33.30 28.19 21.19
C GLU B 386 34.05 27.01 20.59
N GLN B 387 35.39 27.04 20.72
CA GLN B 387 36.26 25.96 20.25
C GLN B 387 36.76 25.17 21.44
N PRO B 388 36.60 23.84 21.42
CA PRO B 388 36.92 23.04 22.62
C PRO B 388 38.30 23.27 23.23
N GLY B 389 39.36 23.26 22.44
CA GLY B 389 40.64 23.38 23.11
C GLY B 389 41.11 24.80 23.40
N ALA B 390 40.40 25.82 22.92
CA ALA B 390 40.84 27.21 23.04
C ALA B 390 39.64 28.04 23.43
N PRO B 391 39.35 28.11 24.72
CA PRO B 391 38.11 28.77 25.15
C PRO B 391 38.20 30.28 25.21
N GLN B 392 39.03 30.90 24.36
CA GLN B 392 39.17 32.36 24.38
C GLN B 392 39.36 32.91 22.97
N ARG B 393 38.86 34.12 22.76
CA ARG B 393 38.91 34.79 21.48
C ARG B 393 39.04 36.29 21.70
N THR B 394 39.72 36.95 20.77
CA THR B 394 39.90 38.40 20.81
C THR B 394 39.32 39.01 19.54
N LEU B 395 38.39 39.96 19.73
CA LEU B 395 37.74 40.68 18.64
C LEU B 395 38.23 42.11 18.63
N ARG B 396 38.66 42.60 17.46
CA ARG B 396 39.34 43.88 17.34
C ARG B 396 38.44 44.88 16.63
N PHE B 397 38.23 46.04 17.26
CA PHE B 397 37.43 47.14 16.73
C PHE B 397 38.24 48.44 16.78
N GLY B 398 39.38 48.44 16.09
CA GLY B 398 40.28 49.58 16.10
C GLY B 398 40.81 49.90 17.49
N ASP B 399 40.40 51.04 18.02
CA ASP B 399 40.86 51.46 19.35
C ASP B 399 40.41 50.51 20.45
N TRP B 400 39.34 49.74 20.24
CA TRP B 400 38.72 48.93 21.28
C TRP B 400 38.82 47.46 20.94
N GLU B 401 39.02 46.63 21.97
CA GLU B 401 39.08 45.18 21.81
C GLU B 401 38.05 44.50 22.70
N ALA B 402 37.63 43.31 22.27
CA ALA B 402 36.66 42.50 22.97
C ALA B 402 37.29 41.14 23.27
N LYS B 403 37.34 40.78 24.54
CA LYS B 403 37.91 39.51 24.97
C LYS B 403 36.75 38.59 25.35
N VAL B 404 36.59 37.50 24.59
CA VAL B 404 35.47 36.57 24.76
C VAL B 404 35.98 35.34 25.49
N SER B 405 35.32 34.98 26.58
CA SER B 405 35.70 33.86 27.43
C SER B 405 34.54 32.89 27.59
N PHE B 406 34.87 31.60 27.58
CA PHE B 406 33.91 30.52 27.68
C PHE B 406 34.25 29.67 28.90
N GLY B 407 33.22 29.25 29.63
CA GLY B 407 33.43 28.46 30.81
C GLY B 407 33.81 29.26 32.04
N ALA B 408 33.69 30.57 31.99
CA ALA B 408 33.80 31.39 33.18
C ALA B 408 32.50 31.28 33.97
N PRO B 409 32.50 31.68 35.23
CA PRO B 409 31.23 31.70 35.97
C PRO B 409 30.37 32.88 35.51
N LEU B 410 29.08 32.81 35.85
CA LEU B 410 28.18 33.91 35.55
C LEU B 410 28.54 35.16 36.32
N TRP B 411 29.26 35.01 37.43
CA TRP B 411 29.71 36.12 38.25
C TRP B 411 30.97 35.69 38.97
N GLY B 412 31.88 36.66 39.15
CA GLY B 412 33.11 36.42 39.89
C GLY B 412 34.31 36.31 38.97
N ASP B 413 35.46 36.07 39.60
CA ASP B 413 36.71 35.92 38.87
C ASP B 413 36.69 34.65 38.02
N ALA B 414 37.12 34.79 36.77
CA ALA B 414 37.42 33.62 35.98
C ALA B 414 38.62 32.88 36.59
N PRO B 415 38.67 31.56 36.46
CA PRO B 415 39.80 30.81 37.02
C PRO B 415 41.08 31.07 36.24
N ALA B 416 42.19 30.57 36.80
CA ALA B 416 43.49 30.70 36.14
C ALA B 416 43.48 30.08 34.76
N ILE B 417 42.87 28.91 34.62
CA ILE B 417 42.76 28.22 33.33
C ILE B 417 41.29 28.10 32.98
N LEU B 418 40.88 28.75 31.91
CA LEU B 418 39.50 28.64 31.46
C LEU B 418 39.20 27.20 31.05
N PRO B 419 38.14 26.59 31.59
CA PRO B 419 37.83 25.20 31.24
C PRO B 419 36.94 25.02 30.03
N GLY B 420 36.39 26.10 29.47
CA GLY B 420 35.33 25.98 28.49
C GLY B 420 34.03 25.53 29.12
N ASN B 421 32.95 25.58 28.34
CA ASN B 421 31.69 24.99 28.75
C ASN B 421 31.74 23.49 28.56
N ASP B 422 31.06 22.77 29.46
CA ASP B 422 31.06 21.31 29.37
C ASP B 422 30.49 20.82 28.04
N ASP B 423 29.46 21.50 27.52
CA ASP B 423 28.83 21.14 26.26
C ASP B 423 29.33 21.99 25.08
N HIS B 424 30.30 22.86 25.32
CA HIS B 424 30.92 23.67 24.27
C HIS B 424 29.88 24.50 23.50
N ALA B 425 28.81 24.91 24.18
CA ALA B 425 27.75 25.63 23.51
C ALA B 425 28.00 27.14 23.42
N GLY B 426 29.15 27.63 23.85
CA GLY B 426 29.36 29.06 23.91
C GLY B 426 29.33 29.71 22.53
N ARG B 427 28.87 30.95 22.49
CA ARG B 427 28.83 31.74 21.26
C ARG B 427 28.51 33.19 21.59
N LEU B 428 29.01 34.08 20.73
CA LEU B 428 28.80 35.50 20.96
C LEU B 428 28.90 36.24 19.63
N LEU B 429 28.14 37.32 19.53
CA LEU B 429 28.10 38.21 18.37
C LEU B 429 28.25 39.64 18.86
N VAL B 430 29.04 40.43 18.13
CA VAL B 430 29.24 41.85 18.43
C VAL B 430 29.08 42.64 17.14
N ALA B 431 28.17 43.61 17.15
CA ALA B 431 27.94 44.53 16.03
C ALA B 431 28.35 45.93 16.47
N GLN B 432 29.25 46.55 15.71
CA GLN B 432 29.63 47.93 15.96
C GLN B 432 28.62 48.87 15.32
N LEU B 433 27.87 49.60 16.15
CA LEU B 433 26.87 50.55 15.70
C LEU B 433 27.45 51.95 15.47
N GLY B 434 28.52 52.29 16.18
CA GLY B 434 29.16 53.57 16.08
C GLY B 434 30.60 53.47 16.54
N PRO B 435 31.34 54.59 16.51
CA PRO B 435 32.71 54.56 17.02
C PRO B 435 32.85 54.01 18.44
N GLU B 436 31.90 54.28 19.35
CA GLU B 436 31.98 53.86 20.75
C GLU B 436 30.70 53.20 21.24
N GLU B 437 30.00 52.47 20.37
CA GLU B 437 28.77 51.80 20.73
C GLU B 437 28.74 50.42 20.07
N PHE B 438 28.25 49.42 20.80
CA PHE B 438 28.23 48.05 20.33
C PHE B 438 26.92 47.38 20.75
N LEU B 439 26.52 46.38 19.97
CA LEU B 439 25.42 45.49 20.32
C LEU B 439 26.00 44.10 20.52
N VAL B 440 25.64 43.45 21.62
CA VAL B 440 26.24 42.17 22.00
C VAL B 440 25.14 41.22 22.43
N THR B 441 25.24 39.97 21.98
CA THR B 441 24.36 38.92 22.48
C THR B 441 25.01 37.56 22.19
N GLY B 442 24.50 36.54 22.89
CA GLY B 442 25.01 35.20 22.72
C GLY B 442 24.49 34.24 23.78
N THR B 443 25.28 33.21 24.04
CA THR B 443 24.92 32.16 24.99
C THR B 443 26.19 31.64 25.64
N ALA B 444 26.13 31.47 26.97
CA ALA B 444 27.19 30.82 27.73
C ALA B 444 28.56 31.44 27.41
N ALA B 445 28.65 32.75 27.61
CA ALA B 445 29.87 33.45 27.23
C ALA B 445 30.02 34.71 28.06
N ARG B 446 31.28 35.13 28.22
CA ARG B 446 31.63 36.36 28.91
C ARG B 446 32.45 37.23 27.97
N ILE B 447 32.14 38.53 27.94
CA ILE B 447 32.87 39.50 27.11
C ILE B 447 33.33 40.67 27.97
N GLU B 448 34.54 41.16 27.69
CA GLU B 448 35.12 42.35 28.34
C GLU B 448 35.77 43.24 27.29
N PHE B 449 35.49 44.54 27.35
CA PHE B 449 36.02 45.51 26.40
C PHE B 449 37.29 46.18 26.95
N PHE B 450 38.26 46.41 26.06
CA PHE B 450 39.54 47.00 26.44
C PHE B 450 39.97 48.06 25.43
N ARG B 451 40.43 49.20 25.94
CA ARG B 451 40.88 50.31 25.11
C ARG B 451 42.41 50.34 25.07
N SER B 452 42.97 50.52 23.87
CA SER B 452 44.39 50.77 23.68
C SER B 452 44.57 52.17 23.10
N ALA B 453 44.60 52.25 21.76
CA ALA B 453 44.33 53.45 20.96
C ALA B 453 45.48 54.45 20.86
N ALA B 454 46.65 54.19 21.46
CA ALA B 454 47.81 55.08 21.35
C ALA B 454 47.52 56.49 21.86
N ASP B 455 46.59 56.58 22.82
CA ASP B 455 46.36 57.79 23.59
C ASP B 455 47.23 57.75 24.84
N THR B 456 47.04 58.75 25.70
CA THR B 456 47.32 58.63 27.12
C THR B 456 46.02 58.49 27.91
N ARG B 457 44.90 58.28 27.21
CA ARG B 457 43.58 58.22 27.82
C ARG B 457 43.31 56.81 28.34
N HIS B 458 42.22 56.68 29.11
CA HIS B 458 41.85 55.43 29.74
C HIS B 458 40.41 55.08 29.39
N GLY B 459 40.19 53.84 28.97
CA GLY B 459 38.85 53.40 28.61
C GLY B 459 37.97 53.20 29.83
N GLN B 460 36.67 53.37 29.61
CA GLN B 460 35.72 53.15 30.68
C GLN B 460 34.35 52.88 30.08
N LEU B 461 33.58 52.09 30.80
CA LEU B 461 32.19 51.82 30.44
C LEU B 461 31.32 53.03 30.78
N LEU B 462 30.51 53.47 29.82
CA LEU B 462 29.60 54.59 30.08
C LEU B 462 28.16 54.14 30.34
N GLN B 463 27.62 53.25 29.51
CA GLN B 463 26.21 52.85 29.66
C GLN B 463 25.97 51.49 29.01
N VAL B 464 25.38 50.58 29.79
CA VAL B 464 25.01 49.24 29.31
C VAL B 464 23.50 49.10 29.48
N GLU B 465 22.79 48.95 28.37
CA GLU B 465 21.35 48.79 28.38
C GLU B 465 20.99 47.35 28.01
N GLN B 466 20.21 46.72 28.87
CA GLN B 466 19.63 45.42 28.58
C GLN B 466 18.22 45.64 28.07
N GLY B 467 17.90 45.06 26.92
CA GLY B 467 16.60 45.28 26.32
C GLY B 467 16.32 44.38 25.14
N ARG B 468 15.28 44.76 24.39
CA ARG B 468 14.77 43.98 23.25
C ARG B 468 14.42 44.94 22.13
N TYR B 469 14.44 44.44 20.90
CA TYR B 469 13.91 45.16 19.73
C TYR B 469 12.49 44.68 19.46
N VAL B 470 11.54 45.60 19.52
CA VAL B 470 10.14 45.32 19.23
C VAL B 470 9.79 46.08 17.96
N ASP B 471 9.63 45.35 16.86
CA ASP B 471 9.26 45.92 15.56
C ASP B 471 10.32 46.89 15.04
N GLY B 472 11.58 46.67 15.39
CA GLY B 472 12.65 47.59 15.04
C GLY B 472 12.83 48.76 15.99
N ARG B 473 12.22 48.71 17.16
CA ARG B 473 12.30 49.78 18.16
C ARG B 473 12.99 49.23 19.40
N TRP B 474 14.07 49.90 19.80
CA TRP B 474 14.78 49.47 21.01
C TRP B 474 13.96 49.79 22.26
N GLN B 475 13.74 48.76 23.08
CA GLN B 475 13.03 48.88 24.35
C GLN B 475 14.00 48.49 25.47
N MET B 476 14.39 49.45 26.29
CA MET B 476 15.28 49.19 27.41
C MET B 476 14.49 48.63 28.59
N GLU B 477 14.99 47.53 29.16
CA GLU B 477 14.40 46.92 30.35
C GLU B 477 15.09 47.41 31.62
N ARG B 478 16.43 47.43 31.61
CA ARG B 478 17.22 47.85 32.76
C ARG B 478 18.56 48.32 32.24
N GLN B 479 19.38 48.88 33.14
CA GLN B 479 20.77 49.18 32.86
C GLN B 479 21.66 48.36 33.76
N LEU B 480 22.76 47.87 33.19
CA LEU B 480 23.67 46.98 33.87
C LEU B 480 24.83 47.77 34.46
N ASN B 481 25.16 47.47 35.72
CA ASN B 481 26.27 48.08 36.43
C ASN B 481 26.52 47.23 37.67
N GLY B 482 27.49 47.65 38.47
CA GLY B 482 27.81 46.91 39.69
C GLY B 482 28.16 45.46 39.41
N ASP B 483 27.42 44.56 40.06
CA ASP B 483 27.70 43.13 39.94
C ASP B 483 27.61 42.66 38.49
N GLN B 484 26.61 43.15 37.76
CA GLN B 484 26.37 42.72 36.39
C GLN B 484 27.44 43.22 35.41
N THR B 485 28.41 43.96 35.89
CA THR B 485 29.39 44.63 35.05
C THR B 485 30.82 44.47 35.57
N ASP B 486 30.99 44.12 36.85
CA ASP B 486 32.30 43.99 37.49
C ASP B 486 33.19 42.97 36.79
N TYR B 487 32.61 41.84 36.38
CA TYR B 487 33.37 40.73 35.81
C TYR B 487 32.94 40.50 34.38
N GLY B 488 32.86 41.58 33.62
CA GLY B 488 32.41 41.51 32.24
C GLY B 488 30.91 41.38 32.14
N LEU B 489 30.46 41.30 30.89
CA LEU B 489 29.06 41.10 30.56
C LEU B 489 28.87 39.61 30.32
N ASN B 490 27.98 39.00 31.08
CA ASN B 490 27.84 37.55 31.09
C ASN B 490 26.49 37.15 30.51
N PHE B 491 26.52 36.16 29.62
CA PHE B 491 25.33 35.57 29.02
C PHE B 491 25.27 34.11 29.43
N GLY B 492 24.24 33.74 30.19
CA GLY B 492 24.06 32.35 30.56
C GLY B 492 23.22 31.57 29.57
N ARG B 493 22.11 31.03 30.06
CA ARG B 493 21.34 30.05 29.31
C ARG B 493 19.89 30.48 29.16
N THR B 494 19.25 29.89 28.14
CA THR B 494 17.82 30.03 27.96
C THR B 494 17.09 29.37 29.12
N ASP B 495 16.08 30.05 29.66
CA ASP B 495 15.28 29.42 30.70
C ASP B 495 14.30 28.40 30.10
N ALA B 496 13.69 27.61 30.99
CA ALA B 496 12.75 26.59 30.53
C ALA B 496 11.53 27.18 29.83
N ALA B 497 11.20 28.46 30.11
CA ALA B 497 10.10 29.14 29.45
C ALA B 497 10.45 29.64 28.05
N GLY B 498 11.63 29.31 27.53
CA GLY B 498 12.03 29.66 26.18
C GLY B 498 12.75 30.98 26.01
N GLN B 499 12.88 31.78 27.07
CA GLN B 499 13.53 33.10 26.92
C GLN B 499 15.05 32.96 26.76
N PRO B 500 15.62 33.39 25.64
CA PRO B 500 17.07 33.30 25.46
C PRO B 500 17.79 34.38 26.27
N PRO B 501 19.10 34.27 26.40
CA PRO B 501 19.87 35.32 27.08
C PRO B 501 19.66 36.66 26.42
N PRO B 502 19.98 37.76 27.09
CA PRO B 502 19.52 39.07 26.65
C PRO B 502 20.31 39.60 25.45
N VAL B 503 19.87 40.77 24.99
CA VAL B 503 20.61 41.61 24.07
C VAL B 503 21.07 42.83 24.84
N LEU B 504 22.30 43.28 24.56
CA LEU B 504 22.89 44.38 25.31
C LEU B 504 23.39 45.47 24.36
N ARG B 505 23.12 46.72 24.73
CA ARG B 505 23.63 47.88 24.03
C ARG B 505 24.72 48.52 24.88
N VAL B 506 25.95 48.55 24.37
CA VAL B 506 27.14 48.89 25.14
C VAL B 506 27.75 50.17 24.58
N ARG B 507 27.77 51.22 25.41
CA ARG B 507 28.34 52.51 25.05
C ARG B 507 29.56 52.77 25.94
N VAL B 508 30.73 52.94 25.31
CA VAL B 508 31.98 53.12 26.03
C VAL B 508 32.48 54.55 25.89
N GLY B 509 33.64 54.81 26.47
CA GLY B 509 34.22 56.13 26.40
C GLY B 509 35.59 56.12 27.03
N SER B 510 36.13 57.32 27.25
CA SER B 510 37.48 57.45 27.79
C SER B 510 37.53 58.65 28.73
N TYR B 511 38.63 58.73 29.47
CA TYR B 511 38.92 59.91 30.30
C TYR B 511 40.41 60.11 30.34
N GLU C 2 1.92 63.32 -10.46
CA GLU C 2 2.25 62.98 -9.08
C GLU C 2 2.11 61.46 -8.85
N GLU C 3 2.17 61.02 -7.58
CA GLU C 3 2.15 59.60 -7.27
C GLU C 3 0.85 58.94 -7.72
N LEU C 4 0.95 57.68 -8.16
CA LEU C 4 -0.24 56.88 -8.41
C LEU C 4 -1.05 56.75 -7.11
N PRO C 5 -2.38 56.81 -7.18
CA PRO C 5 -3.19 56.49 -6.00
C PRO C 5 -2.93 55.05 -5.58
N ARG C 6 -2.95 54.81 -4.27
CA ARG C 6 -2.47 53.54 -3.76
C ARG C 6 -3.08 53.26 -2.40
N PHE C 7 -3.52 52.01 -2.20
CA PHE C 7 -4.07 51.58 -0.92
C PHE C 7 -2.95 51.06 -0.05
N PHE C 8 -2.94 51.47 1.22
CA PHE C 8 -1.81 51.29 2.10
C PHE C 8 -2.27 50.64 3.41
N THR C 9 -1.49 49.67 3.89
CA THR C 9 -1.76 48.96 5.13
C THR C 9 -0.50 48.91 5.98
N GLN C 10 -0.65 49.15 7.28
CA GLN C 10 0.49 49.29 8.18
C GLN C 10 -0.02 49.10 9.61
N ASN C 11 0.40 47.99 10.25
CA ASN C 11 0.08 47.69 11.64
C ASN C 11 -1.43 47.57 11.86
N GLY C 12 -2.12 46.90 10.94
CA GLY C 12 -3.56 46.75 11.02
C GLY C 12 -4.38 48.01 10.79
N ARG C 13 -3.75 49.11 10.43
CA ARG C 13 -4.46 50.32 10.04
C ARG C 13 -4.30 50.53 8.54
N HIS C 14 -5.26 51.23 7.94
CA HIS C 14 -5.31 51.37 6.50
C HIS C 14 -5.48 52.84 6.12
N ALA C 15 -5.04 53.17 4.91
CA ALA C 15 -5.30 54.48 4.32
C ALA C 15 -5.34 54.36 2.80
N LEU C 16 -6.14 55.21 2.17
CA LEU C 16 -6.05 55.43 0.74
C LEU C 16 -5.08 56.58 0.50
N LEU C 17 -3.98 56.30 -0.19
CA LEU C 17 -2.98 57.32 -0.49
C LEU C 17 -3.33 57.97 -1.83
N VAL C 18 -3.53 59.29 -1.80
CA VAL C 18 -3.83 60.08 -2.99
C VAL C 18 -2.86 61.25 -3.03
N ASP C 19 -2.16 61.40 -4.15
CA ASP C 19 -1.14 62.43 -4.33
C ASP C 19 -0.09 62.37 -3.22
N GLY C 20 0.24 61.15 -2.78
CA GLY C 20 1.30 60.93 -1.84
C GLY C 20 0.92 60.94 -0.37
N ALA C 21 -0.35 61.13 -0.03
CA ALA C 21 -0.71 61.30 1.37
C ALA C 21 -2.06 60.64 1.60
N PRO C 22 -2.37 60.26 2.85
CA PRO C 22 -3.68 59.69 3.15
C PRO C 22 -4.81 60.65 2.79
N TYR C 23 -5.91 60.07 2.26
CA TYR C 23 -7.06 60.79 1.72
C TYR C 23 -8.36 60.21 2.28
N THR C 24 -9.28 61.07 2.70
CA THR C 24 -10.61 60.65 3.15
C THR C 24 -11.64 60.87 2.04
N ILE C 25 -12.34 59.81 1.63
CA ILE C 25 -13.31 59.89 0.55
C ILE C 25 -14.66 60.34 1.11
N LEU C 26 -15.06 61.56 0.74
CA LEU C 26 -16.38 62.12 1.06
C LEU C 26 -17.15 62.17 -0.27
N ALA C 27 -17.96 61.14 -0.50
CA ALA C 27 -18.48 60.82 -1.83
C ALA C 27 -20.00 60.97 -1.91
N ALA C 28 -20.46 61.22 -3.13
CA ALA C 28 -21.85 61.10 -3.54
C ALA C 28 -21.88 60.32 -4.85
N GLN C 29 -22.80 59.36 -4.94
CA GLN C 29 -22.97 58.55 -6.13
C GLN C 29 -24.23 58.97 -6.88
N LEU C 30 -24.10 59.11 -8.20
CA LEU C 30 -25.23 59.35 -9.10
C LEU C 30 -26.12 58.12 -9.19
N HIS C 31 -27.38 58.33 -9.56
CA HIS C 31 -28.26 57.20 -9.84
C HIS C 31 -27.71 56.37 -11.01
N ASN C 32 -28.17 55.12 -11.09
CA ASN C 32 -27.56 54.16 -12.01
C ASN C 32 -27.55 54.68 -13.45
N SER C 33 -28.62 55.35 -13.88
CA SER C 33 -28.77 55.74 -15.29
C SER C 33 -28.39 57.19 -15.54
N SER C 34 -27.61 57.80 -14.66
CA SER C 34 -27.27 59.21 -14.73
C SER C 34 -25.93 59.48 -15.41
N ALA C 35 -25.15 58.45 -15.72
CA ALA C 35 -23.83 58.66 -16.32
C ALA C 35 -23.96 58.68 -17.85
N TRP C 36 -24.58 59.75 -18.33
CA TRP C 36 -24.77 60.02 -19.75
C TRP C 36 -24.51 61.49 -20.03
N PRO C 37 -24.07 61.82 -21.25
CA PRO C 37 -23.57 63.20 -21.49
C PRO C 37 -24.57 64.31 -21.20
N ALA C 38 -25.86 64.13 -21.53
CA ALA C 38 -26.83 65.18 -21.27
C ALA C 38 -27.20 65.31 -19.79
N VAL C 39 -27.02 64.25 -19.00
CA VAL C 39 -27.39 64.29 -17.58
C VAL C 39 -26.23 64.74 -16.70
N LEU C 40 -25.00 64.43 -17.09
CA LEU C 40 -23.85 64.64 -16.20
C LEU C 40 -23.67 66.07 -15.72
N PRO C 41 -23.81 67.12 -16.54
CA PRO C 41 -23.54 68.48 -16.04
C PRO C 41 -24.43 68.87 -14.86
N PRO C 42 -25.76 68.84 -14.98
CA PRO C 42 -26.57 69.17 -13.80
C PRO C 42 -26.44 68.14 -12.67
N ALA C 43 -26.09 66.89 -12.97
CA ALA C 43 -25.90 65.90 -11.92
C ALA C 43 -24.65 66.19 -11.10
N LEU C 44 -23.52 66.40 -11.78
CA LEU C 44 -22.30 66.77 -11.07
C LEU C 44 -22.44 68.09 -10.33
N ASP C 45 -23.25 69.01 -10.84
CA ASP C 45 -23.48 70.26 -10.13
C ASP C 45 -24.11 70.00 -8.76
N GLN C 46 -24.99 69.01 -8.68
CA GLN C 46 -25.61 68.67 -7.40
C GLN C 46 -24.63 67.99 -6.45
N VAL C 47 -23.69 67.22 -7.00
CA VAL C 47 -22.61 66.66 -6.18
C VAL C 47 -21.77 67.78 -5.57
N VAL C 48 -21.43 68.80 -6.37
CA VAL C 48 -20.70 69.95 -5.84
C VAL C 48 -21.51 70.64 -4.75
N ALA C 49 -22.84 70.71 -4.92
CA ALA C 49 -23.65 71.42 -3.94
C ALA C 49 -23.70 70.68 -2.61
N LEU C 50 -23.32 69.40 -2.61
CA LEU C 50 -23.14 68.57 -1.43
C LEU C 50 -21.76 68.71 -0.80
N HIS C 51 -20.86 69.43 -1.50
CA HIS C 51 -19.47 69.66 -1.06
C HIS C 51 -18.66 68.37 -0.99
N ALA C 52 -19.08 67.33 -1.71
CA ALA C 52 -18.32 66.10 -1.81
C ALA C 52 -16.99 66.35 -2.51
N ASN C 53 -15.98 65.54 -2.18
CA ASN C 53 -14.71 65.58 -2.88
C ASN C 53 -14.60 64.49 -3.94
N THR C 54 -15.60 63.62 -4.05
CA THR C 54 -15.52 62.47 -4.92
C THR C 54 -16.91 62.12 -5.43
N VAL C 55 -17.04 61.93 -6.74
CA VAL C 55 -18.27 61.44 -7.34
C VAL C 55 -18.05 59.99 -7.72
N GLU C 56 -19.04 59.15 -7.44
CA GLU C 56 -19.06 57.76 -7.85
C GLU C 56 -20.01 57.64 -9.04
N ALA C 57 -19.53 57.10 -10.16
CA ALA C 57 -20.38 57.03 -11.34
C ALA C 57 -20.03 55.82 -12.17
N PRO C 58 -21.02 55.15 -12.77
CA PRO C 58 -20.76 53.89 -13.46
C PRO C 58 -20.31 54.09 -14.90
N VAL C 59 -19.41 53.21 -15.32
CA VAL C 59 -19.13 52.99 -16.73
C VAL C 59 -19.87 51.71 -17.10
N TYR C 60 -20.72 51.80 -18.12
CA TYR C 60 -21.57 50.68 -18.50
C TYR C 60 -20.87 49.86 -19.58
N TRP C 61 -20.67 48.57 -19.31
CA TRP C 61 -20.14 47.68 -20.34
C TRP C 61 -20.97 47.77 -21.63
N GLU C 62 -22.29 47.78 -21.48
CA GLU C 62 -23.23 47.97 -22.58
C GLU C 62 -22.77 49.00 -23.61
N GLN C 63 -22.48 50.23 -23.16
CA GLN C 63 -22.11 51.27 -24.10
C GLN C 63 -20.62 51.32 -24.37
N PHE C 64 -19.80 50.77 -23.47
CA PHE C 64 -18.35 50.88 -23.62
C PHE C 64 -17.81 49.93 -24.68
N GLU C 65 -18.46 48.77 -24.89
CA GLU C 65 -18.10 47.84 -25.94
C GLU C 65 -19.39 47.49 -26.69
N PRO C 66 -19.81 48.35 -27.63
CA PRO C 66 -21.06 48.09 -28.36
C PRO C 66 -20.94 46.99 -29.42
N ALA C 67 -19.71 46.67 -29.84
CA ALA C 67 -19.43 45.52 -30.70
C ALA C 67 -18.16 44.88 -30.17
N PRO C 68 -17.99 43.57 -30.41
CA PRO C 68 -16.77 42.90 -29.93
C PRO C 68 -15.50 43.61 -30.35
N GLY C 69 -14.72 44.09 -29.39
CA GLY C 69 -13.42 44.65 -29.67
C GLY C 69 -13.40 46.09 -30.11
N ARG C 70 -14.54 46.72 -30.33
CA ARG C 70 -14.61 48.15 -30.61
C ARG C 70 -15.09 48.87 -29.35
N PHE C 71 -14.33 49.86 -28.90
CA PHE C 71 -14.61 50.52 -27.63
C PHE C 71 -15.01 51.97 -27.82
N ASP C 72 -16.04 52.38 -27.09
CA ASP C 72 -16.58 53.74 -27.09
C ASP C 72 -16.25 54.39 -25.76
N THR C 73 -15.55 55.52 -25.80
CA THR C 73 -15.11 56.19 -24.59
C THR C 73 -15.87 57.48 -24.32
N THR C 74 -16.95 57.72 -25.05
CA THR C 74 -17.65 59.00 -24.96
C THR C 74 -18.09 59.28 -23.53
N ASN C 75 -18.69 58.30 -22.87
CA ASN C 75 -19.25 58.52 -21.55
C ASN C 75 -18.15 58.70 -20.51
N VAL C 76 -17.13 57.82 -20.54
CA VAL C 76 -16.04 57.94 -19.59
C VAL C 76 -15.34 59.28 -19.73
N ASP C 77 -15.20 59.76 -20.98
CA ASP C 77 -14.51 61.01 -21.20
C ASP C 77 -15.31 62.20 -20.69
N ALA C 78 -16.64 62.15 -20.81
CA ALA C 78 -17.47 63.24 -20.32
C ALA C 78 -17.54 63.25 -18.81
N LEU C 79 -17.48 62.07 -18.17
CA LEU C 79 -17.43 61.99 -16.72
C LEU C 79 -16.15 62.61 -16.18
N ILE C 80 -15.01 62.23 -16.74
CA ILE C 80 -13.73 62.74 -16.25
C ILE C 80 -13.58 64.22 -16.59
N ALA C 81 -14.02 64.64 -17.78
CA ALA C 81 -14.01 66.07 -18.08
C ALA C 81 -14.93 66.84 -17.15
N GLY C 82 -16.14 66.31 -16.92
CA GLY C 82 -17.09 67.01 -16.05
C GLY C 82 -16.61 67.13 -14.62
N ALA C 83 -15.92 66.10 -14.13
CA ALA C 83 -15.36 66.14 -12.78
C ALA C 83 -14.19 67.11 -12.71
N ARG C 84 -13.30 67.06 -13.69
CA ARG C 84 -12.15 67.97 -13.68
C ARG C 84 -12.61 69.41 -13.66
N LYS C 85 -13.62 69.75 -14.47
CA LYS C 85 -14.14 71.11 -14.50
C LYS C 85 -14.71 71.54 -13.16
N ARG C 86 -15.22 70.61 -12.37
CA ARG C 86 -15.84 70.92 -11.09
C ARG C 86 -14.94 70.63 -9.89
N GLY C 87 -13.69 70.24 -10.14
CA GLY C 87 -12.73 70.01 -9.05
C GLY C 87 -12.84 68.69 -8.33
N LEU C 88 -13.53 67.71 -8.90
CA LEU C 88 -13.90 66.48 -8.21
C LEU C 88 -12.96 65.35 -8.56
N ARG C 89 -12.67 64.50 -7.59
CA ARG C 89 -12.07 63.21 -7.87
C ARG C 89 -13.18 62.23 -8.23
N VAL C 90 -12.81 61.13 -8.91
CA VAL C 90 -13.81 60.20 -9.45
C VAL C 90 -13.54 58.81 -8.89
N ALA C 91 -14.61 58.16 -8.42
CA ALA C 91 -14.64 56.73 -8.16
C ALA C 91 -15.45 56.09 -9.30
N LEU C 92 -14.74 55.41 -10.21
CA LEU C 92 -15.37 54.81 -11.37
C LEU C 92 -15.95 53.46 -10.98
N LEU C 93 -17.18 53.19 -11.40
CA LEU C 93 -17.85 51.92 -11.13
C LEU C 93 -18.01 51.12 -12.42
N TRP C 94 -17.41 49.93 -12.47
CA TRP C 94 -17.42 49.08 -13.66
C TRP C 94 -18.66 48.18 -13.63
N PHE C 95 -19.69 48.57 -14.38
CA PHE C 95 -20.90 47.75 -14.47
C PHE C 95 -20.66 46.70 -15.55
N GLY C 96 -19.96 45.63 -15.15
CA GLY C 96 -19.54 44.56 -16.04
C GLY C 96 -20.46 43.36 -16.04
N SER C 97 -19.93 42.19 -15.72
CA SER C 97 -20.77 40.98 -15.73
C SER C 97 -21.88 41.05 -14.69
N TRP C 98 -21.62 41.65 -13.53
CA TRP C 98 -22.58 41.70 -12.42
C TRP C 98 -22.92 43.14 -12.07
N LYS C 99 -24.22 43.43 -11.99
CA LYS C 99 -24.74 44.60 -11.30
C LYS C 99 -25.95 44.15 -10.51
N ASN C 100 -25.85 44.25 -9.17
CA ASN C 100 -26.88 43.74 -8.26
C ASN C 100 -27.19 42.26 -8.52
N GLY C 101 -26.13 41.48 -8.73
CA GLY C 101 -26.30 40.04 -8.88
C GLY C 101 -26.83 39.60 -10.23
N GLN C 102 -26.89 40.49 -11.22
CA GLN C 102 -27.50 40.17 -12.50
C GLN C 102 -26.65 40.77 -13.62
N MET C 103 -27.03 40.43 -14.86
CA MET C 103 -26.19 40.64 -16.04
C MET C 103 -26.72 41.73 -16.98
N HIS C 104 -27.54 42.65 -16.48
CA HIS C 104 -28.29 43.52 -17.37
C HIS C 104 -27.42 44.58 -18.03
N TYR C 105 -26.22 44.84 -17.54
CA TYR C 105 -25.34 45.82 -18.18
C TYR C 105 -24.37 45.17 -19.15
N VAL C 106 -24.42 43.85 -19.28
CA VAL C 106 -23.63 43.13 -20.27
C VAL C 106 -24.06 43.55 -21.67
N PRO C 107 -23.16 43.62 -22.66
CA PRO C 107 -23.53 44.17 -23.97
C PRO C 107 -24.64 43.38 -24.66
N GLU C 108 -25.20 43.99 -25.71
CA GLU C 108 -26.28 43.32 -26.42
C GLU C 108 -25.78 42.07 -27.13
N TRP C 109 -24.58 42.10 -27.71
CA TRP C 109 -24.07 40.93 -28.43
C TRP C 109 -23.76 39.76 -27.51
N ILE C 110 -23.68 39.98 -26.20
CA ILE C 110 -23.63 38.84 -25.28
C ILE C 110 -25.04 38.38 -24.89
N LYS C 111 -25.99 39.31 -24.74
CA LYS C 111 -27.37 38.94 -24.44
C LYS C 111 -27.98 38.10 -25.58
N ARG C 112 -27.58 38.37 -26.83
CA ARG C 112 -28.13 37.70 -28.00
C ARG C 112 -27.61 36.27 -28.18
N ASP C 113 -26.56 35.87 -27.46
CA ASP C 113 -25.83 34.63 -27.75
C ASP C 113 -25.62 33.83 -26.46
N GLU C 114 -26.71 33.26 -25.95
CA GLU C 114 -26.61 32.50 -24.71
C GLU C 114 -25.75 31.25 -24.86
N ALA C 115 -25.45 30.80 -26.08
CA ALA C 115 -24.67 29.58 -26.20
C ALA C 115 -23.17 29.85 -26.06
N THR C 116 -22.68 30.91 -26.69
CA THR C 116 -21.30 31.35 -26.45
C THR C 116 -21.10 31.79 -25.01
N TYR C 117 -22.11 32.47 -24.45
CA TYR C 117 -22.04 33.14 -23.16
C TYR C 117 -23.15 32.62 -22.25
N PRO C 118 -22.99 31.40 -21.72
CA PRO C 118 -24.12 30.76 -21.02
C PRO C 118 -24.50 31.45 -19.72
N ARG C 119 -25.80 31.47 -19.47
CA ARG C 119 -26.39 31.90 -18.21
C ARG C 119 -26.36 30.75 -17.22
N MET C 120 -26.39 31.10 -15.93
CA MET C 120 -26.54 30.08 -14.90
C MET C 120 -27.89 29.36 -15.04
N ARG C 121 -27.94 28.12 -14.55
CA ARG C 121 -29.19 27.38 -14.45
C ARG C 121 -29.56 27.19 -12.99
N ASP C 122 -30.85 27.35 -12.69
CA ASP C 122 -31.30 27.24 -11.31
C ASP C 122 -31.63 25.79 -10.97
N ALA C 123 -32.15 25.56 -9.76
CA ALA C 123 -32.43 24.20 -9.32
C ALA C 123 -33.50 23.51 -10.15
N ASN C 124 -34.24 24.24 -10.98
CA ASN C 124 -35.22 23.64 -11.86
C ASN C 124 -34.73 23.50 -13.28
N GLY C 125 -33.46 23.81 -13.53
CA GLY C 125 -32.89 23.77 -14.86
C GLY C 125 -33.15 25.01 -15.69
N GLU C 126 -33.89 25.95 -15.19
CA GLU C 126 -34.27 27.17 -15.88
C GLU C 126 -33.12 28.18 -15.88
N PRO C 127 -32.92 28.93 -16.95
CA PRO C 127 -31.91 30.00 -16.92
C PRO C 127 -32.32 31.11 -15.97
N VAL C 128 -31.33 31.90 -15.55
CA VAL C 128 -31.57 33.13 -14.80
C VAL C 128 -30.78 34.25 -15.47
N ASP C 129 -30.90 35.46 -14.93
CA ASP C 129 -30.23 36.63 -15.51
C ASP C 129 -28.83 36.82 -14.94
N VAL C 130 -28.06 35.74 -14.87
CA VAL C 130 -26.68 35.82 -14.38
C VAL C 130 -25.78 35.01 -15.31
N LEU C 131 -24.64 35.59 -15.68
CA LEU C 131 -23.67 34.88 -16.51
C LEU C 131 -23.02 33.78 -15.68
N SER C 132 -22.94 32.58 -16.25
CA SER C 132 -22.32 31.49 -15.54
C SER C 132 -20.89 31.84 -15.15
N PRO C 133 -20.49 31.64 -13.90
CA PRO C 133 -19.10 31.87 -13.51
C PRO C 133 -18.14 30.75 -13.85
N HIS C 134 -18.60 29.74 -14.61
CA HIS C 134 -17.87 28.51 -14.82
C HIS C 134 -17.45 28.28 -16.28
N VAL C 135 -17.70 29.22 -17.19
CA VAL C 135 -17.31 29.03 -18.58
C VAL C 135 -16.34 30.14 -18.97
N ALA C 136 -15.25 29.76 -19.64
CA ALA C 136 -14.14 30.69 -19.89
C ALA C 136 -14.56 31.87 -20.78
N ALA C 137 -15.51 31.67 -21.68
CA ALA C 137 -15.94 32.74 -22.57
C ALA C 137 -16.38 33.97 -21.79
N ASN C 138 -17.10 33.77 -20.68
CA ASN C 138 -17.67 34.91 -19.97
C ASN C 138 -16.60 35.70 -19.21
N VAL C 139 -15.77 35.01 -18.42
CA VAL C 139 -14.76 35.70 -17.63
C VAL C 139 -13.76 36.40 -18.55
N GLN C 140 -13.46 35.80 -19.70
CA GLN C 140 -12.49 36.40 -20.61
C GLN C 140 -13.04 37.67 -21.25
N ALA C 141 -14.32 37.64 -21.65
CA ALA C 141 -14.96 38.82 -22.22
C ALA C 141 -14.89 40.00 -21.25
N ASP C 142 -15.28 39.79 -19.99
CA ASP C 142 -15.22 40.85 -18.98
C ASP C 142 -13.79 41.35 -18.79
N ALA C 143 -12.85 40.43 -18.54
CA ALA C 143 -11.45 40.80 -18.35
C ALA C 143 -10.91 41.59 -19.55
N ARG C 144 -11.30 41.19 -20.75
CA ARG C 144 -10.80 41.87 -21.94
C ARG C 144 -11.32 43.31 -22.01
N ALA C 145 -12.61 43.50 -21.71
CA ALA C 145 -13.17 44.85 -21.72
C ALA C 145 -12.69 45.68 -20.52
N PHE C 146 -12.46 45.05 -19.37
CA PHE C 146 -11.93 45.81 -18.24
C PHE C 146 -10.51 46.28 -18.53
N THR C 147 -9.70 45.42 -19.16
CA THR C 147 -8.35 45.83 -19.55
C THR C 147 -8.38 47.02 -20.48
N ALA C 148 -9.30 47.02 -21.44
CA ALA C 148 -9.40 48.14 -22.37
C ALA C 148 -9.79 49.42 -21.66
N LEU C 149 -10.69 49.31 -20.68
CA LEU C 149 -11.08 50.48 -19.91
C LEU C 149 -9.91 51.02 -19.12
N MET C 150 -9.18 50.14 -18.44
CA MET C 150 -8.07 50.58 -17.61
C MET C 150 -6.92 51.11 -18.46
N GLN C 151 -6.68 50.52 -19.63
CA GLN C 151 -5.67 51.04 -20.54
C GLN C 151 -6.03 52.44 -21.00
N HIS C 152 -7.31 52.66 -21.33
CA HIS C 152 -7.75 53.98 -21.75
C HIS C 152 -7.64 54.98 -20.61
N LEU C 153 -7.81 54.52 -19.38
CA LEU C 153 -7.69 55.40 -18.22
C LEU C 153 -6.26 55.87 -18.05
N ARG C 154 -5.29 54.96 -18.19
CA ARG C 154 -3.89 55.35 -18.08
C ARG C 154 -3.52 56.39 -19.12
N LYS C 155 -4.05 56.24 -20.35
CA LYS C 155 -3.67 57.12 -21.44
C LYS C 155 -4.15 58.55 -21.20
N ILE C 156 -5.36 58.71 -20.67
CA ILE C 156 -5.96 60.04 -20.54
C ILE C 156 -5.90 60.57 -19.11
N ASP C 157 -5.60 59.72 -18.13
CA ASP C 157 -5.64 60.11 -16.71
C ASP C 157 -4.41 59.66 -15.94
N GLY C 158 -3.36 59.18 -16.63
CA GLY C 158 -2.17 58.67 -15.96
C GLY C 158 -1.34 59.73 -15.27
N ASP C 159 -1.47 60.99 -15.68
CA ASP C 159 -0.76 62.06 -15.01
C ASP C 159 -1.64 62.74 -13.96
N ARG C 160 -2.85 63.11 -14.36
CA ARG C 160 -3.74 63.90 -13.52
C ARG C 160 -4.26 63.08 -12.36
N HIS C 161 -4.63 61.82 -12.63
CA HIS C 161 -5.20 60.92 -11.63
C HIS C 161 -6.54 61.43 -11.11
N THR C 162 -7.35 62.03 -11.99
CA THR C 162 -8.73 62.37 -11.64
C THR C 162 -9.44 61.18 -11.00
N VAL C 163 -9.31 60.01 -11.61
CA VAL C 163 -9.92 58.79 -11.09
C VAL C 163 -9.03 58.23 -9.98
N ILE C 164 -9.63 57.99 -8.82
CA ILE C 164 -8.91 57.68 -7.61
C ILE C 164 -9.02 56.22 -7.20
N VAL C 165 -10.14 55.56 -7.47
CA VAL C 165 -10.38 54.16 -7.14
C VAL C 165 -11.29 53.63 -8.26
N VAL C 166 -11.30 52.31 -8.43
CA VAL C 166 -12.21 51.68 -9.37
C VAL C 166 -12.94 50.56 -8.63
N GLN C 167 -14.25 50.55 -8.73
CA GLN C 167 -15.05 49.46 -8.22
C GLN C 167 -15.21 48.43 -9.34
N VAL C 168 -14.82 47.19 -9.06
CA VAL C 168 -14.88 46.11 -10.04
C VAL C 168 -16.20 45.37 -9.85
N GLU C 169 -17.02 45.33 -10.92
CA GLU C 169 -18.42 44.91 -10.85
C GLU C 169 -19.22 45.80 -9.90
N ASN C 170 -20.46 45.44 -9.63
CA ASN C 170 -21.29 46.15 -8.66
C ASN C 170 -22.20 45.15 -7.98
N GLU C 171 -21.97 44.93 -6.68
CA GLU C 171 -22.73 43.95 -5.90
C GLU C 171 -22.79 42.60 -6.58
N PRO C 172 -21.69 41.92 -6.81
CA PRO C 172 -21.70 40.65 -7.51
C PRO C 172 -22.30 39.54 -6.67
N GLY C 173 -22.42 38.39 -7.28
CA GLY C 173 -23.17 37.26 -6.77
C GLY C 173 -24.29 36.90 -7.72
N ALA C 174 -25.12 35.97 -7.29
CA ALA C 174 -26.20 35.44 -8.12
C ALA C 174 -27.56 35.75 -7.51
N ILE C 175 -28.43 36.37 -8.32
CA ILE C 175 -29.85 36.50 -8.03
C ILE C 175 -30.61 35.50 -8.90
N GLY C 176 -31.40 34.64 -8.28
CA GLY C 176 -32.17 33.62 -8.98
C GLY C 176 -31.84 32.21 -8.55
N THR C 177 -30.67 31.98 -7.95
CA THR C 177 -30.25 30.63 -7.59
C THR C 177 -29.09 30.75 -6.61
N VAL C 178 -28.81 29.66 -5.90
CA VAL C 178 -27.68 29.63 -4.99
C VAL C 178 -26.39 29.35 -5.74
N ARG C 179 -26.39 28.33 -6.61
CA ARG C 179 -25.23 27.97 -7.41
C ARG C 179 -25.69 27.60 -8.81
N ASP C 180 -24.74 27.53 -9.74
CA ASP C 180 -25.03 27.18 -11.11
C ASP C 180 -25.27 25.68 -11.24
N HIS C 181 -26.41 25.31 -11.86
CA HIS C 181 -26.75 23.91 -12.11
C HIS C 181 -26.61 23.52 -13.57
N GLY C 182 -25.91 24.30 -14.37
CA GLY C 182 -25.49 23.87 -15.68
C GLY C 182 -24.41 22.81 -15.58
N PRO C 183 -24.06 22.18 -16.70
CA PRO C 183 -22.99 21.16 -16.66
C PRO C 183 -21.68 21.64 -16.06
N ALA C 184 -21.15 22.79 -16.49
CA ALA C 184 -19.86 23.24 -15.98
C ALA C 184 -19.89 23.45 -14.47
N GLY C 185 -21.00 24.01 -13.96
CA GLY C 185 -21.10 24.26 -12.53
C GLY C 185 -21.33 22.99 -11.72
N GLU C 186 -22.13 22.07 -12.25
CA GLU C 186 -22.33 20.79 -11.59
C GLU C 186 -21.02 20.03 -11.49
N ALA C 187 -20.24 20.05 -12.57
CA ALA C 187 -18.96 19.34 -12.57
C ALA C 187 -18.02 19.93 -11.54
N ALA C 188 -17.90 21.27 -11.54
CA ALA C 188 -17.02 21.93 -10.58
C ALA C 188 -17.49 21.72 -9.14
N PHE C 189 -18.80 21.61 -8.93
CA PHE C 189 -19.32 21.37 -7.59
C PHE C 189 -19.06 19.95 -7.11
N ALA C 190 -18.81 19.02 -8.03
CA ALA C 190 -18.40 17.66 -7.65
C ALA C 190 -16.94 17.57 -7.28
N GLN C 191 -16.12 18.51 -7.74
CA GLN C 191 -14.71 18.53 -7.44
C GLN C 191 -14.47 18.98 -6.00
N PRO C 192 -13.32 18.63 -5.42
CA PRO C 192 -13.00 19.08 -4.06
C PRO C 192 -12.73 20.58 -4.01
N VAL C 193 -12.58 21.07 -2.78
CA VAL C 193 -12.20 22.47 -2.58
C VAL C 193 -10.73 22.66 -2.96
N PRO C 194 -10.40 23.69 -3.76
CA PRO C 194 -9.00 23.90 -4.13
C PRO C 194 -8.08 23.95 -2.91
N ALA C 195 -6.96 23.22 -3.00
CA ALA C 195 -6.08 23.04 -1.85
C ALA C 195 -5.54 24.37 -1.31
N ALA C 196 -5.28 25.34 -2.21
CA ALA C 196 -4.81 26.65 -1.75
C ALA C 196 -5.88 27.33 -0.91
N ILE C 197 -7.15 27.16 -1.28
CA ILE C 197 -8.23 27.76 -0.51
C ILE C 197 -8.32 27.10 0.86
N ALA C 198 -8.35 25.77 0.89
CA ALA C 198 -8.39 25.06 2.18
C ALA C 198 -7.22 25.49 3.05
N ALA C 199 -6.06 25.69 2.43
CA ALA C 199 -4.87 26.08 3.18
C ALA C 199 -5.04 27.46 3.80
N ALA C 200 -5.44 28.45 2.99
CA ALA C 200 -5.59 29.82 3.51
C ALA C 200 -6.63 29.89 4.62
N LEU C 201 -7.62 28.99 4.62
CA LEU C 201 -8.67 28.97 5.63
C LEU C 201 -8.36 28.05 6.81
N GLY C 202 -7.18 27.43 6.83
CA GLY C 202 -6.82 26.58 7.94
C GLY C 202 -7.65 25.33 8.05
N LYS C 203 -8.02 24.74 6.92
CA LYS C 203 -8.93 23.60 6.86
C LYS C 203 -8.26 22.41 6.17
N PRO C 204 -8.68 21.18 6.51
CA PRO C 204 -8.16 20.02 5.77
C PRO C 204 -8.69 19.96 4.35
N ALA C 205 -8.23 18.99 3.56
CA ALA C 205 -8.81 18.76 2.24
C ALA C 205 -10.21 18.19 2.38
N GLY C 206 -10.97 18.23 1.30
CA GLY C 206 -12.30 17.64 1.33
C GLY C 206 -13.27 18.39 0.45
N SER C 207 -14.51 17.87 0.43
CA SER C 207 -15.56 18.37 -0.44
C SER C 207 -16.20 19.63 0.16
N TRP C 208 -16.97 20.34 -0.68
CA TRP C 208 -17.63 21.55 -0.21
C TRP C 208 -18.58 21.27 0.94
N GLN C 209 -19.24 20.10 0.92
CA GLN C 209 -20.05 19.70 2.06
C GLN C 209 -19.20 19.49 3.30
N GLN C 210 -18.06 18.81 3.15
CA GLN C 210 -17.24 18.48 4.32
C GLN C 210 -16.62 19.71 4.96
N LEU C 211 -16.30 20.73 4.17
CA LEU C 211 -15.63 21.92 4.69
C LEU C 211 -16.56 23.07 5.00
N PHE C 212 -17.82 23.03 4.54
CA PHE C 212 -18.73 24.15 4.79
C PHE C 212 -20.13 23.73 5.22
N GLY C 213 -20.45 22.45 5.26
CA GLY C 213 -21.70 22.01 5.84
C GLY C 213 -22.88 22.48 5.03
N ALA C 214 -23.85 23.09 5.72
CA ALA C 214 -25.07 23.55 5.07
C ALA C 214 -24.78 24.67 4.07
N GLU C 215 -23.60 25.26 4.11
CA GLU C 215 -23.25 26.36 3.22
C GLU C 215 -22.43 25.90 2.01
N ALA C 216 -22.48 24.60 1.69
CA ALA C 216 -21.65 24.07 0.61
C ALA C 216 -21.89 24.82 -0.70
N ALA C 217 -23.16 24.94 -1.09
CA ALA C 217 -23.47 25.53 -2.40
C ALA C 217 -23.23 27.03 -2.41
N GLU C 218 -23.54 27.71 -1.31
CA GLU C 218 -23.29 29.15 -1.26
C GLU C 218 -21.80 29.46 -1.22
N ALA C 219 -21.04 28.72 -0.42
CA ALA C 219 -19.59 28.90 -0.39
C ALA C 219 -18.95 28.54 -1.73
N PHE C 220 -19.53 27.57 -2.44
CA PHE C 220 -19.04 27.20 -3.77
C PHE C 220 -19.18 28.38 -4.75
N ASN C 221 -20.39 28.97 -4.82
CA ASN C 221 -20.61 30.09 -5.73
C ASN C 221 -19.89 31.35 -5.27
N ALA C 222 -19.67 31.49 -3.97
CA ALA C 222 -18.83 32.60 -3.50
C ALA C 222 -17.41 32.47 -4.04
N HIS C 223 -16.82 31.28 -3.94
CA HIS C 223 -15.50 31.09 -4.51
C HIS C 223 -15.51 31.31 -6.03
N ALA C 224 -16.52 30.78 -6.74
CA ALA C 224 -16.55 30.94 -8.19
C ALA C 224 -16.71 32.40 -8.60
N THR C 225 -17.55 33.15 -7.88
CA THR C 225 -17.70 34.58 -8.14
C THR C 225 -16.40 35.32 -7.88
N ALA C 226 -15.73 35.01 -6.76
CA ALA C 226 -14.52 35.73 -6.38
C ALA C 226 -13.38 35.42 -7.35
N ALA C 227 -13.20 34.15 -7.73
CA ALA C 227 -12.14 33.80 -8.69
C ALA C 227 -12.38 34.47 -10.04
N TYR C 228 -13.63 34.52 -10.48
CA TYR C 228 -14.00 35.23 -11.71
C TYR C 228 -13.56 36.68 -11.64
N ILE C 229 -13.94 37.38 -10.58
CA ILE C 229 -13.56 38.78 -10.43
C ILE C 229 -12.04 38.91 -10.31
N GLU C 230 -11.38 37.91 -9.70
CA GLU C 230 -9.93 37.94 -9.61
C GLU C 230 -9.27 38.01 -10.97
N GLN C 231 -9.75 37.22 -11.94
CA GLN C 231 -9.24 37.29 -13.30
C GLN C 231 -9.44 38.68 -13.89
N VAL C 232 -10.65 39.21 -13.78
CA VAL C 232 -10.94 40.54 -14.30
C VAL C 232 -10.04 41.57 -13.63
N ALA C 233 -9.99 41.55 -12.29
CA ALA C 233 -9.24 42.57 -11.55
C ALA C 233 -7.75 42.48 -11.84
N ALA C 234 -7.21 41.27 -11.97
CA ALA C 234 -5.79 41.12 -12.26
C ALA C 234 -5.43 41.63 -13.64
N ALA C 235 -6.32 41.46 -14.61
CA ALA C 235 -6.07 42.06 -15.92
C ALA C 235 -6.08 43.58 -15.83
N GLY C 236 -7.00 44.16 -15.07
CA GLY C 236 -7.00 45.60 -14.88
C GLY C 236 -5.73 46.09 -14.22
N LYS C 237 -5.24 45.34 -13.23
CA LYS C 237 -4.00 45.71 -12.55
C LYS C 237 -2.82 45.78 -13.52
N ARG C 238 -2.70 44.81 -14.44
CA ARG C 238 -1.58 44.83 -15.38
C ARG C 238 -1.63 46.04 -16.31
N ALA C 239 -2.83 46.53 -16.60
CA ALA C 239 -2.96 47.69 -17.49
C ALA C 239 -2.68 49.00 -16.75
N TYR C 240 -3.12 49.10 -15.49
CA TYR C 240 -3.10 50.35 -14.75
C TYR C 240 -3.49 50.09 -13.29
N PRO C 241 -2.52 49.82 -12.41
CA PRO C 241 -2.84 49.27 -11.07
C PRO C 241 -3.35 50.33 -10.08
N LEU C 242 -4.42 51.01 -10.47
CA LEU C 242 -5.17 51.82 -9.53
C LEU C 242 -5.75 50.94 -8.42
N PRO C 243 -6.15 51.54 -7.30
CA PRO C 243 -6.79 50.74 -6.24
C PRO C 243 -8.13 50.21 -6.72
N LEU C 244 -8.43 48.96 -6.34
CA LEU C 244 -9.64 48.27 -6.76
C LEU C 244 -10.39 47.73 -5.55
N TYR C 245 -11.72 47.89 -5.57
CA TYR C 245 -12.57 47.37 -4.52
C TYR C 245 -13.84 46.81 -5.15
N VAL C 246 -14.59 46.04 -4.35
CA VAL C 246 -15.95 45.64 -4.70
C VAL C 246 -16.88 45.99 -3.53
N ASN C 247 -18.09 46.37 -3.87
CA ASN C 247 -19.14 46.70 -2.90
C ASN C 247 -20.06 45.49 -2.72
N THR C 248 -20.69 45.42 -1.55
CA THR C 248 -21.42 44.22 -1.13
C THR C 248 -22.86 44.56 -0.80
N TRP C 249 -23.79 43.92 -1.50
CA TRP C 249 -25.15 43.79 -1.04
C TRP C 249 -25.14 42.80 0.12
N LEU C 250 -25.39 43.30 1.32
CA LEU C 250 -25.03 42.64 2.57
C LEU C 250 -26.02 41.57 2.98
N ARG C 251 -25.52 40.63 3.78
CA ARG C 251 -26.35 39.70 4.53
C ARG C 251 -26.62 40.37 5.88
N TYR C 252 -27.64 41.23 5.91
CA TYR C 252 -28.01 41.98 7.11
C TYR C 252 -29.53 42.12 7.13
N LYS C 253 -30.03 42.78 8.20
CA LYS C 253 -31.46 43.10 8.34
C LYS C 253 -32.33 41.85 8.21
N GLY C 254 -31.87 40.74 8.79
CA GLY C 254 -32.66 39.53 8.69
C GLY C 254 -32.69 38.85 7.34
N LYS C 255 -31.90 39.30 6.37
CA LYS C 255 -31.83 38.58 5.10
C LYS C 255 -31.14 37.24 5.31
N ARG C 256 -31.75 36.16 4.84
CA ARG C 256 -31.27 34.82 5.12
C ARG C 256 -31.16 33.92 3.91
N TYR C 257 -31.68 34.33 2.75
CA TYR C 257 -31.89 33.45 1.61
C TYR C 257 -30.99 33.85 0.46
N PRO C 258 -29.78 33.28 0.36
CA PRO C 258 -28.92 33.60 -0.78
C PRO C 258 -29.63 33.25 -2.09
N GLY C 259 -29.51 34.16 -3.06
CA GLY C 259 -30.17 34.01 -4.33
C GLY C 259 -31.44 34.82 -4.45
N MET C 260 -32.14 35.06 -3.33
CA MET C 260 -33.33 35.90 -3.33
C MET C 260 -33.24 37.09 -2.37
N ASP C 261 -32.71 36.92 -1.14
CA ASP C 261 -32.54 38.04 -0.20
C ASP C 261 -31.35 38.91 -0.57
N TYR C 262 -30.28 38.28 -1.01
CA TYR C 262 -29.04 38.93 -1.41
C TYR C 262 -28.40 38.08 -2.49
N PRO C 263 -27.49 38.65 -3.30
CA PRO C 263 -26.82 37.84 -4.32
C PRO C 263 -25.99 36.75 -3.68
N SER C 264 -26.30 35.50 -4.05
CA SER C 264 -25.57 34.37 -3.53
C SER C 264 -24.11 34.43 -3.99
N GLY C 265 -23.20 34.55 -3.03
CA GLY C 265 -21.78 34.48 -3.33
C GLY C 265 -21.04 35.79 -3.43
N GLY C 266 -21.65 36.90 -3.02
CA GLY C 266 -20.91 38.13 -2.88
C GLY C 266 -20.02 38.07 -1.65
N ALA C 267 -19.32 39.17 -1.39
CA ALA C 267 -18.44 39.24 -0.24
C ALA C 267 -19.21 39.40 1.07
N THR C 268 -20.21 38.54 1.30
CA THR C 268 -21.01 38.61 2.51
C THR C 268 -20.24 38.07 3.71
N VAL C 269 -20.67 38.52 4.90
CA VAL C 269 -19.94 38.26 6.14
C VAL C 269 -19.71 36.76 6.38
N ASN C 270 -20.61 35.91 5.90
CA ASN C 270 -20.43 34.49 6.16
C ASN C 270 -19.43 33.81 5.22
N VAL C 271 -18.92 34.52 4.21
CA VAL C 271 -17.94 33.94 3.29
C VAL C 271 -16.79 34.92 3.05
N PHE C 272 -16.60 35.87 3.96
CA PHE C 272 -15.64 36.94 3.71
C PHE C 272 -14.21 36.41 3.53
N ALA C 273 -13.73 35.61 4.48
CA ALA C 273 -12.34 35.14 4.40
C ALA C 273 -12.12 34.25 3.18
N LEU C 274 -13.13 33.46 2.80
CA LEU C 274 -13.05 32.69 1.57
C LEU C 274 -13.04 33.60 0.34
N TRP C 275 -13.89 34.62 0.33
CA TRP C 275 -13.93 35.54 -0.81
C TRP C 275 -12.58 36.23 -1.00
N ARG C 276 -11.96 36.69 0.09
CA ARG C 276 -10.75 37.48 -0.03
C ARG C 276 -9.55 36.60 -0.38
N ALA C 277 -9.50 35.37 0.14
CA ALA C 277 -8.40 34.48 -0.21
C ALA C 277 -8.27 34.30 -1.71
N ALA C 278 -9.39 34.39 -2.44
CA ALA C 278 -9.41 34.19 -3.88
C ALA C 278 -9.17 35.46 -4.69
N THR C 279 -8.99 36.61 -4.04
CA THR C 279 -8.97 37.89 -4.74
C THR C 279 -7.83 38.80 -4.25
N PRO C 280 -6.57 38.40 -4.43
CA PRO C 280 -5.47 39.31 -4.06
C PRO C 280 -5.49 40.61 -4.84
N SER C 281 -5.95 40.59 -6.09
CA SER C 281 -5.95 41.80 -6.90
C SER C 281 -6.99 42.82 -6.42
N ILE C 282 -7.95 42.39 -5.61
CA ILE C 282 -8.92 43.30 -5.01
C ILE C 282 -8.36 43.80 -3.69
N ASP C 283 -8.31 45.12 -3.53
CA ASP C 283 -7.58 45.70 -2.41
C ASP C 283 -8.45 45.75 -1.15
N PHE C 284 -9.71 46.19 -1.24
CA PHE C 284 -10.57 46.25 -0.07
C PHE C 284 -12.02 46.07 -0.48
N ILE C 285 -12.89 45.95 0.53
CA ILE C 285 -14.31 45.64 0.34
C ILE C 285 -15.13 46.77 0.95
N GLY C 286 -16.15 47.23 0.22
CA GLY C 286 -17.06 48.23 0.72
C GLY C 286 -18.42 47.65 1.08
N THR C 287 -19.12 48.33 1.99
CA THR C 287 -20.43 47.91 2.46
C THR C 287 -21.49 48.87 1.95
N ASP C 288 -22.60 48.33 1.47
CA ASP C 288 -23.73 49.10 0.99
C ASP C 288 -24.84 48.97 2.04
N ILE C 289 -24.96 49.98 2.90
CA ILE C 289 -25.75 49.89 4.13
C ILE C 289 -26.97 50.78 3.99
N TYR C 290 -28.12 50.19 3.72
CA TYR C 290 -29.38 50.92 3.61
C TYR C 290 -30.22 50.65 4.85
N THR C 291 -29.73 51.14 5.98
CA THR C 291 -30.51 51.22 7.21
C THR C 291 -30.11 52.48 7.95
N SER C 292 -30.99 52.87 8.86
CA SER C 292 -30.80 54.03 9.73
C SER C 292 -30.63 53.63 11.18
N ASP C 293 -30.87 52.35 11.52
CA ASP C 293 -30.83 51.89 12.89
C ASP C 293 -29.40 51.86 13.41
N TYR C 294 -29.20 52.41 14.62
CA TYR C 294 -27.86 52.46 15.21
C TYR C 294 -27.28 51.07 15.45
N GLY C 295 -28.10 50.14 15.96
CA GLY C 295 -27.60 48.81 16.23
C GLY C 295 -27.09 48.12 14.98
N GLU C 296 -27.89 48.16 13.91
CA GLU C 296 -27.56 47.41 12.71
C GLU C 296 -26.43 48.08 11.93
N TYR C 297 -26.49 49.41 11.77
CA TYR C 297 -25.40 50.14 11.12
C TYR C 297 -24.07 49.83 11.81
N THR C 298 -24.07 49.90 13.14
CA THR C 298 -22.86 49.65 13.91
C THR C 298 -22.40 48.21 13.77
N LYS C 299 -23.33 47.27 13.72
CA LYS C 299 -22.96 45.86 13.62
C LYS C 299 -22.26 45.58 12.29
N VAL C 300 -22.75 46.16 11.20
CA VAL C 300 -22.15 45.88 9.90
C VAL C 300 -20.73 46.43 9.84
N ILE C 301 -20.53 47.64 10.38
CA ILE C 301 -19.19 48.24 10.37
C ILE C 301 -18.21 47.39 11.15
N GLY C 302 -18.67 46.73 12.22
CA GLY C 302 -17.80 45.85 12.98
C GLY C 302 -17.44 44.57 12.24
N GLN C 303 -18.36 44.08 11.39
CA GLN C 303 -18.09 42.89 10.59
C GLN C 303 -17.01 43.14 9.54
N TYR C 304 -16.95 44.36 8.98
CA TYR C 304 -16.07 44.65 7.87
C TYR C 304 -14.87 45.53 8.24
N ALA C 305 -14.82 46.10 9.45
CA ALA C 305 -13.62 46.80 9.91
C ALA C 305 -12.71 45.77 10.56
N ARG C 306 -11.73 45.30 9.81
CA ARG C 306 -10.88 44.17 10.18
C ARG C 306 -9.42 44.54 9.98
N PRO C 307 -8.51 43.73 10.53
CA PRO C 307 -7.09 43.94 10.21
C PRO C 307 -6.80 43.79 8.73
N ASP C 308 -7.56 42.97 8.01
CA ASP C 308 -7.37 42.80 6.57
C ASP C 308 -8.36 43.63 5.75
N ASN C 309 -9.11 44.54 6.37
CA ASN C 309 -10.07 45.32 5.61
C ASN C 309 -10.48 46.60 6.33
N PRO C 310 -10.46 47.74 5.64
CA PRO C 310 -10.89 49.00 6.25
C PRO C 310 -12.39 49.23 6.14
N ALA C 311 -12.92 49.92 7.13
CA ALA C 311 -14.27 50.46 7.02
C ALA C 311 -14.34 51.39 5.81
N TRP C 312 -15.37 51.19 4.99
CA TRP C 312 -15.51 51.93 3.74
C TRP C 312 -16.97 51.77 3.30
N VAL C 313 -17.78 52.79 3.58
CA VAL C 313 -19.17 52.76 3.16
C VAL C 313 -19.18 53.21 1.70
N SER C 314 -19.36 52.26 0.79
CA SER C 314 -19.45 52.59 -0.62
C SER C 314 -20.81 53.12 -1.00
N GLU C 315 -21.85 52.83 -0.20
CA GLU C 315 -23.20 53.29 -0.43
C GLU C 315 -23.94 53.36 0.90
N THR C 316 -24.64 54.47 1.14
CA THR C 316 -25.60 54.55 2.23
C THR C 316 -26.78 55.40 1.77
N GLY C 317 -27.91 55.24 2.48
CA GLY C 317 -29.12 55.94 2.07
C GLY C 317 -28.91 57.45 2.08
N PHE C 318 -29.45 58.11 1.05
CA PHE C 318 -29.42 59.57 0.98
C PHE C 318 -30.62 60.10 1.76
N GLU C 319 -30.46 60.16 3.08
CA GLU C 319 -31.53 60.64 3.96
C GLU C 319 -30.87 61.27 5.18
N ALA C 320 -31.63 62.15 5.85
CA ALA C 320 -31.04 62.91 6.94
C ALA C 320 -30.53 61.99 8.04
N ALA C 321 -31.33 60.99 8.42
CA ALA C 321 -31.00 60.14 9.56
C ALA C 321 -29.75 59.29 9.35
N THR C 322 -29.10 59.42 8.21
CA THR C 322 -27.90 58.65 7.98
C THR C 322 -26.63 59.50 8.16
N ALA C 323 -26.79 60.81 8.29
CA ALA C 323 -25.62 61.68 8.41
C ALA C 323 -24.78 61.45 9.67
N PRO C 324 -25.31 61.06 10.83
CA PRO C 324 -24.43 60.80 11.98
C PRO C 324 -23.39 59.72 11.72
N TYR C 325 -23.69 58.78 10.84
CA TYR C 325 -22.83 57.61 10.73
C TYR C 325 -21.52 57.90 10.01
N LEU C 326 -21.42 59.02 9.28
CA LEU C 326 -20.12 59.43 8.76
C LEU C 326 -19.09 59.50 9.89
N PHE C 327 -19.50 59.99 11.06
CA PHE C 327 -18.58 60.13 12.18
C PHE C 327 -18.26 58.78 12.82
N HIS C 328 -19.28 57.91 12.96
CA HIS C 328 -18.99 56.56 13.42
C HIS C 328 -18.00 55.86 12.49
N VAL C 329 -18.21 55.94 11.17
CA VAL C 329 -17.34 55.23 10.23
C VAL C 329 -15.92 55.76 10.34
N LEU C 330 -15.76 57.10 10.35
CA LEU C 330 -14.43 57.68 10.55
C LEU C 330 -13.80 57.19 11.84
N GLY C 331 -14.60 57.13 12.91
CA GLY C 331 -14.13 56.65 14.19
C GLY C 331 -13.84 55.17 14.27
N GLN C 332 -14.12 54.39 13.22
CA GLN C 332 -13.64 53.02 13.16
C GLN C 332 -12.48 52.87 12.21
N GLY C 333 -11.78 53.97 11.92
CA GLY C 333 -10.68 53.98 10.97
C GLY C 333 -11.10 54.04 9.53
N GLY C 334 -12.38 54.24 9.26
CA GLY C 334 -12.88 54.16 7.90
C GLY C 334 -12.21 55.17 6.98
N ILE C 335 -12.09 54.79 5.71
CA ILE C 335 -11.41 55.63 4.72
C ILE C 335 -12.37 56.48 3.91
N GLY C 336 -13.67 56.23 4.00
CA GLY C 336 -14.59 57.01 3.20
C GLY C 336 -16.03 56.68 3.50
N PHE C 337 -16.91 57.51 2.94
CA PHE C 337 -18.33 57.49 3.24
C PHE C 337 -19.06 58.09 2.04
N SER C 338 -20.10 57.41 1.56
CA SER C 338 -20.73 57.76 0.28
C SER C 338 -22.24 57.69 0.43
N VAL C 339 -22.94 58.72 -0.06
CA VAL C 339 -24.41 58.69 -0.14
C VAL C 339 -24.81 58.33 -1.56
N PHE C 340 -25.86 57.54 -1.69
CA PHE C 340 -26.30 57.03 -2.98
C PHE C 340 -27.53 57.75 -3.49
N GLY C 341 -27.59 57.94 -4.80
CA GLY C 341 -28.79 58.40 -5.47
C GLY C 341 -29.14 59.84 -5.14
N ILE C 342 -28.23 60.78 -5.43
CA ILE C 342 -28.41 62.15 -4.98
C ILE C 342 -29.04 63.06 -6.02
N ASP C 343 -29.12 62.65 -7.29
CA ASP C 343 -29.34 63.58 -8.37
C ASP C 343 -30.75 63.45 -8.95
N GLY C 344 -31.44 64.58 -9.08
CA GLY C 344 -32.72 64.62 -9.75
C GLY C 344 -33.87 63.91 -9.03
N ASN C 345 -33.89 63.93 -7.68
CA ASN C 345 -35.01 63.27 -7.02
C ASN C 345 -36.20 64.22 -6.95
N PRO C 346 -37.42 63.69 -6.91
CA PRO C 346 -38.60 64.57 -6.75
C PRO C 346 -38.47 65.40 -5.48
N ASP C 347 -38.75 66.70 -5.64
CA ASP C 347 -38.60 67.62 -4.53
C ASP C 347 -39.55 67.23 -3.39
N SER C 348 -39.00 67.16 -2.19
CA SER C 348 -39.80 66.84 -1.02
C SER C 348 -39.06 67.38 0.19
N GLY C 349 -39.72 67.35 1.34
CA GLY C 349 -39.02 67.69 2.56
C GLY C 349 -37.91 66.71 2.88
N ALA C 350 -38.18 65.42 2.70
CA ALA C 350 -37.15 64.41 2.98
C ALA C 350 -35.92 64.63 2.13
N ASN C 351 -36.12 64.95 0.85
CA ASN C 351 -34.98 65.14 -0.04
C ASN C 351 -34.25 66.43 0.28
N ARG C 352 -35.00 67.48 0.64
CA ARG C 352 -34.35 68.72 1.05
C ARG C 352 -33.56 68.53 2.33
N ALA C 353 -34.12 67.78 3.28
CA ALA C 353 -33.41 67.55 4.54
C ALA C 353 -32.20 66.67 4.35
N ALA C 354 -32.24 65.76 3.35
CA ALA C 354 -31.06 64.94 3.07
C ALA C 354 -29.92 65.78 2.52
N ILE C 355 -30.24 66.72 1.61
CA ILE C 355 -29.22 67.59 1.04
C ILE C 355 -28.58 68.42 2.14
N ALA C 356 -29.40 69.01 3.02
CA ALA C 356 -28.89 69.88 4.06
C ALA C 356 -28.00 69.14 5.04
N ALA C 357 -28.46 67.97 5.49
CA ALA C 357 -27.71 67.23 6.49
C ALA C 357 -26.35 66.79 5.95
N HIS C 358 -26.33 66.24 4.74
CA HIS C 358 -25.08 65.72 4.19
C HIS C 358 -24.17 66.84 3.68
N ALA C 359 -24.73 67.88 3.06
CA ALA C 359 -23.90 69.00 2.64
C ALA C 359 -23.21 69.64 3.84
N ALA C 360 -23.89 69.65 4.99
CA ALA C 360 -23.36 70.30 6.18
C ALA C 360 -22.07 69.62 6.63
N ASN C 361 -22.10 68.31 6.79
CA ASN C 361 -20.90 67.73 7.37
C ASN C 361 -19.80 67.47 6.34
N PHE C 362 -20.12 67.34 5.05
CA PHE C 362 -19.07 67.35 4.03
C PHE C 362 -18.40 68.72 3.95
N ARG C 363 -19.20 69.79 4.08
CA ARG C 363 -18.64 71.13 4.15
C ARG C 363 -17.81 71.35 5.43
N GLN C 364 -18.16 70.67 6.52
CA GLN C 364 -17.42 70.83 7.77
C GLN C 364 -16.09 70.09 7.72
N LEU C 365 -16.09 68.89 7.17
CA LEU C 365 -14.91 68.02 7.21
C LEU C 365 -14.01 68.20 6.00
N ALA C 366 -14.56 68.44 4.82
CA ALA C 366 -13.74 68.54 3.61
C ALA C 366 -12.49 69.40 3.75
N PRO C 367 -12.51 70.59 4.38
CA PRO C 367 -11.25 71.33 4.60
C PRO C 367 -10.27 70.61 5.53
N LEU C 368 -10.67 69.50 6.15
CA LEU C 368 -9.91 68.80 7.17
C LEU C 368 -9.57 67.36 6.78
N GLN C 369 -9.90 66.93 5.56
CA GLN C 369 -9.82 65.50 5.25
C GLN C 369 -8.36 65.01 5.26
N ARG C 370 -7.42 65.81 4.75
CA ARG C 370 -6.01 65.44 4.86
C ARG C 370 -5.59 65.27 6.32
N LEU C 371 -5.89 66.28 7.16
CA LEU C 371 -5.59 66.16 8.59
C LEU C 371 -6.28 64.93 9.19
N ILE C 372 -7.55 64.73 8.84
CA ILE C 372 -8.31 63.59 9.38
C ILE C 372 -7.72 62.28 8.89
N ALA C 373 -7.39 62.21 7.60
CA ALA C 373 -6.91 60.95 7.02
C ALA C 373 -5.60 60.50 7.69
N GLN C 374 -4.65 61.43 7.82
CA GLN C 374 -3.36 61.10 8.45
C GLN C 374 -3.56 60.66 9.90
N ALA C 375 -4.32 61.44 10.68
CA ALA C 375 -4.59 61.07 12.06
C ALA C 375 -5.24 59.70 12.17
N ASN C 376 -6.11 59.37 11.22
CA ASN C 376 -6.76 58.07 11.24
C ASN C 376 -5.75 56.94 10.99
N LEU C 377 -4.83 57.16 10.05
CA LEU C 377 -3.75 56.19 9.84
C LEU C 377 -2.84 56.09 11.06
N ASP C 378 -2.57 57.22 11.72
CA ASP C 378 -1.63 57.22 12.84
C ASP C 378 -2.25 56.74 14.15
N GLY C 379 -3.54 56.43 14.17
CA GLY C 379 -4.16 56.01 15.41
C GLY C 379 -4.53 57.16 16.32
N ARG C 380 -4.62 58.38 15.79
CA ARG C 380 -4.84 59.58 16.57
C ARG C 380 -6.25 60.16 16.42
N LEU C 381 -7.14 59.48 15.70
CA LEU C 381 -8.49 59.96 15.45
C LEU C 381 -9.52 59.06 16.13
N GLN C 382 -10.39 59.68 16.92
CA GLN C 382 -11.57 59.01 17.46
C GLN C 382 -12.79 59.86 17.11
N ALA C 383 -13.89 59.21 16.76
CA ALA C 383 -15.13 59.89 16.43
C ALA C 383 -16.30 58.97 16.72
N VAL C 384 -17.45 59.57 17.07
CA VAL C 384 -18.60 58.82 17.55
C VAL C 384 -19.89 59.38 16.94
N ALA C 385 -20.94 58.56 16.99
CA ALA C 385 -22.29 58.93 16.56
C ALA C 385 -23.26 58.63 17.69
N GLU C 386 -24.24 59.51 17.87
CA GLU C 386 -25.12 59.40 19.04
C GLU C 386 -25.93 58.11 18.98
N GLN C 387 -25.88 57.34 20.08
CA GLN C 387 -26.70 56.13 20.25
C GLN C 387 -27.97 56.47 21.00
N PRO C 388 -29.12 56.06 20.50
CA PRO C 388 -30.39 56.42 21.16
C PRO C 388 -30.47 56.09 22.63
N GLY C 389 -30.14 54.86 23.02
CA GLY C 389 -30.32 54.57 24.44
C GLY C 389 -29.21 54.99 25.38
N ALA C 390 -28.12 55.59 24.87
CA ALA C 390 -26.91 55.80 25.66
C ALA C 390 -26.25 57.09 25.24
N PRO C 391 -26.79 58.22 25.65
CA PRO C 391 -26.31 59.50 25.11
C PRO C 391 -25.01 60.00 25.71
N GLN C 392 -24.12 59.11 26.15
CA GLN C 392 -22.80 59.54 26.61
C GLN C 392 -21.73 58.59 26.11
N ARG C 393 -20.54 59.14 25.87
CA ARG C 393 -19.38 58.41 25.41
C ARG C 393 -18.13 59.00 26.06
N THR C 394 -17.14 58.15 26.29
CA THR C 394 -15.85 58.56 26.84
C THR C 394 -14.75 58.17 25.86
N LEU C 395 -13.94 59.15 25.46
CA LEU C 395 -12.80 58.97 24.56
C LEU C 395 -11.51 59.11 25.36
N ARG C 396 -10.62 58.14 25.22
CA ARG C 396 -9.41 58.07 26.02
C ARG C 396 -8.19 58.41 25.18
N PHE C 397 -7.42 59.39 25.64
CA PHE C 397 -6.18 59.83 25.02
C PHE C 397 -5.06 59.80 26.03
N GLY C 398 -4.90 58.66 26.69
CA GLY C 398 -3.87 58.49 27.71
C GLY C 398 -4.09 59.32 28.95
N ASP C 399 -3.29 60.37 29.12
CA ASP C 399 -3.40 61.23 30.29
C ASP C 399 -4.68 62.05 30.29
N TRP C 400 -5.34 62.18 29.15
CA TRP C 400 -6.55 62.97 29.03
C TRP C 400 -7.69 62.10 28.54
N GLU C 401 -8.91 62.45 28.95
CA GLU C 401 -10.13 61.78 28.52
C GLU C 401 -11.16 62.84 28.13
N ALA C 402 -12.03 62.46 27.21
CA ALA C 402 -13.08 63.33 26.73
C ALA C 402 -14.43 62.70 27.05
N LYS C 403 -15.30 63.47 27.66
CA LYS C 403 -16.67 63.03 27.89
C LYS C 403 -17.55 63.75 26.88
N VAL C 404 -18.18 62.97 26.01
CA VAL C 404 -19.10 63.49 25.00
C VAL C 404 -20.51 63.22 25.49
N SER C 405 -21.31 64.30 25.59
CA SER C 405 -22.71 64.22 25.99
C SER C 405 -23.59 64.74 24.86
N PHE C 406 -24.74 64.09 24.68
CA PHE C 406 -25.72 64.46 23.67
C PHE C 406 -27.04 64.84 24.34
N GLY C 407 -27.66 65.91 23.87
CA GLY C 407 -28.89 66.33 24.48
C GLY C 407 -28.72 67.23 25.69
N ALA C 408 -27.52 67.72 25.93
CA ALA C 408 -27.28 68.80 26.86
C ALA C 408 -27.66 70.13 26.21
N PRO C 409 -28.06 71.12 27.01
CA PRO C 409 -28.33 72.45 26.46
C PRO C 409 -27.05 73.06 25.91
N LEU C 410 -27.22 74.02 25.00
CA LEU C 410 -26.06 74.68 24.42
C LEU C 410 -25.26 75.43 25.47
N TRP C 411 -25.90 75.80 26.59
CA TRP C 411 -25.23 76.50 27.67
C TRP C 411 -25.87 76.08 29.00
N GLY C 412 -25.04 76.04 30.04
CA GLY C 412 -25.51 75.75 31.38
C GLY C 412 -25.38 74.27 31.73
N ASP C 413 -25.90 73.95 32.93
CA ASP C 413 -25.78 72.60 33.47
C ASP C 413 -26.52 71.59 32.59
N ALA C 414 -25.91 70.43 32.41
CA ALA C 414 -26.66 69.31 31.87
C ALA C 414 -27.64 68.81 32.94
N PRO C 415 -28.78 68.26 32.53
CA PRO C 415 -29.69 67.66 33.50
C PRO C 415 -29.06 66.46 34.18
N ALA C 416 -29.76 65.97 35.21
CA ALA C 416 -29.33 64.74 35.89
C ALA C 416 -29.26 63.57 34.91
N ILE C 417 -30.29 63.40 34.09
CA ILE C 417 -30.37 62.35 33.09
C ILE C 417 -30.30 63.02 31.73
N LEU C 418 -29.33 62.62 30.92
CA LEU C 418 -29.21 63.15 29.57
C LEU C 418 -30.32 62.58 28.70
N PRO C 419 -31.15 63.41 28.07
CA PRO C 419 -32.24 62.89 27.24
C PRO C 419 -31.88 62.54 25.81
N GLY C 420 -30.65 62.81 25.38
CA GLY C 420 -30.29 62.70 23.98
C GLY C 420 -30.91 63.80 23.13
N ASN C 421 -30.50 63.83 21.87
CA ASN C 421 -31.14 64.72 20.92
C ASN C 421 -32.44 64.12 20.44
N ASP C 422 -33.40 64.99 20.11
CA ASP C 422 -34.70 64.49 19.68
C ASP C 422 -34.60 63.71 18.38
N ASP C 423 -33.78 64.18 17.44
CA ASP C 423 -33.57 63.48 16.18
C ASP C 423 -32.35 62.59 16.19
N HIS C 424 -31.66 62.46 17.34
CA HIS C 424 -30.47 61.63 17.48
C HIS C 424 -29.41 61.99 16.44
N ALA C 425 -29.23 63.28 16.22
CA ALA C 425 -28.29 63.77 15.22
C ALA C 425 -26.90 64.03 15.76
N GLY C 426 -26.63 63.67 17.02
CA GLY C 426 -25.36 64.04 17.61
C GLY C 426 -24.20 63.31 16.95
N ARG C 427 -23.09 64.03 16.76
CA ARG C 427 -21.85 63.41 16.33
C ARG C 427 -20.70 64.33 16.70
N LEU C 428 -19.53 63.73 16.90
CA LEU C 428 -18.36 64.52 17.28
C LEU C 428 -17.11 63.73 16.93
N LEU C 429 -16.08 64.47 16.55
CA LEU C 429 -14.79 63.92 16.14
C LEU C 429 -13.68 64.65 16.89
N VAL C 430 -12.71 63.89 17.40
CA VAL C 430 -11.53 64.44 18.07
C VAL C 430 -10.28 63.86 17.41
N ALA C 431 -9.47 64.75 16.83
CA ALA C 431 -8.15 64.40 16.29
C ALA C 431 -7.05 64.89 17.24
N GLN C 432 -6.21 63.99 17.71
CA GLN C 432 -5.12 64.38 18.60
C GLN C 432 -3.93 64.88 17.78
N LEU C 433 -3.63 66.18 17.88
CA LEU C 433 -2.56 66.81 17.14
C LEU C 433 -1.23 66.81 17.89
N GLY C 434 -1.26 66.77 19.21
CA GLY C 434 -0.06 66.75 20.01
C GLY C 434 -0.30 66.10 21.35
N PRO C 435 0.73 66.00 22.17
CA PRO C 435 0.52 65.43 23.51
C PRO C 435 -0.54 66.17 24.31
N GLU C 436 -0.75 67.46 24.06
CA GLU C 436 -1.75 68.23 24.79
C GLU C 436 -2.54 69.14 23.87
N GLU C 437 -2.76 68.73 22.62
CA GLU C 437 -3.46 69.55 21.64
C GLU C 437 -4.45 68.67 20.89
N PHE C 438 -5.65 69.21 20.63
CA PHE C 438 -6.72 68.46 20.01
C PHE C 438 -7.49 69.34 19.04
N LEU C 439 -8.00 68.71 17.99
CA LEU C 439 -8.95 69.32 17.07
C LEU C 439 -10.29 68.64 17.26
N VAL C 440 -11.33 69.43 17.48
CA VAL C 440 -12.66 68.91 17.77
C VAL C 440 -13.65 69.57 16.82
N THR C 441 -14.62 68.78 16.34
CA THR C 441 -15.75 69.33 15.61
C THR C 441 -16.88 68.31 15.57
N GLY C 442 -18.10 68.81 15.36
CA GLY C 442 -19.26 67.94 15.26
C GLY C 442 -20.57 68.67 15.12
N THR C 443 -21.64 68.06 15.64
CA THR C 443 -22.99 68.56 15.52
C THR C 443 -23.79 68.06 16.72
N ALA C 444 -24.49 68.99 17.39
CA ALA C 444 -25.36 68.67 18.51
C ALA C 444 -24.65 67.80 19.54
N ALA C 445 -23.51 68.30 20.02
CA ALA C 445 -22.73 67.58 21.00
C ALA C 445 -22.13 68.55 22.01
N ARG C 446 -21.85 68.02 23.19
CA ARG C 446 -21.01 68.66 24.20
C ARG C 446 -19.82 67.75 24.48
N ILE C 447 -18.66 68.36 24.73
CA ILE C 447 -17.47 67.61 25.11
C ILE C 447 -16.77 68.34 26.26
N GLU C 448 -16.29 67.57 27.25
CA GLU C 448 -15.50 68.08 28.37
C GLU C 448 -14.23 67.24 28.51
N PHE C 449 -13.08 67.91 28.60
CA PHE C 449 -11.79 67.22 28.75
C PHE C 449 -11.39 67.12 30.23
N PHE C 450 -10.82 65.96 30.59
CA PHE C 450 -10.43 65.65 31.97
C PHE C 450 -9.07 64.98 32.03
N ARG C 451 -8.23 65.42 32.96
CA ARG C 451 -6.88 64.89 33.17
C ARG C 451 -6.85 63.91 34.35
N SER C 452 -6.06 62.85 34.21
CA SER C 452 -5.83 61.90 35.31
C SER C 452 -4.35 61.71 35.55
N ALA C 453 -3.74 60.75 34.85
CA ALA C 453 -2.32 60.73 34.50
C ALA C 453 -1.38 60.29 35.62
N ALA C 454 -1.91 59.84 36.77
CA ALA C 454 -1.09 59.39 37.90
C ALA C 454 -0.13 60.47 38.42
N ASP C 455 -0.45 61.75 38.20
CA ASP C 455 0.27 62.87 38.79
C ASP C 455 -0.36 63.28 40.11
N THR C 456 0.25 64.25 40.77
CA THR C 456 -0.47 65.11 41.71
C THR C 456 -0.84 66.43 41.07
N ARG C 457 -0.70 66.51 39.76
CA ARG C 457 -0.97 67.72 39.00
C ARG C 457 -2.45 67.77 38.62
N HIS C 458 -2.88 68.98 38.25
CA HIS C 458 -4.27 69.26 37.90
C HIS C 458 -4.33 69.74 36.46
N GLY C 459 -5.33 69.26 35.71
CA GLY C 459 -5.49 69.68 34.33
C GLY C 459 -6.27 70.98 34.23
N GLN C 460 -6.04 71.70 33.14
CA GLN C 460 -6.73 72.97 32.93
C GLN C 460 -6.66 73.34 31.45
N LEU C 461 -7.69 74.07 31.00
CA LEU C 461 -7.75 74.59 29.65
C LEU C 461 -6.83 75.78 29.49
N LEU C 462 -5.93 75.73 28.50
CA LEU C 462 -5.06 76.85 28.23
C LEU C 462 -5.54 77.74 27.09
N GLN C 463 -6.06 77.15 26.01
CA GLN C 463 -6.42 77.93 24.84
C GLN C 463 -7.39 77.13 23.95
N VAL C 464 -8.46 77.78 23.53
CA VAL C 464 -9.45 77.19 22.63
C VAL C 464 -9.64 78.18 21.48
N GLU C 465 -9.14 77.85 20.31
CA GLU C 465 -9.28 78.69 19.14
C GLU C 465 -10.38 78.15 18.24
N GLN C 466 -11.28 79.04 17.83
CA GLN C 466 -12.37 78.71 16.93
C GLN C 466 -12.06 79.32 15.57
N GLY C 467 -12.16 78.51 14.53
CA GLY C 467 -11.82 79.01 13.21
C GLY C 467 -11.93 77.94 12.16
N ARG C 468 -11.28 78.20 11.01
CA ARG C 468 -11.42 77.38 9.82
C ARG C 468 -10.07 77.16 9.18
N TYR C 469 -9.98 76.10 8.37
CA TYR C 469 -8.82 75.82 7.54
C TYR C 469 -9.11 76.33 6.13
N VAL C 470 -8.26 77.20 5.62
CA VAL C 470 -8.42 77.79 4.30
C VAL C 470 -7.18 77.43 3.50
N ASP C 471 -7.33 76.47 2.59
CA ASP C 471 -6.28 75.93 1.74
C ASP C 471 -5.19 75.21 2.52
N GLY C 472 -5.50 74.75 3.74
CA GLY C 472 -4.52 74.11 4.60
C GLY C 472 -3.89 75.02 5.63
N ARG C 473 -4.39 76.25 5.78
CA ARG C 473 -3.88 77.24 6.72
C ARG C 473 -4.94 77.51 7.79
N TRP C 474 -4.55 77.41 9.06
CA TRP C 474 -5.50 77.67 10.13
C TRP C 474 -5.77 79.17 10.23
N GLN C 475 -7.04 79.52 10.40
CA GLN C 475 -7.48 80.91 10.49
C GLN C 475 -8.33 81.10 11.74
N MET C 476 -7.75 81.72 12.75
CA MET C 476 -8.44 81.99 14.00
C MET C 476 -9.47 83.09 13.82
N GLU C 477 -10.74 82.79 14.16
CA GLU C 477 -11.80 83.80 14.18
C GLU C 477 -12.00 84.39 15.58
N ARG C 478 -11.99 83.54 16.61
CA ARG C 478 -12.11 83.99 17.98
C ARG C 478 -11.44 82.95 18.87
N GLN C 479 -11.27 83.31 20.14
CA GLN C 479 -10.90 82.36 21.19
C GLN C 479 -12.09 82.18 22.10
N LEU C 480 -12.31 80.96 22.56
CA LEU C 480 -13.44 80.62 23.41
C LEU C 480 -12.99 80.61 24.87
N ASN C 481 -13.76 81.29 25.72
CA ASN C 481 -13.51 81.34 27.17
C ASN C 481 -14.81 81.79 27.83
N GLY C 482 -14.83 81.76 29.15
CA GLY C 482 -16.01 82.23 29.87
C GLY C 482 -17.22 81.36 29.64
N ASP C 483 -18.32 81.99 29.19
CA ASP C 483 -19.55 81.24 28.98
C ASP C 483 -19.33 80.10 27.98
N GLN C 484 -18.59 80.37 26.91
CA GLN C 484 -18.36 79.42 25.83
C GLN C 484 -17.48 78.24 26.27
N THR C 485 -17.01 78.25 27.50
CA THR C 485 -16.12 77.22 28.03
C THR C 485 -16.58 76.66 29.37
N ASP C 486 -17.48 77.37 30.08
CA ASP C 486 -17.89 76.99 31.42
C ASP C 486 -18.59 75.63 31.46
N TYR C 487 -19.32 75.27 30.42
CA TYR C 487 -20.09 74.04 30.42
C TYR C 487 -19.68 73.14 29.26
N GLY C 488 -18.40 72.86 29.16
CA GLY C 488 -17.88 72.11 28.05
C GLY C 488 -17.72 72.99 26.82
N LEU C 489 -17.40 72.32 25.72
CA LEU C 489 -17.41 72.92 24.40
C LEU C 489 -18.62 72.37 23.67
N ASN C 490 -19.46 73.26 23.17
CA ASN C 490 -20.75 72.89 22.65
C ASN C 490 -20.83 73.19 21.16
N PHE C 491 -21.33 72.22 20.39
CA PHE C 491 -21.60 72.41 18.97
C PHE C 491 -23.10 72.27 18.79
N GLY C 492 -23.69 73.21 18.07
CA GLY C 492 -25.12 73.21 17.90
C GLY C 492 -25.57 72.63 16.56
N ARG C 493 -26.09 73.51 15.71
CA ARG C 493 -26.68 73.12 14.45
C ARG C 493 -26.19 74.05 13.35
N THR C 494 -26.27 73.54 12.11
CA THR C 494 -26.08 74.37 10.93
C THR C 494 -27.09 75.51 10.91
N ASP C 495 -26.64 76.71 10.55
CA ASP C 495 -27.64 77.75 10.33
C ASP C 495 -28.30 77.57 8.95
N ALA C 496 -29.37 78.35 8.71
CA ALA C 496 -30.07 78.22 7.43
C ALA C 496 -29.24 78.72 6.26
N ALA C 497 -28.21 79.54 6.53
CA ALA C 497 -27.24 79.95 5.54
C ALA C 497 -26.16 78.88 5.28
N GLY C 498 -26.42 77.62 5.64
CA GLY C 498 -25.55 76.51 5.33
C GLY C 498 -24.29 76.36 6.16
N GLN C 499 -23.97 77.31 7.03
CA GLN C 499 -22.71 77.28 7.76
C GLN C 499 -22.75 76.25 8.89
N PRO C 500 -21.87 75.25 8.90
CA PRO C 500 -21.97 74.17 9.89
C PRO C 500 -21.35 74.56 11.21
N PRO C 501 -21.48 73.73 12.25
CA PRO C 501 -20.89 74.08 13.54
C PRO C 501 -19.38 74.25 13.43
N PRO C 502 -18.77 74.99 14.35
CA PRO C 502 -17.39 75.42 14.15
C PRO C 502 -16.40 74.28 14.37
N VAL C 503 -15.15 74.59 14.03
CA VAL C 503 -14.01 73.70 14.26
C VAL C 503 -13.12 74.35 15.31
N LEU C 504 -12.72 73.58 16.31
CA LEU C 504 -11.98 74.10 17.47
C LEU C 504 -10.62 73.46 17.59
N ARG C 505 -9.62 74.29 17.92
CA ARG C 505 -8.29 73.84 18.32
C ARG C 505 -8.16 74.02 19.84
N VAL C 506 -8.02 72.91 20.55
CA VAL C 506 -8.02 72.89 22.01
C VAL C 506 -6.63 72.51 22.49
N ARG C 507 -6.00 73.40 23.26
CA ARG C 507 -4.70 73.16 23.87
C ARG C 507 -4.87 73.12 25.38
N VAL C 508 -4.41 72.03 26.01
CA VAL C 508 -4.58 71.84 27.44
C VAL C 508 -3.24 71.90 28.15
N GLY C 509 -3.28 71.80 29.48
CA GLY C 509 -2.08 71.93 30.29
C GLY C 509 -2.37 71.52 31.72
N SER C 510 -1.42 71.82 32.60
CA SER C 510 -1.51 71.36 33.98
C SER C 510 -0.83 72.35 34.91
N TYR C 511 -1.15 72.23 36.19
CA TYR C 511 -0.45 72.97 37.25
C TYR C 511 -0.28 72.13 38.52
N GLU D 2 -32.41 3.82 71.06
CA GLU D 2 -32.22 2.37 71.02
C GLU D 2 -31.43 1.88 72.25
N GLU D 3 -31.00 0.61 72.22
CA GLU D 3 -30.42 -0.04 73.39
C GLU D 3 -29.12 0.62 73.83
N LEU D 4 -28.87 0.59 75.13
CA LEU D 4 -27.60 1.08 75.64
C LEU D 4 -26.46 0.21 75.12
N PRO D 5 -25.32 0.81 74.76
CA PRO D 5 -24.16 -0.02 74.41
C PRO D 5 -23.74 -0.82 75.63
N ARG D 6 -23.34 -2.07 75.40
CA ARG D 6 -23.21 -2.97 76.52
C ARG D 6 -22.24 -4.10 76.19
N PHE D 7 -21.32 -4.39 77.10
CA PHE D 7 -20.39 -5.49 76.92
C PHE D 7 -21.04 -6.78 77.37
N PHE D 8 -20.77 -7.87 76.64
CA PHE D 8 -21.49 -9.12 76.77
C PHE D 8 -20.51 -10.28 76.78
N THR D 9 -20.73 -11.24 77.68
CA THR D 9 -19.95 -12.46 77.75
C THR D 9 -20.90 -13.64 77.73
N GLN D 10 -20.55 -14.67 76.97
CA GLN D 10 -21.39 -15.86 76.86
C GLN D 10 -20.52 -17.02 76.44
N ASN D 11 -20.48 -18.08 77.27
CA ASN D 11 -19.73 -19.30 76.98
C ASN D 11 -18.25 -19.02 76.73
N GLY D 12 -17.67 -18.12 77.51
CA GLY D 12 -16.28 -17.72 77.30
C GLY D 12 -16.01 -16.93 76.03
N ARG D 13 -17.05 -16.47 75.34
CA ARG D 13 -16.91 -15.59 74.18
C ARG D 13 -17.53 -14.23 74.48
N HIS D 14 -16.95 -13.19 73.88
CA HIS D 14 -17.28 -11.82 74.18
C HIS D 14 -17.78 -11.11 72.93
N ALA D 15 -18.57 -10.06 73.15
CA ALA D 15 -18.95 -9.13 72.10
C ALA D 15 -19.25 -7.79 72.75
N LEU D 16 -19.05 -6.72 71.99
CA LEU D 16 -19.53 -5.40 72.34
C LEU D 16 -20.85 -5.21 71.63
N LEU D 17 -21.93 -5.13 72.41
CA LEU D 17 -23.26 -4.90 71.88
C LEU D 17 -23.44 -3.40 71.65
N VAL D 18 -23.83 -3.04 70.43
CA VAL D 18 -24.14 -1.66 70.07
C VAL D 18 -25.42 -1.66 69.27
N ASP D 19 -26.41 -0.89 69.74
CA ASP D 19 -27.72 -0.81 69.08
C ASP D 19 -28.35 -2.20 68.95
N GLY D 20 -28.12 -3.05 69.96
CA GLY D 20 -28.80 -4.33 70.08
C GLY D 20 -28.07 -5.53 69.54
N ALA D 21 -26.97 -5.35 68.80
CA ALA D 21 -26.31 -6.46 68.14
C ALA D 21 -24.80 -6.31 68.29
N PRO D 22 -24.04 -7.42 68.13
CA PRO D 22 -22.58 -7.32 68.25
C PRO D 22 -22.00 -6.29 67.28
N TYR D 23 -20.87 -5.69 67.70
CA TYR D 23 -20.23 -4.58 67.01
C TYR D 23 -18.71 -4.77 67.02
N THR D 24 -18.06 -4.61 65.85
CA THR D 24 -16.60 -4.67 65.71
C THR D 24 -16.03 -3.25 65.57
N ILE D 25 -15.30 -2.81 66.59
CA ILE D 25 -14.70 -1.48 66.59
C ILE D 25 -13.52 -1.47 65.64
N LEU D 26 -13.56 -0.63 64.63
CA LEU D 26 -12.43 -0.43 63.74
C LEU D 26 -12.08 1.05 63.88
N ALA D 27 -11.05 1.33 64.68
CA ALA D 27 -10.87 2.63 65.31
C ALA D 27 -9.56 3.28 64.86
N ALA D 28 -9.55 4.60 64.91
CA ALA D 28 -8.35 5.42 64.76
C ALA D 28 -8.36 6.45 65.88
N GLN D 29 -7.22 6.61 66.55
CA GLN D 29 -7.08 7.54 67.66
C GLN D 29 -6.30 8.77 67.21
N LEU D 30 -6.80 9.95 67.58
CA LEU D 30 -6.09 11.19 67.30
C LEU D 30 -4.86 11.29 68.19
N HIS D 31 -3.97 12.22 67.84
CA HIS D 31 -2.84 12.48 68.72
C HIS D 31 -3.33 13.12 70.01
N ASN D 32 -2.47 13.01 71.05
CA ASN D 32 -2.88 13.37 72.40
C ASN D 32 -3.45 14.77 72.49
N SER D 33 -2.88 15.71 71.71
CA SER D 33 -3.22 17.12 71.83
C SER D 33 -4.06 17.61 70.65
N SER D 34 -4.85 16.72 70.05
CA SER D 34 -5.66 17.08 68.89
C SER D 34 -7.14 17.28 69.22
N ALA D 35 -7.57 16.99 70.46
CA ALA D 35 -8.99 17.04 70.81
C ALA D 35 -9.38 18.45 71.22
N TRP D 36 -9.16 19.38 70.29
CA TRP D 36 -9.44 20.80 70.50
C TRP D 36 -10.29 21.34 69.35
N PRO D 37 -11.19 22.29 69.63
CA PRO D 37 -12.17 22.71 68.60
C PRO D 37 -11.59 23.12 67.26
N ALA D 38 -10.44 23.81 67.24
CA ALA D 38 -9.84 24.22 65.97
C ALA D 38 -9.19 23.04 65.24
N VAL D 39 -8.74 22.02 65.96
CA VAL D 39 -8.05 20.90 65.35
C VAL D 39 -9.02 19.81 64.88
N LEU D 40 -10.17 19.68 65.56
CA LEU D 40 -11.03 18.52 65.36
C LEU D 40 -11.52 18.34 63.91
N PRO D 41 -11.95 19.36 63.19
CA PRO D 41 -12.54 19.11 61.85
C PRO D 41 -11.56 18.49 60.88
N PRO D 42 -10.36 19.07 60.67
CA PRO D 42 -9.40 18.37 59.78
C PRO D 42 -8.94 17.02 60.34
N ALA D 43 -8.88 16.87 61.66
CA ALA D 43 -8.45 15.60 62.23
C ALA D 43 -9.49 14.53 62.01
N LEU D 44 -10.76 14.86 62.24
CA LEU D 44 -11.82 13.86 62.03
C LEU D 44 -12.01 13.55 60.55
N ASP D 45 -11.74 14.51 59.67
CA ASP D 45 -11.76 14.20 58.24
C ASP D 45 -10.75 13.11 57.91
N GLN D 46 -9.56 13.18 58.51
CA GLN D 46 -8.56 12.14 58.27
C GLN D 46 -8.97 10.81 58.88
N VAL D 47 -9.81 10.81 59.91
CA VAL D 47 -10.37 9.55 60.39
C VAL D 47 -11.29 8.96 59.34
N VAL D 48 -12.13 9.80 58.72
CA VAL D 48 -13.06 9.32 57.70
C VAL D 48 -12.30 8.77 56.50
N ALA D 49 -11.17 9.38 56.16
CA ALA D 49 -10.36 8.90 55.05
C ALA D 49 -9.81 7.50 55.31
N LEU D 50 -9.61 7.15 56.58
CA LEU D 50 -9.23 5.79 56.93
C LEU D 50 -10.40 4.81 56.91
N HIS D 51 -11.62 5.29 56.66
CA HIS D 51 -12.85 4.48 56.65
C HIS D 51 -13.11 3.78 57.98
N ALA D 52 -12.54 4.32 59.06
CA ALA D 52 -12.82 3.78 60.39
C ALA D 52 -14.25 4.07 60.79
N ASN D 53 -14.81 3.20 61.64
CA ASN D 53 -16.14 3.43 62.16
C ASN D 53 -16.16 4.11 63.50
N THR D 54 -15.02 4.16 64.20
CA THR D 54 -14.90 4.72 65.54
C THR D 54 -13.67 5.63 65.63
N VAL D 55 -13.81 6.75 66.33
CA VAL D 55 -12.69 7.63 66.63
C VAL D 55 -12.46 7.62 68.14
N GLU D 56 -11.21 7.36 68.54
CA GLU D 56 -10.80 7.48 69.93
C GLU D 56 -10.18 8.86 70.11
N ALA D 57 -10.67 9.63 71.09
CA ALA D 57 -10.14 10.96 71.32
C ALA D 57 -10.30 11.29 72.80
N PRO D 58 -9.37 12.03 73.39
CA PRO D 58 -9.38 12.21 74.84
C PRO D 58 -10.25 13.37 75.29
N VAL D 59 -10.70 13.26 76.54
CA VAL D 59 -11.24 14.39 77.29
C VAL D 59 -10.22 14.71 78.37
N TYR D 60 -9.77 15.95 78.40
CA TYR D 60 -8.72 16.37 79.32
C TYR D 60 -9.35 16.90 80.60
N TRP D 61 -9.03 16.27 81.74
CA TRP D 61 -9.45 16.80 83.03
C TRP D 61 -9.05 18.27 83.17
N GLU D 62 -7.83 18.60 82.74
CA GLU D 62 -7.34 19.98 82.66
C GLU D 62 -8.42 20.96 82.25
N GLN D 63 -8.93 20.82 81.02
CA GLN D 63 -9.89 21.80 80.54
C GLN D 63 -11.31 21.51 80.98
N PHE D 64 -11.62 20.26 81.37
CA PHE D 64 -12.99 19.92 81.70
C PHE D 64 -13.43 20.44 83.07
N GLU D 65 -12.51 20.56 84.02
CA GLU D 65 -12.79 21.16 85.34
C GLU D 65 -11.72 22.20 85.64
N PRO D 66 -11.85 23.40 85.06
CA PRO D 66 -10.77 24.40 85.21
C PRO D 66 -10.75 25.06 86.59
N ALA D 67 -11.86 25.03 87.31
CA ALA D 67 -11.96 25.40 88.72
C ALA D 67 -12.76 24.32 89.44
N PRO D 68 -12.56 24.15 90.74
CA PRO D 68 -13.29 23.09 91.44
C PRO D 68 -14.79 23.27 91.28
N GLY D 69 -15.47 22.19 90.88
CA GLY D 69 -16.90 22.18 90.71
C GLY D 69 -17.44 22.85 89.47
N ARG D 70 -16.60 23.53 88.70
CA ARG D 70 -17.03 24.17 87.46
C ARG D 70 -16.51 23.37 86.28
N PHE D 71 -17.42 22.88 85.46
CA PHE D 71 -17.08 22.01 84.34
C PHE D 71 -17.32 22.71 83.02
N ASP D 72 -16.40 22.51 82.09
CA ASP D 72 -16.46 23.09 80.75
C ASP D 72 -16.59 21.97 79.74
N THR D 73 -17.68 21.96 78.98
CA THR D 73 -17.94 20.89 78.01
C THR D 73 -17.71 21.33 76.57
N THR D 74 -16.96 22.42 76.36
CA THR D 74 -16.71 22.90 75.01
C THR D 74 -16.11 21.82 74.13
N ASN D 75 -15.07 21.15 74.62
CA ASN D 75 -14.34 20.21 73.79
C ASN D 75 -15.11 18.92 73.59
N VAL D 76 -15.68 18.37 74.67
CA VAL D 76 -16.44 17.13 74.53
C VAL D 76 -17.64 17.33 73.62
N ASP D 77 -18.18 18.55 73.56
CA ASP D 77 -19.34 18.81 72.72
C ASP D 77 -18.93 18.90 71.25
N ALA D 78 -17.79 19.54 70.98
CA ALA D 78 -17.29 19.60 69.61
C ALA D 78 -16.86 18.23 69.10
N LEU D 79 -16.21 17.43 69.94
CA LEU D 79 -15.87 16.06 69.56
C LEU D 79 -17.11 15.30 69.12
N ILE D 80 -18.15 15.30 69.96
CA ILE D 80 -19.36 14.53 69.66
C ILE D 80 -20.09 15.10 68.45
N ALA D 81 -20.24 16.42 68.38
CA ALA D 81 -20.86 17.04 67.21
C ALA D 81 -20.11 16.66 65.94
N GLY D 82 -18.78 16.79 65.95
CA GLY D 82 -18.00 16.52 64.76
C GLY D 82 -18.03 15.06 64.34
N ALA D 83 -18.11 14.15 65.30
CA ALA D 83 -18.30 12.75 64.99
C ALA D 83 -19.67 12.49 64.39
N ARG D 84 -20.72 13.07 64.97
CA ARG D 84 -22.08 12.88 64.46
C ARG D 84 -22.20 13.39 63.02
N LYS D 85 -21.59 14.54 62.73
CA LYS D 85 -21.62 15.07 61.38
C LYS D 85 -20.90 14.15 60.38
N ARG D 86 -19.94 13.36 60.86
CA ARG D 86 -19.11 12.53 60.00
C ARG D 86 -19.50 11.06 60.02
N GLY D 87 -20.63 10.70 60.64
CA GLY D 87 -21.09 9.33 60.69
C GLY D 87 -20.30 8.38 61.56
N LEU D 88 -19.56 8.90 62.55
CA LEU D 88 -18.64 8.13 63.38
C LEU D 88 -19.26 7.82 64.73
N ARG D 89 -18.78 6.72 65.33
CA ARG D 89 -18.98 6.41 66.73
C ARG D 89 -17.73 6.86 67.50
N VAL D 90 -17.91 7.18 68.78
CA VAL D 90 -16.86 7.80 69.58
C VAL D 90 -16.47 6.88 70.73
N ALA D 91 -15.16 6.67 70.89
CA ALA D 91 -14.57 6.02 72.06
C ALA D 91 -13.87 7.09 72.89
N LEU D 92 -14.46 7.43 74.03
CA LEU D 92 -14.01 8.57 74.82
C LEU D 92 -12.91 8.16 75.80
N LEU D 93 -11.81 8.91 75.81
CA LEU D 93 -10.67 8.58 76.66
C LEU D 93 -10.56 9.61 77.77
N TRP D 94 -10.76 9.18 79.01
CA TRP D 94 -10.76 10.06 80.18
C TRP D 94 -9.32 10.20 80.66
N PHE D 95 -8.67 11.29 80.25
CA PHE D 95 -7.31 11.63 80.70
C PHE D 95 -7.46 12.26 82.08
N GLY D 96 -7.49 11.41 83.12
CA GLY D 96 -7.72 11.87 84.47
C GLY D 96 -6.47 11.94 85.32
N SER D 97 -6.46 11.23 86.44
CA SER D 97 -5.28 11.21 87.31
C SER D 97 -4.08 10.59 86.61
N TRP D 98 -4.29 9.61 85.74
CA TRP D 98 -3.23 8.88 85.07
C TRP D 98 -3.31 9.06 83.57
N LYS D 99 -2.21 9.48 82.96
CA LYS D 99 -1.99 9.37 81.53
C LYS D 99 -0.53 8.95 81.36
N ASN D 100 -0.32 7.74 80.85
CA ASN D 100 1.02 7.14 80.77
C ASN D 100 1.70 7.11 82.15
N GLY D 101 0.93 6.78 83.18
CA GLY D 101 1.52 6.66 84.50
C GLY D 101 1.90 7.96 85.16
N GLN D 102 1.37 9.08 84.69
CA GLN D 102 1.74 10.38 85.21
C GLN D 102 0.50 11.25 85.33
N MET D 103 0.66 12.42 85.94
CA MET D 103 -0.44 13.27 86.37
C MET D 103 -0.54 14.57 85.56
N HIS D 104 -0.03 14.56 84.34
CA HIS D 104 0.15 15.84 83.62
C HIS D 104 -1.17 16.43 83.10
N TYR D 105 -2.27 15.68 83.12
CA TYR D 105 -3.55 16.21 82.65
C TYR D 105 -4.47 16.60 83.80
N VAL D 106 -4.05 16.33 85.02
CA VAL D 106 -4.73 16.76 86.25
C VAL D 106 -4.83 18.29 86.26
N PRO D 107 -5.91 18.88 86.78
CA PRO D 107 -6.10 20.33 86.65
C PRO D 107 -4.97 21.12 87.30
N GLU D 108 -4.88 22.39 86.91
CA GLU D 108 -3.90 23.28 87.50
C GLU D 108 -4.11 23.42 89.00
N TRP D 109 -5.36 23.49 89.45
CA TRP D 109 -5.62 23.70 90.87
C TRP D 109 -5.29 22.49 91.72
N ILE D 110 -5.04 21.33 91.12
CA ILE D 110 -4.43 20.23 91.86
C ILE D 110 -2.91 20.28 91.77
N LYS D 111 -2.37 20.72 90.62
CA LYS D 111 -0.92 20.84 90.47
C LYS D 111 -0.32 21.84 91.44
N ARG D 112 -1.06 22.92 91.72
CA ARG D 112 -0.63 23.95 92.65
C ARG D 112 -0.65 23.50 94.11
N ASP D 113 -1.41 22.48 94.46
CA ASP D 113 -1.69 22.16 95.86
C ASP D 113 -1.27 20.72 96.17
N GLU D 114 0.04 20.51 96.27
CA GLU D 114 0.56 19.19 96.61
C GLU D 114 0.23 18.76 98.03
N ALA D 115 -0.13 19.71 98.90
CA ALA D 115 -0.47 19.35 100.28
C ALA D 115 -1.86 18.75 100.37
N THR D 116 -2.83 19.35 99.68
CA THR D 116 -4.16 18.76 99.58
C THR D 116 -4.13 17.48 98.73
N TYR D 117 -3.27 17.46 97.71
CA TYR D 117 -3.28 16.43 96.66
C TYR D 117 -1.88 15.86 96.52
N PRO D 118 -1.47 14.99 97.44
CA PRO D 118 -0.07 14.58 97.50
C PRO D 118 0.35 13.69 96.35
N ARG D 119 1.57 13.94 95.87
CA ARG D 119 2.23 13.06 94.92
C ARG D 119 2.82 11.84 95.62
N MET D 120 3.09 10.81 94.84
CA MET D 120 3.87 9.68 95.35
C MET D 120 5.29 10.13 95.70
N ARG D 121 5.91 9.40 96.62
CA ARG D 121 7.31 9.56 96.96
C ARG D 121 8.06 8.30 96.52
N ASP D 122 9.20 8.48 95.86
CA ASP D 122 10.00 7.34 95.40
C ASP D 122 10.82 6.79 96.55
N ALA D 123 11.60 5.73 96.28
CA ALA D 123 12.45 5.12 97.31
C ALA D 123 13.54 6.05 97.84
N ASN D 124 13.77 7.21 97.23
CA ASN D 124 14.68 8.17 97.83
C ASN D 124 13.95 9.27 98.58
N GLY D 125 12.62 9.21 98.66
CA GLY D 125 11.84 10.21 99.34
C GLY D 125 11.47 11.41 98.49
N GLU D 126 11.73 11.37 97.20
CA GLU D 126 11.49 12.51 96.32
C GLU D 126 10.14 12.38 95.63
N PRO D 127 9.48 13.51 95.37
CA PRO D 127 8.20 13.46 94.65
C PRO D 127 8.40 13.01 93.22
N VAL D 128 7.40 12.30 92.69
CA VAL D 128 7.37 11.96 91.28
C VAL D 128 6.12 12.60 90.68
N ASP D 129 5.91 12.40 89.38
CA ASP D 129 4.79 13.04 88.69
C ASP D 129 3.55 12.15 88.69
N VAL D 130 3.20 11.65 89.87
CA VAL D 130 2.13 10.67 90.05
C VAL D 130 1.35 11.00 91.31
N LEU D 131 0.03 11.16 91.17
CA LEU D 131 -0.81 11.36 92.34
C LEU D 131 -0.74 10.15 93.25
N SER D 132 -0.68 10.39 94.55
CA SER D 132 -0.65 9.27 95.49
C SER D 132 -1.96 8.49 95.40
N PRO D 133 -1.90 7.15 95.27
CA PRO D 133 -3.13 6.36 95.28
C PRO D 133 -3.65 6.07 96.68
N HIS D 134 -3.05 6.63 97.72
CA HIS D 134 -3.40 6.28 99.09
C HIS D 134 -4.01 7.44 99.86
N VAL D 135 -4.43 8.52 99.20
CA VAL D 135 -4.97 9.69 99.88
C VAL D 135 -6.35 9.97 99.31
N ALA D 136 -7.36 9.99 100.19
CA ALA D 136 -8.76 10.03 99.75
C ALA D 136 -9.05 11.24 98.87
N ALA D 137 -8.38 12.37 99.11
CA ALA D 137 -8.70 13.59 98.38
C ALA D 137 -8.46 13.45 96.88
N ASN D 138 -7.52 12.60 96.48
CA ASN D 138 -7.24 12.45 95.06
C ASN D 138 -8.33 11.64 94.38
N VAL D 139 -8.49 10.38 94.77
CA VAL D 139 -9.47 9.50 94.13
C VAL D 139 -10.85 10.17 94.11
N GLN D 140 -11.19 10.92 95.16
CA GLN D 140 -12.50 11.55 95.21
C GLN D 140 -12.62 12.68 94.19
N ALA D 141 -11.56 13.46 94.01
CA ALA D 141 -11.59 14.51 93.00
C ALA D 141 -11.74 13.92 91.60
N ASP D 142 -11.02 12.83 91.32
CA ASP D 142 -11.15 12.16 90.02
C ASP D 142 -12.57 11.67 89.83
N ALA D 143 -13.03 10.80 90.76
CA ALA D 143 -14.38 10.26 90.70
C ALA D 143 -15.42 11.35 90.50
N ARG D 144 -15.27 12.45 91.24
CA ARG D 144 -16.24 13.54 91.14
C ARG D 144 -16.26 14.14 89.74
N ALA D 145 -15.07 14.32 89.14
CA ALA D 145 -15.00 14.88 87.80
C ALA D 145 -15.49 13.90 86.74
N PHE D 146 -15.10 12.63 86.86
CA PHE D 146 -15.58 11.61 85.93
C PHE D 146 -17.10 11.47 86.00
N THR D 147 -17.65 11.45 87.21
CA THR D 147 -19.10 11.45 87.39
C THR D 147 -19.74 12.58 86.59
N ALA D 148 -19.19 13.79 86.74
CA ALA D 148 -19.77 14.94 86.04
C ALA D 148 -19.70 14.76 84.52
N LEU D 149 -18.63 14.15 84.03
CA LEU D 149 -18.53 13.87 82.60
C LEU D 149 -19.59 12.87 82.15
N MET D 150 -19.73 11.77 82.90
CA MET D 150 -20.70 10.75 82.56
C MET D 150 -22.13 11.26 82.66
N GLN D 151 -22.40 12.12 83.67
CA GLN D 151 -23.73 12.71 83.77
C GLN D 151 -24.05 13.54 82.56
N HIS D 152 -23.09 14.35 82.10
CA HIS D 152 -23.30 15.16 80.91
C HIS D 152 -23.46 14.30 79.67
N LEU D 153 -22.79 13.15 79.62
CA LEU D 153 -22.92 12.24 78.49
C LEU D 153 -24.33 11.68 78.41
N ARG D 154 -24.93 11.35 79.55
CA ARG D 154 -26.30 10.85 79.52
C ARG D 154 -27.26 11.91 79.00
N LYS D 155 -27.00 13.18 79.32
CA LYS D 155 -27.92 14.23 78.92
C LYS D 155 -27.89 14.45 77.40
N ILE D 156 -26.70 14.58 76.83
CA ILE D 156 -26.61 14.97 75.43
C ILE D 156 -26.48 13.78 74.48
N ASP D 157 -26.13 12.58 74.99
CA ASP D 157 -25.95 11.41 74.14
C ASP D 157 -26.70 10.19 74.67
N GLY D 158 -27.65 10.39 75.59
CA GLY D 158 -28.40 9.26 76.13
C GLY D 158 -29.25 8.53 75.11
N ASP D 159 -29.77 9.25 74.11
CA ASP D 159 -30.63 8.62 73.12
C ASP D 159 -29.82 8.19 71.89
N ARG D 160 -28.92 9.05 71.43
CA ARG D 160 -28.16 8.78 70.21
C ARG D 160 -27.12 7.68 70.43
N HIS D 161 -26.46 7.70 71.59
CA HIS D 161 -25.37 6.78 71.90
C HIS D 161 -24.19 6.93 70.94
N THR D 162 -23.89 8.17 70.54
CA THR D 162 -22.68 8.40 69.73
C THR D 162 -21.44 7.88 70.44
N VAL D 163 -21.33 8.11 71.74
CA VAL D 163 -20.24 7.51 72.51
C VAL D 163 -20.58 6.05 72.78
N ILE D 164 -19.64 5.16 72.48
CA ILE D 164 -19.87 3.73 72.48
C ILE D 164 -19.18 3.04 73.64
N VAL D 165 -17.95 3.47 73.98
CA VAL D 165 -17.20 2.96 75.12
C VAL D 165 -16.44 4.14 75.72
N VAL D 166 -16.02 3.98 76.97
CA VAL D 166 -15.24 5.01 77.65
C VAL D 166 -14.03 4.35 78.30
N GLN D 167 -12.86 4.94 78.07
CA GLN D 167 -11.62 4.50 78.68
C GLN D 167 -11.39 5.30 79.96
N VAL D 168 -11.24 4.60 81.08
CA VAL D 168 -11.07 5.22 82.38
C VAL D 168 -9.57 5.29 82.66
N GLU D 169 -9.04 6.52 82.79
CA GLU D 169 -7.60 6.77 82.82
C GLU D 169 -6.92 6.27 81.54
N ASN D 170 -5.62 6.52 81.42
CA ASN D 170 -4.88 6.18 80.20
C ASN D 170 -3.54 5.59 80.62
N GLU D 171 -3.37 4.29 80.42
CA GLU D 171 -2.17 3.59 80.82
C GLU D 171 -1.81 3.97 82.26
N PRO D 172 -2.63 3.57 83.22
CA PRO D 172 -2.36 3.92 84.63
C PRO D 172 -1.31 3.00 85.23
N GLY D 173 -0.95 3.32 86.46
CA GLY D 173 0.28 2.86 87.09
C GLY D 173 1.17 4.04 87.40
N ALA D 174 2.37 3.74 87.89
CA ALA D 174 3.30 4.76 88.36
C ALA D 174 4.60 4.72 87.54
N ILE D 175 5.01 5.90 87.07
CA ILE D 175 6.31 6.11 86.45
C ILE D 175 7.19 6.87 87.43
N GLY D 176 8.37 6.34 87.75
CA GLY D 176 9.29 6.98 88.68
C GLY D 176 9.51 6.22 89.97
N THR D 177 8.66 5.25 90.29
CA THR D 177 8.82 4.46 91.50
C THR D 177 7.98 3.20 91.31
N VAL D 178 8.34 2.15 92.06
CA VAL D 178 7.53 0.95 92.07
C VAL D 178 6.28 1.14 92.94
N ARG D 179 6.43 1.78 94.11
CA ARG D 179 5.33 1.99 95.04
C ARG D 179 5.53 3.30 95.80
N ASP D 180 4.47 3.77 96.45
CA ASP D 180 4.51 5.03 97.19
C ASP D 180 5.25 4.83 98.51
N HIS D 181 6.17 5.75 98.81
CA HIS D 181 6.93 5.70 100.05
C HIS D 181 6.60 6.84 101.00
N GLY D 182 5.56 7.62 100.70
CA GLY D 182 5.01 8.57 101.64
C GLY D 182 4.34 7.84 102.78
N PRO D 183 3.95 8.58 103.82
CA PRO D 183 3.42 7.91 105.03
C PRO D 183 2.23 6.98 104.76
N ALA D 184 1.18 7.45 104.10
CA ALA D 184 0.00 6.61 103.89
C ALA D 184 0.36 5.34 103.14
N GLY D 185 1.13 5.46 102.05
CA GLY D 185 1.59 4.28 101.33
C GLY D 185 2.42 3.35 102.19
N GLU D 186 3.35 3.92 102.96
CA GLU D 186 4.17 3.09 103.85
C GLU D 186 3.31 2.37 104.87
N ALA D 187 2.31 3.06 105.43
CA ALA D 187 1.37 2.40 106.33
C ALA D 187 0.63 1.28 105.61
N ALA D 188 0.03 1.59 104.46
CA ALA D 188 -0.79 0.61 103.76
C ALA D 188 0.02 -0.61 103.37
N PHE D 189 1.27 -0.40 102.92
CA PHE D 189 2.12 -1.54 102.57
C PHE D 189 2.45 -2.39 103.77
N ALA D 190 2.39 -1.82 104.98
CA ALA D 190 2.64 -2.61 106.18
C ALA D 190 1.45 -3.51 106.52
N GLN D 191 0.24 -3.11 106.13
CA GLN D 191 -0.95 -3.92 106.40
C GLN D 191 -0.93 -5.17 105.54
N PRO D 192 -1.76 -6.16 105.87
CA PRO D 192 -1.82 -7.38 105.07
C PRO D 192 -2.63 -7.16 103.79
N VAL D 193 -2.68 -8.21 102.98
CA VAL D 193 -3.48 -8.17 101.76
C VAL D 193 -4.96 -8.23 102.13
N PRO D 194 -5.80 -7.35 101.59
CA PRO D 194 -7.24 -7.42 101.89
C PRO D 194 -7.78 -8.82 101.64
N ALA D 195 -8.63 -9.27 102.58
CA ALA D 195 -9.07 -10.66 102.58
C ALA D 195 -9.94 -10.99 101.36
N ALA D 196 -10.63 -9.99 100.79
CA ALA D 196 -11.39 -10.24 99.57
C ALA D 196 -10.49 -10.55 98.39
N ILE D 197 -9.32 -9.91 98.36
CA ILE D 197 -8.35 -10.16 97.29
C ILE D 197 -7.77 -11.57 97.43
N ALA D 198 -7.32 -11.93 98.64
CA ALA D 198 -6.73 -13.25 98.84
C ALA D 198 -7.68 -14.35 98.41
N ALA D 199 -8.98 -14.17 98.67
CA ALA D 199 -10.00 -15.13 98.25
C ALA D 199 -10.03 -15.27 96.74
N ALA D 200 -10.47 -14.20 96.07
CA ALA D 200 -10.54 -14.13 94.61
C ALA D 200 -9.39 -14.84 93.90
N LEU D 201 -8.18 -14.73 94.44
CA LEU D 201 -7.03 -15.36 93.82
C LEU D 201 -6.81 -16.79 94.32
N GLY D 202 -7.66 -17.26 95.24
CA GLY D 202 -7.52 -18.58 95.84
C GLY D 202 -6.30 -18.72 96.72
N LYS D 203 -6.05 -17.73 97.56
CA LYS D 203 -4.84 -17.70 98.35
C LYS D 203 -5.19 -17.63 99.83
N PRO D 204 -4.34 -18.16 100.70
CA PRO D 204 -4.51 -17.88 102.14
C PRO D 204 -4.39 -16.39 102.39
N ALA D 205 -4.71 -15.97 103.61
CA ALA D 205 -4.33 -14.64 104.03
C ALA D 205 -2.81 -14.56 104.20
N GLY D 206 -2.30 -13.33 104.12
CA GLY D 206 -0.86 -13.14 104.20
C GLY D 206 -0.50 -11.69 104.06
N SER D 207 0.78 -11.42 104.26
CA SER D 207 1.35 -10.16 103.83
C SER D 207 1.56 -10.17 102.32
N TRP D 208 1.87 -8.99 101.77
CA TRP D 208 2.17 -8.90 100.34
C TRP D 208 3.37 -9.74 99.99
N GLN D 209 4.43 -9.66 100.80
CA GLN D 209 5.61 -10.50 100.59
C GLN D 209 5.20 -11.97 100.61
N GLN D 210 4.32 -12.35 101.52
CA GLN D 210 4.03 -13.76 101.72
C GLN D 210 3.15 -14.32 100.60
N LEU D 211 2.40 -13.45 99.92
CA LEU D 211 1.52 -13.88 98.83
C LEU D 211 2.10 -13.64 97.44
N PHE D 212 3.15 -12.82 97.31
CA PHE D 212 3.67 -12.42 96.01
C PHE D 212 5.19 -12.50 95.88
N GLY D 213 5.92 -12.72 96.98
CA GLY D 213 7.36 -12.92 96.88
C GLY D 213 8.06 -11.66 96.43
N ALA D 214 8.89 -11.79 95.38
CA ALA D 214 9.67 -10.65 94.90
C ALA D 214 8.80 -9.59 94.24
N GLU D 215 7.53 -9.90 93.98
CA GLU D 215 6.61 -8.93 93.40
C GLU D 215 5.72 -8.25 94.45
N ALA D 216 6.12 -8.28 95.72
CA ALA D 216 5.28 -7.74 96.78
C ALA D 216 4.95 -6.27 96.56
N ALA D 217 5.97 -5.47 96.22
CA ALA D 217 5.74 -4.04 96.07
C ALA D 217 4.95 -3.74 94.80
N GLU D 218 5.34 -4.34 93.67
CA GLU D 218 4.61 -4.12 92.44
C GLU D 218 3.16 -4.58 92.56
N ALA D 219 2.94 -5.78 93.13
CA ALA D 219 1.57 -6.23 93.37
C ALA D 219 0.80 -5.21 94.21
N PHE D 220 1.43 -4.73 95.30
CA PHE D 220 0.81 -3.74 96.18
C PHE D 220 0.36 -2.49 95.41
N ASN D 221 1.24 -1.96 94.56
CA ASN D 221 0.88 -0.75 93.82
C ASN D 221 -0.20 -1.05 92.79
N ALA D 222 -0.15 -2.22 92.17
CA ALA D 222 -1.19 -2.61 91.22
C ALA D 222 -2.56 -2.58 91.88
N HIS D 223 -2.70 -3.23 93.03
CA HIS D 223 -3.98 -3.17 93.73
C HIS D 223 -4.34 -1.73 94.12
N ALA D 224 -3.35 -0.95 94.57
CA ALA D 224 -3.63 0.43 94.94
C ALA D 224 -4.14 1.21 93.74
N THR D 225 -3.49 1.02 92.59
CA THR D 225 -3.92 1.68 91.36
C THR D 225 -5.29 1.17 90.91
N ALA D 226 -5.49 -0.16 90.96
CA ALA D 226 -6.76 -0.74 90.52
C ALA D 226 -7.92 -0.31 91.42
N ALA D 227 -7.74 -0.39 92.74
CA ALA D 227 -8.80 0.03 93.66
C ALA D 227 -9.14 1.50 93.51
N TYR D 228 -8.15 2.33 93.19
CA TYR D 228 -8.38 3.73 92.90
C TYR D 228 -9.31 3.88 91.70
N ILE D 229 -8.98 3.19 90.61
CA ILE D 229 -9.74 3.29 89.38
C ILE D 229 -11.13 2.68 89.57
N GLU D 230 -11.25 1.69 90.46
CA GLU D 230 -12.55 1.09 90.73
C GLU D 230 -13.51 2.11 91.32
N GLN D 231 -13.02 2.99 92.20
CA GLN D 231 -13.87 4.04 92.76
C GLN D 231 -14.32 5.02 91.68
N VAL D 232 -13.40 5.43 90.81
CA VAL D 232 -13.75 6.34 89.72
C VAL D 232 -14.75 5.69 88.77
N ALA D 233 -14.46 4.46 88.35
CA ALA D 233 -15.33 3.78 87.39
C ALA D 233 -16.71 3.53 87.97
N ALA D 234 -16.78 3.09 89.23
CA ALA D 234 -18.07 2.80 89.85
C ALA D 234 -18.93 4.06 89.94
N ALA D 235 -18.31 5.22 90.17
CA ALA D 235 -19.04 6.48 90.12
C ALA D 235 -19.44 6.83 88.68
N GLY D 236 -18.65 6.42 87.69
CA GLY D 236 -19.10 6.57 86.32
C GLY D 236 -20.28 5.67 86.02
N LYS D 237 -20.23 4.45 86.57
CA LYS D 237 -21.32 3.50 86.37
C LYS D 237 -22.61 4.03 86.97
N ARG D 238 -22.51 4.60 88.19
CA ARG D 238 -23.47 5.53 88.79
C ARG D 238 -24.33 6.27 87.78
N ALA D 239 -23.65 7.18 87.11
CA ALA D 239 -24.29 8.22 86.33
C ALA D 239 -24.78 7.67 85.00
N TYR D 240 -24.00 6.79 84.37
CA TYR D 240 -24.24 6.39 82.99
C TYR D 240 -23.44 5.14 82.67
N PRO D 241 -24.07 3.94 82.74
CA PRO D 241 -23.33 2.67 82.73
C PRO D 241 -22.92 2.18 81.34
N LEU D 242 -22.26 3.05 80.56
CA LEU D 242 -21.61 2.65 79.33
C LEU D 242 -20.53 1.61 79.61
N PRO D 243 -20.14 0.83 78.61
CA PRO D 243 -18.97 -0.05 78.79
C PRO D 243 -17.72 0.75 79.13
N LEU D 244 -16.95 0.23 80.06
CA LEU D 244 -15.72 0.88 80.53
C LEU D 244 -14.55 -0.08 80.38
N TYR D 245 -13.44 0.44 79.87
CA TYR D 245 -12.22 -0.33 79.75
C TYR D 245 -11.04 0.55 80.15
N VAL D 246 -9.91 -0.08 80.49
CA VAL D 246 -8.65 0.63 80.69
C VAL D 246 -7.60 -0.01 79.78
N ASN D 247 -6.74 0.83 79.20
CA ASN D 247 -5.67 0.43 78.30
C ASN D 247 -4.36 0.27 79.07
N THR D 248 -3.50 -0.60 78.57
CA THR D 248 -2.29 -1.03 79.27
C THR D 248 -1.05 -0.69 78.46
N TRP D 249 -0.13 0.03 79.09
CA TRP D 249 1.26 0.05 78.65
C TRP D 249 1.88 -1.26 79.13
N LEU D 250 2.27 -2.12 78.20
CA LEU D 250 2.46 -3.53 78.49
C LEU D 250 3.84 -3.83 79.05
N ARG D 251 3.91 -4.93 79.80
CA ARG D 251 5.18 -5.60 80.14
C ARG D 251 5.47 -6.57 79.02
N TYR D 252 6.15 -6.08 77.97
CA TYR D 252 6.50 -6.84 76.79
C TYR D 252 7.82 -6.30 76.23
N LYS D 253 8.28 -6.91 75.13
CA LYS D 253 9.49 -6.48 74.43
C LYS D 253 10.71 -6.46 75.36
N GLY D 254 10.71 -7.35 76.35
CA GLY D 254 11.81 -7.40 77.30
C GLY D 254 11.85 -6.29 78.32
N LYS D 255 10.84 -5.43 78.38
CA LYS D 255 10.74 -4.49 79.50
C LYS D 255 10.63 -5.27 80.81
N ARG D 256 11.43 -4.88 81.80
CA ARG D 256 11.49 -5.62 83.07
C ARG D 256 11.44 -4.75 84.32
N TYR D 257 11.40 -3.43 84.18
CA TYR D 257 11.57 -2.56 85.34
C TYR D 257 10.30 -1.76 85.58
N PRO D 258 9.41 -2.23 86.46
CA PRO D 258 8.23 -1.44 86.82
C PRO D 258 8.63 -0.10 87.40
N GLY D 259 8.04 0.95 86.87
CA GLY D 259 8.38 2.29 87.24
C GLY D 259 9.35 2.97 86.29
N MET D 260 10.09 2.21 85.50
CA MET D 260 10.87 2.89 84.48
C MET D 260 10.67 2.29 83.09
N ASP D 261 10.54 0.97 82.98
CA ASP D 261 10.19 0.33 81.70
C ASP D 261 8.73 0.49 81.34
N TYR D 262 7.85 0.46 82.35
CA TYR D 262 6.41 0.51 82.19
C TYR D 262 5.81 1.00 83.50
N PRO D 263 4.63 1.65 83.46
CA PRO D 263 4.01 2.10 84.72
C PRO D 263 3.83 0.95 85.69
N SER D 264 4.49 1.04 86.83
CA SER D 264 4.31 0.07 87.90
C SER D 264 2.84 0.02 88.28
N GLY D 265 2.23 -1.16 88.16
CA GLY D 265 0.91 -1.37 88.70
C GLY D 265 -0.24 -1.10 87.75
N GLY D 266 0.01 -1.04 86.44
CA GLY D 266 -1.05 -1.15 85.46
C GLY D 266 -1.46 -2.60 85.26
N ALA D 267 -2.45 -2.81 84.40
CA ALA D 267 -2.93 -4.18 84.24
C ALA D 267 -1.94 -5.02 83.42
N THR D 268 -0.70 -5.14 83.88
CA THR D 268 0.26 -5.95 83.15
C THR D 268 0.06 -7.43 83.44
N VAL D 269 0.60 -8.26 82.55
CA VAL D 269 0.29 -9.68 82.53
C VAL D 269 0.59 -10.33 83.88
N ASN D 270 1.62 -9.85 84.58
CA ASN D 270 2.03 -10.49 85.83
C ASN D 270 1.10 -10.19 87.00
N VAL D 271 0.17 -9.24 86.87
CA VAL D 271 -0.70 -8.89 87.98
C VAL D 271 -2.16 -8.83 87.53
N PHE D 272 -2.46 -9.47 86.39
CA PHE D 272 -3.76 -9.29 85.74
C PHE D 272 -4.90 -9.75 86.64
N ALA D 273 -4.83 -10.99 87.13
CA ALA D 273 -5.87 -11.52 88.00
C ALA D 273 -6.11 -10.61 89.20
N LEU D 274 -5.02 -10.18 89.84
CA LEU D 274 -5.11 -9.22 90.95
C LEU D 274 -5.79 -7.93 90.49
N TRP D 275 -5.31 -7.34 89.40
CA TRP D 275 -5.89 -6.07 88.93
C TRP D 275 -7.39 -6.19 88.72
N ARG D 276 -7.83 -7.29 88.08
CA ARG D 276 -9.24 -7.46 87.75
C ARG D 276 -10.09 -7.75 88.99
N ALA D 277 -9.56 -8.54 89.92
CA ALA D 277 -10.33 -8.85 91.13
C ALA D 277 -10.70 -7.60 91.93
N ALA D 278 -10.00 -6.49 91.71
CA ALA D 278 -10.29 -5.25 92.40
C ALA D 278 -11.12 -4.27 91.55
N THR D 279 -11.42 -4.62 90.30
CA THR D 279 -12.09 -3.71 89.37
C THR D 279 -13.31 -4.37 88.71
N PRO D 280 -14.35 -4.69 89.49
CA PRO D 280 -15.57 -5.23 88.87
C PRO D 280 -16.35 -4.20 88.09
N SER D 281 -16.13 -2.91 88.32
CA SER D 281 -16.76 -1.85 87.53
C SER D 281 -16.04 -1.59 86.21
N ILE D 282 -14.92 -2.27 85.94
CA ILE D 282 -14.25 -2.18 84.65
C ILE D 282 -14.59 -3.45 83.87
N ASP D 283 -15.09 -3.28 82.65
CA ASP D 283 -15.58 -4.43 81.90
C ASP D 283 -14.47 -5.23 81.23
N PHE D 284 -13.49 -4.57 80.62
CA PHE D 284 -12.45 -5.31 79.91
C PHE D 284 -11.19 -4.46 79.79
N ILE D 285 -10.08 -5.13 79.46
CA ILE D 285 -8.76 -4.50 79.39
C ILE D 285 -8.31 -4.47 77.93
N GLY D 286 -7.78 -3.32 77.50
CA GLY D 286 -7.19 -3.18 76.18
C GLY D 286 -5.66 -3.21 76.22
N THR D 287 -5.06 -3.63 75.10
CA THR D 287 -3.61 -3.73 74.97
C THR D 287 -3.09 -2.65 74.02
N ASP D 288 -1.99 -2.01 74.41
CA ASP D 288 -1.32 -1.03 73.57
C ASP D 288 -0.04 -1.68 73.02
N ILE D 289 -0.11 -2.19 71.80
CA ILE D 289 0.92 -3.06 71.23
C ILE D 289 1.67 -2.28 70.16
N TYR D 290 2.87 -1.81 70.49
CA TYR D 290 3.73 -1.09 69.54
C TYR D 290 4.91 -1.97 69.12
N THR D 291 4.58 -3.10 68.52
CA THR D 291 5.58 -3.87 67.81
C THR D 291 5.02 -4.31 66.48
N SER D 292 5.93 -4.66 65.59
CA SER D 292 5.60 -5.26 64.31
C SER D 292 5.87 -6.75 64.28
N ASP D 293 6.63 -7.25 65.25
CA ASP D 293 7.13 -8.62 65.21
C ASP D 293 6.00 -9.61 65.48
N TYR D 294 5.99 -10.70 64.72
CA TYR D 294 4.86 -11.62 64.75
C TYR D 294 4.80 -12.40 66.06
N GLY D 295 5.94 -12.90 66.53
CA GLY D 295 5.92 -13.63 67.79
C GLY D 295 5.47 -12.77 68.96
N GLU D 296 5.99 -11.54 69.03
CA GLU D 296 5.67 -10.70 70.17
C GLU D 296 4.21 -10.24 70.13
N TYR D 297 3.76 -9.73 68.98
CA TYR D 297 2.35 -9.36 68.85
C TYR D 297 1.46 -10.53 69.21
N THR D 298 1.75 -11.70 68.64
CA THR D 298 0.98 -12.90 68.89
C THR D 298 0.99 -13.27 70.37
N LYS D 299 2.16 -13.19 71.00
CA LYS D 299 2.28 -13.55 72.40
C LYS D 299 1.41 -12.65 73.29
N VAL D 300 1.39 -11.35 72.98
CA VAL D 300 0.63 -10.42 73.83
C VAL D 300 -0.87 -10.67 73.68
N ILE D 301 -1.33 -11.00 72.47
CA ILE D 301 -2.75 -11.28 72.28
C ILE D 301 -3.15 -12.52 73.06
N GLY D 302 -2.26 -13.51 73.12
CA GLY D 302 -2.57 -14.72 73.86
C GLY D 302 -2.65 -14.50 75.36
N GLN D 303 -1.82 -13.59 75.89
CA GLN D 303 -1.89 -13.26 77.30
C GLN D 303 -3.20 -12.59 77.68
N TYR D 304 -3.78 -11.80 76.79
CA TYR D 304 -4.96 -11.02 77.12
C TYR D 304 -6.27 -11.59 76.56
N ALA D 305 -6.21 -12.53 75.62
CA ALA D 305 -7.41 -13.23 75.14
C ALA D 305 -7.69 -14.37 76.10
N ARG D 306 -8.57 -14.14 77.05
CA ARG D 306 -8.86 -15.05 78.14
C ARG D 306 -10.36 -15.28 78.24
N PRO D 307 -10.78 -16.30 78.98
CA PRO D 307 -12.21 -16.44 79.32
C PRO D 307 -12.83 -15.20 79.97
N ASP D 308 -12.08 -14.46 80.77
CA ASP D 308 -12.58 -13.26 81.44
C ASP D 308 -12.23 -11.96 80.73
N ASN D 309 -11.55 -12.02 79.57
CA ASN D 309 -11.18 -10.80 78.85
C ASN D 309 -11.09 -11.00 77.34
N PRO D 310 -11.66 -10.10 76.54
CA PRO D 310 -11.53 -10.19 75.10
C PRO D 310 -10.25 -9.57 74.58
N ALA D 311 -9.74 -10.12 73.49
CA ALA D 311 -8.73 -9.41 72.73
C ALA D 311 -9.32 -8.09 72.25
N TRP D 312 -8.57 -7.01 72.44
CA TRP D 312 -9.03 -5.66 72.14
C TRP D 312 -7.78 -4.79 72.07
N VAL D 313 -7.36 -4.47 70.85
CA VAL D 313 -6.19 -3.63 70.65
C VAL D 313 -6.69 -2.18 70.71
N SER D 314 -6.48 -1.54 71.87
CA SER D 314 -6.83 -0.14 72.06
C SER D 314 -5.83 0.79 71.37
N GLU D 315 -4.59 0.37 71.18
CA GLU D 315 -3.60 1.16 70.45
C GLU D 315 -2.67 0.21 69.70
N THR D 316 -2.33 0.56 68.47
CA THR D 316 -1.20 -0.08 67.78
C THR D 316 -0.51 0.94 66.88
N GLY D 317 0.63 0.54 66.32
CA GLY D 317 1.43 1.48 65.55
C GLY D 317 0.76 1.84 64.23
N PHE D 318 0.79 3.13 63.89
CA PHE D 318 0.22 3.59 62.64
C PHE D 318 1.28 3.44 61.56
N GLU D 319 1.42 2.20 61.09
CA GLU D 319 2.43 1.84 60.12
C GLU D 319 1.91 0.66 59.31
N ALA D 320 2.35 0.60 58.05
CA ALA D 320 1.84 -0.41 57.12
C ALA D 320 2.03 -1.82 57.64
N ALA D 321 3.19 -2.11 58.24
CA ALA D 321 3.50 -3.47 58.69
C ALA D 321 2.56 -3.97 59.79
N THR D 322 1.71 -3.12 60.34
CA THR D 322 0.81 -3.53 61.42
C THR D 322 -0.58 -3.91 60.92
N ALA D 323 -0.87 -3.67 59.63
CA ALA D 323 -2.17 -3.94 59.03
C ALA D 323 -2.56 -5.43 59.06
N PRO D 324 -1.64 -6.39 58.85
CA PRO D 324 -2.06 -7.80 58.96
C PRO D 324 -2.66 -8.18 60.31
N TYR D 325 -2.26 -7.53 61.39
CA TYR D 325 -2.63 -8.02 62.71
C TYR D 325 -4.10 -7.73 63.03
N LEU D 326 -4.74 -6.78 62.35
CA LEU D 326 -6.20 -6.69 62.43
C LEU D 326 -6.85 -8.06 62.23
N PHE D 327 -6.30 -8.87 61.33
CA PHE D 327 -6.94 -10.15 61.04
C PHE D 327 -6.62 -11.19 62.10
N HIS D 328 -5.38 -11.21 62.59
CA HIS D 328 -5.07 -12.09 63.70
C HIS D 328 -5.96 -11.81 64.91
N VAL D 329 -6.20 -10.52 65.21
CA VAL D 329 -6.95 -10.18 66.42
C VAL D 329 -8.39 -10.63 66.28
N LEU D 330 -9.02 -10.35 65.14
CA LEU D 330 -10.37 -10.83 64.91
C LEU D 330 -10.43 -12.35 65.00
N GLY D 331 -9.37 -13.03 64.56
CA GLY D 331 -9.24 -14.47 64.62
C GLY D 331 -9.10 -15.03 66.01
N GLN D 332 -8.78 -14.20 67.00
CA GLN D 332 -8.74 -14.66 68.40
C GLN D 332 -9.96 -14.19 69.19
N GLY D 333 -11.09 -13.92 68.52
CA GLY D 333 -12.27 -13.47 69.20
C GLY D 333 -12.32 -11.98 69.46
N GLY D 334 -11.31 -11.22 69.02
CA GLY D 334 -11.19 -9.83 69.41
C GLY D 334 -12.39 -9.00 68.97
N ILE D 335 -12.65 -7.94 69.75
CA ILE D 335 -13.83 -7.10 69.56
C ILE D 335 -13.52 -5.79 68.85
N GLY D 336 -12.26 -5.47 68.61
CA GLY D 336 -11.93 -4.24 67.90
C GLY D 336 -10.44 -4.05 67.78
N PHE D 337 -10.07 -3.08 66.93
CA PHE D 337 -8.69 -2.86 66.53
C PHE D 337 -8.52 -1.37 66.25
N SER D 338 -7.43 -0.78 66.76
CA SER D 338 -7.26 0.68 66.72
C SER D 338 -5.83 1.07 66.36
N VAL D 339 -5.68 1.99 65.40
CA VAL D 339 -4.38 2.56 65.06
C VAL D 339 -4.23 3.92 65.76
N PHE D 340 -3.03 4.20 66.26
CA PHE D 340 -2.79 5.40 67.06
C PHE D 340 -2.04 6.46 66.28
N GLY D 341 -2.46 7.72 66.47
CA GLY D 341 -1.74 8.89 66.00
C GLY D 341 -1.81 9.10 64.50
N ILE D 342 -3.02 9.26 63.96
CA ILE D 342 -3.23 9.22 62.52
C ILE D 342 -3.29 10.60 61.86
N ASP D 343 -3.43 11.67 62.65
CA ASP D 343 -3.76 12.98 62.12
C ASP D 343 -2.54 13.88 62.11
N GLY D 344 -2.29 14.52 60.97
CA GLY D 344 -1.34 15.60 60.90
C GLY D 344 0.14 15.23 60.94
N ASN D 345 0.48 13.98 60.65
CA ASN D 345 1.88 13.57 60.61
C ASN D 345 2.60 14.21 59.43
N PRO D 346 3.90 14.49 59.57
CA PRO D 346 4.68 14.95 58.41
C PRO D 346 4.49 14.00 57.24
N ASP D 347 4.35 14.57 56.04
CA ASP D 347 4.20 13.74 54.85
C ASP D 347 5.50 12.96 54.61
N SER D 348 5.34 11.68 54.30
CA SER D 348 6.47 10.78 54.10
C SER D 348 5.93 9.50 53.50
N GLY D 349 6.83 8.75 52.87
CA GLY D 349 6.44 7.47 52.28
C GLY D 349 5.85 6.53 53.32
N ALA D 350 6.46 6.49 54.50
CA ALA D 350 5.96 5.60 55.56
C ALA D 350 4.53 5.96 55.95
N ASN D 351 4.22 7.26 56.00
CA ASN D 351 2.90 7.70 56.44
C ASN D 351 1.86 7.48 55.34
N ARG D 352 2.24 7.68 54.08
CA ARG D 352 1.31 7.39 52.99
C ARG D 352 1.02 5.90 52.92
N ALA D 353 2.04 5.06 53.17
CA ALA D 353 1.84 3.63 53.19
C ALA D 353 0.99 3.19 54.37
N ALA D 354 1.07 3.92 55.50
CA ALA D 354 0.25 3.59 56.66
C ALA D 354 -1.22 3.84 56.36
N ILE D 355 -1.53 5.06 55.87
CA ILE D 355 -2.87 5.41 55.44
C ILE D 355 -3.41 4.38 54.46
N ALA D 356 -2.62 4.06 53.44
CA ALA D 356 -3.07 3.17 52.38
C ALA D 356 -3.42 1.80 52.94
N ALA D 357 -2.51 1.21 53.73
CA ALA D 357 -2.72 -0.15 54.22
C ALA D 357 -3.92 -0.23 55.14
N HIS D 358 -4.08 0.75 56.03
CA HIS D 358 -5.15 0.70 57.02
C HIS D 358 -6.47 1.18 56.45
N ALA D 359 -6.46 2.20 55.59
CA ALA D 359 -7.70 2.54 54.90
C ALA D 359 -8.21 1.36 54.09
N ALA D 360 -7.30 0.55 53.55
CA ALA D 360 -7.70 -0.55 52.68
C ALA D 360 -8.52 -1.57 53.45
N ASN D 361 -7.98 -2.08 54.56
CA ASN D 361 -8.71 -3.17 55.17
C ASN D 361 -9.82 -2.70 56.10
N PHE D 362 -9.87 -1.41 56.45
CA PHE D 362 -11.08 -0.90 57.07
C PHE D 362 -12.18 -0.72 56.03
N ARG D 363 -11.82 -0.25 54.84
CA ARG D 363 -12.76 -0.22 53.73
C ARG D 363 -13.29 -1.61 53.40
N GLN D 364 -12.44 -2.63 53.52
CA GLN D 364 -12.88 -3.99 53.22
C GLN D 364 -13.86 -4.52 54.25
N LEU D 365 -13.59 -4.26 55.53
CA LEU D 365 -14.31 -4.92 56.62
C LEU D 365 -15.44 -4.10 57.21
N ALA D 366 -15.42 -2.77 57.10
CA ALA D 366 -16.53 -1.94 57.59
C ALA D 366 -17.91 -2.41 57.09
N PRO D 367 -18.13 -2.69 55.80
CA PRO D 367 -19.46 -3.17 55.38
C PRO D 367 -19.79 -4.56 55.90
N LEU D 368 -18.82 -5.26 56.47
CA LEU D 368 -18.98 -6.62 56.98
C LEU D 368 -18.95 -6.70 58.50
N GLN D 369 -18.85 -5.57 59.22
CA GLN D 369 -18.49 -5.65 60.64
C GLN D 369 -19.59 -6.29 61.48
N ARG D 370 -20.86 -5.99 61.18
CA ARG D 370 -21.94 -6.64 61.92
C ARG D 370 -21.90 -8.16 61.74
N LEU D 371 -21.69 -8.61 60.50
CA LEU D 371 -21.64 -10.04 60.23
C LEU D 371 -20.44 -10.68 60.92
N ILE D 372 -19.31 -9.98 60.92
CA ILE D 372 -18.09 -10.51 61.54
C ILE D 372 -18.23 -10.54 63.05
N ALA D 373 -18.79 -9.47 63.64
CA ALA D 373 -18.96 -9.43 65.09
C ALA D 373 -19.86 -10.55 65.57
N GLN D 374 -20.96 -10.79 64.85
CA GLN D 374 -21.89 -11.85 65.25
C GLN D 374 -21.25 -13.22 65.06
N ALA D 375 -20.58 -13.43 63.93
CA ALA D 375 -19.89 -14.69 63.72
C ALA D 375 -18.84 -14.93 64.80
N ASN D 376 -18.23 -13.85 65.31
CA ASN D 376 -17.20 -13.99 66.33
C ASN D 376 -17.80 -14.42 67.67
N LEU D 377 -18.90 -13.79 68.08
CA LEU D 377 -19.61 -14.22 69.29
C LEU D 377 -20.12 -15.65 69.17
N ASP D 378 -20.51 -16.08 67.97
CA ASP D 378 -21.06 -17.41 67.79
C ASP D 378 -19.99 -18.47 67.64
N GLY D 379 -18.71 -18.08 67.60
CA GLY D 379 -17.67 -19.05 67.42
C GLY D 379 -17.55 -19.59 66.00
N ARG D 380 -18.05 -18.85 65.01
CA ARG D 380 -18.04 -19.26 63.61
C ARG D 380 -17.01 -18.50 62.78
N LEU D 381 -16.18 -17.66 63.41
CA LEU D 381 -15.23 -16.82 62.69
C LEU D 381 -13.81 -17.32 62.94
N GLN D 382 -13.05 -17.48 61.86
CA GLN D 382 -11.62 -17.74 61.95
C GLN D 382 -10.89 -16.77 61.02
N ALA D 383 -9.74 -16.28 61.47
CA ALA D 383 -8.95 -15.31 60.73
C ALA D 383 -7.49 -15.44 61.12
N VAL D 384 -6.60 -14.95 60.25
CA VAL D 384 -5.20 -15.30 60.31
C VAL D 384 -4.37 -14.18 59.69
N ALA D 385 -3.18 -13.97 60.25
CA ALA D 385 -2.16 -13.10 59.69
C ALA D 385 -0.98 -13.95 59.25
N GLU D 386 -0.28 -13.49 58.21
CA GLU D 386 0.86 -14.24 57.71
C GLU D 386 2.01 -14.23 58.71
N GLN D 387 2.63 -15.40 58.90
CA GLN D 387 3.81 -15.51 59.75
C GLN D 387 5.03 -15.75 58.88
N PRO D 388 6.13 -15.03 59.12
CA PRO D 388 7.29 -15.12 58.22
C PRO D 388 7.85 -16.52 58.01
N GLY D 389 8.04 -17.30 59.05
CA GLY D 389 8.64 -18.59 58.77
C GLY D 389 7.69 -19.70 58.38
N ALA D 390 6.39 -19.47 58.41
CA ALA D 390 5.39 -20.52 58.27
C ALA D 390 4.26 -20.00 57.39
N PRO D 391 4.42 -20.05 56.07
CA PRO D 391 3.45 -19.39 55.19
C PRO D 391 2.24 -20.25 54.85
N GLN D 392 1.87 -21.20 55.70
CA GLN D 392 0.67 -21.99 55.51
C GLN D 392 -0.09 -22.12 56.82
N ARG D 393 -1.42 -22.19 56.71
CA ARG D 393 -2.29 -22.38 57.85
C ARG D 393 -3.45 -23.27 57.44
N THR D 394 -3.99 -24.02 58.39
CA THR D 394 -5.16 -24.86 58.15
C THR D 394 -6.26 -24.44 59.11
N LEU D 395 -7.42 -24.08 58.56
CA LEU D 395 -8.61 -23.73 59.32
C LEU D 395 -9.62 -24.87 59.20
N ARG D 396 -10.14 -25.33 60.33
CA ARG D 396 -11.01 -26.50 60.37
C ARG D 396 -12.44 -26.07 60.64
N PHE D 397 -13.37 -26.64 59.87
CA PHE D 397 -14.79 -26.33 59.97
C PHE D 397 -15.57 -27.63 59.97
N GLY D 398 -15.22 -28.52 60.90
CA GLY D 398 -15.78 -29.84 60.94
C GLY D 398 -15.47 -30.62 59.68
N ASP D 399 -16.51 -30.96 58.92
CA ASP D 399 -16.34 -31.79 57.75
C ASP D 399 -15.42 -31.14 56.71
N TRP D 400 -15.26 -29.82 56.78
CA TRP D 400 -14.49 -29.08 55.80
C TRP D 400 -13.27 -28.43 56.46
N GLU D 401 -12.25 -28.22 55.64
CA GLU D 401 -11.03 -27.52 56.03
C GLU D 401 -10.63 -26.53 54.95
N ALA D 402 -10.02 -25.43 55.37
CA ALA D 402 -9.49 -24.43 54.46
C ALA D 402 -7.97 -24.37 54.60
N LYS D 403 -7.26 -24.45 53.48
CA LYS D 403 -5.81 -24.36 53.44
C LYS D 403 -5.40 -22.99 52.93
N VAL D 404 -4.76 -22.20 53.79
CA VAL D 404 -4.37 -20.83 53.47
C VAL D 404 -2.88 -20.82 53.14
N SER D 405 -2.54 -20.30 51.96
CA SER D 405 -1.17 -20.17 51.51
C SER D 405 -0.84 -18.72 51.21
N PHE D 406 0.38 -18.31 51.58
CA PHE D 406 0.89 -16.98 51.34
C PHE D 406 2.09 -17.07 50.42
N GLY D 407 2.16 -16.17 49.44
CA GLY D 407 3.27 -16.17 48.52
C GLY D 407 3.07 -17.02 47.28
N ALA D 408 1.89 -17.64 47.13
CA ALA D 408 1.55 -18.30 45.89
C ALA D 408 1.29 -17.27 44.81
N PRO D 409 1.46 -17.64 43.54
CA PRO D 409 1.09 -16.72 42.46
C PRO D 409 -0.41 -16.49 42.42
N LEU D 410 -0.80 -15.35 41.84
CA LEU D 410 -2.22 -15.03 41.76
C LEU D 410 -2.96 -16.06 40.91
N TRP D 411 -2.26 -16.71 39.99
CA TRP D 411 -2.81 -17.79 39.19
C TRP D 411 -1.73 -18.84 38.97
N GLY D 412 -2.12 -20.11 38.96
CA GLY D 412 -1.21 -21.19 38.63
C GLY D 412 -0.72 -21.95 39.84
N ASP D 413 0.09 -22.95 39.56
CA ASP D 413 0.58 -23.86 40.59
C ASP D 413 1.38 -23.10 41.64
N ALA D 414 1.12 -23.40 42.90
CA ALA D 414 2.03 -22.99 43.96
C ALA D 414 3.36 -23.69 43.75
N PRO D 415 4.47 -23.04 44.11
CA PRO D 415 5.76 -23.74 44.06
C PRO D 415 5.84 -24.85 45.10
N ALA D 416 6.81 -25.74 44.88
CA ALA D 416 7.10 -26.81 45.84
C ALA D 416 7.22 -26.25 47.26
N ILE D 417 7.94 -25.16 47.43
CA ILE D 417 8.11 -24.49 48.71
C ILE D 417 7.48 -23.12 48.60
N LEU D 418 6.56 -22.81 49.51
CA LEU D 418 5.94 -21.51 49.49
C LEU D 418 6.90 -20.47 50.09
N PRO D 419 7.13 -19.35 49.42
CA PRO D 419 8.09 -18.34 49.91
C PRO D 419 7.48 -17.22 50.74
N GLY D 420 6.18 -17.23 51.00
CA GLY D 420 5.55 -16.10 51.66
C GLY D 420 5.51 -14.86 50.78
N ASN D 421 4.80 -13.82 51.23
CA ASN D 421 4.86 -12.51 50.59
C ASN D 421 6.11 -11.79 51.05
N ASP D 422 6.68 -10.97 50.15
CA ASP D 422 7.94 -10.28 50.45
C ASP D 422 7.77 -9.31 51.61
N ASP D 423 6.61 -8.69 51.72
CA ASP D 423 6.32 -7.78 52.82
C ASP D 423 5.46 -8.42 53.90
N HIS D 424 5.27 -9.75 53.83
CA HIS D 424 4.52 -10.52 54.83
C HIS D 424 3.15 -9.90 55.10
N ALA D 425 2.54 -9.30 54.08
CA ALA D 425 1.29 -8.58 54.24
C ALA D 425 0.06 -9.47 54.10
N GLY D 426 0.21 -10.79 54.18
CA GLY D 426 -0.92 -11.67 53.95
C GLY D 426 -1.84 -11.74 55.16
N ARG D 427 -3.14 -11.77 54.88
CA ARG D 427 -4.16 -12.02 55.88
C ARG D 427 -5.39 -12.53 55.17
N LEU D 428 -6.18 -13.35 55.86
CA LEU D 428 -7.42 -13.90 55.33
C LEU D 428 -8.38 -14.20 56.47
N LEU D 429 -9.66 -13.95 56.23
CA LEU D 429 -10.74 -14.16 57.20
C LEU D 429 -11.78 -15.11 56.60
N VAL D 430 -12.28 -16.04 57.41
CA VAL D 430 -13.34 -16.96 56.98
C VAL D 430 -14.44 -16.95 58.03
N ALA D 431 -15.63 -16.52 57.64
CA ALA D 431 -16.84 -16.62 58.47
C ALA D 431 -17.72 -17.73 57.93
N GLN D 432 -18.08 -18.68 58.79
CA GLN D 432 -18.97 -19.77 58.43
C GLN D 432 -20.43 -19.30 58.55
N LEU D 433 -21.10 -19.18 57.40
CA LEU D 433 -22.48 -18.70 57.33
C LEU D 433 -23.50 -19.81 57.48
N GLY D 434 -23.21 -20.99 56.94
CA GLY D 434 -24.05 -22.15 57.09
C GLY D 434 -23.22 -23.41 57.08
N PRO D 435 -23.88 -24.57 57.18
CA PRO D 435 -23.12 -25.82 57.24
C PRO D 435 -22.23 -26.03 56.03
N GLU D 436 -22.57 -25.43 54.87
CA GLU D 436 -21.70 -25.53 53.70
C GLU D 436 -21.51 -24.19 52.99
N GLU D 437 -21.69 -23.06 53.68
CA GLU D 437 -21.50 -21.75 53.08
C GLU D 437 -20.44 -20.99 53.86
N PHE D 438 -19.64 -20.18 53.15
CA PHE D 438 -18.55 -19.44 53.78
C PHE D 438 -18.42 -18.06 53.16
N LEU D 439 -18.00 -17.11 53.99
CA LEU D 439 -17.62 -15.78 53.55
C LEU D 439 -16.11 -15.65 53.73
N VAL D 440 -15.42 -15.19 52.69
CA VAL D 440 -13.95 -15.14 52.68
C VAL D 440 -13.49 -13.80 52.14
N THR D 441 -12.51 -13.19 52.82
CA THR D 441 -11.84 -12.00 52.31
C THR D 441 -10.47 -11.87 52.96
N GLY D 442 -9.62 -11.06 52.35
CA GLY D 442 -8.30 -10.81 52.90
C GLY D 442 -7.43 -10.02 51.95
N THR D 443 -6.11 -10.18 52.12
CA THR D 443 -5.11 -9.55 51.28
C THR D 443 -3.95 -10.51 51.08
N ALA D 444 -3.48 -10.61 49.84
CA ALA D 444 -2.25 -11.34 49.51
C ALA D 444 -2.26 -12.77 50.02
N ALA D 445 -3.29 -13.52 49.62
CA ALA D 445 -3.50 -14.86 50.17
C ALA D 445 -4.22 -15.75 49.18
N ARG D 446 -3.94 -17.06 49.28
CA ARG D 446 -4.65 -18.11 48.56
C ARG D 446 -5.31 -19.05 49.56
N ILE D 447 -6.56 -19.45 49.28
CA ILE D 447 -7.29 -20.40 50.11
C ILE D 447 -7.90 -21.47 49.23
N GLU D 448 -7.81 -22.72 49.68
CA GLU D 448 -8.43 -23.88 49.05
C GLU D 448 -9.20 -24.67 50.10
N PHE D 449 -10.41 -25.08 49.75
CA PHE D 449 -11.25 -25.85 50.67
C PHE D 449 -11.16 -27.34 50.35
N PHE D 450 -11.23 -28.15 51.41
CA PHE D 450 -11.12 -29.61 51.29
C PHE D 450 -12.10 -30.29 52.24
N ARG D 451 -12.66 -31.40 51.78
CA ARG D 451 -13.62 -32.18 52.54
C ARG D 451 -12.98 -33.51 52.93
N SER D 452 -13.12 -33.87 54.21
CA SER D 452 -12.85 -35.23 54.66
C SER D 452 -14.17 -35.91 55.02
N ALA D 453 -14.79 -35.49 56.14
CA ALA D 453 -16.15 -35.82 56.56
C ALA D 453 -16.32 -37.29 56.90
N ALA D 454 -15.40 -38.11 56.39
CA ALA D 454 -15.41 -39.56 56.60
C ALA D 454 -16.73 -40.16 56.12
N ASP D 455 -17.29 -39.51 55.11
CA ASP D 455 -18.23 -40.15 54.21
C ASP D 455 -17.43 -41.01 53.22
N THR D 456 -18.13 -41.65 52.30
CA THR D 456 -17.52 -42.02 51.03
C THR D 456 -17.73 -40.92 49.99
N ARG D 457 -18.26 -39.77 50.41
CA ARG D 457 -18.59 -38.69 49.51
C ARG D 457 -17.34 -37.86 49.20
N HIS D 458 -17.39 -37.15 48.07
CA HIS D 458 -16.32 -36.27 47.64
C HIS D 458 -16.80 -34.83 47.70
N GLY D 459 -15.91 -33.94 48.12
CA GLY D 459 -16.28 -32.52 48.19
C GLY D 459 -16.13 -31.85 46.84
N GLN D 460 -16.94 -30.80 46.64
CA GLN D 460 -16.87 -30.04 45.41
C GLN D 460 -17.38 -28.63 45.64
N LEU D 461 -16.93 -27.73 44.77
CA LEU D 461 -17.37 -26.34 44.73
C LEU D 461 -18.66 -26.23 43.92
N LEU D 462 -19.67 -25.58 44.48
CA LEU D 462 -20.91 -25.40 43.74
C LEU D 462 -21.04 -24.00 43.16
N GLN D 463 -20.80 -22.97 43.97
CA GLN D 463 -21.06 -21.60 43.58
C GLN D 463 -20.16 -20.68 44.38
N VAL D 464 -19.46 -19.78 43.69
CA VAL D 464 -18.60 -18.77 44.33
C VAL D 464 -19.02 -17.41 43.80
N GLU D 465 -19.64 -16.61 44.65
CA GLU D 465 -20.09 -15.28 44.26
C GLU D 465 -19.10 -14.24 44.76
N GLN D 466 -18.67 -13.37 43.86
CA GLN D 466 -17.88 -12.19 44.22
C GLN D 466 -18.80 -10.98 44.21
N GLY D 467 -18.75 -10.20 45.28
CA GLY D 467 -19.62 -9.04 45.39
C GLY D 467 -19.33 -8.25 46.63
N ARG D 468 -20.25 -7.37 46.99
CA ARG D 468 -20.10 -6.47 48.12
C ARG D 468 -21.40 -6.45 48.92
N TYR D 469 -21.30 -5.97 50.16
CA TYR D 469 -22.47 -5.66 50.97
C TYR D 469 -22.73 -4.15 50.85
N VAL D 470 -23.95 -3.79 50.46
CA VAL D 470 -24.36 -2.40 50.32
C VAL D 470 -25.55 -2.19 51.25
N ASP D 471 -25.30 -1.50 52.37
CA ASP D 471 -26.33 -1.23 53.38
C ASP D 471 -26.84 -2.50 54.04
N GLY D 472 -26.02 -3.54 54.11
CA GLY D 472 -26.44 -4.82 54.64
C GLY D 472 -27.00 -5.77 53.62
N ARG D 473 -26.96 -5.43 52.33
CA ARG D 473 -27.52 -6.20 51.24
C ARG D 473 -26.39 -6.79 50.40
N TRP D 474 -26.46 -8.09 50.10
CA TRP D 474 -25.46 -8.71 49.25
C TRP D 474 -25.73 -8.37 47.80
N GLN D 475 -24.69 -7.92 47.10
CA GLN D 475 -24.77 -7.49 45.71
C GLN D 475 -23.75 -8.27 44.90
N MET D 476 -24.21 -9.30 44.19
CA MET D 476 -23.34 -10.11 43.35
C MET D 476 -22.80 -9.29 42.18
N GLU D 477 -21.48 -9.31 41.99
CA GLU D 477 -20.84 -8.71 40.82
C GLU D 477 -20.62 -9.76 39.73
N ARG D 478 -20.09 -10.92 40.11
CA ARG D 478 -19.75 -11.99 39.18
C ARG D 478 -19.71 -13.29 39.97
N GLN D 479 -19.58 -14.41 39.24
CA GLN D 479 -19.34 -15.72 39.84
C GLN D 479 -17.98 -16.23 39.39
N LEU D 480 -17.23 -16.82 40.30
CA LEU D 480 -15.86 -17.23 40.03
C LEU D 480 -15.82 -18.71 39.73
N ASN D 481 -15.11 -19.07 38.66
CA ASN D 481 -15.00 -20.44 38.17
C ASN D 481 -13.88 -20.43 37.14
N GLY D 482 -13.53 -21.63 36.66
CA GLY D 482 -12.50 -21.74 35.65
C GLY D 482 -11.16 -21.31 36.22
N ASP D 483 -10.51 -20.38 35.51
CA ASP D 483 -9.21 -19.86 35.96
C ASP D 483 -9.29 -19.28 37.37
N GLN D 484 -10.37 -18.57 37.68
CA GLN D 484 -10.48 -17.91 38.98
C GLN D 484 -10.72 -18.89 40.13
N THR D 485 -10.77 -20.19 39.82
CA THR D 485 -11.13 -21.21 40.78
C THR D 485 -10.21 -22.42 40.71
N ASP D 486 -9.43 -22.57 39.63
CA ASP D 486 -8.61 -23.75 39.39
C ASP D 486 -7.49 -23.90 40.40
N TYR D 487 -7.01 -22.80 40.97
CA TYR D 487 -5.86 -22.82 41.86
C TYR D 487 -6.21 -22.06 43.13
N GLY D 488 -7.23 -22.53 43.81
CA GLY D 488 -7.72 -21.84 44.99
C GLY D 488 -8.42 -20.55 44.63
N LEU D 489 -8.93 -19.89 45.66
CA LEU D 489 -9.36 -18.51 45.57
C LEU D 489 -8.19 -17.61 45.95
N ASN D 490 -7.98 -16.55 45.17
CA ASN D 490 -6.76 -15.78 45.29
C ASN D 490 -7.10 -14.31 45.51
N PHE D 491 -6.53 -13.75 46.58
CA PHE D 491 -6.69 -12.35 46.93
C PHE D 491 -5.38 -11.62 46.72
N GLY D 492 -5.45 -10.49 46.02
CA GLY D 492 -4.24 -9.77 45.70
C GLY D 492 -4.05 -8.53 46.54
N ARG D 493 -3.90 -7.40 45.87
CA ARG D 493 -3.59 -6.15 46.52
C ARG D 493 -4.69 -5.14 46.21
N THR D 494 -4.68 -4.07 46.98
CA THR D 494 -5.52 -2.92 46.67
C THR D 494 -4.99 -2.24 45.43
N ASP D 495 -5.89 -1.84 44.53
CA ASP D 495 -5.44 -1.01 43.42
C ASP D 495 -5.21 0.42 43.88
N ALA D 496 -4.46 1.18 43.07
CA ALA D 496 -4.12 2.55 43.44
C ALA D 496 -5.36 3.40 43.65
N ALA D 497 -6.46 3.07 42.99
CA ALA D 497 -7.76 3.69 43.16
C ALA D 497 -8.44 3.34 44.52
N GLY D 498 -7.74 2.73 45.49
CA GLY D 498 -8.27 2.49 46.81
C GLY D 498 -9.15 1.25 46.99
N GLN D 499 -9.42 0.49 45.92
CA GLN D 499 -10.35 -0.63 46.01
C GLN D 499 -9.69 -1.88 46.57
N PRO D 500 -10.13 -2.39 47.71
CA PRO D 500 -9.47 -3.54 48.34
C PRO D 500 -9.81 -4.84 47.63
N PRO D 501 -9.11 -5.93 47.94
CA PRO D 501 -9.43 -7.23 47.33
C PRO D 501 -10.89 -7.62 47.62
N PRO D 502 -11.45 -8.56 46.87
CA PRO D 502 -12.90 -8.76 46.89
C PRO D 502 -13.37 -9.54 48.12
N VAL D 503 -14.70 -9.63 48.23
CA VAL D 503 -15.37 -10.45 49.24
C VAL D 503 -16.11 -11.56 48.51
N LEU D 504 -15.92 -12.80 48.97
CA LEU D 504 -16.42 -13.99 48.29
C LEU D 504 -17.37 -14.76 49.19
N ARG D 505 -18.52 -15.15 48.63
CA ARG D 505 -19.44 -16.09 49.27
C ARG D 505 -19.25 -17.45 48.62
N VAL D 506 -18.91 -18.46 49.43
CA VAL D 506 -18.44 -19.74 48.92
C VAL D 506 -19.38 -20.83 49.41
N ARG D 507 -20.05 -21.48 48.47
CA ARG D 507 -20.99 -22.57 48.76
C ARG D 507 -20.38 -23.87 48.27
N VAL D 508 -20.34 -24.88 49.14
CA VAL D 508 -19.77 -26.16 48.75
C VAL D 508 -20.83 -27.26 48.82
N GLY D 509 -20.42 -28.47 48.46
CA GLY D 509 -21.31 -29.60 48.46
C GLY D 509 -20.53 -30.88 48.27
N SER D 510 -21.25 -31.98 48.06
CA SER D 510 -20.67 -33.30 47.99
C SER D 510 -21.38 -34.13 46.94
N TYR D 511 -20.73 -35.22 46.55
CA TYR D 511 -21.32 -36.19 45.63
C TYR D 511 -20.76 -37.59 45.88
N GLU E 2 -7.02 -51.62 -30.24
CA GLU E 2 -7.47 -51.19 -31.57
C GLU E 2 -7.87 -49.71 -31.58
N GLU E 3 -8.50 -49.25 -32.67
CA GLU E 3 -8.81 -47.84 -32.84
C GLU E 3 -9.73 -47.32 -31.73
N LEU E 4 -9.53 -46.05 -31.39
CA LEU E 4 -10.41 -45.39 -30.45
C LEU E 4 -11.81 -45.26 -31.05
N PRO E 5 -12.87 -45.53 -30.28
CA PRO E 5 -14.22 -45.33 -30.80
C PRO E 5 -14.40 -43.87 -31.20
N ARG E 6 -15.14 -43.64 -32.27
CA ARG E 6 -15.11 -42.33 -32.89
C ARG E 6 -16.39 -42.09 -33.67
N PHE E 7 -16.94 -40.90 -33.53
CA PHE E 7 -18.14 -40.51 -34.28
C PHE E 7 -17.73 -39.88 -35.60
N PHE E 8 -18.41 -40.26 -36.67
CA PHE E 8 -18.00 -39.94 -38.03
C PHE E 8 -19.17 -39.35 -38.81
N THR E 9 -18.88 -38.32 -39.60
CA THR E 9 -19.85 -37.68 -40.47
C THR E 9 -19.26 -37.53 -41.86
N GLN E 10 -20.02 -37.92 -42.87
CA GLN E 10 -19.57 -37.92 -44.27
C GLN E 10 -20.78 -37.71 -45.16
N ASN E 11 -20.78 -36.62 -45.92
CA ASN E 11 -21.83 -36.33 -46.91
C ASN E 11 -23.21 -36.22 -46.25
N GLY E 12 -23.27 -35.62 -45.06
CA GLY E 12 -24.53 -35.60 -44.33
C GLY E 12 -25.03 -36.96 -43.88
N ARG E 13 -24.18 -37.99 -43.89
CA ARG E 13 -24.49 -39.28 -43.29
C ARG E 13 -23.51 -39.53 -42.15
N HIS E 14 -23.95 -40.28 -41.15
CA HIS E 14 -23.20 -40.43 -39.91
C HIS E 14 -22.99 -41.90 -39.61
N ALA E 15 -22.00 -42.19 -38.76
CA ALA E 15 -21.80 -43.54 -38.26
C ALA E 15 -20.98 -43.48 -36.99
N LEU E 16 -21.23 -44.41 -36.08
CA LEU E 16 -20.38 -44.60 -34.91
C LEU E 16 -19.33 -45.64 -35.25
N LEU E 17 -18.06 -45.24 -35.22
CA LEU E 17 -16.96 -46.13 -35.58
C LEU E 17 -16.48 -46.84 -34.31
N VAL E 18 -16.65 -48.16 -34.27
CA VAL E 18 -16.16 -49.00 -33.19
C VAL E 18 -15.23 -50.04 -33.78
N ASP E 19 -14.01 -50.12 -33.23
CA ASP E 19 -12.98 -51.05 -33.70
C ASP E 19 -12.75 -50.91 -35.20
N GLY E 20 -12.80 -49.66 -35.68
CA GLY E 20 -12.45 -49.33 -37.05
C GLY E 20 -13.58 -49.34 -38.06
N ALA E 21 -14.78 -49.80 -37.71
CA ALA E 21 -15.87 -49.92 -38.67
C ALA E 21 -17.14 -49.33 -38.09
N PRO E 22 -18.14 -49.04 -38.93
CA PRO E 22 -19.43 -48.62 -38.39
C PRO E 22 -20.05 -49.67 -37.47
N TYR E 23 -20.78 -49.19 -36.46
CA TYR E 23 -21.35 -50.01 -35.39
C TYR E 23 -22.76 -49.53 -35.09
N THR E 24 -23.73 -50.46 -35.05
CA THR E 24 -25.11 -50.14 -34.69
C THR E 24 -25.30 -50.51 -33.23
N ILE E 25 -25.71 -49.54 -32.42
CA ILE E 25 -25.93 -49.75 -31.00
C ILE E 25 -27.32 -50.35 -30.78
N LEU E 26 -27.35 -51.59 -30.31
CA LEU E 26 -28.59 -52.24 -29.88
C LEU E 26 -28.54 -52.32 -28.36
N ALA E 27 -29.21 -51.37 -27.69
CA ALA E 27 -28.93 -51.06 -26.30
C ALA E 27 -30.13 -51.34 -25.40
N ALA E 28 -29.84 -51.68 -24.15
CA ALA E 28 -30.80 -51.78 -23.07
C ALA E 28 -30.23 -51.04 -21.87
N GLN E 29 -31.03 -50.18 -21.24
CA GLN E 29 -30.58 -49.38 -20.11
C GLN E 29 -31.13 -49.92 -18.79
N LEU E 30 -30.28 -49.87 -17.76
CA LEU E 30 -30.70 -50.25 -16.41
C LEU E 30 -31.56 -49.16 -15.80
N HIS E 31 -32.34 -49.55 -14.79
CA HIS E 31 -33.02 -48.53 -13.99
C HIS E 31 -32.00 -47.68 -13.26
N ASN E 32 -32.42 -46.45 -12.90
CA ASN E 32 -31.48 -45.46 -12.38
C ASN E 32 -30.68 -46.00 -11.18
N SER E 33 -31.33 -46.74 -10.29
CA SER E 33 -30.71 -47.16 -9.04
C SER E 33 -30.03 -48.51 -9.11
N SER E 34 -29.74 -49.02 -10.31
CA SER E 34 -29.28 -50.40 -10.45
C SER E 34 -27.78 -50.54 -10.66
N ALA E 35 -27.05 -49.43 -10.82
CA ALA E 35 -25.61 -49.47 -11.05
C ALA E 35 -24.85 -49.53 -9.72
N TRP E 36 -25.12 -50.61 -8.97
CA TRP E 36 -24.50 -50.91 -7.69
C TRP E 36 -24.01 -52.35 -7.67
N PRO E 37 -22.82 -52.59 -7.08
CA PRO E 37 -22.16 -53.91 -7.24
C PRO E 37 -23.02 -55.12 -6.89
N ALA E 38 -23.84 -55.05 -5.84
CA ALA E 38 -24.67 -56.19 -5.45
C ALA E 38 -25.85 -56.41 -6.39
N VAL E 39 -26.18 -55.44 -7.25
CA VAL E 39 -27.29 -55.55 -8.17
C VAL E 39 -26.86 -55.86 -9.60
N LEU E 40 -25.65 -55.45 -10.00
CA LEU E 40 -25.22 -55.52 -11.40
C LEU E 40 -25.29 -56.90 -12.04
N PRO E 41 -24.86 -57.99 -11.40
CA PRO E 41 -24.79 -59.29 -12.10
C PRO E 41 -26.17 -59.78 -12.57
N PRO E 42 -27.18 -59.86 -11.68
CA PRO E 42 -28.51 -60.21 -12.24
C PRO E 42 -29.07 -59.16 -13.18
N ALA E 43 -28.80 -57.88 -12.93
CA ALA E 43 -29.23 -56.84 -13.87
C ALA E 43 -28.61 -57.06 -15.25
N LEU E 44 -27.29 -57.19 -15.30
CA LEU E 44 -26.62 -57.37 -16.58
C LEU E 44 -26.99 -58.69 -17.23
N ASP E 45 -27.34 -59.71 -16.44
CA ASP E 45 -27.81 -60.95 -17.03
C ASP E 45 -29.09 -60.73 -17.84
N GLN E 46 -29.98 -59.89 -17.32
CA GLN E 46 -31.22 -59.58 -18.03
C GLN E 46 -30.96 -58.82 -19.32
N VAL E 47 -29.90 -58.01 -19.35
CA VAL E 47 -29.50 -57.38 -20.61
C VAL E 47 -29.13 -58.45 -21.63
N VAL E 48 -28.37 -59.47 -21.19
CA VAL E 48 -27.93 -60.52 -22.11
C VAL E 48 -29.12 -61.26 -22.68
N ALA E 49 -30.15 -61.48 -21.85
CA ALA E 49 -31.34 -62.20 -22.32
C ALA E 49 -32.12 -61.42 -23.38
N LEU E 50 -31.95 -60.09 -23.43
CA LEU E 50 -32.49 -59.24 -24.49
C LEU E 50 -31.61 -59.23 -25.74
N HIS E 51 -30.44 -59.86 -25.69
CA HIS E 51 -29.51 -59.94 -26.82
C HIS E 51 -29.08 -58.55 -27.30
N ALA E 52 -28.90 -57.63 -26.37
CA ALA E 52 -28.36 -56.32 -26.70
C ALA E 52 -26.84 -56.42 -26.82
N ASN E 53 -26.26 -55.56 -27.65
CA ASN E 53 -24.81 -55.48 -27.65
C ASN E 53 -24.28 -54.44 -26.68
N THR E 54 -25.14 -53.56 -26.17
CA THR E 54 -24.69 -52.50 -25.29
C THR E 54 -25.63 -52.35 -24.10
N VAL E 55 -25.04 -52.14 -22.93
CA VAL E 55 -25.77 -51.77 -21.72
C VAL E 55 -25.50 -50.29 -21.44
N GLU E 56 -26.57 -49.55 -21.17
CA GLU E 56 -26.49 -48.15 -20.74
C GLU E 56 -26.69 -48.13 -19.23
N ALA E 57 -25.73 -47.56 -18.51
CA ALA E 57 -25.75 -47.59 -17.05
C ALA E 57 -25.08 -46.35 -16.51
N PRO E 58 -25.53 -45.84 -15.37
CA PRO E 58 -25.04 -44.55 -14.86
C PRO E 58 -23.87 -44.66 -13.90
N VAL E 59 -23.02 -43.64 -13.94
CA VAL E 59 -22.02 -43.36 -12.91
C VAL E 59 -22.52 -42.17 -12.10
N TYR E 60 -22.70 -42.39 -10.80
CA TYR E 60 -23.27 -41.36 -9.92
C TYR E 60 -22.16 -40.46 -9.37
N TRP E 61 -22.23 -39.17 -9.68
CA TRP E 61 -21.27 -38.23 -9.11
C TRP E 61 -21.26 -38.33 -7.58
N GLU E 62 -22.45 -38.43 -6.98
CA GLU E 62 -22.67 -38.76 -5.57
C GLU E 62 -21.67 -39.74 -4.99
N GLN E 63 -21.51 -40.90 -5.63
CA GLN E 63 -20.65 -41.93 -5.08
C GLN E 63 -19.24 -41.84 -5.62
N PHE E 64 -19.05 -41.20 -6.78
CA PHE E 64 -17.76 -41.18 -7.44
C PHE E 64 -16.80 -40.19 -6.80
N GLU E 65 -17.30 -39.08 -6.27
CA GLU E 65 -16.51 -38.11 -5.52
C GLU E 65 -17.17 -37.91 -4.17
N PRO E 66 -17.05 -38.88 -3.26
CA PRO E 66 -17.70 -38.72 -1.95
C PRO E 66 -17.07 -37.63 -1.09
N ALA E 67 -15.85 -37.21 -1.38
CA ALA E 67 -15.24 -36.04 -0.75
C ALA E 67 -14.47 -35.28 -1.82
N PRO E 68 -14.35 -33.95 -1.69
CA PRO E 68 -13.69 -33.15 -2.73
C PRO E 68 -12.30 -33.65 -3.09
N GLY E 69 -12.14 -34.06 -4.34
CA GLY E 69 -10.85 -34.52 -4.82
C GLY E 69 -10.52 -35.96 -4.53
N ARG E 70 -11.32 -36.66 -3.74
CA ARG E 70 -11.14 -38.09 -3.55
C ARG E 70 -12.17 -38.85 -4.38
N PHE E 71 -11.71 -39.75 -5.22
CA PHE E 71 -12.55 -40.46 -6.17
C PHE E 71 -12.60 -41.94 -5.85
N ASP E 72 -13.78 -42.53 -6.02
CA ASP E 72 -14.05 -43.93 -5.74
C ASP E 72 -14.51 -44.60 -7.03
N THR E 73 -13.79 -45.61 -7.47
CA THR E 73 -14.07 -46.26 -8.74
C THR E 73 -14.76 -47.61 -8.58
N THR E 74 -15.14 -47.98 -7.35
CA THR E 74 -15.80 -49.25 -7.06
C THR E 74 -16.88 -49.61 -8.07
N ASN E 75 -17.85 -48.71 -8.23
CA ASN E 75 -19.00 -48.99 -9.09
C ASN E 75 -18.59 -49.03 -10.56
N VAL E 76 -17.87 -48.01 -11.04
CA VAL E 76 -17.53 -47.97 -12.46
C VAL E 76 -16.69 -49.18 -12.83
N ASP E 77 -15.85 -49.66 -11.91
CA ASP E 77 -15.05 -50.84 -12.20
C ASP E 77 -15.92 -52.09 -12.25
N ALA E 78 -16.92 -52.19 -11.37
CA ALA E 78 -17.80 -53.35 -11.40
C ALA E 78 -18.64 -53.38 -12.68
N LEU E 79 -19.05 -52.20 -13.16
CA LEU E 79 -19.84 -52.13 -14.38
C LEU E 79 -19.03 -52.54 -15.60
N ILE E 80 -17.78 -52.09 -15.70
CA ILE E 80 -16.95 -52.51 -16.81
C ILE E 80 -16.57 -53.99 -16.67
N ALA E 81 -16.25 -54.42 -15.44
CA ALA E 81 -15.93 -55.83 -15.22
C ALA E 81 -17.09 -56.73 -15.62
N GLY E 82 -18.30 -56.42 -15.13
CA GLY E 82 -19.46 -57.24 -15.46
C GLY E 82 -19.79 -57.23 -16.95
N ALA E 83 -19.50 -56.12 -17.64
CA ALA E 83 -19.79 -56.05 -19.06
C ALA E 83 -18.84 -56.91 -19.87
N ARG E 84 -17.53 -56.86 -19.55
CA ARG E 84 -16.55 -57.67 -20.25
C ARG E 84 -16.84 -59.15 -20.10
N LYS E 85 -17.23 -59.56 -18.88
CA LYS E 85 -17.55 -60.95 -18.62
C LYS E 85 -18.73 -61.42 -19.46
N ARG E 86 -19.65 -60.53 -19.82
CA ARG E 86 -20.89 -60.91 -20.50
C ARG E 86 -20.90 -60.52 -21.98
N GLY E 87 -19.77 -60.07 -22.53
CA GLY E 87 -19.66 -59.74 -23.93
C GLY E 87 -20.24 -58.39 -24.35
N LEU E 88 -20.55 -57.52 -23.40
CA LEU E 88 -21.23 -56.27 -23.68
C LEU E 88 -20.25 -55.12 -23.81
N ARG E 89 -20.54 -54.20 -24.73
CA ARG E 89 -19.99 -52.87 -24.75
C ARG E 89 -20.84 -51.97 -23.84
N VAL E 90 -20.27 -50.87 -23.37
CA VAL E 90 -20.93 -50.03 -22.38
C VAL E 90 -21.12 -48.62 -22.93
N ALA E 91 -22.31 -48.06 -22.68
CA ALA E 91 -22.60 -46.64 -22.87
C ALA E 91 -22.74 -46.01 -21.48
N LEU E 92 -21.71 -45.26 -21.06
CA LEU E 92 -21.62 -44.74 -19.70
C LEU E 92 -22.35 -43.40 -19.59
N LEU E 93 -23.20 -43.28 -18.58
CA LEU E 93 -24.04 -42.09 -18.36
C LEU E 93 -23.55 -41.35 -17.12
N TRP E 94 -23.07 -40.12 -17.31
CA TRP E 94 -22.50 -39.32 -16.24
C TRP E 94 -23.63 -38.54 -15.57
N PHE E 95 -24.11 -39.03 -14.43
CA PHE E 95 -25.15 -38.31 -13.68
C PHE E 95 -24.43 -37.22 -12.87
N GLY E 96 -24.17 -36.10 -13.55
CA GLY E 96 -23.45 -34.99 -12.95
C GLY E 96 -24.37 -33.91 -12.42
N SER E 97 -24.12 -32.65 -12.81
CA SER E 97 -24.94 -31.53 -12.34
C SER E 97 -26.42 -31.73 -12.64
N TRP E 98 -26.76 -32.45 -13.72
CA TRP E 98 -28.12 -32.55 -14.18
C TRP E 98 -28.53 -34.00 -14.38
N LYS E 99 -29.70 -34.34 -13.85
CA LYS E 99 -30.39 -35.58 -14.17
C LYS E 99 -31.87 -35.26 -14.10
N ASN E 100 -32.55 -35.36 -15.24
CA ASN E 100 -33.96 -34.98 -15.36
C ASN E 100 -34.17 -33.56 -14.85
N GLY E 101 -33.32 -32.64 -15.32
CA GLY E 101 -33.45 -31.24 -14.96
C GLY E 101 -33.05 -30.86 -13.55
N GLN E 102 -32.48 -31.78 -12.75
CA GLN E 102 -32.32 -31.53 -11.33
C GLN E 102 -30.97 -32.06 -10.84
N MET E 103 -30.63 -31.66 -9.61
CA MET E 103 -29.29 -31.81 -9.03
C MET E 103 -29.16 -32.97 -8.03
N HIS E 104 -30.05 -33.96 -8.08
CA HIS E 104 -30.11 -34.97 -7.02
C HIS E 104 -28.94 -35.95 -7.03
N TYR E 105 -28.14 -36.01 -8.09
CA TYR E 105 -26.98 -36.91 -8.07
C TYR E 105 -25.69 -36.19 -7.72
N VAL E 106 -25.77 -34.91 -7.43
CA VAL E 106 -24.62 -34.08 -7.03
C VAL E 106 -24.15 -34.50 -5.64
N PRO E 107 -22.85 -34.44 -5.34
CA PRO E 107 -22.37 -35.00 -4.07
C PRO E 107 -22.91 -34.26 -2.84
N GLU E 108 -22.88 -34.98 -1.71
CA GLU E 108 -23.44 -34.46 -0.49
C GLU E 108 -22.77 -33.14 -0.08
N TRP E 109 -21.44 -33.06 -0.24
CA TRP E 109 -20.72 -31.85 0.14
C TRP E 109 -21.02 -30.67 -0.77
N ILE E 110 -21.76 -30.88 -1.86
CA ILE E 110 -22.30 -29.76 -2.63
C ILE E 110 -23.73 -29.45 -2.19
N LYS E 111 -24.53 -30.47 -1.90
CA LYS E 111 -25.88 -30.25 -1.41
C LYS E 111 -25.87 -29.51 -0.08
N ARG E 112 -24.85 -29.77 0.76
CA ARG E 112 -24.74 -29.11 2.06
C ARG E 112 -24.33 -27.64 1.97
N ASP E 113 -23.80 -27.18 0.83
CA ASP E 113 -23.20 -25.85 0.74
C ASP E 113 -23.86 -25.06 -0.39
N GLU E 114 -25.11 -24.65 -0.18
CA GLU E 114 -25.79 -23.82 -1.19
C GLU E 114 -25.09 -22.49 -1.41
N ALA E 115 -24.31 -22.01 -0.44
CA ALA E 115 -23.67 -20.71 -0.57
C ALA E 115 -22.46 -20.77 -1.51
N THR E 116 -21.66 -21.83 -1.43
CA THR E 116 -20.56 -22.02 -2.38
C THR E 116 -21.08 -22.47 -3.74
N TYR E 117 -22.10 -23.33 -3.76
CA TYR E 117 -22.64 -23.96 -4.97
C TYR E 117 -24.10 -23.54 -5.11
N PRO E 118 -24.35 -22.33 -5.61
CA PRO E 118 -25.71 -21.78 -5.57
C PRO E 118 -26.67 -22.50 -6.49
N ARG E 119 -27.91 -22.63 -6.03
CA ARG E 119 -29.03 -23.15 -6.79
C ARG E 119 -29.70 -22.03 -7.58
N MET E 120 -30.40 -22.41 -8.63
CA MET E 120 -31.20 -21.45 -9.36
C MET E 120 -32.31 -20.88 -8.47
N ARG E 121 -32.71 -19.66 -8.76
CA ARG E 121 -33.84 -19.02 -8.10
C ARG E 121 -34.97 -18.85 -9.10
N ASP E 122 -36.19 -19.18 -8.68
CA ASP E 122 -37.35 -19.04 -9.56
C ASP E 122 -37.86 -17.60 -9.52
N ALA E 123 -38.90 -17.31 -10.30
CA ALA E 123 -39.41 -15.94 -10.40
C ALA E 123 -39.98 -15.44 -9.07
N ASN E 124 -40.19 -16.31 -8.10
CA ASN E 124 -40.61 -15.90 -6.77
C ASN E 124 -39.44 -15.70 -5.82
N GLY E 125 -38.21 -15.92 -6.29
CA GLY E 125 -37.04 -15.76 -5.45
C GLY E 125 -36.68 -16.98 -4.63
N GLU E 126 -37.39 -18.08 -4.79
CA GLU E 126 -37.30 -19.35 -4.07
C GLU E 126 -36.30 -20.29 -4.75
N PRO E 127 -35.56 -21.10 -4.01
CA PRO E 127 -34.62 -22.02 -4.65
C PRO E 127 -35.32 -23.20 -5.29
N VAL E 128 -34.70 -23.75 -6.34
CA VAL E 128 -35.17 -24.98 -6.96
C VAL E 128 -34.05 -26.01 -6.93
N ASP E 129 -34.39 -27.24 -7.31
CA ASP E 129 -33.43 -28.33 -7.25
C ASP E 129 -32.54 -28.38 -8.48
N VAL E 130 -31.98 -27.24 -8.85
CA VAL E 130 -31.12 -27.12 -10.03
C VAL E 130 -29.94 -26.23 -9.68
N LEU E 131 -28.72 -26.73 -9.92
CA LEU E 131 -27.55 -25.89 -9.71
C LEU E 131 -27.59 -24.70 -10.67
N SER E 132 -27.06 -23.57 -10.22
CA SER E 132 -27.07 -22.39 -11.08
C SER E 132 -26.07 -22.58 -12.22
N PRO E 133 -26.45 -22.29 -13.46
CA PRO E 133 -25.51 -22.39 -14.59
C PRO E 133 -24.67 -21.14 -14.80
N HIS E 134 -24.72 -20.19 -13.88
CA HIS E 134 -24.07 -18.89 -14.00
C HIS E 134 -22.99 -18.66 -12.96
N VAL E 135 -22.61 -19.67 -12.18
CA VAL E 135 -21.60 -19.52 -11.13
C VAL E 135 -20.46 -20.49 -11.41
N ALA E 136 -19.24 -19.96 -11.45
CA ALA E 136 -18.10 -20.75 -11.90
C ALA E 136 -17.85 -21.97 -11.03
N ALA E 137 -18.15 -21.88 -9.73
CA ALA E 137 -17.85 -23.00 -8.83
C ALA E 137 -18.57 -24.27 -9.25
N ASN E 138 -19.80 -24.15 -9.79
CA ASN E 138 -20.57 -25.33 -10.15
C ASN E 138 -20.01 -26.03 -11.38
N VAL E 139 -19.90 -25.32 -12.51
CA VAL E 139 -19.38 -25.94 -13.73
C VAL E 139 -17.96 -26.46 -13.51
N GLN E 140 -17.18 -25.80 -12.65
CA GLN E 140 -15.81 -26.26 -12.47
C GLN E 140 -15.74 -27.56 -11.69
N ALA E 141 -16.55 -27.69 -10.63
CA ALA E 141 -16.58 -28.94 -9.88
C ALA E 141 -17.05 -30.10 -10.75
N ASP E 142 -18.10 -29.88 -11.56
CA ASP E 142 -18.54 -30.87 -12.52
C ASP E 142 -17.43 -31.22 -13.51
N ALA E 143 -16.83 -30.19 -14.14
CA ALA E 143 -15.77 -30.42 -15.10
C ALA E 143 -14.60 -31.19 -14.49
N ARG E 144 -14.23 -30.85 -13.25
CA ARG E 144 -13.11 -31.49 -12.59
C ARG E 144 -13.39 -32.95 -12.29
N ALA E 145 -14.64 -33.27 -11.94
CA ALA E 145 -15.00 -34.65 -11.64
C ALA E 145 -15.09 -35.47 -12.91
N PHE E 146 -15.70 -34.92 -13.97
CA PHE E 146 -15.77 -35.64 -15.23
C PHE E 146 -14.38 -35.92 -15.79
N THR E 147 -13.47 -34.95 -15.67
CA THR E 147 -12.09 -35.16 -16.07
C THR E 147 -11.50 -36.39 -15.37
N ALA E 148 -11.66 -36.46 -14.05
CA ALA E 148 -11.13 -37.60 -13.31
C ALA E 148 -11.72 -38.91 -13.81
N LEU E 149 -13.02 -38.90 -14.12
CA LEU E 149 -13.68 -40.11 -14.61
C LEU E 149 -13.13 -40.50 -15.98
N MET E 150 -12.95 -39.53 -16.88
CA MET E 150 -12.40 -39.87 -18.19
C MET E 150 -10.94 -40.29 -18.07
N GLN E 151 -10.20 -39.69 -17.14
CA GLN E 151 -8.82 -40.13 -16.93
C GLN E 151 -8.77 -41.57 -16.46
N HIS E 152 -9.61 -41.93 -15.47
CA HIS E 152 -9.66 -43.31 -15.02
C HIS E 152 -10.08 -44.25 -16.15
N LEU E 153 -11.02 -43.82 -16.98
CA LEU E 153 -11.49 -44.66 -18.08
C LEU E 153 -10.36 -44.95 -19.06
N ARG E 154 -9.56 -43.93 -19.38
CA ARG E 154 -8.40 -44.16 -20.23
C ARG E 154 -7.45 -45.17 -19.61
N LYS E 155 -7.30 -45.14 -18.28
CA LYS E 155 -6.31 -45.99 -17.64
C LYS E 155 -6.71 -47.46 -17.70
N ILE E 156 -7.98 -47.78 -17.43
CA ILE E 156 -8.40 -49.17 -17.30
C ILE E 156 -9.05 -49.72 -18.56
N ASP E 157 -9.34 -48.87 -19.54
CA ASP E 157 -10.11 -49.26 -20.72
C ASP E 157 -9.55 -48.62 -21.99
N GLY E 158 -8.32 -48.11 -21.93
CA GLY E 158 -7.74 -47.42 -23.08
C GLY E 158 -7.43 -48.33 -24.25
N ASP E 159 -7.16 -49.62 -23.98
CA ASP E 159 -6.90 -50.60 -25.03
C ASP E 159 -8.15 -51.39 -25.40
N ARG E 160 -8.88 -51.87 -24.40
CA ARG E 160 -10.03 -52.74 -24.65
C ARG E 160 -11.18 -51.98 -25.30
N HIS E 161 -11.45 -50.75 -24.83
CA HIS E 161 -12.55 -49.91 -25.32
C HIS E 161 -13.91 -50.59 -25.07
N THR E 162 -14.07 -51.13 -23.86
CA THR E 162 -15.39 -51.64 -23.46
C THR E 162 -16.42 -50.51 -23.44
N VAL E 163 -16.07 -49.38 -22.84
CA VAL E 163 -16.89 -48.18 -22.94
C VAL E 163 -16.79 -47.62 -24.35
N ILE E 164 -17.94 -47.46 -25.00
CA ILE E 164 -17.99 -47.08 -26.41
C ILE E 164 -18.41 -45.62 -26.58
N VAL E 165 -19.32 -45.12 -25.74
CA VAL E 165 -19.81 -43.74 -25.82
C VAL E 165 -20.10 -43.29 -24.39
N VAL E 166 -20.11 -41.97 -24.18
CA VAL E 166 -20.35 -41.40 -22.86
C VAL E 166 -21.42 -40.32 -22.96
N GLN E 167 -22.42 -40.40 -22.08
CA GLN E 167 -23.48 -39.41 -22.01
C GLN E 167 -23.12 -38.40 -20.92
N VAL E 168 -23.08 -37.12 -21.29
CA VAL E 168 -22.65 -36.04 -20.40
C VAL E 168 -23.90 -35.41 -19.83
N GLU E 169 -24.10 -35.60 -18.51
CA GLU E 169 -25.34 -35.27 -17.83
C GLU E 169 -26.46 -36.18 -18.34
N ASN E 170 -27.68 -35.96 -17.85
CA ASN E 170 -28.82 -36.78 -18.24
C ASN E 170 -30.05 -35.90 -18.29
N GLU E 171 -30.60 -35.68 -19.47
CA GLU E 171 -31.75 -34.79 -19.71
C GLU E 171 -31.52 -33.45 -19.02
N PRO E 172 -30.51 -32.69 -19.40
CA PRO E 172 -30.22 -31.43 -18.73
C PRO E 172 -31.24 -30.36 -19.08
N GLY E 173 -31.14 -29.24 -18.37
CA GLY E 173 -32.15 -28.22 -18.34
C GLY E 173 -32.60 -27.97 -16.92
N ALA E 174 -33.58 -27.10 -16.78
CA ALA E 174 -34.00 -26.60 -15.47
C ALA E 174 -35.46 -26.97 -15.22
N ILE E 175 -35.71 -27.73 -14.16
CA ILE E 175 -37.05 -27.96 -13.67
C ILE E 175 -37.26 -27.05 -12.46
N GLY E 176 -38.36 -26.30 -12.46
CA GLY E 176 -38.70 -25.38 -11.39
C GLY E 176 -38.78 -23.93 -11.82
N THR E 177 -38.21 -23.60 -12.97
CA THR E 177 -38.13 -22.21 -13.43
C THR E 177 -37.65 -22.22 -14.88
N VAL E 178 -37.91 -21.13 -15.59
CA VAL E 178 -37.46 -21.02 -16.98
C VAL E 178 -36.00 -20.59 -17.04
N ARG E 179 -35.61 -19.63 -16.20
CA ARG E 179 -34.25 -19.13 -16.15
C ARG E 179 -33.91 -18.77 -14.70
N ASP E 180 -32.61 -18.58 -14.44
CA ASP E 180 -32.16 -18.24 -13.10
C ASP E 180 -32.46 -16.77 -12.76
N HIS E 181 -33.10 -16.54 -11.62
CA HIS E 181 -33.34 -15.18 -11.15
C HIS E 181 -32.40 -14.78 -10.02
N GLY E 182 -31.37 -15.58 -9.74
CA GLY E 182 -30.31 -15.20 -8.86
C GLY E 182 -29.53 -14.03 -9.44
N PRO E 183 -28.69 -13.38 -8.62
CA PRO E 183 -28.02 -12.17 -9.10
C PRO E 183 -27.20 -12.37 -10.37
N ALA E 184 -26.42 -13.46 -10.43
CA ALA E 184 -25.59 -13.68 -11.62
C ALA E 184 -26.44 -13.91 -12.87
N GLY E 185 -27.54 -14.65 -12.73
CA GLY E 185 -28.41 -14.89 -13.87
C GLY E 185 -29.14 -13.65 -14.34
N GLU E 186 -29.66 -12.85 -13.39
CA GLU E 186 -30.26 -11.57 -13.75
C GLU E 186 -29.26 -10.68 -14.45
N ALA E 187 -28.01 -10.67 -13.98
CA ALA E 187 -26.97 -9.89 -14.60
C ALA E 187 -26.76 -10.32 -16.05
N ALA E 188 -26.42 -11.59 -16.25
CA ALA E 188 -26.20 -12.10 -17.61
C ALA E 188 -27.40 -11.87 -18.51
N PHE E 189 -28.63 -11.94 -17.97
CA PHE E 189 -29.81 -11.76 -18.80
C PHE E 189 -29.97 -10.33 -19.28
N ALA E 190 -29.34 -9.36 -18.62
CA ALA E 190 -29.37 -7.97 -19.04
C ALA E 190 -28.21 -7.62 -19.97
N GLN E 191 -27.28 -8.55 -20.16
CA GLN E 191 -26.27 -8.45 -21.19
C GLN E 191 -26.87 -8.90 -22.53
N PRO E 192 -26.25 -8.52 -23.64
CA PRO E 192 -26.75 -8.93 -24.96
C PRO E 192 -26.34 -10.36 -25.27
N VAL E 193 -26.77 -10.84 -26.42
CA VAL E 193 -26.42 -12.18 -26.86
C VAL E 193 -24.95 -12.20 -27.29
N PRO E 194 -24.12 -13.13 -26.78
CA PRO E 194 -22.71 -13.24 -27.24
C PRO E 194 -22.61 -12.99 -28.74
N ALA E 195 -21.48 -12.51 -29.23
CA ALA E 195 -21.51 -12.26 -30.66
C ALA E 195 -21.55 -13.58 -31.46
N ALA E 196 -20.90 -14.65 -30.96
CA ALA E 196 -20.66 -15.85 -31.76
C ALA E 196 -21.95 -16.61 -32.01
N ILE E 197 -22.89 -16.55 -31.04
CA ILE E 197 -24.14 -17.31 -31.13
C ILE E 197 -25.09 -16.66 -32.11
N ALA E 198 -25.23 -15.34 -32.03
CA ALA E 198 -26.05 -14.64 -33.02
C ALA E 198 -25.45 -14.78 -34.41
N ALA E 199 -24.11 -14.78 -34.49
CA ALA E 199 -23.44 -15.08 -35.75
C ALA E 199 -23.81 -16.47 -36.25
N ALA E 200 -23.69 -17.48 -35.36
CA ALA E 200 -23.94 -18.86 -35.78
C ALA E 200 -25.40 -19.06 -36.19
N LEU E 201 -26.30 -18.26 -35.65
CA LEU E 201 -27.72 -18.32 -35.98
C LEU E 201 -28.11 -17.40 -37.13
N GLY E 202 -27.15 -16.68 -37.69
CA GLY E 202 -27.50 -15.74 -38.75
C GLY E 202 -28.41 -14.65 -38.24
N LYS E 203 -28.08 -14.10 -37.08
CA LYS E 203 -28.93 -13.08 -36.50
C LYS E 203 -28.15 -11.80 -36.28
N PRO E 204 -28.83 -10.65 -36.24
CA PRO E 204 -28.15 -9.41 -35.88
C PRO E 204 -27.84 -9.39 -34.39
N ALA E 205 -26.97 -8.44 -34.02
CA ALA E 205 -26.68 -8.23 -32.62
C ALA E 205 -27.89 -7.64 -31.92
N GLY E 206 -27.96 -7.85 -30.61
CA GLY E 206 -29.08 -7.32 -29.85
C GLY E 206 -29.28 -8.05 -28.56
N SER E 207 -30.43 -7.77 -27.93
CA SER E 207 -30.82 -8.36 -26.66
C SER E 207 -31.60 -9.65 -26.88
N TRP E 208 -31.68 -10.47 -25.82
CA TRP E 208 -32.36 -11.76 -25.92
C TRP E 208 -33.79 -11.61 -26.39
N GLN E 209 -34.45 -10.53 -25.96
CA GLN E 209 -35.84 -10.29 -26.34
C GLN E 209 -35.95 -9.89 -27.81
N GLN E 210 -34.94 -9.20 -28.33
CA GLN E 210 -34.98 -8.76 -29.72
C GLN E 210 -34.72 -9.91 -30.68
N LEU E 211 -33.88 -10.87 -30.29
CA LEU E 211 -33.52 -11.95 -31.20
C LEU E 211 -34.37 -13.20 -31.02
N PHE E 212 -35.09 -13.32 -29.90
CA PHE E 212 -35.84 -14.52 -29.61
C PHE E 212 -37.27 -14.25 -29.19
N GLY E 213 -37.66 -13.00 -28.98
CA GLY E 213 -39.05 -12.69 -28.68
C GLY E 213 -39.49 -13.29 -27.37
N ALA E 214 -40.70 -13.86 -27.38
CA ALA E 214 -41.25 -14.53 -26.20
C ALA E 214 -40.37 -15.65 -25.68
N GLU E 215 -39.44 -16.15 -26.48
CA GLU E 215 -38.57 -17.25 -26.06
C GLU E 215 -37.29 -16.77 -25.41
N ALA E 216 -37.20 -15.48 -25.07
CA ALA E 216 -35.94 -14.91 -24.57
C ALA E 216 -35.41 -15.71 -23.39
N ALA E 217 -36.24 -15.86 -22.35
CA ALA E 217 -35.78 -16.53 -21.14
C ALA E 217 -35.35 -17.97 -21.43
N GLU E 218 -36.14 -18.71 -22.20
CA GLU E 218 -35.83 -20.10 -22.48
C GLU E 218 -34.56 -20.22 -23.34
N ALA E 219 -34.46 -19.41 -24.39
CA ALA E 219 -33.24 -19.43 -25.21
C ALA E 219 -32.03 -19.06 -24.37
N PHE E 220 -32.21 -18.13 -23.42
CA PHE E 220 -31.14 -17.74 -22.51
C PHE E 220 -30.68 -18.91 -21.67
N ASN E 221 -31.63 -19.65 -21.07
CA ASN E 221 -31.20 -20.77 -20.22
C ASN E 221 -30.67 -21.91 -21.05
N ALA E 222 -31.14 -22.06 -22.29
CA ALA E 222 -30.57 -23.07 -23.17
C ALA E 222 -29.08 -22.79 -23.42
N HIS E 223 -28.76 -21.56 -23.81
CA HIS E 223 -27.36 -21.21 -24.01
C HIS E 223 -26.56 -21.44 -22.73
N ALA E 224 -27.06 -20.92 -21.60
CA ALA E 224 -26.36 -21.08 -20.34
C ALA E 224 -26.10 -22.56 -20.02
N THR E 225 -27.11 -23.41 -20.23
CA THR E 225 -26.97 -24.85 -19.97
C THR E 225 -25.94 -25.47 -20.91
N ALA E 226 -26.06 -25.18 -22.21
CA ALA E 226 -25.17 -25.80 -23.18
C ALA E 226 -23.73 -25.30 -23.05
N ALA E 227 -23.54 -24.03 -22.67
CA ALA E 227 -22.18 -23.54 -22.45
C ALA E 227 -21.55 -24.19 -21.22
N TYR E 228 -22.34 -24.35 -20.14
CA TYR E 228 -21.94 -25.12 -18.97
C TYR E 228 -21.52 -26.53 -19.36
N ILE E 229 -22.34 -27.22 -20.16
CA ILE E 229 -22.02 -28.59 -20.54
C ILE E 229 -20.83 -28.61 -21.50
N GLU E 230 -20.65 -27.58 -22.31
CA GLU E 230 -19.49 -27.51 -23.19
C GLU E 230 -18.19 -27.50 -22.39
N GLN E 231 -18.15 -26.75 -21.28
CA GLN E 231 -16.96 -26.75 -20.42
C GLN E 231 -16.68 -28.14 -19.85
N VAL E 232 -17.72 -28.85 -19.42
CA VAL E 232 -17.53 -30.18 -18.84
C VAL E 232 -17.08 -31.16 -19.91
N ALA E 233 -17.66 -31.06 -21.12
CA ALA E 233 -17.29 -32.01 -22.18
C ALA E 233 -15.90 -31.73 -22.72
N ALA E 234 -15.53 -30.45 -22.82
CA ALA E 234 -14.21 -30.11 -23.33
C ALA E 234 -13.12 -30.60 -22.38
N ALA E 235 -13.37 -30.50 -21.07
CA ALA E 235 -12.41 -31.05 -20.11
C ALA E 235 -12.30 -32.56 -20.26
N GLY E 236 -13.43 -33.23 -20.45
CA GLY E 236 -13.38 -34.66 -20.70
C GLY E 236 -12.71 -35.01 -22.02
N LYS E 237 -12.82 -34.14 -23.01
CA LYS E 237 -12.21 -34.47 -24.30
C LYS E 237 -10.68 -34.42 -24.21
N ARG E 238 -10.13 -33.61 -23.32
CA ARG E 238 -8.68 -33.54 -23.15
C ARG E 238 -8.12 -34.79 -22.50
N ALA E 239 -8.84 -35.36 -21.53
CA ALA E 239 -8.34 -36.55 -20.84
C ALA E 239 -8.48 -37.80 -21.71
N TYR E 240 -9.60 -37.96 -22.43
CA TYR E 240 -9.91 -39.20 -23.11
C TYR E 240 -11.05 -38.96 -24.10
N PRO E 241 -10.76 -38.70 -25.37
CA PRO E 241 -11.74 -38.10 -26.28
C PRO E 241 -12.68 -39.13 -26.93
N LEU E 242 -13.31 -39.96 -26.11
CA LEU E 242 -14.42 -40.83 -26.49
C LEU E 242 -15.55 -40.02 -27.12
N PRO E 243 -16.41 -40.64 -27.93
CA PRO E 243 -17.58 -39.91 -28.44
C PRO E 243 -18.51 -39.57 -27.29
N LEU E 244 -19.01 -38.34 -27.30
CA LEU E 244 -19.84 -37.79 -26.24
C LEU E 244 -21.20 -37.39 -26.78
N TYR E 245 -22.26 -37.63 -26.00
CA TYR E 245 -23.59 -37.22 -26.42
C TYR E 245 -24.40 -36.75 -25.22
N VAL E 246 -25.54 -36.11 -25.49
CA VAL E 246 -26.51 -35.75 -24.48
C VAL E 246 -27.88 -36.22 -24.95
N ASN E 247 -28.71 -36.63 -23.99
CA ASN E 247 -30.07 -37.08 -24.23
C ASN E 247 -31.04 -35.97 -23.82
N THR E 248 -32.25 -36.03 -24.37
CA THR E 248 -33.15 -34.89 -24.37
C THR E 248 -34.53 -35.26 -23.89
N TRP E 249 -34.92 -34.73 -22.74
CA TRP E 249 -36.33 -34.71 -22.35
C TRP E 249 -37.06 -33.71 -23.26
N LEU E 250 -37.89 -34.24 -24.15
CA LEU E 250 -38.31 -33.54 -25.35
C LEU E 250 -39.46 -32.59 -25.13
N ARG E 251 -39.52 -31.59 -26.00
CA ARG E 251 -40.73 -30.79 -26.20
C ARG E 251 -41.57 -31.53 -27.22
N TYR E 252 -42.45 -32.40 -26.75
CA TYR E 252 -43.28 -33.23 -27.62
C TYR E 252 -44.55 -33.58 -26.85
N LYS E 253 -45.47 -34.26 -27.53
CA LYS E 253 -46.71 -34.74 -26.92
C LYS E 253 -47.50 -33.59 -26.28
N GLY E 254 -47.51 -32.43 -26.92
CA GLY E 254 -48.24 -31.31 -26.34
C GLY E 254 -47.60 -30.67 -25.13
N LYS E 255 -46.36 -31.02 -24.78
CA LYS E 255 -45.65 -30.31 -23.73
C LYS E 255 -45.33 -28.89 -24.21
N ARG E 256 -45.67 -27.90 -23.40
CA ARG E 256 -45.54 -26.50 -23.81
C ARG E 256 -44.89 -25.61 -22.77
N TYR E 257 -44.71 -26.08 -21.53
CA TYR E 257 -44.29 -25.20 -20.44
C TYR E 257 -42.87 -25.51 -20.01
N PRO E 258 -41.85 -24.82 -20.53
CA PRO E 258 -40.47 -25.09 -20.12
C PRO E 258 -40.28 -24.73 -18.66
N GLY E 259 -39.76 -25.67 -17.89
CA GLY E 259 -39.62 -25.54 -16.46
C GLY E 259 -40.55 -26.46 -15.69
N MET E 260 -41.65 -26.89 -16.32
CA MET E 260 -42.55 -27.86 -15.69
C MET E 260 -42.91 -29.02 -16.61
N ASP E 261 -43.19 -28.77 -17.89
CA ASP E 261 -43.42 -29.85 -18.84
C ASP E 261 -42.12 -30.59 -19.16
N TYR E 262 -41.05 -29.84 -19.35
CA TYR E 262 -39.74 -30.35 -19.75
C TYR E 262 -38.69 -29.42 -19.21
N PRO E 263 -37.46 -29.90 -19.04
CA PRO E 263 -36.40 -29.03 -18.49
C PRO E 263 -36.14 -27.87 -19.41
N SER E 264 -36.39 -26.66 -18.90
CA SER E 264 -36.09 -25.46 -19.66
C SER E 264 -34.60 -25.40 -19.94
N GLY E 265 -34.24 -25.38 -21.21
CA GLY E 265 -32.84 -25.20 -21.58
C GLY E 265 -32.14 -26.42 -22.12
N GLY E 266 -32.81 -27.56 -22.21
CA GLY E 266 -32.19 -28.70 -22.84
C GLY E 266 -32.21 -28.56 -24.34
N ALA E 267 -31.58 -29.53 -25.02
CA ALA E 267 -31.50 -29.48 -26.47
C ALA E 267 -32.84 -29.80 -27.12
N THR E 268 -33.87 -29.01 -26.78
CA THR E 268 -35.19 -29.19 -27.37
C THR E 268 -35.23 -28.62 -28.79
N VAL E 269 -36.20 -29.09 -29.57
CA VAL E 269 -36.24 -28.78 -31.01
C VAL E 269 -36.33 -27.28 -31.25
N ASN E 270 -36.95 -26.54 -30.33
CA ASN E 270 -37.11 -25.09 -30.51
C ASN E 270 -35.84 -24.30 -30.21
N VAL E 271 -34.79 -24.93 -29.69
CA VAL E 271 -33.52 -24.23 -29.41
C VAL E 271 -32.36 -25.09 -29.89
N PHE E 272 -32.61 -26.00 -30.83
CA PHE E 272 -31.59 -26.98 -31.20
C PHE E 272 -30.35 -26.32 -31.78
N ALA E 273 -30.50 -25.47 -32.80
CA ALA E 273 -29.33 -24.89 -33.42
C ALA E 273 -28.56 -23.99 -32.45
N LEU E 274 -29.28 -23.32 -31.54
CA LEU E 274 -28.62 -22.53 -30.51
C LEU E 274 -27.82 -23.43 -29.59
N TRP E 275 -28.41 -24.55 -29.17
CA TRP E 275 -27.73 -25.47 -28.27
C TRP E 275 -26.47 -26.04 -28.89
N ARG E 276 -26.54 -26.43 -30.17
CA ARG E 276 -25.40 -27.10 -30.78
C ARG E 276 -24.26 -26.14 -31.07
N ALA E 277 -24.58 -24.89 -31.44
CA ALA E 277 -23.53 -23.93 -31.69
C ALA E 277 -22.64 -23.74 -30.46
N ALA E 278 -23.20 -23.85 -29.26
CA ALA E 278 -22.43 -23.68 -28.04
C ALA E 278 -21.77 -24.98 -27.55
N THR E 279 -21.84 -26.07 -28.31
CA THR E 279 -21.38 -27.37 -27.83
C THR E 279 -20.62 -28.13 -28.92
N PRO E 280 -19.45 -27.62 -29.34
CA PRO E 280 -18.64 -28.37 -30.31
C PRO E 280 -18.02 -29.62 -29.74
N SER E 281 -17.83 -29.69 -28.42
CA SER E 281 -17.27 -30.87 -27.77
C SER E 281 -18.31 -31.95 -27.53
N ILE E 282 -19.57 -31.72 -27.88
CA ILE E 282 -20.61 -32.75 -27.84
C ILE E 282 -20.85 -33.22 -29.27
N ASP E 283 -20.83 -34.54 -29.47
CA ASP E 283 -20.81 -35.05 -30.84
C ASP E 283 -22.22 -35.20 -31.42
N PHE E 284 -23.18 -35.70 -30.66
CA PHE E 284 -24.53 -35.85 -31.18
C PHE E 284 -25.53 -35.88 -30.02
N ILE E 285 -26.80 -35.72 -30.36
CA ILE E 285 -27.90 -35.62 -29.40
C ILE E 285 -28.78 -36.86 -29.51
N GLY E 286 -29.18 -37.42 -28.38
CA GLY E 286 -30.15 -38.52 -28.35
C GLY E 286 -31.55 -38.04 -27.98
N THR E 287 -32.56 -38.78 -28.46
CA THR E 287 -33.95 -38.48 -28.15
C THR E 287 -34.52 -39.54 -27.22
N ASP E 288 -35.19 -39.10 -26.16
CA ASP E 288 -35.81 -40.02 -25.20
C ASP E 288 -37.30 -40.03 -25.50
N ILE E 289 -37.75 -41.04 -26.24
CA ILE E 289 -39.08 -41.07 -26.83
C ILE E 289 -39.94 -42.04 -26.01
N TYR E 290 -40.83 -41.50 -25.19
CA TYR E 290 -41.75 -42.32 -24.41
C TYR E 290 -43.17 -42.18 -24.96
N THR E 291 -43.37 -42.68 -26.18
CA THR E 291 -44.69 -42.78 -26.76
C THR E 291 -44.70 -43.96 -27.72
N SER E 292 -45.91 -44.43 -28.01
CA SER E 292 -46.11 -45.53 -28.94
C SER E 292 -46.81 -45.09 -30.22
N ASP E 293 -47.32 -43.85 -30.26
CA ASP E 293 -48.05 -43.32 -31.41
C ASP E 293 -47.13 -43.17 -32.61
N TYR E 294 -47.61 -43.62 -33.78
CA TYR E 294 -46.76 -43.60 -34.98
C TYR E 294 -46.42 -42.18 -35.41
N GLY E 295 -47.41 -41.27 -35.37
CA GLY E 295 -47.15 -39.92 -35.86
C GLY E 295 -46.23 -39.14 -34.96
N GLU E 296 -46.37 -39.29 -33.65
CA GLU E 296 -45.51 -38.55 -32.74
C GLU E 296 -44.09 -39.11 -32.75
N TYR E 297 -43.96 -40.45 -32.75
CA TYR E 297 -42.65 -41.08 -32.80
C TYR E 297 -41.91 -40.66 -34.07
N THR E 298 -42.59 -40.79 -35.20
CA THR E 298 -42.00 -40.41 -36.47
C THR E 298 -41.60 -38.94 -36.50
N LYS E 299 -42.47 -38.07 -35.98
CA LYS E 299 -42.23 -36.63 -36.06
C LYS E 299 -40.96 -36.25 -35.32
N VAL E 300 -40.69 -36.90 -34.17
CA VAL E 300 -39.52 -36.53 -33.38
C VAL E 300 -38.24 -36.99 -34.05
N ILE E 301 -38.22 -38.24 -34.55
CA ILE E 301 -37.08 -38.69 -35.35
C ILE E 301 -36.88 -37.78 -36.55
N GLY E 302 -37.97 -37.28 -37.12
CA GLY E 302 -37.84 -36.32 -38.21
C GLY E 302 -37.14 -35.06 -37.77
N GLN E 303 -37.45 -34.59 -36.56
CA GLN E 303 -36.86 -33.36 -36.06
C GLN E 303 -35.38 -33.51 -35.78
N TYR E 304 -34.96 -34.69 -35.32
CA TYR E 304 -33.59 -34.85 -34.87
C TYR E 304 -32.70 -35.56 -35.88
N ALA E 305 -33.27 -36.11 -36.96
CA ALA E 305 -32.46 -36.71 -38.02
C ALA E 305 -32.13 -35.61 -39.01
N ARG E 306 -30.93 -35.05 -38.86
CA ARG E 306 -30.53 -33.83 -39.54
C ARG E 306 -29.17 -34.03 -40.19
N PRO E 307 -28.78 -33.16 -41.13
CA PRO E 307 -27.41 -33.26 -41.68
C PRO E 307 -26.33 -33.13 -40.63
N ASP E 308 -26.59 -32.38 -39.56
CA ASP E 308 -25.62 -32.18 -38.48
C ASP E 308 -25.84 -33.13 -37.31
N ASN E 309 -26.76 -34.09 -37.44
CA ASN E 309 -27.13 -34.93 -36.31
C ASN E 309 -27.78 -36.25 -36.76
N PRO E 310 -27.27 -37.38 -36.29
CA PRO E 310 -27.88 -38.66 -36.64
C PRO E 310 -29.09 -38.97 -35.79
N ALA E 311 -29.97 -39.82 -36.31
CA ALA E 311 -31.03 -40.37 -35.51
C ALA E 311 -30.43 -41.29 -34.46
N TRP E 312 -30.88 -41.15 -33.22
CA TRP E 312 -30.26 -41.92 -32.13
C TRP E 312 -31.23 -41.94 -30.96
N VAL E 313 -31.78 -43.11 -30.66
CA VAL E 313 -32.77 -43.22 -29.61
C VAL E 313 -32.03 -43.65 -28.35
N SER E 314 -31.77 -42.70 -27.47
CA SER E 314 -31.07 -43.04 -26.25
C SER E 314 -31.98 -43.66 -25.19
N GLU E 315 -33.28 -43.41 -25.26
CA GLU E 315 -34.27 -44.06 -24.40
C GLU E 315 -35.58 -44.18 -25.15
N THR E 316 -36.23 -45.34 -25.03
CA THR E 316 -37.61 -45.50 -25.45
C THR E 316 -38.26 -46.41 -24.41
N GLY E 317 -39.59 -46.46 -24.42
CA GLY E 317 -40.30 -47.27 -23.43
C GLY E 317 -40.06 -48.76 -23.64
N PHE E 318 -40.03 -49.50 -22.54
CA PHE E 318 -39.77 -50.93 -22.56
C PHE E 318 -41.11 -51.65 -22.60
N GLU E 319 -41.67 -51.74 -23.81
CA GLU E 319 -43.00 -52.27 -24.02
C GLU E 319 -43.05 -52.82 -25.43
N ALA E 320 -43.94 -53.80 -25.64
CA ALA E 320 -43.99 -54.47 -26.94
C ALA E 320 -44.34 -53.50 -28.06
N ALA E 321 -45.17 -52.51 -27.78
CA ALA E 321 -45.66 -51.61 -28.81
C ALA E 321 -44.56 -50.74 -29.43
N THR E 322 -43.39 -50.70 -28.82
CA THR E 322 -42.31 -49.86 -29.28
C THR E 322 -41.28 -50.62 -30.11
N ALA E 323 -41.37 -51.95 -30.16
CA ALA E 323 -40.44 -52.75 -30.96
C ALA E 323 -40.36 -52.36 -32.43
N PRO E 324 -41.44 -52.01 -33.14
CA PRO E 324 -41.29 -51.75 -34.58
C PRO E 324 -40.41 -50.54 -34.91
N TYR E 325 -40.29 -49.58 -34.00
CA TYR E 325 -39.58 -48.34 -34.31
C TYR E 325 -38.07 -48.53 -34.39
N LEU E 326 -37.53 -49.63 -33.88
CA LEU E 326 -36.15 -49.97 -34.18
C LEU E 326 -35.89 -49.84 -35.69
N PHE E 327 -36.82 -50.35 -36.51
CA PHE E 327 -36.62 -50.37 -37.96
C PHE E 327 -36.88 -49.00 -38.58
N HIS E 328 -37.85 -48.26 -38.05
CA HIS E 328 -38.01 -46.89 -38.53
C HIS E 328 -36.79 -46.04 -38.22
N VAL E 329 -36.17 -46.25 -37.05
CA VAL E 329 -34.98 -45.47 -36.70
C VAL E 329 -33.81 -45.86 -37.61
N LEU E 330 -33.53 -47.15 -37.74
CA LEU E 330 -32.47 -47.58 -38.65
C LEU E 330 -32.68 -47.02 -40.05
N GLY E 331 -33.92 -47.04 -40.56
CA GLY E 331 -34.24 -46.56 -41.89
C GLY E 331 -34.22 -45.05 -42.07
N GLN E 332 -33.90 -44.28 -41.05
CA GLN E 332 -33.68 -42.84 -41.20
C GLN E 332 -32.22 -42.48 -40.99
N GLY E 333 -31.34 -43.46 -41.10
CA GLY E 333 -29.92 -43.29 -40.84
C GLY E 333 -29.50 -43.59 -39.42
N GLY E 334 -30.42 -44.03 -38.56
CA GLY E 334 -30.12 -44.11 -37.14
C GLY E 334 -28.93 -44.98 -36.84
N ILE E 335 -28.21 -44.63 -35.76
CA ILE E 335 -27.02 -45.35 -35.34
C ILE E 335 -27.26 -46.25 -34.15
N GLY E 336 -28.42 -46.14 -33.50
CA GLY E 336 -28.69 -46.97 -32.34
C GLY E 336 -30.12 -46.82 -31.84
N PHE E 337 -30.51 -47.74 -30.97
CA PHE E 337 -31.87 -47.81 -30.45
C PHE E 337 -31.77 -48.45 -29.07
N SER E 338 -32.45 -47.88 -28.07
CA SER E 338 -32.27 -48.31 -26.69
C SER E 338 -33.60 -48.38 -25.95
N VAL E 339 -33.83 -49.50 -25.23
CA VAL E 339 -35.01 -49.62 -24.38
C VAL E 339 -34.60 -49.33 -22.94
N PHE E 340 -35.46 -48.62 -22.20
CA PHE E 340 -35.13 -48.15 -20.88
C PHE E 340 -35.77 -49.00 -19.79
N GLY E 341 -35.05 -49.12 -18.66
CA GLY E 341 -35.59 -49.71 -17.44
C GLY E 341 -36.05 -51.15 -17.56
N ILE E 342 -35.11 -52.03 -17.88
CA ILE E 342 -35.41 -53.39 -18.30
C ILE E 342 -35.27 -54.42 -17.18
N ASP E 343 -34.60 -54.08 -16.08
CA ASP E 343 -34.21 -55.03 -15.05
C ASP E 343 -35.12 -54.97 -13.84
N GLY E 344 -35.50 -56.14 -13.36
CA GLY E 344 -36.15 -56.28 -12.07
C GLY E 344 -37.60 -55.85 -11.98
N ASN E 345 -38.28 -55.62 -13.11
CA ASN E 345 -39.66 -55.17 -13.07
C ASN E 345 -40.59 -56.24 -12.49
N PRO E 346 -41.73 -55.84 -11.92
CA PRO E 346 -42.71 -56.83 -11.48
C PRO E 346 -43.19 -57.65 -12.66
N ASP E 347 -43.19 -58.98 -12.49
CA ASP E 347 -43.65 -59.88 -13.53
C ASP E 347 -45.09 -59.55 -13.93
N SER E 348 -45.34 -59.51 -15.22
CA SER E 348 -46.64 -59.15 -15.76
C SER E 348 -46.63 -59.50 -17.24
N GLY E 349 -47.82 -59.76 -17.78
CA GLY E 349 -47.94 -60.05 -19.20
C GLY E 349 -47.35 -58.96 -20.08
N ALA E 350 -47.47 -57.69 -19.66
CA ALA E 350 -46.91 -56.62 -20.45
C ALA E 350 -45.39 -56.64 -20.40
N ASN E 351 -44.82 -56.99 -19.25
CA ASN E 351 -43.38 -57.03 -19.14
C ASN E 351 -42.81 -58.23 -19.88
N ARG E 352 -43.51 -59.37 -19.84
CA ARG E 352 -43.13 -60.53 -20.63
C ARG E 352 -43.23 -60.25 -22.12
N ALA E 353 -44.24 -59.48 -22.53
CA ALA E 353 -44.37 -59.14 -23.94
C ALA E 353 -43.29 -58.18 -24.38
N ALA E 354 -42.85 -57.29 -23.47
CA ALA E 354 -41.75 -56.37 -23.79
C ALA E 354 -40.45 -57.13 -23.97
N ILE E 355 -40.14 -58.03 -23.05
CA ILE E 355 -38.95 -58.86 -23.20
C ILE E 355 -38.99 -59.63 -24.52
N ALA E 356 -40.13 -60.26 -24.82
CA ALA E 356 -40.22 -61.11 -26.00
C ALA E 356 -40.08 -60.33 -27.29
N ALA E 357 -40.71 -59.15 -27.36
CA ALA E 357 -40.67 -58.37 -28.59
C ALA E 357 -39.28 -57.82 -28.87
N HIS E 358 -38.60 -57.32 -27.83
CA HIS E 358 -37.32 -56.65 -28.04
C HIS E 358 -36.17 -57.62 -28.15
N ALA E 359 -36.15 -58.67 -27.32
CA ALA E 359 -35.17 -59.72 -27.50
C ALA E 359 -35.20 -60.25 -28.93
N ALA E 360 -36.40 -60.35 -29.51
CA ALA E 360 -36.55 -60.99 -30.81
C ALA E 360 -35.84 -60.20 -31.90
N ASN E 361 -36.06 -58.89 -31.97
CA ASN E 361 -35.38 -58.22 -33.06
C ASN E 361 -33.95 -57.81 -32.72
N PHE E 362 -33.55 -57.77 -31.44
CA PHE E 362 -32.12 -57.69 -31.15
C PHE E 362 -31.43 -59.00 -31.53
N ARG E 363 -32.08 -60.13 -31.23
CA ARG E 363 -31.57 -61.42 -31.69
C ARG E 363 -31.48 -61.49 -33.19
N GLN E 364 -32.47 -60.92 -33.89
CA GLN E 364 -32.50 -61.01 -35.33
C GLN E 364 -31.40 -60.15 -35.96
N LEU E 365 -31.17 -58.96 -35.42
CA LEU E 365 -30.30 -58.00 -36.08
C LEU E 365 -28.88 -57.96 -35.53
N ALA E 366 -28.63 -58.52 -34.34
CA ALA E 366 -27.28 -58.49 -33.79
C ALA E 366 -26.23 -59.14 -34.67
N PRO E 367 -26.44 -60.34 -35.24
CA PRO E 367 -25.41 -60.90 -36.14
C PRO E 367 -25.20 -60.07 -37.39
N LEU E 368 -26.09 -59.13 -37.67
CA LEU E 368 -26.10 -58.34 -38.89
C LEU E 368 -25.61 -56.92 -38.66
N GLN E 369 -25.24 -56.55 -37.43
CA GLN E 369 -25.18 -55.14 -37.11
C GLN E 369 -24.08 -54.44 -37.91
N ARG E 370 -22.91 -55.07 -38.05
CA ARG E 370 -21.81 -54.48 -38.84
C ARG E 370 -22.24 -54.19 -40.27
N LEU E 371 -22.94 -55.14 -40.90
CA LEU E 371 -23.42 -54.93 -42.25
C LEU E 371 -24.43 -53.79 -42.32
N ILE E 372 -25.41 -53.79 -41.40
CA ILE E 372 -26.43 -52.76 -41.37
C ILE E 372 -25.81 -51.39 -41.12
N ALA E 373 -24.82 -51.32 -40.23
CA ALA E 373 -24.19 -50.04 -39.91
C ALA E 373 -23.39 -49.51 -41.12
N GLN E 374 -22.65 -50.38 -41.79
CA GLN E 374 -21.93 -49.94 -42.99
C GLN E 374 -22.91 -49.55 -44.09
N ALA E 375 -23.92 -50.39 -44.34
CA ALA E 375 -24.92 -50.05 -45.35
C ALA E 375 -25.58 -48.72 -45.04
N ASN E 376 -25.81 -48.43 -43.75
CA ASN E 376 -26.50 -47.20 -43.39
C ASN E 376 -25.65 -45.98 -43.66
N LEU E 377 -24.34 -46.07 -43.35
CA LEU E 377 -23.43 -44.99 -43.67
C LEU E 377 -23.34 -44.76 -45.18
N ASP E 378 -23.34 -45.84 -45.96
CA ASP E 378 -23.21 -45.76 -47.41
C ASP E 378 -24.51 -45.40 -48.13
N GLY E 379 -25.62 -45.20 -47.41
CA GLY E 379 -26.88 -44.90 -48.07
C GLY E 379 -27.54 -46.06 -48.78
N ARG E 380 -27.19 -47.30 -48.42
CA ARG E 380 -27.74 -48.51 -49.03
C ARG E 380 -28.79 -49.18 -48.17
N LEU E 381 -29.11 -48.63 -47.01
CA LEU E 381 -30.07 -49.24 -46.10
C LEU E 381 -31.40 -48.52 -46.14
N GLN E 382 -32.47 -49.28 -46.28
CA GLN E 382 -33.83 -48.78 -46.15
C GLN E 382 -34.59 -49.71 -45.21
N ALA E 383 -35.39 -49.10 -44.33
CA ALA E 383 -36.16 -49.87 -43.36
C ALA E 383 -37.34 -49.04 -42.91
N VAL E 384 -38.43 -49.74 -42.55
CA VAL E 384 -39.71 -49.12 -42.25
C VAL E 384 -40.32 -49.78 -41.02
N ALA E 385 -41.28 -49.07 -40.43
CA ALA E 385 -42.23 -49.62 -39.46
C ALA E 385 -43.65 -49.41 -39.96
N GLU E 386 -44.53 -50.36 -39.65
CA GLU E 386 -45.91 -50.31 -40.15
C GLU E 386 -46.64 -49.08 -39.60
N GLN E 387 -47.38 -48.39 -40.48
CA GLN E 387 -48.19 -47.25 -40.08
C GLN E 387 -49.66 -47.63 -40.09
N PRO E 388 -50.39 -47.38 -38.99
CA PRO E 388 -51.76 -47.91 -38.86
C PRO E 388 -52.70 -47.62 -40.03
N GLY E 389 -52.78 -46.38 -40.49
CA GLY E 389 -53.72 -46.14 -41.57
C GLY E 389 -53.21 -46.46 -42.96
N ALA E 390 -51.91 -46.69 -43.13
CA ALA E 390 -51.29 -46.82 -44.46
C ALA E 390 -50.40 -48.06 -44.48
N PRO E 391 -50.98 -49.24 -44.78
CA PRO E 391 -50.23 -50.49 -44.61
C PRO E 391 -49.33 -50.86 -45.78
N GLN E 392 -48.86 -49.89 -46.56
CA GLN E 392 -48.00 -50.20 -47.69
C GLN E 392 -46.92 -49.13 -47.84
N ARG E 393 -45.73 -49.57 -48.23
CA ARG E 393 -44.59 -48.69 -48.45
C ARG E 393 -43.89 -49.13 -49.72
N THR E 394 -43.34 -48.17 -50.45
CA THR E 394 -42.51 -48.49 -51.61
C THR E 394 -41.08 -48.04 -51.35
N LEU E 395 -40.13 -48.93 -51.59
CA LEU E 395 -38.72 -48.66 -51.38
C LEU E 395 -38.05 -48.68 -52.74
N ARG E 396 -37.38 -47.58 -53.09
CA ARG E 396 -36.77 -47.41 -54.39
C ARG E 396 -35.27 -47.68 -54.31
N PHE E 397 -34.77 -48.49 -55.24
CA PHE E 397 -33.36 -48.86 -55.37
C PHE E 397 -32.91 -48.70 -56.81
N GLY E 398 -33.17 -47.54 -57.40
CA GLY E 398 -32.86 -47.31 -58.80
C GLY E 398 -33.72 -48.13 -59.75
N ASP E 399 -33.12 -49.13 -60.40
CA ASP E 399 -33.86 -49.93 -61.36
C ASP E 399 -34.87 -50.86 -60.70
N TRP E 400 -34.73 -51.10 -59.40
CA TRP E 400 -35.56 -52.05 -58.68
C TRP E 400 -36.29 -51.35 -57.53
N GLU E 401 -37.57 -51.68 -57.38
CA GLU E 401 -38.40 -51.19 -56.29
C GLU E 401 -38.89 -52.38 -55.48
N ALA E 402 -39.08 -52.15 -54.18
CA ALA E 402 -39.63 -53.15 -53.27
C ALA E 402 -40.96 -52.63 -52.74
N LYS E 403 -42.01 -53.46 -52.84
CA LYS E 403 -43.32 -53.12 -52.32
C LYS E 403 -43.54 -53.89 -51.02
N VAL E 404 -43.68 -53.16 -49.92
CA VAL E 404 -43.78 -53.74 -48.58
C VAL E 404 -45.22 -53.60 -48.12
N SER E 405 -45.85 -54.73 -47.80
CA SER E 405 -47.25 -54.80 -47.38
C SER E 405 -47.35 -55.36 -45.96
N PHE E 406 -48.36 -54.90 -45.23
CA PHE E 406 -48.60 -55.34 -43.85
C PHE E 406 -50.04 -55.84 -43.73
N GLY E 407 -50.20 -57.04 -43.18
CA GLY E 407 -51.51 -57.63 -43.02
C GLY E 407 -51.93 -58.58 -44.12
N ALA E 408 -51.05 -58.83 -45.08
CA ALA E 408 -51.29 -59.89 -46.04
C ALA E 408 -51.12 -61.25 -45.36
N PRO E 409 -51.75 -62.28 -45.90
CA PRO E 409 -51.55 -63.63 -45.33
C PRO E 409 -50.13 -64.11 -45.56
N LEU E 410 -49.74 -65.11 -44.76
CA LEU E 410 -48.40 -65.66 -44.92
C LEU E 410 -48.24 -66.31 -46.29
N TRP E 411 -49.33 -66.79 -46.86
CA TRP E 411 -49.34 -67.32 -48.21
C TRP E 411 -50.66 -66.96 -48.89
N GLY E 412 -50.59 -66.75 -50.19
CA GLY E 412 -51.77 -66.53 -51.00
C GLY E 412 -51.99 -65.08 -51.32
N ASP E 413 -53.07 -64.85 -52.06
CA ASP E 413 -53.41 -63.53 -52.55
C ASP E 413 -53.67 -62.56 -51.40
N ALA E 414 -53.14 -61.36 -51.52
CA ALA E 414 -53.45 -60.32 -50.56
C ALA E 414 -54.84 -59.76 -50.87
N PRO E 415 -55.60 -59.39 -49.85
CA PRO E 415 -56.96 -58.91 -50.07
C PRO E 415 -56.96 -57.60 -50.86
N ALA E 416 -58.15 -57.22 -51.33
CA ALA E 416 -58.28 -55.99 -52.12
C ALA E 416 -57.80 -54.77 -51.33
N ILE E 417 -58.24 -54.66 -50.07
CA ILE E 417 -57.78 -53.61 -49.18
C ILE E 417 -56.93 -54.26 -48.10
N LEU E 418 -55.68 -53.83 -47.97
CA LEU E 418 -54.83 -54.37 -46.93
C LEU E 418 -55.32 -53.92 -45.57
N PRO E 419 -55.46 -54.82 -44.59
CA PRO E 419 -55.93 -54.41 -43.27
C PRO E 419 -54.86 -53.99 -42.29
N GLY E 420 -53.59 -54.22 -42.60
CA GLY E 420 -52.53 -54.06 -41.62
C GLY E 420 -52.54 -55.22 -40.65
N ASN E 421 -51.57 -55.20 -39.73
CA ASN E 421 -51.55 -56.17 -38.64
C ASN E 421 -52.41 -55.68 -37.48
N ASP E 422 -53.10 -56.61 -36.80
CA ASP E 422 -53.98 -56.24 -35.70
C ASP E 422 -53.24 -55.48 -34.61
N ASP E 423 -52.00 -55.87 -34.32
CA ASP E 423 -51.16 -55.20 -33.34
C ASP E 423 -50.20 -54.20 -33.98
N HIS E 424 -50.28 -54.01 -35.31
CA HIS E 424 -49.44 -53.06 -36.04
C HIS E 424 -47.95 -53.36 -35.89
N ALA E 425 -47.58 -54.62 -35.68
CA ALA E 425 -46.19 -54.95 -35.36
C ALA E 425 -45.29 -55.07 -36.58
N GLY E 426 -45.76 -54.73 -37.78
CA GLY E 426 -45.00 -55.01 -38.97
C GLY E 426 -43.81 -54.08 -39.13
N ARG E 427 -42.70 -54.65 -39.62
CA ARG E 427 -41.46 -53.92 -39.89
C ARG E 427 -40.63 -54.74 -40.87
N LEU E 428 -39.73 -54.07 -41.56
CA LEU E 428 -38.91 -54.76 -42.55
C LEU E 428 -37.71 -53.89 -42.90
N LEU E 429 -36.59 -54.55 -43.20
CA LEU E 429 -35.33 -53.91 -43.52
C LEU E 429 -34.77 -54.49 -44.81
N VAL E 430 -34.19 -53.62 -45.64
CA VAL E 430 -33.58 -54.02 -46.91
C VAL E 430 -32.22 -53.34 -47.01
N ALA E 431 -31.15 -54.14 -47.06
CA ALA E 431 -29.79 -53.66 -47.31
C ALA E 431 -29.38 -54.08 -48.72
N GLN E 432 -29.09 -53.09 -49.58
CA GLN E 432 -28.63 -53.36 -50.94
C GLN E 432 -27.15 -53.74 -50.91
N LEU E 433 -26.86 -55.00 -51.20
CA LEU E 433 -25.49 -55.51 -51.11
C LEU E 433 -24.71 -55.29 -52.40
N GLY E 434 -25.37 -55.39 -53.55
CA GLY E 434 -24.76 -55.10 -54.83
C GLY E 434 -25.77 -54.49 -55.77
N PRO E 435 -25.44 -54.39 -57.05
CA PRO E 435 -26.40 -53.82 -58.01
C PRO E 435 -27.65 -54.65 -58.19
N GLU E 436 -27.62 -55.96 -57.89
CA GLU E 436 -28.79 -56.83 -58.02
C GLU E 436 -28.89 -57.82 -56.85
N GLU E 437 -28.48 -57.42 -55.65
CA GLU E 437 -28.47 -58.32 -54.50
C GLU E 437 -28.91 -57.55 -53.27
N PHE E 438 -29.83 -58.12 -52.50
CA PHE E 438 -30.44 -57.47 -51.36
C PHE E 438 -30.48 -58.41 -50.17
N LEU E 439 -30.26 -57.87 -48.98
CA LEU E 439 -30.49 -58.57 -47.72
C LEU E 439 -31.79 -58.06 -47.13
N VAL E 440 -32.65 -58.98 -46.70
CA VAL E 440 -34.01 -58.67 -46.24
C VAL E 440 -34.28 -59.39 -44.93
N THR E 441 -34.89 -58.70 -43.98
CA THR E 441 -35.37 -59.33 -42.76
C THR E 441 -36.42 -58.41 -42.11
N GLY E 442 -37.28 -59.00 -41.30
CA GLY E 442 -38.25 -58.23 -40.54
C GLY E 442 -39.23 -59.13 -39.83
N THR E 443 -40.34 -58.51 -39.41
CA THR E 443 -41.44 -59.16 -38.68
C THR E 443 -42.76 -58.77 -39.33
N ALA E 444 -43.62 -59.78 -39.55
CA ALA E 444 -45.00 -59.63 -40.03
C ALA E 444 -45.07 -58.69 -41.22
N ALA E 445 -44.51 -59.15 -42.34
CA ALA E 445 -44.41 -58.30 -43.51
C ALA E 445 -44.28 -59.12 -44.78
N ARG E 446 -44.70 -58.52 -45.89
CA ARG E 446 -44.52 -59.07 -47.23
C ARG E 446 -43.79 -58.06 -48.10
N ILE E 447 -42.83 -58.54 -48.90
CA ILE E 447 -42.06 -57.70 -49.80
C ILE E 447 -42.03 -58.36 -51.18
N GLU E 448 -42.38 -57.59 -52.20
CA GLU E 448 -42.30 -57.98 -53.60
C GLU E 448 -41.38 -57.01 -54.34
N PHE E 449 -40.39 -57.57 -55.06
CA PHE E 449 -39.47 -56.77 -55.86
C PHE E 449 -39.98 -56.62 -57.29
N PHE E 450 -39.77 -55.43 -57.85
CA PHE E 450 -40.23 -55.10 -59.19
C PHE E 450 -39.14 -54.32 -59.92
N ARG E 451 -39.00 -54.57 -61.23
CA ARG E 451 -38.02 -53.91 -62.06
C ARG E 451 -38.71 -52.97 -63.05
N SER E 452 -38.14 -51.77 -63.21
CA SER E 452 -38.61 -50.82 -64.23
C SER E 452 -37.50 -50.52 -65.23
N ALA E 453 -36.66 -49.52 -64.94
CA ALA E 453 -35.28 -49.37 -65.44
C ALA E 453 -35.14 -48.83 -66.86
N ALA E 454 -36.23 -48.51 -67.56
CA ALA E 454 -36.17 -47.95 -68.91
C ALA E 454 -35.45 -48.89 -69.89
N ASP E 455 -35.58 -50.19 -69.63
CA ASP E 455 -35.18 -51.22 -70.58
C ASP E 455 -36.39 -51.71 -71.34
N THR E 456 -36.13 -52.55 -72.33
CA THR E 456 -37.14 -53.47 -72.83
C THR E 456 -37.04 -54.82 -72.13
N ARG E 457 -36.19 -54.93 -71.11
CA ARG E 457 -35.96 -56.17 -70.38
C ARG E 457 -36.98 -56.36 -69.27
N HIS E 458 -37.10 -57.60 -68.79
CA HIS E 458 -38.06 -57.97 -67.76
C HIS E 458 -37.32 -58.48 -66.54
N GLY E 459 -37.77 -58.08 -65.36
CA GLY E 459 -37.13 -58.51 -64.14
C GLY E 459 -37.55 -59.92 -63.75
N GLN E 460 -36.64 -60.65 -63.13
CA GLN E 460 -36.99 -61.96 -62.60
C GLN E 460 -36.17 -62.26 -61.37
N LEU E 461 -36.75 -63.13 -60.53
CA LEU E 461 -36.06 -63.66 -59.37
C LEU E 461 -35.08 -64.74 -59.81
N LEU E 462 -33.85 -64.66 -59.31
CA LEU E 462 -32.85 -65.68 -59.62
C LEU E 462 -32.54 -66.60 -58.45
N GLN E 463 -32.37 -66.07 -57.23
CA GLN E 463 -31.99 -66.93 -56.11
C GLN E 463 -32.33 -66.25 -54.79
N VAL E 464 -33.08 -66.97 -53.94
CA VAL E 464 -33.41 -66.51 -52.61
C VAL E 464 -32.84 -67.50 -51.63
N GLU E 465 -31.83 -67.09 -50.88
CA GLU E 465 -31.22 -67.91 -49.85
C GLU E 465 -31.77 -67.51 -48.49
N GLN E 466 -32.35 -68.48 -47.79
CA GLN E 466 -32.71 -68.32 -46.39
C GLN E 466 -31.58 -68.86 -45.53
N GLY E 467 -31.20 -68.12 -44.50
CA GLY E 467 -30.09 -68.55 -43.68
C GLY E 467 -29.74 -67.57 -42.60
N ARG E 468 -28.52 -67.71 -42.10
CA ARG E 468 -28.07 -66.99 -40.93
C ARG E 468 -26.61 -66.59 -41.12
N TYR E 469 -26.19 -65.58 -40.37
CA TYR E 469 -24.79 -65.20 -40.29
C TYR E 469 -24.22 -65.74 -38.99
N VAL E 470 -23.14 -66.52 -39.08
CA VAL E 470 -22.49 -67.10 -37.91
C VAL E 470 -21.05 -66.59 -37.88
N ASP E 471 -20.75 -65.70 -36.94
CA ASP E 471 -19.42 -65.08 -36.82
C ASP E 471 -19.04 -64.29 -38.07
N GLY E 472 -20.02 -63.67 -38.72
CA GLY E 472 -19.77 -62.96 -39.94
C GLY E 472 -19.73 -63.84 -41.17
N ARG E 473 -20.18 -65.08 -41.06
CA ARG E 473 -20.17 -66.04 -42.16
C ARG E 473 -21.60 -66.42 -42.53
N TRP E 474 -21.94 -66.29 -43.82
CA TRP E 474 -23.28 -66.60 -44.30
C TRP E 474 -23.48 -68.11 -44.34
N GLN E 475 -24.46 -68.61 -43.59
CA GLN E 475 -24.79 -70.04 -43.56
C GLN E 475 -26.14 -70.26 -44.22
N MET E 476 -26.13 -70.86 -45.41
CA MET E 476 -27.36 -71.15 -46.13
C MET E 476 -28.09 -72.32 -45.48
N GLU E 477 -29.37 -72.10 -45.16
CA GLU E 477 -30.24 -73.16 -44.63
C GLU E 477 -31.08 -73.81 -45.73
N ARG E 478 -31.71 -73.01 -46.59
CA ARG E 478 -32.53 -73.48 -47.69
C ARG E 478 -32.62 -72.37 -48.72
N GLN E 479 -33.15 -72.71 -49.90
CA GLN E 479 -33.43 -71.75 -50.96
C GLN E 479 -34.93 -71.69 -51.19
N LEU E 480 -35.46 -70.48 -51.33
CA LEU E 480 -36.89 -70.27 -51.40
C LEU E 480 -37.35 -70.18 -52.85
N ASN E 481 -38.43 -70.89 -53.16
CA ASN E 481 -39.01 -70.89 -54.49
C ASN E 481 -40.45 -71.40 -54.36
N GLY E 482 -41.17 -71.43 -55.48
CA GLY E 482 -42.48 -72.02 -55.48
C GLY E 482 -43.43 -71.28 -54.56
N ASP E 483 -44.06 -72.03 -53.64
CA ASP E 483 -44.99 -71.44 -52.69
C ASP E 483 -44.36 -70.29 -51.92
N GLN E 484 -43.10 -70.46 -51.50
CA GLN E 484 -42.40 -69.49 -50.68
C GLN E 484 -42.04 -68.23 -51.44
N THR E 485 -42.23 -68.24 -52.75
CA THR E 485 -41.87 -67.12 -53.60
C THR E 485 -43.04 -66.59 -54.41
N ASP E 486 -44.15 -67.34 -54.49
CA ASP E 486 -45.25 -67.01 -55.39
C ASP E 486 -45.90 -65.69 -55.03
N TYR E 487 -46.00 -65.39 -53.74
CA TYR E 487 -46.76 -64.23 -53.27
C TYR E 487 -45.85 -63.34 -52.44
N GLY E 488 -44.73 -62.95 -53.05
CA GLY E 488 -43.70 -62.22 -52.36
C GLY E 488 -43.00 -63.08 -51.31
N LEU E 489 -42.04 -62.45 -50.64
CA LEU E 489 -41.37 -63.04 -49.51
C LEU E 489 -42.08 -62.59 -48.25
N ASN E 490 -42.45 -63.53 -47.41
CA ASN E 490 -43.32 -63.29 -46.27
C ASN E 490 -42.60 -63.63 -44.97
N PHE E 491 -42.60 -62.69 -44.05
CA PHE E 491 -42.04 -62.85 -42.72
C PHE E 491 -43.17 -62.88 -41.71
N GLY E 492 -43.21 -63.94 -40.90
CA GLY E 492 -44.23 -64.03 -39.87
C GLY E 492 -43.78 -63.56 -38.50
N ARG E 493 -43.80 -64.48 -37.55
CA ARG E 493 -43.69 -64.16 -36.14
C ARG E 493 -42.63 -65.03 -35.49
N THR E 494 -42.02 -64.50 -34.43
CA THR E 494 -41.13 -65.29 -33.61
C THR E 494 -41.90 -66.47 -33.02
N ASP E 495 -41.29 -67.66 -33.04
CA ASP E 495 -41.94 -68.79 -32.40
C ASP E 495 -41.73 -68.73 -30.89
N ALA E 496 -42.42 -69.63 -30.17
CA ALA E 496 -42.34 -69.63 -28.71
C ALA E 496 -40.94 -70.00 -28.20
N ALA E 497 -40.11 -70.61 -29.04
CA ALA E 497 -38.73 -70.96 -28.67
C ALA E 497 -37.74 -69.82 -28.94
N GLY E 498 -38.24 -68.60 -29.13
CA GLY E 498 -37.41 -67.41 -29.28
C GLY E 498 -36.82 -67.16 -30.66
N GLN E 499 -36.97 -68.06 -31.62
CA GLN E 499 -36.35 -67.86 -32.93
C GLN E 499 -37.13 -66.84 -33.75
N PRO E 500 -36.50 -65.77 -34.24
CA PRO E 500 -37.23 -64.73 -34.96
C PRO E 500 -37.34 -65.07 -36.44
N PRO E 501 -38.16 -64.34 -37.19
CA PRO E 501 -38.30 -64.61 -38.63
C PRO E 501 -36.96 -64.55 -39.35
N PRO E 502 -36.85 -65.15 -40.53
CA PRO E 502 -35.53 -65.42 -41.11
C PRO E 502 -34.89 -64.20 -41.77
N VAL E 503 -33.60 -64.38 -42.09
CA VAL E 503 -32.83 -63.45 -42.91
C VAL E 503 -32.71 -64.03 -44.32
N LEU E 504 -32.99 -63.19 -45.33
CA LEU E 504 -33.04 -63.61 -46.72
C LEU E 504 -32.02 -62.84 -47.55
N ARG E 505 -31.25 -63.58 -48.36
CA ARG E 505 -30.37 -62.99 -49.37
C ARG E 505 -31.04 -63.17 -50.72
N VAL E 506 -31.35 -62.06 -51.39
CA VAL E 506 -32.15 -62.07 -52.61
C VAL E 506 -31.28 -61.60 -53.77
N ARG E 507 -31.23 -62.40 -54.84
CA ARG E 507 -30.47 -62.07 -56.04
C ARG E 507 -31.40 -62.08 -57.24
N VAL E 508 -31.46 -60.95 -57.95
CA VAL E 508 -32.40 -60.73 -59.03
C VAL E 508 -31.66 -60.64 -60.36
N GLY E 509 -32.41 -60.53 -61.45
CA GLY E 509 -31.81 -60.48 -62.77
C GLY E 509 -32.86 -60.09 -63.78
N SER E 510 -32.51 -60.22 -65.06
CA SER E 510 -33.41 -59.81 -66.12
C SER E 510 -33.22 -60.72 -67.31
N TYR E 511 -34.12 -60.56 -68.29
CA TYR E 511 -34.07 -61.31 -69.53
C TYR E 511 -34.75 -60.52 -70.64
N GLU F 2 88.22 15.32 30.73
CA GLU F 2 87.69 15.74 29.44
C GLU F 2 87.25 17.20 29.49
N GLU F 3 86.54 17.64 28.45
CA GLU F 3 86.26 19.06 28.30
C GLU F 3 85.35 19.55 29.42
N LEU F 4 85.58 20.79 29.82
CA LEU F 4 84.71 21.43 30.78
C LEU F 4 83.30 21.55 30.20
N PRO F 5 82.26 21.24 30.97
CA PRO F 5 80.90 21.52 30.51
C PRO F 5 80.74 22.98 30.14
N ARG F 6 79.97 23.23 29.09
CA ARG F 6 79.97 24.55 28.48
C ARG F 6 78.69 24.77 27.68
N PHE F 7 78.12 25.97 27.80
CA PHE F 7 76.92 26.38 27.09
C PHE F 7 77.28 27.06 25.77
N PHE F 8 76.56 26.69 24.69
CA PHE F 8 76.98 27.01 23.33
C PHE F 8 75.82 27.61 22.54
N THR F 9 76.10 28.71 21.83
CA THR F 9 75.11 29.38 20.99
C THR F 9 75.67 29.52 19.58
N GLN F 10 74.86 29.16 18.58
CA GLN F 10 75.29 29.13 17.18
C GLN F 10 74.06 29.29 16.31
N ASN F 11 73.95 30.45 15.65
CA ASN F 11 72.89 30.73 14.68
C ASN F 11 71.51 30.88 15.33
N GLY F 12 71.47 31.34 16.58
CA GLY F 12 70.20 31.39 17.28
C GLY F 12 69.72 30.07 17.80
N ARG F 13 70.54 29.03 17.74
CA ARG F 13 70.28 27.74 18.38
C ARG F 13 71.29 27.53 19.49
N HIS F 14 70.95 26.67 20.45
CA HIS F 14 71.78 26.50 21.63
C HIS F 14 71.97 25.01 21.91
N ALA F 15 73.00 24.71 22.69
CA ALA F 15 73.20 23.36 23.18
C ALA F 15 74.08 23.40 24.42
N LEU F 16 73.86 22.43 25.30
CA LEU F 16 74.72 22.23 26.45
C LEU F 16 75.78 21.20 26.07
N LEU F 17 77.04 21.65 26.04
CA LEU F 17 78.15 20.77 25.70
C LEU F 17 78.62 20.07 26.96
N VAL F 18 78.49 18.75 26.96
CA VAL F 18 78.96 17.89 28.04
C VAL F 18 79.90 16.86 27.43
N ASP F 19 81.15 16.85 27.91
CA ASP F 19 82.19 15.97 27.38
C ASP F 19 82.35 16.17 25.87
N GLY F 20 82.31 17.43 25.43
CA GLY F 20 82.57 17.78 24.05
C GLY F 20 81.39 17.67 23.10
N ALA F 21 80.22 17.24 23.55
CA ALA F 21 79.12 17.03 22.63
C ALA F 21 77.81 17.50 23.25
N PRO F 22 76.85 17.91 22.41
CA PRO F 22 75.54 18.31 22.92
C PRO F 22 74.93 17.23 23.80
N TYR F 23 74.14 17.67 24.79
CA TYR F 23 73.67 16.82 25.86
C TYR F 23 72.29 17.28 26.29
N THR F 24 71.34 16.35 26.31
CA THR F 24 69.98 16.64 26.76
C THR F 24 69.87 16.25 28.22
N ILE F 25 69.49 17.21 29.07
CA ILE F 25 69.28 16.96 30.49
C ILE F 25 67.91 16.34 30.69
N LEU F 26 67.88 15.15 31.27
CA LEU F 26 66.64 14.49 31.66
C LEU F 26 66.75 14.28 33.15
N ALA F 27 66.08 15.15 33.91
CA ALA F 27 66.43 15.35 35.31
C ALA F 27 65.25 15.11 36.23
N ALA F 28 65.57 14.83 37.48
CA ALA F 28 64.61 14.70 38.55
C ALA F 28 65.19 15.41 39.76
N GLN F 29 64.40 16.27 40.40
CA GLN F 29 64.88 17.05 41.53
C GLN F 29 64.34 16.52 42.85
N LEU F 30 65.24 16.42 43.83
CA LEU F 30 64.85 16.01 45.16
C LEU F 30 64.13 17.15 45.88
N HIS F 31 63.24 16.79 46.80
CA HIS F 31 62.58 17.80 47.63
C HIS F 31 63.63 18.63 48.37
N ASN F 32 63.22 19.85 48.76
CA ASN F 32 64.16 20.84 49.29
C ASN F 32 65.04 20.28 50.41
N SER F 33 64.47 19.43 51.27
CA SER F 33 65.16 19.03 52.50
C SER F 33 65.80 17.65 52.41
N SER F 34 66.01 17.13 51.21
CA SER F 34 66.50 15.78 51.04
C SER F 34 68.00 15.70 50.74
N ALA F 35 68.69 16.85 50.66
CA ALA F 35 70.13 16.87 50.36
C ALA F 35 70.94 16.79 51.66
N TRP F 36 70.72 15.71 52.38
CA TRP F 36 71.38 15.37 53.63
C TRP F 36 71.91 13.95 53.56
N PRO F 37 73.04 13.66 54.23
CA PRO F 37 73.71 12.37 54.03
C PRO F 37 72.85 11.13 54.30
N ALA F 38 72.01 11.15 55.33
CA ALA F 38 71.19 9.99 55.64
C ALA F 38 70.02 9.80 54.68
N VAL F 39 69.64 10.86 53.96
CA VAL F 39 68.47 10.78 53.08
C VAL F 39 68.92 10.49 51.65
N LEU F 40 70.13 10.94 51.29
CA LEU F 40 70.54 10.89 49.89
C LEU F 40 70.45 9.51 49.25
N PRO F 41 71.00 8.44 49.81
CA PRO F 41 71.05 7.14 49.08
C PRO F 41 69.67 6.67 48.63
N PRO F 42 68.67 6.56 49.52
CA PRO F 42 67.35 6.13 49.01
C PRO F 42 66.68 7.17 48.12
N ALA F 43 66.97 8.46 48.32
CA ALA F 43 66.41 9.46 47.43
C ALA F 43 67.01 9.34 46.03
N LEU F 44 68.34 9.16 45.95
CA LEU F 44 68.99 9.03 44.65
C LEU F 44 68.65 7.70 43.98
N ASP F 45 68.35 6.67 44.77
CA ASP F 45 67.91 5.42 44.19
C ASP F 45 66.58 5.58 43.47
N GLN F 46 65.72 6.47 43.97
CA GLN F 46 64.46 6.74 43.30
C GLN F 46 64.69 7.53 42.01
N VAL F 47 65.75 8.33 41.95
CA VAL F 47 66.09 9.02 40.71
C VAL F 47 66.54 8.02 39.65
N VAL F 48 67.28 6.98 40.05
CA VAL F 48 67.65 5.90 39.14
C VAL F 48 66.40 5.19 38.62
N ALA F 49 65.43 4.93 39.50
CA ALA F 49 64.21 4.25 39.07
C ALA F 49 63.46 5.03 38.00
N LEU F 50 63.66 6.34 37.94
CA LEU F 50 63.06 7.16 36.89
C LEU F 50 63.89 7.18 35.61
N HIS F 51 65.11 6.61 35.63
CA HIS F 51 66.02 6.57 34.48
C HIS F 51 66.46 7.96 34.04
N ALA F 52 66.46 8.93 34.96
CA ALA F 52 67.02 10.24 34.68
C ALA F 52 68.54 10.16 34.56
N ASN F 53 69.11 11.06 33.76
CA ASN F 53 70.56 11.12 33.71
C ASN F 53 71.14 12.18 34.64
N THR F 54 70.31 13.07 35.18
CA THR F 54 70.78 14.14 36.05
C THR F 54 69.87 14.29 37.25
N VAL F 55 70.47 14.38 38.44
CA VAL F 55 69.76 14.76 39.68
C VAL F 55 69.99 16.25 39.92
N GLU F 56 68.93 16.97 40.24
CA GLU F 56 68.99 18.33 40.73
C GLU F 56 68.80 18.27 42.24
N ALA F 57 69.73 18.88 42.98
CA ALA F 57 69.69 18.83 44.43
C ALA F 57 70.42 20.04 44.99
N PRO F 58 69.93 20.61 46.10
CA PRO F 58 70.47 21.86 46.60
C PRO F 58 71.71 21.69 47.46
N VAL F 59 72.53 22.74 47.48
CA VAL F 59 73.52 22.97 48.53
C VAL F 59 73.02 24.15 49.35
N TYR F 60 72.96 23.99 50.67
CA TYR F 60 72.40 25.00 51.56
C TYR F 60 73.50 25.90 52.11
N TRP F 61 73.43 27.20 51.80
CA TRP F 61 74.35 28.15 52.41
C TRP F 61 74.38 27.98 53.93
N GLU F 62 73.20 27.76 54.53
CA GLU F 62 73.04 27.44 55.95
C GLU F 62 74.13 26.49 56.47
N GLN F 63 74.20 25.28 55.91
CA GLN F 63 75.16 24.31 56.42
C GLN F 63 76.53 24.43 55.75
N PHE F 64 76.60 25.06 54.58
CA PHE F 64 77.88 25.09 53.87
C PHE F 64 78.86 26.11 54.48
N GLU F 65 78.36 27.24 54.97
CA GLU F 65 79.21 28.22 55.65
C GLU F 65 78.65 28.48 57.05
N PRO F 66 78.73 27.48 57.95
CA PRO F 66 78.07 27.63 59.25
C PRO F 66 78.60 28.75 60.11
N ALA F 67 79.87 29.11 59.94
CA ALA F 67 80.46 30.29 60.55
C ALA F 67 81.24 31.04 59.49
N PRO F 68 81.36 32.37 59.64
CA PRO F 68 81.93 33.18 58.56
C PRO F 68 83.32 32.72 58.16
N GLY F 69 83.52 32.63 56.85
CA GLY F 69 84.83 32.34 56.36
C GLY F 69 85.26 30.90 56.47
N ARG F 70 84.36 29.96 56.74
CA ARG F 70 84.87 28.61 56.66
C ARG F 70 83.73 27.59 56.56
N PHE F 71 84.05 26.54 55.85
CA PHE F 71 83.12 25.86 55.01
C PHE F 71 83.10 24.39 55.38
N ASP F 72 81.90 23.81 55.32
CA ASP F 72 81.69 22.39 55.59
C ASP F 72 81.17 21.79 54.30
N THR F 73 81.92 20.83 53.75
CA THR F 73 81.59 20.24 52.46
C THR F 73 80.99 18.85 52.59
N THR F 74 80.51 18.51 53.78
CA THR F 74 79.96 17.17 54.02
C THR F 74 78.84 16.84 53.04
N ASN F 75 77.87 17.74 52.90
CA ASN F 75 76.70 17.44 52.09
C ASN F 75 77.05 17.43 50.61
N VAL F 76 77.80 18.44 50.14
CA VAL F 76 78.14 18.49 48.73
C VAL F 76 78.98 17.29 48.33
N ASP F 77 79.85 16.82 49.22
CA ASP F 77 80.63 15.62 48.91
C ASP F 77 79.75 14.38 48.86
N ALA F 78 78.80 14.26 49.78
CA ALA F 78 77.92 13.10 49.79
C ALA F 78 77.00 13.09 48.58
N LEU F 79 76.56 14.26 48.12
CA LEU F 79 75.77 14.31 46.90
C LEU F 79 76.57 13.85 45.70
N ILE F 80 77.78 14.38 45.54
CA ILE F 80 78.62 14.00 44.40
C ILE F 80 78.99 12.53 44.48
N ALA F 81 79.36 12.05 45.66
CA ALA F 81 79.70 10.64 45.81
C ALA F 81 78.54 9.73 45.43
N GLY F 82 77.33 10.06 45.90
CA GLY F 82 76.18 9.21 45.63
C GLY F 82 75.77 9.22 44.17
N ALA F 83 76.08 10.30 43.45
CA ALA F 83 75.75 10.35 42.04
C ALA F 83 76.74 9.53 41.21
N ARG F 84 78.02 9.61 41.58
CA ARG F 84 79.06 8.87 40.87
C ARG F 84 78.82 7.37 40.96
N LYS F 85 78.49 6.88 42.16
CA LYS F 85 78.18 5.48 42.35
C LYS F 85 76.93 5.03 41.60
N ARG F 86 76.00 5.94 41.32
CA ARG F 86 74.77 5.63 40.61
C ARG F 86 74.81 6.06 39.16
N GLY F 87 75.93 6.60 38.68
CA GLY F 87 76.06 6.98 37.28
C GLY F 87 75.35 8.24 36.87
N LEU F 88 75.00 9.10 37.81
CA LEU F 88 74.26 10.32 37.51
C LEU F 88 75.21 11.50 37.33
N ARG F 89 74.81 12.43 36.47
CA ARG F 89 75.33 13.79 36.50
C ARG F 89 74.53 14.60 37.52
N VAL F 90 75.08 15.74 37.90
CA VAL F 90 74.52 16.54 38.99
C VAL F 90 74.28 17.97 38.49
N ALA F 91 73.09 18.47 38.73
CA ALA F 91 72.78 19.89 38.61
C ALA F 91 72.69 20.43 40.04
N LEU F 92 73.69 21.24 40.41
CA LEU F 92 73.84 21.72 41.78
C LEU F 92 73.08 23.03 41.92
N LEU F 93 72.22 23.11 42.94
CA LEU F 93 71.40 24.29 43.17
C LEU F 93 71.89 25.04 44.40
N TRP F 94 72.19 26.33 44.23
CA TRP F 94 72.79 27.17 45.26
C TRP F 94 71.68 27.92 45.99
N PHE F 95 71.29 27.39 47.14
CA PHE F 95 70.30 28.06 47.99
C PHE F 95 71.06 29.13 48.77
N GLY F 96 71.22 30.31 48.16
CA GLY F 96 72.02 31.39 48.71
C GLY F 96 71.21 32.48 49.38
N SER F 97 71.28 33.71 48.88
CA SER F 97 70.47 34.79 49.42
C SER F 97 68.98 34.58 49.19
N TRP F 98 68.61 33.90 48.11
CA TRP F 98 67.21 33.75 47.71
C TRP F 98 66.87 32.28 47.48
N LYS F 99 65.75 31.85 48.06
CA LYS F 99 65.08 30.61 47.71
C LYS F 99 63.58 30.91 47.79
N ASN F 100 62.90 30.86 46.65
CA ASN F 100 61.49 31.26 46.53
C ASN F 100 61.28 32.70 47.01
N GLY F 101 62.22 33.57 46.66
CA GLY F 101 62.12 34.99 46.96
C GLY F 101 62.34 35.38 48.41
N GLN F 102 63.01 34.55 49.22
CA GLN F 102 63.21 34.84 50.64
C GLN F 102 64.56 34.32 51.11
N MET F 103 64.92 34.67 52.34
CA MET F 103 66.26 34.47 52.86
C MET F 103 66.38 33.32 53.85
N HIS F 104 65.48 32.33 53.78
CA HIS F 104 65.43 31.28 54.81
C HIS F 104 66.63 30.33 54.82
N TYR F 105 67.41 30.24 53.73
CA TYR F 105 68.58 29.37 53.67
C TYR F 105 69.89 30.08 53.99
N VAL F 106 69.82 31.37 54.27
CA VAL F 106 70.96 32.20 54.65
C VAL F 106 71.50 31.71 56.01
N PRO F 107 72.79 31.84 56.30
CA PRO F 107 73.32 31.34 57.57
C PRO F 107 72.73 32.02 58.80
N GLU F 108 72.81 31.30 59.91
CA GLU F 108 72.28 31.80 61.18
C GLU F 108 73.00 33.07 61.61
N TRP F 109 74.32 33.17 61.35
CA TRP F 109 75.08 34.37 61.70
C TRP F 109 74.76 35.55 60.79
N ILE F 110 73.96 35.36 59.75
CA ILE F 110 73.38 36.50 59.06
C ILE F 110 71.98 36.80 59.60
N LYS F 111 71.19 35.77 59.87
CA LYS F 111 69.87 35.98 60.42
C LYS F 111 69.93 36.73 61.74
N ARG F 112 70.96 36.45 62.55
CA ARG F 112 71.15 37.02 63.87
C ARG F 112 71.69 38.44 63.85
N ASP F 113 72.03 39.01 62.69
CA ASP F 113 72.68 40.32 62.60
C ASP F 113 72.03 41.14 61.48
N GLU F 114 70.78 41.56 61.71
CA GLU F 114 70.09 42.48 60.79
C GLU F 114 70.87 43.79 60.58
N ALA F 115 71.73 44.16 61.54
CA ALA F 115 72.40 45.46 61.45
C ALA F 115 73.49 45.43 60.39
N THR F 116 74.31 44.38 60.41
CA THR F 116 75.35 44.22 59.38
C THR F 116 74.78 43.74 58.06
N TYR F 117 73.65 43.03 58.10
CA TYR F 117 73.01 42.43 56.92
C TYR F 117 71.54 42.82 56.89
N PRO F 118 71.22 44.01 56.40
CA PRO F 118 69.84 44.51 56.50
C PRO F 118 68.87 43.77 55.59
N ARG F 119 67.63 43.66 56.06
CA ARG F 119 66.52 43.15 55.28
C ARG F 119 65.86 44.28 54.48
N MET F 120 65.12 43.90 53.45
CA MET F 120 64.29 44.86 52.73
C MET F 120 63.17 45.40 53.63
N ARG F 121 62.72 46.61 53.34
CA ARG F 121 61.54 47.18 53.99
C ARG F 121 60.41 47.30 52.98
N ASP F 122 59.19 46.98 53.42
CA ASP F 122 58.03 47.09 52.55
C ASP F 122 57.46 48.52 52.60
N ALA F 123 56.35 48.73 51.88
CA ALA F 123 55.76 50.06 51.79
C ALA F 123 55.28 50.60 53.12
N ASN F 124 55.08 49.74 54.10
CA ASN F 124 54.71 50.20 55.44
C ASN F 124 55.92 50.42 56.33
N GLY F 125 57.12 50.14 55.83
CA GLY F 125 58.33 50.27 56.62
C GLY F 125 58.63 49.09 57.50
N GLU F 126 58.02 48.04 57.30
CA GLU F 126 58.30 46.84 58.08
C GLU F 126 59.32 45.95 57.35
N PRO F 127 60.16 45.24 58.10
CA PRO F 127 61.09 44.30 57.47
C PRO F 127 60.36 43.09 56.93
N VAL F 128 60.95 42.46 55.91
CA VAL F 128 60.42 41.25 55.28
C VAL F 128 61.54 40.21 55.24
N ASP F 129 61.18 38.98 54.88
CA ASP F 129 62.19 37.90 54.88
C ASP F 129 63.00 37.89 53.59
N VAL F 130 63.50 39.05 53.18
CA VAL F 130 64.36 39.18 52.01
C VAL F 130 65.55 40.03 52.40
N LEU F 131 66.74 39.61 51.98
CA LEU F 131 67.92 40.43 52.21
C LEU F 131 67.84 41.66 51.32
N SER F 132 68.41 42.76 51.79
CA SER F 132 68.38 43.96 50.97
C SER F 132 69.32 43.78 49.79
N PRO F 133 68.88 44.08 48.57
CA PRO F 133 69.79 43.99 47.41
C PRO F 133 70.61 45.25 47.16
N HIS F 134 70.59 46.21 48.09
CA HIS F 134 71.28 47.48 47.94
C HIS F 134 72.38 47.68 48.99
N VAL F 135 72.71 46.67 49.79
CA VAL F 135 73.72 46.79 50.83
C VAL F 135 74.88 45.87 50.50
N ALA F 136 76.07 46.46 50.33
CA ALA F 136 77.22 45.73 49.82
C ALA F 136 77.55 44.49 50.65
N ALA F 137 77.31 44.53 51.96
CA ALA F 137 77.71 43.42 52.81
C ALA F 137 76.94 42.16 52.50
N ASN F 138 75.71 42.28 51.97
CA ASN F 138 74.93 41.09 51.64
C ASN F 138 75.47 40.42 50.39
N VAL F 139 75.62 41.18 49.29
CA VAL F 139 76.05 40.58 48.04
C VAL F 139 77.45 39.98 48.18
N GLN F 140 78.33 40.64 48.93
CA GLN F 140 79.70 40.14 49.09
C GLN F 140 79.71 38.82 49.85
N ALA F 141 78.89 38.69 50.90
CA ALA F 141 78.85 37.44 51.65
C ALA F 141 78.38 36.30 50.76
N ASP F 142 77.35 36.54 49.95
CA ASP F 142 76.89 35.53 49.01
C ASP F 142 78.02 35.21 48.02
N ALA F 143 78.51 36.23 47.32
CA ALA F 143 79.60 36.03 46.35
C ALA F 143 80.79 35.31 46.96
N ARG F 144 81.10 35.58 48.23
CA ARG F 144 82.25 34.94 48.85
C ARG F 144 81.99 33.47 49.13
N ALA F 145 80.75 33.12 49.46
CA ALA F 145 80.42 31.74 49.76
C ALA F 145 80.32 30.92 48.48
N PHE F 146 79.66 31.48 47.47
CA PHE F 146 79.56 30.79 46.19
C PHE F 146 80.94 30.55 45.60
N THR F 147 81.85 31.54 45.74
CA THR F 147 83.23 31.34 45.29
C THR F 147 83.85 30.12 45.96
N ALA F 148 83.70 30.02 47.28
CA ALA F 148 84.29 28.90 48.00
C ALA F 148 83.69 27.56 47.54
N LEU F 149 82.38 27.54 47.30
CA LEU F 149 81.75 26.34 46.75
C LEU F 149 82.35 25.96 45.40
N MET F 150 82.45 26.92 44.48
CA MET F 150 82.97 26.62 43.16
C MET F 150 84.45 26.23 43.21
N GLN F 151 85.22 26.88 44.09
CA GLN F 151 86.63 26.50 44.24
C GLN F 151 86.76 25.06 44.73
N HIS F 152 85.95 24.66 45.70
CA HIS F 152 85.96 23.27 46.16
C HIS F 152 85.48 22.32 45.06
N LEU F 153 84.57 22.79 44.21
CA LEU F 153 84.06 21.98 43.12
C LEU F 153 85.15 21.73 42.07
N ARG F 154 85.98 22.74 41.80
CA ARG F 154 87.09 22.53 40.87
C ARG F 154 88.12 21.55 41.46
N LYS F 155 88.29 21.58 42.78
CA LYS F 155 89.28 20.73 43.41
C LYS F 155 88.92 19.25 43.32
N ILE F 156 87.65 18.89 43.56
CA ILE F 156 87.23 17.50 43.68
C ILE F 156 86.51 16.98 42.43
N ASP F 157 86.11 17.87 41.52
CA ASP F 157 85.34 17.51 40.34
C ASP F 157 85.92 18.10 39.06
N GLY F 158 87.07 18.77 39.13
CA GLY F 158 87.64 19.40 37.94
C GLY F 158 87.97 18.44 36.82
N ASP F 159 88.33 17.20 37.14
CA ASP F 159 88.57 16.23 36.08
C ASP F 159 87.32 15.44 35.72
N ARG F 160 86.58 14.98 36.72
CA ARG F 160 85.45 14.08 36.50
C ARG F 160 84.25 14.80 35.90
N HIS F 161 83.96 16.02 36.37
CA HIS F 161 82.86 16.84 35.87
C HIS F 161 81.49 16.22 36.13
N THR F 162 81.36 15.48 37.22
CA THR F 162 80.07 15.02 37.71
C THR F 162 79.04 16.14 37.74
N VAL F 163 79.44 17.33 38.22
CA VAL F 163 78.53 18.46 38.24
C VAL F 163 78.54 19.14 36.88
N ILE F 164 77.37 19.26 36.27
CA ILE F 164 77.25 19.66 34.88
C ILE F 164 76.81 21.12 34.75
N VAL F 165 75.88 21.56 35.60
CA VAL F 165 75.37 22.92 35.58
C VAL F 165 75.14 23.34 37.02
N VAL F 166 75.19 24.65 37.28
CA VAL F 166 74.92 25.18 38.59
C VAL F 166 73.83 26.23 38.47
N GLN F 167 72.82 26.15 39.34
CA GLN F 167 71.80 27.18 39.47
C GLN F 167 72.21 28.15 40.59
N VAL F 168 72.22 29.44 40.28
CA VAL F 168 72.68 30.48 41.18
C VAL F 168 71.45 31.11 41.82
N GLU F 169 71.26 30.88 43.12
CA GLU F 169 70.02 31.18 43.84
C GLU F 169 68.91 30.21 43.41
N ASN F 170 67.72 30.41 43.96
CA ASN F 170 66.57 29.61 43.58
C ASN F 170 65.34 30.50 43.56
N GLU F 171 64.77 30.69 42.36
CA GLU F 171 63.63 31.58 42.15
C GLU F 171 63.85 32.91 42.88
N PRO F 172 64.82 33.71 42.46
CA PRO F 172 65.12 34.95 43.18
C PRO F 172 64.11 36.06 42.89
N GLY F 173 64.26 37.14 43.63
CA GLY F 173 63.29 38.20 43.67
C GLY F 173 62.79 38.41 45.09
N ALA F 174 61.74 39.20 45.21
CA ALA F 174 61.27 39.65 46.52
C ALA F 174 59.84 39.17 46.77
N ILE F 175 59.61 38.61 47.95
CA ILE F 175 58.27 38.32 48.45
C ILE F 175 58.03 39.23 49.66
N GLY F 176 56.93 39.97 49.63
CA GLY F 176 56.56 40.86 50.71
C GLY F 176 56.58 42.33 50.33
N THR F 177 57.12 42.67 49.18
CA THR F 177 57.22 44.05 48.71
C THR F 177 57.65 44.03 47.25
N VAL F 178 57.38 45.13 46.56
CA VAL F 178 57.77 45.24 45.16
C VAL F 178 59.21 45.71 45.03
N ARG F 179 59.64 46.61 45.90
CA ARG F 179 61.00 47.12 45.92
C ARG F 179 61.41 47.34 47.36
N ASP F 180 62.66 47.74 47.58
CA ASP F 180 63.15 48.06 48.91
C ASP F 180 62.80 49.51 49.23
N HIS F 181 62.29 49.74 50.45
CA HIS F 181 62.02 51.08 50.93
C HIS F 181 62.92 51.49 52.09
N GLY F 182 63.95 50.71 52.40
CA GLY F 182 65.02 51.14 53.25
C GLY F 182 65.79 52.29 52.62
N PRO F 183 66.60 52.97 53.42
CA PRO F 183 67.28 54.19 52.93
C PRO F 183 68.03 53.99 51.62
N ALA F 184 68.92 52.98 51.55
CA ALA F 184 69.69 52.76 50.34
C ALA F 184 68.80 52.48 49.14
N GLY F 185 67.72 51.72 49.35
CA GLY F 185 66.80 51.42 48.25
C GLY F 185 66.02 52.65 47.78
N GLU F 186 65.59 53.50 48.71
CA GLU F 186 64.93 54.73 48.33
C GLU F 186 65.87 55.64 47.57
N ALA F 187 67.08 55.85 48.10
CA ALA F 187 68.05 56.71 47.44
C ALA F 187 68.29 56.24 46.00
N ALA F 188 68.58 54.96 45.82
CA ALA F 188 68.90 54.45 44.49
C ALA F 188 67.70 54.59 43.55
N PHE F 189 66.48 54.43 44.07
CA PHE F 189 65.28 54.60 43.25
C PHE F 189 65.05 56.06 42.85
N ALA F 190 65.62 57.01 43.58
CA ALA F 190 65.54 58.39 43.16
C ALA F 190 66.54 58.72 42.07
N GLN F 191 67.60 57.92 41.93
CA GLN F 191 68.57 58.10 40.87
C GLN F 191 67.96 57.74 39.51
N PRO F 192 68.54 58.24 38.42
CA PRO F 192 68.09 57.80 37.09
C PRO F 192 68.44 56.35 36.79
N VAL F 193 68.03 55.88 35.62
CA VAL F 193 68.36 54.51 35.21
C VAL F 193 69.81 54.48 34.75
N PRO F 194 70.60 53.49 35.17
CA PRO F 194 71.95 53.35 34.60
C PRO F 194 71.91 53.46 33.09
N ALA F 195 72.80 54.30 32.54
CA ALA F 195 72.86 54.48 31.10
C ALA F 195 73.05 53.15 30.39
N ALA F 196 73.88 52.27 30.97
CA ALA F 196 74.12 50.98 30.36
C ALA F 196 72.82 50.22 30.12
N ILE F 197 71.88 50.34 31.05
CA ILE F 197 70.64 49.59 30.97
C ILE F 197 69.66 50.23 29.99
N ALA F 198 69.53 51.56 30.01
CA ALA F 198 68.72 52.23 28.99
C ALA F 198 69.24 51.93 27.60
N ALA F 199 70.57 51.88 27.46
CA ALA F 199 71.20 51.65 26.17
C ALA F 199 70.89 50.25 25.67
N ALA F 200 71.05 49.25 26.52
CA ALA F 200 70.83 47.86 26.12
C ALA F 200 69.39 47.59 25.73
N LEU F 201 68.44 48.38 26.23
CA LEU F 201 67.04 48.23 25.90
C LEU F 201 66.58 49.20 24.83
N GLY F 202 67.51 49.84 24.12
CA GLY F 202 67.16 50.82 23.10
C GLY F 202 66.26 51.93 23.60
N LYS F 203 66.61 52.54 24.72
CA LYS F 203 65.76 53.51 25.40
C LYS F 203 66.50 54.81 25.64
N PRO F 204 65.78 55.92 25.76
CA PRO F 204 66.41 57.18 26.15
C PRO F 204 66.75 57.19 27.63
N ALA F 205 67.61 58.15 28.00
CA ALA F 205 67.92 58.36 29.41
C ALA F 205 66.69 58.90 30.12
N GLY F 206 66.66 58.72 31.44
CA GLY F 206 65.57 59.25 32.24
C GLY F 206 65.32 58.42 33.48
N SER F 207 64.25 58.79 34.18
CA SER F 207 63.88 58.20 35.46
C SER F 207 63.22 56.84 35.25
N TRP F 208 63.07 56.10 36.36
CA TRP F 208 62.46 54.78 36.28
C TRP F 208 61.01 54.90 35.84
N GLN F 209 60.30 55.91 36.35
CA GLN F 209 58.91 56.10 35.98
C GLN F 209 58.76 56.45 34.51
N GLN F 210 59.78 57.08 33.92
CA GLN F 210 59.66 57.51 32.53
C GLN F 210 59.92 56.38 31.55
N LEU F 211 60.96 55.56 31.80
CA LEU F 211 61.29 54.47 30.90
C LEU F 211 60.40 53.26 31.10
N PHE F 212 59.75 53.13 32.26
CA PHE F 212 59.02 51.91 32.57
C PHE F 212 57.59 52.13 33.01
N GLY F 213 57.14 53.38 33.17
CA GLY F 213 55.74 53.63 33.46
C GLY F 213 55.31 53.04 34.79
N ALA F 214 54.18 52.32 34.78
CA ALA F 214 53.67 51.72 36.01
C ALA F 214 54.60 50.66 36.57
N GLU F 215 55.49 50.13 35.75
CA GLU F 215 56.41 49.10 36.18
C GLU F 215 57.71 49.65 36.74
N ALA F 216 57.76 50.95 37.05
CA ALA F 216 58.97 51.57 37.61
C ALA F 216 59.54 50.74 38.77
N ALA F 217 58.74 50.52 39.81
CA ALA F 217 59.24 49.83 41.00
C ALA F 217 59.65 48.39 40.68
N GLU F 218 58.83 47.66 39.90
CA GLU F 218 59.18 46.28 39.59
C GLU F 218 60.40 46.21 38.68
N ALA F 219 60.50 47.11 37.72
CA ALA F 219 61.70 47.12 36.87
C ALA F 219 62.93 47.54 37.68
N PHE F 220 62.75 48.44 38.65
CA PHE F 220 63.85 48.82 39.51
C PHE F 220 64.38 47.64 40.32
N ASN F 221 63.48 46.92 41.00
CA ASN F 221 63.96 45.81 41.83
C ASN F 221 64.48 44.64 40.98
N ALA F 222 63.90 44.45 39.79
CA ALA F 222 64.43 43.44 38.88
C ALA F 222 65.92 43.66 38.62
N HIS F 223 66.28 44.88 38.24
CA HIS F 223 67.68 45.19 38.02
C HIS F 223 68.50 45.00 39.29
N ALA F 224 67.94 45.41 40.44
CA ALA F 224 68.65 45.26 41.70
C ALA F 224 68.95 43.79 41.97
N THR F 225 67.94 42.93 41.84
CA THR F 225 68.14 41.50 41.95
C THR F 225 69.16 41.00 40.93
N ALA F 226 69.04 41.46 39.68
CA ALA F 226 69.89 40.96 38.60
C ALA F 226 71.35 41.36 38.81
N ALA F 227 71.60 42.61 39.17
CA ALA F 227 72.98 43.05 39.42
C ALA F 227 73.58 42.36 40.63
N TYR F 228 72.78 42.13 41.68
CA TYR F 228 73.23 41.37 42.83
C TYR F 228 73.70 39.98 42.43
N ILE F 229 72.90 39.29 41.61
CA ILE F 229 73.26 37.94 41.20
C ILE F 229 74.45 37.95 40.25
N GLU F 230 74.57 38.99 39.41
CA GLU F 230 75.72 39.06 38.50
C GLU F 230 77.04 39.04 39.26
N GLN F 231 77.13 39.79 40.36
CA GLN F 231 78.32 39.78 41.21
C GLN F 231 78.62 38.36 41.72
N VAL F 232 77.58 37.66 42.18
CA VAL F 232 77.77 36.31 42.69
C VAL F 232 78.27 35.39 41.59
N ALA F 233 77.59 35.42 40.43
CA ALA F 233 77.92 34.53 39.32
C ALA F 233 79.32 34.81 38.78
N ALA F 234 79.64 36.09 38.55
CA ALA F 234 80.99 36.44 38.06
C ALA F 234 82.08 35.93 39.01
N ALA F 235 81.87 36.07 40.32
CA ALA F 235 82.86 35.56 41.27
C ALA F 235 82.97 34.04 41.16
N GLY F 236 81.85 33.35 40.93
CA GLY F 236 81.92 31.92 40.74
C GLY F 236 82.56 31.53 39.42
N LYS F 237 82.36 32.33 38.38
CA LYS F 237 82.99 32.04 37.10
C LYS F 237 84.51 32.17 37.19
N ARG F 238 85.03 33.10 38.01
CA ARG F 238 86.48 33.21 38.18
C ARG F 238 87.07 32.01 38.87
N ALA F 239 86.30 31.31 39.72
CA ALA F 239 86.85 30.14 40.40
C ALA F 239 86.78 28.89 39.53
N TYR F 240 85.67 28.71 38.81
CA TYR F 240 85.38 27.47 38.13
C TYR F 240 84.20 27.71 37.20
N PRO F 241 84.45 27.99 35.92
CA PRO F 241 83.43 28.59 35.04
C PRO F 241 82.49 27.57 34.39
N LEU F 242 81.88 26.71 35.22
CA LEU F 242 80.78 25.86 34.80
C LEU F 242 79.62 26.71 34.26
N PRO F 243 78.75 26.11 33.44
CA PRO F 243 77.54 26.82 33.03
C PRO F 243 76.66 27.16 34.23
N LEU F 244 76.05 28.35 34.19
CA LEU F 244 75.27 28.90 35.29
C LEU F 244 73.91 29.37 34.77
N TYR F 245 72.84 28.94 35.46
CA TYR F 245 71.50 29.38 35.11
C TYR F 245 70.77 29.82 36.38
N VAL F 246 69.69 30.57 36.19
CA VAL F 246 68.74 30.83 37.27
C VAL F 246 67.36 30.36 36.82
N ASN F 247 66.58 29.90 37.79
CA ASN F 247 65.24 29.38 37.57
C ASN F 247 64.24 30.44 38.00
N THR F 248 63.03 30.39 37.44
CA THR F 248 62.09 31.49 37.57
C THR F 248 60.72 31.01 38.05
N TRP F 249 60.31 31.50 39.21
CA TRP F 249 58.90 31.49 39.59
C TRP F 249 58.17 32.50 38.70
N LEU F 250 57.36 32.00 37.77
CA LEU F 250 56.91 32.74 36.59
C LEU F 250 55.75 33.68 36.91
N ARG F 251 55.61 34.70 36.08
CA ARG F 251 54.41 35.54 36.00
C ARG F 251 53.51 34.90 34.97
N TYR F 252 52.64 34.01 35.45
CA TYR F 252 51.78 33.20 34.58
C TYR F 252 50.53 32.83 35.36
N LYS F 253 49.63 32.10 34.70
CA LYS F 253 48.41 31.59 35.33
C LYS F 253 47.59 32.71 35.97
N GLY F 254 47.59 33.89 35.37
CA GLY F 254 46.85 34.99 35.95
C GLY F 254 47.51 35.67 37.13
N LYS F 255 48.74 35.31 37.49
CA LYS F 255 49.47 36.00 38.56
C LYS F 255 49.86 37.40 38.11
N ARG F 256 49.36 38.43 38.82
CA ARG F 256 49.57 39.81 38.42
C ARG F 256 50.26 40.69 39.46
N TYR F 257 50.49 40.20 40.67
CA TYR F 257 50.92 41.07 41.78
C TYR F 257 52.34 40.74 42.19
N PRO F 258 53.34 41.45 41.68
CA PRO F 258 54.72 41.20 42.12
C PRO F 258 54.85 41.46 43.62
N GLY F 259 55.63 40.61 44.29
CA GLY F 259 55.72 40.64 45.72
C GLY F 259 54.75 39.75 46.45
N MET F 260 53.62 39.38 45.82
CA MET F 260 52.73 38.41 46.46
C MET F 260 52.42 37.22 45.55
N ASP F 261 52.02 37.46 44.29
CA ASP F 261 51.77 36.38 43.35
C ASP F 261 53.07 35.64 42.99
N TYR F 262 54.17 36.38 42.88
CA TYR F 262 55.44 35.89 42.38
C TYR F 262 56.53 36.83 42.87
N PRO F 263 57.77 36.36 43.02
CA PRO F 263 58.83 37.23 43.54
C PRO F 263 59.07 38.43 42.63
N SER F 264 58.82 39.62 43.16
CA SER F 264 59.09 40.82 42.36
C SER F 264 60.58 40.90 42.09
N GLY F 265 60.93 41.01 40.81
CA GLY F 265 62.32 41.11 40.42
C GLY F 265 62.95 39.84 39.89
N GLY F 266 62.22 38.72 39.83
CA GLY F 266 62.74 37.55 39.16
C GLY F 266 62.84 37.78 37.67
N ALA F 267 63.41 36.82 36.97
CA ALA F 267 63.51 36.94 35.52
C ALA F 267 62.18 36.63 34.84
N THR F 268 61.11 37.34 35.23
CA THR F 268 59.79 37.14 34.67
C THR F 268 59.68 37.81 33.32
N VAL F 269 58.71 37.33 32.53
CA VAL F 269 58.62 37.67 31.11
C VAL F 269 58.63 39.18 30.90
N ASN F 270 58.00 39.94 31.80
CA ASN F 270 57.83 41.37 31.56
C ASN F 270 59.10 42.18 31.81
N VAL F 271 60.17 41.57 32.36
CA VAL F 271 61.43 42.27 32.61
C VAL F 271 62.60 41.45 32.08
N PHE F 272 62.33 40.56 31.12
CA PHE F 272 63.33 39.55 30.75
C PHE F 272 64.58 40.19 30.16
N ALA F 273 64.41 41.09 29.18
CA ALA F 273 65.58 41.70 28.52
C ALA F 273 66.38 42.54 29.51
N LEU F 274 65.69 43.32 30.34
CA LEU F 274 66.36 44.07 31.39
C LEU F 274 67.18 43.13 32.28
N TRP F 275 66.54 42.05 32.77
CA TRP F 275 67.23 41.13 33.67
C TRP F 275 68.49 40.57 33.02
N ARG F 276 68.41 40.16 31.75
CA ARG F 276 69.53 39.52 31.09
C ARG F 276 70.65 40.50 30.75
N ALA F 277 70.29 41.75 30.43
CA ALA F 277 71.30 42.78 30.17
C ALA F 277 72.26 42.92 31.34
N ALA F 278 71.75 42.80 32.57
CA ALA F 278 72.56 42.97 33.77
C ALA F 278 73.31 41.72 34.20
N THR F 279 73.15 40.58 33.51
CA THR F 279 73.68 39.30 33.97
C THR F 279 74.43 38.57 32.86
N PRO F 280 75.51 39.15 32.33
CA PRO F 280 76.30 38.41 31.32
C PRO F 280 76.91 37.12 31.85
N SER F 281 77.14 37.01 33.15
CA SER F 281 77.75 35.81 33.72
C SER F 281 76.76 34.68 33.96
N ILE F 282 75.46 34.91 33.78
CA ILE F 282 74.48 33.85 33.78
C ILE F 282 74.24 33.45 32.33
N ASP F 283 74.28 32.15 32.06
CA ASP F 283 74.24 31.63 30.70
C ASP F 283 72.82 31.46 30.14
N PHE F 284 71.85 31.01 30.93
CA PHE F 284 70.49 30.83 30.45
C PHE F 284 69.51 30.80 31.61
N ILE F 285 68.22 30.94 31.30
CA ILE F 285 67.17 31.03 32.30
C ILE F 285 66.25 29.81 32.18
N GLY F 286 66.04 29.11 33.28
CA GLY F 286 65.06 28.03 33.34
C GLY F 286 63.69 28.51 33.80
N THR F 287 62.66 27.76 33.40
CA THR F 287 61.28 28.06 33.73
C THR F 287 60.72 26.97 34.64
N ASP F 288 60.04 27.39 35.72
CA ASP F 288 59.39 26.48 36.66
C ASP F 288 57.89 26.51 36.39
N ILE F 289 57.40 25.48 35.69
CA ILE F 289 56.07 25.47 35.11
C ILE F 289 55.23 24.45 35.86
N TYR F 290 54.31 24.94 36.68
CA TYR F 290 53.44 24.05 37.43
C TYR F 290 52.01 24.21 36.95
N THR F 291 51.79 23.86 35.69
CA THR F 291 50.48 23.67 35.13
C THR F 291 50.50 22.41 34.31
N SER F 292 49.30 21.92 34.00
CA SER F 292 49.09 20.84 33.05
C SER F 292 48.47 21.34 31.75
N ASP F 293 47.99 22.58 31.72
CA ASP F 293 47.17 23.08 30.62
C ASP F 293 48.01 23.34 29.37
N TYR F 294 47.56 22.78 28.24
CA TYR F 294 48.33 22.87 27.00
C TYR F 294 48.54 24.32 26.58
N GLY F 295 47.48 25.14 26.67
CA GLY F 295 47.61 26.53 26.28
C GLY F 295 48.66 27.26 27.09
N GLU F 296 48.61 27.12 28.42
CA GLU F 296 49.48 27.87 29.30
C GLU F 296 50.91 27.34 29.27
N TYR F 297 51.07 26.01 29.27
CA TYR F 297 52.41 25.42 29.17
C TYR F 297 53.08 25.86 27.88
N THR F 298 52.32 25.90 26.78
CA THR F 298 52.88 26.20 25.48
C THR F 298 53.22 27.69 25.39
N LYS F 299 52.38 28.54 25.96
CA LYS F 299 52.63 29.97 25.97
C LYS F 299 53.95 30.28 26.70
N VAL F 300 54.16 29.63 27.86
CA VAL F 300 55.34 29.91 28.66
C VAL F 300 56.62 29.53 27.91
N ILE F 301 56.62 28.38 27.23
CA ILE F 301 57.81 28.01 26.45
C ILE F 301 58.03 28.99 25.31
N GLY F 302 56.95 29.40 24.63
CA GLY F 302 57.07 30.43 23.61
C GLY F 302 57.65 31.71 24.13
N GLN F 303 57.45 32.02 25.42
CA GLN F 303 58.01 33.25 25.96
C GLN F 303 59.50 33.12 26.18
N TYR F 304 59.97 31.92 26.55
CA TYR F 304 61.35 31.79 26.98
C TYR F 304 62.25 31.11 25.97
N ALA F 305 61.71 30.56 24.88
CA ALA F 305 62.54 29.99 23.82
C ALA F 305 62.80 31.10 22.82
N ARG F 306 63.91 31.79 23.00
CA ARG F 306 64.27 32.99 22.24
C ARG F 306 65.61 32.74 21.58
N PRO F 307 66.03 33.62 20.68
CA PRO F 307 67.40 33.49 20.15
C PRO F 307 68.46 33.68 21.22
N ASP F 308 68.17 34.44 22.29
CA ASP F 308 69.11 34.64 23.39
C ASP F 308 68.86 33.70 24.56
N ASN F 309 67.94 32.74 24.44
CA ASN F 309 67.67 31.82 25.54
C ASN F 309 67.04 30.50 25.10
N PRO F 310 67.60 29.36 25.48
CA PRO F 310 67.02 28.08 25.08
C PRO F 310 65.87 27.69 25.99
N ALA F 311 64.93 26.95 25.41
CA ALA F 311 63.93 26.31 26.25
C ALA F 311 64.65 25.40 27.24
N TRP F 312 64.24 25.48 28.51
CA TRP F 312 64.89 24.72 29.57
C TRP F 312 63.91 24.70 30.73
N VAL F 313 63.29 23.54 30.98
CA VAL F 313 62.34 23.44 32.07
C VAL F 313 63.12 22.96 33.28
N SER F 314 63.44 23.89 34.19
CA SER F 314 64.21 23.55 35.37
C SER F 314 63.36 22.85 36.42
N GLU F 315 62.06 23.12 36.46
CA GLU F 315 61.12 22.45 37.33
C GLU F 315 59.78 22.33 36.62
N THR F 316 59.16 21.16 36.75
CA THR F 316 57.77 20.95 36.38
C THR F 316 57.19 19.94 37.36
N GLY F 317 55.86 19.95 37.47
CA GLY F 317 55.19 19.16 38.50
C GLY F 317 55.31 17.66 38.23
N PHE F 318 55.47 16.90 39.32
CA PHE F 318 55.69 15.46 39.25
C PHE F 318 54.34 14.75 39.25
N GLU F 319 53.74 14.70 38.06
CA GLU F 319 52.42 14.11 37.84
C GLU F 319 52.38 13.58 36.43
N ALA F 320 51.57 12.54 36.21
CA ALA F 320 51.46 11.92 34.89
C ALA F 320 51.12 12.94 33.81
N ALA F 321 50.21 13.86 34.11
CA ALA F 321 49.70 14.80 33.10
C ALA F 321 50.77 15.70 32.50
N THR F 322 52.00 15.65 33.01
CA THR F 322 53.03 16.55 32.50
C THR F 322 54.05 15.84 31.60
N ALA F 323 53.99 14.51 31.51
CA ALA F 323 54.92 13.77 30.67
C ALA F 323 54.90 14.13 29.17
N PRO F 324 53.77 14.49 28.55
CA PRO F 324 53.83 14.82 27.11
C PRO F 324 54.66 16.05 26.80
N TYR F 325 54.78 16.98 27.74
CA TYR F 325 55.46 18.24 27.48
C TYR F 325 56.98 18.09 27.39
N LEU F 326 57.54 16.95 27.82
CA LEU F 326 58.93 16.68 27.48
C LEU F 326 59.16 16.78 25.98
N PHE F 327 58.24 16.24 25.19
CA PHE F 327 58.41 16.23 23.75
C PHE F 327 58.19 17.62 23.15
N HIS F 328 57.22 18.37 23.67
CA HIS F 328 57.05 19.75 23.20
C HIS F 328 58.31 20.58 23.45
N VAL F 329 58.92 20.44 24.63
CA VAL F 329 60.07 21.29 24.97
C VAL F 329 61.24 20.99 24.06
N LEU F 330 61.52 19.71 23.82
CA LEU F 330 62.57 19.34 22.88
C LEU F 330 62.29 19.91 21.50
N GLY F 331 61.05 19.75 21.03
CA GLY F 331 60.62 20.25 19.74
C GLY F 331 60.63 21.76 19.59
N GLN F 332 61.01 22.50 20.62
CA GLN F 332 61.24 23.92 20.50
C GLN F 332 62.71 24.27 20.71
N GLY F 333 63.59 23.29 20.57
CA GLY F 333 65.00 23.47 20.77
C GLY F 333 65.46 23.31 22.20
N GLY F 334 64.60 22.78 23.06
CA GLY F 334 64.91 22.76 24.49
C GLY F 334 66.09 21.85 24.81
N ILE F 335 66.85 22.24 25.84
CA ILE F 335 68.07 21.54 26.20
C ILE F 335 67.88 20.58 27.36
N GLY F 336 66.71 20.58 27.98
CA GLY F 336 66.49 19.74 29.14
C GLY F 336 65.08 19.85 29.65
N PHE F 337 64.75 18.94 30.56
CA PHE F 337 63.43 18.79 31.14
C PHE F 337 63.61 18.14 32.50
N SER F 338 62.94 18.64 33.54
CA SER F 338 63.13 18.17 34.90
C SER F 338 61.79 18.08 35.62
N VAL F 339 61.56 16.98 36.35
CA VAL F 339 60.42 16.84 37.24
C VAL F 339 60.86 17.14 38.67
N PHE F 340 59.99 17.82 39.44
CA PHE F 340 60.32 18.26 40.78
C PHE F 340 59.71 17.37 41.85
N GLY F 341 60.48 17.15 42.93
CA GLY F 341 59.95 16.55 44.13
C GLY F 341 59.52 15.11 43.94
N ILE F 342 60.49 14.24 43.65
CA ILE F 342 60.19 12.87 43.25
C ILE F 342 60.39 11.86 44.38
N ASP F 343 61.06 12.26 45.46
CA ASP F 343 61.51 11.30 46.46
C ASP F 343 60.59 11.32 47.67
N GLY F 344 60.23 10.14 48.16
CA GLY F 344 59.60 9.96 49.44
C GLY F 344 58.15 10.38 49.56
N ASN F 345 57.44 10.56 48.45
CA ASN F 345 56.06 11.02 48.54
C ASN F 345 55.18 9.93 49.15
N PRO F 346 54.05 10.31 49.75
CA PRO F 346 53.10 9.29 50.21
C PRO F 346 52.62 8.46 49.04
N ASP F 347 52.48 7.15 49.27
CA ASP F 347 52.06 6.24 48.21
C ASP F 347 50.61 6.53 47.82
N SER F 348 50.39 6.80 46.54
CA SER F 348 49.06 6.99 45.99
C SER F 348 49.08 6.55 44.53
N GLY F 349 47.89 6.39 43.96
CA GLY F 349 47.82 6.08 42.54
C GLY F 349 48.41 7.19 41.70
N ALA F 350 48.21 8.44 42.13
CA ALA F 350 48.73 9.56 41.37
C ALA F 350 50.25 9.53 41.34
N ASN F 351 50.87 9.26 42.49
CA ASN F 351 52.32 9.18 42.55
C ASN F 351 52.85 7.99 41.74
N ARG F 352 52.18 6.84 41.85
CA ARG F 352 52.55 5.70 41.02
C ARG F 352 52.44 6.03 39.54
N ALA F 353 51.38 6.73 39.15
CA ALA F 353 51.19 7.09 37.75
C ALA F 353 52.22 8.11 37.29
N ALA F 354 52.71 8.95 38.20
CA ALA F 354 53.74 9.91 37.81
C ALA F 354 55.07 9.20 37.56
N ILE F 355 55.45 8.31 38.47
CA ILE F 355 56.65 7.49 38.30
C ILE F 355 56.61 6.74 36.98
N ALA F 356 55.51 6.03 36.73
CA ALA F 356 55.39 5.23 35.51
C ALA F 356 55.48 6.09 34.27
N ALA F 357 54.76 7.23 34.26
CA ALA F 357 54.75 8.08 33.08
C ALA F 357 56.14 8.63 32.78
N HIS F 358 56.82 9.15 33.81
CA HIS F 358 58.08 9.84 33.58
C HIS F 358 59.23 8.87 33.39
N ALA F 359 59.28 7.81 34.19
CA ALA F 359 60.27 6.77 33.93
C ALA F 359 60.16 6.30 32.49
N ALA F 360 58.93 6.09 32.01
CA ALA F 360 58.72 5.51 30.68
C ALA F 360 59.42 6.34 29.61
N ASN F 361 59.26 7.66 29.65
CA ASN F 361 59.83 8.37 28.53
C ASN F 361 61.27 8.83 28.78
N PHE F 362 61.77 8.79 30.01
CA PHE F 362 63.22 8.90 30.19
C PHE F 362 63.89 7.61 29.76
N ARG F 363 63.25 6.48 30.03
CA ARG F 363 63.75 5.21 29.53
C ARG F 363 63.80 5.19 28.02
N GLN F 364 62.81 5.80 27.38
CA GLN F 364 62.76 5.81 25.93
C GLN F 364 63.89 6.64 25.35
N LEU F 365 64.12 7.83 25.90
CA LEU F 365 64.98 8.82 25.28
C LEU F 365 66.43 8.81 25.79
N ALA F 366 66.68 8.34 27.00
CA ALA F 366 68.04 8.31 27.52
C ALA F 366 69.06 7.67 26.56
N PRO F 367 68.82 6.48 25.99
CA PRO F 367 69.80 5.94 25.03
C PRO F 367 69.91 6.74 23.75
N LEU F 368 69.06 7.73 23.54
CA LEU F 368 69.04 8.52 22.33
C LEU F 368 69.47 9.97 22.57
N GLN F 369 69.83 10.32 23.82
CA GLN F 369 69.92 11.73 24.17
C GLN F 369 71.05 12.42 23.41
N ARG F 370 72.17 11.73 23.21
CA ARG F 370 73.26 12.34 22.46
C ARG F 370 72.84 12.64 21.03
N LEU F 371 72.11 11.73 20.41
CA LEU F 371 71.62 11.95 19.05
C LEU F 371 70.63 13.10 19.02
N ILE F 372 69.62 13.06 19.90
CA ILE F 372 68.60 14.11 19.97
C ILE F 372 69.25 15.48 20.18
N ALA F 373 70.25 15.53 21.06
CA ALA F 373 70.89 16.80 21.41
C ALA F 373 71.64 17.39 20.22
N GLN F 374 72.39 16.57 19.48
CA GLN F 374 73.04 17.06 18.27
C GLN F 374 72.01 17.46 17.24
N ALA F 375 70.99 16.62 17.03
CA ALA F 375 69.95 16.93 16.07
C ALA F 375 69.25 18.23 16.42
N ASN F 376 69.05 18.47 17.72
CA ASN F 376 68.39 19.70 18.15
C ASN F 376 69.24 20.92 17.87
N LEU F 377 70.54 20.85 18.19
CA LEU F 377 71.44 21.94 17.84
C LEU F 377 71.44 22.20 16.33
N ASP F 378 71.54 21.12 15.54
CA ASP F 378 71.63 21.24 14.09
C ASP F 378 70.32 21.65 13.42
N GLY F 379 69.23 21.82 14.16
CA GLY F 379 67.97 22.13 13.53
C GLY F 379 67.34 20.97 12.80
N ARG F 380 67.70 19.73 13.13
CA ARG F 380 67.18 18.54 12.48
C ARG F 380 66.18 17.79 13.34
N LEU F 381 65.74 18.37 14.46
CA LEU F 381 64.84 17.70 15.40
C LEU F 381 63.50 18.44 15.49
N GLN F 382 62.42 17.68 15.33
CA GLN F 382 61.06 18.20 15.52
C GLN F 382 60.31 17.27 16.46
N ALA F 383 59.58 17.85 17.41
CA ALA F 383 58.83 17.03 18.36
C ALA F 383 57.59 17.78 18.77
N VAL F 384 56.57 17.02 19.18
CA VAL F 384 55.23 17.54 19.35
C VAL F 384 54.55 16.81 20.49
N ALA F 385 53.75 17.54 21.28
CA ALA F 385 52.86 16.99 22.29
C ALA F 385 51.41 17.17 21.86
N GLU F 386 50.56 16.19 22.17
CA GLU F 386 49.18 16.24 21.72
C GLU F 386 48.43 17.42 22.32
N GLN F 387 47.67 18.15 21.47
CA GLN F 387 46.80 19.23 21.93
C GLN F 387 45.35 18.78 21.96
N PRO F 388 44.62 19.06 23.04
CA PRO F 388 43.24 18.56 23.14
C PRO F 388 42.30 18.99 22.01
N GLY F 389 42.34 20.25 21.61
CA GLY F 389 41.38 20.61 20.59
C GLY F 389 41.75 20.19 19.18
N ALA F 390 43.01 19.82 18.94
CA ALA F 390 43.53 19.63 17.58
C ALA F 390 44.43 18.41 17.55
N PRO F 391 43.88 17.25 17.23
CA PRO F 391 44.66 16.01 17.35
C PRO F 391 45.54 15.68 16.15
N GLN F 392 45.93 16.68 15.35
CA GLN F 392 46.77 16.44 14.19
C GLN F 392 47.84 17.51 14.08
N ARG F 393 49.00 17.13 13.55
CA ARG F 393 50.12 18.04 13.36
C ARG F 393 50.86 17.60 12.11
N THR F 394 51.46 18.59 11.42
CA THR F 394 52.23 18.35 10.21
C THR F 394 53.65 18.85 10.40
N LEU F 395 54.62 17.94 10.24
CA LEU F 395 56.04 18.24 10.38
C LEU F 395 56.69 18.23 8.99
N ARG F 396 57.38 19.31 8.65
CA ARG F 396 57.93 19.52 7.32
C ARG F 396 59.43 19.29 7.30
N PHE F 397 59.90 18.50 6.34
CA PHE F 397 61.33 18.20 6.21
C PHE F 397 61.76 18.42 4.75
N GLY F 398 61.38 19.56 4.19
CA GLY F 398 61.73 19.84 2.81
C GLY F 398 60.91 19.05 1.81
N ASP F 399 61.53 18.10 1.11
CA ASP F 399 60.81 17.30 0.14
C ASP F 399 59.76 16.42 0.81
N TRP F 400 59.97 16.09 2.07
CA TRP F 400 59.09 15.17 2.79
C TRP F 400 58.33 15.88 3.89
N GLU F 401 57.18 15.29 4.25
CA GLU F 401 56.34 15.75 5.34
C GLU F 401 55.85 14.55 6.15
N ALA F 402 55.63 14.78 7.44
CA ALA F 402 55.11 13.77 8.34
C ALA F 402 53.82 14.28 8.94
N LYS F 403 52.77 13.47 8.88
CA LYS F 403 51.46 13.79 9.43
C LYS F 403 51.28 12.98 10.70
N VAL F 404 51.22 13.65 11.83
CA VAL F 404 51.12 13.01 13.14
C VAL F 404 49.66 13.07 13.57
N SER F 405 49.08 11.91 13.88
CA SER F 405 47.69 11.80 14.29
C SER F 405 47.59 11.19 15.69
N PHE F 406 46.65 11.71 16.47
CA PHE F 406 46.39 11.25 17.83
C PHE F 406 44.98 10.70 17.92
N GLY F 407 44.82 9.61 18.69
CA GLY F 407 43.53 8.99 18.82
C GLY F 407 43.13 8.07 17.68
N ALA F 408 44.05 7.69 16.85
CA ALA F 408 43.80 6.70 15.81
C ALA F 408 43.98 5.30 16.38
N PRO F 409 43.29 4.29 15.84
CA PRO F 409 43.50 2.93 16.32
C PRO F 409 44.91 2.45 16.04
N LEU F 410 45.38 1.53 16.88
CA LEU F 410 46.73 1.00 16.70
C LEU F 410 46.89 0.40 15.32
N TRP F 411 45.80 -0.12 14.75
CA TRP F 411 45.79 -0.67 13.40
C TRP F 411 44.46 -0.30 12.74
N GLY F 412 44.49 -0.13 11.41
CA GLY F 412 43.27 0.12 10.65
C GLY F 412 43.12 1.60 10.29
N ASP F 413 42.03 1.87 9.57
CA ASP F 413 41.73 3.22 9.14
C ASP F 413 41.45 4.12 10.34
N ALA F 414 41.81 5.39 10.21
CA ALA F 414 41.47 6.39 11.20
C ALA F 414 40.05 6.91 10.96
N PRO F 415 39.30 7.22 12.02
CA PRO F 415 37.93 7.72 11.83
C PRO F 415 37.91 9.02 11.06
N ALA F 416 36.72 9.37 10.58
CA ALA F 416 36.56 10.60 9.81
C ALA F 416 37.03 11.81 10.61
N ILE F 417 36.74 11.82 11.91
CA ILE F 417 37.15 12.88 12.82
C ILE F 417 38.00 12.23 13.91
N LEU F 418 39.22 12.75 14.10
CA LEU F 418 40.12 12.15 15.09
C LEU F 418 39.72 12.58 16.50
N PRO F 419 39.43 11.65 17.41
CA PRO F 419 38.97 12.03 18.75
C PRO F 419 40.08 12.39 19.72
N GLY F 420 41.34 12.17 19.34
CA GLY F 420 42.45 12.31 20.26
C GLY F 420 42.51 11.16 21.25
N ASN F 421 43.58 11.08 22.02
CA ASN F 421 43.63 10.15 23.13
C ASN F 421 42.75 10.64 24.28
N ASP F 422 42.17 9.69 25.02
CA ASP F 422 41.26 10.03 26.11
C ASP F 422 41.98 10.82 27.20
N ASP F 423 43.23 10.47 27.47
CA ASP F 423 44.04 11.16 28.47
C ASP F 423 45.03 12.13 27.84
N HIS F 424 44.91 12.40 26.54
CA HIS F 424 45.78 13.35 25.83
C HIS F 424 47.27 13.09 26.07
N ALA F 425 47.66 11.81 26.08
CA ALA F 425 49.05 11.45 26.34
C ALA F 425 49.92 11.43 25.10
N GLY F 426 49.39 11.78 23.93
CA GLY F 426 50.12 11.52 22.70
C GLY F 426 51.32 12.43 22.55
N ARG F 427 52.42 11.87 22.05
CA ARG F 427 53.64 12.63 21.82
C ARG F 427 54.52 11.86 20.85
N LEU F 428 55.31 12.60 20.08
CA LEU F 428 56.12 12.00 19.03
C LEU F 428 57.29 12.91 18.71
N LEU F 429 58.41 12.28 18.35
CA LEU F 429 59.66 12.94 18.03
C LEU F 429 60.18 12.41 16.71
N VAL F 430 60.79 13.29 15.92
CA VAL F 430 61.34 12.92 14.62
C VAL F 430 62.70 13.61 14.48
N ALA F 431 63.73 12.81 14.30
CA ALA F 431 65.09 13.30 14.07
C ALA F 431 65.50 12.88 12.67
N GLN F 432 65.73 13.87 11.81
CA GLN F 432 66.18 13.66 10.44
C GLN F 432 67.67 13.32 10.43
N LEU F 433 67.98 12.04 10.23
CA LEU F 433 69.37 11.59 10.20
C LEU F 433 70.04 11.84 8.86
N GLY F 434 69.28 11.85 7.77
CA GLY F 434 69.82 12.12 6.47
C GLY F 434 68.79 12.71 5.52
N PRO F 435 69.17 12.90 4.27
CA PRO F 435 68.18 13.42 3.28
C PRO F 435 66.95 12.55 3.14
N GLU F 436 67.06 11.24 3.35
CA GLU F 436 65.90 10.34 3.26
C GLU F 436 65.93 9.31 4.39
N GLU F 437 66.35 9.73 5.59
CA GLU F 437 66.38 8.86 6.76
C GLU F 437 65.87 9.63 7.97
N PHE F 438 65.13 8.94 8.84
CA PHE F 438 64.50 9.57 9.99
C PHE F 438 64.53 8.60 11.15
N LEU F 439 64.75 9.13 12.36
CA LEU F 439 64.53 8.39 13.61
C LEU F 439 63.25 8.90 14.25
N VAL F 440 62.42 7.97 14.74
CA VAL F 440 61.05 8.28 15.16
C VAL F 440 60.72 7.47 16.41
N THR F 441 60.11 8.13 17.40
CA THR F 441 59.65 7.46 18.62
C THR F 441 58.68 8.38 19.35
N GLY F 442 57.90 7.78 20.24
CA GLY F 442 56.91 8.53 21.00
C GLY F 442 55.94 7.58 21.69
N THR F 443 54.81 8.14 22.12
CA THR F 443 53.76 7.41 22.82
C THR F 443 52.41 7.77 22.23
N ALA F 444 51.58 6.76 21.96
CA ALA F 444 50.17 6.95 21.61
C ALA F 444 50.02 7.92 20.42
N ALA F 445 50.62 7.54 19.30
CA ALA F 445 50.59 8.40 18.14
C ALA F 445 50.73 7.57 16.87
N ARG F 446 50.25 8.16 15.78
CA ARG F 446 50.46 7.63 14.45
C ARG F 446 51.18 8.70 13.63
N ILE F 447 52.10 8.25 12.78
CA ILE F 447 52.82 9.15 11.87
C ILE F 447 52.80 8.53 10.47
N GLU F 448 52.61 9.40 9.47
CA GLU F 448 52.60 9.03 8.06
C GLU F 448 53.46 10.00 7.27
N PHE F 449 54.39 9.47 6.49
CA PHE F 449 55.28 10.29 5.69
C PHE F 449 54.72 10.47 4.29
N PHE F 450 54.90 11.67 3.74
CA PHE F 450 54.38 12.00 2.42
C PHE F 450 55.44 12.78 1.68
N ARG F 451 55.59 12.50 0.39
CA ARG F 451 56.57 13.18 -0.45
C ARG F 451 55.87 14.18 -1.38
N SER F 452 56.38 15.40 -1.45
CA SER F 452 55.90 16.33 -2.49
C SER F 452 57.02 16.62 -3.48
N ALA F 453 57.87 17.59 -3.14
CA ALA F 453 59.20 17.80 -3.73
C ALA F 453 59.21 18.40 -5.13
N ALA F 454 58.06 18.66 -5.76
CA ALA F 454 57.98 19.23 -7.12
C ALA F 454 58.65 18.33 -8.16
N ASP F 455 58.65 17.03 -7.92
CA ASP F 455 59.07 16.09 -8.95
C ASP F 455 57.84 15.61 -9.70
N THR F 456 58.07 14.76 -10.69
CA THR F 456 57.05 13.83 -11.15
C THR F 456 57.24 12.47 -10.49
N ARG F 457 58.15 12.38 -9.53
CA ARG F 457 58.48 11.15 -8.84
C ARG F 457 57.48 10.88 -7.70
N HIS F 458 57.51 9.65 -7.20
CA HIS F 458 56.55 9.16 -6.23
C HIS F 458 57.29 8.63 -5.01
N GLY F 459 56.92 9.14 -3.83
CA GLY F 459 57.57 8.68 -2.61
C GLY F 459 57.11 7.30 -2.21
N GLN F 460 57.97 6.57 -1.51
CA GLN F 460 57.62 5.23 -1.03
C GLN F 460 58.47 4.90 0.18
N LEU F 461 58.06 3.85 0.87
CA LEU F 461 58.76 3.36 2.04
C LEU F 461 59.75 2.28 1.59
N LEU F 462 61.00 2.41 2.03
CA LEU F 462 62.04 1.46 1.64
C LEU F 462 62.47 0.53 2.77
N GLN F 463 62.62 1.05 3.99
CA GLN F 463 63.00 0.19 5.11
C GLN F 463 62.55 0.85 6.40
N VAL F 464 61.95 0.07 7.29
CA VAL F 464 61.59 0.51 8.62
C VAL F 464 62.14 -0.50 9.59
N GLU F 465 63.18 -0.11 10.33
CA GLU F 465 63.78 -0.98 11.32
C GLU F 465 63.25 -0.58 12.69
N GLN F 466 62.86 -1.57 13.48
CA GLN F 466 62.51 -1.39 14.87
C GLN F 466 63.63 -2.01 15.71
N GLY F 467 64.21 -1.22 16.61
CA GLY F 467 65.25 -1.70 17.48
C GLY F 467 65.53 -0.75 18.61
N ARG F 468 66.73 -0.89 19.18
CA ARG F 468 67.18 -0.06 20.29
C ARG F 468 68.63 0.34 20.06
N TYR F 469 69.07 1.35 20.79
CA TYR F 469 70.47 1.76 20.82
C TYR F 469 71.11 1.21 22.10
N VAL F 470 72.14 0.39 21.94
CA VAL F 470 72.88 -0.18 23.06
C VAL F 470 74.29 0.39 23.01
N ASP F 471 74.59 1.28 23.98
CA ASP F 471 75.91 1.89 24.13
C ASP F 471 76.29 2.74 22.92
N GLY F 472 75.30 3.30 22.23
CA GLY F 472 75.54 4.00 20.99
C GLY F 472 75.51 3.14 19.75
N ARG F 473 75.09 1.88 19.85
CA ARG F 473 75.06 0.95 18.73
C ARG F 473 73.62 0.57 18.39
N TRP F 474 73.23 0.78 17.14
CA TRP F 474 71.90 0.37 16.71
C TRP F 474 71.79 -1.15 16.65
N GLN F 475 70.76 -1.69 17.29
CA GLN F 475 70.50 -3.13 17.34
C GLN F 475 69.12 -3.37 16.77
N MET F 476 69.06 -3.88 15.55
CA MET F 476 67.78 -4.15 14.90
C MET F 476 67.10 -5.34 15.54
N GLU F 477 65.80 -5.20 15.84
CA GLU F 477 64.96 -6.26 16.39
C GLU F 477 64.12 -6.94 15.31
N ARG F 478 63.65 -6.16 14.34
CA ARG F 478 62.71 -6.60 13.31
C ARG F 478 62.56 -5.48 12.30
N GLN F 479 62.07 -5.83 11.10
CA GLN F 479 61.73 -4.86 10.08
C GLN F 479 60.22 -4.79 9.90
N LEU F 480 59.71 -3.57 9.74
CA LEU F 480 58.27 -3.32 9.78
C LEU F 480 57.72 -3.19 8.36
N ASN F 481 56.71 -3.99 8.05
CA ASN F 481 56.05 -3.93 6.76
C ASN F 481 54.65 -4.52 6.92
N GLY F 482 53.88 -4.47 5.83
CA GLY F 482 52.57 -5.10 5.82
C GLY F 482 51.63 -4.38 6.77
N ASP F 483 50.99 -5.17 7.64
CA ASP F 483 50.08 -4.61 8.64
C ASP F 483 50.73 -3.47 9.43
N GLN F 484 51.99 -3.65 9.81
CA GLN F 484 52.65 -2.66 10.64
C GLN F 484 52.99 -1.39 9.88
N THR F 485 52.64 -1.31 8.61
CA THR F 485 52.97 -0.17 7.76
C THR F 485 51.79 0.32 6.93
N ASP F 486 50.75 -0.50 6.77
CA ASP F 486 49.60 -0.12 5.95
C ASP F 486 48.91 1.15 6.46
N TYR F 487 48.97 1.44 7.75
CA TYR F 487 48.22 2.58 8.32
C TYR F 487 49.14 3.45 9.16
N GLY F 488 50.14 4.02 8.49
CA GLY F 488 51.18 4.74 9.18
C GLY F 488 51.95 3.84 10.13
N LEU F 489 52.86 4.47 10.84
CA LEU F 489 53.60 3.84 11.93
C LEU F 489 52.95 4.24 13.25
N ASN F 490 52.59 3.23 14.06
CA ASN F 490 51.77 3.43 15.24
C ASN F 490 52.55 3.11 16.51
N PHE F 491 52.55 4.06 17.44
CA PHE F 491 53.11 3.86 18.77
C PHE F 491 51.97 3.76 19.77
N GLY F 492 51.91 2.64 20.48
CA GLY F 492 50.96 2.47 21.55
C GLY F 492 51.49 2.92 22.90
N ARG F 493 51.42 2.04 23.88
CA ARG F 493 51.60 2.36 25.29
C ARG F 493 52.74 1.54 25.88
N THR F 494 53.30 2.07 26.96
CA THR F 494 54.26 1.31 27.76
C THR F 494 53.56 0.10 28.38
N ASP F 495 54.26 -1.03 28.43
CA ASP F 495 53.66 -2.20 29.05
C ASP F 495 53.87 -2.17 30.58
N ALA F 496 53.15 -3.05 31.27
CA ALA F 496 53.26 -3.13 32.73
C ALA F 496 54.69 -3.43 33.17
N ALA F 497 55.47 -4.12 32.33
CA ALA F 497 56.86 -4.47 32.63
C ALA F 497 57.82 -3.28 32.48
N GLY F 498 57.31 -2.08 32.18
CA GLY F 498 58.11 -0.88 32.08
C GLY F 498 58.63 -0.53 30.69
N GLN F 499 58.55 -1.44 29.73
CA GLN F 499 59.12 -1.22 28.41
C GLN F 499 58.32 -0.20 27.61
N PRO F 500 58.93 0.88 27.13
CA PRO F 500 58.17 1.92 26.43
C PRO F 500 58.03 1.59 24.95
N PRO F 501 57.19 2.33 24.23
CA PRO F 501 57.02 2.09 22.78
C PRO F 501 58.35 2.17 22.04
N PRO F 502 58.42 1.64 20.83
CA PRO F 502 59.73 1.35 20.22
C PRO F 502 60.33 2.59 19.56
N VAL F 503 61.58 2.39 19.11
CA VAL F 503 62.29 3.36 18.29
C VAL F 503 62.37 2.81 16.89
N LEU F 504 62.06 3.66 15.90
CA LEU F 504 62.01 3.25 14.50
C LEU F 504 63.01 4.06 13.69
N ARG F 505 63.77 3.35 12.87
CA ARG F 505 64.62 3.95 11.85
C ARG F 505 63.93 3.80 10.49
N VAL F 506 63.65 4.92 9.85
CA VAL F 506 62.77 5.00 8.70
C VAL F 506 63.56 5.54 7.50
N ARG F 507 63.62 4.74 6.44
CA ARG F 507 64.32 5.10 5.21
C ARG F 507 63.33 5.17 4.05
N VAL F 508 63.22 6.35 3.44
CA VAL F 508 62.26 6.59 2.36
C VAL F 508 62.98 6.78 1.03
N GLY F 509 62.22 6.93 -0.04
CA GLY F 509 62.82 7.12 -1.34
C GLY F 509 61.74 7.46 -2.36
N SER F 510 62.06 7.25 -3.62
CA SER F 510 61.14 7.61 -4.68
C SER F 510 61.24 6.62 -5.84
N TYR F 511 60.41 6.86 -6.85
CA TYR F 511 60.38 6.12 -8.10
C TYR F 511 59.57 6.93 -9.10
N GLU G 2 -92.31 -5.65 -1.61
CA GLU G 2 -91.82 -6.17 -0.34
C GLU G 2 -90.35 -5.84 -0.16
N GLU G 3 -89.79 -6.34 0.94
CA GLU G 3 -88.46 -5.97 1.38
C GLU G 3 -87.42 -6.28 0.29
N LEU G 4 -86.36 -5.46 0.26
CA LEU G 4 -85.23 -5.69 -0.63
C LEU G 4 -84.49 -6.96 -0.23
N PRO G 5 -84.13 -7.84 -1.17
CA PRO G 5 -83.22 -8.95 -0.83
C PRO G 5 -81.96 -8.42 -0.14
N ARG G 6 -81.42 -9.21 0.79
CA ARG G 6 -80.41 -8.68 1.69
C ARG G 6 -79.68 -9.83 2.38
N PHE G 7 -78.35 -9.77 2.38
CA PHE G 7 -77.53 -10.75 3.07
C PHE G 7 -77.35 -10.34 4.53
N PHE G 8 -77.32 -11.33 5.42
CA PHE G 8 -77.47 -11.09 6.85
C PHE G 8 -76.54 -12.02 7.62
N THR G 9 -75.76 -11.47 8.54
CA THR G 9 -74.91 -12.26 9.43
C THR G 9 -75.28 -11.94 10.87
N GLN G 10 -75.35 -12.99 11.69
CA GLN G 10 -75.69 -12.86 13.10
C GLN G 10 -75.06 -14.02 13.86
N ASN G 11 -74.22 -13.68 14.85
CA ASN G 11 -73.60 -14.66 15.73
C ASN G 11 -72.82 -15.72 14.94
N GLY G 12 -72.11 -15.29 13.90
CA GLY G 12 -71.34 -16.20 13.09
C GLY G 12 -72.16 -17.13 12.23
N ARG G 13 -73.46 -16.88 12.10
CA ARG G 13 -74.32 -17.63 11.20
C ARG G 13 -74.92 -16.67 10.17
N HIS G 14 -75.21 -17.21 9.00
CA HIS G 14 -75.56 -16.39 7.86
C HIS G 14 -76.91 -16.81 7.31
N ALA G 15 -77.52 -15.89 6.57
CA ALA G 15 -78.77 -16.15 5.90
C ALA G 15 -78.90 -15.15 4.77
N LEU G 16 -79.54 -15.60 3.70
CA LEU G 16 -79.96 -14.72 2.63
C LEU G 16 -81.43 -14.40 2.86
N LEU G 17 -81.73 -13.11 3.05
CA LEU G 17 -83.08 -12.68 3.35
C LEU G 17 -83.80 -12.36 2.04
N VAL G 18 -84.91 -13.04 1.81
CA VAL G 18 -85.72 -12.82 0.62
C VAL G 18 -87.15 -12.62 1.08
N ASP G 19 -87.77 -11.52 0.65
CA ASP G 19 -89.11 -11.16 1.08
C ASP G 19 -89.22 -11.13 2.60
N GLY G 20 -88.16 -10.69 3.27
CA GLY G 20 -88.14 -10.48 4.71
C GLY G 20 -87.77 -11.66 5.58
N ALA G 21 -87.30 -12.77 4.99
CA ALA G 21 -87.11 -14.00 5.76
C ALA G 21 -86.04 -14.84 5.09
N PRO G 22 -85.32 -15.68 5.84
CA PRO G 22 -84.27 -16.50 5.24
C PRO G 22 -84.81 -17.35 4.09
N TYR G 23 -83.92 -17.66 3.15
CA TYR G 23 -84.25 -18.28 1.88
C TYR G 23 -83.09 -19.17 1.48
N THR G 24 -83.36 -20.43 1.15
CA THR G 24 -82.34 -21.38 0.69
C THR G 24 -82.41 -21.48 -0.83
N ILE G 25 -81.35 -21.05 -1.51
CA ILE G 25 -81.27 -21.09 -2.96
C ILE G 25 -81.03 -22.53 -3.40
N LEU G 26 -81.97 -23.09 -4.16
CA LEU G 26 -81.79 -24.39 -4.81
C LEU G 26 -81.78 -24.10 -6.30
N ALA G 27 -80.58 -24.00 -6.87
CA ALA G 27 -80.35 -23.32 -8.14
C ALA G 27 -79.88 -24.28 -9.22
N ALA G 28 -80.15 -23.87 -10.46
CA ALA G 28 -79.64 -24.51 -11.66
C ALA G 28 -79.14 -23.41 -12.60
N GLN G 29 -77.95 -23.60 -13.17
CA GLN G 29 -77.37 -22.60 -14.08
C GLN G 29 -77.37 -23.10 -15.51
N LEU G 30 -77.85 -22.25 -16.43
CA LEU G 30 -77.79 -22.54 -17.85
C LEU G 30 -76.34 -22.54 -18.34
N HIS G 31 -76.12 -23.16 -19.51
CA HIS G 31 -74.80 -23.11 -20.11
C HIS G 31 -74.46 -21.68 -20.50
N ASN G 32 -73.16 -21.43 -20.75
CA ASN G 32 -72.65 -20.07 -20.92
C ASN G 32 -73.35 -19.34 -22.07
N SER G 33 -73.64 -20.04 -23.16
CA SER G 33 -74.13 -19.40 -24.38
C SER G 33 -75.64 -19.53 -24.54
N SER G 34 -76.36 -19.81 -23.46
CA SER G 34 -77.78 -20.13 -23.55
C SER G 34 -78.68 -18.95 -23.19
N ALA G 35 -78.14 -17.86 -22.66
CA ALA G 35 -78.95 -16.72 -22.26
C ALA G 35 -79.26 -15.83 -23.46
N TRP G 36 -79.96 -16.42 -24.43
CA TRP G 36 -80.38 -15.73 -25.64
C TRP G 36 -81.87 -15.98 -25.86
N PRO G 37 -82.59 -15.01 -26.42
CA PRO G 37 -84.07 -15.11 -26.46
C PRO G 37 -84.61 -16.39 -27.10
N ALA G 38 -83.99 -16.89 -28.18
CA ALA G 38 -84.47 -18.11 -28.80
C ALA G 38 -84.17 -19.35 -27.96
N VAL G 39 -83.22 -19.28 -27.03
CA VAL G 39 -82.82 -20.43 -26.25
C VAL G 39 -83.52 -20.48 -24.89
N LEU G 40 -83.74 -19.32 -24.27
CA LEU G 40 -84.24 -19.27 -22.90
C LEU G 40 -85.46 -20.14 -22.62
N PRO G 41 -86.53 -20.11 -23.44
CA PRO G 41 -87.79 -20.77 -23.01
C PRO G 41 -87.64 -22.28 -22.84
N PRO G 42 -87.13 -23.03 -23.84
CA PRO G 42 -86.87 -24.44 -23.56
C PRO G 42 -85.82 -24.66 -22.48
N ALA G 43 -84.82 -23.78 -22.42
CA ALA G 43 -83.80 -23.90 -21.37
C ALA G 43 -84.40 -23.69 -19.99
N LEU G 44 -85.21 -22.64 -19.83
CA LEU G 44 -85.83 -22.39 -18.53
C LEU G 44 -86.87 -23.45 -18.19
N ASP G 45 -87.50 -24.04 -19.20
CA ASP G 45 -88.41 -25.16 -18.96
C ASP G 45 -87.69 -26.31 -18.28
N GLN G 46 -86.44 -26.57 -18.69
CA GLN G 46 -85.69 -27.66 -18.08
C GLN G 46 -85.32 -27.35 -16.65
N VAL G 47 -85.14 -26.06 -16.33
CA VAL G 47 -84.90 -25.66 -14.95
C VAL G 47 -86.13 -25.97 -14.09
N VAL G 48 -87.33 -25.70 -14.59
CA VAL G 48 -88.51 -26.06 -13.82
C VAL G 48 -88.57 -27.57 -13.64
N ALA G 49 -88.15 -28.33 -14.67
CA ALA G 49 -88.16 -29.78 -14.58
C ALA G 49 -87.26 -30.28 -13.46
N LEU G 50 -86.24 -29.50 -13.09
CA LEU G 50 -85.41 -29.83 -11.95
C LEU G 50 -86.02 -29.39 -10.63
N HIS G 51 -87.15 -28.68 -10.68
CA HIS G 51 -87.86 -28.14 -9.51
C HIS G 51 -87.01 -27.16 -8.72
N ALA G 52 -86.07 -26.50 -9.39
CA ALA G 52 -85.26 -25.48 -8.77
C ALA G 52 -86.11 -24.25 -8.45
N ASN G 53 -85.69 -23.49 -7.44
CA ASN G 53 -86.34 -22.21 -7.14
C ASN G 53 -85.61 -21.02 -7.76
N THR G 54 -84.36 -21.20 -8.19
CA THR G 54 -83.55 -20.11 -8.72
C THR G 54 -82.86 -20.60 -9.98
N VAL G 55 -82.90 -19.79 -11.04
CA VAL G 55 -82.08 -20.01 -12.23
C VAL G 55 -80.90 -19.04 -12.18
N GLU G 56 -79.69 -19.55 -12.48
CA GLU G 56 -78.51 -18.73 -12.67
C GLU G 56 -78.25 -18.62 -14.16
N ALA G 57 -78.11 -17.39 -14.64
CA ALA G 57 -77.88 -17.15 -16.07
C ALA G 57 -77.13 -15.85 -16.25
N PRO G 58 -76.27 -15.76 -17.25
CA PRO G 58 -75.41 -14.59 -17.41
C PRO G 58 -76.04 -13.46 -18.20
N VAL G 59 -75.59 -12.25 -17.91
CA VAL G 59 -75.76 -11.10 -18.77
C VAL G 59 -74.39 -10.80 -19.37
N TYR G 60 -74.34 -10.66 -20.69
CA TYR G 60 -73.07 -10.49 -21.41
C TYR G 60 -72.80 -9.00 -21.64
N TRP G 61 -71.67 -8.51 -21.13
CA TRP G 61 -71.26 -7.13 -21.41
C TRP G 61 -71.24 -6.88 -22.91
N GLU G 62 -70.59 -7.78 -23.66
CA GLU G 62 -70.62 -7.87 -25.12
C GLU G 62 -71.90 -7.37 -25.77
N GLN G 63 -73.04 -7.93 -25.39
CA GLN G 63 -74.31 -7.55 -26.02
C GLN G 63 -75.02 -6.46 -25.24
N PHE G 64 -74.76 -6.34 -23.94
CA PHE G 64 -75.43 -5.32 -23.15
C PHE G 64 -74.95 -3.92 -23.50
N GLU G 65 -73.66 -3.74 -23.80
CA GLU G 65 -73.12 -2.45 -24.25
C GLU G 65 -72.47 -2.62 -25.62
N PRO G 66 -73.25 -2.71 -26.70
CA PRO G 66 -72.67 -2.92 -28.04
C PRO G 66 -71.98 -1.70 -28.63
N ALA G 67 -72.20 -0.51 -28.08
CA ALA G 67 -71.52 0.71 -28.44
C ALA G 67 -71.40 1.53 -27.18
N PRO G 68 -70.35 2.34 -27.03
CA PRO G 68 -70.10 3.00 -25.74
C PRO G 68 -71.30 3.85 -25.32
N GLY G 69 -71.77 3.62 -24.10
CA GLY G 69 -72.86 4.40 -23.54
C GLY G 69 -74.24 4.00 -24.01
N ARG G 70 -74.35 3.18 -25.06
CA ARG G 70 -75.64 2.73 -25.56
C ARG G 70 -75.89 1.29 -25.12
N PHE G 71 -76.97 1.07 -24.38
CA PHE G 71 -77.21 -0.19 -23.71
C PHE G 71 -78.42 -0.90 -24.27
N ASP G 72 -78.31 -2.23 -24.42
CA ASP G 72 -79.35 -3.07 -24.99
C ASP G 72 -79.81 -4.05 -23.94
N THR G 73 -81.05 -3.88 -23.46
CA THR G 73 -81.62 -4.67 -22.37
C THR G 73 -82.41 -5.90 -22.84
N THR G 74 -82.33 -6.25 -24.13
CA THR G 74 -83.11 -7.36 -24.68
C THR G 74 -82.95 -8.64 -23.88
N ASN G 75 -81.72 -9.16 -23.84
CA ASN G 75 -81.50 -10.47 -23.23
C ASN G 75 -81.91 -10.47 -21.77
N VAL G 76 -81.53 -9.42 -21.02
CA VAL G 76 -81.87 -9.41 -19.60
C VAL G 76 -83.38 -9.31 -19.40
N ASP G 77 -84.07 -8.59 -20.27
CA ASP G 77 -85.53 -8.52 -20.16
C ASP G 77 -86.15 -9.88 -20.48
N ALA G 78 -85.59 -10.59 -21.45
CA ALA G 78 -86.12 -11.90 -21.81
C ALA G 78 -85.81 -12.96 -20.75
N LEU G 79 -84.65 -12.85 -20.09
CA LEU G 79 -84.36 -13.72 -18.97
C LEU G 79 -85.35 -13.50 -17.82
N ILE G 80 -85.53 -12.23 -17.41
CA ILE G 80 -86.44 -11.94 -16.31
C ILE G 80 -87.87 -12.32 -16.66
N ALA G 81 -88.30 -11.97 -17.88
CA ALA G 81 -89.66 -12.31 -18.32
C ALA G 81 -89.88 -13.83 -18.27
N GLY G 82 -88.87 -14.61 -18.66
CA GLY G 82 -89.01 -16.05 -18.63
C GLY G 82 -89.06 -16.62 -17.23
N ALA G 83 -88.36 -16.00 -16.27
CA ALA G 83 -88.38 -16.51 -14.90
C ALA G 83 -89.71 -16.24 -14.23
N ARG G 84 -90.29 -15.05 -14.45
CA ARG G 84 -91.56 -14.72 -13.80
C ARG G 84 -92.68 -15.62 -14.30
N LYS G 85 -92.70 -15.89 -15.60
CA LYS G 85 -93.62 -16.85 -16.20
C LYS G 85 -93.59 -18.19 -15.51
N ARG G 86 -92.42 -18.63 -15.08
CA ARG G 86 -92.20 -19.95 -14.57
C ARG G 86 -92.04 -19.97 -13.06
N GLY G 87 -92.19 -18.82 -12.39
CA GLY G 87 -92.13 -18.79 -10.94
C GLY G 87 -90.74 -18.97 -10.39
N LEU G 88 -89.72 -18.64 -11.17
CA LEU G 88 -88.34 -18.74 -10.75
C LEU G 88 -87.85 -17.40 -10.23
N ARG G 89 -87.04 -17.45 -9.18
CA ARG G 89 -86.16 -16.32 -8.89
C ARG G 89 -84.91 -16.41 -9.77
N VAL G 90 -84.22 -15.29 -9.90
CA VAL G 90 -83.07 -15.18 -10.79
C VAL G 90 -81.84 -14.83 -9.98
N ALA G 91 -80.73 -15.48 -10.31
CA ALA G 91 -79.40 -15.08 -9.88
C ALA G 91 -78.71 -14.59 -11.14
N LEU G 92 -78.47 -13.29 -11.21
CA LEU G 92 -77.92 -12.67 -12.41
C LEU G 92 -76.40 -12.69 -12.32
N LEU G 93 -75.75 -13.15 -13.39
CA LEU G 93 -74.31 -13.28 -13.46
C LEU G 93 -73.76 -12.24 -14.44
N TRP G 94 -72.89 -11.37 -13.95
CA TRP G 94 -72.33 -10.28 -14.75
C TRP G 94 -71.04 -10.75 -15.40
N PHE G 95 -71.13 -11.22 -16.65
CA PHE G 95 -69.93 -11.58 -17.42
C PHE G 95 -69.33 -10.27 -17.91
N GLY G 96 -68.47 -9.68 -17.08
CA GLY G 96 -67.87 -8.38 -17.37
C GLY G 96 -66.44 -8.51 -17.84
N SER G 97 -65.52 -7.86 -17.11
CA SER G 97 -64.13 -7.88 -17.53
C SER G 97 -63.52 -9.26 -17.37
N TRP G 98 -63.99 -10.04 -16.40
CA TRP G 98 -63.51 -11.40 -16.17
C TRP G 98 -64.63 -12.41 -16.36
N LYS G 99 -64.34 -13.47 -17.10
CA LYS G 99 -65.10 -14.71 -17.06
C LYS G 99 -64.09 -15.82 -17.26
N ASN G 100 -63.95 -16.68 -16.25
CA ASN G 100 -62.91 -17.72 -16.22
C ASN G 100 -61.52 -17.12 -16.40
N GLY G 101 -61.25 -16.01 -15.71
CA GLY G 101 -59.96 -15.37 -15.75
C GLY G 101 -59.61 -14.66 -17.04
N GLN G 102 -60.55 -14.50 -17.97
CA GLN G 102 -60.23 -13.88 -19.24
C GLN G 102 -61.31 -12.86 -19.61
N MET G 103 -61.02 -12.11 -20.67
CA MET G 103 -61.79 -10.95 -21.09
C MET G 103 -62.69 -11.22 -22.30
N HIS G 104 -63.02 -12.48 -22.59
CA HIS G 104 -63.71 -12.74 -23.87
C HIS G 104 -65.13 -12.22 -23.92
N TYR G 105 -65.69 -11.75 -22.80
CA TYR G 105 -67.03 -11.18 -22.82
C TYR G 105 -67.03 -9.66 -22.84
N VAL G 106 -65.84 -9.06 -22.85
CA VAL G 106 -65.67 -7.61 -22.99
C VAL G 106 -66.18 -7.18 -24.36
N PRO G 107 -66.81 -6.00 -24.50
CA PRO G 107 -67.39 -5.63 -25.79
C PRO G 107 -66.35 -5.48 -26.89
N GLU G 108 -66.84 -5.44 -28.14
CA GLU G 108 -65.94 -5.41 -29.29
C GLU G 108 -65.13 -4.13 -29.33
N TRP G 109 -65.75 -2.99 -29.02
CA TRP G 109 -65.03 -1.72 -29.08
C TRP G 109 -63.93 -1.60 -28.05
N ILE G 110 -63.90 -2.46 -27.03
CA ILE G 110 -62.73 -2.59 -26.17
C ILE G 110 -61.73 -3.59 -26.75
N LYS G 111 -62.22 -4.65 -27.40
CA LYS G 111 -61.33 -5.64 -28.01
C LYS G 111 -60.53 -5.05 -29.18
N ARG G 112 -61.10 -4.07 -29.89
CA ARG G 112 -60.38 -3.42 -30.99
C ARG G 112 -59.32 -2.43 -30.52
N ASP G 113 -59.39 -1.97 -29.27
CA ASP G 113 -58.60 -0.82 -28.81
C ASP G 113 -57.75 -1.25 -27.62
N GLU G 114 -56.64 -1.95 -27.90
CA GLU G 114 -55.72 -2.29 -26.82
C GLU G 114 -54.96 -1.07 -26.32
N ALA G 115 -54.86 -0.01 -27.11
CA ALA G 115 -54.17 1.20 -26.64
C ALA G 115 -54.93 1.85 -25.50
N THR G 116 -56.25 1.99 -25.66
CA THR G 116 -57.05 2.62 -24.62
C THR G 116 -57.37 1.65 -23.49
N TYR G 117 -57.44 0.34 -23.77
CA TYR G 117 -57.88 -0.66 -22.81
C TYR G 117 -56.84 -1.77 -22.72
N PRO G 118 -55.71 -1.50 -22.07
CA PRO G 118 -54.55 -2.40 -22.18
C PRO G 118 -54.74 -3.76 -21.53
N ARG G 119 -54.13 -4.76 -22.15
CA ARG G 119 -54.09 -6.13 -21.65
C ARG G 119 -52.91 -6.32 -20.70
N MET G 120 -53.05 -7.26 -19.76
CA MET G 120 -51.90 -7.64 -18.96
C MET G 120 -50.80 -8.18 -19.87
N ARG G 121 -49.55 -7.99 -19.44
CA ARG G 121 -48.41 -8.57 -20.11
C ARG G 121 -47.87 -9.70 -19.25
N ASP G 122 -47.43 -10.78 -19.89
CA ASP G 122 -46.91 -11.91 -19.14
C ASP G 122 -45.42 -11.71 -18.88
N ALA G 123 -44.81 -12.71 -18.23
CA ALA G 123 -43.40 -12.61 -17.86
C ALA G 123 -42.47 -12.51 -19.07
N ASN G 124 -42.95 -12.81 -20.28
CA ASN G 124 -42.15 -12.66 -21.49
C ASN G 124 -42.49 -11.39 -22.27
N GLY G 125 -43.28 -10.49 -21.69
CA GLY G 125 -43.66 -9.24 -22.31
C GLY G 125 -44.78 -9.33 -23.34
N GLU G 126 -45.41 -10.49 -23.47
CA GLU G 126 -46.47 -10.81 -24.42
C GLU G 126 -47.84 -10.52 -23.81
N PRO G 127 -48.79 -10.04 -24.61
CA PRO G 127 -50.15 -9.86 -24.10
C PRO G 127 -50.80 -11.20 -23.81
N VAL G 128 -51.80 -11.16 -22.94
CA VAL G 128 -52.68 -12.27 -22.65
C VAL G 128 -54.12 -11.76 -22.75
N ASP G 129 -55.07 -12.67 -22.58
CA ASP G 129 -56.48 -12.33 -22.75
C ASP G 129 -57.11 -11.86 -21.44
N VAL G 130 -56.45 -10.92 -20.78
CA VAL G 130 -56.94 -10.31 -19.54
C VAL G 130 -56.71 -8.81 -19.62
N LEU G 131 -57.74 -8.04 -19.27
CA LEU G 131 -57.58 -6.59 -19.15
C LEU G 131 -56.65 -6.27 -17.98
N SER G 132 -55.88 -5.20 -18.12
CA SER G 132 -54.93 -4.85 -17.06
C SER G 132 -55.67 -4.30 -15.84
N PRO G 133 -55.36 -4.77 -14.64
CA PRO G 133 -56.02 -4.24 -13.44
C PRO G 133 -55.40 -2.97 -12.90
N HIS G 134 -54.51 -2.33 -13.64
CA HIS G 134 -53.76 -1.18 -13.15
C HIS G 134 -54.00 0.07 -13.97
N VAL G 135 -54.90 0.03 -14.96
CA VAL G 135 -55.20 1.20 -15.76
C VAL G 135 -56.66 1.56 -15.52
N ALA G 136 -56.91 2.85 -15.28
CA ALA G 136 -58.24 3.28 -14.82
C ALA G 136 -59.29 3.10 -15.90
N ALA G 137 -58.90 3.15 -17.17
CA ALA G 137 -59.88 3.08 -18.24
C ALA G 137 -60.64 1.76 -18.22
N ASN G 138 -60.00 0.68 -17.79
CA ASN G 138 -60.67 -0.61 -17.78
C ASN G 138 -61.70 -0.69 -16.65
N VAL G 139 -61.27 -0.44 -15.42
CA VAL G 139 -62.20 -0.59 -14.30
C VAL G 139 -63.37 0.37 -14.45
N GLN G 140 -63.10 1.59 -14.89
CA GLN G 140 -64.19 2.57 -15.03
C GLN G 140 -65.16 2.18 -16.11
N ALA G 141 -64.67 1.59 -17.21
CA ALA G 141 -65.57 1.07 -18.24
C ALA G 141 -66.49 0.00 -17.66
N ASP G 142 -65.90 -0.99 -16.98
CA ASP G 142 -66.67 -2.06 -16.35
C ASP G 142 -67.70 -1.49 -15.38
N ALA G 143 -67.24 -0.71 -14.39
CA ALA G 143 -68.13 -0.18 -13.36
C ALA G 143 -69.24 0.68 -13.93
N ARG G 144 -68.96 1.41 -15.01
CA ARG G 144 -69.99 2.23 -15.64
C ARG G 144 -71.11 1.36 -16.19
N ALA G 145 -70.76 0.25 -16.85
CA ALA G 145 -71.79 -0.61 -17.43
C ALA G 145 -72.52 -1.42 -16.35
N PHE G 146 -71.78 -1.91 -15.34
CA PHE G 146 -72.46 -2.57 -14.23
C PHE G 146 -73.43 -1.63 -13.54
N THR G 147 -73.05 -0.35 -13.43
CA THR G 147 -73.98 0.66 -12.95
C THR G 147 -75.23 0.72 -13.82
N ALA G 148 -75.05 0.81 -15.14
CA ALA G 148 -76.21 0.87 -16.02
C ALA G 148 -77.12 -0.34 -15.83
N LEU G 149 -76.52 -1.53 -15.70
CA LEU G 149 -77.32 -2.76 -15.53
C LEU G 149 -78.12 -2.71 -14.23
N MET G 150 -77.46 -2.35 -13.13
CA MET G 150 -78.13 -2.31 -11.84
C MET G 150 -79.25 -1.27 -11.82
N GLN G 151 -79.02 -0.12 -12.48
CA GLN G 151 -80.08 0.88 -12.55
C GLN G 151 -81.29 0.37 -13.32
N HIS G 152 -81.04 -0.29 -14.45
CA HIS G 152 -82.12 -0.89 -15.21
C HIS G 152 -82.79 -2.02 -14.44
N LEU G 153 -82.04 -2.69 -13.56
CA LEU G 153 -82.62 -3.71 -12.69
C LEU G 153 -83.55 -3.10 -11.65
N ARG G 154 -83.17 -1.95 -11.08
CA ARG G 154 -84.05 -1.28 -10.14
C ARG G 154 -85.32 -0.80 -10.82
N LYS G 155 -85.19 -0.31 -12.06
CA LYS G 155 -86.36 0.24 -12.74
C LYS G 155 -87.39 -0.84 -13.04
N ILE G 156 -86.97 -2.00 -13.54
CA ILE G 156 -87.90 -3.03 -13.99
C ILE G 156 -88.16 -4.13 -12.96
N ASP G 157 -87.41 -4.18 -11.87
CA ASP G 157 -87.55 -5.26 -10.91
C ASP G 157 -87.52 -4.78 -9.46
N GLY G 158 -87.52 -3.46 -9.23
CA GLY G 158 -87.38 -2.93 -7.88
C GLY G 158 -88.51 -3.27 -6.94
N ASP G 159 -89.71 -3.49 -7.48
CA ASP G 159 -90.83 -3.93 -6.64
C ASP G 159 -90.95 -5.44 -6.62
N ARG G 160 -90.85 -6.08 -7.79
CA ARG G 160 -91.08 -7.52 -7.89
C ARG G 160 -89.96 -8.32 -7.25
N HIS G 161 -88.71 -7.87 -7.43
CA HIS G 161 -87.52 -8.50 -6.86
C HIS G 161 -87.30 -9.92 -7.38
N THR G 162 -87.67 -10.17 -8.64
CA THR G 162 -87.34 -11.42 -9.29
C THR G 162 -85.85 -11.75 -9.14
N VAL G 163 -84.99 -10.78 -9.39
CA VAL G 163 -83.55 -10.97 -9.24
C VAL G 163 -83.18 -10.89 -7.77
N ILE G 164 -82.52 -11.93 -7.28
CA ILE G 164 -82.33 -12.13 -5.84
C ILE G 164 -80.89 -11.90 -5.41
N VAL G 165 -79.91 -12.19 -6.27
CA VAL G 165 -78.50 -12.00 -5.98
C VAL G 165 -77.85 -11.66 -7.32
N VAL G 166 -76.72 -10.97 -7.27
CA VAL G 166 -75.98 -10.64 -8.47
C VAL G 166 -74.54 -11.06 -8.28
N GLN G 167 -74.02 -11.81 -9.24
CA GLN G 167 -72.63 -12.26 -9.22
C GLN G 167 -71.80 -11.26 -10.00
N VAL G 168 -70.81 -10.68 -9.36
CA VAL G 168 -69.99 -9.65 -9.98
C VAL G 168 -68.76 -10.34 -10.58
N GLU G 169 -68.59 -10.22 -11.90
CA GLU G 169 -67.65 -11.00 -12.68
C GLU G 169 -67.97 -12.49 -12.61
N ASN G 170 -67.17 -13.34 -13.28
CA ASN G 170 -67.30 -14.79 -13.18
C ASN G 170 -65.90 -15.40 -13.09
N GLU G 171 -65.59 -16.00 -11.94
CA GLU G 171 -64.29 -16.59 -11.67
C GLU G 171 -63.15 -15.65 -12.08
N PRO G 172 -63.01 -14.53 -11.39
CA PRO G 172 -62.01 -13.53 -11.78
C PRO G 172 -60.62 -13.92 -11.28
N GLY G 173 -59.65 -13.15 -11.77
CA GLY G 173 -58.25 -13.53 -11.75
C GLY G 173 -57.68 -13.54 -13.17
N ALA G 174 -56.41 -13.88 -13.25
CA ALA G 174 -55.66 -13.83 -14.51
C ALA G 174 -55.26 -15.23 -14.95
N ILE G 175 -55.58 -15.57 -16.21
CA ILE G 175 -55.13 -16.80 -16.86
C ILE G 175 -54.10 -16.42 -17.92
N GLY G 176 -52.88 -16.93 -17.77
CA GLY G 176 -51.79 -16.59 -18.67
C GLY G 176 -50.60 -15.92 -18.00
N THR G 177 -50.74 -15.45 -16.76
CA THR G 177 -49.68 -14.75 -16.05
C THR G 177 -50.03 -14.69 -14.58
N VAL G 178 -49.00 -14.56 -13.73
CA VAL G 178 -49.26 -14.41 -12.29
C VAL G 178 -49.60 -12.96 -11.97
N ARG G 179 -48.90 -12.02 -12.60
CA ARG G 179 -49.14 -10.60 -12.40
C ARG G 179 -48.85 -9.86 -13.69
N ASP G 180 -49.31 -8.62 -13.75
CA ASP G 180 -49.10 -7.78 -14.92
C ASP G 180 -47.65 -7.28 -14.95
N HIS G 181 -46.98 -7.50 -16.09
CA HIS G 181 -45.61 -7.03 -16.29
C HIS G 181 -45.52 -5.82 -17.21
N GLY G 182 -46.64 -5.17 -17.50
CA GLY G 182 -46.62 -3.89 -18.16
C GLY G 182 -46.13 -2.81 -17.24
N PRO G 183 -45.93 -1.60 -17.76
CA PRO G 183 -45.29 -0.54 -16.95
C PRO G 183 -46.06 -0.23 -15.67
N ALA G 184 -47.37 0.03 -15.77
CA ALA G 184 -48.14 0.37 -14.58
C ALA G 184 -48.01 -0.71 -13.50
N GLY G 185 -48.23 -1.98 -13.87
CA GLY G 185 -48.17 -3.05 -12.90
C GLY G 185 -46.78 -3.25 -12.30
N GLU G 186 -45.75 -3.15 -13.13
CA GLU G 186 -44.37 -3.17 -12.61
C GLU G 186 -44.16 -2.05 -11.61
N ALA G 187 -44.60 -0.85 -11.95
CA ALA G 187 -44.46 0.27 -11.03
C ALA G 187 -45.16 -0.02 -9.72
N ALA G 188 -46.45 -0.40 -9.76
CA ALA G 188 -47.18 -0.64 -8.52
C ALA G 188 -46.58 -1.78 -7.72
N PHE G 189 -46.13 -2.85 -8.40
CA PHE G 189 -45.54 -3.99 -7.71
C PHE G 189 -44.25 -3.63 -6.97
N ALA G 190 -43.59 -2.54 -7.35
CA ALA G 190 -42.42 -2.06 -6.62
C ALA G 190 -42.78 -1.11 -5.47
N GLN G 191 -44.01 -0.61 -5.42
CA GLN G 191 -44.48 0.16 -4.27
C GLN G 191 -44.68 -0.78 -3.08
N PRO G 192 -44.91 -0.24 -1.89
CA PRO G 192 -45.21 -1.09 -0.73
C PRO G 192 -46.68 -1.46 -0.66
N VAL G 193 -46.97 -2.45 0.19
CA VAL G 193 -48.37 -2.82 0.43
C VAL G 193 -49.11 -1.63 0.98
N PRO G 194 -50.32 -1.33 0.50
CA PRO G 194 -51.16 -0.33 1.17
C PRO G 194 -51.28 -0.60 2.67
N ALA G 195 -51.10 0.45 3.47
CA ALA G 195 -51.11 0.28 4.92
C ALA G 195 -52.40 -0.37 5.42
N ALA G 196 -53.53 0.01 4.81
CA ALA G 196 -54.81 -0.55 5.24
C ALA G 196 -54.82 -2.06 5.14
N ILE G 197 -54.23 -2.59 4.06
CA ILE G 197 -54.19 -4.03 3.86
C ILE G 197 -53.28 -4.69 4.89
N ALA G 198 -52.12 -4.09 5.17
CA ALA G 198 -51.21 -4.64 6.16
C ALA G 198 -51.82 -4.60 7.56
N ALA G 199 -52.62 -3.57 7.85
CA ALA G 199 -53.33 -3.53 9.12
C ALA G 199 -54.37 -4.64 9.18
N ALA G 200 -55.24 -4.73 8.16
CA ALA G 200 -56.33 -5.69 8.16
C ALA G 200 -55.84 -7.13 8.34
N LEU G 201 -54.63 -7.43 7.89
CA LEU G 201 -54.04 -8.75 8.04
C LEU G 201 -53.14 -8.86 9.26
N GLY G 202 -53.07 -7.81 10.08
CA GLY G 202 -52.26 -7.90 11.28
C GLY G 202 -50.78 -7.98 10.98
N LYS G 203 -50.32 -7.25 9.98
CA LYS G 203 -48.94 -7.32 9.54
C LYS G 203 -48.27 -5.95 9.61
N PRO G 204 -46.96 -5.91 9.84
CA PRO G 204 -46.24 -4.63 9.77
C PRO G 204 -46.25 -4.08 8.35
N ALA G 205 -45.78 -2.83 8.22
CA ALA G 205 -45.53 -2.29 6.91
C ALA G 205 -44.42 -3.07 6.22
N GLY G 206 -44.41 -2.99 4.90
CA GLY G 206 -43.36 -3.64 4.15
C GLY G 206 -43.73 -3.82 2.70
N SER G 207 -42.81 -4.47 1.98
CA SER G 207 -42.99 -4.77 0.57
C SER G 207 -43.83 -6.03 0.41
N TRP G 208 -44.21 -6.31 -0.84
CA TRP G 208 -44.97 -7.52 -1.12
C TRP G 208 -44.19 -8.77 -0.78
N GLN G 209 -42.89 -8.77 -1.12
CA GLN G 209 -42.02 -9.90 -0.82
C GLN G 209 -41.88 -10.10 0.68
N GLN G 210 -41.71 -9.00 1.43
CA GLN G 210 -41.54 -9.12 2.89
C GLN G 210 -42.79 -9.65 3.57
N LEU G 211 -43.98 -9.20 3.15
CA LEU G 211 -45.23 -9.55 3.82
C LEU G 211 -45.87 -10.83 3.31
N PHE G 212 -45.42 -11.37 2.16
CA PHE G 212 -46.03 -12.58 1.61
C PHE G 212 -45.03 -13.59 1.08
N GLY G 213 -43.73 -13.34 1.19
CA GLY G 213 -42.73 -14.31 0.75
C GLY G 213 -42.93 -14.73 -0.70
N ALA G 214 -42.90 -16.06 -0.91
CA ALA G 214 -42.99 -16.63 -2.25
C ALA G 214 -44.32 -16.34 -2.93
N GLU G 215 -45.29 -15.79 -2.21
CA GLU G 215 -46.59 -15.48 -2.77
C GLU G 215 -46.73 -14.00 -3.10
N ALA G 216 -45.62 -13.27 -3.19
CA ALA G 216 -45.72 -11.83 -3.41
C ALA G 216 -46.52 -11.51 -4.67
N ALA G 217 -46.13 -12.10 -5.80
CA ALA G 217 -46.80 -11.79 -7.05
C ALA G 217 -48.27 -12.17 -7.01
N GLU G 218 -48.59 -13.34 -6.45
CA GLU G 218 -49.98 -13.79 -6.45
C GLU G 218 -50.82 -12.94 -5.51
N ALA G 219 -50.28 -12.59 -4.33
CA ALA G 219 -51.00 -11.70 -3.44
C ALA G 219 -51.17 -10.32 -4.04
N PHE G 220 -50.15 -9.83 -4.75
CA PHE G 220 -50.23 -8.51 -5.37
C PHE G 220 -51.38 -8.45 -6.39
N ASN G 221 -51.46 -9.44 -7.28
CA ASN G 221 -52.54 -9.44 -8.26
C ASN G 221 -53.89 -9.79 -7.63
N ALA G 222 -53.88 -10.64 -6.60
CA ALA G 222 -55.11 -10.87 -5.83
C ALA G 222 -55.70 -9.53 -5.39
N HIS G 223 -54.85 -8.66 -4.85
CA HIS G 223 -55.33 -7.37 -4.36
C HIS G 223 -55.73 -6.46 -5.52
N ALA G 224 -54.94 -6.46 -6.59
CA ALA G 224 -55.29 -5.68 -7.77
C ALA G 224 -56.64 -6.10 -8.33
N THR G 225 -56.86 -7.42 -8.45
CA THR G 225 -58.14 -7.94 -8.92
C THR G 225 -59.28 -7.56 -7.98
N ALA G 226 -59.10 -7.82 -6.67
CA ALA G 226 -60.16 -7.57 -5.71
C ALA G 226 -60.57 -6.10 -5.70
N ALA G 227 -59.59 -5.19 -5.60
CA ALA G 227 -59.87 -3.76 -5.55
C ALA G 227 -60.54 -3.25 -6.82
N TYR G 228 -60.11 -3.77 -7.98
CA TYR G 228 -60.81 -3.51 -9.24
C TYR G 228 -62.28 -3.88 -9.12
N ILE G 229 -62.55 -5.08 -8.60
CA ILE G 229 -63.93 -5.53 -8.46
C ILE G 229 -64.66 -4.68 -7.42
N GLU G 230 -63.97 -4.31 -6.33
CA GLU G 230 -64.60 -3.47 -5.31
C GLU G 230 -65.10 -2.17 -5.91
N GLN G 231 -64.40 -1.63 -6.90
CA GLN G 231 -64.88 -0.41 -7.55
C GLN G 231 -66.16 -0.69 -8.35
N VAL G 232 -66.15 -1.75 -9.15
CA VAL G 232 -67.35 -2.16 -9.90
C VAL G 232 -68.52 -2.39 -8.96
N ALA G 233 -68.28 -3.11 -7.85
CA ALA G 233 -69.38 -3.51 -6.98
C ALA G 233 -69.97 -2.32 -6.24
N ALA G 234 -69.11 -1.42 -5.74
CA ALA G 234 -69.60 -0.25 -5.03
C ALA G 234 -70.44 0.62 -5.95
N ALA G 235 -70.00 0.79 -7.20
CA ALA G 235 -70.77 1.54 -8.18
C ALA G 235 -72.17 0.96 -8.35
N GLY G 236 -72.29 -0.36 -8.33
CA GLY G 236 -73.61 -0.98 -8.46
C GLY G 236 -74.41 -0.96 -7.17
N LYS G 237 -73.72 -1.05 -6.03
CA LYS G 237 -74.39 -0.88 -4.74
C LYS G 237 -75.08 0.47 -4.65
N ARG G 238 -74.51 1.51 -5.29
CA ARG G 238 -75.12 2.84 -5.25
C ARG G 238 -76.38 2.89 -6.09
N ALA G 239 -76.38 2.21 -7.24
CA ALA G 239 -77.57 2.15 -8.07
C ALA G 239 -78.66 1.30 -7.42
N TYR G 240 -78.30 0.14 -6.90
CA TYR G 240 -79.31 -0.84 -6.50
C TYR G 240 -78.68 -1.89 -5.59
N PRO G 241 -78.74 -1.73 -4.28
CA PRO G 241 -77.90 -2.55 -3.39
C PRO G 241 -78.47 -3.94 -3.13
N LEU G 242 -78.65 -4.72 -4.20
CA LEU G 242 -78.91 -6.14 -4.06
C LEU G 242 -77.68 -6.83 -3.45
N PRO G 243 -77.84 -8.04 -2.92
CA PRO G 243 -76.65 -8.77 -2.46
C PRO G 243 -75.76 -9.09 -3.65
N LEU G 244 -74.45 -9.07 -3.42
CA LEU G 244 -73.49 -9.28 -4.49
C LEU G 244 -72.47 -10.34 -4.08
N TYR G 245 -72.11 -11.23 -4.99
CA TYR G 245 -71.11 -12.23 -4.68
C TYR G 245 -70.17 -12.45 -5.87
N VAL G 246 -69.03 -13.09 -5.57
CA VAL G 246 -68.13 -13.55 -6.61
C VAL G 246 -67.91 -15.05 -6.41
N ASN G 247 -67.76 -15.76 -7.53
CA ASN G 247 -67.55 -17.19 -7.56
C ASN G 247 -66.09 -17.48 -7.92
N THR G 248 -65.56 -18.55 -7.34
CA THR G 248 -64.12 -18.82 -7.36
C THR G 248 -63.81 -20.11 -8.10
N TRP G 249 -63.00 -20.01 -9.14
CA TRP G 249 -62.23 -21.15 -9.64
C TRP G 249 -61.16 -21.43 -8.59
N LEU G 250 -61.23 -22.59 -7.95
CA LEU G 250 -60.55 -22.84 -6.69
C LEU G 250 -59.11 -23.29 -6.88
N ARG G 251 -58.33 -23.14 -5.80
CA ARG G 251 -57.05 -23.81 -5.64
C ARG G 251 -57.30 -25.12 -4.89
N TYR G 252 -57.74 -26.13 -5.63
CA TYR G 252 -58.10 -27.44 -5.09
C TYR G 252 -57.62 -28.51 -6.05
N LYS G 253 -57.83 -29.79 -5.70
CA LYS G 253 -57.49 -30.93 -6.55
C LYS G 253 -56.04 -30.88 -7.03
N GLY G 254 -55.14 -30.46 -6.15
CA GLY G 254 -53.76 -30.44 -6.55
C GLY G 254 -53.38 -29.34 -7.52
N LYS G 255 -54.30 -28.45 -7.87
CA LYS G 255 -53.93 -27.28 -8.64
C LYS G 255 -52.98 -26.40 -7.83
N ARG G 256 -51.84 -26.06 -8.43
CA ARG G 256 -50.73 -25.43 -7.73
C ARG G 256 -50.14 -24.23 -8.45
N TYR G 257 -50.58 -23.93 -9.67
CA TYR G 257 -49.87 -23.01 -10.56
C TYR G 257 -50.76 -21.84 -10.91
N PRO G 258 -50.70 -20.75 -10.14
CA PRO G 258 -51.54 -19.59 -10.47
C PRO G 258 -51.21 -19.06 -11.86
N GLY G 259 -52.26 -18.69 -12.58
CA GLY G 259 -52.12 -18.29 -13.96
C GLY G 259 -52.30 -19.40 -14.99
N MET G 260 -52.14 -20.67 -14.58
CA MET G 260 -52.41 -21.75 -15.53
C MET G 260 -53.39 -22.78 -14.95
N ASP G 261 -53.20 -23.22 -13.69
CA ASP G 261 -54.13 -24.15 -13.05
C ASP G 261 -55.46 -23.48 -12.68
N TYR G 262 -55.43 -22.18 -12.39
CA TYR G 262 -56.54 -21.40 -11.85
C TYR G 262 -56.18 -19.92 -11.94
N PRO G 263 -57.17 -19.04 -12.06
CA PRO G 263 -56.88 -17.63 -12.33
C PRO G 263 -56.13 -17.00 -11.16
N SER G 264 -54.91 -16.53 -11.43
CA SER G 264 -54.10 -15.86 -10.42
C SER G 264 -54.84 -14.65 -9.86
N GLY G 265 -55.05 -14.66 -8.56
CA GLY G 265 -55.66 -13.53 -7.90
C GLY G 265 -57.16 -13.60 -7.70
N GLY G 266 -57.76 -14.75 -7.97
CA GLY G 266 -59.14 -14.97 -7.55
C GLY G 266 -59.21 -15.12 -6.04
N ALA G 267 -60.44 -15.24 -5.55
CA ALA G 267 -60.63 -15.38 -4.10
C ALA G 267 -60.28 -16.79 -3.62
N THR G 268 -59.07 -17.26 -3.96
CA THR G 268 -58.68 -18.60 -3.58
C THR G 268 -58.25 -18.64 -2.12
N VAL G 269 -58.16 -19.86 -1.59
CA VAL G 269 -58.06 -20.07 -0.15
C VAL G 269 -56.81 -19.40 0.42
N ASN G 270 -55.72 -19.36 -0.34
CA ASN G 270 -54.43 -18.86 0.12
C ASN G 270 -54.34 -17.35 0.14
N VAL G 271 -55.35 -16.63 -0.34
CA VAL G 271 -55.35 -15.16 -0.34
C VAL G 271 -56.70 -14.64 0.15
N PHE G 272 -57.47 -15.48 0.87
CA PHE G 272 -58.87 -15.17 1.09
C PHE G 272 -59.06 -13.90 1.92
N ALA G 273 -58.44 -13.84 3.11
CA ALA G 273 -58.57 -12.68 3.98
C ALA G 273 -58.12 -11.40 3.29
N LEU G 274 -57.01 -11.47 2.57
CA LEU G 274 -56.55 -10.35 1.76
C LEU G 274 -57.64 -9.89 0.80
N TRP G 275 -58.23 -10.85 0.07
CA TRP G 275 -59.22 -10.52 -0.96
C TRP G 275 -60.45 -9.85 -0.36
N ARG G 276 -60.97 -10.41 0.74
CA ARG G 276 -62.14 -9.81 1.37
C ARG G 276 -61.83 -8.44 1.96
N ALA G 277 -60.64 -8.27 2.54
CA ALA G 277 -60.31 -6.99 3.16
C ALA G 277 -60.45 -5.84 2.16
N ALA G 278 -60.26 -6.12 0.87
CA ALA G 278 -60.41 -5.11 -0.17
C ALA G 278 -61.81 -5.05 -0.80
N THR G 279 -62.76 -5.89 -0.38
CA THR G 279 -64.05 -6.01 -1.05
C THR G 279 -65.21 -5.92 -0.06
N PRO G 280 -65.39 -4.77 0.61
CA PRO G 280 -66.55 -4.63 1.51
C PRO G 280 -67.88 -4.58 0.78
N SER G 281 -67.89 -4.09 -0.46
CA SER G 281 -69.10 -4.09 -1.27
C SER G 281 -69.41 -5.45 -1.90
N ILE G 282 -68.61 -6.49 -1.62
CA ILE G 282 -68.93 -7.86 -1.97
C ILE G 282 -69.41 -8.56 -0.70
N ASP G 283 -70.58 -9.19 -0.77
CA ASP G 283 -71.22 -9.69 0.44
C ASP G 283 -70.73 -11.09 0.83
N PHE G 284 -70.49 -11.99 -0.15
CA PHE G 284 -70.01 -13.33 0.16
C PHE G 284 -69.38 -13.96 -1.08
N ILE G 285 -68.69 -15.08 -0.85
CA ILE G 285 -67.93 -15.78 -1.89
C ILE G 285 -68.54 -17.17 -2.09
N GLY G 286 -68.81 -17.53 -3.34
CA GLY G 286 -69.23 -18.87 -3.70
C GLY G 286 -68.11 -19.72 -4.26
N THR G 287 -68.24 -21.03 -4.06
CA THR G 287 -67.26 -22.02 -4.47
C THR G 287 -67.80 -22.81 -5.66
N ASP G 288 -67.02 -22.88 -6.72
CA ASP G 288 -67.30 -23.78 -7.85
C ASP G 288 -66.52 -25.06 -7.61
N ILE G 289 -67.23 -26.12 -7.23
CA ILE G 289 -66.63 -27.40 -6.86
C ILE G 289 -66.99 -28.41 -7.94
N TYR G 290 -65.99 -28.82 -8.72
CA TYR G 290 -66.18 -29.82 -9.77
C TYR G 290 -65.43 -31.09 -9.43
N THR G 291 -65.82 -31.70 -8.32
CA THR G 291 -65.34 -33.01 -7.95
C THR G 291 -66.49 -33.78 -7.33
N SER G 292 -66.33 -35.10 -7.30
CA SER G 292 -67.27 -35.98 -6.62
C SER G 292 -66.72 -36.52 -5.32
N ASP G 293 -65.44 -36.33 -5.07
CA ASP G 293 -64.75 -36.98 -3.96
C ASP G 293 -65.17 -36.37 -2.62
N TYR G 294 -65.42 -37.24 -1.64
CA TYR G 294 -65.92 -36.77 -0.35
C TYR G 294 -64.87 -35.96 0.40
N GLY G 295 -63.62 -36.42 0.43
CA GLY G 295 -62.58 -35.66 1.11
C GLY G 295 -62.43 -34.27 0.53
N GLU G 296 -62.29 -34.18 -0.79
CA GLU G 296 -62.02 -32.89 -1.42
C GLU G 296 -63.25 -31.97 -1.35
N TYR G 297 -64.45 -32.51 -1.63
CA TYR G 297 -65.67 -31.72 -1.47
C TYR G 297 -65.81 -31.22 -0.04
N THR G 298 -65.60 -32.10 0.93
CA THR G 298 -65.72 -31.70 2.33
C THR G 298 -64.65 -30.67 2.70
N LYS G 299 -63.43 -30.85 2.17
CA LYS G 299 -62.33 -29.95 2.52
C LYS G 299 -62.59 -28.53 2.04
N VAL G 300 -63.06 -28.38 0.79
CA VAL G 300 -63.34 -27.07 0.25
C VAL G 300 -64.40 -26.37 1.10
N ILE G 301 -65.50 -27.07 1.40
CA ILE G 301 -66.56 -26.47 2.17
C ILE G 301 -66.04 -26.03 3.53
N GLY G 302 -65.12 -26.81 4.12
CA GLY G 302 -64.49 -26.38 5.35
C GLY G 302 -63.73 -25.08 5.19
N GLN G 303 -63.06 -24.91 4.05
CA GLN G 303 -62.23 -23.72 3.83
C GLN G 303 -63.06 -22.45 3.73
N TYR G 304 -64.24 -22.54 3.14
CA TYR G 304 -65.03 -21.35 2.84
C TYR G 304 -66.24 -21.17 3.74
N ALA G 305 -66.49 -22.09 4.66
CA ALA G 305 -67.55 -21.93 5.67
C ALA G 305 -66.88 -21.38 6.91
N ARG G 306 -66.88 -20.06 7.02
CA ARG G 306 -66.15 -19.28 8.01
C ARG G 306 -67.11 -18.34 8.74
N PRO G 307 -66.70 -17.80 9.89
CA PRO G 307 -67.52 -16.75 10.53
C PRO G 307 -67.83 -15.55 9.63
N ASP G 308 -66.93 -15.19 8.71
CA ASP G 308 -67.15 -14.08 7.78
C ASP G 308 -67.73 -14.53 6.43
N ASN G 309 -68.00 -15.82 6.24
CA ASN G 309 -68.49 -16.27 4.90
C ASN G 309 -69.36 -17.51 5.00
N PRO G 310 -70.54 -17.50 4.39
CA PRO G 310 -71.37 -18.70 4.39
C PRO G 310 -70.95 -19.70 3.32
N ALA G 311 -71.14 -20.97 3.63
CA ALA G 311 -71.09 -21.99 2.59
C ALA G 311 -72.11 -21.63 1.52
N TRP G 312 -71.67 -21.72 0.26
CA TRP G 312 -72.53 -21.36 -0.87
C TRP G 312 -71.88 -21.95 -2.10
N VAL G 313 -72.51 -22.99 -2.66
CA VAL G 313 -71.96 -23.69 -3.81
C VAL G 313 -72.57 -23.01 -5.04
N SER G 314 -71.79 -22.12 -5.65
CA SER G 314 -72.31 -21.38 -6.79
C SER G 314 -72.33 -22.23 -8.05
N GLU G 315 -71.49 -23.26 -8.12
CA GLU G 315 -71.49 -24.23 -9.22
C GLU G 315 -71.07 -25.58 -8.70
N THR G 316 -71.66 -26.65 -9.25
CA THR G 316 -71.13 -27.99 -9.08
C THR G 316 -71.50 -28.82 -10.31
N GLY G 317 -70.77 -29.90 -10.51
CA GLY G 317 -70.98 -30.72 -11.69
C GLY G 317 -72.40 -31.25 -11.74
N PHE G 318 -72.99 -31.21 -12.94
CA PHE G 318 -74.36 -31.69 -13.13
C PHE G 318 -74.30 -33.20 -13.37
N GLU G 319 -74.19 -33.95 -12.27
CA GLU G 319 -74.08 -35.39 -12.32
C GLU G 319 -74.71 -35.96 -11.05
N ALA G 320 -75.16 -37.21 -11.12
CA ALA G 320 -75.84 -37.81 -9.98
C ALA G 320 -74.91 -37.91 -8.77
N ALA G 321 -73.63 -38.21 -8.99
CA ALA G 321 -72.68 -38.40 -7.89
C ALA G 321 -72.58 -37.19 -6.97
N THR G 322 -73.08 -36.03 -7.41
CA THR G 322 -72.91 -34.80 -6.66
C THR G 322 -74.15 -34.44 -5.83
N ALA G 323 -75.28 -35.12 -6.04
CA ALA G 323 -76.50 -34.79 -5.29
C ALA G 323 -76.39 -34.95 -3.79
N PRO G 324 -75.66 -35.93 -3.23
CA PRO G 324 -75.57 -35.99 -1.77
C PRO G 324 -75.02 -34.74 -1.12
N TYR G 325 -74.21 -33.95 -1.82
CA TYR G 325 -73.52 -32.85 -1.16
C TYR G 325 -74.42 -31.65 -0.91
N LEU G 326 -75.57 -31.55 -1.58
CA LEU G 326 -76.57 -30.58 -1.17
C LEU G 326 -76.84 -30.68 0.34
N PHE G 327 -76.89 -31.90 0.86
CA PHE G 327 -77.16 -32.10 2.28
C PHE G 327 -75.94 -31.81 3.16
N HIS G 328 -74.72 -32.10 2.67
CA HIS G 328 -73.53 -31.72 3.44
C HIS G 328 -73.36 -30.22 3.48
N VAL G 329 -73.65 -29.54 2.38
CA VAL G 329 -73.54 -28.09 2.32
C VAL G 329 -74.52 -27.45 3.29
N LEU G 330 -75.78 -27.92 3.28
CA LEU G 330 -76.78 -27.39 4.19
C LEU G 330 -76.39 -27.63 5.65
N GLY G 331 -75.81 -28.79 5.95
CA GLY G 331 -75.44 -29.07 7.32
C GLY G 331 -74.27 -28.27 7.83
N GLN G 332 -73.63 -27.51 6.94
CA GLN G 332 -72.54 -26.61 7.31
C GLN G 332 -72.98 -25.16 7.25
N GLY G 333 -74.27 -24.90 7.41
CA GLY G 333 -74.85 -23.58 7.40
C GLY G 333 -75.10 -23.00 6.03
N GLY G 334 -74.86 -23.77 4.96
CA GLY G 334 -74.89 -23.20 3.63
C GLY G 334 -76.23 -22.57 3.28
N ILE G 335 -76.17 -21.55 2.42
CA ILE G 335 -77.37 -20.82 2.01
C ILE G 335 -77.87 -21.25 0.64
N GLY G 336 -77.09 -22.01 -0.12
CA GLY G 336 -77.47 -22.32 -1.48
C GLY G 336 -76.59 -23.40 -2.06
N PHE G 337 -77.10 -24.01 -3.11
CA PHE G 337 -76.46 -25.12 -3.80
C PHE G 337 -76.92 -25.04 -5.24
N SER G 338 -75.98 -25.15 -6.17
CA SER G 338 -76.33 -24.98 -7.58
C SER G 338 -75.65 -26.08 -8.39
N VAL G 339 -76.37 -26.58 -9.39
CA VAL G 339 -75.81 -27.48 -10.39
C VAL G 339 -75.64 -26.67 -11.67
N PHE G 340 -74.55 -26.92 -12.40
CA PHE G 340 -74.20 -26.10 -13.55
C PHE G 340 -74.40 -26.85 -14.85
N GLY G 341 -74.83 -26.12 -15.87
CA GLY G 341 -74.86 -26.63 -17.23
C GLY G 341 -75.91 -27.69 -17.49
N ILE G 342 -77.18 -27.34 -17.26
CA ILE G 342 -78.24 -28.33 -17.22
C ILE G 342 -79.03 -28.47 -18.53
N ASP G 343 -78.97 -27.49 -19.41
CA ASP G 343 -79.85 -27.43 -20.57
C ASP G 343 -79.15 -27.92 -21.84
N GLY G 344 -79.90 -28.67 -22.65
CA GLY G 344 -79.47 -29.01 -23.99
C GLY G 344 -78.35 -30.04 -24.08
N ASN G 345 -78.12 -30.81 -23.04
CA ASN G 345 -77.02 -31.77 -23.10
C ASN G 345 -77.40 -32.95 -23.98
N PRO G 346 -76.42 -33.58 -24.64
CA PRO G 346 -76.74 -34.79 -25.41
C PRO G 346 -77.35 -35.84 -24.50
N ASP G 347 -78.35 -36.55 -25.02
CA ASP G 347 -79.02 -37.57 -24.24
C ASP G 347 -78.06 -38.72 -23.98
N SER G 348 -78.05 -39.19 -22.72
CA SER G 348 -77.16 -40.23 -22.26
C SER G 348 -77.69 -40.71 -20.93
N GLY G 349 -77.25 -41.92 -20.55
CA GLY G 349 -77.61 -42.44 -19.24
C GLY G 349 -77.20 -41.50 -18.12
N ALA G 350 -76.00 -40.92 -18.25
CA ALA G 350 -75.47 -40.07 -17.18
C ALA G 350 -76.28 -38.79 -17.03
N ASN G 351 -76.63 -38.16 -18.15
CA ASN G 351 -77.42 -36.94 -18.09
C ASN G 351 -78.82 -37.22 -17.55
N ARG G 352 -79.41 -38.34 -17.95
CA ARG G 352 -80.71 -38.70 -17.40
C ARG G 352 -80.62 -38.95 -15.90
N ALA G 353 -79.56 -39.61 -15.46
CA ALA G 353 -79.39 -39.84 -14.03
C ALA G 353 -79.17 -38.53 -13.27
N ALA G 354 -78.55 -37.55 -13.93
CA ALA G 354 -78.29 -36.25 -13.29
C ALA G 354 -79.57 -35.48 -13.09
N ILE G 355 -80.44 -35.47 -14.09
CA ILE G 355 -81.75 -34.84 -13.94
C ILE G 355 -82.53 -35.52 -12.83
N ALA G 356 -82.58 -36.85 -12.84
CA ALA G 356 -83.37 -37.59 -11.86
C ALA G 356 -82.84 -37.38 -10.44
N ALA G 357 -81.51 -37.40 -10.27
CA ALA G 357 -80.95 -37.27 -8.93
C ALA G 357 -81.19 -35.87 -8.35
N HIS G 358 -81.01 -34.84 -9.18
CA HIS G 358 -81.12 -33.50 -8.65
C HIS G 358 -82.55 -33.01 -8.60
N ALA G 359 -83.38 -33.38 -9.59
CA ALA G 359 -84.80 -33.08 -9.46
C ALA G 359 -85.38 -33.69 -8.21
N ALA G 360 -84.90 -34.88 -7.83
CA ALA G 360 -85.44 -35.57 -6.65
C ALA G 360 -85.26 -34.72 -5.39
N ASN G 361 -84.02 -34.34 -5.07
CA ASN G 361 -83.91 -33.70 -3.76
C ASN G 361 -84.31 -32.23 -3.77
N PHE G 362 -84.29 -31.55 -4.92
CA PHE G 362 -84.93 -30.25 -4.97
C PHE G 362 -86.43 -30.39 -4.72
N ARG G 363 -87.08 -31.37 -5.38
CA ARG G 363 -88.49 -31.64 -5.13
C ARG G 363 -88.74 -31.98 -3.67
N GLN G 364 -87.80 -32.69 -3.03
CA GLN G 364 -87.94 -33.00 -1.61
C GLN G 364 -87.85 -31.73 -0.77
N LEU G 365 -86.86 -30.87 -1.05
CA LEU G 365 -86.54 -29.77 -0.15
C LEU G 365 -87.14 -28.43 -0.55
N ALA G 366 -87.52 -28.22 -1.81
CA ALA G 366 -88.18 -26.96 -2.17
C ALA G 366 -89.33 -26.59 -1.25
N PRO G 367 -90.34 -27.44 -1.00
CA PRO G 367 -91.44 -27.02 -0.12
C PRO G 367 -90.99 -26.75 1.32
N LEU G 368 -89.78 -27.14 1.69
CA LEU G 368 -89.26 -26.97 3.03
C LEU G 368 -88.25 -25.84 3.16
N GLN G 369 -88.01 -25.08 2.08
CA GLN G 369 -86.81 -24.25 2.04
C GLN G 369 -86.85 -23.13 3.08
N ARG G 370 -88.01 -22.46 3.25
CA ARG G 370 -88.11 -21.41 4.26
C ARG G 370 -87.81 -21.96 5.65
N LEU G 371 -88.38 -23.12 5.96
CA LEU G 371 -88.14 -23.74 7.25
C LEU G 371 -86.67 -24.10 7.42
N ILE G 372 -86.06 -24.67 6.37
CA ILE G 372 -84.65 -25.06 6.43
C ILE G 372 -83.77 -23.83 6.58
N ALA G 373 -84.12 -22.74 5.89
CA ALA G 373 -83.31 -21.54 5.94
C ALA G 373 -83.38 -20.88 7.32
N GLN G 374 -84.57 -20.74 7.88
CA GLN G 374 -84.68 -20.19 9.23
C GLN G 374 -83.98 -21.09 10.24
N ALA G 375 -84.15 -22.41 10.10
CA ALA G 375 -83.52 -23.33 11.04
C ALA G 375 -82.01 -23.23 10.98
N ASN G 376 -81.46 -23.01 9.79
CA ASN G 376 -80.02 -22.95 9.62
C ASN G 376 -79.46 -21.69 10.26
N LEU G 377 -80.13 -20.55 10.05
CA LEU G 377 -79.73 -19.33 10.73
C LEU G 377 -79.74 -19.52 12.23
N ASP G 378 -80.78 -20.16 12.78
CA ASP G 378 -80.89 -20.32 14.23
C ASP G 378 -79.90 -21.32 14.80
N GLY G 379 -79.23 -22.12 13.97
CA GLY G 379 -78.38 -23.17 14.50
C GLY G 379 -79.11 -24.44 14.90
N ARG G 380 -80.32 -24.65 14.38
CA ARG G 380 -81.15 -25.79 14.72
C ARG G 380 -81.14 -26.86 13.63
N LEU G 381 -80.30 -26.70 12.61
CA LEU G 381 -80.29 -27.59 11.44
C LEU G 381 -78.98 -28.37 11.38
N GLN G 382 -79.10 -29.68 11.22
CA GLN G 382 -77.96 -30.54 10.92
C GLN G 382 -78.34 -31.42 9.74
N ALA G 383 -77.38 -31.65 8.86
CA ALA G 383 -77.57 -32.54 7.73
C ALA G 383 -76.22 -33.11 7.35
N VAL G 384 -76.24 -34.30 6.74
CA VAL G 384 -75.04 -35.07 6.47
C VAL G 384 -75.16 -35.73 5.10
N ALA G 385 -74.01 -36.02 4.51
CA ALA G 385 -73.90 -36.87 3.32
C ALA G 385 -73.04 -38.08 3.65
N GLU G 386 -73.35 -39.19 2.98
CA GLU G 386 -72.67 -40.45 3.25
C GLU G 386 -71.18 -40.37 2.91
N GLN G 387 -70.33 -40.79 3.86
CA GLN G 387 -68.90 -40.94 3.65
C GLN G 387 -68.59 -42.39 3.29
N PRO G 388 -67.83 -42.64 2.22
CA PRO G 388 -67.56 -44.05 1.86
C PRO G 388 -66.89 -44.88 2.95
N GLY G 389 -65.92 -44.35 3.67
CA GLY G 389 -65.28 -45.19 4.67
C GLY G 389 -66.03 -45.30 5.98
N ALA G 390 -66.95 -44.39 6.24
CA ALA G 390 -67.57 -44.25 7.57
C ALA G 390 -69.08 -44.12 7.39
N PRO G 391 -69.81 -45.22 7.39
CA PRO G 391 -71.24 -45.16 7.08
C PRO G 391 -72.14 -44.91 8.29
N GLN G 392 -71.61 -44.27 9.33
CA GLN G 392 -72.43 -43.85 10.46
C GLN G 392 -72.07 -42.44 10.88
N ARG G 393 -73.05 -41.74 11.45
CA ARG G 393 -72.89 -40.40 11.97
C ARG G 393 -73.81 -40.24 13.17
N THR G 394 -73.35 -39.48 14.17
CA THR G 394 -74.14 -39.14 15.34
C THR G 394 -74.45 -37.66 15.36
N LEU G 395 -75.72 -37.32 15.50
CA LEU G 395 -76.16 -35.92 15.55
C LEU G 395 -76.61 -35.63 16.98
N ARG G 396 -75.99 -34.64 17.61
CA ARG G 396 -76.29 -34.29 19.00
C ARG G 396 -77.25 -33.11 19.03
N PHE G 397 -78.32 -33.27 19.82
CA PHE G 397 -79.35 -32.26 20.03
C PHE G 397 -79.60 -32.08 21.52
N GLY G 398 -78.53 -31.86 22.27
CA GLY G 398 -78.61 -31.74 23.71
C GLY G 398 -79.00 -33.04 24.37
N ASP G 399 -80.20 -33.08 24.96
CA ASP G 399 -80.63 -34.27 25.66
C ASP G 399 -80.76 -35.47 24.73
N TRP G 400 -81.04 -35.22 23.45
CA TRP G 400 -81.31 -36.27 22.49
C TRP G 400 -80.17 -36.39 21.49
N GLU G 401 -79.95 -37.62 21.01
CA GLU G 401 -78.99 -37.92 19.96
C GLU G 401 -79.65 -38.71 18.84
N ALA G 402 -79.22 -38.46 17.61
CA ALA G 402 -79.71 -39.15 16.43
C ALA G 402 -78.57 -39.93 15.79
N LYS G 403 -78.73 -41.25 15.68
CA LYS G 403 -77.76 -42.12 15.01
C LYS G 403 -78.19 -42.33 13.56
N VAL G 404 -77.33 -41.96 12.62
CA VAL G 404 -77.64 -42.05 11.19
C VAL G 404 -76.81 -43.17 10.57
N SER G 405 -77.50 -44.12 9.91
CA SER G 405 -76.88 -45.32 9.36
C SER G 405 -77.09 -45.38 7.86
N PHE G 406 -76.03 -45.73 7.13
CA PHE G 406 -76.09 -45.91 5.69
C PHE G 406 -75.83 -47.37 5.33
N GLY G 407 -76.59 -47.88 4.37
CA GLY G 407 -76.51 -49.28 4.01
C GLY G 407 -77.26 -50.23 4.93
N ALA G 408 -78.14 -49.72 5.79
CA ALA G 408 -79.01 -50.61 6.51
C ALA G 408 -80.15 -51.07 5.60
N PRO G 409 -80.71 -52.26 5.82
CA PRO G 409 -81.91 -52.65 5.07
C PRO G 409 -83.05 -51.69 5.38
N LEU G 410 -83.98 -51.59 4.44
CA LEU G 410 -85.16 -50.74 4.65
C LEU G 410 -85.96 -51.22 5.86
N TRP G 411 -85.91 -52.51 6.16
CA TRP G 411 -86.56 -53.08 7.34
C TRP G 411 -85.71 -54.22 7.87
N GLY G 412 -85.68 -54.36 9.19
CA GLY G 412 -84.97 -55.44 9.82
C GLY G 412 -83.69 -54.98 10.47
N ASP G 413 -83.02 -55.93 11.10
CA ASP G 413 -81.80 -55.63 11.84
C ASP G 413 -80.70 -55.18 10.90
N ALA G 414 -79.90 -54.22 11.37
CA ALA G 414 -78.72 -53.84 10.62
C ALA G 414 -77.67 -54.94 10.75
N PRO G 415 -76.87 -55.16 9.71
CA PRO G 415 -75.75 -56.09 9.86
C PRO G 415 -74.78 -55.61 10.93
N ALA G 416 -73.96 -56.55 11.42
CA ALA G 416 -72.90 -56.20 12.36
C ALA G 416 -72.06 -55.06 11.80
N ILE G 417 -71.64 -55.19 10.55
CA ILE G 417 -70.81 -54.20 9.86
C ILE G 417 -71.68 -53.53 8.82
N LEU G 418 -71.81 -52.22 8.92
CA LEU G 418 -72.55 -51.48 7.91
C LEU G 418 -71.73 -51.37 6.62
N PRO G 419 -72.29 -51.77 5.48
CA PRO G 419 -71.54 -51.69 4.21
C PRO G 419 -71.68 -50.37 3.46
N GLY G 420 -72.48 -49.44 3.97
CA GLY G 420 -72.83 -48.26 3.21
C GLY G 420 -73.68 -48.62 1.99
N ASN G 421 -74.07 -47.57 1.28
CA ASN G 421 -74.76 -47.73 0.01
C ASN G 421 -73.74 -48.02 -1.08
N ASP G 422 -74.16 -48.82 -2.07
CA ASP G 422 -73.27 -49.19 -3.16
C ASP G 422 -72.83 -47.96 -3.94
N ASP G 423 -73.76 -47.07 -4.27
CA ASP G 423 -73.49 -45.82 -4.95
C ASP G 423 -73.23 -44.64 -3.99
N HIS G 424 -73.21 -44.88 -2.68
CA HIS G 424 -72.90 -43.84 -1.69
C HIS G 424 -73.88 -42.65 -1.76
N ALA G 425 -75.13 -42.90 -2.10
CA ALA G 425 -76.11 -41.82 -2.25
C ALA G 425 -76.82 -41.45 -0.95
N GLY G 426 -76.35 -41.92 0.20
CA GLY G 426 -77.05 -41.62 1.43
C GLY G 426 -76.89 -40.16 1.82
N ARG G 427 -77.92 -39.62 2.47
CA ARG G 427 -77.98 -38.25 2.95
C ARG G 427 -79.23 -38.09 3.79
N LEU G 428 -79.12 -37.27 4.83
CA LEU G 428 -80.20 -37.06 5.78
C LEU G 428 -80.04 -35.67 6.42
N LEU G 429 -81.19 -35.05 6.71
CA LEU G 429 -81.29 -33.71 7.28
C LEU G 429 -82.22 -33.76 8.48
N VAL G 430 -81.87 -33.05 9.54
CA VAL G 430 -82.70 -32.99 10.74
C VAL G 430 -82.82 -31.55 11.20
N ALA G 431 -84.05 -31.05 11.24
CA ALA G 431 -84.37 -29.71 11.71
C ALA G 431 -85.07 -29.82 13.07
N GLN G 432 -84.41 -29.34 14.12
CA GLN G 432 -85.04 -29.30 15.44
C GLN G 432 -86.12 -28.21 15.48
N LEU G 433 -87.39 -28.61 15.57
CA LEU G 433 -88.51 -27.69 15.60
C LEU G 433 -88.80 -27.20 17.02
N GLY G 434 -88.59 -28.05 18.01
CA GLY G 434 -88.82 -27.71 19.40
C GLY G 434 -87.93 -28.53 20.32
N PRO G 435 -88.18 -28.44 21.63
CA PRO G 435 -87.33 -29.20 22.58
C PRO G 435 -87.37 -30.72 22.38
N GLU G 436 -88.46 -31.26 21.83
CA GLU G 436 -88.59 -32.70 21.60
C GLU G 436 -89.28 -33.02 20.27
N GLU G 437 -89.26 -32.11 19.30
CA GLU G 437 -89.87 -32.31 17.99
C GLU G 437 -88.78 -32.12 16.93
N PHE G 438 -88.76 -33.02 15.95
CA PHE G 438 -87.77 -32.99 14.89
C PHE G 438 -88.42 -33.26 13.55
N LEU G 439 -87.94 -32.57 12.53
CA LEU G 439 -88.31 -32.82 11.14
C LEU G 439 -87.14 -33.53 10.47
N VAL G 440 -87.42 -34.63 9.79
CA VAL G 440 -86.39 -35.49 9.21
C VAL G 440 -86.78 -35.83 7.78
N THR G 441 -85.81 -35.74 6.88
CA THR G 441 -85.98 -36.21 5.50
C THR G 441 -84.60 -36.51 4.92
N GLY G 442 -84.60 -37.16 3.77
CA GLY G 442 -83.35 -37.56 3.16
C GLY G 442 -83.58 -38.66 2.14
N THR G 443 -82.51 -39.43 1.90
CA THR G 443 -82.46 -40.48 0.89
C THR G 443 -81.53 -41.58 1.39
N ALA G 444 -81.97 -42.83 1.23
CA ALA G 444 -81.14 -44.01 1.48
C ALA G 444 -80.42 -43.92 2.83
N ALA G 445 -81.21 -43.84 3.90
CA ALA G 445 -80.61 -43.64 5.21
C ALA G 445 -81.57 -44.13 6.29
N ARG G 446 -80.98 -44.50 7.42
CA ARG G 446 -81.72 -44.85 8.64
C ARG G 446 -81.25 -43.98 9.81
N ILE G 447 -82.23 -43.50 10.58
CA ILE G 447 -81.97 -42.67 11.75
C ILE G 447 -82.70 -43.28 12.95
N GLU G 448 -82.02 -43.31 14.10
CA GLU G 448 -82.59 -43.78 15.35
C GLU G 448 -82.26 -42.78 16.44
N PHE G 449 -83.27 -42.35 17.20
CA PHE G 449 -83.10 -41.35 18.24
C PHE G 449 -82.86 -42.02 19.59
N PHE G 450 -82.04 -41.34 20.44
CA PHE G 450 -81.60 -41.84 21.75
C PHE G 450 -81.51 -40.72 22.76
N ARG G 451 -81.95 -41.00 23.99
CA ARG G 451 -81.96 -40.04 25.09
C ARG G 451 -80.88 -40.38 26.12
N SER G 452 -80.22 -39.35 26.64
CA SER G 452 -79.27 -39.50 27.73
C SER G 452 -79.65 -38.59 28.89
N ALA G 453 -79.29 -37.30 28.78
CA ALA G 453 -79.90 -36.16 29.45
C ALA G 453 -79.66 -36.07 30.96
N ALA G 454 -78.88 -36.97 31.56
CA ALA G 454 -78.57 -36.93 33.00
C ALA G 454 -79.82 -37.03 33.88
N ASP G 455 -80.90 -37.63 33.37
CA ASP G 455 -82.03 -38.00 34.19
C ASP G 455 -81.88 -39.45 34.63
N THR G 456 -82.88 -39.94 35.36
CA THR G 456 -83.16 -41.36 35.43
C THR G 456 -84.21 -41.79 34.41
N ARG G 457 -84.80 -40.84 33.68
CA ARG G 457 -85.92 -41.13 32.82
C ARG G 457 -85.47 -41.97 31.63
N HIS G 458 -86.44 -42.44 30.85
CA HIS G 458 -86.20 -43.29 29.69
C HIS G 458 -86.84 -42.66 28.46
N GLY G 459 -86.18 -42.77 27.31
CA GLY G 459 -86.69 -42.16 26.10
C GLY G 459 -87.75 -43.01 25.42
N GLN G 460 -88.67 -42.34 24.73
CA GLN G 460 -89.64 -43.10 23.95
C GLN G 460 -90.18 -42.24 22.83
N LEU G 461 -90.51 -42.91 21.74
CA LEU G 461 -91.24 -42.29 20.65
C LEU G 461 -92.69 -42.07 21.06
N LEU G 462 -93.22 -40.89 20.76
CA LEU G 462 -94.62 -40.58 21.01
C LEU G 462 -95.44 -40.47 19.74
N GLN G 463 -94.90 -39.84 18.70
CA GLN G 463 -95.64 -39.68 17.45
C GLN G 463 -94.65 -39.48 16.31
N VAL G 464 -94.90 -40.18 15.19
CA VAL G 464 -94.16 -40.00 13.95
C VAL G 464 -95.19 -39.78 12.85
N GLU G 465 -95.20 -38.58 12.28
CA GLU G 465 -96.08 -38.28 11.16
C GLU G 465 -95.28 -38.29 9.86
N GLN G 466 -95.82 -38.96 8.84
CA GLN G 466 -95.26 -38.98 7.50
C GLN G 466 -96.15 -38.16 6.58
N GLY G 467 -95.56 -37.20 5.87
CA GLY G 467 -96.33 -36.34 4.99
C GLY G 467 -95.53 -35.29 4.25
N ARG G 468 -96.18 -34.17 3.93
CA ARG G 468 -95.61 -33.15 3.04
C ARG G 468 -95.96 -31.76 3.58
N TYR G 469 -95.30 -30.75 2.99
CA TYR G 469 -95.71 -29.36 3.14
C TYR G 469 -96.33 -28.92 1.82
N VAL G 470 -97.65 -28.75 1.82
CA VAL G 470 -98.34 -28.07 0.74
C VAL G 470 -98.43 -26.60 1.13
N ASP G 471 -97.61 -25.77 0.49
CA ASP G 471 -97.76 -24.30 0.48
C ASP G 471 -97.55 -23.68 1.85
N GLY G 472 -96.71 -24.32 2.67
CA GLY G 472 -96.59 -24.00 4.07
C GLY G 472 -97.47 -24.80 5.02
N ARG G 473 -98.20 -25.81 4.54
CA ARG G 473 -99.00 -26.65 5.42
C ARG G 473 -98.39 -28.02 5.63
N TRP G 474 -98.16 -28.37 6.89
CA TRP G 474 -97.95 -29.77 7.22
C TRP G 474 -99.19 -30.57 6.88
N GLN G 475 -99.10 -31.41 5.85
CA GLN G 475 -100.18 -32.33 5.50
C GLN G 475 -99.72 -33.74 5.88
N MET G 476 -100.25 -34.23 6.99
CA MET G 476 -100.06 -35.62 7.39
C MET G 476 -100.74 -36.59 6.42
N GLU G 477 -99.99 -37.61 5.98
CA GLU G 477 -100.52 -38.71 5.18
C GLU G 477 -100.89 -39.92 6.02
N ARG G 478 -100.00 -40.32 6.92
CA ARG G 478 -100.18 -41.44 7.82
C ARG G 478 -99.34 -41.16 9.07
N GLN G 479 -99.48 -42.03 10.06
CA GLN G 479 -98.61 -42.03 11.22
C GLN G 479 -97.83 -43.33 11.27
N LEU G 480 -96.53 -43.25 11.54
CA LEU G 480 -95.65 -44.41 11.50
C LEU G 480 -95.52 -45.04 12.89
N ASN G 481 -95.75 -46.35 12.96
CA ASN G 481 -95.58 -47.16 14.16
C ASN G 481 -95.40 -48.61 13.74
N GLY G 482 -95.09 -49.46 14.71
CA GLY G 482 -94.86 -50.88 14.42
C GLY G 482 -93.67 -51.10 13.51
N ASP G 483 -93.92 -51.82 12.41
CA ASP G 483 -92.86 -52.19 11.48
C ASP G 483 -92.10 -50.97 10.98
N GLN G 484 -92.80 -49.87 10.73
CA GLN G 484 -92.18 -48.65 10.23
C GLN G 484 -91.41 -47.89 11.30
N THR G 485 -91.34 -48.44 12.50
CA THR G 485 -90.64 -47.76 13.59
C THR G 485 -89.77 -48.70 14.40
N ASP G 486 -89.81 -50.02 14.14
CA ASP G 486 -89.07 -51.00 14.94
C ASP G 486 -87.56 -50.95 14.68
N TYR G 487 -87.15 -50.50 13.49
CA TYR G 487 -85.75 -50.48 13.10
C TYR G 487 -85.39 -49.08 12.63
N GLY G 488 -85.58 -48.13 13.54
CA GLY G 488 -85.45 -46.75 13.20
C GLY G 488 -86.44 -46.35 12.12
N LEU G 489 -86.24 -45.12 11.65
CA LEU G 489 -87.01 -44.57 10.55
C LEU G 489 -86.14 -44.67 9.32
N ASN G 490 -86.70 -45.19 8.23
CA ASN G 490 -85.94 -45.62 7.07
C ASN G 490 -86.40 -44.89 5.83
N PHE G 491 -85.45 -44.25 5.14
CA PHE G 491 -85.69 -43.55 3.91
C PHE G 491 -85.08 -44.35 2.77
N GLY G 492 -85.88 -44.61 1.75
CA GLY G 492 -85.40 -45.37 0.62
C GLY G 492 -85.05 -44.47 -0.55
N ARG G 493 -85.64 -44.75 -1.69
CA ARG G 493 -85.27 -44.15 -2.94
C ARG G 493 -86.48 -43.48 -3.60
N THR G 494 -86.19 -42.50 -4.46
CA THR G 494 -87.21 -41.96 -5.35
C THR G 494 -87.75 -43.06 -6.24
N ASP G 495 -89.07 -43.11 -6.40
CA ASP G 495 -89.67 -44.02 -7.36
C ASP G 495 -89.58 -43.45 -8.77
N ALA G 496 -89.75 -44.33 -9.77
CA ALA G 496 -89.65 -43.90 -11.16
C ALA G 496 -90.64 -42.79 -11.53
N ALA G 497 -91.74 -42.65 -10.78
CA ALA G 497 -92.67 -41.55 -10.99
C ALA G 497 -92.18 -40.24 -10.37
N GLY G 498 -90.92 -40.18 -9.94
CA GLY G 498 -90.30 -38.97 -9.45
C GLY G 498 -90.60 -38.59 -8.01
N GLN G 499 -91.43 -39.34 -7.29
CA GLN G 499 -91.75 -38.98 -5.91
C GLN G 499 -90.59 -39.33 -4.99
N PRO G 500 -90.00 -38.36 -4.31
CA PRO G 500 -88.84 -38.64 -3.46
C PRO G 500 -89.26 -39.29 -2.15
N PRO G 501 -88.30 -39.77 -1.35
CA PRO G 501 -88.62 -40.29 -0.01
C PRO G 501 -89.37 -39.27 0.83
N PRO G 502 -90.06 -39.70 1.89
CA PRO G 502 -91.02 -38.81 2.56
C PRO G 502 -90.35 -37.89 3.56
N VAL G 503 -91.16 -37.00 4.13
CA VAL G 503 -90.74 -36.03 5.15
C VAL G 503 -91.43 -36.40 6.46
N LEU G 504 -90.67 -36.54 7.54
CA LEU G 504 -91.18 -37.03 8.81
C LEU G 504 -91.12 -35.96 9.90
N ARG G 505 -92.19 -35.84 10.68
CA ARG G 505 -92.22 -35.05 11.90
C ARG G 505 -92.20 -36.00 13.08
N VAL G 506 -91.23 -35.83 13.97
CA VAL G 506 -90.94 -36.81 15.01
C VAL G 506 -91.03 -36.12 16.37
N ARG G 507 -92.00 -36.54 17.18
CA ARG G 507 -92.14 -36.04 18.54
C ARG G 507 -91.68 -37.12 19.51
N VAL G 508 -90.83 -36.74 20.46
CA VAL G 508 -90.29 -37.71 21.41
C VAL G 508 -90.67 -37.30 22.83
N GLY G 509 -90.27 -38.11 23.80
CA GLY G 509 -90.71 -37.90 25.16
C GLY G 509 -89.96 -38.85 26.07
N SER G 510 -90.32 -38.80 27.36
CA SER G 510 -89.71 -39.69 28.33
C SER G 510 -90.78 -40.21 29.27
N TYR G 511 -90.36 -41.12 30.16
CA TYR G 511 -91.19 -41.66 31.22
C TYR G 511 -90.29 -42.12 32.37
N GLU H 2 2.92 59.59 61.44
CA GLU H 2 3.32 59.08 62.74
C GLU H 2 4.77 59.50 63.03
N GLU H 3 5.40 58.90 64.06
CA GLU H 3 6.74 59.28 64.46
C GLU H 3 7.77 58.93 63.37
N LEU H 4 8.78 59.79 63.24
CA LEU H 4 9.87 59.52 62.30
C LEU H 4 10.61 58.25 62.73
N PRO H 5 10.94 57.36 61.80
CA PRO H 5 11.81 56.22 62.13
C PRO H 5 13.09 56.71 62.80
N ARG H 6 13.52 56.00 63.83
CA ARG H 6 14.58 56.54 64.67
C ARG H 6 15.41 55.41 65.27
N PHE H 7 16.74 55.54 65.17
CA PHE H 7 17.64 54.60 65.80
C PHE H 7 17.85 54.97 67.27
N PHE H 8 17.94 53.97 68.13
CA PHE H 8 17.80 54.18 69.56
C PHE H 8 18.75 53.25 70.31
N THR H 9 19.44 53.80 71.31
CA THR H 9 20.34 53.04 72.16
C THR H 9 19.97 53.30 73.61
N GLN H 10 20.10 52.27 74.44
CA GLN H 10 19.75 52.37 75.85
C GLN H 10 20.42 51.21 76.59
N ASN H 11 21.36 51.54 77.48
CA ASN H 11 21.95 50.56 78.39
C ASN H 11 22.70 49.46 77.64
N GLY H 12 23.42 49.86 76.59
CA GLY H 12 24.17 48.91 75.78
C GLY H 12 23.33 48.07 74.85
N ARG H 13 22.03 48.35 74.74
CA ARG H 13 21.13 47.64 73.85
C ARG H 13 20.54 48.62 72.86
N HIS H 14 20.12 48.09 71.73
CA HIS H 14 19.79 48.92 70.59
C HIS H 14 18.45 48.50 70.03
N ALA H 15 17.87 49.39 69.23
CA ALA H 15 16.63 49.11 68.54
C ALA H 15 16.50 50.11 67.41
N LEU H 16 15.83 49.68 66.36
CA LEU H 16 15.33 50.59 65.35
C LEU H 16 13.88 50.89 65.69
N LEU H 17 13.59 52.16 65.96
CA LEU H 17 12.22 52.58 66.27
C LEU H 17 11.49 52.92 64.98
N VAL H 18 10.38 52.25 64.75
CA VAL H 18 9.55 52.45 63.57
C VAL H 18 8.12 52.58 64.04
N ASP H 19 7.48 53.69 63.67
CA ASP H 19 6.11 53.97 64.11
C ASP H 19 6.01 53.92 65.63
N GLY H 20 7.07 54.40 66.30
CA GLY H 20 7.05 54.56 67.73
C GLY H 20 7.57 53.39 68.55
N ALA H 21 7.78 52.24 67.94
CA ALA H 21 8.10 51.05 68.72
C ALA H 21 9.25 50.28 68.06
N PRO H 22 9.94 49.42 68.81
CA PRO H 22 11.01 48.61 68.22
C PRO H 22 10.50 47.74 67.07
N TYR H 23 11.37 47.58 66.07
CA TYR H 23 11.03 47.00 64.78
C TYR H 23 12.20 46.13 64.34
N THR H 24 11.93 44.85 64.05
CA THR H 24 12.94 43.96 63.49
C THR H 24 12.83 43.99 61.96
N ILE H 25 13.93 44.31 61.29
CA ILE H 25 14.00 44.29 59.84
C ILE H 25 14.19 42.85 59.37
N LEU H 26 13.28 42.36 58.54
CA LEU H 26 13.41 41.06 57.88
C LEU H 26 13.40 41.34 56.38
N ALA H 27 14.59 41.37 55.76
CA ALA H 27 14.80 42.05 54.48
C ALA H 27 15.24 41.10 53.37
N ALA H 28 14.95 41.52 52.13
CA ALA H 28 15.49 40.93 50.93
C ALA H 28 15.96 42.06 50.01
N GLN H 29 17.20 41.97 49.53
CA GLN H 29 17.74 42.97 48.60
C GLN H 29 17.69 42.46 47.17
N LEU H 30 17.21 43.32 46.27
CA LEU H 30 17.23 43.02 44.84
C LEU H 30 18.67 43.02 44.32
N HIS H 31 18.83 42.49 43.11
CA HIS H 31 20.13 42.57 42.48
C HIS H 31 20.46 44.01 42.09
N ASN H 32 21.76 44.29 41.95
CA ASN H 32 22.23 45.65 41.72
C ASN H 32 21.47 46.35 40.61
N SER H 33 21.20 45.64 39.51
CA SER H 33 20.61 46.25 38.33
C SER H 33 19.11 46.01 38.22
N SER H 34 18.43 45.80 39.34
CA SER H 34 17.02 45.47 39.32
C SER H 34 16.11 46.65 39.65
N ALA H 35 16.67 47.78 40.06
CA ALA H 35 15.87 48.92 40.53
C ALA H 35 15.50 49.85 39.38
N TRP H 36 14.87 49.27 38.35
CA TRP H 36 14.33 50.00 37.21
C TRP H 36 12.81 49.78 37.10
N PRO H 37 12.09 50.73 36.49
CA PRO H 37 10.60 50.65 36.51
C PRO H 37 9.99 49.38 35.93
N ALA H 38 10.54 48.84 34.82
CA ALA H 38 10.04 47.61 34.23
C ALA H 38 10.37 46.37 35.04
N VAL H 39 11.45 46.40 35.82
CA VAL H 39 11.87 45.24 36.57
C VAL H 39 11.23 45.18 37.95
N LEU H 40 10.92 46.33 38.54
CA LEU H 40 10.46 46.37 39.94
C LEU H 40 9.24 45.50 40.23
N PRO H 41 8.20 45.46 39.40
CA PRO H 41 6.99 44.73 39.79
C PRO H 41 7.25 43.26 39.98
N PRO H 42 7.83 42.54 38.98
CA PRO H 42 8.12 41.12 39.26
C PRO H 42 9.18 40.92 40.32
N ALA H 43 10.17 41.81 40.40
CA ALA H 43 11.19 41.66 41.44
C ALA H 43 10.64 41.94 42.84
N LEU H 44 9.68 42.88 42.96
CA LEU H 44 9.07 43.09 44.27
C LEU H 44 8.10 41.97 44.62
N ASP H 45 7.51 41.32 43.61
CA ASP H 45 6.60 40.21 43.89
C ASP H 45 7.34 39.05 44.54
N GLN H 46 8.57 38.77 44.07
CA GLN H 46 9.36 37.70 44.66
C GLN H 46 9.77 38.04 46.08
N VAL H 47 9.91 39.34 46.39
CA VAL H 47 10.18 39.74 47.78
C VAL H 47 9.01 39.38 48.68
N VAL H 48 7.78 39.67 48.23
CA VAL H 48 6.60 39.26 48.98
C VAL H 48 6.57 37.75 49.15
N ALA H 49 6.99 37.00 48.13
CA ALA H 49 6.94 35.54 48.21
C ALA H 49 7.85 35.02 49.32
N LEU H 50 8.94 35.73 49.60
CA LEU H 50 9.79 35.41 50.73
C LEU H 50 9.20 35.87 52.05
N HIS H 51 8.11 36.65 52.04
CA HIS H 51 7.46 37.17 53.24
C HIS H 51 8.36 38.11 54.03
N ALA H 52 9.26 38.80 53.34
CA ALA H 52 10.03 39.84 54.00
C ALA H 52 9.12 41.02 54.32
N ASN H 53 9.51 41.80 55.33
CA ASN H 53 8.82 43.06 55.60
C ASN H 53 9.55 44.26 55.03
N THR H 54 10.76 44.08 54.51
CA THR H 54 11.55 45.20 54.01
C THR H 54 12.25 44.78 52.73
N VAL H 55 12.27 45.68 51.74
CA VAL H 55 13.03 45.48 50.52
C VAL H 55 14.19 46.48 50.52
N GLU H 56 15.40 45.98 50.32
CA GLU H 56 16.57 46.81 50.10
C GLU H 56 16.76 46.92 48.60
N ALA H 57 16.84 48.15 48.10
CA ALA H 57 16.99 48.42 46.68
C ALA H 57 17.81 49.70 46.52
N PRO H 58 18.55 49.84 45.44
CA PRO H 58 19.41 51.02 45.29
C PRO H 58 18.73 52.18 44.58
N VAL H 59 19.23 53.36 44.89
CA VAL H 59 19.04 54.56 44.07
C VAL H 59 20.39 54.87 43.44
N TYR H 60 20.40 55.03 42.11
CA TYR H 60 21.64 55.23 41.38
C TYR H 60 21.89 56.72 41.17
N TRP H 61 23.03 57.21 41.66
CA TRP H 61 23.43 58.58 41.37
C TRP H 61 23.46 58.82 39.87
N GLU H 62 23.96 57.84 39.10
CA GLU H 62 23.94 57.85 37.64
C GLU H 62 22.64 58.40 37.04
N GLN H 63 21.50 57.82 37.42
CA GLN H 63 20.25 58.24 36.81
C GLN H 63 19.53 59.30 37.62
N PHE H 64 19.85 59.44 38.90
CA PHE H 64 19.16 60.43 39.73
C PHE H 64 19.57 61.85 39.34
N GLU H 65 20.84 62.07 39.02
CA GLU H 65 21.34 63.39 38.60
C GLU H 65 22.02 63.24 37.24
N PRO H 66 21.24 63.02 36.16
CA PRO H 66 21.85 62.83 34.84
C PRO H 66 22.56 64.06 34.29
N ALA H 67 22.31 65.24 34.86
CA ALA H 67 22.99 66.48 34.50
C ALA H 67 23.13 67.31 35.76
N PRO H 68 24.14 68.18 35.86
CA PRO H 68 24.40 68.88 37.12
C PRO H 68 23.20 69.71 37.57
N GLY H 69 22.67 69.37 38.74
CA GLY H 69 21.59 70.10 39.35
C GLY H 69 20.19 69.69 38.96
N ARG H 70 20.04 68.90 37.88
CA ARG H 70 18.73 68.40 37.47
C ARG H 70 18.57 66.95 37.91
N PHE H 71 17.49 66.69 38.65
CA PHE H 71 17.28 65.43 39.35
C PHE H 71 16.05 64.73 38.80
N ASP H 72 16.20 63.43 38.52
CA ASP H 72 15.15 62.58 37.99
C ASP H 72 14.75 61.58 39.07
N THR H 73 13.52 61.72 39.58
CA THR H 73 13.04 60.83 40.64
C THR H 73 12.21 59.66 40.11
N THR H 74 12.27 59.37 38.79
CA THR H 74 11.44 58.29 38.24
C THR H 74 11.65 56.99 39.00
N ASN H 75 12.91 56.58 39.16
CA ASN H 75 13.17 55.26 39.73
C ASN H 75 12.83 55.20 41.21
N VAL H 76 13.13 56.26 41.96
CA VAL H 76 12.86 56.20 43.40
C VAL H 76 11.36 56.27 43.64
N ASP H 77 10.63 57.01 42.80
CA ASP H 77 9.18 57.03 42.92
C ASP H 77 8.58 55.66 42.59
N ALA H 78 9.11 55.00 41.55
CA ALA H 78 8.60 53.68 41.15
C ALA H 78 8.89 52.63 42.22
N LEU H 79 10.04 52.74 42.87
CA LEU H 79 10.33 51.85 43.98
C LEU H 79 9.32 52.03 45.11
N ILE H 80 9.17 53.27 45.60
CA ILE H 80 8.31 53.52 46.75
C ILE H 80 6.86 53.18 46.43
N ALA H 81 6.41 53.49 45.21
CA ALA H 81 5.07 53.09 44.81
C ALA H 81 4.92 51.57 44.82
N GLY H 82 5.93 50.85 44.31
CA GLY H 82 5.85 49.40 44.31
C GLY H 82 5.80 48.81 45.71
N ALA H 83 6.58 49.37 46.63
CA ALA H 83 6.58 48.81 47.98
C ALA H 83 5.28 49.12 48.69
N ARG H 84 4.74 50.32 48.48
CA ARG H 84 3.51 50.72 49.15
C ARG H 84 2.35 49.82 48.73
N LYS H 85 2.28 49.52 47.43
CA LYS H 85 1.24 48.66 46.90
C LYS H 85 1.35 47.24 47.45
N ARG H 86 2.54 46.80 47.82
CA ARG H 86 2.75 45.43 48.30
C ARG H 86 2.89 45.32 49.81
N GLY H 87 2.81 46.42 50.53
CA GLY H 87 2.92 46.37 51.98
C GLY H 87 4.33 46.39 52.51
N LEU H 88 5.30 46.75 51.70
CA LEU H 88 6.71 46.63 52.06
C LEU H 88 7.26 47.98 52.53
N ARG H 89 7.99 47.95 53.65
CA ARG H 89 8.88 49.05 53.98
C ARG H 89 10.13 48.97 53.10
N VAL H 90 10.83 50.09 53.00
CA VAL H 90 11.95 50.23 52.08
C VAL H 90 13.22 50.58 52.84
N ALA H 91 14.31 49.92 52.47
CA ALA H 91 15.66 50.31 52.89
C ALA H 91 16.39 50.82 51.64
N LEU H 92 16.59 52.13 51.58
CA LEU H 92 17.12 52.80 50.40
C LEU H 92 18.64 52.76 50.41
N LEU H 93 19.24 52.31 49.31
CA LEU H 93 20.69 52.22 49.14
C LEU H 93 21.17 53.32 48.22
N TRP H 94 21.93 54.28 48.77
CA TRP H 94 22.47 55.40 47.99
C TRP H 94 23.76 54.96 47.31
N PHE H 95 23.67 54.54 46.05
CA PHE H 95 24.84 54.18 45.26
C PHE H 95 25.49 55.47 44.76
N GLY H 96 26.35 56.05 45.59
CA GLY H 96 26.98 57.34 45.26
C GLY H 96 28.43 57.26 44.83
N SER H 97 29.32 57.94 45.55
CA SER H 97 30.74 57.93 45.19
C SER H 97 31.31 56.52 45.23
N TRP H 98 30.92 55.72 46.22
CA TRP H 98 31.43 54.36 46.39
C TRP H 98 30.33 53.33 46.20
N LYS H 99 30.63 52.29 45.42
CA LYS H 99 29.85 51.05 45.38
C LYS H 99 30.86 49.92 45.21
N ASN H 100 31.04 49.11 46.26
CA ASN H 100 32.08 48.07 46.25
C ASN H 100 33.46 48.68 46.01
N GLY H 101 33.76 49.78 46.72
CA GLY H 101 35.04 50.46 46.60
C GLY H 101 35.33 51.12 45.28
N GLN H 102 34.33 51.34 44.44
CA GLN H 102 34.57 51.92 43.13
C GLN H 102 33.49 52.97 42.84
N MET H 103 33.75 53.77 41.79
CA MET H 103 32.95 54.92 41.44
C MET H 103 32.01 54.65 40.25
N HIS H 104 31.68 53.38 40.01
CA HIS H 104 31.03 53.03 38.75
C HIS H 104 29.60 53.58 38.65
N TYR H 105 28.98 53.96 39.77
CA TYR H 105 27.63 54.50 39.75
C TYR H 105 27.61 56.02 39.72
N VAL H 106 28.77 56.65 39.63
CA VAL H 106 28.87 58.11 39.58
C VAL H 106 28.35 58.61 38.23
N PRO H 107 27.68 59.76 38.17
CA PRO H 107 27.10 60.21 36.89
C PRO H 107 28.16 60.39 35.81
N GLU H 108 27.68 60.42 34.57
CA GLU H 108 28.59 60.47 33.43
C GLU H 108 29.31 61.80 33.33
N TRP H 109 28.69 62.90 33.75
CA TRP H 109 29.36 64.18 33.69
C TRP H 109 30.49 64.30 34.71
N ILE H 110 30.55 63.40 35.70
CA ILE H 110 31.74 63.31 36.55
C ILE H 110 32.77 62.37 35.92
N LYS H 111 32.31 61.25 35.38
CA LYS H 111 33.24 60.31 34.74
C LYS H 111 34.01 60.98 33.62
N ARG H 112 33.39 61.91 32.91
CA ARG H 112 34.03 62.55 31.76
C ARG H 112 34.98 63.69 32.15
N ASP H 113 35.07 64.05 33.43
CA ASP H 113 35.78 65.25 33.88
C ASP H 113 36.72 64.86 35.03
N GLU H 114 37.84 64.23 34.68
CA GLU H 114 38.77 63.78 35.71
C GLU H 114 39.52 64.94 36.35
N ALA H 115 39.74 66.04 35.63
CA ALA H 115 40.48 67.12 36.24
C ALA H 115 39.64 67.89 37.24
N THR H 116 38.33 67.95 37.04
CA THR H 116 37.45 68.55 38.04
C THR H 116 37.18 67.58 39.18
N TYR H 117 37.06 66.29 38.85
CA TYR H 117 36.71 65.24 39.81
C TYR H 117 37.81 64.19 39.73
N PRO H 118 38.89 64.37 40.49
CA PRO H 118 40.06 63.51 40.34
C PRO H 118 39.88 62.14 40.96
N ARG H 119 40.48 61.16 40.30
CA ARG H 119 40.54 59.79 40.80
C ARG H 119 41.76 59.63 41.70
N MET H 120 41.68 58.64 42.60
CA MET H 120 42.84 58.24 43.37
C MET H 120 43.98 57.80 42.45
N ARG H 121 45.21 57.94 42.93
CA ARG H 121 46.38 57.42 42.23
C ARG H 121 46.98 56.30 43.07
N ASP H 122 47.40 55.22 42.41
CA ASP H 122 47.97 54.07 43.11
C ASP H 122 49.46 54.30 43.32
N ALA H 123 50.13 53.32 43.96
CA ALA H 123 51.56 53.46 44.24
C ALA H 123 52.42 53.54 43.00
N ASN H 124 51.86 53.30 41.81
CA ASN H 124 52.59 53.48 40.57
C ASN H 124 52.21 54.77 39.85
N GLY H 125 51.44 55.64 40.50
CA GLY H 125 50.99 56.88 39.90
C GLY H 125 49.86 56.74 38.90
N GLU H 126 49.26 55.57 38.79
CA GLU H 126 48.22 55.21 37.84
C GLU H 126 46.85 55.45 38.45
N PRO H 127 45.87 55.90 37.67
CA PRO H 127 44.54 56.13 38.23
C PRO H 127 43.84 54.80 38.48
N VAL H 128 42.94 54.79 39.46
CA VAL H 128 42.07 53.65 39.70
C VAL H 128 40.63 54.11 39.56
N ASP H 129 39.67 53.19 39.73
CA ASP H 129 38.25 53.50 39.63
C ASP H 129 37.69 53.91 40.98
N VAL H 130 38.33 54.90 41.60
CA VAL H 130 37.86 55.46 42.87
C VAL H 130 38.04 56.97 42.81
N LEU H 131 37.02 57.70 43.27
CA LEU H 131 37.17 59.14 43.40
C LEU H 131 38.12 59.46 44.55
N SER H 132 38.87 60.55 44.42
CA SER H 132 39.82 60.91 45.48
C SER H 132 39.08 61.46 46.69
N PRO H 133 39.34 60.94 47.89
CA PRO H 133 38.67 61.44 49.09
C PRO H 133 39.27 62.72 49.65
N HIS H 134 40.17 63.37 48.90
CA HIS H 134 40.93 64.51 49.39
C HIS H 134 40.68 65.79 48.61
N VAL H 135 39.74 65.78 47.66
CA VAL H 135 39.39 66.99 46.91
C VAL H 135 37.96 67.39 47.26
N ALA H 136 37.75 68.69 47.42
CA ALA H 136 36.46 69.17 47.90
C ALA H 136 35.37 68.93 46.85
N ALA H 137 35.71 69.08 45.57
CA ALA H 137 34.70 68.93 44.52
C ALA H 137 33.94 67.61 44.65
N ASN H 138 34.64 66.52 44.93
CA ASN H 138 33.98 65.22 44.94
C ASN H 138 33.01 65.10 46.10
N VAL H 139 33.49 65.30 47.33
CA VAL H 139 32.60 65.14 48.48
C VAL H 139 31.42 66.10 48.40
N GLN H 140 31.62 67.27 47.78
CA GLN H 140 30.52 68.22 47.67
C GLN H 140 29.50 67.81 46.63
N ALA H 141 29.95 67.27 45.48
CA ALA H 141 29.00 66.75 44.50
C ALA H 141 28.13 65.64 45.10
N ASP H 142 28.74 64.78 45.90
CA ASP H 142 28.00 63.68 46.52
C ASP H 142 27.00 64.21 47.54
N ALA H 143 27.47 65.00 48.51
CA ALA H 143 26.57 65.54 49.53
C ALA H 143 25.42 66.31 48.90
N ARG H 144 25.72 67.11 47.88
CA ARG H 144 24.66 67.91 47.26
C ARG H 144 23.57 67.01 46.71
N ALA H 145 23.94 65.95 45.98
CA ALA H 145 22.96 65.05 45.42
C ALA H 145 22.23 64.26 46.51
N PHE H 146 22.97 63.77 47.51
CA PHE H 146 22.32 63.04 48.59
C PHE H 146 21.32 63.91 49.34
N THR H 147 21.62 65.21 49.47
CA THR H 147 20.64 66.12 50.06
C THR H 147 19.41 66.25 49.18
N ALA H 148 19.61 66.31 47.86
CA ALA H 148 18.46 66.36 46.96
C ALA H 148 17.56 65.15 47.15
N LEU H 149 18.16 63.97 47.32
CA LEU H 149 17.37 62.76 47.49
C LEU H 149 16.62 62.76 48.82
N MET H 150 17.32 63.11 49.90
CA MET H 150 16.66 63.15 51.20
C MET H 150 15.59 64.23 51.25
N GLN H 151 15.81 65.35 50.55
CA GLN H 151 14.79 66.39 50.48
C GLN H 151 13.55 65.89 49.76
N HIS H 152 13.74 65.23 48.62
CA HIS H 152 12.60 64.66 47.89
C HIS H 152 11.91 63.58 48.73
N LEU H 153 12.69 62.80 49.47
CA LEU H 153 12.11 61.75 50.31
C LEU H 153 11.23 62.34 51.39
N ARG H 154 11.60 63.50 51.93
CA ARG H 154 10.74 64.13 52.93
C ARG H 154 9.45 64.64 52.29
N LYS H 155 9.53 65.10 51.05
CA LYS H 155 8.36 65.67 50.39
C LYS H 155 7.30 64.62 50.09
N ILE H 156 7.71 63.46 49.55
CA ILE H 156 6.78 62.43 49.11
C ILE H 156 6.54 61.34 50.16
N ASP H 157 7.28 61.34 51.28
CA ASP H 157 7.20 60.23 52.21
C ASP H 157 7.30 60.69 53.68
N GLY H 158 7.30 62.00 53.94
CA GLY H 158 7.49 62.49 55.30
C GLY H 158 6.41 62.03 56.27
N ASP H 159 5.18 61.84 55.79
CA ASP H 159 4.10 61.34 56.63
C ASP H 159 4.06 59.81 56.64
N ARG H 160 4.16 59.20 55.45
CA ARG H 160 3.93 57.77 55.31
C ARG H 160 5.07 56.94 55.89
N HIS H 161 6.31 57.37 55.66
CA HIS H 161 7.49 56.69 56.18
C HIS H 161 7.61 55.27 55.62
N THR H 162 7.39 55.16 54.31
CA THR H 162 7.67 53.90 53.63
C THR H 162 9.16 53.56 53.73
N VAL H 163 10.02 54.53 53.41
CA VAL H 163 11.45 54.34 53.60
C VAL H 163 11.76 54.37 55.08
N ILE H 164 12.40 53.30 55.58
CA ILE H 164 12.63 53.15 57.00
C ILE H 164 14.07 53.44 57.40
N VAL H 165 15.05 53.21 56.51
CA VAL H 165 16.46 53.44 56.77
C VAL H 165 17.08 53.79 55.44
N VAL H 166 18.24 54.47 55.47
CA VAL H 166 18.99 54.78 54.26
C VAL H 166 20.46 54.40 54.46
N GLN H 167 21.00 53.62 53.52
CA GLN H 167 22.41 53.26 53.53
C GLN H 167 23.19 54.25 52.69
N VAL H 168 24.23 54.83 53.28
CA VAL H 168 25.00 55.91 52.65
C VAL H 168 26.22 55.28 51.99
N GLU H 169 26.30 55.39 50.67
CA GLU H 169 27.24 54.65 49.81
C GLU H 169 26.93 53.15 49.86
N ASN H 170 27.77 52.33 49.22
CA ASN H 170 27.65 50.87 49.29
C ASN H 170 29.05 50.29 49.36
N GLU H 171 29.37 49.67 50.49
CA GLU H 171 30.70 49.12 50.75
C GLU H 171 31.82 50.09 50.39
N PRO H 172 31.91 51.24 51.06
CA PRO H 172 32.96 52.22 50.74
C PRO H 172 34.35 51.70 51.08
N GLY H 173 35.33 52.47 50.60
CA GLY H 173 36.75 52.20 50.65
C GLY H 173 37.32 52.27 49.26
N ALA H 174 38.56 51.81 49.11
CA ALA H 174 39.29 51.92 47.86
C ALA H 174 39.70 50.54 47.36
N ILE H 175 39.44 50.26 46.09
CA ILE H 175 39.97 49.09 45.39
C ILE H 175 41.05 49.59 44.44
N GLY H 176 42.21 48.94 44.46
CA GLY H 176 43.30 49.26 43.57
C GLY H 176 44.47 49.94 44.25
N THR H 177 44.28 50.45 45.45
CA THR H 177 45.34 51.13 46.19
C THR H 177 44.93 51.14 47.66
N VAL H 178 45.92 51.28 48.53
CA VAL H 178 45.66 51.42 49.96
C VAL H 178 45.35 52.87 50.33
N ARG H 179 46.04 53.83 49.72
CA ARG H 179 45.76 55.24 49.95
C ARG H 179 45.98 56.01 48.65
N ASP H 180 45.48 57.24 48.63
CA ASP H 180 45.66 58.12 47.48
C ASP H 180 47.08 58.66 47.42
N HIS H 181 47.71 58.56 46.24
CA HIS H 181 49.07 59.02 46.02
C HIS H 181 49.14 60.21 45.08
N GLY H 182 48.00 60.83 44.76
CA GLY H 182 48.01 62.12 44.13
C GLY H 182 48.59 63.17 45.05
N PRO H 183 48.74 64.39 44.52
CA PRO H 183 49.31 65.47 45.37
C PRO H 183 48.48 65.74 46.61
N ALA H 184 47.16 65.84 46.49
CA ALA H 184 46.33 66.16 47.66
C ALA H 184 46.47 65.10 48.74
N GLY H 185 46.44 63.82 48.36
CA GLY H 185 46.59 62.76 49.34
C GLY H 185 47.98 62.69 49.94
N GLU H 186 49.01 62.78 49.09
CA GLU H 186 50.39 62.77 49.60
C GLU H 186 50.60 63.85 50.65
N ALA H 187 50.07 65.05 50.42
CA ALA H 187 50.23 66.15 51.37
C ALA H 187 49.47 65.89 52.66
N ALA H 188 48.22 65.41 52.56
CA ALA H 188 47.46 65.10 53.77
C ALA H 188 48.16 64.03 54.59
N PHE H 189 48.74 63.04 53.92
CA PHE H 189 49.40 61.94 54.63
C PHE H 189 50.64 62.40 55.39
N ALA H 190 51.27 63.50 54.94
CA ALA H 190 52.38 64.07 55.67
C ALA H 190 51.94 64.89 56.87
N GLN H 191 50.69 65.33 56.89
CA GLN H 191 50.16 66.08 58.02
C GLN H 191 49.91 65.13 59.18
N PRO H 192 49.89 65.66 60.40
CA PRO H 192 49.66 64.80 61.57
C PRO H 192 48.23 64.28 61.60
N VAL H 193 48.00 63.32 62.48
CA VAL H 193 46.63 62.86 62.72
C VAL H 193 45.83 64.01 63.31
N PRO H 194 44.58 64.21 62.89
CA PRO H 194 43.75 65.24 63.52
C PRO H 194 43.62 64.99 65.02
N ALA H 195 43.61 66.10 65.77
CA ALA H 195 43.64 66.03 67.23
C ALA H 195 42.40 65.33 67.81
N ALA H 196 41.19 65.61 67.30
CA ALA H 196 40.00 64.96 67.86
C ALA H 196 39.98 63.47 67.62
N ILE H 197 40.62 63.01 66.54
CA ILE H 197 40.72 61.59 66.31
C ILE H 197 41.62 60.95 67.36
N ALA H 198 42.83 61.49 67.54
CA ALA H 198 43.77 60.94 68.50
C ALA H 198 43.18 60.97 69.92
N ALA H 199 42.35 61.97 70.21
CA ALA H 199 41.69 62.02 71.51
C ALA H 199 40.62 60.96 71.63
N ALA H 200 39.82 60.75 70.58
CA ALA H 200 38.76 59.76 70.64
C ALA H 200 39.29 58.34 70.81
N LEU H 201 40.52 58.08 70.37
CA LEU H 201 41.11 56.76 70.44
C LEU H 201 42.08 56.61 71.62
N GLY H 202 42.17 57.62 72.47
CA GLY H 202 43.01 57.57 73.66
C GLY H 202 44.49 57.65 73.37
N LYS H 203 44.88 58.41 72.36
CA LYS H 203 46.27 58.39 71.90
C LYS H 203 46.90 59.77 72.02
N PRO H 204 48.22 59.83 72.24
CA PRO H 204 48.92 61.10 72.11
C PRO H 204 48.86 61.60 70.68
N ALA H 205 49.17 62.89 70.50
CA ALA H 205 49.31 63.42 69.15
C ALA H 205 50.55 62.84 68.48
N GLY H 206 50.59 62.96 67.16
CA GLY H 206 51.69 62.39 66.40
C GLY H 206 51.29 62.17 64.96
N SER H 207 52.17 61.48 64.24
CA SER H 207 51.97 61.16 62.83
C SER H 207 51.12 59.90 62.70
N TRP H 208 50.75 59.60 61.45
CA TRP H 208 50.04 58.35 61.17
C TRP H 208 50.90 57.15 61.52
N GLN H 209 52.17 57.18 61.08
CA GLN H 209 53.11 56.11 61.38
C GLN H 209 53.29 55.91 62.89
N GLN H 210 53.31 57.00 63.66
CA GLN H 210 53.56 56.89 65.10
C GLN H 210 52.35 56.40 65.88
N LEU H 211 51.14 56.59 65.37
CA LEU H 211 49.94 56.16 66.06
C LEU H 211 49.39 54.84 65.55
N PHE H 212 49.77 54.41 64.34
CA PHE H 212 49.20 53.21 63.75
C PHE H 212 50.23 52.22 63.21
N GLY H 213 51.53 52.54 63.26
CA GLY H 213 52.53 51.57 62.85
C GLY H 213 52.38 51.16 61.40
N ALA H 214 52.46 49.85 61.16
CA ALA H 214 52.34 49.34 59.79
C ALA H 214 50.99 49.66 59.16
N GLU H 215 49.98 50.03 59.96
CA GLU H 215 48.64 50.31 59.46
C GLU H 215 48.43 51.78 59.16
N ALA H 216 49.51 52.55 59.07
CA ALA H 216 49.40 53.99 58.86
C ALA H 216 48.64 54.32 57.57
N ALA H 217 49.06 53.74 56.45
CA ALA H 217 48.42 54.05 55.17
C ALA H 217 46.93 53.66 55.19
N GLU H 218 46.61 52.47 55.70
CA GLU H 218 45.22 52.03 55.73
C GLU H 218 44.40 52.85 56.74
N ALA H 219 44.97 53.14 57.91
CA ALA H 219 44.25 53.97 58.87
C ALA H 219 44.02 55.38 58.33
N PHE H 220 44.95 55.88 57.52
CA PHE H 220 44.80 57.19 56.90
C PHE H 220 43.63 57.20 55.92
N ASN H 221 43.60 56.22 55.01
CA ASN H 221 42.53 56.20 54.02
C ASN H 221 41.19 55.88 54.63
N ALA H 222 41.19 55.12 55.74
CA ALA H 222 39.95 54.87 56.46
C ALA H 222 39.39 56.17 57.00
N HIS H 223 40.25 57.00 57.61
CA HIS H 223 39.80 58.28 58.11
C HIS H 223 39.30 59.17 56.97
N ALA H 224 39.98 59.12 55.82
CA ALA H 224 39.57 59.98 54.70
C ALA H 224 38.25 59.55 54.09
N THR H 225 37.97 58.24 54.08
CA THR H 225 36.68 57.76 53.59
C THR H 225 35.57 58.08 54.58
N ALA H 226 35.82 57.88 55.87
CA ALA H 226 34.76 58.10 56.85
C ALA H 226 34.48 59.59 57.06
N ALA H 227 35.49 60.45 56.88
CA ALA H 227 35.23 61.89 56.95
C ALA H 227 34.46 62.36 55.72
N TYR H 228 34.82 61.86 54.55
CA TYR H 228 34.09 62.15 53.32
C TYR H 228 32.62 61.73 53.44
N ILE H 229 32.38 60.53 53.96
CA ILE H 229 31.02 60.08 54.16
C ILE H 229 30.34 60.90 55.23
N GLU H 230 31.08 61.32 56.27
CA GLU H 230 30.46 62.09 57.35
C GLU H 230 29.82 63.36 56.80
N GLN H 231 30.52 64.06 55.92
CA GLN H 231 29.96 65.24 55.28
C GLN H 231 28.65 64.91 54.56
N VAL H 232 28.68 63.92 53.67
CA VAL H 232 27.49 63.53 52.92
C VAL H 232 26.34 63.18 53.86
N ALA H 233 26.62 62.33 54.84
CA ALA H 233 25.56 61.90 55.75
C ALA H 233 24.99 63.07 56.54
N ALA H 234 25.83 64.02 56.96
CA ALA H 234 25.33 65.15 57.75
C ALA H 234 24.48 66.09 56.89
N ALA H 235 24.87 66.30 55.63
CA ALA H 235 24.01 67.03 54.70
C ALA H 235 22.62 66.42 54.66
N GLY H 236 22.53 65.12 54.38
CA GLY H 236 21.23 64.46 54.33
C GLY H 236 20.48 64.49 55.64
N LYS H 237 21.21 64.51 56.76
CA LYS H 237 20.57 64.59 58.07
C LYS H 237 19.78 65.89 58.21
N ARG H 238 20.36 67.01 57.76
CA ARG H 238 19.65 68.29 57.86
C ARG H 238 18.41 68.29 56.99
N ALA H 239 18.46 67.65 55.83
CA ALA H 239 17.30 67.64 54.95
C ALA H 239 16.17 66.78 55.51
N TYR H 240 16.51 65.62 56.12
CA TYR H 240 15.54 64.61 56.53
C TYR H 240 16.20 63.53 57.36
N PRO H 241 16.17 63.63 58.70
CA PRO H 241 17.05 62.80 59.54
C PRO H 241 16.54 61.38 59.78
N LEU H 242 16.38 60.62 58.69
CA LEU H 242 16.14 59.20 58.81
C LEU H 242 17.37 58.52 59.43
N PRO H 243 17.21 57.29 59.94
CA PRO H 243 18.38 56.52 60.38
C PRO H 243 19.28 56.17 59.21
N LEU H 244 20.59 56.35 59.41
CA LEU H 244 21.59 56.17 58.38
C LEU H 244 22.56 55.09 58.80
N TYR H 245 22.90 54.20 57.87
CA TYR H 245 23.95 53.21 58.10
C TYR H 245 24.86 53.11 56.89
N VAL H 246 26.00 52.44 57.07
CA VAL H 246 26.86 52.03 55.97
C VAL H 246 27.10 50.53 56.10
N ASN H 247 27.28 49.87 54.96
CA ASN H 247 27.56 48.44 54.92
C ASN H 247 29.03 48.20 54.62
N THR H 248 29.52 47.03 55.02
CA THR H 248 30.95 46.76 55.04
C THR H 248 31.26 45.47 54.29
N TRP H 249 32.07 45.59 53.25
CA TRP H 249 32.83 44.46 52.72
C TRP H 249 33.96 44.20 53.71
N LEU H 250 33.97 43.01 54.31
CA LEU H 250 34.66 42.77 55.57
C LEU H 250 36.09 42.26 55.38
N ARG H 251 36.88 42.46 56.44
CA ARG H 251 38.20 41.83 56.60
C ARG H 251 37.99 40.49 57.32
N TYR H 252 37.64 39.47 56.53
CA TYR H 252 37.29 38.16 57.05
C TYR H 252 37.72 37.10 56.04
N LYS H 253 37.57 35.84 56.44
CA LYS H 253 37.83 34.67 55.58
C LYS H 253 39.29 34.63 55.09
N GLY H 254 40.22 35.15 55.88
CA GLY H 254 41.61 35.14 55.47
C GLY H 254 42.03 36.33 54.62
N LYS H 255 41.09 37.17 54.18
CA LYS H 255 41.42 38.38 53.44
C LYS H 255 42.34 39.29 54.24
N ARG H 256 43.52 39.60 53.69
CA ARG H 256 44.54 40.38 54.39
C ARG H 256 45.02 41.62 53.65
N TYR H 257 44.60 41.84 52.42
CA TYR H 257 45.24 42.84 51.58
C TYR H 257 44.29 43.98 51.30
N PRO H 258 44.37 45.09 52.03
CA PRO H 258 43.48 46.23 51.77
C PRO H 258 43.75 46.81 50.38
N GLY H 259 42.69 47.07 49.64
CA GLY H 259 42.81 47.53 48.30
C GLY H 259 42.74 46.44 47.25
N MET H 260 42.90 45.17 47.62
CA MET H 260 42.62 44.12 46.66
C MET H 260 41.72 43.01 47.21
N ASP H 261 41.94 42.58 48.46
CA ASP H 261 41.04 41.63 49.13
C ASP H 261 39.73 42.27 49.57
N TYR H 262 39.77 43.55 49.90
CA TYR H 262 38.62 44.28 50.42
C TYR H 262 38.91 45.77 50.28
N PRO H 263 37.88 46.62 50.26
CA PRO H 263 38.14 48.06 50.09
C PRO H 263 38.99 48.58 51.23
N SER H 264 40.10 49.23 50.86
CA SER H 264 40.94 49.88 51.85
C SER H 264 40.18 51.06 52.44
N GLY H 265 40.03 51.06 53.76
CA GLY H 265 39.43 52.19 54.44
C GLY H 265 37.95 52.09 54.71
N GLY H 266 37.30 50.97 54.38
CA GLY H 266 35.94 50.73 54.84
C GLY H 266 35.92 50.51 56.34
N ALA H 267 34.71 50.35 56.88
CA ALA H 267 34.57 50.20 58.32
C ALA H 267 34.94 48.78 58.76
N THR H 268 36.11 48.31 58.34
CA THR H 268 36.54 46.97 58.71
C THR H 268 36.94 46.94 60.18
N VAL H 269 37.09 45.72 60.71
CA VAL H 269 37.24 45.52 62.15
C VAL H 269 38.52 46.19 62.68
N ASN H 270 39.56 46.25 61.86
CA ASN H 270 40.84 46.78 62.32
C ASN H 270 40.88 48.30 62.41
N VAL H 271 39.87 49.01 61.92
CA VAL H 271 39.83 50.46 61.95
C VAL H 271 38.46 50.93 62.42
N PHE H 272 37.74 50.08 63.14
CA PHE H 272 36.34 50.37 63.45
C PHE H 272 36.19 51.61 64.32
N ALA H 273 36.88 51.64 65.47
CA ALA H 273 36.78 52.78 66.37
C ALA H 273 37.18 54.07 65.67
N LEU H 274 38.28 54.04 64.92
CA LEU H 274 38.68 55.22 64.15
C LEU H 274 37.60 55.61 63.16
N TRP H 275 36.97 54.62 62.51
CA TRP H 275 35.99 54.91 61.47
C TRP H 275 34.75 55.59 62.06
N ARG H 276 34.29 55.09 63.21
CA ARG H 276 33.10 55.63 63.85
C ARG H 276 33.36 57.01 64.45
N ALA H 277 34.54 57.18 65.08
CA ALA H 277 34.92 58.48 65.62
C ALA H 277 34.74 59.61 64.60
N ALA H 278 34.89 59.30 63.32
CA ALA H 278 34.74 60.31 62.28
C ALA H 278 33.31 60.45 61.77
N THR H 279 32.37 59.59 62.17
CA THR H 279 31.06 59.50 61.53
C THR H 279 29.91 59.53 62.53
N PRO H 280 29.74 60.65 63.26
CA PRO H 280 28.62 60.72 64.20
C PRO H 280 27.26 60.86 63.53
N SER H 281 27.22 61.24 62.25
CA SER H 281 25.97 61.29 61.51
C SER H 281 25.58 59.94 60.90
N ILE H 282 26.36 58.90 61.13
CA ILE H 282 26.03 57.54 60.71
C ILE H 282 25.66 56.77 61.97
N ASP H 283 24.48 56.14 61.95
CA ASP H 283 23.88 55.65 63.20
C ASP H 283 24.37 54.25 63.57
N PHE H 284 24.60 53.38 62.59
CA PHE H 284 25.12 52.04 62.86
C PHE H 284 25.78 51.49 61.60
N ILE H 285 26.46 50.35 61.75
CA ILE H 285 27.21 49.72 60.67
C ILE H 285 26.65 48.33 60.42
N GLY H 286 26.40 48.02 59.16
CA GLY H 286 25.96 46.70 58.75
C GLY H 286 27.09 45.85 58.19
N THR H 287 26.96 44.55 58.39
CA THR H 287 27.96 43.56 57.98
C THR H 287 27.43 42.75 56.81
N ASP H 288 28.24 42.62 55.76
CA ASP H 288 27.90 41.79 54.59
C ASP H 288 28.68 40.48 54.70
N ILE H 289 28.02 39.45 55.21
CA ILE H 289 28.64 38.17 55.54
C ILE H 289 28.30 37.15 54.44
N TYR H 290 29.30 36.78 53.65
CA TYR H 290 29.04 35.77 52.60
C TYR H 290 29.83 34.50 52.89
N THR H 291 29.55 33.90 54.04
CA THR H 291 30.02 32.58 54.38
C THR H 291 28.90 31.82 55.05
N SER H 292 29.09 30.51 55.12
CA SER H 292 28.16 29.61 55.76
C SER H 292 28.78 28.92 56.97
N ASP H 293 30.07 29.14 57.20
CA ASP H 293 30.80 28.49 58.29
C ASP H 293 30.37 29.06 59.63
N TYR H 294 30.05 28.18 60.57
CA TYR H 294 29.56 28.64 61.87
C TYR H 294 30.60 29.50 62.57
N GLY H 295 31.86 29.05 62.60
CA GLY H 295 32.90 29.81 63.28
C GLY H 295 33.11 31.19 62.71
N GLU H 296 33.17 31.30 61.37
CA GLU H 296 33.45 32.58 60.75
C GLU H 296 32.25 33.52 60.82
N TYR H 297 31.02 32.99 60.67
CA TYR H 297 29.82 33.80 60.81
C TYR H 297 29.70 34.35 62.22
N THR H 298 29.90 33.49 63.21
CA THR H 298 29.79 33.85 64.61
C THR H 298 30.90 34.83 65.03
N LYS H 299 32.10 34.65 64.48
CA LYS H 299 33.19 35.57 64.78
C LYS H 299 32.86 36.97 64.28
N VAL H 300 32.32 37.08 63.06
CA VAL H 300 32.03 38.40 62.51
C VAL H 300 30.97 39.10 63.35
N ILE H 301 29.89 38.39 63.69
CA ILE H 301 28.84 38.97 64.52
C ILE H 301 29.40 39.42 65.85
N GLY H 302 30.31 38.62 66.43
CA GLY H 302 30.96 39.04 67.66
C GLY H 302 31.78 40.30 67.52
N GLN H 303 32.33 40.55 66.34
CA GLN H 303 33.17 41.75 66.15
C GLN H 303 32.32 43.01 66.12
N TYR H 304 31.15 42.94 65.51
CA TYR H 304 30.35 44.12 65.23
C TYR H 304 29.18 44.31 66.18
N ALA H 305 28.98 43.39 67.12
CA ALA H 305 27.93 43.54 68.13
C ALA H 305 28.61 44.12 69.37
N ARG H 306 28.53 45.43 69.52
CA ARG H 306 29.26 46.17 70.51
C ARG H 306 28.32 47.09 71.29
N PRO H 307 28.75 47.55 72.47
CA PRO H 307 27.98 48.61 73.16
C PRO H 307 27.62 49.81 72.31
N ASP H 308 28.42 50.11 71.28
CA ASP H 308 28.18 51.23 70.37
C ASP H 308 27.68 50.80 69.00
N ASN H 309 27.32 49.52 68.81
CA ASN H 309 26.88 49.10 67.47
C ASN H 309 26.03 47.84 67.55
N PRO H 310 24.84 47.87 66.99
CA PRO H 310 23.99 46.67 66.98
C PRO H 310 24.46 45.69 65.91
N ALA H 311 24.31 44.41 66.22
CA ALA H 311 24.38 43.42 65.13
C ALA H 311 23.33 43.78 64.10
N TRP H 312 23.74 43.74 62.83
CA TRP H 312 22.87 44.11 61.72
C TRP H 312 23.45 43.53 60.43
N VAL H 313 22.83 42.46 59.93
CA VAL H 313 23.32 41.78 58.74
C VAL H 313 22.64 42.46 57.56
N SER H 314 23.33 43.41 56.97
CA SER H 314 22.79 44.12 55.81
C SER H 314 22.81 43.27 54.55
N GLU H 315 23.62 42.21 54.50
CA GLU H 315 23.72 41.32 53.34
C GLU H 315 24.20 39.95 53.80
N THR H 316 23.64 38.90 53.18
CA THR H 316 24.16 37.55 53.36
C THR H 316 23.75 36.71 52.16
N GLY H 317 24.42 35.58 51.97
CA GLY H 317 24.19 34.77 50.79
C GLY H 317 22.76 34.23 50.75
N PHE H 318 22.16 34.29 49.56
CA PHE H 318 20.81 33.78 49.34
C PHE H 318 20.89 32.28 49.06
N GLU H 319 21.11 31.52 50.13
CA GLU H 319 21.27 30.08 50.06
C GLU H 319 20.66 29.46 51.32
N ALA H 320 20.29 28.19 51.20
CA ALA H 320 19.63 27.52 52.33
C ALA H 320 20.54 27.48 53.56
N ALA H 321 21.82 27.22 53.35
CA ALA H 321 22.76 27.04 54.46
C ALA H 321 22.88 28.26 55.36
N THR H 322 22.36 29.40 54.93
CA THR H 322 22.50 30.63 55.68
C THR H 322 21.25 30.99 56.51
N ALA H 323 20.15 30.24 56.35
CA ALA H 323 18.87 30.49 57.04
C ALA H 323 18.95 30.34 58.56
N PRO H 324 19.72 29.38 59.10
CA PRO H 324 19.86 29.32 60.56
C PRO H 324 20.41 30.57 61.21
N TYR H 325 21.22 31.37 60.51
CA TYR H 325 21.93 32.45 61.20
C TYR H 325 21.03 33.63 61.54
N LEU H 326 19.85 33.72 60.93
CA LEU H 326 18.86 34.69 61.39
C LEU H 326 18.67 34.61 62.90
N PHE H 327 18.64 33.38 63.45
CA PHE H 327 18.43 33.23 64.89
C PHE H 327 19.69 33.58 65.67
N HIS H 328 20.86 33.27 65.14
CA HIS H 328 22.08 33.69 65.83
C HIS H 328 22.17 35.20 65.92
N VAL H 329 21.78 35.90 64.84
CA VAL H 329 21.87 37.35 64.81
C VAL H 329 20.89 37.99 65.78
N LEU H 330 19.62 37.54 65.76
CA LEU H 330 18.67 38.02 66.76
C LEU H 330 19.16 37.74 68.17
N GLY H 331 19.73 36.56 68.40
CA GLY H 331 20.18 36.18 69.73
C GLY H 331 21.36 36.98 70.23
N GLN H 332 21.94 37.82 69.37
CA GLN H 332 23.00 38.73 69.79
C GLN H 332 22.50 40.18 69.82
N GLY H 333 21.20 40.38 70.03
CA GLY H 333 20.65 41.72 70.01
C GLY H 333 20.42 42.32 68.63
N GLY H 334 20.57 41.54 67.57
CA GLY H 334 20.52 42.10 66.24
C GLY H 334 19.15 42.66 65.88
N ILE H 335 19.18 43.72 65.08
CA ILE H 335 17.97 44.46 64.72
C ILE H 335 17.43 44.07 63.35
N GLY H 336 18.16 43.26 62.59
CA GLY H 336 17.72 42.94 61.25
C GLY H 336 18.64 41.93 60.59
N PHE H 337 18.11 41.35 59.50
CA PHE H 337 18.77 40.29 58.75
C PHE H 337 18.29 40.39 57.31
N SER H 338 19.22 40.33 56.35
CA SER H 338 18.91 40.52 54.93
C SER H 338 19.57 39.43 54.08
N VAL H 339 18.83 38.91 53.11
CA VAL H 339 19.36 38.03 52.08
C VAL H 339 19.59 38.88 50.84
N PHE H 340 20.67 38.60 50.10
CA PHE H 340 21.03 39.42 48.95
C PHE H 340 20.82 38.69 47.64
N GLY H 341 20.39 39.44 46.62
CA GLY H 341 20.22 38.93 45.27
C GLY H 341 19.14 37.87 45.11
N ILE H 342 17.88 38.21 45.43
CA ILE H 342 16.83 37.21 45.47
C ILE H 342 16.04 37.04 44.17
N ASP H 343 16.14 37.99 43.24
CA ASP H 343 15.18 38.11 42.15
C ASP H 343 15.74 37.64 40.81
N GLY H 344 15.01 36.77 40.13
CA GLY H 344 15.34 36.45 38.76
C GLY H 344 16.54 35.55 38.56
N ASN H 345 16.89 34.74 39.56
CA ASN H 345 17.99 33.83 39.39
C ASN H 345 17.59 32.67 38.48
N PRO H 346 18.56 32.03 37.83
CA PRO H 346 18.23 30.82 37.07
C PRO H 346 17.65 29.74 37.99
N ASP H 347 16.62 29.07 37.51
CA ASP H 347 15.99 28.02 38.29
C ASP H 347 16.98 26.90 38.55
N SER H 348 17.19 26.59 39.82
CA SER H 348 18.05 25.48 40.21
C SER H 348 17.52 24.92 41.52
N GLY H 349 18.02 23.74 41.87
CA GLY H 349 17.71 23.18 43.17
C GLY H 349 18.15 24.09 44.31
N ALA H 350 19.37 24.65 44.17
CA ALA H 350 19.89 25.55 45.20
C ALA H 350 19.00 26.77 45.38
N ASN H 351 18.56 27.38 44.26
CA ASN H 351 17.75 28.58 44.36
C ASN H 351 16.38 28.28 44.97
N ARG H 352 15.71 27.22 44.51
CA ARG H 352 14.44 26.80 45.12
C ARG H 352 14.62 26.49 46.60
N ALA H 353 15.78 25.94 46.98
CA ALA H 353 16.01 25.63 48.39
C ALA H 353 16.23 26.89 49.20
N ALA H 354 16.84 27.92 48.59
CA ALA H 354 17.05 29.19 49.27
C ALA H 354 15.74 29.93 49.46
N ILE H 355 14.80 29.77 48.51
CA ILE H 355 13.50 30.40 48.63
C ILE H 355 12.68 29.76 49.74
N ALA H 356 12.65 28.43 49.76
CA ALA H 356 11.88 27.74 50.79
C ALA H 356 12.44 28.01 52.17
N ALA H 357 13.77 27.99 52.32
CA ALA H 357 14.38 28.09 53.64
C ALA H 357 14.19 29.48 54.24
N HIS H 358 14.33 30.53 53.43
CA HIS H 358 14.21 31.87 53.96
C HIS H 358 12.77 32.35 54.02
N ALA H 359 11.96 32.00 53.01
CA ALA H 359 10.54 32.30 53.10
C ALA H 359 9.93 31.66 54.33
N ALA H 360 10.43 30.49 54.71
CA ALA H 360 9.88 29.79 55.87
C ALA H 360 10.05 30.61 57.13
N ASN H 361 11.28 30.97 57.49
CA ASN H 361 11.39 31.59 58.80
C ASN H 361 10.98 33.07 58.79
N PHE H 362 10.99 33.73 57.64
CA PHE H 362 10.33 35.05 57.57
C PHE H 362 8.84 34.91 57.80
N ARG H 363 8.23 33.87 57.23
CA ARG H 363 6.83 33.56 57.49
C ARG H 363 6.61 33.26 58.97
N GLN H 364 7.57 32.59 59.61
CA GLN H 364 7.41 32.25 61.01
C GLN H 364 7.54 33.49 61.88
N LEU H 365 8.46 34.39 61.55
CA LEU H 365 8.82 35.43 62.50
C LEU H 365 8.13 36.75 62.23
N ALA H 366 7.78 37.05 60.98
CA ALA H 366 7.21 38.36 60.68
C ALA H 366 5.97 38.71 61.49
N PRO H 367 5.03 37.79 61.76
CA PRO H 367 3.95 38.13 62.70
C PRO H 367 4.40 38.27 64.15
N LEU H 368 5.67 38.03 64.45
CA LEU H 368 6.21 38.18 65.79
C LEU H 368 7.23 39.30 65.91
N GLN H 369 7.44 40.08 64.83
CA GLN H 369 8.62 40.95 64.79
C GLN H 369 8.55 42.06 65.82
N ARG H 370 7.37 42.70 66.00
CA ARG H 370 7.21 43.68 67.08
C ARG H 370 7.57 43.08 68.43
N LEU H 371 6.95 41.94 68.75
CA LEU H 371 7.24 41.28 70.03
C LEU H 371 8.72 40.90 70.15
N ILE H 372 9.32 40.43 69.05
CA ILE H 372 10.72 40.07 69.09
C ILE H 372 11.59 41.30 69.32
N ALA H 373 11.27 42.40 68.64
CA ALA H 373 12.10 43.59 68.69
C ALA H 373 12.11 44.19 70.09
N GLN H 374 10.93 44.35 70.70
CA GLN H 374 10.83 44.88 72.05
C GLN H 374 11.58 44.00 73.04
N ALA H 375 11.38 42.68 72.93
CA ALA H 375 12.05 41.75 73.83
C ALA H 375 13.57 41.90 73.73
N ASN H 376 14.08 42.14 72.51
CA ASN H 376 15.51 42.27 72.30
C ASN H 376 16.06 43.52 72.96
N LEU H 377 15.41 44.66 72.73
CA LEU H 377 15.79 45.89 73.41
C LEU H 377 15.79 45.71 74.93
N ASP H 378 14.82 44.96 75.46
CA ASP H 378 14.69 44.81 76.91
C ASP H 378 15.63 43.73 77.48
N GLY H 379 16.37 43.03 76.64
CA GLY H 379 17.17 41.92 77.12
C GLY H 379 16.39 40.68 77.49
N ARG H 380 15.19 40.49 76.95
CA ARG H 380 14.37 39.33 77.28
C ARG H 380 14.36 38.29 76.17
N LEU H 381 15.24 38.42 75.18
CA LEU H 381 15.27 37.55 74.01
C LEU H 381 16.60 36.82 73.92
N GLN H 382 16.53 35.51 73.73
CA GLN H 382 17.68 34.65 73.50
C GLN H 382 17.38 33.76 72.31
N ALA H 383 18.33 33.66 71.38
CA ALA H 383 18.12 32.86 70.18
C ALA H 383 19.47 32.31 69.73
N VAL H 384 19.42 31.15 69.07
CA VAL H 384 20.61 30.36 68.80
C VAL H 384 20.45 29.66 67.46
N ALA H 385 21.58 29.45 66.77
CA ALA H 385 21.66 28.54 65.63
C ALA H 385 22.51 27.34 66.01
N GLU H 386 22.23 26.21 65.35
CA GLU H 386 22.97 24.97 65.59
C GLU H 386 24.43 25.09 65.18
N GLN H 387 25.33 24.58 66.05
CA GLN H 387 26.77 24.53 65.81
C GLN H 387 27.20 23.10 65.55
N PRO H 388 27.83 22.82 64.41
CA PRO H 388 28.13 21.42 64.02
C PRO H 388 28.81 20.55 65.06
N GLY H 389 29.79 21.06 65.79
CA GLY H 389 30.44 20.17 66.75
C GLY H 389 29.74 20.02 68.08
N ALA H 390 28.80 20.90 68.40
CA ALA H 390 28.25 21.03 69.75
C ALA H 390 26.74 21.15 69.67
N PRO H 391 26.02 20.03 69.58
CA PRO H 391 24.59 20.09 69.28
C PRO H 391 23.70 20.43 70.47
N GLN H 392 24.23 21.08 71.52
CA GLN H 392 23.42 21.44 72.67
C GLN H 392 23.76 22.86 73.11
N ARG H 393 22.75 23.54 73.67
CA ARG H 393 22.92 24.88 74.23
C ARG H 393 22.02 25.03 75.45
N THR H 394 22.46 25.88 76.38
CA THR H 394 21.73 26.16 77.61
C THR H 394 21.41 27.66 77.65
N LEU H 395 20.14 27.99 77.76
CA LEU H 395 19.68 29.37 77.85
C LEU H 395 19.24 29.63 79.28
N ARG H 396 19.79 30.66 79.90
CA ARG H 396 19.55 30.95 81.30
C ARG H 396 18.53 32.07 81.44
N PHE H 397 17.57 31.88 82.35
CA PHE H 397 16.50 32.84 82.59
C PHE H 397 16.27 32.99 84.10
N GLY H 398 17.35 33.27 84.82
CA GLY H 398 17.32 33.32 86.27
C GLY H 398 16.93 32.01 86.94
N ASP H 399 15.71 31.95 87.44
CA ASP H 399 15.26 30.75 88.14
C ASP H 399 15.11 29.56 87.20
N TRP H 400 14.85 29.81 85.92
CA TRP H 400 14.61 28.77 84.94
C TRP H 400 15.73 28.72 83.91
N GLU H 401 15.96 27.51 83.40
CA GLU H 401 16.90 27.27 82.31
C GLU H 401 16.19 26.51 81.19
N ALA H 402 16.63 26.75 79.96
CA ALA H 402 16.15 26.03 78.78
C ALA H 402 17.31 25.29 78.14
N LYS H 403 17.12 24.00 77.90
CA LYS H 403 18.13 23.16 77.25
C LYS H 403 17.71 22.86 75.82
N VAL H 404 18.52 23.29 74.85
CA VAL H 404 18.19 23.20 73.43
C VAL H 404 19.04 22.11 72.79
N SER H 405 18.36 21.11 72.22
CA SER H 405 19.00 19.94 71.60
C SER H 405 18.76 19.93 70.09
N PHE H 406 19.76 19.49 69.35
CA PHE H 406 19.70 19.39 67.90
C PHE H 406 20.03 17.97 67.47
N GLY H 407 19.20 17.43 66.58
CA GLY H 407 19.34 16.05 66.18
C GLY H 407 18.62 15.05 67.05
N ALA H 408 17.76 15.50 67.95
CA ALA H 408 16.91 14.58 68.69
C ALA H 408 15.77 14.13 67.80
N PRO H 409 15.16 12.99 68.10
CA PRO H 409 13.95 12.61 67.36
C PRO H 409 12.81 13.57 67.67
N LEU H 410 11.83 13.62 66.76
CA LEU H 410 10.65 14.44 67.00
C LEU H 410 9.85 13.94 68.21
N TRP H 411 9.91 12.64 68.49
CA TRP H 411 9.32 12.08 69.70
C TRP H 411 10.25 11.02 70.27
N GLY H 412 10.24 10.88 71.60
CA GLY H 412 10.94 9.81 72.27
C GLY H 412 12.28 10.26 72.84
N ASP H 413 12.94 9.29 73.48
CA ASP H 413 14.22 9.54 74.13
C ASP H 413 15.26 10.05 73.14
N ALA H 414 16.06 10.99 73.59
CA ALA H 414 17.20 11.40 72.79
C ALA H 414 18.34 10.39 72.96
N PRO H 415 19.13 10.18 71.92
CA PRO H 415 20.30 9.30 72.04
C PRO H 415 21.31 9.84 73.05
N ALA H 416 22.19 8.95 73.50
CA ALA H 416 23.20 9.35 74.48
C ALA H 416 24.11 10.45 73.95
N ILE H 417 24.54 10.31 72.70
CA ILE H 417 25.35 11.30 72.01
C ILE H 417 24.47 11.95 70.95
N LEU H 418 24.14 13.21 71.13
CA LEU H 418 23.35 13.90 70.13
C LEU H 418 24.13 13.99 68.82
N PRO H 419 23.54 13.65 67.67
CA PRO H 419 24.27 13.75 66.41
C PRO H 419 24.13 15.08 65.70
N GLY H 420 23.28 15.98 66.18
CA GLY H 420 22.92 17.16 65.43
C GLY H 420 22.07 16.80 64.21
N ASN H 421 21.63 17.84 63.51
CA ASN H 421 20.92 17.65 62.26
C ASN H 421 21.92 17.39 61.14
N ASP H 422 21.49 16.60 60.17
CA ASP H 422 22.37 16.27 59.05
C ASP H 422 22.77 17.52 58.28
N ASP H 423 21.83 18.42 58.03
CA ASP H 423 22.07 19.68 57.33
C ASP H 423 22.33 20.83 58.28
N HIS H 424 22.41 20.57 59.59
CA HIS H 424 22.71 21.58 60.61
C HIS H 424 21.74 22.77 60.57
N ALA H 425 20.48 22.53 60.24
CA ALA H 425 19.52 23.60 60.06
C ALA H 425 18.83 24.03 61.36
N GLY H 426 19.19 23.46 62.51
CA GLY H 426 18.45 23.75 63.71
C GLY H 426 18.65 25.19 64.17
N ARG H 427 17.62 25.74 64.80
CA ARG H 427 17.63 27.07 65.38
C ARG H 427 16.44 27.17 66.30
N LEU H 428 16.52 28.08 67.26
CA LEU H 428 15.44 28.24 68.21
C LEU H 428 15.55 29.60 68.89
N LEU H 429 14.38 30.16 69.24
CA LEU H 429 14.27 31.47 69.85
C LEU H 429 13.36 31.38 71.07
N VAL H 430 13.73 32.10 72.13
CA VAL H 430 12.94 32.15 73.36
C VAL H 430 12.83 33.60 73.79
N ALA H 431 11.61 34.09 73.88
CA ALA H 431 11.32 35.43 74.38
C ALA H 431 10.62 35.29 75.74
N GLN H 432 11.21 35.88 76.78
CA GLN H 432 10.60 35.84 78.11
C GLN H 432 9.54 36.93 78.20
N LEU H 433 8.27 36.52 78.33
CA LEU H 433 7.16 37.46 78.38
C LEU H 433 6.80 37.86 79.80
N GLY H 434 7.04 36.99 80.78
CA GLY H 434 6.80 37.29 82.16
C GLY H 434 7.70 36.44 83.03
N PRO H 435 7.55 36.54 84.35
CA PRO H 435 8.46 35.79 85.22
C PRO H 435 8.39 34.28 84.99
N GLU H 436 7.27 33.77 84.48
CA GLU H 436 7.14 32.34 84.28
C GLU H 436 6.42 32.02 82.96
N GLU H 437 6.55 32.88 81.96
CA GLU H 437 5.93 32.69 80.65
C GLU H 437 6.96 32.93 79.55
N PHE H 438 6.93 32.10 78.52
CA PHE H 438 7.90 32.14 77.43
C PHE H 438 7.23 31.92 76.09
N LEU H 439 7.82 32.51 75.04
CA LEU H 439 7.39 32.32 73.67
C LEU H 439 8.53 31.64 72.92
N VAL H 440 8.26 30.49 72.32
CA VAL H 440 9.29 29.64 71.73
C VAL H 440 8.90 29.29 70.29
N THR H 441 9.85 29.45 69.37
CA THR H 441 9.70 28.95 68.01
C THR H 441 11.08 28.67 67.42
N GLY H 442 11.09 28.03 66.26
CA GLY H 442 12.34 27.66 65.61
C GLY H 442 12.13 26.49 64.67
N THR H 443 13.26 25.92 64.22
CA THR H 443 13.26 24.85 63.24
C THR H 443 14.22 23.75 63.69
N ALA H 444 13.77 22.50 63.61
CA ALA H 444 14.59 21.29 63.86
C ALA H 444 15.32 21.34 65.20
N ALA H 445 14.56 21.51 66.28
CA ALA H 445 15.18 21.63 67.60
C ALA H 445 14.25 21.07 68.68
N ARG H 446 14.85 20.77 69.82
CA ARG H 446 14.14 20.35 71.03
C ARG H 446 14.57 21.27 72.16
N ILE H 447 13.61 21.71 72.97
CA ILE H 447 13.88 22.55 74.12
C ILE H 447 13.24 21.92 75.35
N GLU H 448 13.95 21.95 76.47
CA GLU H 448 13.46 21.45 77.74
C GLU H 448 13.74 22.46 78.82
N PHE H 449 12.71 22.84 79.57
CA PHE H 449 12.84 23.82 80.64
C PHE H 449 13.16 23.13 81.96
N PHE H 450 13.94 23.81 82.80
CA PHE H 450 14.38 23.28 84.07
C PHE H 450 14.43 24.40 85.09
N ARG H 451 14.04 24.08 86.32
CA ARG H 451 14.01 25.04 87.41
C ARG H 451 15.11 24.70 88.41
N SER H 452 15.61 25.74 89.09
CA SER H 452 16.60 25.54 90.15
C SER H 452 16.27 26.42 91.35
N ALA H 453 16.67 27.69 91.27
CA ALA H 453 16.10 28.83 91.99
C ALA H 453 16.39 28.86 93.50
N ALA H 454 17.21 27.96 94.02
CA ALA H 454 17.57 27.92 95.45
C ALA H 454 16.35 27.72 96.35
N ASP H 455 15.26 27.21 95.81
CA ASP H 455 14.10 26.86 96.60
C ASP H 455 14.25 25.41 97.06
N THR H 456 13.31 24.98 97.88
CA THR H 456 12.98 23.56 97.98
C THR H 456 11.89 23.17 97.01
N ARG H 457 11.46 24.10 96.15
CA ARG H 457 10.34 23.90 95.26
C ARG H 457 10.79 23.23 93.96
N HIS H 458 9.87 22.47 93.37
CA HIS H 458 10.10 21.73 92.13
C HIS H 458 9.39 22.42 90.98
N GLY H 459 10.03 22.42 89.81
CA GLY H 459 9.45 23.04 88.65
C GLY H 459 8.49 22.12 87.93
N GLN H 460 7.51 22.71 87.27
CA GLN H 460 6.55 21.93 86.50
C GLN H 460 5.98 22.78 85.40
N LEU H 461 5.54 22.10 84.34
CA LEU H 461 4.83 22.72 83.25
C LEU H 461 3.36 22.86 83.59
N LEU H 462 2.79 24.03 83.29
CA LEU H 462 1.39 24.29 83.58
C LEU H 462 0.53 24.38 82.33
N GLN H 463 1.03 25.00 81.26
CA GLN H 463 0.21 25.21 80.08
C GLN H 463 1.12 25.55 78.91
N VAL H 464 0.92 24.87 77.79
CA VAL H 464 1.63 25.14 76.55
C VAL H 464 0.57 25.33 75.47
N GLU H 465 0.49 26.53 74.91
CA GLU H 465 -0.46 26.82 73.85
C GLU H 465 0.27 26.92 72.52
N GLN H 466 -0.20 26.15 71.55
CA GLN H 466 0.29 26.23 70.17
C GLN H 466 -0.68 27.11 69.40
N GLY H 467 -0.15 28.10 68.72
CA GLY H 467 -0.99 29.01 67.99
C GLY H 467 -0.17 30.03 67.24
N ARG H 468 -0.86 31.09 66.83
CA ARG H 468 -0.35 32.08 65.90
C ARG H 468 -0.81 33.46 66.36
N TYR H 469 -0.12 34.49 65.87
CA TYR H 469 -0.51 35.87 66.10
C TYR H 469 -1.12 36.39 64.81
N VAL H 470 -2.41 36.71 64.87
CA VAL H 470 -3.13 37.26 63.72
C VAL H 470 -3.43 38.72 64.04
N ASP H 471 -2.72 39.63 63.37
CA ASP H 471 -2.87 41.07 63.51
C ASP H 471 -2.47 41.57 64.90
N GLY H 472 -1.55 40.87 65.57
CA GLY H 472 -1.18 41.20 66.93
C GLY H 472 -1.99 40.50 68.00
N ARG H 473 -2.90 39.62 67.61
CA ARG H 473 -3.77 38.90 68.53
C ARG H 473 -3.33 37.44 68.59
N TRP H 474 -3.18 36.91 69.80
CA TRP H 474 -2.84 35.50 69.96
C TRP H 474 -4.05 34.62 69.71
N GLN H 475 -3.91 33.64 68.83
CA GLN H 475 -4.98 32.68 68.54
C GLN H 475 -4.48 31.29 68.92
N MET H 476 -5.07 30.71 69.95
CA MET H 476 -4.73 29.36 70.37
C MET H 476 -5.34 28.36 69.39
N GLU H 477 -4.50 27.46 68.86
CA GLU H 477 -4.96 26.37 68.02
C GLU H 477 -5.28 25.15 68.86
N ARG H 478 -4.35 24.78 69.74
CA ARG H 478 -4.42 23.58 70.56
C ARG H 478 -3.52 23.82 71.76
N GLN H 479 -3.67 22.98 72.78
CA GLN H 479 -2.74 22.96 73.91
C GLN H 479 -1.95 21.66 73.88
N LEU H 480 -0.64 21.76 74.14
CA LEU H 480 0.26 20.62 74.04
C LEU H 480 0.48 19.99 75.41
N ASN H 481 0.44 18.66 75.45
CA ASN H 481 0.57 17.87 76.68
C ASN H 481 0.78 16.43 76.23
N GLY H 482 1.13 15.56 77.18
CA GLY H 482 1.26 14.14 76.86
C GLY H 482 2.43 13.89 75.93
N ASP H 483 2.17 13.17 74.84
CA ASP H 483 3.23 12.85 73.87
C ASP H 483 3.95 14.11 73.41
N GLN H 484 3.22 15.20 73.17
CA GLN H 484 3.80 16.44 72.69
C GLN H 484 4.54 17.22 73.78
N THR H 485 4.63 16.66 74.98
CA THR H 485 5.29 17.33 76.09
C THR H 485 6.25 16.42 76.85
N ASP H 486 6.12 15.10 76.69
CA ASP H 486 6.91 14.15 77.47
C ASP H 486 8.40 14.26 77.19
N TYR H 487 8.77 14.62 75.96
CA TYR H 487 10.18 14.66 75.59
C TYR H 487 10.53 16.06 75.10
N GLY H 488 10.29 17.04 75.96
CA GLY H 488 10.49 18.42 75.63
C GLY H 488 9.49 18.90 74.59
N LEU H 489 9.73 20.11 74.11
CA LEU H 489 8.98 20.69 73.02
C LEU H 489 9.81 20.57 71.75
N ASN H 490 9.23 19.96 70.72
CA ASN H 490 9.95 19.56 69.51
C ASN H 490 9.47 20.35 68.31
N PHE H 491 10.39 21.01 67.62
CA PHE H 491 10.09 21.73 66.39
C PHE H 491 10.64 20.97 65.20
N GLY H 492 9.75 20.65 64.25
CA GLY H 492 10.16 19.88 63.10
C GLY H 492 10.51 20.75 61.92
N ARG H 493 9.84 20.52 60.79
CA ARG H 493 10.21 21.10 59.53
C ARG H 493 9.00 21.73 58.86
N THR H 494 9.26 22.67 57.96
CA THR H 494 8.20 23.26 57.16
C THR H 494 7.64 22.24 56.18
N ASP H 495 6.31 22.09 56.16
CA ASP H 495 5.71 21.17 55.20
C ASP H 495 5.76 21.76 53.79
N ALA H 496 5.52 20.89 52.80
CA ALA H 496 5.65 21.29 51.41
C ALA H 496 4.70 22.44 51.04
N ALA H 497 3.65 22.64 51.81
CA ALA H 497 2.65 23.68 51.60
C ALA H 497 3.05 25.02 52.24
N GLY H 498 4.32 25.20 52.62
CA GLY H 498 4.83 26.48 53.09
C GLY H 498 4.68 26.75 54.57
N GLN H 499 3.96 25.91 55.33
CA GLN H 499 3.68 26.20 56.73
C GLN H 499 4.86 25.90 57.64
N PRO H 500 5.46 26.92 58.27
CA PRO H 500 6.63 26.69 59.13
C PRO H 500 6.23 26.04 60.45
N PRO H 501 7.19 25.53 61.21
CA PRO H 501 6.88 24.94 62.52
C PRO H 501 6.24 25.96 63.45
N PRO H 502 5.65 25.50 64.56
CA PRO H 502 4.69 26.35 65.30
C PRO H 502 5.35 27.31 66.26
N VAL H 503 4.54 28.25 66.73
CA VAL H 503 4.89 29.17 67.81
C VAL H 503 4.18 28.71 69.07
N LEU H 504 4.94 28.59 70.17
CA LEU H 504 4.42 28.09 71.44
C LEU H 504 4.49 29.15 72.52
N ARG H 505 3.45 29.18 73.36
CA ARG H 505 3.41 29.99 74.57
C ARG H 505 3.46 29.06 75.78
N VAL H 506 4.53 29.17 76.55
CA VAL H 506 4.87 28.21 77.59
C VAL H 506 4.75 28.91 78.94
N ARG H 507 3.92 28.37 79.82
CA ARG H 507 3.75 28.90 81.16
C ARG H 507 4.16 27.82 82.15
N VAL H 508 5.04 28.19 83.08
CA VAL H 508 5.59 27.25 84.03
C VAL H 508 5.18 27.67 85.44
N GLY H 509 5.46 26.80 86.39
CA GLY H 509 5.15 27.07 87.77
C GLY H 509 5.99 26.20 88.67
N SER H 510 5.60 26.16 89.94
CA SER H 510 6.33 25.39 90.95
C SER H 510 5.34 24.79 91.93
N TYR H 511 5.84 23.83 92.70
CA TYR H 511 5.06 23.23 93.78
C TYR H 511 6.07 22.77 94.79
N GLU I 2 20.89 50.58 -78.45
CA GLU I 2 19.88 51.03 -77.51
C GLU I 2 20.14 50.44 -76.13
N GLU I 3 19.18 50.63 -75.22
CA GLU I 3 19.36 50.18 -73.85
C GLU I 3 19.52 48.67 -73.79
N LEU I 4 20.38 48.21 -72.89
CA LEU I 4 20.48 46.78 -72.65
C LEU I 4 19.14 46.25 -72.12
N PRO I 5 18.74 45.04 -72.49
CA PRO I 5 17.53 44.43 -71.91
C PRO I 5 17.69 44.25 -70.40
N ARG I 6 16.59 44.46 -69.67
CA ARG I 6 16.71 44.63 -68.24
C ARG I 6 15.40 44.24 -67.56
N PHE I 7 15.49 43.40 -66.53
CA PHE I 7 14.31 43.03 -65.76
C PHE I 7 14.01 44.10 -64.70
N PHE I 8 12.72 44.39 -64.52
CA PHE I 8 12.30 45.55 -63.75
C PHE I 8 11.13 45.20 -62.85
N THR I 9 11.22 45.60 -61.58
CA THR I 9 10.16 45.40 -60.60
C THR I 9 9.84 46.74 -59.94
N GLN I 10 8.55 46.97 -59.67
CA GLN I 10 8.08 48.24 -59.15
C GLN I 10 6.72 48.01 -58.52
N ASN I 11 6.64 48.13 -57.18
CA ASN I 11 5.36 48.07 -56.45
C ASN I 11 4.72 46.68 -56.59
N GLY I 12 5.52 45.63 -56.51
CA GLY I 12 5.01 44.28 -56.69
C GLY I 12 4.53 43.91 -58.08
N ARG I 13 4.87 44.72 -59.09
CA ARG I 13 4.60 44.40 -60.49
C ARG I 13 5.91 44.34 -61.27
N HIS I 14 5.93 43.51 -62.31
CA HIS I 14 7.16 43.18 -63.01
C HIS I 14 7.04 43.46 -64.49
N ALA I 15 8.20 43.60 -65.14
CA ALA I 15 8.24 43.85 -66.58
C ALA I 15 9.63 43.55 -67.10
N LEU I 16 9.71 42.87 -68.24
CA LEU I 16 10.96 42.73 -68.97
C LEU I 16 11.11 43.93 -69.89
N LEU I 17 12.08 44.80 -69.60
CA LEU I 17 12.35 45.98 -70.43
C LEU I 17 13.24 45.59 -71.60
N VAL I 18 12.75 45.83 -72.82
CA VAL I 18 13.48 45.53 -74.05
C VAL I 18 13.49 46.79 -74.89
N ASP I 19 14.67 47.26 -75.26
CA ASP I 19 14.84 48.50 -76.01
C ASP I 19 14.13 49.66 -75.32
N GLY I 20 14.17 49.67 -73.99
CA GLY I 20 13.71 50.81 -73.22
C GLY I 20 12.25 50.79 -72.78
N ALA I 21 11.49 49.75 -73.10
CA ALA I 21 10.07 49.73 -72.76
C ALA I 21 9.66 48.29 -72.47
N PRO I 22 8.59 48.09 -71.69
CA PRO I 22 8.14 46.73 -71.38
C PRO I 22 7.85 45.91 -72.63
N TYR I 23 8.08 44.60 -72.51
CA TYR I 23 8.09 43.68 -73.65
C TYR I 23 7.49 42.35 -73.22
N THR I 24 6.42 41.93 -73.90
CA THR I 24 5.81 40.62 -73.69
C THR I 24 6.48 39.59 -74.60
N ILE I 25 7.01 38.53 -74.00
CA ILE I 25 7.62 37.44 -74.76
C ILE I 25 6.53 36.50 -75.23
N LEU I 26 6.46 36.31 -76.54
CA LEU I 26 5.56 35.32 -77.14
C LEU I 26 6.49 34.36 -77.87
N ALA I 27 6.78 33.24 -77.22
CA ALA I 27 7.92 32.41 -77.56
C ALA I 27 7.53 30.99 -77.96
N ALA I 28 8.34 30.42 -78.84
CA ALA I 28 8.33 29.02 -79.16
C ALA I 28 9.76 28.52 -79.01
N GLN I 29 9.91 27.33 -78.42
CA GLN I 29 11.20 26.71 -78.20
C GLN I 29 11.40 25.52 -79.11
N LEU I 30 12.60 25.44 -79.70
CA LEU I 30 12.96 24.32 -80.56
C LEU I 30 13.16 23.06 -79.72
N HIS I 31 13.08 21.91 -80.39
CA HIS I 31 13.42 20.66 -79.73
C HIS I 31 14.88 20.69 -79.32
N ASN I 32 15.22 19.84 -78.33
CA ASN I 32 16.55 19.86 -77.74
C ASN I 32 17.66 19.79 -78.78
N SER I 33 17.53 18.87 -79.75
CA SER I 33 18.60 18.59 -80.69
C SER I 33 18.46 19.37 -82.01
N SER I 34 17.70 20.47 -82.02
CA SER I 34 17.45 21.24 -83.23
C SER I 34 18.42 22.40 -83.43
N ALA I 35 19.32 22.66 -82.48
CA ALA I 35 20.14 23.87 -82.54
C ALA I 35 21.45 23.61 -83.28
N TRP I 36 21.31 23.14 -84.51
CA TRP I 36 22.45 22.85 -85.36
C TRP I 36 22.32 23.57 -86.69
N PRO I 37 23.45 23.97 -87.29
CA PRO I 37 23.40 24.80 -88.53
C PRO I 37 22.49 24.27 -89.64
N ALA I 38 22.41 22.95 -89.84
CA ALA I 38 21.59 22.40 -90.91
C ALA I 38 20.11 22.30 -90.55
N VAL I 39 19.77 22.40 -89.27
CA VAL I 39 18.40 22.26 -88.82
C VAL I 39 17.78 23.63 -88.59
N LEU I 40 18.61 24.62 -88.25
CA LEU I 40 18.08 25.91 -87.80
C LEU I 40 17.22 26.62 -88.83
N PRO I 41 17.57 26.69 -90.13
CA PRO I 41 16.74 27.45 -91.08
C PRO I 41 15.32 26.91 -91.18
N PRO I 42 15.10 25.61 -91.40
CA PRO I 42 13.70 25.16 -91.45
C PRO I 42 13.00 25.23 -90.10
N ALA I 43 13.74 25.01 -89.00
CA ALA I 43 13.09 25.07 -87.68
C ALA I 43 12.71 26.49 -87.32
N LEU I 44 13.57 27.47 -87.66
CA LEU I 44 13.24 28.86 -87.39
C LEU I 44 12.16 29.38 -88.31
N ASP I 45 11.96 28.75 -89.48
CA ASP I 45 10.83 29.10 -90.34
C ASP I 45 9.52 28.66 -89.70
N GLN I 46 9.52 27.52 -89.01
CA GLN I 46 8.33 27.09 -88.32
C GLN I 46 8.02 28.00 -87.13
N VAL I 47 9.04 28.58 -86.51
CA VAL I 47 8.80 29.59 -85.47
C VAL I 47 8.08 30.78 -86.08
N VAL I 48 8.58 31.27 -87.22
CA VAL I 48 7.96 32.43 -87.87
C VAL I 48 6.49 32.13 -88.19
N ALA I 49 6.22 30.93 -88.69
CA ALA I 49 4.85 30.52 -88.99
C ALA I 49 3.94 30.58 -87.76
N LEU I 50 4.50 30.43 -86.55
CA LEU I 50 3.74 30.58 -85.32
C LEU I 50 3.54 32.05 -84.93
N HIS I 51 4.20 32.99 -85.62
CA HIS I 51 4.10 34.42 -85.37
C HIS I 51 4.69 34.81 -84.00
N ALA I 52 5.53 33.94 -83.45
CA ALA I 52 6.20 34.22 -82.20
C ALA I 52 7.20 35.35 -82.38
N ASN I 53 7.38 36.16 -81.33
CA ASN I 53 8.40 37.19 -81.44
C ASN I 53 9.76 36.76 -80.89
N THR I 54 9.85 35.58 -80.27
CA THR I 54 11.07 35.09 -79.63
C THR I 54 11.20 33.58 -79.85
N VAL I 55 12.43 33.12 -80.11
CA VAL I 55 12.73 31.70 -80.17
C VAL I 55 13.59 31.34 -78.97
N GLU I 56 13.23 30.27 -78.29
CA GLU I 56 14.04 29.70 -77.22
C GLU I 56 14.86 28.53 -77.79
N ALA I 57 16.18 28.59 -77.62
CA ALA I 57 17.03 27.58 -78.23
C ALA I 57 18.29 27.37 -77.42
N PRO I 58 18.79 26.14 -77.34
CA PRO I 58 19.94 25.86 -76.47
C PRO I 58 21.29 26.08 -77.15
N VAL I 59 22.24 26.51 -76.33
CA VAL I 59 23.65 26.39 -76.64
C VAL I 59 24.19 25.23 -75.82
N TYR I 60 24.85 24.29 -76.48
CA TYR I 60 25.33 23.08 -75.82
C TYR I 60 26.75 23.28 -75.31
N TRP I 61 26.94 23.07 -74.01
CA TRP I 61 28.30 23.12 -73.48
C TRP I 61 29.18 22.08 -74.16
N GLU I 62 28.59 20.92 -74.50
CA GLU I 62 29.27 19.89 -75.30
C GLU I 62 30.00 20.46 -76.51
N GLN I 63 29.30 21.23 -77.34
CA GLN I 63 29.91 21.74 -78.57
C GLN I 63 30.56 23.11 -78.38
N PHE I 64 30.18 23.86 -77.34
CA PHE I 64 30.73 25.20 -77.20
C PHE I 64 32.20 25.16 -76.75
N GLU I 65 32.57 24.15 -75.94
CA GLU I 65 33.90 23.94 -75.39
C GLU I 65 34.30 22.48 -75.57
N PRO I 66 34.56 22.08 -76.81
CA PRO I 66 34.94 20.68 -77.13
C PRO I 66 36.30 20.28 -76.58
N ALA I 67 37.18 21.25 -76.26
CA ALA I 67 38.41 21.03 -75.49
C ALA I 67 38.63 22.15 -74.47
N PRO I 68 39.27 21.85 -73.31
CA PRO I 68 39.40 22.86 -72.24
C PRO I 68 39.99 24.19 -72.70
N GLY I 69 39.23 25.26 -72.58
CA GLY I 69 39.73 26.57 -72.94
C GLY I 69 39.55 26.97 -74.39
N ARG I 70 39.21 26.03 -75.27
CA ARG I 70 38.99 26.33 -76.68
C ARG I 70 37.50 26.31 -76.98
N PHE I 71 36.98 27.44 -77.44
CA PHE I 71 35.55 27.63 -77.61
C PHE I 71 35.18 27.75 -79.08
N ASP I 72 34.07 27.12 -79.44
CA ASP I 72 33.56 27.04 -80.81
C ASP I 72 32.20 27.73 -80.86
N THR I 73 32.11 28.83 -81.61
CA THR I 73 30.88 29.62 -81.64
C THR I 73 30.02 29.37 -82.87
N THR I 74 30.23 28.25 -83.58
CA THR I 74 29.50 28.00 -84.82
C THR I 74 27.99 28.01 -84.58
N ASN I 75 27.52 27.18 -83.65
CA ASN I 75 26.08 27.03 -83.44
C ASN I 75 25.46 28.33 -82.96
N VAL I 76 26.06 28.99 -81.96
CA VAL I 76 25.42 30.20 -81.44
C VAL I 76 25.35 31.28 -82.52
N ASP I 77 26.36 31.35 -83.39
CA ASP I 77 26.39 32.39 -84.43
C ASP I 77 25.34 32.11 -85.51
N ALA I 78 25.08 30.83 -85.81
CA ALA I 78 24.05 30.49 -86.78
C ALA I 78 22.65 30.67 -86.20
N LEU I 79 22.49 30.46 -84.89
CA LEU I 79 21.22 30.76 -84.25
C LEU I 79 20.94 32.26 -84.28
N ILE I 80 21.95 33.08 -83.95
CA ILE I 80 21.74 34.52 -83.93
C ILE I 80 21.55 35.04 -85.35
N ALA I 81 22.31 34.51 -86.30
CA ALA I 81 22.18 34.96 -87.68
C ALA I 81 20.83 34.55 -88.26
N GLY I 82 20.35 33.36 -87.90
CA GLY I 82 19.03 32.94 -88.37
C GLY I 82 17.92 33.78 -87.81
N ALA I 83 18.03 34.16 -86.53
CA ALA I 83 16.95 34.93 -85.91
C ALA I 83 16.92 36.37 -86.43
N ARG I 84 18.09 36.97 -86.64
CA ARG I 84 18.14 38.33 -87.17
C ARG I 84 17.54 38.40 -88.56
N LYS I 85 17.90 37.43 -89.41
CA LYS I 85 17.33 37.38 -90.74
C LYS I 85 15.81 37.25 -90.69
N ARG I 86 15.26 36.56 -89.70
CA ARG I 86 13.83 36.33 -89.63
C ARG I 86 13.13 37.29 -88.66
N GLY I 87 13.83 38.30 -88.17
CA GLY I 87 13.23 39.31 -87.33
C GLY I 87 12.87 38.86 -85.93
N LEU I 88 13.52 37.84 -85.40
CA LEU I 88 13.19 37.26 -84.10
C LEU I 88 14.18 37.70 -83.04
N ARG I 89 13.65 37.90 -81.82
CA ARG I 89 14.51 37.99 -80.66
C ARG I 89 14.86 36.58 -80.21
N VAL I 90 15.86 36.45 -79.33
CA VAL I 90 16.40 35.15 -78.95
C VAL I 90 16.45 35.03 -77.44
N ALA I 91 15.89 33.94 -76.92
CA ALA I 91 16.07 33.52 -75.53
C ALA I 91 17.05 32.36 -75.53
N LEU I 92 18.29 32.64 -75.11
CA LEU I 92 19.37 31.66 -75.16
C LEU I 92 19.36 30.78 -73.92
N LEU I 93 19.37 29.46 -74.12
CA LEU I 93 19.30 28.49 -73.02
C LEU I 93 20.65 27.80 -72.88
N TRP I 94 21.33 28.03 -71.74
CA TRP I 94 22.64 27.48 -71.48
C TRP I 94 22.51 26.04 -70.97
N PHE I 95 22.76 25.06 -71.84
CA PHE I 95 22.71 23.66 -71.43
C PHE I 95 24.08 23.33 -70.82
N GLY I 96 24.22 23.70 -69.55
CA GLY I 96 25.49 23.55 -68.85
C GLY I 96 25.60 22.28 -68.02
N SER I 97 25.87 22.43 -66.72
CA SER I 97 26.07 21.27 -65.88
C SER I 97 24.77 20.49 -65.67
N TRP I 98 23.64 21.18 -65.76
CA TRP I 98 22.33 20.58 -65.55
C TRP I 98 21.45 20.80 -66.76
N LYS I 99 20.90 19.71 -67.29
CA LYS I 99 19.75 19.75 -68.18
C LYS I 99 18.86 18.60 -67.73
N ASN I 100 17.65 18.94 -67.28
CA ASN I 100 16.72 17.97 -66.69
C ASN I 100 17.39 17.21 -65.55
N GLY I 101 18.07 17.94 -64.67
CA GLY I 101 18.69 17.31 -63.51
C GLY I 101 19.80 16.34 -63.79
N GLN I 102 20.42 16.41 -64.98
CA GLN I 102 21.49 15.48 -65.36
C GLN I 102 22.57 16.24 -66.14
N MET I 103 23.72 15.57 -66.30
CA MET I 103 24.95 16.17 -66.80
C MET I 103 25.22 15.86 -68.27
N HIS I 104 24.19 15.56 -69.06
CA HIS I 104 24.42 14.95 -70.37
C HIS I 104 24.99 15.88 -71.42
N TYR I 105 24.89 17.19 -71.24
CA TYR I 105 25.46 18.16 -72.18
C TYR I 105 26.82 18.68 -71.72
N VAL I 106 27.36 18.09 -70.68
CA VAL I 106 28.70 18.40 -70.17
C VAL I 106 29.73 17.88 -71.17
N PRO I 107 30.85 18.59 -71.40
CA PRO I 107 31.76 18.20 -72.48
C PRO I 107 32.39 16.83 -72.27
N GLU I 108 32.87 16.26 -73.37
CA GLU I 108 33.45 14.91 -73.31
C GLU I 108 34.67 14.87 -72.39
N TRP I 109 35.48 15.92 -72.38
CA TRP I 109 36.64 15.91 -71.49
C TRP I 109 36.28 15.97 -70.01
N ILE I 110 35.02 16.24 -69.66
CA ILE I 110 34.59 16.07 -68.26
C ILE I 110 33.96 14.70 -68.03
N LYS I 111 33.14 14.21 -68.96
CA LYS I 111 32.58 12.87 -68.81
C LYS I 111 33.67 11.82 -68.67
N ARG I 112 34.84 12.06 -69.26
CA ARG I 112 35.88 11.04 -69.26
C ARG I 112 36.70 11.07 -67.97
N ASP I 113 36.58 12.12 -67.14
CA ASP I 113 37.42 12.35 -65.96
C ASP I 113 36.54 12.50 -64.72
N GLU I 114 35.92 11.39 -64.31
CA GLU I 114 35.14 11.40 -63.09
C GLU I 114 35.97 11.80 -61.88
N ALA I 115 37.29 11.50 -61.90
CA ALA I 115 38.13 11.80 -60.75
C ALA I 115 38.24 13.30 -60.52
N THR I 116 38.56 14.05 -61.58
CA THR I 116 38.62 15.51 -61.49
C THR I 116 37.24 16.13 -61.33
N TYR I 117 36.21 15.53 -61.94
CA TYR I 117 34.86 16.10 -62.00
C TYR I 117 33.92 15.07 -61.41
N PRO I 118 33.80 15.03 -60.09
CA PRO I 118 33.06 13.95 -59.42
C PRO I 118 31.56 14.03 -59.63
N ARG I 119 30.95 12.87 -59.75
CA ARG I 119 29.50 12.71 -59.84
C ARG I 119 28.93 12.48 -58.46
N MET I 120 27.69 12.93 -58.27
CA MET I 120 26.97 12.63 -57.04
C MET I 120 26.94 11.14 -56.79
N ARG I 121 26.83 10.77 -55.52
CA ARG I 121 26.62 9.40 -55.11
C ARG I 121 25.26 9.27 -54.45
N ASP I 122 24.54 8.19 -54.78
CA ASP I 122 23.21 7.98 -54.25
C ASP I 122 23.31 7.30 -52.89
N ALA I 123 22.15 6.98 -52.30
CA ALA I 123 22.14 6.39 -50.96
C ALA I 123 22.85 5.04 -50.91
N ASN I 124 23.00 4.36 -52.04
CA ASN I 124 23.75 3.12 -52.10
C ASN I 124 25.21 3.34 -52.50
N GLY I 125 25.67 4.59 -52.49
CA GLY I 125 27.02 4.91 -52.86
C GLY I 125 27.34 4.75 -54.33
N GLU I 126 26.33 4.56 -55.16
CA GLU I 126 26.49 4.42 -56.59
C GLU I 126 26.52 5.79 -57.26
N PRO I 127 27.25 5.92 -58.37
CA PRO I 127 27.24 7.19 -59.11
C PRO I 127 25.92 7.39 -59.84
N VAL I 128 25.62 8.65 -60.12
CA VAL I 128 24.44 9.02 -60.89
C VAL I 128 24.87 10.02 -61.96
N ASP I 129 23.93 10.38 -62.82
CA ASP I 129 24.26 11.21 -63.97
C ASP I 129 24.17 12.69 -63.65
N VAL I 130 24.78 13.06 -62.52
CA VAL I 130 24.73 14.42 -62.01
C VAL I 130 26.11 14.79 -61.50
N LEU I 131 26.61 15.94 -61.94
CA LEU I 131 27.85 16.47 -61.40
C LEU I 131 27.63 16.88 -59.94
N SER I 132 28.61 16.59 -59.09
CA SER I 132 28.48 16.88 -57.67
C SER I 132 28.52 18.38 -57.43
N PRO I 133 27.57 18.92 -56.66
CA PRO I 133 27.54 20.37 -56.39
C PRO I 133 28.45 20.82 -55.26
N HIS I 134 29.35 19.94 -54.80
CA HIS I 134 30.15 20.19 -53.61
C HIS I 134 31.65 20.26 -53.88
N VAL I 135 32.10 20.06 -55.12
CA VAL I 135 33.51 20.11 -55.46
C VAL I 135 33.75 21.30 -56.40
N ALA I 136 34.83 22.03 -56.14
CA ALA I 136 35.02 23.32 -56.80
C ALA I 136 35.32 23.19 -58.29
N ALA I 137 35.94 22.08 -58.70
CA ALA I 137 36.23 21.90 -60.12
C ALA I 137 34.98 22.02 -60.97
N ASN I 138 33.86 21.46 -60.50
CA ASN I 138 32.67 21.44 -61.33
C ASN I 138 32.07 22.83 -61.52
N VAL I 139 31.88 23.58 -60.44
CA VAL I 139 31.27 24.90 -60.61
C VAL I 139 32.20 25.85 -61.36
N GLN I 140 33.52 25.70 -61.17
CA GLN I 140 34.46 26.59 -61.84
C GLN I 140 34.49 26.33 -63.34
N ALA I 141 34.46 25.06 -63.76
CA ALA I 141 34.39 24.76 -65.19
C ALA I 141 33.16 25.39 -65.83
N ASP I 142 31.99 25.17 -65.21
CA ASP I 142 30.75 25.74 -65.71
C ASP I 142 30.83 27.26 -65.78
N ALA I 143 31.12 27.91 -64.64
CA ALA I 143 31.22 29.36 -64.58
C ALA I 143 32.20 29.92 -65.61
N ARG I 144 33.25 29.16 -65.93
CA ARG I 144 34.23 29.62 -66.90
C ARG I 144 33.69 29.50 -68.33
N ALA I 145 33.01 28.39 -68.65
CA ALA I 145 32.38 28.29 -69.96
C ALA I 145 31.28 29.34 -70.14
N PHE I 146 30.44 29.54 -69.12
CA PHE I 146 29.35 30.49 -69.26
C PHE I 146 29.87 31.91 -69.47
N THR I 147 30.92 32.29 -68.71
CA THR I 147 31.55 33.60 -68.92
C THR I 147 32.02 33.77 -70.35
N ALA I 148 32.67 32.75 -70.91
CA ALA I 148 33.15 32.85 -72.29
C ALA I 148 32.00 33.08 -73.26
N LEU I 149 30.87 32.39 -73.02
CA LEU I 149 29.70 32.55 -73.86
C LEU I 149 29.15 33.98 -73.77
N MET I 150 29.05 34.52 -72.55
CA MET I 150 28.52 35.87 -72.40
C MET I 150 29.49 36.92 -72.92
N GLN I 151 30.81 36.69 -72.77
CA GLN I 151 31.78 37.60 -73.36
C GLN I 151 31.67 37.59 -74.87
N HIS I 152 31.49 36.40 -75.47
CA HIS I 152 31.25 36.33 -76.90
C HIS I 152 29.93 37.01 -77.26
N LEU I 153 28.87 36.78 -76.48
CA LEU I 153 27.61 37.45 -76.72
C LEU I 153 27.80 38.97 -76.80
N ARG I 154 28.49 39.55 -75.80
CA ARG I 154 28.66 41.00 -75.78
C ARG I 154 29.44 41.49 -76.99
N LYS I 155 30.35 40.67 -77.51
CA LYS I 155 31.16 41.10 -78.64
C LYS I 155 30.36 41.14 -79.95
N ILE I 156 29.49 40.16 -80.18
CA ILE I 156 28.74 40.12 -81.43
C ILE I 156 27.34 40.71 -81.33
N ASP I 157 26.79 40.84 -80.11
CA ASP I 157 25.41 41.27 -79.93
C ASP I 157 25.27 42.44 -78.95
N GLY I 158 26.37 43.09 -78.57
CA GLY I 158 26.33 44.12 -77.54
C GLY I 158 25.63 45.42 -77.95
N ASP I 159 25.48 45.66 -79.25
CA ASP I 159 24.71 46.79 -79.78
C ASP I 159 23.33 46.38 -80.27
N ARG I 160 23.23 45.21 -80.92
CA ARG I 160 22.00 44.78 -81.57
C ARG I 160 21.00 44.20 -80.58
N HIS I 161 21.49 43.47 -79.58
CA HIS I 161 20.65 42.92 -78.51
C HIS I 161 19.61 41.94 -79.06
N THR I 162 20.02 41.16 -80.07
CA THR I 162 19.15 40.09 -80.55
C THR I 162 18.79 39.13 -79.42
N VAL I 163 19.78 38.77 -78.58
CA VAL I 163 19.52 37.93 -77.42
C VAL I 163 18.95 38.78 -76.30
N ILE I 164 17.84 38.34 -75.73
CA ILE I 164 17.02 39.16 -74.87
C ILE I 164 17.08 38.75 -73.40
N VAL I 165 17.27 37.45 -73.13
CA VAL I 165 17.33 36.88 -71.80
C VAL I 165 18.17 35.63 -71.94
N VAL I 166 18.69 35.12 -70.84
CA VAL I 166 19.49 33.90 -70.87
C VAL I 166 19.03 32.99 -69.74
N GLN I 167 18.79 31.73 -70.08
CA GLN I 167 18.45 30.71 -69.09
C GLN I 167 19.73 30.04 -68.63
N VAL I 168 19.99 30.11 -67.33
CA VAL I 168 21.20 29.53 -66.75
C VAL I 168 20.85 28.12 -66.27
N GLU I 169 21.42 27.11 -66.92
CA GLU I 169 21.10 25.69 -66.74
C GLU I 169 19.70 25.40 -67.30
N ASN I 170 19.23 24.15 -67.18
CA ASN I 170 17.90 23.79 -67.68
C ASN I 170 17.28 22.76 -66.76
N GLU I 171 16.19 23.14 -66.10
CA GLU I 171 15.56 22.35 -65.03
C GLU I 171 16.59 21.74 -64.13
N PRO I 172 17.41 22.51 -63.42
CA PRO I 172 18.48 21.98 -62.58
C PRO I 172 17.92 21.23 -61.37
N GLY I 173 18.82 20.56 -60.66
CA GLY I 173 18.54 19.67 -59.55
C GLY I 173 19.15 18.31 -59.81
N ALA I 174 18.77 17.34 -59.00
CA ALA I 174 19.38 16.02 -59.07
C ALA I 174 18.32 14.98 -59.37
N ILE I 175 18.58 14.15 -60.40
CA ILE I 175 17.83 12.93 -60.68
C ILE I 175 18.68 11.73 -60.25
N GLY I 176 18.05 10.80 -59.55
CA GLY I 176 18.72 9.60 -59.07
C GLY I 176 18.94 9.59 -57.58
N THR I 177 18.97 10.76 -56.94
CA THR I 177 19.16 10.82 -55.50
C THR I 177 18.61 12.15 -54.99
N VAL I 178 18.42 12.22 -53.68
CA VAL I 178 18.01 13.49 -53.08
C VAL I 178 19.23 14.37 -52.78
N ARG I 179 20.34 13.79 -52.31
CA ARG I 179 21.51 14.58 -51.98
C ARG I 179 22.77 13.76 -52.22
N ASP I 180 23.89 14.47 -52.28
CA ASP I 180 25.18 13.86 -52.56
C ASP I 180 25.68 13.11 -51.34
N HIS I 181 25.93 11.81 -51.51
CA HIS I 181 26.53 11.01 -50.46
C HIS I 181 28.00 10.73 -50.70
N GLY I 182 28.63 11.44 -51.63
CA GLY I 182 30.07 11.47 -51.73
C GLY I 182 30.63 12.19 -50.53
N PRO I 183 31.94 12.06 -50.31
CA PRO I 183 32.53 12.58 -49.06
C PRO I 183 32.32 14.07 -48.85
N ALA I 184 32.39 14.87 -49.92
CA ALA I 184 32.23 16.31 -49.76
C ALA I 184 30.80 16.67 -49.34
N GLY I 185 29.80 16.05 -49.99
CA GLY I 185 28.42 16.32 -49.61
C GLY I 185 28.09 15.83 -48.22
N GLU I 186 28.66 14.68 -47.83
CA GLU I 186 28.44 14.15 -46.49
C GLU I 186 29.05 15.06 -45.43
N ALA I 187 30.22 15.64 -45.72
CA ALA I 187 30.87 16.52 -44.77
C ALA I 187 30.07 17.80 -44.59
N ALA I 188 29.64 18.42 -45.68
CA ALA I 188 28.87 19.67 -45.58
C ALA I 188 27.51 19.42 -44.96
N PHE I 189 26.89 18.26 -45.23
CA PHE I 189 25.58 17.96 -44.67
C PHE I 189 25.62 17.79 -43.16
N ALA I 190 26.81 17.53 -42.60
CA ALA I 190 26.95 17.50 -41.15
C ALA I 190 27.25 18.87 -40.56
N GLN I 191 27.54 19.87 -41.37
CA GLN I 191 27.70 21.24 -40.91
C GLN I 191 26.33 21.86 -40.63
N PRO I 192 26.29 23.02 -39.98
CA PRO I 192 25.00 23.70 -39.78
C PRO I 192 24.54 24.39 -41.05
N VAL I 193 23.31 24.86 -41.02
CA VAL I 193 22.87 25.70 -42.14
C VAL I 193 23.67 26.99 -42.13
N PRO I 194 24.17 27.46 -43.28
CA PRO I 194 24.84 28.77 -43.31
C PRO I 194 24.00 29.83 -42.63
N ALA I 195 24.66 30.68 -41.82
CA ALA I 195 23.95 31.66 -40.99
C ALA I 195 23.06 32.55 -41.82
N ALA I 196 23.58 33.02 -42.97
CA ALA I 196 22.80 33.88 -43.83
C ALA I 196 21.58 33.18 -44.38
N ILE I 197 21.61 31.86 -44.48
CA ILE I 197 20.50 31.09 -45.02
C ILE I 197 19.53 30.70 -43.93
N ALA I 198 20.07 30.04 -42.91
CA ALA I 198 19.30 29.78 -41.69
C ALA I 198 18.77 31.06 -41.10
N ALA I 199 19.48 32.18 -41.33
CA ALA I 199 18.78 33.49 -41.35
C ALA I 199 17.84 33.40 -42.54
N ALA I 200 18.10 34.21 -43.59
CA ALA I 200 17.30 34.41 -44.83
C ALA I 200 15.84 33.99 -44.74
N LEU I 201 15.52 32.89 -44.02
CA LEU I 201 14.13 32.36 -43.91
C LEU I 201 13.43 32.71 -42.59
N GLY I 202 14.04 33.53 -41.72
CA GLY I 202 13.42 33.90 -40.46
C GLY I 202 13.51 32.84 -39.37
N LYS I 203 14.55 32.03 -39.38
CA LYS I 203 14.75 30.84 -38.58
C LYS I 203 15.96 31.03 -37.67
N PRO I 204 16.00 30.28 -36.57
CA PRO I 204 17.19 30.32 -35.70
C PRO I 204 18.29 29.42 -36.24
N ALA I 205 19.47 29.54 -35.63
CA ALA I 205 20.58 28.68 -36.00
C ALA I 205 20.26 27.22 -35.66
N GLY I 206 20.95 26.32 -36.35
CA GLY I 206 20.76 24.90 -36.11
C GLY I 206 21.16 24.06 -37.31
N SER I 207 20.75 22.80 -37.25
CA SER I 207 21.10 21.82 -38.27
C SER I 207 20.01 21.74 -39.34
N TRP I 208 20.36 21.07 -40.45
CA TRP I 208 19.41 20.89 -41.54
C TRP I 208 18.17 20.14 -41.06
N GLN I 209 18.34 19.16 -40.17
CA GLN I 209 17.18 18.45 -39.64
C GLN I 209 16.35 19.35 -38.75
N GLN I 210 17.02 20.18 -37.94
CA GLN I 210 16.29 21.04 -36.99
C GLN I 210 15.50 22.14 -37.68
N LEU I 211 16.01 22.70 -38.78
CA LEU I 211 15.27 23.78 -39.41
C LEU I 211 14.31 23.32 -40.50
N PHE I 212 14.51 22.12 -41.08
CA PHE I 212 13.72 21.69 -42.21
C PHE I 212 13.05 20.35 -42.01
N GLY I 213 13.26 19.68 -40.89
CA GLY I 213 12.55 18.45 -40.58
C GLY I 213 12.78 17.36 -41.60
N ALA I 214 11.68 16.74 -42.03
CA ALA I 214 11.73 15.67 -43.02
C ALA I 214 12.26 16.14 -44.37
N GLU I 215 12.34 17.45 -44.60
CA GLU I 215 12.87 18.01 -45.83
C GLU I 215 14.34 18.39 -45.70
N ALA I 216 15.07 17.70 -44.84
CA ALA I 216 16.46 18.06 -44.56
C ALA I 216 17.35 17.84 -45.77
N ALA I 217 17.35 16.61 -46.31
CA ALA I 217 18.20 16.32 -47.46
C ALA I 217 17.82 17.18 -48.66
N GLU I 218 16.52 17.38 -48.89
CA GLU I 218 16.10 18.11 -50.08
C GLU I 218 16.48 19.58 -49.98
N ALA I 219 16.24 20.21 -48.82
CA ALA I 219 16.57 21.63 -48.67
C ALA I 219 18.07 21.85 -48.71
N PHE I 220 18.84 20.91 -48.18
CA PHE I 220 20.30 20.94 -48.30
C PHE I 220 20.74 20.94 -49.77
N ASN I 221 20.24 19.97 -50.55
CA ASN I 221 20.62 19.94 -51.96
C ASN I 221 20.07 21.14 -52.72
N ALA I 222 18.89 21.64 -52.32
CA ALA I 222 18.36 22.81 -53.01
C ALA I 222 19.33 23.98 -52.89
N HIS I 223 19.85 24.20 -51.69
CA HIS I 223 20.83 25.26 -51.49
C HIS I 223 22.11 24.98 -52.28
N ALA I 224 22.60 23.75 -52.20
CA ALA I 224 23.81 23.38 -52.94
C ALA I 224 23.66 23.75 -54.42
N THR I 225 22.57 23.26 -55.03
CA THR I 225 22.29 23.57 -56.44
C THR I 225 22.23 25.08 -56.67
N ALA I 226 21.52 25.80 -55.80
CA ALA I 226 21.34 27.23 -56.00
C ALA I 226 22.64 28.00 -55.82
N ALA I 227 23.48 27.64 -54.85
CA ALA I 227 24.75 28.35 -54.67
C ALA I 227 25.68 28.09 -55.85
N TYR I 228 25.70 26.85 -56.35
CA TYR I 228 26.40 26.52 -57.58
C TYR I 228 25.98 27.47 -58.70
N ILE I 229 24.68 27.53 -58.97
CA ILE I 229 24.17 28.34 -60.08
C ILE I 229 24.44 29.81 -59.84
N GLU I 230 24.39 30.26 -58.58
CA GLU I 230 24.71 31.65 -58.28
C GLU I 230 26.13 31.99 -58.70
N GLN I 231 27.08 31.09 -58.48
CA GLN I 231 28.45 31.33 -58.96
C GLN I 231 28.46 31.50 -60.47
N VAL I 232 27.86 30.54 -61.19
CA VAL I 232 27.87 30.56 -62.66
C VAL I 232 27.15 31.82 -63.16
N ALA I 233 25.92 32.03 -62.72
CA ALA I 233 25.16 33.20 -63.11
C ALA I 233 25.89 34.50 -62.72
N ALA I 234 26.54 34.54 -61.55
CA ALA I 234 27.40 35.70 -61.23
C ALA I 234 28.47 35.89 -62.29
N ALA I 235 29.22 34.82 -62.51
CA ALA I 235 30.22 34.81 -63.54
C ALA I 235 29.70 35.33 -64.89
N GLY I 236 28.50 34.97 -65.31
CA GLY I 236 28.08 35.58 -66.55
C GLY I 236 27.67 37.03 -66.39
N LYS I 237 27.04 37.35 -65.24
CA LYS I 237 26.52 38.68 -64.98
C LYS I 237 27.60 39.74 -65.16
N ARG I 238 28.65 39.67 -64.33
CA ARG I 238 29.65 40.70 -64.44
C ARG I 238 30.31 40.75 -65.82
N ALA I 239 30.16 39.70 -66.65
CA ALA I 239 30.66 39.65 -68.03
C ALA I 239 29.75 40.33 -69.07
N TYR I 240 28.43 40.16 -68.98
CA TYR I 240 27.44 40.77 -69.86
C TYR I 240 26.10 40.69 -69.13
N PRO I 241 25.66 41.78 -68.47
CA PRO I 241 24.55 41.68 -67.50
C PRO I 241 23.18 41.65 -68.16
N LEU I 242 22.95 40.64 -68.99
CA LEU I 242 21.62 40.39 -69.52
C LEU I 242 20.73 39.81 -68.43
N PRO I 243 19.41 39.97 -68.53
CA PRO I 243 18.53 39.27 -67.59
C PRO I 243 18.81 37.78 -67.60
N LEU I 244 18.77 37.18 -66.41
CA LEU I 244 19.00 35.75 -66.26
C LEU I 244 17.84 35.11 -65.52
N TYR I 245 17.41 33.94 -66.00
CA TYR I 245 16.36 33.18 -65.35
C TYR I 245 16.74 31.71 -65.32
N VAL I 246 16.07 30.94 -64.45
CA VAL I 246 16.14 29.49 -64.49
C VAL I 246 14.72 28.96 -64.57
N ASN I 247 14.59 27.82 -65.25
CA ASN I 247 13.31 27.15 -65.44
C ASN I 247 13.25 25.93 -64.54
N THR I 248 12.03 25.51 -64.21
CA THR I 248 11.81 24.55 -63.14
C THR I 248 10.97 23.38 -63.62
N TRP I 249 11.51 22.18 -63.52
CA TRP I 249 10.71 20.96 -63.47
C TRP I 249 9.94 20.94 -62.15
N LEU I 250 8.63 21.16 -62.21
CA LEU I 250 7.85 21.52 -61.04
C LEU I 250 7.51 20.32 -60.15
N ARG I 251 7.32 20.62 -58.86
CA ARG I 251 6.63 19.72 -57.93
C ARG I 251 5.12 19.95 -58.09
N TYR I 252 4.51 19.19 -59.00
CA TYR I 252 3.08 19.33 -59.32
C TYR I 252 2.53 17.98 -59.78
N LYS I 253 1.23 17.94 -60.08
CA LYS I 253 0.55 16.72 -60.58
C LYS I 253 0.77 15.50 -59.68
N GLY I 254 0.80 15.72 -58.37
CA GLY I 254 1.00 14.61 -57.45
C GLY I 254 2.40 14.05 -57.40
N LYS I 255 3.34 14.59 -58.19
CA LYS I 255 4.75 14.23 -58.04
C LYS I 255 5.21 14.53 -56.62
N ARG I 256 5.82 13.54 -55.98
CA ARG I 256 6.12 13.60 -54.55
C ARG I 256 7.54 13.24 -54.18
N TYR I 257 8.33 12.67 -55.08
CA TYR I 257 9.57 11.99 -54.73
C TYR I 257 10.75 12.71 -55.38
N PRO I 258 11.38 13.64 -54.66
CA PRO I 258 12.57 14.30 -55.22
C PRO I 258 13.64 13.28 -55.57
N GLY I 259 14.27 13.48 -56.73
CA GLY I 259 15.21 12.53 -57.26
C GLY I 259 14.62 11.54 -58.25
N MET I 260 13.32 11.28 -58.19
CA MET I 260 12.72 10.46 -59.23
C MET I 260 11.54 11.12 -59.92
N ASP I 261 10.66 11.81 -59.20
CA ASP I 261 9.54 12.51 -59.83
C ASP I 261 9.94 13.85 -60.43
N TYR I 262 10.94 14.50 -59.84
CA TYR I 262 11.39 15.83 -60.24
C TYR I 262 12.77 16.04 -59.64
N PRO I 263 13.58 16.93 -60.22
CA PRO I 263 14.97 17.07 -59.75
C PRO I 263 15.03 17.66 -58.36
N SER I 264 15.45 16.81 -57.40
CA SER I 264 15.70 17.26 -56.05
C SER I 264 16.63 18.46 -56.06
N GLY I 265 16.13 19.59 -55.58
CA GLY I 265 16.95 20.77 -55.48
C GLY I 265 16.70 21.85 -56.50
N GLY I 266 15.76 21.65 -57.43
CA GLY I 266 15.31 22.74 -58.27
C GLY I 266 14.58 23.81 -57.46
N ALA I 267 14.19 24.88 -58.16
CA ALA I 267 13.37 25.93 -57.58
C ALA I 267 11.91 25.51 -57.42
N THR I 268 11.67 24.34 -56.83
CA THR I 268 10.31 23.86 -56.61
C THR I 268 9.60 24.70 -55.54
N VAL I 269 8.28 24.48 -55.43
CA VAL I 269 7.47 25.34 -54.59
C VAL I 269 7.84 25.21 -53.11
N ASN I 270 8.27 24.02 -52.69
CA ASN I 270 8.57 23.81 -51.27
C ASN I 270 9.90 24.39 -50.81
N VAL I 271 10.81 24.74 -51.73
CA VAL I 271 12.09 25.32 -51.35
C VAL I 271 12.30 26.69 -51.96
N PHE I 272 11.25 27.32 -52.49
CA PHE I 272 11.41 28.52 -53.32
C PHE I 272 12.23 29.60 -52.61
N ALA I 273 11.79 30.03 -51.41
CA ALA I 273 12.39 31.20 -50.77
C ALA I 273 13.85 30.95 -50.37
N LEU I 274 14.17 29.74 -49.93
CA LEU I 274 15.57 29.35 -49.76
C LEU I 274 16.33 29.51 -51.07
N TRP I 275 15.81 28.91 -52.16
CA TRP I 275 16.50 28.92 -53.44
C TRP I 275 16.81 30.34 -53.91
N ARG I 276 15.90 31.30 -53.66
CA ARG I 276 16.10 32.66 -54.17
C ARG I 276 17.02 33.48 -53.28
N ALA I 277 16.97 33.23 -51.97
CA ALA I 277 17.91 33.89 -51.08
C ALA I 277 19.35 33.63 -51.51
N ALA I 278 19.60 32.48 -52.13
CA ALA I 278 20.94 32.08 -52.55
C ALA I 278 21.30 32.52 -53.96
N THR I 279 20.37 33.11 -54.73
CA THR I 279 20.62 33.39 -56.16
C THR I 279 20.26 34.83 -56.51
N PRO I 280 20.96 35.81 -55.93
CA PRO I 280 20.67 37.21 -56.28
C PRO I 280 21.11 37.61 -57.69
N SER I 281 21.94 36.82 -58.36
CA SER I 281 22.26 37.11 -59.74
C SER I 281 21.22 36.55 -60.72
N ILE I 282 20.27 35.76 -60.23
CA ILE I 282 19.16 35.29 -61.04
C ILE I 282 18.00 36.25 -60.87
N ASP I 283 17.41 36.68 -61.98
CA ASP I 283 16.41 37.73 -61.94
C ASP I 283 14.98 37.21 -61.75
N PHE I 284 14.63 36.05 -62.33
CA PHE I 284 13.31 35.49 -62.13
C PHE I 284 13.34 33.99 -62.40
N ILE I 285 12.23 33.32 -62.08
CA ILE I 285 12.09 31.87 -62.19
C ILE I 285 10.97 31.53 -63.16
N GLY I 286 11.19 30.53 -64.01
CA GLY I 286 10.19 30.07 -64.97
C GLY I 286 9.57 28.74 -64.58
N THR I 287 8.28 28.60 -64.84
CA THR I 287 7.56 27.34 -64.64
C THR I 287 7.46 26.59 -65.97
N ASP I 288 7.75 25.30 -65.94
CA ASP I 288 7.53 24.40 -67.08
C ASP I 288 6.28 23.57 -66.78
N ILE I 289 5.15 24.02 -67.33
CA ILE I 289 3.83 23.47 -67.00
C ILE I 289 3.38 22.56 -68.13
N TYR I 290 3.39 21.26 -67.88
CA TYR I 290 2.92 20.27 -68.85
C TYR I 290 1.63 19.63 -68.38
N THR I 291 0.59 20.44 -68.26
CA THR I 291 -0.76 19.95 -68.03
C THR I 291 -1.71 20.85 -68.77
N SER I 292 -2.90 20.31 -69.01
CA SER I 292 -4.00 21.03 -69.61
C SER I 292 -5.09 21.34 -68.60
N ASP I 293 -5.08 20.64 -67.46
CA ASP I 293 -6.11 20.81 -66.44
C ASP I 293 -6.13 22.24 -65.89
N TYR I 294 -7.33 22.83 -65.88
CA TYR I 294 -7.45 24.22 -65.48
C TYR I 294 -7.05 24.42 -64.02
N GLY I 295 -7.55 23.55 -63.13
CA GLY I 295 -7.23 23.67 -61.72
C GLY I 295 -5.74 23.62 -61.46
N GLU I 296 -5.05 22.68 -62.13
CA GLU I 296 -3.62 22.50 -61.86
C GLU I 296 -2.80 23.63 -62.47
N TYR I 297 -3.11 23.99 -63.72
CA TYR I 297 -2.40 25.08 -64.39
C TYR I 297 -2.51 26.37 -63.58
N THR I 298 -3.74 26.70 -63.16
CA THR I 298 -3.99 27.88 -62.33
C THR I 298 -3.24 27.79 -61.02
N LYS I 299 -3.19 26.60 -60.43
CA LYS I 299 -2.53 26.44 -59.13
C LYS I 299 -1.04 26.73 -59.22
N VAL I 300 -0.37 26.22 -60.26
CA VAL I 300 1.05 26.48 -60.42
C VAL I 300 1.31 27.97 -60.61
N ILE I 301 0.50 28.65 -61.43
CA ILE I 301 0.77 30.06 -61.70
C ILE I 301 0.62 30.88 -60.42
N GLY I 302 -0.34 30.51 -59.57
CA GLY I 302 -0.48 31.21 -58.31
C GLY I 302 0.68 31.03 -57.36
N GLN I 303 1.33 29.86 -57.39
CA GLN I 303 2.49 29.64 -56.54
C GLN I 303 3.67 30.52 -56.94
N TYR I 304 3.85 30.76 -58.23
CA TYR I 304 5.03 31.45 -58.72
C TYR I 304 4.82 32.93 -59.03
N ALA I 305 3.59 33.37 -59.24
CA ALA I 305 3.33 34.80 -59.42
C ALA I 305 3.28 35.42 -58.04
N ARG I 306 4.42 35.95 -57.62
CA ARG I 306 4.65 36.47 -56.29
C ARG I 306 5.12 37.91 -56.40
N PRO I 307 5.09 38.68 -55.29
CA PRO I 307 5.72 40.01 -55.31
C PRO I 307 7.18 39.98 -55.71
N ASP I 308 7.88 38.87 -55.50
CA ASP I 308 9.31 38.71 -55.79
C ASP I 308 9.58 37.88 -57.03
N ASN I 309 8.56 37.60 -57.84
CA ASN I 309 8.73 36.78 -59.03
C ASN I 309 7.53 36.93 -59.97
N PRO I 310 7.76 37.22 -61.26
CA PRO I 310 6.66 37.31 -62.21
C PRO I 310 6.20 35.94 -62.68
N ALA I 311 4.93 35.87 -63.09
CA ALA I 311 4.48 34.74 -63.88
C ALA I 311 5.26 34.73 -65.20
N TRP I 312 5.75 33.54 -65.57
CA TRP I 312 6.59 33.41 -66.75
C TRP I 312 6.62 31.92 -67.09
N VAL I 313 5.85 31.54 -68.10
CA VAL I 313 5.78 30.15 -68.52
C VAL I 313 6.91 29.97 -69.53
N SER I 314 8.05 29.47 -69.04
CA SER I 314 9.20 29.19 -69.90
C SER I 314 8.97 27.98 -70.80
N GLU I 315 8.07 27.07 -70.41
CA GLU I 315 7.69 25.94 -71.23
C GLU I 315 6.24 25.57 -70.94
N THR I 316 5.52 25.19 -72.00
CA THR I 316 4.24 24.52 -71.86
C THR I 316 4.07 23.62 -73.08
N GLY I 317 3.06 22.76 -73.03
CA GLY I 317 2.89 21.75 -74.07
C GLY I 317 2.44 22.36 -75.38
N PHE I 318 2.98 21.84 -76.48
CA PHE I 318 2.60 22.29 -77.83
C PHE I 318 1.35 21.51 -78.23
N GLU I 319 0.21 22.00 -77.78
CA GLU I 319 -1.08 21.40 -78.04
C GLU I 319 -2.14 22.48 -77.97
N ALA I 320 -3.25 22.25 -78.68
CA ALA I 320 -4.31 23.26 -78.74
C ALA I 320 -4.87 23.57 -77.36
N ALA I 321 -5.00 22.55 -76.50
CA ALA I 321 -5.67 22.77 -75.22
C ALA I 321 -4.88 23.66 -74.28
N THR I 322 -3.66 24.05 -74.64
CA THR I 322 -2.88 24.94 -73.81
C THR I 322 -2.97 26.40 -74.27
N ALA I 323 -3.53 26.65 -75.46
CA ALA I 323 -3.60 28.02 -75.96
C ALA I 323 -4.36 29.00 -75.08
N PRO I 324 -5.47 28.64 -74.42
CA PRO I 324 -6.17 29.66 -73.60
C PRO I 324 -5.36 30.15 -72.42
N TYR I 325 -4.38 29.40 -71.93
CA TYR I 325 -3.69 29.85 -70.73
C TYR I 325 -2.76 31.02 -70.98
N LEU I 326 -2.43 31.32 -72.25
CA LEU I 326 -1.68 32.54 -72.54
C LEU I 326 -2.39 33.75 -71.96
N PHE I 327 -3.72 33.78 -72.05
CA PHE I 327 -4.47 34.90 -71.49
C PHE I 327 -4.56 34.80 -69.97
N HIS I 328 -4.58 33.60 -69.40
CA HIS I 328 -4.54 33.52 -67.94
C HIS I 328 -3.21 34.04 -67.41
N VAL I 329 -2.09 33.59 -67.99
CA VAL I 329 -0.77 34.03 -67.52
C VAL I 329 -0.63 35.53 -67.62
N LEU I 330 -1.10 36.13 -68.72
CA LEU I 330 -1.07 37.58 -68.86
C LEU I 330 -1.91 38.26 -67.79
N GLY I 331 -3.08 37.69 -67.48
CA GLY I 331 -3.96 38.27 -66.49
C GLY I 331 -3.44 38.20 -65.07
N GLN I 332 -2.35 37.46 -64.84
CA GLN I 332 -1.74 37.41 -63.52
C GLN I 332 -0.45 38.23 -63.47
N GLY I 333 -0.31 39.22 -64.35
CA GLY I 333 0.90 40.03 -64.40
C GLY I 333 2.06 39.41 -65.16
N GLY I 334 1.86 38.26 -65.81
CA GLY I 334 2.97 37.53 -66.40
C GLY I 334 3.62 38.27 -67.56
N ILE I 335 4.89 37.94 -67.77
CA ILE I 335 5.72 38.64 -68.75
C ILE I 335 5.93 37.85 -70.04
N GLY I 336 5.60 36.55 -70.06
CA GLY I 336 5.83 35.78 -71.27
C GLY I 336 5.18 34.41 -71.20
N PHE I 337 5.16 33.73 -72.34
CA PHE I 337 4.45 32.46 -72.51
C PHE I 337 5.15 31.69 -73.63
N SER I 338 5.50 30.43 -73.38
CA SER I 338 6.31 29.67 -74.32
C SER I 338 5.73 28.28 -74.56
N VAL I 339 5.69 27.88 -75.82
CA VAL I 339 5.31 26.53 -76.21
C VAL I 339 6.59 25.79 -76.61
N PHE I 340 6.64 24.50 -76.28
CA PHE I 340 7.87 23.72 -76.41
C PHE I 340 7.76 22.66 -77.51
N GLY I 341 8.85 22.49 -78.25
CA GLY I 341 8.99 21.43 -79.23
C GLY I 341 8.09 21.58 -80.45
N ILE I 342 8.27 22.66 -81.19
CA ILE I 342 7.34 23.02 -82.26
C ILE I 342 7.77 22.51 -83.63
N ASP I 343 9.02 22.11 -83.79
CA ASP I 343 9.62 21.94 -85.10
C ASP I 343 9.82 20.48 -85.43
N GLY I 344 9.41 20.08 -86.63
CA GLY I 344 9.72 18.77 -87.15
C GLY I 344 8.88 17.64 -86.64
N ASN I 345 7.74 17.91 -86.00
CA ASN I 345 6.91 16.85 -85.46
C ASN I 345 6.24 16.07 -86.59
N PRO I 346 6.05 14.77 -86.41
CA PRO I 346 5.29 14.00 -87.42
C PRO I 346 3.90 14.61 -87.60
N ASP I 347 3.49 14.75 -88.86
CA ASP I 347 2.23 15.39 -89.18
C ASP I 347 1.08 14.63 -88.54
N SER I 348 0.15 15.37 -87.95
CA SER I 348 -1.02 14.75 -87.33
C SER I 348 -2.08 15.82 -87.14
N GLY I 349 -3.31 15.34 -86.88
CA GLY I 349 -4.38 16.26 -86.56
C GLY I 349 -4.04 17.13 -85.37
N ALA I 350 -3.49 16.52 -84.31
CA ALA I 350 -3.18 17.25 -83.09
C ALA I 350 -2.08 18.28 -83.33
N ASN I 351 -1.04 17.90 -84.09
CA ASN I 351 0.03 18.84 -84.37
C ASN I 351 -0.47 20.02 -85.21
N ARG I 352 -1.31 19.74 -86.21
CA ARG I 352 -1.90 20.81 -87.00
C ARG I 352 -2.78 21.72 -86.14
N ALA I 353 -3.54 21.14 -85.22
CA ALA I 353 -4.41 21.94 -84.36
C ALA I 353 -3.60 22.72 -83.34
N ALA I 354 -2.45 22.17 -82.92
CA ALA I 354 -1.54 22.90 -82.04
C ALA I 354 -0.96 24.11 -82.74
N ILE I 355 -0.57 23.96 -84.02
CA ILE I 355 -0.06 25.10 -84.77
C ILE I 355 -1.14 26.16 -84.91
N ALA I 356 -2.34 25.74 -85.31
CA ALA I 356 -3.40 26.71 -85.60
C ALA I 356 -3.74 27.54 -84.38
N ALA I 357 -3.92 26.89 -83.23
CA ALA I 357 -4.37 27.59 -82.04
C ALA I 357 -3.32 28.57 -81.54
N HIS I 358 -2.04 28.18 -81.57
CA HIS I 358 -1.00 29.03 -81.02
C HIS I 358 -0.58 30.10 -81.99
N ALA I 359 -0.51 29.75 -83.28
CA ALA I 359 -0.32 30.78 -84.30
C ALA I 359 -1.41 31.85 -84.20
N ALA I 360 -2.64 31.43 -83.85
CA ALA I 360 -3.77 32.36 -83.86
C ALA I 360 -3.59 33.46 -82.81
N ASN I 361 -3.36 33.08 -81.56
CA ASN I 361 -3.30 34.16 -80.59
C ASN I 361 -1.95 34.86 -80.58
N PHE I 362 -0.88 34.21 -81.05
CA PHE I 362 0.37 34.96 -81.27
C PHE I 362 0.19 35.99 -82.38
N ARG I 363 -0.54 35.61 -83.43
CA ARG I 363 -0.87 36.57 -84.47
C ARG I 363 -1.78 37.67 -83.94
N GLN I 364 -2.74 37.32 -83.08
CA GLN I 364 -3.64 38.32 -82.52
C GLN I 364 -2.89 39.35 -81.68
N LEU I 365 -2.02 38.89 -80.78
CA LEU I 365 -1.46 39.75 -79.74
C LEU I 365 -0.11 40.36 -80.12
N ALA I 366 0.64 39.75 -81.03
CA ALA I 366 1.92 40.31 -81.43
C ALA I 366 1.88 41.78 -81.81
N PRO I 367 0.87 42.28 -82.55
CA PRO I 367 0.82 43.74 -82.81
C PRO I 367 0.53 44.58 -81.57
N LEU I 368 0.08 43.96 -80.48
CA LEU I 368 -0.33 44.67 -79.27
C LEU I 368 0.63 44.45 -78.11
N GLN I 369 1.73 43.74 -78.32
CA GLN I 369 2.52 43.27 -77.19
C GLN I 369 3.12 44.43 -76.39
N ARG I 370 3.51 45.53 -77.06
CA ARG I 370 4.06 46.65 -76.32
C ARG I 370 3.00 47.30 -75.45
N LEU I 371 1.81 47.53 -76.01
CA LEU I 371 0.71 48.08 -75.22
C LEU I 371 0.33 47.15 -74.08
N ILE I 372 0.32 45.84 -74.36
CA ILE I 372 -0.06 44.87 -73.34
C ILE I 372 0.95 44.87 -72.20
N ALA I 373 2.25 44.89 -72.52
CA ALA I 373 3.30 44.81 -71.50
C ALA I 373 3.33 46.04 -70.62
N GLN I 374 3.16 47.24 -71.21
CA GLN I 374 3.13 48.46 -70.43
C GLN I 374 1.89 48.53 -69.55
N ALA I 375 0.74 48.14 -70.09
CA ALA I 375 -0.48 48.11 -69.28
C ALA I 375 -0.36 47.09 -68.15
N ASN I 376 0.27 45.95 -68.41
CA ASN I 376 0.48 44.97 -67.35
C ASN I 376 1.35 45.54 -66.24
N LEU I 377 2.43 46.25 -66.59
CA LEU I 377 3.28 46.85 -65.56
C LEU I 377 2.51 47.91 -64.78
N ASP I 378 1.63 48.66 -65.45
CA ASP I 378 0.86 49.71 -64.79
C ASP I 378 -0.32 49.18 -64.00
N GLY I 379 -0.63 47.89 -64.06
CA GLY I 379 -1.81 47.39 -63.40
C GLY I 379 -3.11 47.66 -64.13
N ARG I 380 -3.06 47.92 -65.43
CA ARG I 380 -4.25 48.22 -66.22
C ARG I 380 -4.67 47.06 -67.10
N LEU I 381 -4.05 45.89 -66.95
CA LEU I 381 -4.32 44.74 -67.79
C LEU I 381 -4.96 43.63 -66.99
N GLN I 382 -6.12 43.17 -67.44
CA GLN I 382 -6.76 42.00 -66.87
C GLN I 382 -7.07 41.05 -68.00
N ALA I 383 -6.89 39.75 -67.76
CA ALA I 383 -7.13 38.74 -68.77
C ALA I 383 -7.48 37.42 -68.10
N VAL I 384 -8.20 36.58 -68.83
CA VAL I 384 -8.87 35.41 -68.28
C VAL I 384 -8.87 34.29 -69.31
N ALA I 385 -8.76 33.06 -68.82
CA ALA I 385 -9.01 31.84 -69.60
C ALA I 385 -10.27 31.15 -69.08
N GLU I 386 -10.97 30.42 -69.96
CA GLU I 386 -12.27 29.84 -69.59
C GLU I 386 -12.09 28.66 -68.64
N GLN I 387 -12.91 28.64 -67.58
CA GLN I 387 -12.89 27.52 -66.65
C GLN I 387 -14.08 26.60 -66.91
N PRO I 388 -13.86 25.30 -67.12
CA PRO I 388 -14.97 24.39 -67.48
C PRO I 388 -16.24 24.46 -66.63
N GLY I 389 -16.13 24.44 -65.31
CA GLY I 389 -17.38 24.42 -64.60
C GLY I 389 -18.00 25.78 -64.32
N ALA I 390 -17.37 26.84 -64.80
CA ALA I 390 -17.68 28.20 -64.34
C ALA I 390 -17.51 29.15 -65.50
N PRO I 391 -18.55 29.27 -66.35
CA PRO I 391 -18.39 30.01 -67.61
C PRO I 391 -18.60 31.51 -67.55
N GLN I 392 -18.51 32.12 -66.36
CA GLN I 392 -18.65 33.57 -66.24
C GLN I 392 -17.55 34.14 -65.35
N ARG I 393 -17.02 35.28 -65.76
CA ARG I 393 -16.11 36.06 -64.93
C ARG I 393 -16.58 37.51 -64.92
N THR I 394 -16.15 38.22 -63.88
CA THR I 394 -16.39 39.65 -63.73
C THR I 394 -15.03 40.32 -63.57
N LEU I 395 -14.76 41.29 -64.43
CA LEU I 395 -13.58 42.14 -64.33
C LEU I 395 -14.00 43.51 -63.81
N ARG I 396 -13.29 44.01 -62.81
CA ARG I 396 -13.62 45.27 -62.15
C ARG I 396 -12.64 46.36 -62.55
N PHE I 397 -13.18 47.51 -62.97
CA PHE I 397 -12.38 48.66 -63.37
C PHE I 397 -12.93 49.91 -62.68
N GLY I 398 -12.99 49.85 -61.35
CA GLY I 398 -13.50 50.96 -60.56
C GLY I 398 -14.97 51.18 -60.81
N ASP I 399 -15.29 52.28 -61.51
CA ASP I 399 -16.69 52.62 -61.77
C ASP I 399 -17.36 51.67 -62.74
N TRP I 400 -16.58 50.92 -63.51
CA TRP I 400 -17.12 50.07 -64.55
C TRP I 400 -16.75 48.63 -64.29
N GLU I 401 -17.60 47.72 -64.77
CA GLU I 401 -17.41 46.28 -64.66
C GLU I 401 -17.64 45.61 -66.01
N ALA I 402 -16.85 44.58 -66.29
CA ALA I 402 -16.96 43.79 -67.50
C ALA I 402 -17.37 42.38 -67.15
N LYS I 403 -18.49 41.92 -67.70
CA LYS I 403 -19.01 40.59 -67.49
C LYS I 403 -18.66 39.72 -68.71
N VAL I 404 -17.84 38.70 -68.51
CA VAL I 404 -17.34 37.87 -69.59
C VAL I 404 -18.06 36.54 -69.57
N SER I 405 -18.64 36.15 -70.71
CA SER I 405 -19.43 34.93 -70.80
C SER I 405 -18.82 34.00 -71.84
N PHE I 406 -18.91 32.70 -71.55
CA PHE I 406 -18.41 31.67 -72.45
C PHE I 406 -19.56 30.75 -72.83
N GLY I 407 -19.61 30.35 -74.09
CA GLY I 407 -20.69 29.50 -74.54
C GLY I 407 -21.98 30.23 -74.87
N ALA I 408 -21.96 31.55 -74.94
CA ALA I 408 -23.10 32.27 -75.47
C ALA I 408 -23.06 32.24 -76.99
N PRO I 409 -24.22 32.36 -77.65
CA PRO I 409 -24.21 32.44 -79.12
C PRO I 409 -23.44 33.67 -79.60
N LEU I 410 -23.07 33.62 -80.88
CA LEU I 410 -22.42 34.79 -81.48
C LEU I 410 -23.38 35.96 -81.63
N TRP I 411 -24.69 35.71 -81.58
CA TRP I 411 -25.68 36.77 -81.61
C TRP I 411 -26.93 36.30 -80.90
N GLY I 412 -27.59 37.22 -80.21
CA GLY I 412 -28.85 36.91 -79.54
C GLY I 412 -28.68 36.69 -78.04
N ASP I 413 -29.80 36.31 -77.42
CA ASP I 413 -29.84 36.15 -75.98
C ASP I 413 -29.04 34.94 -75.53
N ALA I 414 -28.30 35.12 -74.44
CA ALA I 414 -27.65 33.99 -73.80
C ALA I 414 -28.69 33.10 -73.12
N PRO I 415 -28.49 31.77 -73.13
CA PRO I 415 -29.41 30.89 -72.40
C PRO I 415 -29.42 31.23 -70.91
N ALA I 416 -30.44 30.71 -70.21
CA ALA I 416 -30.50 30.86 -68.76
C ALA I 416 -29.25 30.29 -68.10
N ILE I 417 -28.83 29.11 -68.54
CA ILE I 417 -27.61 28.47 -68.04
C ILE I 417 -26.58 28.48 -69.18
N LEU I 418 -25.45 29.14 -68.93
CA LEU I 418 -24.36 29.20 -69.90
C LEU I 418 -23.64 27.86 -69.99
N PRO I 419 -23.54 27.25 -71.16
CA PRO I 419 -22.93 25.93 -71.27
C PRO I 419 -21.42 25.94 -71.42
N GLY I 420 -20.79 27.10 -71.49
CA GLY I 420 -19.38 27.13 -71.82
C GLY I 420 -19.13 26.66 -73.24
N ASN I 421 -17.91 26.83 -73.71
CA ASN I 421 -17.55 26.28 -75.00
C ASN I 421 -17.30 24.78 -74.85
N ASP I 422 -17.57 24.05 -75.94
CA ASP I 422 -17.40 22.61 -75.92
C ASP I 422 -15.93 22.24 -75.74
N ASP I 423 -15.03 22.94 -76.41
CA ASP I 423 -13.61 22.68 -76.28
C ASP I 423 -12.96 23.55 -75.22
N HIS I 424 -13.75 24.36 -74.51
CA HIS I 424 -13.27 25.22 -73.42
C HIS I 424 -12.19 26.20 -73.89
N ALA I 425 -12.29 26.68 -75.12
CA ALA I 425 -11.26 27.54 -75.70
C ALA I 425 -11.47 29.03 -75.41
N GLY I 426 -12.43 29.39 -74.57
CA GLY I 426 -12.70 30.81 -74.36
C GLY I 426 -11.52 31.53 -73.73
N ARG I 427 -11.32 32.79 -74.13
CA ARG I 427 -10.34 33.65 -73.49
C ARG I 427 -10.60 35.09 -73.90
N LEU I 428 -10.27 36.01 -73.00
CA LEU I 428 -10.45 37.42 -73.29
C LEU I 428 -9.41 38.22 -72.52
N LEU I 429 -9.05 39.36 -73.10
CA LEU I 429 -8.10 40.30 -72.54
C LEU I 429 -8.76 41.67 -72.54
N VAL I 430 -8.48 42.46 -71.50
CA VAL I 430 -9.00 43.82 -71.41
C VAL I 430 -7.90 44.71 -70.86
N ALA I 431 -7.49 45.71 -71.65
CA ALA I 431 -6.52 46.71 -71.25
C ALA I 431 -7.26 48.04 -71.09
N GLN I 432 -7.07 48.69 -69.94
CA GLN I 432 -7.68 49.98 -69.72
C GLN I 432 -6.76 51.05 -70.28
N LEU I 433 -7.23 51.77 -71.29
CA LEU I 433 -6.42 52.80 -71.91
C LEU I 433 -6.64 54.16 -71.27
N GLY I 434 -7.78 54.34 -70.60
CA GLY I 434 -8.12 55.57 -69.94
C GLY I 434 -9.30 55.37 -69.01
N PRO I 435 -9.66 56.41 -68.26
CA PRO I 435 -10.79 56.29 -67.31
C PRO I 435 -12.05 55.66 -67.90
N GLU I 436 -12.28 55.84 -69.21
CA GLU I 436 -13.50 55.32 -69.82
C GLU I 436 -13.27 54.66 -71.17
N GLU I 437 -12.06 54.19 -71.43
CA GLU I 437 -11.68 53.61 -72.71
C GLU I 437 -10.95 52.30 -72.48
N PHE I 438 -11.33 51.29 -73.26
CA PHE I 438 -10.78 49.95 -73.10
C PHE I 438 -10.42 49.38 -74.47
N LEU I 439 -9.41 48.52 -74.48
CA LEU I 439 -9.08 47.68 -75.62
C LEU I 439 -9.43 46.24 -75.25
N VAL I 440 -10.06 45.52 -76.18
CA VAL I 440 -10.59 44.19 -75.91
C VAL I 440 -10.29 43.25 -77.08
N THR I 441 -9.78 42.05 -76.79
CA THR I 441 -9.60 41.01 -77.80
C THR I 441 -9.66 39.65 -77.12
N GLY I 442 -9.86 38.61 -77.92
CA GLY I 442 -9.82 37.24 -77.42
C GLY I 442 -10.37 36.26 -78.43
N THR I 443 -10.98 35.20 -77.90
CA THR I 443 -11.55 34.09 -78.65
C THR I 443 -12.71 33.49 -77.85
N ALA I 444 -13.78 33.13 -78.56
CA ALA I 444 -14.92 32.36 -78.03
C ALA I 444 -15.44 32.95 -76.71
N ALA I 445 -15.75 34.24 -76.77
CA ALA I 445 -16.13 34.97 -75.57
C ALA I 445 -17.09 36.09 -75.90
N ARG I 446 -17.92 36.43 -74.92
CA ARG I 446 -18.76 37.61 -74.92
C ARG I 446 -18.40 38.47 -73.72
N ILE I 447 -18.38 39.79 -73.91
CA ILE I 447 -18.17 40.73 -72.81
C ILE I 447 -19.26 41.79 -72.84
N GLU I 448 -19.76 42.17 -71.66
CA GLU I 448 -20.68 43.29 -71.47
C GLU I 448 -20.15 44.21 -70.38
N PHE I 449 -20.17 45.52 -70.67
CA PHE I 449 -19.71 46.52 -69.73
C PHE I 449 -20.89 47.11 -68.97
N PHE I 450 -20.70 47.33 -67.66
CA PHE I 450 -21.77 47.82 -66.77
C PHE I 450 -21.21 48.87 -65.84
N ARG I 451 -22.00 49.91 -65.57
CA ARG I 451 -21.58 51.04 -64.72
C ARG I 451 -22.29 50.98 -63.38
N SER I 452 -21.55 51.25 -62.29
CA SER I 452 -22.15 51.39 -60.97
C SER I 452 -21.83 52.79 -60.50
N ALA I 453 -20.74 53.00 -59.74
CA ALA I 453 -20.01 54.27 -59.53
C ALA I 453 -20.55 55.18 -58.43
N ALA I 454 -21.65 54.83 -57.76
CA ALA I 454 -22.29 55.67 -56.73
C ALA I 454 -22.77 57.00 -57.30
N ASP I 455 -23.08 57.02 -58.59
CA ASP I 455 -23.75 58.15 -59.21
C ASP I 455 -25.26 57.93 -59.19
N THR I 456 -25.98 58.94 -59.62
CA THR I 456 -27.34 58.77 -60.12
C THR I 456 -27.36 58.64 -61.64
N ARG I 457 -26.19 58.60 -62.27
CA ARG I 457 -26.04 58.58 -63.72
C ARG I 457 -26.22 57.16 -64.26
N HIS I 458 -26.38 57.07 -65.58
CA HIS I 458 -26.57 55.80 -66.28
C HIS I 458 -25.47 55.57 -67.31
N GLY I 459 -24.92 54.36 -67.33
CA GLY I 459 -23.83 54.06 -68.25
C GLY I 459 -24.34 53.69 -69.63
N GLN I 460 -23.56 54.07 -70.64
CA GLN I 460 -23.95 53.79 -72.00
C GLN I 460 -22.72 53.62 -72.88
N LEU I 461 -22.92 52.89 -73.97
CA LEU I 461 -21.92 52.70 -75.00
C LEU I 461 -21.89 53.90 -75.93
N LEU I 462 -20.71 54.45 -76.17
CA LEU I 462 -20.59 55.66 -76.98
C LEU I 462 -19.92 55.41 -78.33
N GLN I 463 -18.87 54.61 -78.36
CA GLN I 463 -18.18 54.30 -79.60
C GLN I 463 -17.41 53.00 -79.42
N VAL I 464 -17.66 52.05 -80.31
CA VAL I 464 -16.88 50.81 -80.39
C VAL I 464 -16.24 50.77 -81.77
N GLU I 465 -14.91 50.78 -81.81
CA GLU I 465 -14.16 50.71 -83.06
C GLU I 465 -13.52 49.35 -83.19
N GLN I 466 -13.71 48.73 -84.35
CA GLN I 466 -13.03 47.50 -84.73
C GLN I 466 -11.90 47.86 -85.67
N GLY I 467 -10.72 47.33 -85.40
CA GLY I 467 -9.60 47.59 -86.28
C GLY I 467 -8.33 46.89 -85.86
N ARG I 468 -7.22 47.50 -86.23
CA ARG I 468 -5.93 46.83 -86.14
C ARG I 468 -4.88 47.87 -85.86
N TYR I 469 -3.82 47.43 -85.21
CA TYR I 469 -2.62 48.24 -85.03
C TYR I 469 -1.67 47.86 -86.15
N VAL I 470 -1.26 48.86 -86.94
CA VAL I 470 -0.26 48.65 -87.98
C VAL I 470 0.99 49.45 -87.64
N ASP I 471 2.04 48.73 -87.27
CA ASP I 471 3.32 49.31 -86.83
C ASP I 471 3.17 50.26 -85.64
N GLY I 472 2.19 50.02 -84.76
CA GLY I 472 1.92 50.93 -83.67
C GLY I 472 0.94 52.03 -83.99
N ARG I 473 0.13 51.89 -85.04
CA ARG I 473 -0.87 52.89 -85.44
C ARG I 473 -2.22 52.21 -85.55
N TRP I 474 -3.25 52.86 -85.00
CA TRP I 474 -4.58 52.26 -84.88
C TRP I 474 -5.42 52.55 -86.12
N GLN I 475 -5.75 51.50 -86.88
CA GLN I 475 -6.54 51.59 -88.11
C GLN I 475 -7.95 51.13 -87.82
N MET I 476 -8.91 52.04 -87.91
CA MET I 476 -10.32 51.69 -87.79
C MET I 476 -10.85 51.07 -89.08
N GLU I 477 -11.38 49.84 -89.00
CA GLU I 477 -12.08 49.19 -90.10
C GLU I 477 -13.57 49.57 -90.11
N ARG I 478 -14.24 49.45 -88.97
CA ARG I 478 -15.67 49.75 -88.86
C ARG I 478 -15.99 50.11 -87.42
N GLN I 479 -17.21 50.61 -87.20
CA GLN I 479 -17.72 50.86 -85.86
C GLN I 479 -18.88 49.94 -85.55
N LEU I 480 -18.78 49.21 -84.43
CA LEU I 480 -19.80 48.25 -84.05
C LEU I 480 -20.95 48.93 -83.31
N ASN I 481 -22.17 48.62 -83.74
CA ASN I 481 -23.40 49.11 -83.11
C ASN I 481 -24.53 48.18 -83.55
N GLY I 482 -25.73 48.44 -83.04
CA GLY I 482 -26.89 47.64 -83.43
C GLY I 482 -26.71 46.18 -83.08
N ASP I 483 -26.90 45.32 -84.09
CA ASP I 483 -26.79 43.87 -83.89
C ASP I 483 -25.46 43.48 -83.25
N GLN I 484 -24.37 44.14 -83.68
CA GLN I 484 -23.03 43.85 -83.19
C GLN I 484 -22.78 44.39 -81.79
N THR I 485 -23.76 45.03 -81.16
CA THR I 485 -23.61 45.55 -79.82
C THR I 485 -24.82 45.25 -78.93
N ASP I 486 -25.93 44.76 -79.49
CA ASP I 486 -27.13 44.48 -78.71
C ASP I 486 -26.92 43.40 -77.65
N TYR I 487 -26.05 42.44 -77.93
CA TYR I 487 -25.86 41.33 -77.00
C TYR I 487 -24.39 41.20 -76.59
N GLY I 488 -23.83 42.31 -76.12
CA GLY I 488 -22.43 42.34 -75.80
C GLY I 488 -21.56 42.40 -77.05
N LEU I 489 -20.26 42.50 -76.81
CA LEU I 489 -19.26 42.38 -77.84
C LEU I 489 -18.83 40.92 -77.93
N ASN I 490 -18.93 40.34 -79.12
CA ASN I 490 -18.81 38.90 -79.30
C ASN I 490 -17.60 38.55 -80.16
N PHE I 491 -16.74 37.70 -79.63
CA PHE I 491 -15.56 37.20 -80.34
C PHE I 491 -15.75 35.71 -80.63
N GLY I 492 -15.62 35.36 -81.91
CA GLY I 492 -15.78 33.99 -82.34
C GLY I 492 -14.47 33.28 -82.54
N ARG I 493 -14.30 32.67 -83.71
CA ARG I 493 -13.19 31.78 -83.97
C ARG I 493 -12.28 32.33 -85.05
N THR I 494 -11.09 31.73 -85.15
CA THR I 494 -10.17 32.03 -86.24
C THR I 494 -10.67 31.38 -87.51
N ASP I 495 -10.69 32.14 -88.62
CA ASP I 495 -11.10 31.54 -89.88
C ASP I 495 -9.97 30.66 -90.44
N ALA I 496 -10.31 29.86 -91.46
CA ALA I 496 -9.36 28.92 -92.01
C ALA I 496 -8.19 29.61 -92.70
N ALA I 497 -8.38 30.86 -93.14
CA ALA I 497 -7.30 31.69 -93.63
C ALA I 497 -6.45 32.30 -92.52
N GLY I 498 -6.52 31.74 -91.31
CA GLY I 498 -5.64 32.11 -90.22
C GLY I 498 -5.93 33.43 -89.53
N GLN I 499 -6.98 34.14 -89.92
CA GLN I 499 -7.24 35.45 -89.32
C GLN I 499 -7.92 35.28 -87.97
N PRO I 500 -7.38 35.86 -86.90
CA PRO I 500 -7.96 35.67 -85.58
C PRO I 500 -9.08 36.67 -85.32
N PRO I 501 -9.85 36.49 -84.26
CA PRO I 501 -10.94 37.42 -83.96
C PRO I 501 -10.42 38.84 -83.77
N PRO I 502 -11.27 39.85 -83.88
CA PRO I 502 -10.79 41.23 -83.98
C PRO I 502 -10.38 41.84 -82.64
N VAL I 503 -9.77 43.01 -82.76
CA VAL I 503 -9.37 43.85 -81.63
C VAL I 503 -10.29 45.06 -81.61
N LEU I 504 -10.91 45.31 -80.45
CA LEU I 504 -11.91 46.36 -80.32
C LEU I 504 -11.43 47.43 -79.38
N ARG I 505 -11.74 48.64 -79.74
CA ARG I 505 -11.47 49.80 -78.91
C ARG I 505 -12.84 50.31 -78.43
N VAL I 506 -13.06 50.31 -77.12
CA VAL I 506 -14.37 50.55 -76.53
C VAL I 506 -14.31 51.84 -75.72
N ARG I 507 -15.19 52.78 -76.06
CA ARG I 507 -15.33 54.03 -75.30
C ARG I 507 -16.72 54.08 -74.68
N VAL I 508 -16.78 54.35 -73.38
CA VAL I 508 -18.04 54.36 -72.64
C VAL I 508 -18.28 55.75 -72.05
N GLY I 509 -19.45 55.89 -71.47
CA GLY I 509 -19.88 57.20 -71.02
C GLY I 509 -21.12 57.07 -70.17
N SER I 510 -21.66 58.23 -69.81
CA SER I 510 -22.77 58.31 -68.87
C SER I 510 -23.69 59.49 -69.24
N TYR I 511 -24.85 59.50 -68.62
CA TYR I 511 -25.83 60.54 -68.86
C TYR I 511 -26.75 60.65 -67.64
N GLU J 2 -28.44 -9.78 5.82
CA GLU J 2 -27.31 -10.12 4.96
C GLU J 2 -26.93 -11.60 5.19
N GLU J 3 -25.96 -12.08 4.41
CA GLU J 3 -25.58 -13.49 4.40
C GLU J 3 -25.15 -13.98 5.79
N LEU J 4 -25.45 -15.24 6.08
CA LEU J 4 -25.01 -15.86 7.32
C LEU J 4 -23.49 -15.97 7.32
N PRO J 5 -22.85 -15.77 8.47
CA PRO J 5 -21.40 -16.04 8.56
C PRO J 5 -21.12 -17.49 8.17
N ARG J 6 -19.99 -17.71 7.49
CA ARG J 6 -19.80 -18.97 6.81
C ARG J 6 -18.31 -19.25 6.66
N PHE J 7 -17.89 -20.47 7.01
CA PHE J 7 -16.50 -20.88 6.78
C PHE J 7 -16.34 -21.48 5.39
N PHE J 8 -15.24 -21.11 4.72
CA PHE J 8 -15.05 -21.35 3.29
C PHE J 8 -13.66 -21.89 3.02
N THR J 9 -13.57 -22.94 2.20
CA THR J 9 -12.29 -23.51 1.79
C THR J 9 -12.27 -23.67 0.27
N GLN J 10 -11.15 -23.28 -0.33
CA GLN J 10 -11.00 -23.25 -1.77
C GLN J 10 -9.51 -23.43 -2.06
N ASN J 11 -9.16 -24.53 -2.75
CA ASN J 11 -7.80 -24.74 -3.25
C ASN J 11 -6.78 -24.73 -2.10
N GLY J 12 -7.09 -25.45 -1.02
CA GLY J 12 -6.23 -25.48 0.15
C GLY J 12 -6.15 -24.19 0.95
N ARG J 13 -6.86 -23.14 0.54
CA ARG J 13 -6.87 -21.87 1.25
C ARG J 13 -8.22 -21.65 1.93
N HIS J 14 -8.20 -20.91 3.03
CA HIS J 14 -9.35 -20.80 3.91
C HIS J 14 -9.70 -19.34 4.16
N ALA J 15 -10.94 -19.12 4.56
CA ALA J 15 -11.40 -17.78 4.88
C ALA J 15 -12.68 -17.88 5.71
N LEU J 16 -12.87 -16.92 6.61
CA LEU J 16 -14.14 -16.77 7.30
C LEU J 16 -14.94 -15.72 6.57
N LEU J 17 -16.13 -16.08 6.12
CA LEU J 17 -16.96 -15.17 5.34
C LEU J 17 -17.98 -14.50 6.27
N VAL J 18 -17.89 -13.18 6.37
CA VAL J 18 -18.74 -12.38 7.26
C VAL J 18 -19.36 -11.27 6.43
N ASP J 19 -20.69 -11.24 6.38
CA ASP J 19 -21.42 -10.31 5.53
C ASP J 19 -20.99 -10.44 4.07
N GLY J 20 -20.74 -11.68 3.66
CA GLY J 20 -20.52 -11.99 2.26
C GLY J 20 -19.08 -11.88 1.78
N ALA J 21 -18.15 -11.47 2.62
CA ALA J 21 -16.78 -11.24 2.18
C ALA J 21 -15.82 -11.82 3.21
N PRO J 22 -14.59 -12.15 2.80
CA PRO J 22 -13.59 -12.63 3.77
C PRO J 22 -13.38 -11.62 4.90
N TYR J 23 -13.18 -12.16 6.10
CA TYR J 23 -13.09 -11.39 7.34
C TYR J 23 -11.91 -11.89 8.15
N THR J 24 -11.09 -10.96 8.64
CA THR J 24 -9.98 -11.28 9.54
C THR J 24 -10.40 -10.97 10.97
N ILE J 25 -10.43 -11.98 11.83
CA ILE J 25 -10.80 -11.79 13.22
C ILE J 25 -9.61 -11.25 13.99
N LEU J 26 -9.75 -10.05 14.55
CA LEU J 26 -8.78 -9.46 15.47
C LEU J 26 -9.51 -9.38 16.81
N ALA J 27 -9.22 -10.33 17.69
CA ALA J 27 -10.05 -10.60 18.84
C ALA J 27 -9.30 -10.34 20.15
N ALA J 28 -10.07 -10.07 21.20
CA ALA J 28 -9.59 -10.09 22.57
C ALA J 28 -10.61 -10.84 23.42
N GLN J 29 -10.13 -11.78 24.23
CA GLN J 29 -11.01 -12.57 25.10
C GLN J 29 -11.04 -12.03 26.51
N LEU J 30 -12.24 -11.97 27.09
CA LEU J 30 -12.38 -11.58 28.48
C LEU J 30 -11.97 -12.74 29.37
N HIS J 31 -11.64 -12.42 30.63
CA HIS J 31 -11.34 -13.48 31.58
C HIS J 31 -12.55 -14.37 31.78
N ASN J 32 -12.30 -15.57 32.34
CA ASN J 32 -13.34 -16.60 32.41
C ASN J 32 -14.59 -16.10 33.12
N SER J 33 -14.44 -15.37 34.22
CA SER J 33 -15.55 -14.97 35.06
C SER J 33 -16.02 -13.55 34.79
N SER J 34 -15.75 -13.01 33.61
CA SER J 34 -16.09 -11.62 33.30
C SER J 34 -17.41 -11.48 32.53
N ALA J 35 -18.01 -12.58 32.09
CA ALA J 35 -19.23 -12.54 31.27
C ALA J 35 -20.47 -12.49 32.17
N TRP J 36 -20.52 -11.46 32.99
CA TRP J 36 -21.65 -11.19 33.87
C TRP J 36 -22.09 -9.74 33.69
N PRO J 37 -23.39 -9.48 33.84
CA PRO J 37 -23.92 -8.15 33.45
C PRO J 37 -23.26 -6.95 34.13
N ALA J 38 -22.79 -7.07 35.38
CA ALA J 38 -22.15 -5.91 36.00
C ALA J 38 -20.73 -5.68 35.51
N VAL J 39 -20.05 -6.73 35.04
CA VAL J 39 -18.66 -6.62 34.61
C VAL J 39 -18.54 -6.22 33.14
N LEU J 40 -19.54 -6.57 32.32
CA LEU J 40 -19.39 -6.43 30.87
C LEU J 40 -19.13 -5.01 30.37
N PRO J 41 -19.83 -3.98 30.85
CA PRO J 41 -19.60 -2.63 30.29
C PRO J 41 -18.14 -2.17 30.43
N PRO J 42 -17.54 -2.19 31.63
CA PRO J 42 -16.11 -1.80 31.66
C PRO J 42 -15.22 -2.78 30.92
N ALA J 43 -15.55 -4.08 30.93
CA ALA J 43 -14.70 -5.06 30.28
C ALA J 43 -14.74 -4.94 28.76
N LEU J 44 -15.91 -4.67 28.19
CA LEU J 44 -15.98 -4.44 26.75
C LEU J 44 -15.40 -3.10 26.35
N ASP J 45 -15.33 -2.14 27.29
CA ASP J 45 -14.68 -0.87 26.99
C ASP J 45 -13.18 -1.05 26.80
N GLN J 46 -12.59 -1.97 27.56
CA GLN J 46 -11.19 -2.30 27.41
C GLN J 46 -10.93 -3.08 26.12
N VAL J 47 -11.94 -3.78 25.61
CA VAL J 47 -11.82 -4.36 24.28
C VAL J 47 -11.78 -3.27 23.23
N VAL J 48 -12.65 -2.26 23.36
CA VAL J 48 -12.64 -1.15 22.42
C VAL J 48 -11.30 -0.42 22.47
N ALA J 49 -10.74 -0.27 23.67
CA ALA J 49 -9.46 0.40 23.83
C ALA J 49 -8.34 -0.33 23.12
N LEU J 50 -8.45 -1.65 22.89
CA LEU J 50 -7.50 -2.43 22.11
C LEU J 50 -7.79 -2.40 20.61
N HIS J 51 -8.88 -1.76 20.19
CA HIS J 51 -9.28 -1.62 18.79
C HIS J 51 -9.59 -2.95 18.13
N ALA J 52 -9.87 -3.97 18.93
CA ALA J 52 -10.28 -5.26 18.38
C ALA J 52 -11.64 -5.14 17.70
N ASN J 53 -11.87 -5.99 16.69
CA ASN J 53 -13.17 -6.05 16.04
C ASN J 53 -14.06 -7.14 16.61
N THR J 54 -13.54 -7.99 17.48
CA THR J 54 -14.28 -9.12 18.00
C THR J 54 -13.89 -9.37 19.46
N VAL J 55 -14.88 -9.61 20.31
CA VAL J 55 -14.65 -10.07 21.68
C VAL J 55 -14.99 -11.55 21.75
N GLU J 56 -14.13 -12.31 22.41
CA GLU J 56 -14.43 -13.70 22.77
C GLU J 56 -14.88 -13.74 24.22
N ALA J 57 -16.02 -14.38 24.47
CA ALA J 57 -16.62 -14.35 25.78
C ALA J 57 -17.50 -15.58 25.97
N PRO J 58 -17.53 -16.15 27.16
CA PRO J 58 -18.21 -17.42 27.37
C PRO J 58 -19.66 -17.29 27.78
N VAL J 59 -20.44 -18.29 27.39
CA VAL J 59 -21.74 -18.58 27.97
C VAL J 59 -21.57 -19.75 28.90
N TYR J 60 -21.89 -19.56 30.17
CA TYR J 60 -21.77 -20.64 31.15
C TYR J 60 -23.01 -21.53 31.13
N TRP J 61 -22.80 -22.83 30.94
CA TRP J 61 -23.91 -23.77 31.08
C TRP J 61 -24.55 -23.67 32.47
N GLU J 62 -23.71 -23.57 33.51
CA GLU J 62 -24.14 -23.29 34.89
C GLU J 62 -25.31 -22.32 34.99
N GLN J 63 -25.18 -21.15 34.38
CA GLN J 63 -26.22 -20.14 34.46
C GLN J 63 -27.23 -20.24 33.33
N PHE J 64 -26.87 -20.84 32.20
CA PHE J 64 -27.78 -20.88 31.07
C PHE J 64 -28.89 -21.90 31.27
N GLU J 65 -28.62 -23.02 31.95
CA GLU J 65 -29.66 -23.99 32.29
C GLU J 65 -29.63 -24.25 33.79
N PRO J 66 -30.11 -23.29 34.59
CA PRO J 66 -30.06 -23.47 36.06
C PRO J 66 -30.94 -24.60 36.57
N ALA J 67 -31.89 -25.09 35.77
CA ALA J 67 -32.76 -26.20 36.10
C ALA J 67 -33.13 -26.91 34.81
N PRO J 68 -33.35 -28.22 34.84
CA PRO J 68 -33.52 -28.97 33.59
C PRO J 68 -34.66 -28.42 32.74
N GLY J 69 -34.34 -28.09 31.49
CA GLY J 69 -35.31 -27.56 30.58
C GLY J 69 -35.69 -26.10 30.79
N ARG J 70 -35.17 -25.44 31.82
CA ARG J 70 -35.40 -24.02 32.01
C ARG J 70 -34.13 -23.25 31.71
N PHE J 71 -34.23 -22.26 30.82
CA PHE J 71 -33.06 -21.58 30.29
C PHE J 71 -33.15 -20.09 30.62
N ASP J 72 -32.00 -19.53 30.93
CA ASP J 72 -31.86 -18.13 31.34
C ASP J 72 -30.91 -17.46 30.36
N THR J 73 -31.41 -16.46 29.64
CA THR J 73 -30.62 -15.79 28.61
C THR J 73 -30.10 -14.43 29.06
N THR J 74 -30.10 -14.15 30.36
CA THR J 74 -29.71 -12.84 30.85
C THR J 74 -28.29 -12.47 30.43
N ASN J 75 -27.35 -13.41 30.60
CA ASN J 75 -25.95 -13.10 30.35
C ASN J 75 -25.65 -13.02 28.86
N VAL J 76 -26.17 -13.98 28.07
CA VAL J 76 -25.91 -13.94 26.63
C VAL J 76 -26.55 -12.72 26.01
N ASP J 77 -27.74 -12.32 26.49
CA ASP J 77 -28.38 -11.12 25.98
C ASP J 77 -27.57 -9.87 26.32
N ALA J 78 -27.01 -9.84 27.53
CA ALA J 78 -26.19 -8.70 27.95
C ALA J 78 -24.90 -8.60 27.14
N LEU J 79 -24.31 -9.75 26.81
CA LEU J 79 -23.11 -9.78 25.97
C LEU J 79 -23.41 -9.20 24.59
N ILE J 80 -24.45 -9.70 23.93
CA ILE J 80 -24.76 -9.24 22.59
C ILE J 80 -25.12 -7.77 22.59
N ALA J 81 -25.93 -7.35 23.56
CA ALA J 81 -26.33 -5.93 23.63
C ALA J 81 -25.12 -5.02 23.84
N GLY J 82 -24.21 -5.41 24.73
CA GLY J 82 -23.01 -4.61 24.92
C GLY J 82 -22.14 -4.54 23.68
N ALA J 83 -21.99 -5.66 22.99
CA ALA J 83 -21.15 -5.66 21.80
C ALA J 83 -21.75 -4.84 20.68
N ARG J 84 -23.09 -4.86 20.53
CA ARG J 84 -23.73 -4.07 19.48
C ARG J 84 -23.54 -2.58 19.72
N LYS J 85 -23.75 -2.14 20.97
CA LYS J 85 -23.56 -0.76 21.36
C LYS J 85 -22.13 -0.29 21.16
N ARG J 86 -21.17 -1.20 21.07
CA ARG J 86 -19.76 -0.86 20.94
C ARG J 86 -19.19 -1.25 19.58
N GLY J 87 -20.04 -1.66 18.65
CA GLY J 87 -19.58 -2.00 17.32
C GLY J 87 -18.71 -3.22 17.22
N LEU J 88 -18.82 -4.15 18.18
CA LEU J 88 -18.03 -5.37 18.20
C LEU J 88 -18.82 -6.54 17.64
N ARG J 89 -18.14 -7.37 16.86
CA ARG J 89 -18.64 -8.72 16.62
C ARG J 89 -18.29 -9.58 17.83
N VAL J 90 -18.96 -10.73 17.93
CA VAL J 90 -18.83 -11.61 19.09
C VAL J 90 -18.44 -13.00 18.62
N ALA J 91 -17.41 -13.56 19.25
CA ALA J 91 -17.10 -14.99 19.20
C ALA J 91 -17.59 -15.59 20.51
N LEU J 92 -18.67 -16.37 20.44
CA LEU J 92 -19.30 -16.95 21.62
C LEU J 92 -18.65 -18.28 21.95
N LEU J 93 -18.29 -18.47 23.23
CA LEU J 93 -17.63 -19.69 23.68
C LEU J 93 -18.58 -20.47 24.58
N TRP J 94 -18.88 -21.69 24.19
CA TRP J 94 -19.84 -22.55 24.91
C TRP J 94 -19.07 -23.30 25.99
N PHE J 95 -19.23 -22.87 27.25
CA PHE J 95 -18.59 -23.56 28.37
C PHE J 95 -19.54 -24.67 28.82
N GLY J 96 -19.44 -25.81 28.13
CA GLY J 96 -20.35 -26.91 28.38
C GLY J 96 -19.74 -28.03 29.21
N SER J 97 -19.79 -29.26 28.67
CA SER J 97 -19.27 -30.40 29.42
C SER J 97 -17.78 -30.25 29.73
N TRP J 98 -17.03 -29.54 28.90
CA TRP J 98 -15.60 -29.43 29.04
C TRP J 98 -15.19 -27.96 29.10
N LYS J 99 -14.37 -27.63 30.08
CA LYS J 99 -13.64 -26.37 30.11
C LYS J 99 -12.28 -26.68 30.73
N ASN J 100 -11.23 -26.61 29.92
CA ASN J 100 -9.88 -26.96 30.36
C ASN J 100 -9.84 -28.41 30.84
N GLY J 101 -10.52 -29.29 30.09
CA GLY J 101 -10.49 -30.72 30.36
C GLY J 101 -11.28 -31.18 31.55
N GLN J 102 -12.24 -30.39 32.02
CA GLN J 102 -12.98 -30.67 33.25
C GLN J 102 -14.41 -30.14 33.12
N MET J 103 -15.23 -30.43 34.14
CA MET J 103 -16.67 -30.26 34.09
C MET J 103 -17.19 -29.24 35.10
N HIS J 104 -16.37 -28.24 35.46
CA HIS J 104 -16.75 -27.31 36.51
C HIS J 104 -17.88 -26.37 36.11
N TYR J 105 -18.12 -26.16 34.82
CA TYR J 105 -19.19 -25.26 34.39
C TYR J 105 -20.49 -25.99 34.10
N VAL J 106 -20.52 -27.29 34.33
CA VAL J 106 -21.72 -28.11 34.21
C VAL J 106 -22.73 -27.68 35.26
N PRO J 107 -24.03 -27.67 34.98
CA PRO J 107 -25.01 -27.13 35.96
C PRO J 107 -25.01 -27.88 37.29
N GLU J 108 -25.54 -27.21 38.31
CA GLU J 108 -25.54 -27.79 39.65
C GLU J 108 -26.32 -29.09 39.67
N TRP J 109 -27.46 -29.15 38.97
CA TRP J 109 -28.28 -30.35 39.01
C TRP J 109 -27.62 -31.55 38.33
N ILE J 110 -26.57 -31.36 37.54
CA ILE J 110 -25.76 -32.47 37.06
C ILE J 110 -24.66 -32.83 38.05
N LYS J 111 -24.05 -31.83 38.69
CA LYS J 111 -23.01 -32.11 39.68
C LYS J 111 -23.56 -32.92 40.84
N ARG J 112 -24.82 -32.67 41.22
CA ARG J 112 -25.46 -33.35 42.34
C ARG J 112 -25.87 -34.79 42.03
N ASP J 113 -25.72 -35.27 40.80
CA ASP J 113 -26.30 -36.54 40.39
C ASP J 113 -25.27 -37.35 39.58
N GLU J 114 -24.23 -37.81 40.26
CA GLU J 114 -23.25 -38.67 39.61
C GLU J 114 -23.87 -39.99 39.14
N ALA J 115 -25.00 -40.40 39.71
CA ALA J 115 -25.66 -41.60 39.23
C ALA J 115 -26.17 -41.42 37.81
N THR J 116 -26.99 -40.38 37.59
CA THR J 116 -27.49 -40.10 36.25
C THR J 116 -26.37 -39.68 35.31
N TYR J 117 -25.47 -38.83 35.79
CA TYR J 117 -24.41 -38.22 34.98
C TYR J 117 -23.07 -38.69 35.51
N PRO J 118 -22.56 -39.82 35.02
CA PRO J 118 -21.35 -40.41 35.61
C PRO J 118 -20.09 -39.68 35.20
N ARG J 119 -19.13 -39.69 36.11
CA ARG J 119 -17.81 -39.13 35.88
C ARG J 119 -16.86 -40.22 35.42
N MET J 120 -15.83 -39.81 34.68
CA MET J 120 -14.76 -40.72 34.32
C MET J 120 -14.09 -41.30 35.55
N ARG J 121 -13.69 -42.57 35.46
CA ARG J 121 -12.90 -43.22 36.48
C ARG J 121 -11.46 -43.38 35.99
N ASP J 122 -10.50 -43.04 36.85
CA ASP J 122 -9.08 -43.13 36.49
C ASP J 122 -8.58 -44.57 36.67
N ALA J 123 -7.28 -44.77 36.41
CA ALA J 123 -6.67 -46.10 36.47
C ALA J 123 -6.71 -46.73 37.87
N ASN J 124 -7.12 -46.00 38.90
CA ASN J 124 -7.30 -46.57 40.23
C ASN J 124 -8.77 -46.76 40.59
N GLY J 125 -9.69 -46.46 39.67
CA GLY J 125 -11.11 -46.54 39.93
C GLY J 125 -11.71 -45.33 40.59
N GLU J 126 -10.95 -44.28 40.76
CA GLU J 126 -11.33 -43.07 41.48
C GLU J 126 -11.94 -42.06 40.54
N PRO J 127 -13.05 -41.42 40.91
CA PRO J 127 -13.66 -40.41 40.03
C PRO J 127 -12.67 -39.28 39.75
N VAL J 128 -12.92 -38.57 38.65
CA VAL J 128 -12.22 -37.34 38.31
C VAL J 128 -13.26 -36.31 37.91
N ASP J 129 -12.81 -35.06 37.76
CA ASP J 129 -13.68 -33.94 37.43
C ASP J 129 -13.91 -33.85 35.92
N VAL J 130 -14.33 -34.96 35.34
CA VAL J 130 -14.65 -35.02 33.91
C VAL J 130 -15.90 -35.86 33.74
N LEU J 131 -16.83 -35.38 32.92
CA LEU J 131 -17.97 -36.21 32.55
C LEU J 131 -17.49 -37.37 31.70
N SER J 132 -18.13 -38.53 31.88
CA SER J 132 -17.77 -39.69 31.08
C SER J 132 -18.20 -39.49 29.64
N PRO J 133 -17.32 -39.72 28.67
CA PRO J 133 -17.72 -39.57 27.27
C PRO J 133 -18.50 -40.77 26.73
N HIS J 134 -18.82 -41.75 27.59
CA HIS J 134 -19.40 -43.01 27.16
C HIS J 134 -20.81 -43.24 27.69
N VAL J 135 -21.47 -42.23 28.25
CA VAL J 135 -22.80 -42.42 28.83
C VAL J 135 -23.77 -41.45 28.17
N ALA J 136 -24.87 -41.98 27.63
CA ALA J 136 -25.73 -41.20 26.75
C ALA J 136 -26.32 -39.99 27.45
N ALA J 137 -26.54 -40.09 28.75
CA ALA J 137 -27.19 -39.00 29.49
C ALA J 137 -26.36 -37.71 29.39
N ASN J 138 -25.03 -37.83 29.45
CA ASN J 138 -24.17 -36.65 29.46
C ASN J 138 -24.18 -35.95 28.10
N VAL J 139 -23.93 -36.69 27.02
CA VAL J 139 -23.85 -36.04 25.71
C VAL J 139 -25.21 -35.49 25.30
N GLN J 140 -26.29 -36.14 25.71
CA GLN J 140 -27.60 -35.63 25.33
C GLN J 140 -27.97 -34.38 26.12
N ALA J 141 -27.54 -34.28 27.37
CA ALA J 141 -27.78 -33.07 28.14
C ALA J 141 -27.04 -31.88 27.54
N ASP J 142 -25.74 -32.05 27.24
CA ASP J 142 -24.97 -31.01 26.57
C ASP J 142 -25.62 -30.62 25.23
N ALA J 143 -25.86 -31.61 24.37
CA ALA J 143 -26.40 -31.31 23.05
C ALA J 143 -27.77 -30.64 23.12
N ARG J 144 -28.57 -30.99 24.12
CA ARG J 144 -29.86 -30.34 24.30
C ARG J 144 -29.69 -28.87 24.65
N ALA J 145 -28.84 -28.58 25.65
CA ALA J 145 -28.63 -27.19 26.08
C ALA J 145 -28.00 -26.35 24.96
N PHE J 146 -27.07 -26.94 24.21
CA PHE J 146 -26.46 -26.21 23.10
C PHE J 146 -27.50 -25.88 22.04
N THR J 147 -28.41 -26.82 21.77
CA THR J 147 -29.50 -26.55 20.83
C THR J 147 -30.33 -25.35 21.29
N ALA J 148 -30.73 -25.36 22.55
CA ALA J 148 -31.46 -24.22 23.11
C ALA J 148 -30.69 -22.92 22.92
N LEU J 149 -29.38 -22.93 23.18
CA LEU J 149 -28.58 -21.72 23.01
C LEU J 149 -28.59 -21.25 21.56
N MET J 150 -28.32 -22.18 20.62
CA MET J 150 -28.29 -21.79 19.22
C MET J 150 -29.66 -21.33 18.75
N GLN J 151 -30.72 -22.01 19.19
CA GLN J 151 -32.05 -21.58 18.78
C GLN J 151 -32.32 -20.16 19.22
N HIS J 152 -31.96 -19.84 20.47
CA HIS J 152 -32.12 -18.46 20.95
C HIS J 152 -31.31 -17.48 20.13
N LEU J 153 -30.08 -17.89 19.74
CA LEU J 153 -29.23 -17.04 18.90
C LEU J 153 -29.89 -16.71 17.56
N ARG J 154 -30.52 -17.71 16.92
CA ARG J 154 -31.20 -17.45 15.66
C ARG J 154 -32.40 -16.52 15.85
N LYS J 155 -33.01 -16.55 17.03
CA LYS J 155 -34.19 -15.70 17.25
C LYS J 155 -33.80 -14.24 17.42
N ILE J 156 -32.78 -13.96 18.23
CA ILE J 156 -32.41 -12.58 18.50
C ILE J 156 -31.28 -12.08 17.59
N ASP J 157 -30.57 -12.95 16.90
CA ASP J 157 -29.43 -12.53 16.10
C ASP J 157 -29.45 -13.09 14.68
N GLY J 158 -30.57 -13.65 14.24
CA GLY J 158 -30.63 -14.22 12.90
C GLY J 158 -30.41 -13.21 11.78
N ASP J 159 -30.87 -11.97 11.97
CA ASP J 159 -30.74 -10.97 10.91
C ASP J 159 -29.45 -10.16 11.01
N ARG J 160 -29.06 -9.78 12.23
CA ARG J 160 -27.94 -8.89 12.49
C ARG J 160 -26.59 -9.59 12.43
N HIS J 161 -26.51 -10.83 12.94
CA HIS J 161 -25.30 -11.65 12.88
C HIS J 161 -24.15 -11.04 13.70
N THR J 162 -24.49 -10.56 14.89
CA THR J 162 -23.49 -10.03 15.81
C THR J 162 -22.52 -11.13 16.23
N VAL J 163 -23.05 -12.28 16.61
CA VAL J 163 -22.24 -13.47 16.87
C VAL J 163 -21.80 -14.02 15.53
N ILE J 164 -20.50 -14.26 15.40
CA ILE J 164 -19.89 -14.55 14.13
C ILE J 164 -19.37 -15.98 14.03
N VAL J 165 -18.89 -16.55 15.15
CA VAL J 165 -18.45 -17.93 15.24
C VAL J 165 -18.81 -18.40 16.64
N VAL J 166 -18.94 -19.70 16.83
CA VAL J 166 -19.20 -20.23 18.16
C VAL J 166 -18.18 -21.32 18.45
N GLN J 167 -17.56 -21.25 19.61
CA GLN J 167 -16.64 -22.28 20.07
C GLN J 167 -17.44 -23.33 20.84
N VAL J 168 -17.35 -24.58 20.40
CA VAL J 168 -18.07 -25.68 21.04
C VAL J 168 -17.14 -26.33 22.05
N GLU J 169 -17.53 -26.28 23.32
CA GLU J 169 -16.67 -26.64 24.46
C GLU J 169 -15.47 -25.69 24.57
N ASN J 170 -14.53 -26.04 25.44
CA ASN J 170 -13.34 -25.19 25.62
C ASN J 170 -12.19 -26.06 26.06
N GLU J 171 -11.18 -26.21 25.19
CA GLU J 171 -10.05 -27.10 25.41
C GLU J 171 -10.58 -28.43 25.95
N PRO J 172 -11.35 -29.15 25.15
CA PRO J 172 -11.96 -30.39 25.63
C PRO J 172 -10.91 -31.49 25.74
N GLY J 173 -11.33 -32.61 26.35
CA GLY J 173 -10.46 -33.70 26.75
C GLY J 173 -10.55 -33.95 28.24
N ALA J 174 -9.67 -34.80 28.73
CA ALA J 174 -9.71 -35.26 30.13
C ALA J 174 -8.45 -34.87 30.87
N ILE J 175 -8.63 -34.33 32.08
CA ILE J 175 -7.55 -34.09 33.04
C ILE J 175 -7.75 -35.04 34.22
N GLY J 176 -6.74 -35.87 34.51
CA GLY J 176 -6.78 -36.79 35.64
C GLY J 176 -6.74 -38.25 35.26
N THR J 177 -6.77 -38.56 33.96
CA THR J 177 -6.76 -39.93 33.47
C THR J 177 -6.63 -39.84 31.96
N VAL J 178 -6.08 -40.89 31.36
CA VAL J 178 -5.97 -40.93 29.91
C VAL J 178 -7.26 -41.42 29.28
N ARG J 179 -7.93 -42.39 29.90
CA ARG J 179 -9.20 -42.89 29.38
C ARG J 179 -10.10 -43.33 30.52
N ASP J 180 -11.40 -43.42 30.20
CA ASP J 180 -12.42 -43.81 31.18
C ASP J 180 -12.26 -45.28 31.53
N HIS J 181 -12.25 -45.59 32.82
CA HIS J 181 -12.17 -46.97 33.27
C HIS J 181 -13.46 -47.42 33.95
N GLY J 182 -14.51 -46.62 33.88
CA GLY J 182 -15.83 -47.06 34.24
C GLY J 182 -16.28 -48.20 33.35
N PRO J 183 -17.36 -48.87 33.76
CA PRO J 183 -17.83 -50.03 32.98
C PRO J 183 -18.10 -49.71 31.52
N ALA J 184 -18.86 -48.64 31.24
CA ALA J 184 -19.11 -48.25 29.86
C ALA J 184 -17.81 -48.09 29.07
N GLY J 185 -16.86 -47.36 29.66
CA GLY J 185 -15.62 -47.06 28.93
C GLY J 185 -14.76 -48.28 28.71
N GLU J 186 -14.61 -49.12 29.73
CA GLU J 186 -13.86 -50.36 29.59
C GLU J 186 -14.46 -51.23 28.49
N ALA J 187 -15.78 -51.24 28.38
CA ALA J 187 -16.45 -52.02 27.34
C ALA J 187 -16.05 -51.52 25.95
N ALA J 188 -16.28 -50.23 25.69
CA ALA J 188 -15.97 -49.67 24.38
C ALA J 188 -14.49 -49.84 24.05
N PHE J 189 -13.62 -49.73 25.05
CA PHE J 189 -12.20 -49.89 24.78
C PHE J 189 -11.85 -51.32 24.41
N ALA J 190 -12.67 -52.31 24.79
CA ALA J 190 -12.47 -53.67 24.33
C ALA J 190 -12.96 -53.91 22.91
N GLN J 191 -13.78 -53.00 22.37
CA GLN J 191 -14.33 -53.11 21.04
C GLN J 191 -13.32 -52.62 19.99
N PRO J 192 -13.47 -53.03 18.74
CA PRO J 192 -12.53 -52.61 17.70
C PRO J 192 -12.82 -51.18 17.27
N VAL J 193 -11.87 -50.63 16.54
CA VAL J 193 -12.01 -49.26 16.08
C VAL J 193 -13.14 -49.17 15.05
N PRO J 194 -14.05 -48.21 15.17
CA PRO J 194 -15.10 -48.05 14.15
C PRO J 194 -14.52 -48.02 12.74
N ALA J 195 -15.21 -48.71 11.82
CA ALA J 195 -14.66 -48.94 10.50
C ALA J 195 -14.52 -47.64 9.71
N ALA J 196 -15.52 -46.76 9.80
CA ALA J 196 -15.40 -45.47 9.12
C ALA J 196 -14.15 -44.72 9.59
N ILE J 197 -13.78 -44.90 10.86
CA ILE J 197 -12.57 -44.28 11.36
C ILE J 197 -11.34 -44.90 10.71
N ALA J 198 -11.23 -46.23 10.77
CA ALA J 198 -10.05 -46.91 10.22
C ALA J 198 -9.90 -46.65 8.72
N ALA J 199 -11.02 -46.47 8.02
CA ALA J 199 -10.95 -46.18 6.59
C ALA J 199 -10.48 -44.76 6.34
N ALA J 200 -11.11 -43.79 7.01
CA ALA J 200 -10.72 -42.39 6.88
C ALA J 200 -9.23 -42.15 7.14
N LEU J 201 -8.59 -43.02 7.94
CA LEU J 201 -7.18 -42.90 8.24
C LEU J 201 -6.30 -43.80 7.36
N GLY J 202 -6.89 -44.46 6.37
CA GLY J 202 -6.14 -45.37 5.51
C GLY J 202 -5.58 -46.57 6.24
N LYS J 203 -6.34 -47.13 7.19
CA LYS J 203 -5.86 -48.21 8.04
C LYS J 203 -6.71 -49.45 7.88
N PRO J 204 -6.15 -50.64 8.11
CA PRO J 204 -7.01 -51.84 8.20
C PRO J 204 -7.88 -51.80 9.45
N ALA J 205 -8.81 -52.76 9.54
CA ALA J 205 -9.54 -52.96 10.77
C ALA J 205 -8.63 -53.56 11.84
N GLY J 206 -9.05 -53.44 13.09
CA GLY J 206 -8.30 -53.96 14.22
C GLY J 206 -8.74 -53.34 15.53
N SER J 207 -7.90 -53.55 16.56
CA SER J 207 -8.11 -53.06 17.93
C SER J 207 -7.28 -51.80 18.17
N TRP J 208 -7.72 -50.96 19.10
CA TRP J 208 -7.02 -49.71 19.32
C TRP J 208 -5.51 -49.94 19.42
N GLN J 209 -5.11 -51.00 20.15
CA GLN J 209 -3.68 -51.30 20.29
C GLN J 209 -3.06 -51.60 18.94
N GLN J 210 -3.81 -52.28 18.07
CA GLN J 210 -3.24 -52.69 16.78
C GLN J 210 -3.14 -51.53 15.78
N LEU J 211 -3.98 -50.51 15.90
CA LEU J 211 -3.93 -49.34 15.00
C LEU J 211 -3.11 -48.16 15.55
N PHE J 212 -2.89 -48.10 16.85
CA PHE J 212 -2.26 -46.92 17.40
C PHE J 212 -1.15 -47.23 18.39
N GLY J 213 -0.81 -48.50 18.61
CA GLY J 213 0.36 -48.81 19.42
C GLY J 213 0.24 -48.25 20.82
N ALA J 214 1.34 -47.66 21.31
CA ALA J 214 1.39 -47.13 22.66
C ALA J 214 0.38 -46.02 22.89
N GLU J 215 -0.14 -45.41 21.82
CA GLU J 215 -1.14 -44.36 21.93
C GLU J 215 -2.57 -44.90 21.87
N ALA J 216 -2.77 -46.18 22.19
CA ALA J 216 -4.11 -46.76 22.09
C ALA J 216 -5.09 -46.06 23.02
N ALA J 217 -4.74 -45.96 24.30
CA ALA J 217 -5.67 -45.37 25.27
C ALA J 217 -5.92 -43.90 24.99
N GLU J 218 -4.91 -43.18 24.47
CA GLU J 218 -5.11 -41.77 24.15
C GLU J 218 -5.97 -41.60 22.91
N ALA J 219 -5.65 -42.35 21.84
CA ALA J 219 -6.44 -42.26 20.62
C ALA J 219 -7.90 -42.65 20.88
N PHE J 220 -8.12 -43.62 21.76
CA PHE J 220 -9.47 -44.05 22.10
C PHE J 220 -10.26 -42.93 22.77
N ASN J 221 -9.64 -42.23 23.74
CA ASN J 221 -10.34 -41.12 24.38
C ASN J 221 -10.48 -39.95 23.44
N ALA J 222 -9.46 -39.69 22.61
CA ALA J 222 -9.55 -38.63 21.63
C ALA J 222 -10.79 -38.80 20.76
N HIS J 223 -11.02 -40.02 20.27
CA HIS J 223 -12.21 -40.32 19.48
C HIS J 223 -13.47 -40.17 20.32
N ALA J 224 -13.49 -40.79 21.51
CA ALA J 224 -14.62 -40.65 22.40
C ALA J 224 -15.01 -39.19 22.60
N THR J 225 -14.00 -38.31 22.83
CA THR J 225 -14.28 -36.89 23.02
C THR J 225 -14.74 -36.24 21.72
N ALA J 226 -14.11 -36.58 20.60
CA ALA J 226 -14.51 -35.99 19.32
C ALA J 226 -15.93 -36.41 18.93
N ALA J 227 -16.27 -37.69 19.14
CA ALA J 227 -17.62 -38.14 18.76
C ALA J 227 -18.68 -37.55 19.68
N TYR J 228 -18.35 -37.40 20.97
CA TYR J 228 -19.20 -36.66 21.90
C TYR J 228 -19.51 -35.26 21.37
N ILE J 229 -18.46 -34.53 20.96
CA ILE J 229 -18.61 -33.13 20.54
C ILE J 229 -19.33 -33.04 19.21
N GLU J 230 -19.07 -34.00 18.31
CA GLU J 230 -19.81 -34.07 17.04
C GLU J 230 -21.31 -34.10 17.28
N GLN J 231 -21.74 -34.92 18.25
CA GLN J 231 -23.16 -34.96 18.59
C GLN J 231 -23.66 -33.58 18.98
N VAL J 232 -22.94 -32.89 19.88
CA VAL J 232 -23.33 -31.54 20.28
C VAL J 232 -23.31 -30.58 19.09
N ALA J 233 -22.25 -30.66 18.28
CA ALA J 233 -22.08 -29.70 17.19
C ALA J 233 -23.16 -29.87 16.12
N ALA J 234 -23.48 -31.11 15.75
CA ALA J 234 -24.53 -31.32 14.76
C ALA J 234 -25.87 -30.80 15.26
N ALA J 235 -26.20 -31.10 16.53
CA ALA J 235 -27.42 -30.58 17.14
C ALA J 235 -27.47 -29.06 17.05
N GLY J 236 -26.34 -28.39 17.23
CA GLY J 236 -26.32 -26.95 17.09
C GLY J 236 -26.47 -26.51 15.64
N LYS J 237 -25.86 -27.25 14.72
CA LYS J 237 -25.96 -26.93 13.29
C LYS J 237 -27.41 -26.96 12.82
N ARG J 238 -28.19 -27.92 13.33
CA ARG J 238 -29.59 -28.02 12.91
C ARG J 238 -30.39 -26.80 13.34
N ALA J 239 -30.09 -26.25 14.52
CA ALA J 239 -30.81 -25.06 14.98
C ALA J 239 -30.40 -23.82 14.19
N TYR J 240 -29.09 -23.62 14.02
CA TYR J 240 -28.53 -22.38 13.51
C TYR J 240 -27.10 -22.61 13.05
N PRO J 241 -26.86 -22.90 11.75
CA PRO J 241 -25.55 -23.42 11.32
C PRO J 241 -24.48 -22.35 11.14
N LEU J 242 -24.18 -21.65 12.25
CA LEU J 242 -23.04 -20.76 12.34
C LEU J 242 -21.74 -21.57 12.26
N PRO J 243 -20.63 -20.92 11.93
CA PRO J 243 -19.34 -21.62 11.98
C PRO J 243 -18.99 -22.04 13.41
N LEU J 244 -18.51 -23.26 13.54
CA LEU J 244 -18.19 -23.87 14.83
C LEU J 244 -16.73 -24.30 14.85
N TYR J 245 -16.05 -24.03 15.97
CA TYR J 245 -14.67 -24.45 16.16
C TYR J 245 -14.47 -24.95 17.57
N VAL J 246 -13.36 -25.68 17.77
CA VAL J 246 -12.91 -26.07 19.10
C VAL J 246 -11.46 -25.62 19.27
N ASN J 247 -11.14 -25.12 20.48
CA ASN J 247 -9.83 -24.62 20.82
C ASN J 247 -9.07 -25.70 21.60
N THR J 248 -7.75 -25.69 21.46
CA THR J 248 -6.92 -26.82 21.86
C THR J 248 -5.89 -26.40 22.89
N TRP J 249 -5.89 -27.12 24.02
CA TRP J 249 -4.77 -27.11 24.96
C TRP J 249 -3.71 -28.05 24.38
N LEU J 250 -2.61 -27.48 23.91
CA LEU J 250 -1.75 -28.15 22.93
C LEU J 250 -0.77 -29.12 23.58
N ARG J 251 -0.23 -30.01 22.73
CA ARG J 251 0.93 -30.83 23.04
C ARG J 251 2.15 -30.12 22.48
N TYR J 252 2.73 -29.24 23.30
CA TYR J 252 3.85 -28.38 22.92
C TYR J 252 4.67 -28.11 24.17
N LYS J 253 5.80 -27.40 24.02
CA LYS J 253 6.70 -27.07 25.13
C LYS J 253 7.05 -28.28 25.98
N GLY J 254 7.24 -29.43 25.36
CA GLY J 254 7.68 -30.57 26.13
C GLY J 254 6.61 -31.29 26.93
N LYS J 255 5.37 -30.82 26.90
CA LYS J 255 4.27 -31.56 27.51
C LYS J 255 4.13 -32.92 26.82
N ARG J 256 4.22 -33.99 27.61
CA ARG J 256 4.29 -35.35 27.09
C ARG J 256 3.31 -36.32 27.76
N TYR J 257 2.57 -35.89 28.78
CA TYR J 257 1.75 -36.79 29.59
C TYR J 257 0.27 -36.44 29.43
N PRO J 258 -0.46 -37.13 28.57
CA PRO J 258 -1.90 -36.87 28.47
C PRO J 258 -2.57 -37.16 29.80
N GLY J 259 -3.51 -36.31 30.18
CA GLY J 259 -4.19 -36.42 31.43
C GLY J 259 -3.66 -35.49 32.51
N MET J 260 -2.35 -35.20 32.50
CA MET J 260 -1.80 -34.24 33.45
C MET J 260 -1.11 -33.05 32.79
N ASP J 261 -0.33 -33.26 31.71
CA ASP J 261 0.26 -32.14 30.98
C ASP J 261 -0.77 -31.38 30.17
N TYR J 262 -1.76 -32.07 29.63
CA TYR J 262 -2.75 -31.53 28.71
C TYR J 262 -3.93 -32.47 28.72
N PRO J 263 -5.14 -31.99 28.40
CA PRO J 263 -6.30 -32.88 28.43
C PRO J 263 -6.14 -34.02 27.44
N SER J 264 -6.15 -35.25 27.96
CA SER J 264 -6.03 -36.42 27.11
C SER J 264 -7.23 -36.50 26.19
N GLY J 265 -7.00 -36.41 24.89
CA GLY J 265 -8.05 -36.52 23.92
C GLY J 265 -8.51 -35.24 23.27
N GLY J 266 -7.85 -34.12 23.53
CA GLY J 266 -8.11 -32.91 22.79
C GLY J 266 -7.64 -33.06 21.35
N ALA J 267 -7.82 -31.98 20.57
CA ALA J 267 -7.42 -32.01 19.17
C ALA J 267 -5.93 -31.78 19.03
N THR J 268 -5.14 -32.59 19.74
CA THR J 268 -3.70 -32.43 19.76
C THR J 268 -3.08 -32.97 18.47
N VAL J 269 -1.83 -32.58 18.23
CA VAL J 269 -1.17 -32.84 16.95
C VAL J 269 -1.05 -34.34 16.70
N ASN J 270 -0.85 -35.14 17.75
CA ASN J 270 -0.64 -36.57 17.58
C ASN J 270 -1.91 -37.33 17.25
N VAL J 271 -3.09 -36.72 17.34
CA VAL J 271 -4.35 -37.40 17.05
C VAL J 271 -5.21 -36.55 16.10
N PHE J 272 -4.62 -35.54 15.47
CA PHE J 272 -5.42 -34.55 14.75
C PHE J 272 -6.34 -35.18 13.71
N ALA J 273 -5.77 -35.96 12.77
CA ALA J 273 -6.57 -36.52 11.68
C ALA J 273 -7.70 -37.41 12.20
N LEU J 274 -7.40 -38.25 13.19
CA LEU J 274 -8.45 -39.01 13.87
C LEU J 274 -9.52 -38.09 14.43
N TRP J 275 -9.10 -37.03 15.11
CA TRP J 275 -10.06 -36.14 15.77
C TRP J 275 -10.98 -35.49 14.76
N ARG J 276 -10.44 -35.08 13.61
CA ARG J 276 -11.24 -34.41 12.58
C ARG J 276 -12.15 -35.38 11.86
N ALA J 277 -11.68 -36.61 11.65
CA ALA J 277 -12.52 -37.64 11.03
C ALA J 277 -13.85 -37.79 11.76
N ALA J 278 -13.85 -37.66 13.08
CA ALA J 278 -15.05 -37.84 13.90
C ALA J 278 -15.92 -36.59 14.04
N THR J 279 -15.55 -35.45 13.44
CA THR J 279 -16.23 -34.19 13.71
C THR J 279 -16.47 -33.39 12.43
N PRO J 280 -17.33 -33.89 11.54
CA PRO J 280 -17.67 -33.08 10.36
C PRO J 280 -18.50 -31.84 10.70
N SER J 281 -19.17 -31.82 11.84
CA SER J 281 -19.93 -30.64 12.24
C SER J 281 -19.07 -29.53 12.84
N ILE J 282 -17.77 -29.76 13.00
CA ILE J 282 -16.83 -28.73 13.46
C ILE J 282 -16.04 -28.24 12.24
N ASP J 283 -16.00 -26.92 12.04
CA ASP J 283 -15.43 -26.37 10.82
C ASP J 283 -13.92 -26.20 10.89
N PHE J 284 -13.37 -25.73 12.03
CA PHE J 284 -11.93 -25.58 12.14
C PHE J 284 -11.50 -25.71 13.60
N ILE J 285 -10.18 -25.67 13.81
CA ILE J 285 -9.56 -25.90 15.12
C ILE J 285 -8.69 -24.70 15.47
N GLY J 286 -8.81 -24.23 16.71
CA GLY J 286 -7.97 -23.14 17.21
C GLY J 286 -6.85 -23.61 18.12
N THR J 287 -5.68 -23.02 17.94
CA THR J 287 -4.54 -23.24 18.81
C THR J 287 -4.47 -22.16 19.89
N ASP J 288 -4.26 -22.58 21.13
CA ASP J 288 -4.07 -21.68 22.27
C ASP J 288 -2.59 -21.72 22.60
N ILE J 289 -1.83 -20.74 22.09
CA ILE J 289 -0.38 -20.73 22.16
C ILE J 289 0.05 -19.78 23.28
N TYR J 290 0.62 -20.33 24.34
CA TYR J 290 1.09 -19.56 25.48
C TYR J 290 2.61 -19.64 25.56
N THR J 291 3.25 -19.13 24.53
CA THR J 291 4.69 -18.97 24.54
C THR J 291 5.04 -17.77 23.70
N SER J 292 6.23 -17.25 23.93
CA SER J 292 6.78 -16.15 23.16
C SER J 292 7.93 -16.59 22.27
N ASP J 293 8.42 -17.81 22.45
CA ASP J 293 9.59 -18.28 21.72
C ASP J 293 9.27 -18.46 20.24
N TYR J 294 10.14 -17.91 19.38
CA TYR J 294 9.91 -17.96 17.94
C TYR J 294 9.78 -19.40 17.44
N GLY J 295 10.74 -20.26 17.78
CA GLY J 295 10.76 -21.61 17.25
C GLY J 295 9.52 -22.39 17.62
N GLU J 296 9.06 -22.28 18.87
CA GLU J 296 7.90 -23.03 19.32
C GLU J 296 6.62 -22.45 18.74
N TYR J 297 6.49 -21.12 18.72
CA TYR J 297 5.32 -20.50 18.12
C TYR J 297 5.19 -20.91 16.66
N THR J 298 6.26 -20.69 15.90
CA THR J 298 6.29 -21.09 14.50
C THR J 298 5.99 -22.57 14.32
N LYS J 299 6.51 -23.42 15.21
CA LYS J 299 6.34 -24.86 15.05
C LYS J 299 4.87 -25.27 15.17
N VAL J 300 4.17 -24.72 16.17
CA VAL J 300 2.76 -25.02 16.35
C VAL J 300 1.95 -24.58 15.13
N ILE J 301 2.19 -23.35 14.66
CA ILE J 301 1.43 -22.87 13.50
C ILE J 301 1.66 -23.78 12.31
N GLY J 302 2.91 -24.20 12.10
CA GLY J 302 3.18 -25.17 11.04
C GLY J 302 2.36 -26.44 11.17
N GLN J 303 2.13 -26.89 12.41
CA GLN J 303 1.37 -28.11 12.64
C GLN J 303 -0.12 -27.94 12.28
N TYR J 304 -0.71 -26.78 12.58
CA TYR J 304 -2.15 -26.62 12.43
C TYR J 304 -2.55 -25.87 11.17
N ALA J 305 -1.60 -25.29 10.44
CA ALA J 305 -1.87 -24.68 9.14
C ALA J 305 -1.74 -25.77 8.07
N ARG J 306 -2.86 -26.38 7.72
CA ARG J 306 -2.94 -27.55 6.88
C ARG J 306 -3.92 -27.31 5.74
N PRO J 307 -3.88 -28.14 4.68
CA PRO J 307 -4.96 -28.08 3.67
C PRO J 307 -6.34 -28.20 4.28
N ASP J 308 -6.50 -28.98 5.35
CA ASP J 308 -7.81 -29.22 5.96
C ASP J 308 -8.01 -28.41 7.23
N ASN J 309 -7.19 -27.37 7.47
CA ASN J 309 -7.36 -26.51 8.62
C ASN J 309 -6.59 -25.21 8.50
N PRO J 310 -7.22 -24.07 8.80
CA PRO J 310 -6.50 -22.80 8.74
C PRO J 310 -5.76 -22.49 10.04
N ALA J 311 -4.65 -21.76 9.91
CA ALA J 311 -4.08 -21.12 11.07
C ALA J 311 -5.14 -20.24 11.71
N TRP J 312 -5.27 -20.34 13.03
CA TRP J 312 -6.27 -19.58 13.79
C TRP J 312 -5.86 -19.61 15.24
N VAL J 313 -5.34 -18.49 15.74
CA VAL J 313 -4.92 -18.37 17.13
C VAL J 313 -6.16 -17.93 17.92
N SER J 314 -6.83 -18.91 18.52
CA SER J 314 -7.99 -18.64 19.39
C SER J 314 -7.58 -18.06 20.74
N GLU J 315 -6.35 -18.30 21.19
CA GLU J 315 -5.81 -17.70 22.41
C GLU J 315 -4.30 -17.56 22.28
N THR J 316 -3.79 -16.41 22.71
CA THR J 316 -2.35 -16.24 22.95
C THR J 316 -2.19 -15.34 24.18
N GLY J 317 -0.99 -15.36 24.75
CA GLY J 317 -0.77 -14.62 25.99
C GLY J 317 -0.83 -13.11 25.77
N PHE J 318 -1.40 -12.40 26.75
CA PHE J 318 -1.58 -10.95 26.67
C PHE J 318 -0.31 -10.29 27.20
N GLU J 319 0.69 -10.24 26.33
CA GLU J 319 1.96 -9.60 26.67
C GLU J 319 2.51 -9.01 25.38
N ALA J 320 3.38 -8.00 25.56
CA ALA J 320 3.95 -7.30 24.41
C ALA J 320 4.70 -8.25 23.48
N ALA J 321 5.41 -9.24 24.04
CA ALA J 321 6.30 -10.10 23.28
C ALA J 321 5.58 -11.00 22.27
N THR J 322 4.25 -11.04 22.31
CA THR J 322 3.44 -11.88 21.45
C THR J 322 2.80 -11.11 20.30
N ALA J 323 2.97 -9.79 20.27
CA ALA J 323 2.40 -8.95 19.21
C ALA J 323 2.99 -9.23 17.82
N PRO J 324 4.29 -9.48 17.67
CA PRO J 324 4.81 -9.80 16.33
C PRO J 324 4.11 -10.97 15.65
N TYR J 325 3.69 -11.99 16.41
CA TYR J 325 3.15 -13.21 15.80
C TYR J 325 1.81 -13.01 15.11
N LEU J 326 1.11 -11.89 15.34
CA LEU J 326 -0.06 -11.60 14.50
C LEU J 326 0.32 -11.61 13.03
N PHE J 327 1.50 -11.06 12.70
CA PHE J 327 1.94 -11.00 11.31
C PHE J 327 2.43 -12.36 10.81
N HIS J 328 3.09 -13.14 11.66
CA HIS J 328 3.40 -14.50 11.26
C HIS J 328 2.14 -15.27 10.91
N VAL J 329 1.16 -15.27 11.81
CA VAL J 329 -0.06 -16.06 11.61
C VAL J 329 -0.75 -15.65 10.30
N LEU J 330 -0.92 -14.35 10.07
CA LEU J 330 -1.49 -13.91 8.81
C LEU J 330 -0.68 -14.43 7.63
N GLY J 331 0.65 -14.38 7.72
CA GLY J 331 1.54 -14.86 6.68
C GLY J 331 1.48 -16.37 6.43
N GLN J 332 0.84 -17.14 7.31
CA GLN J 332 0.53 -18.53 7.04
C GLN J 332 -0.93 -18.71 6.64
N GLY J 333 -1.52 -17.67 6.06
CA GLY J 333 -2.92 -17.66 5.67
C GLY J 333 -3.90 -17.70 6.81
N GLY J 334 -3.50 -17.33 8.01
CA GLY J 334 -4.37 -17.48 9.17
C GLY J 334 -5.55 -16.52 9.10
N ILE J 335 -6.68 -16.97 9.65
CA ILE J 335 -7.92 -16.19 9.59
C ILE J 335 -8.11 -15.25 10.77
N GLY J 336 -7.27 -15.35 11.81
CA GLY J 336 -7.44 -14.44 12.92
C GLY J 336 -6.50 -14.76 14.07
N PHE J 337 -6.58 -13.88 15.07
CA PHE J 337 -5.57 -13.81 16.13
C PHE J 337 -6.20 -13.19 17.36
N SER J 338 -6.00 -13.82 18.53
CA SER J 338 -6.73 -13.47 19.74
C SER J 338 -5.77 -13.39 20.93
N VAL J 339 -5.86 -12.30 21.70
CA VAL J 339 -5.14 -12.21 22.98
C VAL J 339 -6.12 -12.51 24.10
N PHE J 340 -5.63 -13.18 25.16
CA PHE J 340 -6.50 -13.72 26.20
C PHE J 340 -6.35 -12.98 27.52
N GLY J 341 -7.48 -12.72 28.19
CA GLY J 341 -7.49 -12.14 29.53
C GLY J 341 -7.03 -10.70 29.57
N ILE J 342 -7.81 -9.79 29.01
CA ILE J 342 -7.35 -8.42 28.84
C ILE J 342 -7.92 -7.47 29.88
N ASP J 343 -8.99 -7.85 30.56
CA ASP J 343 -9.83 -6.92 31.30
C ASP J 343 -9.50 -6.97 32.79
N GLY J 344 -9.28 -5.80 33.38
CA GLY J 344 -9.22 -5.71 34.82
C GLY J 344 -7.94 -6.21 35.47
N ASN J 345 -6.84 -6.25 34.74
CA ASN J 345 -5.61 -6.75 35.32
C ASN J 345 -5.01 -5.71 36.28
N PRO J 346 -4.28 -6.17 37.30
CA PRO J 346 -3.54 -5.23 38.15
C PRO J 346 -2.57 -4.40 37.32
N ASP J 347 -2.57 -3.09 37.56
CA ASP J 347 -1.74 -2.20 36.76
C ASP J 347 -0.27 -2.53 36.93
N SER J 348 0.45 -2.63 35.81
CA SER J 348 1.88 -2.88 35.86
C SER J 348 2.50 -2.44 34.54
N GLY J 349 3.82 -2.29 34.58
CA GLY J 349 4.55 -2.04 33.36
C GLY J 349 4.29 -3.08 32.29
N ALA J 350 4.24 -4.36 32.69
CA ALA J 350 3.99 -5.43 31.73
C ALA J 350 2.60 -5.30 31.11
N ASN J 351 1.59 -5.02 31.94
CA ASN J 351 0.23 -4.97 31.42
C ASN J 351 0.00 -3.75 30.54
N ARG J 352 0.62 -2.62 30.88
CA ARG J 352 0.48 -1.45 30.02
C ARG J 352 1.21 -1.65 28.70
N ALA J 353 2.33 -2.38 28.73
CA ALA J 353 3.05 -2.66 27.50
C ALA J 353 2.27 -3.63 26.61
N ALA J 354 1.49 -4.53 27.22
CA ALA J 354 0.65 -5.43 26.44
C ALA J 354 -0.48 -4.67 25.77
N ILE J 355 -1.12 -3.75 26.48
CA ILE J 355 -2.17 -2.94 25.90
C ILE J 355 -1.63 -2.14 24.72
N ALA J 356 -0.52 -1.45 24.92
CA ALA J 356 0.01 -0.55 23.90
C ALA J 356 0.46 -1.33 22.67
N ALA J 357 1.06 -2.50 22.87
CA ALA J 357 1.57 -3.27 21.74
C ALA J 357 0.45 -3.90 20.93
N HIS J 358 -0.56 -4.46 21.61
CA HIS J 358 -1.66 -5.08 20.88
C HIS J 358 -2.66 -4.06 20.36
N ALA J 359 -2.84 -2.94 21.04
CA ALA J 359 -3.69 -1.91 20.45
C ALA J 359 -3.08 -1.39 19.16
N ALA J 360 -1.76 -1.16 19.16
CA ALA J 360 -1.10 -0.61 17.98
C ALA J 360 -1.41 -1.42 16.72
N ASN J 361 -1.13 -2.73 16.73
CA ASN J 361 -1.27 -3.37 15.44
C ASN J 361 -2.74 -3.67 15.10
N PHE J 362 -3.63 -3.88 16.09
CA PHE J 362 -5.05 -3.91 15.76
C PHE J 362 -5.50 -2.57 15.19
N ARG J 363 -4.95 -1.46 15.71
CA ARG J 363 -5.26 -0.16 15.14
C ARG J 363 -4.66 -0.02 13.74
N GLN J 364 -3.49 -0.62 13.50
CA GLN J 364 -2.88 -0.58 12.18
C GLN J 364 -3.69 -1.38 11.18
N LEU J 365 -4.13 -2.58 11.57
CA LEU J 365 -4.70 -3.54 10.63
C LEU J 365 -6.23 -3.51 10.53
N ALA J 366 -6.93 -3.02 11.55
CA ALA J 366 -8.40 -3.00 11.48
C ALA J 366 -8.94 -2.29 10.24
N PRO J 367 -8.47 -1.10 9.84
CA PRO J 367 -9.03 -0.47 8.63
C PRO J 367 -8.62 -1.16 7.35
N LEU J 368 -7.85 -2.25 7.44
CA LEU J 368 -7.35 -2.99 6.29
C LEU J 368 -7.81 -4.44 6.30
N GLN J 369 -8.64 -4.84 7.26
CA GLN J 369 -8.85 -6.26 7.50
C GLN J 369 -9.59 -6.93 6.35
N ARG J 370 -10.51 -6.21 5.70
CA ARG J 370 -11.21 -6.79 4.56
C ARG J 370 -10.25 -7.01 3.39
N LEU J 371 -9.42 -6.00 3.09
CA LEU J 371 -8.41 -6.18 2.04
C LEU J 371 -7.47 -7.32 2.37
N ILE J 372 -7.08 -7.45 3.65
CA ILE J 372 -6.13 -8.48 4.05
C ILE J 372 -6.76 -9.86 3.91
N ALA J 373 -8.00 -9.99 4.38
CA ALA J 373 -8.66 -11.30 4.38
C ALA J 373 -8.91 -11.78 2.97
N GLN J 374 -9.24 -10.86 2.05
CA GLN J 374 -9.44 -11.25 0.66
C GLN J 374 -8.11 -11.57 -0.01
N ALA J 375 -7.07 -10.78 0.27
CA ALA J 375 -5.74 -11.09 -0.22
C ALA J 375 -5.29 -12.46 0.27
N ASN J 376 -5.58 -12.78 1.52
CA ASN J 376 -5.12 -14.04 2.09
C ASN J 376 -5.80 -15.23 1.44
N LEU J 377 -7.09 -15.10 1.11
CA LEU J 377 -7.79 -16.20 0.44
C LEU J 377 -7.26 -16.39 -0.97
N ASP J 378 -6.92 -15.31 -1.66
CA ASP J 378 -6.41 -15.36 -3.04
C ASP J 378 -4.95 -15.76 -3.12
N GLY J 379 -4.29 -16.06 -1.99
CA GLY J 379 -2.87 -16.33 -2.03
C GLY J 379 -1.98 -15.14 -2.34
N ARG J 380 -2.49 -13.93 -2.17
CA ARG J 380 -1.79 -12.70 -2.54
C ARG J 380 -1.17 -11.97 -1.36
N LEU J 381 -1.15 -12.57 -0.18
CA LEU J 381 -0.67 -11.92 1.05
C LEU J 381 0.51 -12.68 1.63
N GLN J 382 1.58 -11.95 1.95
CA GLN J 382 2.73 -12.50 2.67
C GLN J 382 3.06 -11.60 3.86
N ALA J 383 3.44 -12.22 4.97
CA ALA J 383 3.63 -11.48 6.21
C ALA J 383 4.56 -12.29 7.12
N VAL J 384 5.43 -11.56 7.81
CA VAL J 384 6.54 -12.16 8.53
C VAL J 384 6.71 -11.50 9.89
N ALA J 385 7.17 -12.30 10.85
CA ALA J 385 7.58 -11.82 12.15
C ALA J 385 9.08 -12.00 12.30
N GLU J 386 9.71 -11.09 13.04
CA GLU J 386 11.17 -11.11 13.17
C GLU J 386 11.65 -12.31 13.94
N GLN J 387 12.65 -13.01 13.39
CA GLN J 387 13.28 -14.15 14.06
C GLN J 387 14.61 -13.74 14.68
N PRO J 388 14.86 -14.04 15.96
CA PRO J 388 16.09 -13.56 16.59
C PRO J 388 17.38 -13.96 15.88
N GLY J 389 17.53 -15.20 15.46
CA GLY J 389 18.81 -15.52 14.85
C GLY J 389 19.02 -15.01 13.44
N ALA J 390 17.95 -14.59 12.78
CA ALA J 390 17.96 -14.39 11.34
C ALA J 390 17.21 -13.13 10.98
N PRO J 391 17.88 -11.99 10.97
CA PRO J 391 17.17 -10.72 10.76
C PRO J 391 16.94 -10.35 9.30
N GLN J 392 16.68 -11.34 8.44
CA GLN J 392 16.40 -11.03 7.05
C GLN J 392 15.50 -12.10 6.44
N ARG J 393 14.55 -11.64 5.63
CA ARG J 393 13.66 -12.53 4.91
C ARG J 393 13.55 -12.02 3.48
N THR J 394 13.18 -12.91 2.58
CA THR J 394 12.93 -12.57 1.20
C THR J 394 11.54 -13.06 0.84
N LEU J 395 10.71 -12.18 0.31
CA LEU J 395 9.37 -12.51 -0.16
C LEU J 395 9.35 -12.46 -1.69
N ARG J 396 8.86 -13.53 -2.32
CA ARG J 396 8.87 -13.68 -3.77
C ARG J 396 7.50 -13.37 -4.35
N PHE J 397 7.46 -12.43 -5.31
CA PHE J 397 6.23 -12.06 -6.01
C PHE J 397 6.46 -12.15 -7.53
N GLY J 398 6.86 -13.34 -7.99
CA GLY J 398 7.19 -13.55 -9.39
C GLY J 398 8.38 -12.74 -9.86
N ASP J 399 8.12 -11.78 -10.77
CA ASP J 399 9.19 -10.93 -11.30
C ASP J 399 9.84 -10.08 -10.21
N TRP J 400 9.13 -9.85 -9.11
CA TRP J 400 9.58 -8.94 -8.09
C TRP J 400 9.78 -9.65 -6.77
N GLU J 401 10.77 -9.19 -6.01
CA GLU J 401 11.10 -9.72 -4.70
C GLU J 401 11.17 -8.59 -3.69
N ALA J 402 10.87 -8.91 -2.44
CA ALA J 402 10.97 -7.97 -1.33
C ALA J 402 11.98 -8.51 -0.34
N LYS J 403 12.94 -7.67 0.03
CA LYS J 403 13.96 -8.02 1.01
C LYS J 403 13.67 -7.26 2.29
N VAL J 404 13.37 -7.99 3.37
CA VAL J 404 12.90 -7.43 4.63
C VAL J 404 14.03 -7.51 5.65
N SER J 405 14.42 -6.38 6.21
CA SER J 405 15.50 -6.33 7.18
C SER J 405 15.00 -5.84 8.52
N PHE J 406 15.51 -6.46 9.59
CA PHE J 406 15.22 -6.06 10.97
C PHE J 406 16.50 -5.54 11.62
N GLY J 407 16.37 -4.50 12.42
CA GLY J 407 17.50 -3.88 13.08
C GLY J 407 18.26 -2.85 12.28
N ALA J 408 17.87 -2.59 11.04
CA ALA J 408 18.49 -1.52 10.26
C ALA J 408 18.13 -0.16 10.84
N PRO J 409 18.95 0.87 10.59
CA PRO J 409 18.58 2.22 11.03
C PRO J 409 17.32 2.69 10.31
N LEU J 410 16.65 3.67 10.92
CA LEU J 410 15.50 4.25 10.24
C LEU J 410 15.91 4.95 8.96
N TRP J 411 17.14 5.45 8.91
CA TRP J 411 17.65 6.08 7.71
C TRP J 411 19.13 5.73 7.56
N GLY J 412 19.55 5.50 6.33
CA GLY J 412 20.96 5.33 6.02
C GLY J 412 21.30 3.90 5.66
N ASP J 413 22.61 3.67 5.51
CA ASP J 413 23.14 2.35 5.18
C ASP J 413 22.94 1.37 6.31
N ALA J 414 22.44 0.18 5.99
CA ALA J 414 22.39 -0.89 6.97
C ALA J 414 23.80 -1.38 7.27
N PRO J 415 24.09 -1.76 8.51
CA PRO J 415 25.41 -2.33 8.82
C PRO J 415 25.66 -3.59 8.02
N ALA J 416 26.92 -4.03 8.03
CA ALA J 416 27.28 -5.24 7.28
C ALA J 416 26.58 -6.47 7.88
N ILE J 417 26.55 -6.57 9.19
CA ILE J 417 25.82 -7.62 9.90
C ILE J 417 24.59 -6.98 10.51
N LEU J 418 23.41 -7.42 10.10
CA LEU J 418 22.18 -6.89 10.68
C LEU J 418 22.03 -7.39 12.10
N PRO J 419 21.84 -6.51 13.09
CA PRO J 419 21.72 -6.96 14.47
C PRO J 419 20.31 -7.33 14.89
N GLY J 420 19.30 -7.00 14.10
CA GLY J 420 17.92 -7.20 14.51
C GLY J 420 17.51 -6.22 15.59
N ASN J 421 16.20 -6.13 15.85
CA ASN J 421 15.73 -5.25 16.91
C ASN J 421 16.07 -5.83 18.27
N ASP J 422 16.32 -4.94 19.23
CA ASP J 422 16.72 -5.38 20.56
C ASP J 422 15.60 -6.15 21.24
N ASP J 423 14.36 -5.70 21.07
CA ASP J 423 13.19 -6.42 21.60
C ASP J 423 12.63 -7.42 20.61
N HIS J 424 13.22 -7.54 19.41
CA HIS J 424 12.76 -8.47 18.39
C HIS J 424 11.31 -8.19 17.97
N ALA J 425 10.92 -6.93 17.94
CA ALA J 425 9.53 -6.55 17.68
C ALA J 425 9.19 -6.47 16.20
N GLY J 426 10.14 -6.74 15.31
CA GLY J 426 9.92 -6.43 13.91
C GLY J 426 8.85 -7.31 13.28
N ARG J 427 8.12 -6.70 12.34
CA ARG J 427 7.09 -7.42 11.60
C ARG J 427 6.73 -6.59 10.38
N LEU J 428 6.21 -7.28 9.36
CA LEU J 428 5.89 -6.62 8.12
C LEU J 428 4.94 -7.49 7.30
N LEU J 429 4.07 -6.82 6.57
CA LEU J 429 3.05 -7.47 5.76
C LEU J 429 3.12 -6.88 4.36
N VAL J 430 2.98 -7.74 3.34
CA VAL J 430 2.86 -7.29 1.96
C VAL J 430 1.66 -7.97 1.33
N ALA J 431 0.78 -7.17 0.75
CA ALA J 431 -0.37 -7.64 -0.02
C ALA J 431 -0.18 -7.18 -1.45
N GLN J 432 -0.15 -8.13 -2.38
CA GLN J 432 -0.04 -7.79 -3.79
C GLN J 432 -1.41 -7.38 -4.31
N LEU J 433 -1.56 -6.11 -4.69
CA LEU J 433 -2.82 -5.59 -5.20
C LEU J 433 -2.94 -5.76 -6.72
N GLY J 434 -1.83 -5.79 -7.42
CA GLY J 434 -1.83 -5.95 -8.85
C GLY J 434 -0.47 -6.41 -9.30
N PRO J 435 -0.28 -6.56 -10.62
CA PRO J 435 1.02 -7.08 -11.12
C PRO J 435 2.22 -6.28 -10.64
N GLU J 436 2.10 -4.96 -10.51
CA GLU J 436 3.22 -4.12 -10.07
C GLU J 436 2.82 -3.18 -8.92
N GLU J 437 1.83 -3.56 -8.11
CA GLU J 437 1.34 -2.71 -7.02
C GLU J 437 1.25 -3.53 -5.74
N PHE J 438 1.60 -2.89 -4.61
CA PHE J 438 1.71 -3.57 -3.32
C PHE J 438 1.25 -2.65 -2.20
N LEU J 439 0.65 -3.26 -1.17
CA LEU J 439 0.34 -2.60 0.09
C LEU J 439 1.25 -3.15 1.18
N VAL J 440 1.90 -2.25 1.93
CA VAL J 440 2.92 -2.63 2.91
C VAL J 440 2.71 -1.83 4.20
N THR J 441 2.80 -2.54 5.34
CA THR J 441 2.69 -1.93 6.67
C THR J 441 3.39 -2.87 7.65
N GLY J 442 3.75 -2.35 8.82
CA GLY J 442 4.36 -3.17 9.85
C GLY J 442 4.98 -2.31 10.93
N THR J 443 5.91 -2.92 11.67
CA THR J 443 6.59 -2.29 12.80
C THR J 443 8.06 -2.68 12.81
N ALA J 444 8.95 -1.69 12.91
CA ALA J 444 10.40 -1.91 13.07
C ALA J 444 10.96 -2.82 11.98
N ALA J 445 10.85 -2.36 10.73
CA ALA J 445 11.27 -3.15 9.59
C ALA J 445 11.64 -2.24 8.43
N ARG J 446 12.55 -2.74 7.60
CA ARG J 446 12.89 -2.14 6.32
C ARG J 446 12.58 -3.13 5.21
N ILE J 447 11.99 -2.63 4.11
CA ILE J 447 11.71 -3.44 2.94
C ILE J 447 12.35 -2.77 1.72
N GLU J 448 12.88 -3.60 0.81
CA GLU J 448 13.44 -3.16 -0.46
C GLU J 448 12.98 -4.09 -1.57
N PHE J 449 12.46 -3.52 -2.65
CA PHE J 449 11.98 -4.31 -3.79
C PHE J 449 13.08 -4.45 -4.84
N PHE J 450 13.09 -5.62 -5.50
CA PHE J 450 14.07 -5.96 -6.53
C PHE J 450 13.40 -6.71 -7.66
N ARG J 451 13.81 -6.42 -8.90
CA ARG J 451 13.24 -7.02 -10.10
C ARG J 451 14.26 -7.97 -10.72
N SER J 452 13.80 -9.17 -11.10
CA SER J 452 14.63 -10.09 -11.89
C SER J 452 13.99 -10.30 -13.26
N ALA J 453 13.05 -11.24 -13.34
CA ALA J 453 12.02 -11.32 -14.40
C ALA J 453 12.50 -11.90 -15.73
N ALA J 454 13.79 -12.23 -15.88
CA ALA J 454 14.33 -12.75 -17.13
C ALA J 454 14.14 -11.77 -18.28
N ASP J 455 14.07 -10.48 -17.96
CA ASP J 455 14.09 -9.42 -18.96
C ASP J 455 15.53 -8.95 -19.16
N THR J 456 15.70 -8.06 -20.13
CA THR J 456 16.84 -7.15 -20.14
C THR J 456 16.53 -5.84 -19.44
N ARG J 457 15.30 -5.69 -18.95
CA ARG J 457 14.80 -4.44 -18.40
C ARG J 457 15.34 -4.24 -16.98
N HIS J 458 15.26 -2.99 -16.50
CA HIS J 458 15.65 -2.62 -15.15
C HIS J 458 14.41 -2.19 -14.36
N GLY J 459 14.39 -2.54 -13.08
CA GLY J 459 13.25 -2.19 -12.24
C GLY J 459 13.46 -0.85 -11.56
N GLN J 460 12.36 -0.13 -11.35
CA GLN J 460 12.42 1.16 -10.68
C GLN J 460 11.14 1.40 -9.90
N LEU J 461 11.27 2.23 -8.86
CA LEU J 461 10.14 2.73 -8.10
C LEU J 461 9.45 3.84 -8.89
N LEU J 462 8.13 3.76 -9.02
CA LEU J 462 7.38 4.80 -9.72
C LEU J 462 6.62 5.72 -8.79
N GLN J 463 5.95 5.17 -7.78
CA GLN J 463 5.12 5.97 -6.89
C GLN J 463 4.98 5.22 -5.58
N VAL J 464 5.27 5.91 -4.48
CA VAL J 464 5.00 5.40 -3.15
C VAL J 464 4.09 6.41 -2.46
N GLU J 465 2.87 5.97 -2.13
CA GLU J 465 1.91 6.80 -1.43
C GLU J 465 1.78 6.31 0.01
N GLN J 466 2.03 7.22 0.95
CA GLN J 466 1.72 7.01 2.36
C GLN J 466 0.31 7.52 2.60
N GLY J 467 -0.50 6.72 3.28
CA GLY J 467 -1.88 7.12 3.51
C GLY J 467 -2.60 6.17 4.42
N ARG J 468 -3.92 6.34 4.48
CA ARG J 468 -4.76 5.54 5.36
C ARG J 468 -6.00 5.12 4.57
N TYR J 469 -6.75 4.18 5.12
CA TYR J 469 -8.06 3.81 4.60
C TYR J 469 -9.10 4.37 5.56
N VAL J 470 -9.96 5.25 5.07
CA VAL J 470 -11.09 5.77 5.83
C VAL J 470 -12.37 5.17 5.24
N ASP J 471 -13.04 4.33 6.03
CA ASP J 471 -14.31 3.72 5.67
C ASP J 471 -14.25 2.93 4.36
N GLY J 472 -13.08 2.40 4.00
CA GLY J 472 -12.91 1.75 2.72
C GLY J 472 -12.38 2.65 1.61
N ARG J 473 -11.95 3.86 1.93
CA ARG J 473 -11.48 4.83 0.96
C ARG J 473 -10.02 5.16 1.23
N TRP J 474 -9.18 5.02 0.20
CA TRP J 474 -7.76 5.34 0.33
C TRP J 474 -7.54 6.85 0.36
N GLN J 475 -6.96 7.34 1.44
CA GLN J 475 -6.62 8.76 1.61
C GLN J 475 -5.11 8.88 1.56
N MET J 476 -4.59 9.50 0.51
CA MET J 476 -3.16 9.78 0.44
C MET J 476 -2.79 10.97 1.34
N GLU J 477 -1.81 10.77 2.23
CA GLU J 477 -1.30 11.85 3.05
C GLU J 477 -0.12 12.55 2.37
N ARG J 478 0.86 11.78 1.90
CA ARG J 478 2.06 12.29 1.23
C ARG J 478 2.58 11.22 0.27
N GLN J 479 3.50 11.60 -0.61
CA GLN J 479 4.22 10.65 -1.45
C GLN J 479 5.69 10.60 -1.04
N LEU J 480 6.24 9.40 -0.98
CA LEU J 480 7.57 9.17 -0.42
C LEU J 480 8.59 9.05 -1.55
N ASN J 481 9.67 9.82 -1.43
CA ASN J 481 10.76 9.83 -2.38
C ASN J 481 11.97 10.43 -1.68
N GLY J 482 13.13 10.32 -2.32
CA GLY J 482 14.33 10.91 -1.76
C GLY J 482 14.77 10.16 -0.51
N ASP J 483 15.04 10.91 0.55
CA ASP J 483 15.50 10.31 1.80
C ASP J 483 14.60 9.16 2.25
N GLN J 484 13.29 9.34 2.13
CA GLN J 484 12.29 8.34 2.52
C GLN J 484 12.32 7.10 1.65
N THR J 485 13.21 7.04 0.66
CA THR J 485 13.17 5.99 -0.35
C THR J 485 14.58 5.47 -0.61
N ASP J 486 15.58 6.31 -0.37
CA ASP J 486 16.97 5.97 -0.71
C ASP J 486 17.42 4.70 -0.04
N TYR J 487 16.97 4.45 1.19
CA TYR J 487 17.37 3.24 1.90
C TYR J 487 16.14 2.43 2.25
N GLY J 488 15.40 1.99 1.23
CA GLY J 488 14.22 1.19 1.44
C GLY J 488 13.11 1.96 2.11
N LEU J 489 11.96 1.33 2.23
CA LEU J 489 10.85 1.88 2.98
C LEU J 489 10.96 1.40 4.42
N ASN J 490 10.94 2.34 5.37
CA ASN J 490 11.29 2.06 6.75
C ASN J 490 10.09 2.31 7.66
N PHE J 491 9.80 1.34 8.52
CA PHE J 491 8.73 1.45 9.50
C PHE J 491 9.35 1.48 10.88
N GLY J 492 9.09 2.56 11.63
CA GLY J 492 9.61 2.66 12.97
C GLY J 492 8.63 2.17 14.01
N ARG J 493 8.35 3.02 14.99
CA ARG J 493 7.59 2.66 16.17
C ARG J 493 6.34 3.50 16.27
N THR J 494 5.42 3.01 17.11
CA THR J 494 4.22 3.76 17.47
C THR J 494 4.59 4.91 18.38
N ASP J 495 4.05 6.10 18.10
CA ASP J 495 4.30 7.20 19.02
C ASP J 495 3.45 7.05 20.27
N ALA J 496 3.81 7.81 21.31
CA ALA J 496 3.10 7.70 22.58
C ALA J 496 1.63 8.06 22.45
N ALA J 497 1.26 8.83 21.41
CA ALA J 497 -0.13 9.15 21.10
C ALA J 497 -0.88 7.96 20.49
N GLY J 498 -0.32 6.75 20.50
CA GLY J 498 -1.00 5.57 19.96
C GLY J 498 -0.99 5.44 18.44
N GLN J 499 -0.40 6.37 17.72
CA GLN J 499 -0.43 6.29 16.27
C GLN J 499 0.61 5.29 15.76
N PRO J 500 0.19 4.25 15.04
CA PRO J 500 1.14 3.20 14.62
C PRO J 500 1.83 3.56 13.32
N PRO J 501 2.85 2.79 12.91
CA PRO J 501 3.56 3.08 11.67
C PRO J 501 2.64 3.10 10.46
N PRO J 502 3.03 3.79 9.39
CA PRO J 502 2.08 4.08 8.30
C PRO J 502 1.69 2.89 7.44
N VAL J 503 0.80 3.14 6.49
CA VAL J 503 0.44 2.20 5.43
C VAL J 503 0.91 2.80 4.10
N LEU J 504 1.62 1.98 3.32
CA LEU J 504 2.26 2.41 2.09
C LEU J 504 1.69 1.68 0.89
N ARG J 505 1.37 2.44 -0.16
CA ARG J 505 0.96 1.89 -1.44
C ARG J 505 2.14 2.07 -2.41
N VAL J 506 2.66 0.95 -2.91
CA VAL J 506 3.93 0.92 -3.64
C VAL J 506 3.67 0.46 -5.07
N ARG J 507 3.99 1.32 -6.04
CA ARG J 507 3.80 1.02 -7.45
C ARG J 507 5.16 1.02 -8.14
N VAL J 508 5.51 -0.09 -8.78
CA VAL J 508 6.81 -0.28 -9.38
C VAL J 508 6.64 -0.44 -10.89
N GLY J 509 7.77 -0.45 -11.59
CA GLY J 509 7.78 -0.60 -13.03
C GLY J 509 9.18 -0.86 -13.53
N SER J 510 9.36 -0.67 -14.84
CA SER J 510 10.63 -1.01 -15.49
C SER J 510 10.94 -0.05 -16.62
N TYR J 511 12.16 -0.16 -17.13
CA TYR J 511 12.62 0.61 -18.28
C TYR J 511 13.69 -0.19 -19.04
N GLU K 2 -80.67 9.22 11.86
CA GLU K 2 -81.00 9.79 10.56
C GLU K 2 -79.81 9.59 9.61
N GLU K 3 -79.89 10.11 8.38
CA GLU K 3 -78.90 9.82 7.37
C GLU K 3 -77.49 10.24 7.81
N LEU K 4 -76.49 9.63 7.20
CA LEU K 4 -75.12 10.04 7.42
C LEU K 4 -74.85 11.34 6.66
N PRO K 5 -74.13 12.30 7.26
CA PRO K 5 -73.71 13.48 6.48
C PRO K 5 -72.96 13.05 5.23
N ARG K 6 -73.19 13.75 4.13
CA ARG K 6 -72.79 13.24 2.83
C ARG K 6 -72.59 14.37 1.84
N PHE K 7 -71.46 14.36 1.14
CA PHE K 7 -71.17 15.35 0.12
C PHE K 7 -71.75 14.89 -1.21
N PHE K 8 -72.40 15.81 -1.91
CA PHE K 8 -73.22 15.46 -3.06
C PHE K 8 -72.90 16.38 -4.23
N THR K 9 -72.83 15.79 -5.42
CA THR K 9 -72.55 16.51 -6.66
C THR K 9 -73.58 16.15 -7.71
N GLN K 10 -74.12 17.15 -8.38
CA GLN K 10 -75.18 16.95 -9.38
C GLN K 10 -75.12 18.10 -10.37
N ASN K 11 -74.89 17.79 -11.65
CA ASN K 11 -74.97 18.76 -12.73
C ASN K 11 -73.96 19.90 -12.58
N GLY K 12 -72.80 19.61 -11.98
CA GLY K 12 -71.84 20.67 -11.70
C GLY K 12 -72.18 21.56 -10.53
N ARG K 13 -73.22 21.23 -9.77
CA ARG K 13 -73.54 21.92 -8.53
C ARG K 13 -73.31 20.98 -7.36
N HIS K 14 -73.08 21.54 -6.18
CA HIS K 14 -72.68 20.75 -5.04
C HIS K 14 -73.54 21.11 -3.84
N ALA K 15 -73.48 20.27 -2.82
CA ALA K 15 -74.19 20.48 -1.57
C ALA K 15 -73.62 19.54 -0.53
N LEU K 16 -73.55 20.03 0.70
CA LEU K 16 -73.31 19.16 1.84
C LEU K 16 -74.67 18.73 2.38
N LEU K 17 -74.94 17.43 2.29
CA LEU K 17 -76.17 16.86 2.84
C LEU K 17 -75.97 16.58 4.32
N VAL K 18 -76.86 17.12 5.15
CA VAL K 18 -76.85 16.91 6.58
C VAL K 18 -78.27 16.58 6.98
N ASP K 19 -78.45 15.45 7.66
CA ASP K 19 -79.75 14.97 8.10
C ASP K 19 -80.74 14.85 6.95
N GLY K 20 -80.23 14.60 5.73
CA GLY K 20 -81.08 14.33 4.59
C GLY K 20 -81.25 15.47 3.60
N ALA K 21 -80.85 16.68 3.95
CA ALA K 21 -81.12 17.85 3.14
C ALA K 21 -79.87 18.71 3.01
N PRO K 22 -79.79 19.56 1.98
CA PRO K 22 -78.66 20.49 1.90
C PRO K 22 -78.51 21.35 3.14
N TYR K 23 -77.27 21.70 3.44
CA TYR K 23 -76.88 22.37 4.67
C TYR K 23 -75.80 23.40 4.34
N THR K 24 -75.92 24.60 4.91
CA THR K 24 -74.94 25.67 4.69
C THR K 24 -74.16 25.89 5.98
N ILE K 25 -72.87 25.55 5.96
CA ILE K 25 -72.02 25.76 7.14
C ILE K 25 -71.77 27.24 7.33
N LEU K 26 -72.10 27.74 8.51
CA LEU K 26 -71.71 29.08 8.94
C LEU K 26 -70.85 28.85 10.18
N ALA K 27 -69.53 28.93 10.01
CA ALA K 27 -68.58 28.36 10.96
C ALA K 27 -67.70 29.42 11.62
N ALA K 28 -67.28 29.10 12.84
CA ALA K 28 -66.26 29.84 13.58
C ALA K 28 -65.26 28.82 14.11
N GLN K 29 -63.97 29.09 13.90
CA GLN K 29 -62.90 28.20 14.33
C GLN K 29 -62.22 28.79 15.56
N LEU K 30 -61.98 27.95 16.55
CA LEU K 30 -61.18 28.31 17.71
C LEU K 30 -59.71 28.40 17.33
N HIS K 31 -58.95 29.12 18.17
CA HIS K 31 -57.52 29.19 17.99
C HIS K 31 -56.90 27.80 18.16
N ASN K 32 -55.67 27.66 17.64
CA ASN K 32 -55.00 26.36 17.59
C ASN K 32 -54.97 25.67 18.95
N SER K 33 -54.55 26.38 19.99
CA SER K 33 -54.34 25.78 21.30
C SER K 33 -55.55 25.88 22.22
N SER K 34 -56.76 26.07 21.68
CA SER K 34 -57.94 26.24 22.51
C SER K 34 -58.74 24.96 22.70
N ALA K 35 -58.42 23.86 22.01
CA ALA K 35 -59.18 22.62 22.11
C ALA K 35 -58.67 21.79 23.29
N TRP K 36 -58.90 22.32 24.48
CA TRP K 36 -58.54 21.71 25.75
C TRP K 36 -59.68 21.89 26.74
N PRO K 37 -59.94 20.90 27.58
CA PRO K 37 -61.19 20.89 28.37
C PRO K 37 -61.38 22.12 29.26
N ALA K 38 -60.32 22.73 29.76
CA ALA K 38 -60.51 23.90 30.61
C ALA K 38 -60.87 25.14 29.80
N VAL K 39 -60.47 25.18 28.54
CA VAL K 39 -60.75 26.34 27.70
C VAL K 39 -62.06 26.20 26.94
N LEU K 40 -62.49 24.97 26.66
CA LEU K 40 -63.58 24.76 25.70
C LEU K 40 -64.88 25.45 26.07
N PRO K 41 -65.37 25.43 27.30
CA PRO K 41 -66.69 26.03 27.59
C PRO K 41 -66.72 27.51 27.24
N PRO K 42 -65.81 28.35 27.78
CA PRO K 42 -65.89 29.77 27.40
C PRO K 42 -65.58 30.00 25.93
N ALA K 43 -64.75 29.17 25.31
CA ALA K 43 -64.46 29.33 23.89
C ALA K 43 -65.68 28.98 23.03
N LEU K 44 -66.42 27.94 23.43
CA LEU K 44 -67.64 27.63 22.69
C LEU K 44 -68.76 28.62 22.97
N ASP K 45 -68.73 29.27 24.13
CA ASP K 45 -69.70 30.32 24.39
C ASP K 45 -69.58 31.45 23.38
N GLN K 46 -68.34 31.87 23.09
CA GLN K 46 -68.14 32.92 22.10
C GLN K 46 -68.53 32.47 20.69
N VAL K 47 -68.46 31.16 20.41
CA VAL K 47 -68.99 30.65 19.14
C VAL K 47 -70.50 30.83 19.09
N VAL K 48 -71.18 30.62 20.23
CA VAL K 48 -72.62 30.84 20.27
C VAL K 48 -72.93 32.32 20.08
N ALA K 49 -72.11 33.18 20.67
CA ALA K 49 -72.31 34.62 20.56
C ALA K 49 -72.13 35.11 19.13
N LEU K 50 -71.53 34.31 18.25
CA LEU K 50 -71.47 34.62 16.84
C LEU K 50 -72.63 34.03 16.04
N HIS K 51 -73.51 33.25 16.70
CA HIS K 51 -74.67 32.61 16.07
C HIS K 51 -74.28 31.68 14.93
N ALA K 52 -73.05 31.18 14.96
CA ALA K 52 -72.64 30.17 14.00
C ALA K 52 -73.37 28.86 14.29
N ASN K 53 -73.49 28.02 13.24
CA ASN K 53 -74.05 26.69 13.40
C ASN K 53 -72.99 25.61 13.55
N THR K 54 -71.73 25.90 13.17
CA THR K 54 -70.66 24.92 13.25
C THR K 54 -69.43 25.55 13.90
N VAL K 55 -68.84 24.85 14.84
CA VAL K 55 -67.54 25.20 15.39
C VAL K 55 -66.50 24.30 14.73
N GLU K 56 -65.39 24.91 14.34
CA GLU K 56 -64.22 24.21 13.82
C GLU K 56 -63.16 24.19 14.93
N ALA K 57 -62.71 23.00 15.30
CA ALA K 57 -61.74 22.88 16.38
C ALA K 57 -60.88 21.64 16.12
N PRO K 58 -59.66 21.63 16.61
CA PRO K 58 -58.73 20.55 16.25
C PRO K 58 -58.68 19.41 17.24
N VAL K 59 -58.32 18.24 16.72
CA VAL K 59 -57.90 17.10 17.52
C VAL K 59 -56.41 16.93 17.27
N TYR K 60 -55.62 16.94 18.34
CA TYR K 60 -54.17 16.89 18.24
C TYR K 60 -53.71 15.44 18.27
N TRP K 61 -52.96 15.02 17.24
CA TRP K 61 -52.31 13.72 17.29
C TRP K 61 -51.42 13.62 18.53
N GLU K 62 -50.80 14.73 18.92
CA GLU K 62 -49.95 14.80 20.11
C GLU K 62 -50.61 14.16 21.31
N GLN K 63 -51.86 14.57 21.61
CA GLN K 63 -52.50 14.10 22.83
C GLN K 63 -53.40 12.90 22.58
N PHE K 64 -53.82 12.69 21.33
CA PHE K 64 -54.74 11.60 21.04
C PHE K 64 -54.04 10.25 21.09
N GLU K 65 -52.79 10.19 20.64
CA GLU K 65 -51.97 8.98 20.76
C GLU K 65 -50.71 9.33 21.55
N PRO K 66 -50.78 9.36 22.88
CA PRO K 66 -49.60 9.72 23.68
C PRO K 66 -48.57 8.61 23.77
N ALA K 67 -48.88 7.42 23.27
CA ALA K 67 -48.02 6.25 23.33
C ALA K 67 -48.51 5.28 22.29
N PRO K 68 -47.62 4.58 21.59
CA PRO K 68 -48.04 3.77 20.42
C PRO K 68 -49.15 2.78 20.71
N GLY K 69 -50.29 2.98 20.05
CA GLY K 69 -51.43 2.09 20.18
C GLY K 69 -52.39 2.43 21.30
N ARG K 70 -52.02 3.35 22.19
CA ARG K 70 -52.86 3.74 23.31
C ARG K 70 -53.45 5.12 23.04
N PHE K 71 -54.78 5.19 22.97
CA PHE K 71 -55.46 6.39 22.54
C PHE K 71 -56.22 7.04 23.69
N ASP K 72 -56.23 8.38 23.69
CA ASP K 72 -56.83 9.18 24.76
C ASP K 72 -57.90 10.09 24.15
N THR K 73 -59.16 9.78 24.41
CA THR K 73 -60.27 10.51 23.79
C THR K 73 -60.80 11.66 24.63
N THR K 74 -60.09 12.05 25.71
CA THR K 74 -60.58 13.08 26.62
C THR K 74 -60.97 14.36 25.89
N ASN K 75 -60.08 14.85 25.02
CA ASN K 75 -60.32 16.14 24.39
C ASN K 75 -61.47 16.04 23.38
N VAL K 76 -61.41 15.08 22.46
CA VAL K 76 -62.47 14.98 21.47
C VAL K 76 -63.81 14.77 22.14
N ASP K 77 -63.84 14.07 23.27
CA ASP K 77 -65.11 13.86 23.96
C ASP K 77 -65.59 15.15 24.61
N ALA K 78 -64.66 15.98 25.10
CA ALA K 78 -65.05 17.26 25.66
C ALA K 78 -65.55 18.22 24.58
N LEU K 79 -64.92 18.18 23.41
CA LEU K 79 -65.39 18.98 22.28
C LEU K 79 -66.83 18.66 21.92
N ILE K 80 -67.11 17.39 21.61
CA ILE K 80 -68.44 17.00 21.15
C ILE K 80 -69.47 17.27 22.24
N ALA K 81 -69.16 16.94 23.50
CA ALA K 81 -70.08 17.24 24.58
C ALA K 81 -70.40 18.72 24.63
N GLY K 82 -69.36 19.56 24.59
CA GLY K 82 -69.59 21.00 24.68
C GLY K 82 -70.39 21.55 23.52
N ALA K 83 -70.20 20.97 22.32
CA ALA K 83 -70.97 21.44 21.18
C ALA K 83 -72.44 21.01 21.32
N ARG K 84 -72.68 19.74 21.65
CA ARG K 84 -74.03 19.23 21.84
C ARG K 84 -74.82 20.10 22.82
N LYS K 85 -74.19 20.45 23.94
CA LYS K 85 -74.86 21.24 24.96
C LYS K 85 -75.19 22.65 24.47
N ARG K 86 -74.51 23.14 23.43
CA ARG K 86 -74.77 24.46 22.87
C ARG K 86 -75.46 24.40 21.50
N GLY K 87 -75.90 23.21 21.07
CA GLY K 87 -76.64 23.10 19.84
C GLY K 87 -75.84 23.25 18.57
N LEU K 88 -74.53 23.09 18.63
CA LEU K 88 -73.66 23.28 17.49
C LEU K 88 -73.31 21.95 16.82
N ARG K 89 -73.18 21.99 15.50
CA ARG K 89 -72.49 20.93 14.77
C ARG K 89 -70.99 21.17 14.87
N VAL K 90 -70.21 20.18 14.43
CA VAL K 90 -68.76 20.20 14.62
C VAL K 90 -68.07 19.85 13.30
N ALA K 91 -67.04 20.63 12.96
CA ALA K 91 -66.11 20.31 11.89
C ALA K 91 -64.79 19.95 12.56
N LEU K 92 -64.41 18.67 12.48
CA LEU K 92 -63.26 18.14 13.20
C LEU K 92 -62.01 18.26 12.36
N LEU K 93 -60.99 18.93 12.91
CA LEU K 93 -59.72 19.17 12.22
C LEU K 93 -58.63 18.26 12.80
N TRP K 94 -58.12 17.36 11.96
CA TRP K 94 -57.13 16.36 12.35
C TRP K 94 -55.72 16.94 12.17
N PHE K 95 -55.12 17.39 13.27
CA PHE K 95 -53.76 17.93 13.23
C PHE K 95 -52.75 16.78 13.27
N GLY K 96 -52.69 16.06 12.15
CA GLY K 96 -51.80 14.91 12.05
C GLY K 96 -50.39 15.23 11.61
N SER K 97 -49.90 14.50 10.59
CA SER K 97 -48.52 14.68 10.14
C SER K 97 -48.24 16.11 9.68
N TRP K 98 -49.25 16.81 9.17
CA TRP K 98 -49.09 18.17 8.67
C TRP K 98 -50.03 19.11 9.39
N LYS K 99 -49.46 20.14 9.99
CA LYS K 99 -50.19 21.35 10.33
C LYS K 99 -49.34 22.49 9.79
N ASN K 100 -49.92 23.29 8.88
CA ASN K 100 -49.24 24.45 8.30
C ASN K 100 -47.94 24.02 7.61
N GLY K 101 -47.96 22.83 7.01
CA GLY K 101 -46.79 22.33 6.33
C GLY K 101 -45.66 21.85 7.23
N GLN K 102 -45.95 21.58 8.51
CA GLN K 102 -44.93 21.11 9.44
C GLN K 102 -45.52 20.04 10.36
N MET K 103 -44.64 19.47 11.17
CA MET K 103 -44.90 18.23 11.91
C MET K 103 -45.05 18.43 13.40
N HIS K 104 -45.31 19.67 13.85
CA HIS K 104 -45.26 19.98 15.27
C HIS K 104 -46.35 19.31 16.10
N TYR K 105 -47.40 18.78 15.48
CA TYR K 105 -48.47 18.15 16.22
C TYR K 105 -48.35 16.63 16.26
N VAL K 106 -47.26 16.11 15.71
CA VAL K 106 -46.93 14.68 15.73
C VAL K 106 -46.60 14.28 17.17
N PRO K 107 -46.94 13.05 17.59
CA PRO K 107 -46.69 12.65 18.98
C PRO K 107 -45.21 12.65 19.32
N GLU K 108 -44.92 12.78 20.63
CA GLU K 108 -43.54 12.90 21.07
C GLU K 108 -42.72 11.68 20.69
N TRP K 109 -43.33 10.49 20.73
CA TRP K 109 -42.59 9.28 20.41
C TRP K 109 -42.19 9.20 18.94
N ILE K 110 -42.76 10.04 18.07
CA ILE K 110 -42.23 10.13 16.71
C ILE K 110 -41.17 11.22 16.62
N LYS K 111 -41.39 12.35 17.29
CA LYS K 111 -40.38 13.40 17.31
C LYS K 111 -39.05 12.90 17.84
N ARG K 112 -39.08 11.89 18.73
CA ARG K 112 -37.89 11.37 19.37
C ARG K 112 -37.13 10.38 18.50
N ASP K 113 -37.75 9.83 17.45
CA ASP K 113 -37.19 8.71 16.69
C ASP K 113 -37.13 9.09 15.21
N GLU K 114 -36.19 9.98 14.88
CA GLU K 114 -36.02 10.41 13.49
C GLU K 114 -35.54 9.27 12.59
N ALA K 115 -35.01 8.20 13.19
CA ALA K 115 -34.53 7.07 12.39
C ALA K 115 -35.68 6.20 11.91
N THR K 116 -36.66 5.95 12.77
CA THR K 116 -37.85 5.21 12.35
C THR K 116 -38.80 6.10 11.54
N TYR K 117 -38.83 7.40 11.84
CA TYR K 117 -39.78 8.34 11.26
C TYR K 117 -38.98 9.50 10.67
N PRO K 118 -38.48 9.32 9.45
CA PRO K 118 -37.51 10.27 8.90
C PRO K 118 -38.13 11.58 8.48
N ARG K 119 -37.40 12.67 8.73
CA ARG K 119 -37.78 13.98 8.26
C ARG K 119 -37.30 14.19 6.83
N MET K 120 -37.95 15.12 6.12
CA MET K 120 -37.45 15.51 4.83
C MET K 120 -36.08 16.15 4.95
N ARG K 121 -35.33 16.11 3.86
CA ARG K 121 -34.03 16.74 3.76
C ARG K 121 -34.09 17.84 2.70
N ASP K 122 -33.55 19.00 3.03
CA ASP K 122 -33.59 20.14 2.12
C ASP K 122 -32.44 20.05 1.13
N ALA K 123 -32.36 21.05 0.24
CA ALA K 123 -31.34 21.02 -0.80
C ALA K 123 -29.93 20.98 -0.24
N ASN K 124 -29.73 21.39 1.00
CA ASN K 124 -28.39 21.36 1.59
C ASN K 124 -28.13 20.08 2.38
N GLY K 125 -29.08 19.15 2.42
CA GLY K 125 -28.96 17.93 3.20
C GLY K 125 -29.45 18.05 4.63
N GLU K 126 -29.88 19.23 5.05
CA GLU K 126 -30.29 19.49 6.43
C GLU K 126 -31.75 19.04 6.65
N PRO K 127 -32.06 18.56 7.85
CA PRO K 127 -33.45 18.17 8.14
C PRO K 127 -34.36 19.38 8.31
N VAL K 128 -35.63 19.20 7.93
CA VAL K 128 -36.66 20.22 8.16
C VAL K 128 -37.75 19.63 9.05
N ASP K 129 -38.61 20.50 9.57
CA ASP K 129 -39.68 20.06 10.46
C ASP K 129 -40.86 19.53 9.65
N VAL K 130 -40.60 18.62 8.72
CA VAL K 130 -41.66 17.96 7.96
C VAL K 130 -41.35 16.46 7.95
N LEU K 131 -42.38 15.63 8.10
CA LEU K 131 -42.18 14.20 7.92
C LEU K 131 -41.96 13.87 6.45
N SER K 132 -41.25 12.79 6.21
CA SER K 132 -40.94 12.42 4.85
C SER K 132 -42.14 11.72 4.21
N PRO K 133 -42.62 12.21 3.07
CA PRO K 133 -43.76 11.57 2.41
C PRO K 133 -43.42 10.32 1.62
N HIS K 134 -42.21 9.77 1.78
CA HIS K 134 -41.70 8.69 0.96
C HIS K 134 -41.30 7.46 1.77
N VAL K 135 -41.59 7.43 3.07
CA VAL K 135 -41.21 6.32 3.93
C VAL K 135 -42.47 5.73 4.56
N ALA K 136 -42.64 4.41 4.39
CA ALA K 136 -43.93 3.78 4.71
C ALA K 136 -44.29 3.90 6.18
N ALA K 137 -43.30 4.10 7.06
CA ALA K 137 -43.59 4.18 8.50
C ALA K 137 -44.44 5.39 8.83
N ASN K 138 -44.19 6.53 8.17
CA ASN K 138 -44.87 7.76 8.54
C ASN K 138 -46.33 7.74 8.12
N VAL K 139 -46.59 7.35 6.88
CA VAL K 139 -47.97 7.37 6.39
C VAL K 139 -48.78 6.26 7.05
N GLN K 140 -48.13 5.18 7.49
CA GLN K 140 -48.88 4.15 8.20
C GLN K 140 -49.20 4.58 9.63
N ALA K 141 -48.27 5.25 10.30
CA ALA K 141 -48.56 5.78 11.63
C ALA K 141 -49.76 6.72 11.58
N ASP K 142 -49.75 7.67 10.65
CA ASP K 142 -50.85 8.61 10.51
C ASP K 142 -52.15 7.87 10.20
N ALA K 143 -52.14 7.03 9.16
CA ALA K 143 -53.37 6.34 8.76
C ALA K 143 -53.91 5.47 9.89
N ARG K 144 -53.03 4.97 10.76
CA ARG K 144 -53.48 4.12 11.86
C ARG K 144 -54.19 4.94 12.93
N ALA K 145 -53.63 6.11 13.27
CA ALA K 145 -54.21 6.94 14.32
C ALA K 145 -55.51 7.60 13.85
N PHE K 146 -55.54 8.08 12.61
CA PHE K 146 -56.78 8.61 12.06
C PHE K 146 -57.88 7.55 12.10
N THR K 147 -57.54 6.30 11.75
CA THR K 147 -58.53 5.23 11.83
C THR K 147 -59.06 5.07 13.25
N ALA K 148 -58.18 5.14 14.24
CA ALA K 148 -58.63 5.06 15.62
C ALA K 148 -59.62 6.16 15.96
N LEU K 149 -59.36 7.39 15.46
CA LEU K 149 -60.25 8.51 15.73
C LEU K 149 -61.60 8.32 15.05
N MET K 150 -61.58 7.95 13.77
CA MET K 150 -62.82 7.75 13.04
C MET K 150 -63.64 6.62 13.65
N GLN K 151 -62.96 5.57 14.12
CA GLN K 151 -63.67 4.46 14.73
C GLN K 151 -64.33 4.89 16.04
N HIS K 152 -63.63 5.69 16.83
CA HIS K 152 -64.23 6.23 18.05
C HIS K 152 -65.36 7.19 17.70
N LEU K 153 -65.20 7.94 16.61
CA LEU K 153 -66.25 8.86 16.16
C LEU K 153 -67.53 8.11 15.81
N ARG K 154 -67.41 6.98 15.11
CA ARG K 154 -68.59 6.19 14.78
C ARG K 154 -69.25 5.64 16.04
N LYS K 155 -68.44 5.28 17.04
CA LYS K 155 -68.98 4.67 18.25
C LYS K 155 -69.83 5.66 19.03
N ILE K 156 -69.33 6.87 19.28
CA ILE K 156 -70.02 7.83 20.15
C ILE K 156 -70.86 8.85 19.41
N ASP K 157 -70.77 8.91 18.07
CA ASP K 157 -71.47 9.94 17.30
C ASP K 157 -72.14 9.36 16.06
N GLY K 158 -72.28 8.03 15.98
CA GLY K 158 -72.81 7.38 14.78
C GLY K 158 -74.29 7.56 14.56
N ASP K 159 -75.05 7.82 15.64
CA ASP K 159 -76.47 8.15 15.55
C ASP K 159 -76.72 9.67 15.56
N ARG K 160 -76.04 10.39 16.45
CA ARG K 160 -76.31 11.82 16.63
C ARG K 160 -75.74 12.65 15.49
N HIS K 161 -74.58 12.27 14.97
CA HIS K 161 -73.91 12.99 13.87
C HIS K 161 -73.61 14.44 14.23
N THR K 162 -73.20 14.69 15.48
CA THR K 162 -72.74 16.03 15.85
C THR K 162 -71.57 16.48 14.96
N VAL K 163 -70.61 15.58 14.73
CA VAL K 163 -69.53 15.87 13.79
C VAL K 163 -70.04 15.78 12.35
N ILE K 164 -69.87 16.87 11.60
CA ILE K 164 -70.50 17.01 10.29
C ILE K 164 -69.52 16.82 9.13
N VAL K 165 -68.24 17.19 9.32
CA VAL K 165 -67.20 17.03 8.32
C VAL K 165 -65.89 16.84 9.08
N VAL K 166 -64.91 16.24 8.41
CA VAL K 166 -63.58 16.08 9.01
C VAL K 166 -62.55 16.63 8.02
N GLN K 167 -61.62 17.42 8.52
CA GLN K 167 -60.51 17.94 7.74
C GLN K 167 -59.29 17.06 7.98
N VAL K 168 -58.81 16.41 6.93
CA VAL K 168 -57.67 15.51 7.04
C VAL K 168 -56.41 16.32 6.88
N GLU K 169 -55.62 16.40 7.95
CA GLU K 169 -54.44 17.27 8.08
C GLU K 169 -54.86 18.73 8.18
N ASN K 170 -53.92 19.64 7.99
CA ASN K 170 -54.21 21.08 8.10
C ASN K 170 -53.14 21.81 7.30
N GLU K 171 -53.54 22.42 6.19
CA GLU K 171 -52.66 23.11 5.26
C GLU K 171 -51.43 22.27 4.91
N PRO K 172 -51.59 21.10 4.32
CA PRO K 172 -50.47 20.19 4.13
C PRO K 172 -49.49 20.70 3.07
N GLY K 173 -48.38 19.99 2.97
CA GLY K 173 -47.25 20.41 2.17
C GLY K 173 -46.01 20.60 3.02
N ALA K 174 -44.99 21.20 2.41
CA ALA K 174 -43.65 21.23 2.99
C ALA K 174 -43.15 22.66 3.13
N ILE K 175 -42.78 23.04 4.37
CA ILE K 175 -42.11 24.31 4.65
C ILE K 175 -40.64 24.02 4.93
N GLY K 176 -39.76 24.64 4.16
CA GLY K 176 -38.33 24.45 4.33
C GLY K 176 -37.64 23.77 3.16
N THR K 177 -38.41 23.25 2.21
CA THR K 177 -37.83 22.68 1.00
C THR K 177 -38.95 22.48 -0.01
N VAL K 178 -38.57 22.39 -1.28
CA VAL K 178 -39.56 22.10 -2.31
C VAL K 178 -39.88 20.61 -2.35
N ARG K 179 -38.85 19.77 -2.26
CA ARG K 179 -39.06 18.33 -2.24
C ARG K 179 -38.06 17.69 -1.28
N ASP K 180 -38.32 16.43 -0.96
CA ASP K 180 -37.46 15.64 -0.08
C ASP K 180 -36.20 15.22 -0.82
N HIS K 181 -35.04 15.49 -0.21
CA HIS K 181 -33.75 15.11 -0.80
C HIS K 181 -33.04 13.99 -0.06
N GLY K 182 -33.71 13.35 0.89
CA GLY K 182 -33.22 12.12 1.46
C GLY K 182 -33.24 11.03 0.41
N PRO K 183 -32.67 9.87 0.73
CA PRO K 183 -32.51 8.82 -0.30
C PRO K 183 -33.82 8.39 -0.98
N ALA K 184 -34.86 8.08 -0.20
CA ALA K 184 -36.11 7.59 -0.80
C ALA K 184 -36.74 8.62 -1.72
N GLY K 185 -36.76 9.88 -1.29
CA GLY K 185 -37.28 10.94 -2.14
C GLY K 185 -36.46 11.13 -3.40
N GLU K 186 -35.13 11.10 -3.28
CA GLU K 186 -34.27 11.18 -4.45
C GLU K 186 -34.52 10.03 -5.40
N ALA K 187 -34.71 8.83 -4.85
CA ALA K 187 -35.02 7.68 -5.69
C ALA K 187 -36.37 7.84 -6.38
N ALA K 188 -37.36 8.33 -5.64
CA ALA K 188 -38.68 8.47 -6.24
C ALA K 188 -38.67 9.49 -7.36
N PHE K 189 -37.96 10.59 -7.16
CA PHE K 189 -37.90 11.67 -8.16
C PHE K 189 -37.23 11.21 -9.44
N ALA K 190 -36.32 10.23 -9.35
CA ALA K 190 -35.66 9.67 -10.53
C ALA K 190 -36.58 8.73 -11.31
N GLN K 191 -37.66 8.26 -10.71
CA GLN K 191 -38.63 7.44 -11.42
C GLN K 191 -39.57 8.33 -12.24
N PRO K 192 -40.19 7.77 -13.27
CA PRO K 192 -41.15 8.54 -14.06
C PRO K 192 -42.44 8.81 -13.29
N VAL K 193 -43.27 9.67 -13.89
CA VAL K 193 -44.59 9.95 -13.31
C VAL K 193 -45.42 8.67 -13.33
N PRO K 194 -46.20 8.37 -12.29
CA PRO K 194 -47.13 7.23 -12.38
C PRO K 194 -48.14 7.41 -13.50
N ALA K 195 -48.39 6.31 -14.23
CA ALA K 195 -49.15 6.38 -15.49
C ALA K 195 -50.60 6.77 -15.25
N ALA K 196 -51.20 6.36 -14.13
CA ALA K 196 -52.58 6.76 -13.83
C ALA K 196 -52.67 8.27 -13.69
N ILE K 197 -51.64 8.89 -13.12
CA ILE K 197 -51.61 10.34 -13.01
C ILE K 197 -51.52 10.98 -14.39
N ALA K 198 -50.55 10.55 -15.20
CA ALA K 198 -50.37 11.15 -16.53
C ALA K 198 -51.62 11.03 -17.37
N ALA K 199 -52.39 9.95 -17.20
CA ALA K 199 -53.64 9.80 -17.93
C ALA K 199 -54.70 10.77 -17.42
N ALA K 200 -54.89 10.81 -16.10
CA ALA K 200 -55.88 11.72 -15.51
C ALA K 200 -55.65 13.17 -15.93
N LEU K 201 -54.42 13.54 -16.24
CA LEU K 201 -54.14 14.90 -16.68
C LEU K 201 -54.20 15.07 -18.19
N GLY K 202 -54.29 13.98 -18.95
CA GLY K 202 -54.27 14.04 -20.39
C GLY K 202 -52.89 14.17 -20.98
N LYS K 203 -51.91 13.48 -20.39
CA LYS K 203 -50.51 13.69 -20.67
C LYS K 203 -49.85 12.36 -21.06
N PRO K 204 -48.94 12.37 -22.03
CA PRO K 204 -48.16 11.15 -22.32
C PRO K 204 -47.36 10.72 -21.09
N ALA K 205 -46.77 9.54 -21.17
CA ALA K 205 -45.85 9.15 -20.11
C ALA K 205 -44.56 9.96 -20.22
N GLY K 206 -43.86 10.07 -19.10
CA GLY K 206 -42.61 10.82 -19.07
C GLY K 206 -42.16 11.09 -17.65
N SER K 207 -41.01 11.77 -17.56
CA SER K 207 -40.47 12.19 -16.28
C SER K 207 -41.20 13.44 -15.76
N TRP K 208 -40.93 13.76 -14.49
CA TRP K 208 -41.52 14.96 -13.89
C TRP K 208 -41.09 16.22 -14.64
N GLN K 209 -39.81 16.31 -15.02
CA GLN K 209 -39.37 17.44 -15.82
C GLN K 209 -40.12 17.50 -17.15
N GLN K 210 -40.33 16.36 -17.79
CA GLN K 210 -40.91 16.36 -19.12
C GLN K 210 -42.39 16.70 -19.10
N LEU K 211 -43.10 16.35 -18.04
CA LEU K 211 -44.52 16.65 -17.95
C LEU K 211 -44.84 17.90 -17.16
N PHE K 212 -43.87 18.48 -16.45
CA PHE K 212 -44.16 19.64 -15.61
C PHE K 212 -43.14 20.75 -15.71
N GLY K 213 -42.08 20.60 -16.51
CA GLY K 213 -41.14 21.69 -16.72
C GLY K 213 -40.52 22.15 -15.43
N ALA K 214 -40.44 23.48 -15.27
CA ALA K 214 -39.83 24.10 -14.09
C ALA K 214 -40.56 23.76 -12.79
N GLU K 215 -41.76 23.19 -12.87
CA GLU K 215 -42.50 22.81 -11.68
C GLU K 215 -42.34 21.35 -11.32
N ALA K 216 -41.35 20.67 -11.91
CA ALA K 216 -41.17 19.23 -11.71
C ALA K 216 -41.09 18.88 -10.23
N ALA K 217 -40.16 19.51 -9.50
CA ALA K 217 -39.99 19.21 -8.09
C ALA K 217 -41.26 19.52 -7.31
N GLU K 218 -41.84 20.71 -7.55
CA GLU K 218 -43.06 21.08 -6.83
C GLU K 218 -44.20 20.11 -7.13
N ALA K 219 -44.38 19.73 -8.40
CA ALA K 219 -45.44 18.78 -8.74
C ALA K 219 -45.17 17.43 -8.11
N PHE K 220 -43.90 17.01 -8.12
CA PHE K 220 -43.52 15.73 -7.53
C PHE K 220 -43.92 15.66 -6.06
N ASN K 221 -43.54 16.66 -5.27
CA ASN K 221 -43.89 16.67 -3.85
C ASN K 221 -45.38 16.84 -3.65
N ALA K 222 -46.04 17.62 -4.53
CA ALA K 222 -47.49 17.71 -4.45
C ALA K 222 -48.12 16.33 -4.57
N HIS K 223 -47.69 15.52 -5.55
CA HIS K 223 -48.24 14.19 -5.68
C HIS K 223 -47.86 13.31 -4.49
N ALA K 224 -46.66 13.49 -3.96
CA ALA K 224 -46.27 12.72 -2.78
C ALA K 224 -47.15 13.05 -1.59
N THR K 225 -47.41 14.35 -1.37
CA THR K 225 -48.28 14.78 -0.28
C THR K 225 -49.72 14.30 -0.49
N ALA K 226 -50.22 14.36 -1.73
CA ALA K 226 -51.60 13.93 -1.99
C ALA K 226 -51.75 12.42 -1.88
N ALA K 227 -50.73 11.66 -2.27
CA ALA K 227 -50.80 10.20 -2.16
C ALA K 227 -50.72 9.77 -0.71
N TYR K 228 -49.90 10.46 0.09
CA TYR K 228 -49.86 10.25 1.52
C TYR K 228 -51.22 10.48 2.17
N ILE K 229 -51.82 11.64 1.90
CA ILE K 229 -53.12 11.95 2.49
C ILE K 229 -54.19 10.98 2.00
N GLU K 230 -54.10 10.54 0.74
CA GLU K 230 -55.09 9.61 0.21
C GLU K 230 -55.12 8.31 1.03
N GLN K 231 -53.95 7.82 1.45
CA GLN K 231 -53.91 6.64 2.31
C GLN K 231 -54.60 6.90 3.63
N VAL K 232 -54.23 8.00 4.29
CA VAL K 232 -54.84 8.36 5.58
C VAL K 232 -56.35 8.50 5.43
N ALA K 233 -56.78 9.25 4.41
CA ALA K 233 -58.21 9.49 4.21
C ALA K 233 -58.95 8.18 3.97
N ALA K 234 -58.48 7.40 2.98
CA ALA K 234 -59.12 6.12 2.68
C ALA K 234 -59.25 5.26 3.93
N ALA K 235 -58.24 5.30 4.82
CA ALA K 235 -58.33 4.51 6.04
C ALA K 235 -59.51 4.96 6.89
N GLY K 236 -59.62 6.28 7.13
CA GLY K 236 -60.76 6.77 7.89
C GLY K 236 -62.08 6.47 7.21
N LYS K 237 -62.11 6.48 5.86
CA LYS K 237 -63.37 6.15 5.19
C LYS K 237 -63.88 4.79 5.57
N ARG K 238 -63.01 3.77 5.57
CA ARG K 238 -63.48 2.43 5.93
C ARG K 238 -64.05 2.43 7.34
N ALA K 239 -63.43 3.18 8.25
CA ALA K 239 -63.95 3.18 9.61
C ALA K 239 -65.30 3.88 9.70
N TYR K 240 -65.47 5.00 8.99
CA TYR K 240 -66.62 5.87 9.18
C TYR K 240 -66.67 6.94 8.10
N PRO K 241 -67.44 6.73 7.02
CA PRO K 241 -67.30 7.54 5.79
C PRO K 241 -67.99 8.91 5.87
N LEU K 242 -67.60 9.71 6.85
CA LEU K 242 -68.02 11.10 6.89
C LEU K 242 -67.37 11.86 5.73
N PRO K 243 -67.93 13.01 5.34
CA PRO K 243 -67.30 13.80 4.28
C PRO K 243 -65.92 14.30 4.72
N LEU K 244 -64.95 14.25 3.82
CA LEU K 244 -63.62 14.73 4.17
C LEU K 244 -63.13 15.79 3.19
N TYR K 245 -62.38 16.74 3.74
CA TYR K 245 -61.79 17.83 2.98
C TYR K 245 -60.41 18.15 3.55
N VAL K 246 -59.60 18.77 2.71
CA VAL K 246 -58.37 19.42 3.17
C VAL K 246 -58.51 20.91 2.89
N ASN K 247 -57.88 21.72 3.73
CA ASN K 247 -57.77 23.17 3.59
C ASN K 247 -56.40 23.51 3.01
N THR K 248 -56.28 24.71 2.42
CA THR K 248 -55.12 25.06 1.63
C THR K 248 -54.55 26.41 2.06
N TRP K 249 -53.29 26.42 2.47
CA TRP K 249 -52.48 27.63 2.47
C TRP K 249 -52.16 27.94 1.02
N LEU K 250 -52.71 29.04 0.52
CA LEU K 250 -52.86 29.30 -0.91
C LEU K 250 -51.61 29.91 -1.53
N ARG K 251 -51.55 29.81 -2.86
CA ARG K 251 -50.60 30.53 -3.69
C ARG K 251 -51.34 31.74 -4.26
N TYR K 252 -51.18 32.89 -3.58
CA TYR K 252 -51.94 34.11 -3.81
C TYR K 252 -51.17 35.25 -3.16
N LYS K 253 -51.69 36.46 -3.29
CA LYS K 253 -51.04 37.66 -2.73
C LYS K 253 -49.59 37.79 -3.19
N GLY K 254 -49.28 37.23 -4.36
CA GLY K 254 -47.95 37.30 -4.90
C GLY K 254 -46.99 36.26 -4.38
N LYS K 255 -47.45 35.36 -3.50
CA LYS K 255 -46.61 34.28 -2.99
C LYS K 255 -46.16 33.38 -4.13
N ARG K 256 -44.85 33.25 -4.29
CA ARG K 256 -44.25 32.62 -5.45
C ARG K 256 -43.27 31.51 -5.12
N TYR K 257 -42.93 31.28 -3.86
CA TYR K 257 -41.82 30.39 -3.51
C TYR K 257 -42.36 29.20 -2.74
N PRO K 258 -42.63 28.09 -3.41
CA PRO K 258 -43.03 26.87 -2.71
C PRO K 258 -41.98 26.51 -1.69
N GLY K 259 -42.43 26.21 -0.47
CA GLY K 259 -41.55 25.86 0.60
C GLY K 259 -41.19 27.00 1.53
N MET K 260 -41.30 28.26 1.07
CA MET K 260 -41.12 29.41 1.95
C MET K 260 -42.36 30.31 2.01
N ASP K 261 -42.89 30.74 0.87
CA ASP K 261 -44.13 31.53 0.85
C ASP K 261 -45.33 30.70 1.28
N TYR K 262 -45.41 29.47 0.80
CA TYR K 262 -46.52 28.57 1.08
C TYR K 262 -45.97 27.15 1.07
N PRO K 263 -46.63 26.21 1.73
CA PRO K 263 -46.12 24.84 1.75
C PRO K 263 -46.06 24.26 0.35
N SER K 264 -44.86 23.83 -0.03
CA SER K 264 -44.68 23.13 -1.31
C SER K 264 -45.49 21.84 -1.31
N GLY K 265 -46.41 21.72 -2.27
CA GLY K 265 -47.15 20.50 -2.45
C GLY K 265 -48.50 20.41 -1.77
N GLY K 266 -49.01 21.50 -1.21
CA GLY K 266 -50.41 21.57 -0.87
C GLY K 266 -51.27 21.71 -2.12
N ALA K 267 -52.58 21.69 -1.91
CA ALA K 267 -53.55 21.72 -3.02
C ALA K 267 -53.70 23.13 -3.60
N THR K 268 -52.58 23.66 -4.07
CA THR K 268 -52.51 25.00 -4.61
C THR K 268 -52.97 25.01 -6.07
N VAL K 269 -53.26 26.22 -6.56
CA VAL K 269 -53.96 26.36 -7.84
C VAL K 269 -53.15 25.76 -8.97
N ASN K 270 -51.82 25.84 -8.88
CA ASN K 270 -50.97 25.40 -9.98
C ASN K 270 -50.83 23.89 -10.07
N VAL K 271 -51.26 23.15 -9.06
CA VAL K 271 -51.18 21.68 -9.08
C VAL K 271 -52.54 21.06 -8.77
N PHE K 272 -53.62 21.82 -8.95
CA PHE K 272 -54.89 21.41 -8.37
C PHE K 272 -55.37 20.10 -8.97
N ALA K 273 -55.45 20.02 -10.31
CA ALA K 273 -55.95 18.82 -10.95
C ALA K 273 -55.11 17.61 -10.58
N LEU K 274 -53.79 17.78 -10.55
CA LEU K 274 -52.89 16.71 -10.11
C LEU K 274 -53.21 16.26 -8.70
N TRP K 275 -53.36 17.21 -7.77
CA TRP K 275 -53.60 16.86 -6.38
C TRP K 275 -54.88 16.05 -6.22
N ARG K 276 -55.92 16.40 -6.97
CA ARG K 276 -57.21 15.72 -6.80
C ARG K 276 -57.20 14.35 -7.44
N ALA K 277 -56.46 14.19 -8.56
CA ALA K 277 -56.37 12.90 -9.22
C ALA K 277 -55.86 11.82 -8.28
N ALA K 278 -55.02 12.20 -7.30
CA ALA K 278 -54.46 11.26 -6.35
C ALA K 278 -55.31 11.08 -5.08
N THR K 279 -56.42 11.80 -4.93
CA THR K 279 -57.18 11.79 -3.67
C THR K 279 -58.67 11.57 -3.93
N PRO K 280 -59.06 10.37 -4.40
CA PRO K 280 -60.50 10.07 -4.51
C PRO K 280 -61.19 9.90 -3.19
N SER K 281 -60.44 9.75 -2.10
CA SER K 281 -61.03 9.65 -0.78
C SER K 281 -61.23 11.01 -0.11
N ILE K 282 -60.74 12.09 -0.69
CA ILE K 282 -61.06 13.44 -0.24
C ILE K 282 -62.19 13.98 -1.10
N ASP K 283 -63.21 14.55 -0.44
CA ASP K 283 -64.42 14.98 -1.14
C ASP K 283 -64.33 16.40 -1.70
N PHE K 284 -63.67 17.34 -1.01
CA PHE K 284 -63.56 18.70 -1.52
C PHE K 284 -62.41 19.44 -0.82
N ILE K 285 -62.15 20.65 -1.28
CA ILE K 285 -60.97 21.43 -0.89
C ILE K 285 -61.42 22.79 -0.39
N GLY K 286 -60.96 23.17 0.79
CA GLY K 286 -61.24 24.49 1.33
C GLY K 286 -60.12 25.47 1.04
N THR K 287 -60.49 26.75 0.96
CA THR K 287 -59.54 27.83 0.76
C THR K 287 -59.44 28.65 2.04
N ASP K 288 -58.21 28.87 2.50
CA ASP K 288 -57.96 29.74 3.64
C ASP K 288 -57.56 31.10 3.07
N ILE K 289 -58.48 32.06 3.18
CA ILE K 289 -58.33 33.35 2.51
C ILE K 289 -58.10 34.43 3.57
N TYR K 290 -56.90 34.97 3.60
CA TYR K 290 -56.56 36.01 4.56
C TYR K 290 -56.22 37.30 3.82
N THR K 291 -57.24 37.91 3.23
CA THR K 291 -57.11 39.22 2.62
C THR K 291 -58.46 39.91 2.62
N SER K 292 -58.45 41.23 2.51
CA SER K 292 -59.68 41.99 2.47
C SER K 292 -60.02 42.48 1.06
N ASP K 293 -59.02 42.51 0.17
CA ASP K 293 -59.15 43.05 -1.17
C ASP K 293 -60.22 42.30 -1.98
N TYR K 294 -61.11 43.06 -2.63
CA TYR K 294 -62.18 42.45 -3.40
C TYR K 294 -61.63 41.64 -4.57
N GLY K 295 -60.67 42.20 -5.30
CA GLY K 295 -60.16 41.52 -6.48
C GLY K 295 -59.47 40.22 -6.16
N GLU K 296 -58.71 40.20 -5.06
CA GLU K 296 -57.96 38.99 -4.71
C GLU K 296 -58.89 37.92 -4.14
N TYR K 297 -59.78 38.32 -3.22
CA TYR K 297 -60.77 37.39 -2.69
C TYR K 297 -61.59 36.78 -3.81
N THR K 298 -62.12 37.63 -4.69
CA THR K 298 -62.92 37.19 -5.83
C THR K 298 -62.10 36.25 -6.73
N LYS K 299 -60.80 36.54 -6.89
CA LYS K 299 -59.95 35.74 -7.76
C LYS K 299 -59.77 34.33 -7.21
N VAL K 300 -59.52 34.20 -5.91
CA VAL K 300 -59.32 32.88 -5.29
C VAL K 300 -60.57 32.04 -5.43
N ILE K 301 -61.74 32.63 -5.13
CA ILE K 301 -63.00 31.90 -5.22
C ILE K 301 -63.21 31.39 -6.64
N GLY K 302 -62.82 32.19 -7.64
CA GLY K 302 -62.93 31.73 -9.01
C GLY K 302 -62.04 30.54 -9.29
N GLN K 303 -60.86 30.51 -8.70
CA GLN K 303 -59.95 29.39 -8.92
C GLN K 303 -60.52 28.09 -8.37
N TYR K 304 -61.20 28.14 -7.22
CA TYR K 304 -61.59 26.90 -6.55
C TYR K 304 -63.06 26.53 -6.76
N ALA K 305 -63.87 27.39 -7.37
CA ALA K 305 -65.27 27.07 -7.64
C ALA K 305 -65.34 26.45 -9.02
N ARG K 306 -65.22 25.12 -9.06
CA ARG K 306 -65.05 24.35 -10.27
C ARG K 306 -66.16 23.33 -10.39
N PRO K 307 -66.39 22.78 -11.58
CA PRO K 307 -67.35 21.67 -11.70
C PRO K 307 -67.05 20.52 -10.78
N ASP K 308 -65.78 20.35 -10.39
CA ASP K 308 -65.33 19.28 -9.49
C ASP K 308 -65.07 19.75 -8.07
N ASN K 309 -65.34 21.01 -7.75
CA ASN K 309 -65.03 21.53 -6.41
C ASN K 309 -65.94 22.68 -6.00
N PRO K 310 -66.64 22.57 -4.87
CA PRO K 310 -67.49 23.68 -4.43
C PRO K 310 -66.65 24.79 -3.82
N ALA K 311 -67.14 26.02 -3.96
CA ALA K 311 -66.60 27.10 -3.14
C ALA K 311 -66.83 26.76 -1.68
N TRP K 312 -65.78 26.95 -0.87
CA TRP K 312 -65.83 26.57 0.53
C TRP K 312 -64.69 27.26 1.26
N VAL K 313 -65.02 28.29 2.03
CA VAL K 313 -64.02 29.04 2.77
C VAL K 313 -63.86 28.36 4.13
N SER K 314 -62.81 27.54 4.25
CA SER K 314 -62.55 26.88 5.52
C SER K 314 -61.98 27.84 6.56
N GLU K 315 -61.38 28.95 6.12
CA GLU K 315 -60.75 29.93 7.01
C GLU K 315 -60.76 31.29 6.34
N THR K 316 -61.10 32.32 7.12
CA THR K 316 -60.92 33.70 6.68
C THR K 316 -60.68 34.56 7.90
N GLY K 317 -60.03 35.71 7.69
CA GLY K 317 -59.63 36.55 8.81
C GLY K 317 -60.83 37.00 9.62
N PHE K 318 -60.70 36.95 10.95
CA PHE K 318 -61.74 37.41 11.85
C PHE K 318 -61.69 38.93 11.93
N GLU K 319 -62.19 39.59 10.90
CA GLU K 319 -62.20 41.04 10.86
C GLU K 319 -63.46 41.52 10.17
N ALA K 320 -63.91 42.72 10.56
CA ALA K 320 -65.15 43.26 10.01
C ALA K 320 -65.12 43.28 8.48
N ALA K 321 -64.02 43.77 7.91
CA ALA K 321 -63.92 43.98 6.46
C ALA K 321 -64.11 42.70 5.65
N THR K 322 -64.14 41.54 6.31
CA THR K 322 -64.29 40.27 5.65
C THR K 322 -65.75 39.78 5.61
N ALA K 323 -66.64 40.40 6.39
CA ALA K 323 -68.04 39.96 6.45
C ALA K 323 -68.79 40.01 5.12
N PRO K 324 -68.59 40.99 4.22
CA PRO K 324 -69.35 40.96 2.96
C PRO K 324 -69.12 39.73 2.10
N TYR K 325 -67.95 39.09 2.18
CA TYR K 325 -67.64 38.01 1.25
C TYR K 325 -68.45 36.75 1.52
N LEU K 326 -69.04 36.61 2.71
CA LEU K 326 -69.98 35.52 2.95
C LEU K 326 -71.04 35.47 1.86
N PHE K 327 -71.47 36.63 1.37
CA PHE K 327 -72.52 36.68 0.35
C PHE K 327 -71.98 36.39 -1.05
N HIS K 328 -70.76 36.86 -1.34
CA HIS K 328 -70.09 36.46 -2.58
C HIS K 328 -69.89 34.95 -2.62
N VAL K 329 -69.42 34.37 -1.51
CA VAL K 329 -69.13 32.93 -1.49
C VAL K 329 -70.40 32.12 -1.74
N LEU K 330 -71.48 32.47 -1.02
CA LEU K 330 -72.77 31.83 -1.31
C LEU K 330 -73.15 32.03 -2.77
N GLY K 331 -72.93 33.24 -3.29
CA GLY K 331 -73.33 33.59 -4.66
C GLY K 331 -72.57 32.86 -5.75
N GLN K 332 -71.48 32.17 -5.40
CA GLN K 332 -70.78 31.29 -6.32
C GLN K 332 -71.09 29.83 -6.06
N GLY K 333 -72.21 29.54 -5.40
CA GLY K 333 -72.57 28.17 -5.09
C GLY K 333 -71.88 27.59 -3.88
N GLY K 334 -71.33 28.43 -3.00
CA GLY K 334 -70.56 27.91 -1.88
C GLY K 334 -71.42 27.15 -0.89
N ILE K 335 -70.79 26.20 -0.20
CA ILE K 335 -71.47 25.40 0.83
C ILE K 335 -71.20 25.91 2.24
N GLY K 336 -70.26 26.83 2.44
CA GLY K 336 -69.91 27.26 3.78
C GLY K 336 -68.92 28.40 3.82
N PHE K 337 -68.80 28.98 5.00
CA PHE K 337 -67.99 30.17 5.23
C PHE K 337 -67.55 30.12 6.68
N SER K 338 -66.27 30.39 6.95
CA SER K 338 -65.73 30.23 8.29
C SER K 338 -64.79 31.37 8.62
N VAL K 339 -64.93 31.91 9.83
CA VAL K 339 -64.00 32.91 10.35
C VAL K 339 -63.09 32.20 11.35
N PHE K 340 -61.82 32.59 11.38
CA PHE K 340 -60.80 31.92 12.17
C PHE K 340 -60.38 32.73 13.38
N GLY K 341 -60.16 32.04 14.51
CA GLY K 341 -59.50 32.65 15.65
C GLY K 341 -60.37 33.65 16.38
N ILE K 342 -61.52 33.17 16.87
CA ILE K 342 -62.57 34.05 17.37
C ILE K 342 -62.55 34.25 18.88
N ASP K 343 -61.81 33.41 19.62
CA ASP K 343 -61.93 33.32 21.07
C ASP K 343 -60.72 33.91 21.77
N GLY K 344 -60.98 34.60 22.89
CA GLY K 344 -59.93 35.05 23.78
C GLY K 344 -59.02 36.13 23.25
N ASN K 345 -59.46 36.87 22.23
CA ASN K 345 -58.59 37.91 21.70
C ASN K 345 -58.58 39.10 22.65
N PRO K 346 -57.48 39.86 22.67
CA PRO K 346 -57.47 41.10 23.44
C PRO K 346 -58.60 42.01 23.01
N ASP K 347 -59.25 42.64 23.99
CA ASP K 347 -60.32 43.57 23.69
C ASP K 347 -59.77 44.76 22.90
N SER K 348 -60.44 45.11 21.82
CA SER K 348 -60.06 46.21 20.94
C SER K 348 -61.26 46.58 20.09
N GLY K 349 -61.21 47.78 19.51
CA GLY K 349 -62.27 48.18 18.61
C GLY K 349 -62.44 47.22 17.44
N ALA K 350 -61.32 46.78 16.87
CA ALA K 350 -61.39 45.88 15.71
C ALA K 350 -62.02 44.55 16.08
N ASN K 351 -61.67 44.01 17.26
CA ASN K 351 -62.20 42.70 17.66
C ASN K 351 -63.69 42.80 17.94
N ARG K 352 -64.11 43.88 18.59
CA ARG K 352 -65.55 44.11 18.77
C ARG K 352 -66.24 44.27 17.43
N ALA K 353 -65.57 44.94 16.48
CA ALA K 353 -66.18 45.20 15.19
C ALA K 353 -66.29 43.92 14.36
N ALA K 354 -65.35 42.99 14.56
CA ALA K 354 -65.45 41.70 13.89
C ALA K 354 -66.55 40.85 14.50
N ILE K 355 -66.71 40.94 15.83
CA ILE K 355 -67.78 40.21 16.48
C ILE K 355 -69.12 40.71 15.97
N ALA K 356 -69.32 42.03 16.01
CA ALA K 356 -70.61 42.60 15.62
C ALA K 356 -70.93 42.30 14.16
N ALA K 357 -69.92 42.40 13.28
CA ALA K 357 -70.15 42.21 11.85
C ALA K 357 -70.51 40.78 11.51
N HIS K 358 -69.77 39.81 12.07
CA HIS K 358 -70.01 38.42 11.70
C HIS K 358 -71.20 37.84 12.44
N ALA K 359 -71.35 38.18 13.73
CA ALA K 359 -72.59 37.84 14.42
C ALA K 359 -73.80 38.24 13.60
N ALA K 360 -73.76 39.44 13.00
CA ALA K 360 -74.93 40.00 12.34
C ALA K 360 -75.40 39.11 11.18
N ASN K 361 -74.50 38.74 10.27
CA ASN K 361 -75.00 37.99 9.12
C ASN K 361 -75.09 36.49 9.38
N PHE K 362 -74.43 35.97 10.42
CA PHE K 362 -74.82 34.62 10.87
C PHE K 362 -76.22 34.67 11.50
N ARG K 363 -76.47 35.68 12.32
CA ARG K 363 -77.80 35.84 12.88
C ARG K 363 -78.85 36.01 11.79
N GLN K 364 -78.50 36.66 10.69
CA GLN K 364 -79.46 36.92 9.62
C GLN K 364 -79.73 35.66 8.79
N LEU K 365 -78.68 34.92 8.44
CA LEU K 365 -78.84 33.78 7.53
C LEU K 365 -79.00 32.44 8.23
N ALA K 366 -78.64 32.33 9.52
CA ALA K 366 -78.87 31.08 10.25
C ALA K 366 -80.29 30.57 10.10
N PRO K 367 -81.35 31.35 10.36
CA PRO K 367 -82.71 30.79 10.19
C PRO K 367 -83.06 30.48 8.74
N LEU K 368 -82.21 30.83 7.77
CA LEU K 368 -82.51 30.65 6.36
C LEU K 368 -81.64 29.59 5.70
N GLN K 369 -80.73 28.95 6.45
CA GLN K 369 -79.66 28.18 5.82
C GLN K 369 -80.19 26.99 5.03
N ARG K 370 -81.19 26.28 5.56
CA ARG K 370 -81.77 25.18 4.80
C ARG K 370 -82.29 25.68 3.46
N LEU K 371 -83.10 26.74 3.50
CA LEU K 371 -83.66 27.30 2.27
C LEU K 371 -82.54 27.76 1.34
N ILE K 372 -81.52 28.42 1.89
CA ILE K 372 -80.41 28.91 1.08
C ILE K 372 -79.66 27.76 0.44
N ALA K 373 -79.41 26.71 1.22
CA ALA K 373 -78.62 25.58 0.73
C ALA K 373 -79.37 24.85 -0.39
N GLN K 374 -80.65 24.57 -0.19
CA GLN K 374 -81.43 23.88 -1.21
C GLN K 374 -81.52 24.72 -2.48
N ALA K 375 -81.64 26.04 -2.33
CA ALA K 375 -81.72 26.89 -3.51
C ALA K 375 -80.37 26.99 -4.22
N ASN K 376 -79.27 26.91 -3.47
CA ASN K 376 -77.95 26.92 -4.09
C ASN K 376 -77.73 25.65 -4.91
N LEU K 377 -78.18 24.50 -4.41
CA LEU K 377 -78.08 23.25 -5.16
C LEU K 377 -78.94 23.29 -6.41
N ASP K 378 -80.15 23.85 -6.31
CA ASP K 378 -81.04 23.96 -7.45
C ASP K 378 -80.60 25.02 -8.46
N GLY K 379 -79.68 25.91 -8.09
CA GLY K 379 -79.35 27.00 -8.98
C GLY K 379 -80.35 28.14 -8.95
N ARG K 380 -81.04 28.33 -7.84
CA ARG K 380 -82.03 29.40 -7.69
C ARG K 380 -81.56 30.51 -6.77
N LEU K 381 -80.32 30.44 -6.29
CA LEU K 381 -79.76 31.41 -5.37
C LEU K 381 -78.72 32.25 -6.07
N GLN K 382 -78.82 33.57 -5.93
CA GLN K 382 -77.81 34.50 -6.41
C GLN K 382 -77.50 35.49 -5.28
N ALA K 383 -76.20 35.78 -5.10
CA ALA K 383 -75.81 36.69 -4.04
C ALA K 383 -74.52 37.37 -4.45
N VAL K 384 -74.27 38.53 -3.84
CA VAL K 384 -73.25 39.46 -4.31
C VAL K 384 -72.68 40.21 -3.12
N ALA K 385 -71.41 40.60 -3.23
CA ALA K 385 -70.75 41.50 -2.30
C ALA K 385 -70.37 42.79 -3.04
N GLU K 386 -70.44 43.92 -2.34
CA GLU K 386 -70.15 45.22 -2.93
C GLU K 386 -68.70 45.32 -3.39
N GLN K 387 -68.49 45.83 -4.62
CA GLN K 387 -67.18 46.09 -5.21
C GLN K 387 -66.89 47.58 -5.17
N PRO K 388 -65.71 47.98 -4.69
CA PRO K 388 -65.43 49.43 -4.53
C PRO K 388 -65.53 50.24 -5.82
N GLY K 389 -64.94 49.80 -6.91
CA GLY K 389 -65.12 50.73 -8.00
C GLY K 389 -66.42 50.63 -8.76
N ALA K 390 -67.33 49.73 -8.37
CA ALA K 390 -68.47 49.36 -9.20
C ALA K 390 -69.68 49.09 -8.31
N PRO K 391 -70.42 50.13 -7.96
CA PRO K 391 -71.47 49.96 -6.93
C PRO K 391 -72.82 49.49 -7.45
N GLN K 392 -72.84 48.82 -8.61
CA GLN K 392 -74.10 48.31 -9.16
C GLN K 392 -73.90 46.92 -9.74
N ARG K 393 -74.91 46.07 -9.54
CA ARG K 393 -74.93 44.72 -10.07
C ARG K 393 -76.31 44.45 -10.64
N THR K 394 -76.37 43.58 -11.63
CA THR K 394 -77.64 43.16 -12.22
C THR K 394 -77.74 41.65 -12.09
N LEU K 395 -78.82 41.19 -11.49
CA LEU K 395 -79.09 39.78 -11.29
C LEU K 395 -80.24 39.41 -12.20
N ARG K 396 -80.09 38.32 -12.97
CA ARG K 396 -81.08 37.94 -13.95
C ARG K 396 -81.85 36.72 -13.48
N PHE K 397 -83.18 36.77 -13.64
CA PHE K 397 -84.08 35.69 -13.24
C PHE K 397 -85.08 35.42 -14.38
N GLY K 398 -84.55 35.13 -15.56
CA GLY K 398 -85.39 34.92 -16.74
C GLY K 398 -86.16 36.17 -17.15
N ASP K 399 -87.48 36.14 -16.96
CA ASP K 399 -88.29 37.29 -17.33
C ASP K 399 -88.07 38.50 -16.44
N TRP K 400 -87.42 38.36 -15.30
CA TRP K 400 -87.23 39.45 -14.37
C TRP K 400 -85.74 39.68 -14.12
N GLU K 401 -85.42 40.94 -13.79
CA GLU K 401 -84.08 41.36 -13.42
C GLU K 401 -84.12 42.13 -12.12
N ALA K 402 -83.07 41.98 -11.32
CA ALA K 402 -82.89 42.70 -10.07
C ALA K 402 -81.67 43.59 -10.19
N LYS K 403 -81.85 44.89 -10.01
CA LYS K 403 -80.75 45.86 -10.04
C LYS K 403 -80.37 46.22 -8.61
N VAL K 404 -79.17 45.80 -8.19
CA VAL K 404 -78.69 46.03 -6.82
C VAL K 404 -77.74 47.22 -6.82
N SER K 405 -77.99 48.18 -5.94
CA SER K 405 -77.24 49.44 -5.86
C SER K 405 -76.68 49.64 -4.46
N PHE K 406 -75.45 50.15 -4.38
CA PHE K 406 -74.79 50.40 -3.10
C PHE K 406 -74.45 51.87 -2.94
N GLY K 407 -74.61 52.37 -1.73
CA GLY K 407 -74.41 53.78 -1.45
C GLY K 407 -75.64 54.64 -1.68
N ALA K 408 -76.77 54.05 -2.01
CA ALA K 408 -77.99 54.84 -2.15
C ALA K 408 -78.51 55.21 -0.77
N PRO K 409 -79.24 56.32 -0.67
CA PRO K 409 -79.92 56.62 0.61
C PRO K 409 -80.94 55.54 0.94
N LEU K 410 -81.25 55.44 2.23
CA LEU K 410 -82.28 54.51 2.67
C LEU K 410 -83.66 54.88 2.13
N TRP K 411 -83.87 56.15 1.77
CA TRP K 411 -85.11 56.58 1.15
C TRP K 411 -84.82 57.66 0.12
N GLY K 412 -85.64 57.71 -0.92
CA GLY K 412 -85.52 58.75 -1.92
C GLY K 412 -84.67 58.35 -3.10
N ASP K 413 -84.49 59.34 -3.98
CA ASP K 413 -83.81 59.13 -5.25
C ASP K 413 -82.34 58.85 -5.05
N ALA K 414 -81.80 57.90 -5.81
CA ALA K 414 -80.37 57.73 -5.85
C ALA K 414 -79.72 58.94 -6.52
N PRO K 415 -78.47 59.25 -6.18
CA PRO K 415 -77.72 60.24 -6.95
C PRO K 415 -77.41 59.73 -8.35
N ALA K 416 -77.07 60.68 -9.23
CA ALA K 416 -76.70 60.32 -10.61
C ALA K 416 -75.58 59.29 -10.62
N ILE K 417 -74.55 59.51 -9.82
CA ILE K 417 -73.44 58.59 -9.67
C ILE K 417 -73.54 57.97 -8.29
N LEU K 418 -73.64 56.64 -8.25
CA LEU K 418 -73.65 55.97 -6.96
C LEU K 418 -72.25 56.04 -6.34
N PRO K 419 -72.14 56.50 -5.09
CA PRO K 419 -70.84 56.56 -4.42
C PRO K 419 -70.38 55.26 -3.80
N GLY K 420 -71.26 54.28 -3.67
CA GLY K 420 -70.95 53.12 -2.86
C GLY K 420 -70.97 53.47 -1.38
N ASN K 421 -70.76 52.45 -0.57
CA ASN K 421 -70.72 52.60 0.87
C ASN K 421 -69.30 52.94 1.32
N ASP K 422 -69.20 53.83 2.31
CA ASP K 422 -67.89 54.31 2.75
C ASP K 422 -67.00 53.14 3.18
N ASP K 423 -67.57 52.19 3.91
CA ASP K 423 -66.86 51.00 4.35
C ASP K 423 -67.08 49.81 3.42
N HIS K 424 -67.75 50.02 2.29
CA HIS K 424 -67.95 48.99 1.25
C HIS K 424 -68.56 47.71 1.81
N ALA K 425 -69.42 47.85 2.82
CA ALA K 425 -69.97 46.69 3.52
C ALA K 425 -71.23 46.12 2.86
N GLY K 426 -71.59 46.59 1.66
CA GLY K 426 -72.85 46.18 1.07
C GLY K 426 -72.86 44.73 0.64
N ARG K 427 -74.03 44.11 0.75
CA ARG K 427 -74.22 42.73 0.32
C ARG K 427 -75.71 42.43 0.17
N LEU K 428 -76.04 41.46 -0.68
CA LEU K 428 -77.43 41.12 -0.91
C LEU K 428 -77.52 39.69 -1.43
N LEU K 429 -78.62 39.04 -1.09
CA LEU K 429 -78.88 37.67 -1.50
C LEU K 429 -80.31 37.60 -2.03
N VAL K 430 -80.50 36.88 -3.13
CA VAL K 430 -81.83 36.69 -3.70
C VAL K 430 -82.01 35.23 -4.05
N ALA K 431 -83.00 34.59 -3.42
CA ALA K 431 -83.36 33.20 -3.66
C ALA K 431 -84.72 33.17 -4.37
N GLN K 432 -84.74 32.64 -5.59
CA GLN K 432 -85.97 32.55 -6.34
C GLN K 432 -86.80 31.38 -5.81
N LEU K 433 -87.94 31.69 -5.20
CA LEU K 433 -88.81 30.70 -4.59
C LEU K 433 -89.79 30.09 -5.59
N GLY K 434 -90.21 30.89 -6.56
CA GLY K 434 -91.09 30.44 -7.61
C GLY K 434 -90.98 31.33 -8.83
N PRO K 435 -91.82 31.10 -9.84
CA PRO K 435 -91.68 31.87 -11.09
C PRO K 435 -91.75 33.38 -10.90
N GLU K 436 -92.46 33.86 -9.86
CA GLU K 436 -92.59 35.30 -9.66
C GLU K 436 -92.45 35.66 -8.18
N GLU K 437 -91.76 34.84 -7.41
CA GLU K 437 -91.57 35.05 -5.99
C GLU K 437 -90.08 34.99 -5.68
N PHE K 438 -89.65 35.81 -4.72
CA PHE K 438 -88.25 35.97 -4.38
C PHE K 438 -88.11 36.22 -2.89
N LEU K 439 -87.09 35.62 -2.29
CA LEU K 439 -86.67 35.96 -0.94
C LEU K 439 -85.42 36.83 -1.04
N VAL K 440 -85.42 37.95 -0.33
CA VAL K 440 -84.33 38.93 -0.41
C VAL K 440 -83.87 39.30 0.98
N THR K 441 -82.55 39.47 1.15
CA THR K 441 -81.99 39.98 2.39
C THR K 441 -80.54 40.39 2.16
N GLY K 442 -80.06 41.28 3.03
CA GLY K 442 -78.70 41.76 2.93
C GLY K 442 -78.43 42.89 3.90
N THR K 443 -77.37 43.66 3.60
CA THR K 443 -76.91 44.77 4.42
C THR K 443 -76.48 45.91 3.50
N ALA K 444 -76.92 47.12 3.85
CA ALA K 444 -76.51 48.35 3.17
C ALA K 444 -76.66 48.23 1.65
N ALA K 445 -77.87 47.92 1.21
CA ALA K 445 -78.11 47.71 -0.21
C ALA K 445 -79.52 48.11 -0.58
N ARG K 446 -79.69 48.41 -1.86
CA ARG K 446 -80.99 48.69 -2.47
C ARG K 446 -81.15 47.76 -3.67
N ILE K 447 -82.34 47.17 -3.82
CA ILE K 447 -82.64 46.28 -4.94
C ILE K 447 -83.93 46.76 -5.60
N GLU K 448 -83.95 46.72 -6.93
CA GLU K 448 -85.11 47.10 -7.73
C GLU K 448 -85.35 46.01 -8.77
N PHE K 449 -86.59 45.51 -8.84
CA PHE K 449 -86.97 44.47 -9.79
C PHE K 449 -87.52 45.09 -11.07
N PHE K 450 -87.22 44.44 -12.20
CA PHE K 450 -87.63 44.94 -13.51
C PHE K 450 -88.03 43.79 -14.41
N ARG K 451 -89.06 44.00 -15.23
CA ARG K 451 -89.57 42.97 -16.12
C ARG K 451 -89.21 43.31 -17.57
N SER K 452 -88.95 42.28 -18.36
CA SER K 452 -88.75 42.44 -19.79
C SER K 452 -89.63 41.45 -20.55
N ALA K 453 -89.18 40.20 -20.65
CA ALA K 453 -89.99 39.00 -20.89
C ALA K 453 -90.48 38.82 -22.32
N ALA K 454 -90.22 39.76 -23.24
CA ALA K 454 -90.69 39.72 -24.62
C ALA K 454 -92.21 39.68 -24.72
N ASP K 455 -92.90 40.14 -23.67
CA ASP K 455 -94.32 40.37 -23.71
C ASP K 455 -94.58 41.78 -24.22
N THR K 456 -95.84 42.14 -24.28
CA THR K 456 -96.24 43.55 -24.29
C THR K 456 -96.62 44.03 -22.89
N ARG K 457 -96.62 43.13 -21.91
CA ARG K 457 -97.20 43.38 -20.59
C ARG K 457 -96.25 44.25 -19.76
N HIS K 458 -96.75 44.74 -18.63
CA HIS K 458 -96.01 45.63 -17.76
C HIS K 458 -95.79 44.98 -16.40
N GLY K 459 -94.61 45.20 -15.83
CA GLY K 459 -94.27 44.63 -14.54
C GLY K 459 -94.67 45.51 -13.36
N GLN K 460 -95.03 44.87 -12.26
CA GLN K 460 -95.44 45.59 -11.07
C GLN K 460 -95.20 44.73 -9.85
N LEU K 461 -95.08 45.41 -8.73
CA LEU K 461 -95.06 44.78 -7.42
C LEU K 461 -96.49 44.41 -7.01
N LEU K 462 -96.65 43.25 -6.38
CA LEU K 462 -97.94 42.79 -5.88
C LEU K 462 -98.00 42.71 -4.36
N GLN K 463 -97.01 42.08 -3.73
CA GLN K 463 -96.98 41.92 -2.28
C GLN K 463 -95.55 41.84 -1.81
N VAL K 464 -95.19 42.69 -0.85
CA VAL K 464 -93.87 42.68 -0.23
C VAL K 464 -94.10 42.41 1.25
N GLU K 465 -93.68 41.25 1.70
CA GLU K 465 -93.84 40.85 3.08
C GLU K 465 -92.49 40.89 3.79
N GLN K 466 -92.41 41.71 4.84
CA GLN K 466 -91.33 41.65 5.82
C GLN K 466 -91.68 40.59 6.86
N GLY K 467 -90.77 39.64 7.05
CA GLY K 467 -91.02 38.62 8.05
C GLY K 467 -89.75 37.88 8.44
N ARG K 468 -89.95 36.87 9.28
CA ARG K 468 -88.91 36.03 9.81
C ARG K 468 -89.38 34.59 9.62
N TYR K 469 -88.43 33.65 9.68
CA TYR K 469 -88.72 32.22 9.72
C TYR K 469 -88.39 31.75 11.13
N VAL K 470 -89.40 31.32 11.88
CA VAL K 470 -89.16 30.76 13.21
C VAL K 470 -89.47 29.27 13.08
N ASP K 471 -88.41 28.44 13.14
CA ASP K 471 -88.43 26.99 12.90
C ASP K 471 -88.69 26.59 11.44
N GLY K 472 -88.56 27.49 10.47
CA GLY K 472 -89.07 27.11 9.15
C GLY K 472 -90.56 27.38 8.97
N ARG K 473 -91.12 28.32 9.73
CA ARG K 473 -92.45 28.88 9.52
C ARG K 473 -92.30 30.36 9.21
N TRP K 474 -93.07 30.85 8.23
CA TRP K 474 -92.93 32.21 7.72
C TRP K 474 -93.87 33.14 8.48
N GLN K 475 -93.31 33.98 9.35
CA GLN K 475 -94.06 34.90 10.20
C GLN K 475 -94.03 36.29 9.55
N MET K 476 -95.16 36.73 9.02
CA MET K 476 -95.24 38.09 8.46
C MET K 476 -95.32 39.13 9.58
N GLU K 477 -94.33 40.03 9.65
CA GLU K 477 -94.39 41.15 10.58
C GLU K 477 -95.31 42.24 10.03
N ARG K 478 -95.05 42.68 8.80
CA ARG K 478 -95.79 43.76 8.14
C ARG K 478 -95.70 43.55 6.63
N GLN K 479 -96.43 44.37 5.88
CA GLN K 479 -96.32 44.43 4.43
C GLN K 479 -95.79 45.80 4.02
N LEU K 480 -94.84 45.80 3.09
CA LEU K 480 -94.15 47.02 2.66
C LEU K 480 -94.83 47.59 1.42
N ASN K 481 -94.96 48.91 1.41
CA ASN K 481 -95.59 49.63 0.30
C ASN K 481 -95.30 51.11 0.50
N GLY K 482 -95.68 51.90 -0.50
CA GLY K 482 -95.49 53.35 -0.43
C GLY K 482 -94.02 53.74 -0.24
N ASP K 483 -93.75 54.48 0.82
CA ASP K 483 -92.39 54.96 1.10
C ASP K 483 -91.38 53.82 1.11
N GLN K 484 -91.72 52.70 1.76
CA GLN K 484 -90.88 51.52 1.89
C GLN K 484 -90.72 50.74 0.56
N THR K 485 -91.37 51.21 -0.50
CA THR K 485 -91.33 50.57 -1.80
C THR K 485 -91.07 51.55 -2.94
N ASP K 486 -91.25 52.85 -2.72
CA ASP K 486 -91.15 53.86 -3.79
C ASP K 486 -89.78 53.88 -4.45
N TYR K 487 -88.72 53.56 -3.71
CA TYR K 487 -87.35 53.70 -4.18
C TYR K 487 -86.61 52.38 -3.96
N GLY K 488 -87.16 51.31 -4.52
CA GLY K 488 -86.63 49.98 -4.30
C GLY K 488 -86.77 49.54 -2.86
N LEU K 489 -86.31 48.31 -2.59
CA LEU K 489 -86.30 47.77 -1.24
C LEU K 489 -84.93 48.00 -0.62
N ASN K 490 -84.91 48.67 0.52
CA ASN K 490 -83.67 49.18 1.11
C ASN K 490 -83.33 48.45 2.39
N PHE K 491 -82.10 47.95 2.48
CA PHE K 491 -81.59 47.27 3.67
C PHE K 491 -80.50 48.15 4.28
N GLY K 492 -80.71 48.55 5.54
CA GLY K 492 -79.77 49.43 6.19
C GLY K 492 -78.70 48.71 6.96
N ARG K 493 -78.63 48.97 8.27
CA ARG K 493 -77.59 48.43 9.12
C ARG K 493 -78.18 47.67 10.29
N THR K 494 -77.32 46.92 10.96
CA THR K 494 -77.69 46.27 12.21
C THR K 494 -77.76 47.31 13.32
N ASP K 495 -78.82 47.26 14.12
CA ASP K 495 -78.89 48.20 15.23
C ASP K 495 -77.99 47.73 16.38
N ALA K 496 -77.77 48.64 17.33
CA ALA K 496 -76.87 48.34 18.46
C ALA K 496 -77.32 47.13 19.26
N ALA K 497 -78.61 46.82 19.24
CA ALA K 497 -79.18 45.68 19.96
C ALA K 497 -78.99 44.35 19.22
N GLY K 498 -78.15 44.31 18.18
CA GLY K 498 -77.83 43.08 17.49
C GLY K 498 -78.70 42.70 16.31
N GLN K 499 -79.85 43.35 16.12
CA GLN K 499 -80.83 42.89 15.14
C GLN K 499 -80.39 43.27 13.72
N PRO K 500 -80.23 42.30 12.82
CA PRO K 500 -79.78 42.61 11.46
C PRO K 500 -80.92 43.10 10.58
N PRO K 501 -80.61 43.66 9.41
CA PRO K 501 -81.67 44.07 8.47
C PRO K 501 -82.60 42.92 8.14
N PRO K 502 -83.82 43.21 7.69
CA PRO K 502 -84.88 42.20 7.66
C PRO K 502 -84.81 41.25 6.47
N VAL K 503 -85.67 40.25 6.51
CA VAL K 503 -85.86 39.28 5.43
C VAL K 503 -87.18 39.59 4.74
N LEU K 504 -87.17 39.62 3.41
CA LEU K 504 -88.34 40.03 2.64
C LEU K 504 -88.78 38.97 1.65
N ARG K 505 -90.09 38.79 1.54
CA ARG K 505 -90.71 37.91 0.56
C ARG K 505 -91.37 38.77 -0.51
N VAL K 506 -90.88 38.66 -1.74
CA VAL K 506 -91.33 39.54 -2.82
C VAL K 506 -92.07 38.71 -3.86
N ARG K 507 -93.34 39.03 -4.07
CA ARG K 507 -94.12 38.47 -5.16
C ARG K 507 -94.38 39.57 -6.19
N VAL K 508 -94.15 39.26 -7.45
CA VAL K 508 -94.38 40.23 -8.53
C VAL K 508 -95.48 39.72 -9.44
N GLY K 509 -95.81 40.53 -10.43
CA GLY K 509 -96.77 40.15 -11.44
C GLY K 509 -96.79 41.17 -12.55
N SER K 510 -97.78 41.05 -13.43
CA SER K 510 -97.86 41.92 -14.60
C SER K 510 -99.30 42.41 -14.80
N TYR K 511 -99.43 43.35 -15.72
CA TYR K 511 -100.71 43.74 -16.28
C TYR K 511 -100.51 44.23 -17.73
N GLU L 2 48.72 7.96 -29.79
CA GLU L 2 48.40 8.39 -31.14
C GLU L 2 49.56 8.08 -32.10
N GLU L 3 49.49 8.62 -33.32
CA GLU L 3 50.45 8.27 -34.37
C GLU L 3 51.86 8.71 -33.98
N LEU L 4 52.84 8.00 -34.55
CA LEU L 4 54.22 8.41 -34.39
C LEU L 4 54.46 9.69 -35.18
N PRO L 5 55.20 10.65 -34.62
CA PRO L 5 55.64 11.81 -35.42
C PRO L 5 56.41 11.32 -36.63
N ARG L 6 56.27 12.05 -37.73
CA ARG L 6 56.70 11.48 -39.01
C ARG L 6 56.87 12.58 -40.05
N PHE L 7 58.00 12.56 -40.75
CA PHE L 7 58.28 13.54 -41.79
C PHE L 7 57.71 13.06 -43.12
N PHE L 8 57.09 13.97 -43.85
CA PHE L 8 56.23 13.64 -44.98
C PHE L 8 56.57 14.54 -46.16
N THR L 9 56.68 13.92 -47.35
CA THR L 9 56.94 14.66 -48.58
C THR L 9 55.93 14.28 -49.64
N GLN L 10 55.43 15.28 -50.37
CA GLN L 10 54.38 15.07 -51.37
C GLN L 10 54.47 16.19 -52.41
N ASN L 11 54.80 15.82 -53.66
CA ASN L 11 54.81 16.77 -54.78
C ASN L 11 55.81 17.90 -54.52
N GLY L 12 56.97 17.57 -53.97
CA GLY L 12 57.92 18.62 -53.65
C GLY L 12 57.56 19.50 -52.47
N ARG L 13 56.48 19.20 -51.75
CA ARG L 13 56.11 19.94 -50.55
C ARG L 13 56.28 19.05 -49.31
N HIS L 14 56.54 19.68 -48.18
CA HIS L 14 56.96 18.95 -47.00
C HIS L 14 56.11 19.33 -45.80
N ALA L 15 56.07 18.43 -44.83
CA ALA L 15 55.39 18.68 -43.58
C ALA L 15 55.93 17.72 -42.54
N LEU L 16 55.91 18.18 -41.29
CA LEU L 16 56.17 17.33 -40.15
C LEU L 16 54.82 16.91 -39.60
N LEU L 17 54.56 15.61 -39.58
CA LEU L 17 53.28 15.10 -39.07
C LEU L 17 53.41 14.82 -37.59
N VAL L 18 52.58 15.47 -36.79
CA VAL L 18 52.57 15.32 -35.34
C VAL L 18 51.14 15.03 -34.91
N ASP L 19 50.94 13.88 -34.28
CA ASP L 19 49.61 13.40 -33.91
C ASP L 19 48.69 13.36 -35.13
N GLY L 20 49.24 12.93 -36.26
CA GLY L 20 48.47 12.64 -37.44
C GLY L 20 48.23 13.80 -38.39
N ALA L 21 48.69 15.01 -38.07
CA ALA L 21 48.41 16.19 -38.88
C ALA L 21 49.69 17.00 -39.00
N PRO L 22 49.80 17.85 -40.04
CA PRO L 22 50.93 18.78 -40.11
C PRO L 22 51.06 19.63 -38.85
N TYR L 23 52.29 20.05 -38.58
CA TYR L 23 52.67 20.71 -37.33
C TYR L 23 53.77 21.72 -37.64
N THR L 24 53.59 22.97 -37.22
CA THR L 24 54.61 23.99 -37.39
C THR L 24 55.38 24.14 -36.10
N ILE L 25 56.69 23.88 -36.15
CA ILE L 25 57.53 24.04 -34.97
C ILE L 25 57.80 25.51 -34.75
N LEU L 26 57.35 26.03 -33.61
CA LEU L 26 57.70 27.35 -33.10
C LEU L 26 58.55 27.08 -31.87
N ALA L 27 59.88 27.17 -32.04
CA ALA L 27 60.84 26.63 -31.10
C ALA L 27 61.71 27.72 -30.48
N ALA L 28 62.17 27.43 -29.26
CA ALA L 28 63.23 28.14 -28.57
C ALA L 28 64.22 27.14 -27.99
N GLN L 29 65.52 27.42 -28.18
CA GLN L 29 66.59 26.54 -27.69
C GLN L 29 67.24 27.15 -26.45
N LEU L 30 67.57 26.29 -25.50
CA LEU L 30 68.35 26.65 -24.33
C LEU L 30 69.83 26.76 -24.67
N HIS L 31 70.59 27.38 -23.78
CA HIS L 31 72.02 27.44 -23.96
C HIS L 31 72.62 26.06 -23.77
N ASN L 32 73.85 25.91 -24.24
CA ASN L 32 74.48 24.59 -24.30
C ASN L 32 74.54 23.92 -22.93
N SER L 33 74.69 24.68 -21.86
CA SER L 33 74.94 24.10 -20.54
C SER L 33 73.73 24.19 -19.64
N SER L 34 72.55 24.40 -20.19
CA SER L 34 71.34 24.59 -19.39
C SER L 34 70.52 23.30 -19.20
N ALA L 35 70.92 22.19 -19.82
CA ALA L 35 70.15 20.95 -19.75
C ALA L 35 70.58 20.10 -18.55
N TRP L 36 70.45 20.70 -17.37
CA TRP L 36 70.83 20.11 -16.10
C TRP L 36 69.69 20.30 -15.11
N PRO L 37 69.43 19.31 -14.26
CA PRO L 37 68.16 19.28 -13.51
C PRO L 37 67.85 20.52 -12.70
N ALA L 38 68.87 21.19 -12.15
CA ALA L 38 68.61 22.40 -11.37
C ALA L 38 68.32 23.60 -12.26
N VAL L 39 68.80 23.59 -13.50
CA VAL L 39 68.62 24.73 -14.40
C VAL L 39 67.32 24.65 -15.18
N LEU L 40 66.79 23.45 -15.40
CA LEU L 40 65.73 23.28 -16.37
C LEU L 40 64.45 24.04 -16.02
N PRO L 41 63.94 24.03 -14.79
CA PRO L 41 62.65 24.68 -14.51
C PRO L 41 62.65 26.17 -14.87
N PRO L 42 63.58 26.99 -14.34
CA PRO L 42 63.54 28.40 -14.75
C PRO L 42 63.84 28.59 -16.23
N ALA L 43 64.74 27.78 -16.77
CA ALA L 43 65.00 27.81 -18.22
C ALA L 43 63.73 27.51 -19.01
N LEU L 44 62.98 26.47 -18.61
CA LEU L 44 61.80 26.11 -19.37
C LEU L 44 60.66 27.08 -19.14
N ASP L 45 60.62 27.72 -17.97
CA ASP L 45 59.66 28.79 -17.75
C ASP L 45 59.87 29.92 -18.76
N GLN L 46 61.13 30.27 -19.01
CA GLN L 46 61.45 31.31 -19.99
C GLN L 46 61.05 30.91 -21.41
N VAL L 47 60.92 29.60 -21.69
CA VAL L 47 60.39 29.15 -22.98
C VAL L 47 58.88 29.37 -23.05
N VAL L 48 58.18 29.03 -21.97
CA VAL L 48 56.75 29.32 -21.89
C VAL L 48 56.50 30.81 -22.06
N ALA L 49 57.36 31.65 -21.48
CA ALA L 49 57.17 33.09 -21.59
C ALA L 49 57.30 33.56 -23.03
N LEU L 50 58.11 32.89 -23.85
CA LEU L 50 58.17 33.16 -25.28
C LEU L 50 57.00 32.58 -26.07
N HIS L 51 56.18 31.73 -25.46
CA HIS L 51 54.98 31.13 -26.06
C HIS L 51 55.33 30.11 -27.14
N ALA L 52 56.57 29.60 -27.12
CA ALA L 52 56.97 28.55 -28.04
C ALA L 52 56.14 27.30 -27.82
N ASN L 53 55.98 26.50 -28.87
CA ASN L 53 55.37 25.19 -28.71
C ASN L 53 56.41 24.10 -28.52
N THR L 54 57.68 24.37 -28.80
CA THR L 54 58.73 23.37 -28.78
C THR L 54 59.97 23.94 -28.13
N VAL L 55 60.57 23.19 -27.19
CA VAL L 55 61.89 23.52 -26.66
C VAL L 55 62.92 22.59 -27.32
N GLU L 56 64.07 23.16 -27.67
CA GLU L 56 65.21 22.41 -28.19
C GLU L 56 66.28 22.38 -27.11
N ALA L 57 66.62 21.19 -26.64
CA ALA L 57 67.57 21.03 -25.57
C ALA L 57 68.48 19.85 -25.88
N PRO L 58 69.71 19.87 -25.37
CA PRO L 58 70.66 18.80 -25.70
C PRO L 58 70.66 17.68 -24.67
N VAL L 59 71.00 16.49 -25.14
CA VAL L 59 71.45 15.41 -24.27
C VAL L 59 72.94 15.23 -24.52
N TYR L 60 73.73 15.24 -23.45
CA TYR L 60 75.18 15.17 -23.56
C TYR L 60 75.61 13.71 -23.50
N TRP L 61 76.37 13.28 -24.50
CA TRP L 61 76.93 11.94 -24.46
C TRP L 61 77.80 11.77 -23.21
N GLU L 62 78.56 12.82 -22.88
CA GLU L 62 79.31 12.94 -21.63
C GLU L 62 78.60 12.33 -20.44
N GLN L 63 77.44 12.89 -20.04
CA GLN L 63 76.76 12.39 -18.86
C GLN L 63 75.83 11.22 -19.17
N PHE L 64 75.45 11.03 -20.43
CA PHE L 64 74.51 9.96 -20.73
C PHE L 64 75.17 8.60 -20.63
N GLU L 65 76.46 8.49 -21.03
CA GLU L 65 77.23 7.26 -20.90
C GLU L 65 78.48 7.54 -20.09
N PRO L 66 78.36 7.69 -18.77
CA PRO L 66 79.55 7.98 -17.95
C PRO L 66 80.56 6.85 -17.87
N ALA L 67 80.16 5.63 -18.20
CA ALA L 67 81.03 4.47 -18.23
C ALA L 67 80.58 3.60 -19.38
N PRO L 68 81.49 2.86 -20.03
CA PRO L 68 81.10 2.05 -21.19
C PRO L 68 79.97 1.09 -20.86
N GLY L 69 78.85 1.27 -21.56
CA GLY L 69 77.70 0.40 -21.39
C GLY L 69 76.78 0.75 -20.24
N ARG L 70 77.15 1.70 -19.40
CA ARG L 70 76.29 2.15 -18.31
C ARG L 70 75.75 3.52 -18.66
N PHE L 71 74.42 3.64 -18.64
CA PHE L 71 73.73 4.82 -19.15
C PHE L 71 72.96 5.48 -18.02
N ASP L 72 72.98 6.80 -18.00
CA ASP L 72 72.34 7.62 -16.97
C ASP L 72 71.27 8.45 -17.65
N THR L 73 70.01 8.26 -17.25
CA THR L 73 68.91 8.94 -17.90
C THR L 73 68.36 10.10 -17.07
N THR L 74 69.09 10.53 -16.04
CA THR L 74 68.63 11.59 -15.15
C THR L 74 68.26 12.86 -15.91
N ASN L 75 69.16 13.33 -16.78
CA ASN L 75 68.94 14.62 -17.42
C ASN L 75 67.81 14.55 -18.42
N VAL L 76 67.81 13.52 -19.27
CA VAL L 76 66.78 13.41 -20.29
C VAL L 76 65.41 13.21 -19.66
N ASP L 77 65.35 12.52 -18.52
CA ASP L 77 64.06 12.33 -17.87
C ASP L 77 63.57 13.64 -17.28
N ALA L 78 64.47 14.43 -16.72
CA ALA L 78 64.11 15.77 -16.20
C ALA L 78 63.63 16.68 -17.32
N LEU L 79 64.33 16.67 -18.47
CA LEU L 79 63.89 17.47 -19.61
C LEU L 79 62.47 17.12 -20.01
N ILE L 80 62.19 15.82 -20.20
CA ILE L 80 60.85 15.43 -20.63
C ILE L 80 59.80 15.75 -19.57
N ALA L 81 60.12 15.50 -18.30
CA ALA L 81 59.18 15.80 -17.23
C ALA L 81 58.91 17.31 -17.15
N GLY L 82 59.93 18.13 -17.35
CA GLY L 82 59.74 19.56 -17.31
C GLY L 82 58.90 20.05 -18.47
N ALA L 83 59.10 19.47 -19.64
CA ALA L 83 58.36 19.92 -20.81
C ALA L 83 56.91 19.44 -20.75
N ARG L 84 56.69 18.22 -20.24
CA ARG L 84 55.32 17.72 -20.10
C ARG L 84 54.53 18.56 -19.12
N LYS L 85 55.19 19.02 -18.04
CA LYS L 85 54.53 19.84 -17.05
C LYS L 85 54.18 21.23 -17.59
N ARG L 86 54.88 21.69 -18.62
CA ARG L 86 54.63 23.01 -19.19
C ARG L 86 53.93 22.93 -20.54
N GLY L 87 53.56 21.72 -20.98
CA GLY L 87 52.82 21.57 -22.21
C GLY L 87 53.64 21.77 -23.45
N LEU L 88 54.93 21.54 -23.38
CA LEU L 88 55.83 21.73 -24.50
C LEU L 88 56.13 20.40 -25.18
N ARG L 89 56.31 20.45 -26.50
CA ARG L 89 56.98 19.36 -27.17
C ARG L 89 58.49 19.56 -27.07
N VAL L 90 59.26 18.53 -27.40
CA VAL L 90 60.70 18.54 -27.24
C VAL L 90 61.35 18.20 -28.57
N ALA L 91 62.42 18.92 -28.91
CA ALA L 91 63.31 18.58 -30.00
C ALA L 91 64.66 18.24 -29.36
N LEU L 92 64.98 16.96 -29.30
CA LEU L 92 66.16 16.46 -28.59
C LEU L 92 67.40 16.56 -29.47
N LEU L 93 68.48 17.11 -28.89
CA LEU L 93 69.73 17.31 -29.60
C LEU L 93 70.78 16.37 -29.03
N TRP L 94 71.33 15.52 -29.89
CA TRP L 94 72.29 14.50 -29.48
C TRP L 94 73.69 15.07 -29.66
N PHE L 95 74.26 15.56 -28.56
CA PHE L 95 75.64 16.06 -28.53
C PHE L 95 76.53 14.84 -28.44
N GLY L 96 76.72 14.17 -29.57
CA GLY L 96 77.51 12.96 -29.66
C GLY L 96 78.97 13.19 -30.04
N SER L 97 79.44 12.52 -31.10
CA SER L 97 80.83 12.67 -31.52
C SER L 97 81.14 14.09 -31.96
N TRP L 98 80.17 14.80 -32.53
CA TRP L 98 80.36 16.15 -33.04
C TRP L 98 79.47 17.15 -32.32
N LYS L 99 80.04 18.30 -32.03
CA LYS L 99 79.31 19.50 -31.65
C LYS L 99 80.17 20.67 -32.10
N ASN L 100 79.64 21.51 -32.99
CA ASN L 100 80.40 22.63 -33.57
C ASN L 100 81.71 22.12 -34.18
N GLY L 101 81.66 20.94 -34.81
CA GLY L 101 82.84 20.36 -35.42
C GLY L 101 83.89 19.84 -34.47
N GLN L 102 83.55 19.58 -33.21
CA GLN L 102 84.52 19.14 -32.22
C GLN L 102 83.92 18.08 -31.30
N MET L 103 84.81 17.43 -30.55
CA MET L 103 84.50 16.21 -29.79
C MET L 103 84.39 16.46 -28.29
N HIS L 104 84.06 17.67 -27.88
CA HIS L 104 84.16 17.99 -26.47
C HIS L 104 83.08 17.34 -25.62
N TYR L 105 82.02 16.81 -26.22
CA TYR L 105 80.92 16.22 -25.48
C TYR L 105 81.02 14.70 -25.42
N VAL L 106 81.99 14.14 -26.13
CA VAL L 106 82.35 12.73 -26.05
C VAL L 106 82.71 12.37 -24.61
N PRO L 107 82.35 11.18 -24.10
CA PRO L 107 82.61 10.87 -22.69
C PRO L 107 84.10 10.88 -22.34
N GLU L 108 84.36 10.96 -21.05
CA GLU L 108 85.73 11.03 -20.55
C GLU L 108 86.52 9.78 -20.92
N TRP L 109 85.89 8.60 -20.87
CA TRP L 109 86.62 7.37 -21.17
C TRP L 109 86.98 7.24 -22.64
N ILE L 110 86.46 8.10 -23.51
CA ILE L 110 87.00 8.20 -24.86
C ILE L 110 88.08 9.28 -24.97
N LYS L 111 87.93 10.38 -24.22
CA LYS L 111 88.97 11.42 -24.23
C LYS L 111 90.29 10.88 -23.70
N ARG L 112 90.24 9.94 -22.75
CA ARG L 112 91.42 9.40 -22.10
C ARG L 112 92.20 8.44 -22.97
N ASP L 113 91.59 7.93 -24.05
CA ASP L 113 92.10 6.78 -24.80
C ASP L 113 92.16 7.13 -26.28
N GLU L 114 93.16 7.95 -26.65
CA GLU L 114 93.36 8.31 -28.04
C GLU L 114 93.79 7.12 -28.89
N ALA L 115 94.26 6.05 -28.26
CA ALA L 115 94.68 4.87 -29.01
C ALA L 115 93.48 4.06 -29.50
N THR L 116 92.48 3.88 -28.65
CA THR L 116 91.27 3.18 -29.05
C THR L 116 90.36 4.07 -29.90
N TYR L 117 90.37 5.37 -29.64
CA TYR L 117 89.47 6.32 -30.29
C TYR L 117 90.33 7.42 -30.89
N PRO L 118 90.86 7.20 -32.09
CA PRO L 118 91.81 8.16 -32.66
C PRO L 118 91.15 9.48 -33.01
N ARG L 119 91.91 10.56 -32.83
CA ARG L 119 91.54 11.87 -33.34
C ARG L 119 92.06 12.04 -34.76
N MET L 120 91.40 12.91 -35.51
CA MET L 120 91.92 13.29 -36.82
C MET L 120 93.31 13.90 -36.68
N ARG L 121 94.07 13.87 -37.77
CA ARG L 121 95.37 14.51 -37.86
C ARG L 121 95.31 15.62 -38.89
N ASP L 122 95.86 16.78 -38.56
CA ASP L 122 95.81 17.90 -39.48
C ASP L 122 96.92 17.74 -40.53
N ALA L 123 97.13 18.78 -41.33
CA ALA L 123 98.11 18.67 -42.41
C ALA L 123 99.56 18.75 -41.92
N ASN L 124 99.80 19.13 -40.66
CA ASN L 124 101.14 19.06 -40.09
C ASN L 124 101.39 17.76 -39.34
N GLY L 125 100.40 16.89 -39.25
CA GLY L 125 100.52 15.65 -38.50
C GLY L 125 100.17 15.76 -37.04
N GLU L 126 99.57 16.85 -36.62
CA GLU L 126 99.18 17.16 -35.25
C GLU L 126 97.72 16.74 -35.02
N PRO L 127 97.37 16.35 -33.80
CA PRO L 127 95.97 16.04 -33.52
C PRO L 127 95.14 17.30 -33.48
N VAL L 128 93.85 17.14 -33.77
CA VAL L 128 92.84 18.16 -33.55
C VAL L 128 91.80 17.59 -32.58
N ASP L 129 90.88 18.46 -32.16
CA ASP L 129 89.82 18.06 -31.23
C ASP L 129 88.63 17.45 -31.95
N VAL L 130 88.89 16.52 -32.87
CA VAL L 130 87.85 15.89 -33.70
C VAL L 130 88.12 14.39 -33.75
N LEU L 131 87.11 13.57 -33.45
CA LEU L 131 87.24 12.13 -33.64
C LEU L 131 87.44 11.78 -35.12
N SER L 132 88.21 10.75 -35.37
CA SER L 132 88.49 10.36 -36.74
C SER L 132 87.27 9.66 -37.34
N PRO L 133 86.78 10.10 -38.50
CA PRO L 133 85.63 9.46 -39.13
C PRO L 133 85.99 8.21 -39.91
N HIS L 134 87.21 7.70 -39.76
CA HIS L 134 87.68 6.60 -40.59
C HIS L 134 87.99 5.35 -39.78
N VAL L 135 87.73 5.36 -38.47
CA VAL L 135 88.02 4.22 -37.60
C VAL L 135 86.71 3.70 -37.02
N ALA L 136 86.46 2.40 -37.20
CA ALA L 136 85.16 1.82 -36.89
C ALA L 136 84.82 1.92 -35.41
N ALA L 137 85.84 1.93 -34.54
CA ALA L 137 85.57 1.99 -33.10
C ALA L 137 84.74 3.21 -32.73
N ASN L 138 85.05 4.36 -33.34
CA ASN L 138 84.39 5.61 -32.99
C ASN L 138 82.92 5.61 -33.39
N VAL L 139 82.64 5.40 -34.67
CA VAL L 139 81.27 5.39 -35.18
C VAL L 139 80.44 4.31 -34.50
N GLN L 140 81.09 3.25 -34.02
CA GLN L 140 80.35 2.23 -33.28
C GLN L 140 80.05 2.67 -31.86
N ALA L 141 80.96 3.40 -31.20
CA ALA L 141 80.66 3.90 -29.87
C ALA L 141 79.49 4.88 -29.91
N ASP L 142 79.48 5.77 -30.92
CA ASP L 142 78.40 6.72 -31.04
C ASP L 142 77.08 6.02 -31.33
N ALA L 143 77.06 5.18 -32.36
CA ALA L 143 75.84 4.47 -32.72
C ALA L 143 75.31 3.65 -31.55
N ARG L 144 76.22 3.02 -30.81
CA ARG L 144 75.82 2.23 -29.65
C ARG L 144 75.14 3.08 -28.59
N ALA L 145 75.67 4.29 -28.34
CA ALA L 145 75.12 5.17 -27.32
C ALA L 145 73.85 5.86 -27.79
N PHE L 146 73.79 6.22 -29.08
CA PHE L 146 72.57 6.78 -29.63
C PHE L 146 71.45 5.75 -29.55
N THR L 147 71.76 4.50 -29.92
CA THR L 147 70.78 3.41 -29.83
C THR L 147 70.19 3.31 -28.42
N ALA L 148 71.04 3.34 -27.41
CA ALA L 148 70.56 3.24 -26.03
C ALA L 148 69.64 4.40 -25.69
N LEU L 149 69.91 5.58 -26.23
CA LEU L 149 69.07 6.74 -25.97
C LEU L 149 67.72 6.61 -26.67
N MET L 150 67.72 6.21 -27.94
CA MET L 150 66.47 6.05 -28.67
C MET L 150 65.63 4.92 -28.11
N GLN L 151 66.26 3.89 -27.55
CA GLN L 151 65.49 2.81 -26.92
C GLN L 151 64.82 3.28 -25.64
N HIS L 152 65.55 4.00 -24.79
CA HIS L 152 64.94 4.59 -23.59
C HIS L 152 63.85 5.58 -23.96
N LEU L 153 64.01 6.29 -25.08
CA LEU L 153 62.98 7.22 -25.53
C LEU L 153 61.68 6.49 -25.88
N ARG L 154 61.78 5.37 -26.59
CA ARG L 154 60.57 4.61 -26.88
C ARG L 154 59.91 4.14 -25.59
N LYS L 155 60.70 3.71 -24.62
CA LYS L 155 60.15 3.15 -23.40
C LYS L 155 59.36 4.18 -22.60
N ILE L 156 59.87 5.40 -22.46
CA ILE L 156 59.19 6.41 -21.65
C ILE L 156 58.35 7.38 -22.47
N ASP L 157 58.43 7.34 -23.80
CA ASP L 157 57.74 8.34 -24.61
C ASP L 157 57.08 7.74 -25.84
N GLY L 158 57.04 6.40 -25.96
CA GLY L 158 56.48 5.75 -27.13
C GLY L 158 54.99 5.93 -27.30
N ASP L 159 54.27 6.25 -26.22
CA ASP L 159 52.86 6.58 -26.34
C ASP L 159 52.63 8.08 -26.42
N ARG L 160 53.27 8.84 -25.52
CA ARG L 160 52.98 10.26 -25.37
C ARG L 160 53.58 11.09 -26.51
N HIS L 161 54.79 10.73 -26.95
CA HIS L 161 55.45 11.40 -28.06
C HIS L 161 55.81 12.84 -27.72
N THR L 162 56.22 13.08 -26.47
CA THR L 162 56.66 14.41 -26.07
C THR L 162 57.83 14.87 -26.93
N VAL L 163 58.78 13.98 -27.20
CA VAL L 163 59.85 14.26 -28.15
C VAL L 163 59.29 14.14 -29.56
N ILE L 164 59.46 15.20 -30.35
CA ILE L 164 58.85 15.31 -31.67
C ILE L 164 59.86 15.05 -32.79
N VAL L 165 61.10 15.50 -32.61
CA VAL L 165 62.16 15.30 -33.59
C VAL L 165 63.46 15.12 -32.81
N VAL L 166 64.46 14.54 -33.46
CA VAL L 166 65.77 14.40 -32.83
C VAL L 166 66.84 14.86 -33.81
N GLN L 167 67.78 15.64 -33.30
CA GLN L 167 68.92 16.12 -34.07
C GLN L 167 70.10 15.18 -33.81
N VAL L 168 70.67 14.64 -34.87
CA VAL L 168 71.77 13.68 -34.76
C VAL L 168 73.06 14.46 -34.95
N GLU L 169 73.84 14.58 -33.87
CA GLU L 169 75.04 15.40 -33.78
C GLU L 169 74.63 16.87 -33.72
N ASN L 170 75.59 17.78 -33.61
CA ASN L 170 75.31 19.21 -33.64
C ASN L 170 76.36 19.90 -34.49
N GLU L 171 75.94 20.44 -35.63
CA GLU L 171 76.83 21.12 -36.55
C GLU L 171 78.07 20.26 -36.79
N PRO L 172 77.91 19.15 -37.50
CA PRO L 172 79.02 18.21 -37.71
C PRO L 172 79.99 18.70 -38.77
N GLY L 173 81.11 18.01 -38.85
CA GLY L 173 82.26 18.42 -39.64
C GLY L 173 83.49 18.54 -38.77
N ALA L 174 84.56 19.07 -39.37
CA ALA L 174 85.89 19.11 -38.77
C ALA L 174 86.40 20.55 -38.64
N ILE L 175 86.76 20.93 -37.41
CA ILE L 175 87.44 22.19 -37.13
C ILE L 175 88.89 21.86 -36.81
N GLY L 176 89.81 22.52 -37.49
CA GLY L 176 91.23 22.27 -37.35
C GLY L 176 91.89 21.71 -38.59
N THR L 177 91.13 21.06 -39.47
CA THR L 177 91.68 20.50 -40.69
C THR L 177 90.54 20.34 -41.68
N VAL L 178 90.92 20.17 -42.95
CA VAL L 178 89.95 19.91 -44.00
C VAL L 178 89.62 18.42 -44.08
N ARG L 179 90.62 17.56 -43.88
CA ARG L 179 90.42 16.12 -43.95
C ARG L 179 91.40 15.46 -42.99
N ASP L 180 91.19 14.16 -42.77
CA ASP L 180 92.03 13.40 -41.85
C ASP L 180 93.29 12.92 -42.55
N HIS L 181 94.44 13.25 -41.97
CA HIS L 181 95.75 12.82 -42.48
C HIS L 181 96.39 11.75 -41.61
N GLY L 182 95.59 11.07 -40.78
CA GLY L 182 96.02 9.84 -40.17
C GLY L 182 96.20 8.76 -41.22
N PRO L 183 96.74 7.61 -40.82
CA PRO L 183 96.92 6.53 -41.80
C PRO L 183 95.61 6.09 -42.46
N ALA L 184 94.57 5.84 -41.65
CA ALA L 184 93.32 5.35 -42.22
C ALA L 184 92.72 6.35 -43.19
N GLY L 185 92.71 7.64 -42.83
CA GLY L 185 92.18 8.64 -43.72
C GLY L 185 93.02 8.83 -44.97
N GLU L 186 94.34 8.83 -44.81
CA GLU L 186 95.23 8.87 -45.97
C GLU L 186 94.96 7.71 -46.91
N ALA L 187 94.77 6.51 -46.35
CA ALA L 187 94.45 5.34 -47.18
C ALA L 187 93.18 5.56 -47.99
N ALA L 188 92.09 5.95 -47.32
CA ALA L 188 90.81 6.11 -48.00
C ALA L 188 90.84 7.23 -49.02
N PHE L 189 91.55 8.32 -48.74
CA PHE L 189 91.63 9.40 -49.71
C PHE L 189 92.37 8.99 -50.99
N ALA L 190 93.20 7.93 -50.93
CA ALA L 190 93.84 7.43 -52.13
C ALA L 190 92.94 6.50 -52.93
N GLN L 191 91.90 5.97 -52.30
CA GLN L 191 90.93 5.15 -53.01
C GLN L 191 90.04 6.04 -53.87
N PRO L 192 89.43 5.48 -54.91
CA PRO L 192 88.48 6.26 -55.73
C PRO L 192 87.22 6.61 -54.94
N VAL L 193 86.39 7.41 -55.57
CA VAL L 193 85.09 7.75 -54.98
C VAL L 193 84.17 6.54 -55.02
N PRO L 194 83.35 6.30 -54.00
CA PRO L 194 82.37 5.21 -54.10
C PRO L 194 81.47 5.37 -55.31
N ALA L 195 81.13 4.23 -55.93
CA ALA L 195 80.42 4.25 -57.20
C ALA L 195 78.99 4.77 -57.05
N ALA L 196 78.29 4.35 -55.99
CA ALA L 196 76.94 4.85 -55.78
C ALA L 196 76.92 6.36 -55.57
N ILE L 197 78.01 6.92 -55.04
CA ILE L 197 78.12 8.37 -54.86
C ILE L 197 78.34 9.05 -56.21
N ALA L 198 79.29 8.54 -57.01
CA ALA L 198 79.45 9.07 -58.37
C ALA L 198 78.17 8.90 -59.18
N ALA L 199 77.45 7.80 -58.98
CA ALA L 199 76.19 7.60 -59.66
C ALA L 199 75.15 8.61 -59.20
N ALA L 200 74.94 8.71 -57.89
CA ALA L 200 73.90 9.59 -57.35
C ALA L 200 74.06 11.04 -57.81
N LEU L 201 75.29 11.48 -58.09
CA LEU L 201 75.57 12.82 -58.54
C LEU L 201 75.73 12.91 -60.05
N GLY L 202 75.41 11.86 -60.79
CA GLY L 202 75.46 11.92 -62.25
C GLY L 202 76.87 12.02 -62.78
N LYS L 203 77.79 11.23 -62.23
CA LYS L 203 79.18 11.42 -62.57
C LYS L 203 79.83 10.11 -62.96
N PRO L 204 80.89 10.16 -63.78
CA PRO L 204 81.65 8.94 -64.10
C PRO L 204 82.48 8.47 -62.92
N ALA L 205 83.18 7.35 -63.06
CA ALA L 205 84.06 6.91 -61.99
C ALA L 205 85.36 7.67 -62.04
N GLY L 206 86.07 7.68 -60.92
CA GLY L 206 87.35 8.35 -60.87
C GLY L 206 87.72 8.77 -59.46
N SER L 207 88.83 9.49 -59.38
CA SER L 207 89.40 9.91 -58.11
C SER L 207 88.66 11.14 -57.59
N TRP L 208 88.88 11.42 -56.30
CA TRP L 208 88.26 12.58 -55.68
C TRP L 208 88.67 13.86 -56.38
N GLN L 209 89.95 13.96 -56.74
CA GLN L 209 90.42 15.13 -57.47
C GLN L 209 89.74 15.23 -58.84
N GLN L 210 89.43 14.08 -59.46
CA GLN L 210 88.87 14.11 -60.80
C GLN L 210 87.39 14.47 -60.80
N LEU L 211 86.65 14.07 -59.77
CA LEU L 211 85.23 14.36 -59.73
C LEU L 211 84.91 15.69 -59.06
N PHE L 212 85.83 16.26 -58.25
CA PHE L 212 85.51 17.45 -57.49
C PHE L 212 86.53 18.59 -57.63
N GLY L 213 87.56 18.43 -58.45
CA GLY L 213 88.51 19.52 -58.64
C GLY L 213 89.12 19.97 -57.33
N ALA L 214 89.12 21.28 -57.10
CA ALA L 214 89.77 21.85 -55.92
C ALA L 214 89.02 21.55 -54.62
N GLU L 215 87.85 20.94 -54.69
CA GLU L 215 87.11 20.56 -53.50
C GLU L 215 87.34 19.11 -53.10
N ALA L 216 88.30 18.42 -53.73
CA ALA L 216 88.50 17.00 -53.50
C ALA L 216 88.57 16.67 -52.00
N ALA L 217 89.43 17.36 -51.26
CA ALA L 217 89.59 17.08 -49.84
C ALA L 217 88.30 17.35 -49.07
N GLU L 218 87.63 18.47 -49.39
CA GLU L 218 86.44 18.84 -48.62
C GLU L 218 85.27 17.93 -48.94
N ALA L 219 85.10 17.57 -50.22
CA ALA L 219 84.11 16.57 -50.60
C ALA L 219 84.41 15.23 -49.94
N PHE L 220 85.67 14.80 -49.95
CA PHE L 220 86.06 13.55 -49.31
C PHE L 220 85.64 13.50 -47.83
N ASN L 221 85.99 14.54 -47.07
CA ASN L 221 85.64 14.54 -45.65
C ASN L 221 84.15 14.71 -45.44
N ALA L 222 83.48 15.44 -46.33
CA ALA L 222 82.03 15.54 -46.27
C ALA L 222 81.39 14.17 -46.36
N HIS L 223 81.82 13.36 -47.34
CA HIS L 223 81.27 12.02 -47.46
C HIS L 223 81.57 11.19 -46.22
N ALA L 224 82.81 11.26 -45.73
CA ALA L 224 83.15 10.51 -44.53
C ALA L 224 82.26 10.90 -43.35
N THR L 225 82.03 12.19 -43.16
CA THR L 225 81.19 12.64 -42.05
C THR L 225 79.75 12.21 -42.24
N ALA L 226 79.24 12.29 -43.46
CA ALA L 226 77.87 11.87 -43.73
C ALA L 226 77.70 10.37 -43.50
N ALA L 227 78.62 9.57 -44.05
CA ALA L 227 78.52 8.12 -43.93
C ALA L 227 78.58 7.68 -42.46
N TYR L 228 79.44 8.31 -41.67
CA TYR L 228 79.49 8.07 -40.22
C TYR L 228 78.14 8.33 -39.57
N ILE L 229 77.58 9.52 -39.81
CA ILE L 229 76.31 9.89 -39.19
C ILE L 229 75.21 8.95 -39.66
N GLU L 230 75.25 8.53 -40.93
CA GLU L 230 74.25 7.60 -41.44
C GLU L 230 74.23 6.31 -40.63
N GLN L 231 75.40 5.83 -40.24
CA GLN L 231 75.47 4.67 -39.36
C GLN L 231 74.80 4.95 -38.03
N VAL L 232 75.10 6.11 -37.43
CA VAL L 232 74.51 6.46 -36.14
C VAL L 232 73.00 6.65 -36.27
N ALA L 233 72.57 7.35 -37.32
CA ALA L 233 71.15 7.60 -37.50
C ALA L 233 70.39 6.31 -37.80
N ALA L 234 70.94 5.46 -38.69
CA ALA L 234 70.26 4.20 -39.00
C ALA L 234 70.07 3.35 -37.76
N ALA L 235 71.07 3.31 -36.88
CA ALA L 235 70.92 2.56 -35.63
C ALA L 235 69.80 3.14 -34.77
N GLY L 236 69.63 4.46 -34.79
CA GLY L 236 68.54 5.04 -34.03
C GLY L 236 67.20 4.74 -34.66
N LYS L 237 67.12 4.77 -35.99
CA LYS L 237 65.88 4.46 -36.67
C LYS L 237 65.38 3.06 -36.29
N ARG L 238 66.29 2.09 -36.22
CA ARG L 238 65.90 0.72 -35.87
C ARG L 238 65.33 0.63 -34.46
N ALA L 239 65.78 1.48 -33.55
CA ALA L 239 65.32 1.39 -32.16
C ALA L 239 64.02 2.15 -31.93
N TYR L 240 63.79 3.23 -32.68
CA TYR L 240 62.67 4.15 -32.50
C TYR L 240 62.69 5.21 -33.59
N PRO L 241 61.90 5.02 -34.67
CA PRO L 241 62.10 5.79 -35.91
C PRO L 241 61.43 7.16 -35.92
N LEU L 242 61.71 7.98 -34.90
CA LEU L 242 61.30 9.37 -34.91
C LEU L 242 61.97 10.12 -36.07
N PRO L 243 61.45 11.29 -36.45
CA PRO L 243 62.12 12.08 -37.48
C PRO L 243 63.51 12.50 -37.04
N LEU L 244 64.44 12.53 -38.00
CA LEU L 244 65.84 12.83 -37.71
C LEU L 244 66.36 13.91 -38.63
N TYR L 245 67.03 14.91 -38.04
CA TYR L 245 67.67 15.96 -38.83
C TYR L 245 69.07 16.21 -38.29
N VAL L 246 69.84 16.98 -39.06
CA VAL L 246 71.12 17.52 -38.61
C VAL L 246 71.11 19.01 -38.95
N ASN L 247 71.79 19.80 -38.11
CA ASN L 247 71.89 21.24 -38.29
C ASN L 247 73.26 21.59 -38.85
N THR L 248 73.33 22.72 -39.56
CA THR L 248 74.51 23.10 -40.34
C THR L 248 75.03 24.46 -39.91
N TRP L 249 76.29 24.50 -39.48
CA TRP L 249 77.08 25.71 -39.48
C TRP L 249 77.44 26.02 -40.95
N LEU L 250 76.90 27.12 -41.46
CA LEU L 250 76.79 27.32 -42.91
C LEU L 250 78.06 27.89 -43.51
N ARG L 251 78.21 27.64 -44.82
CA ARG L 251 79.14 28.36 -45.68
C ARG L 251 78.43 29.62 -46.17
N TYR L 252 78.55 30.70 -45.42
CA TYR L 252 77.80 31.94 -45.68
C TYR L 252 78.57 33.10 -45.07
N LYS L 253 78.07 34.32 -45.29
CA LYS L 253 78.73 35.53 -44.79
C LYS L 253 80.20 35.60 -45.20
N GLY L 254 80.48 35.15 -46.42
CA GLY L 254 81.85 35.16 -46.91
C GLY L 254 82.81 34.18 -46.26
N LYS L 255 82.31 33.21 -45.50
CA LYS L 255 83.14 32.13 -44.99
C LYS L 255 83.58 31.23 -46.14
N ARG L 256 84.90 31.11 -46.33
CA ARG L 256 85.47 30.39 -47.47
C ARG L 256 86.39 29.24 -47.09
N TYR L 257 86.80 29.13 -45.82
CA TYR L 257 87.87 28.22 -45.44
C TYR L 257 87.33 27.07 -44.61
N PRO L 258 87.09 25.90 -45.21
CA PRO L 258 86.60 24.77 -44.41
C PRO L 258 87.67 24.33 -43.42
N GLY L 259 87.24 24.05 -42.20
CA GLY L 259 88.11 23.73 -41.12
C GLY L 259 88.39 24.87 -40.17
N MET L 260 88.32 26.12 -40.64
CA MET L 260 88.41 27.27 -39.73
C MET L 260 87.21 28.21 -39.80
N ASP L 261 86.70 28.52 -40.99
CA ASP L 261 85.50 29.35 -41.10
C ASP L 261 84.27 28.58 -40.65
N TYR L 262 84.21 27.30 -41.01
CA TYR L 262 83.06 26.44 -40.78
C TYR L 262 83.56 25.01 -40.77
N PRO L 263 82.82 24.09 -40.15
CA PRO L 263 83.29 22.69 -40.10
C PRO L 263 83.41 22.11 -41.49
N SER L 264 84.61 21.62 -41.81
CA SER L 264 84.84 20.95 -43.08
C SER L 264 84.02 19.67 -43.16
N GLY L 265 83.11 19.61 -44.13
CA GLY L 265 82.36 18.42 -44.39
C GLY L 265 81.01 18.29 -43.71
N GLY L 266 80.49 19.36 -43.12
CA GLY L 266 79.10 19.40 -42.73
C GLY L 266 78.22 19.58 -43.96
N ALA L 267 76.91 19.62 -43.71
CA ALA L 267 75.93 19.61 -44.80
C ALA L 267 75.84 20.95 -45.51
N THR L 268 76.99 21.46 -45.98
CA THR L 268 77.05 22.81 -46.51
C THR L 268 76.63 22.82 -47.97
N VAL L 269 76.31 24.03 -48.46
CA VAL L 269 75.66 24.19 -49.76
C VAL L 269 76.49 23.58 -50.87
N ASN L 270 77.81 23.65 -50.77
CA ASN L 270 78.68 23.19 -51.85
C ASN L 270 78.81 21.67 -51.92
N VAL L 271 78.35 20.94 -50.90
CA VAL L 271 78.44 19.49 -50.89
C VAL L 271 77.09 18.88 -50.58
N PHE L 272 76.01 19.65 -50.74
CA PHE L 272 74.71 19.26 -50.19
C PHE L 272 74.23 17.95 -50.78
N ALA L 273 74.11 17.87 -52.10
CA ALA L 273 73.63 16.66 -52.75
C ALA L 273 74.48 15.45 -52.38
N LEU L 274 75.80 15.61 -52.36
CA LEU L 274 76.69 14.54 -51.91
C LEU L 274 76.32 14.09 -50.50
N TRP L 275 76.21 15.04 -49.57
CA TRP L 275 75.93 14.71 -48.17
C TRP L 275 74.62 13.94 -48.04
N ARG L 276 73.60 14.33 -48.80
CA ARG L 276 72.29 13.70 -48.64
C ARG L 276 72.24 12.31 -49.24
N ALA L 277 72.93 12.11 -50.37
CA ALA L 277 72.95 10.77 -50.98
C ALA L 277 73.43 9.73 -49.98
N ALA L 278 74.31 10.10 -49.05
CA ALA L 278 74.88 9.17 -48.11
C ALA L 278 74.09 9.05 -46.81
N THR L 279 73.02 9.84 -46.63
CA THR L 279 72.29 9.87 -45.35
C THR L 279 70.79 9.66 -45.54
N PRO L 280 70.39 8.51 -46.11
CA PRO L 280 68.95 8.25 -46.23
C PRO L 280 68.25 8.08 -44.90
N SER L 281 68.98 7.77 -43.83
CA SER L 281 68.34 7.70 -42.52
C SER L 281 68.10 9.06 -41.90
N ILE L 282 68.72 10.12 -42.44
CA ILE L 282 68.42 11.48 -41.99
C ILE L 282 67.35 12.07 -42.90
N ASP L 283 66.32 12.65 -42.28
CA ASP L 283 65.10 13.04 -43.00
C ASP L 283 65.16 14.46 -43.57
N PHE L 284 65.77 15.42 -42.87
CA PHE L 284 65.93 16.77 -43.41
C PHE L 284 67.12 17.47 -42.75
N ILE L 285 67.48 18.64 -43.28
CA ILE L 285 68.62 19.42 -42.82
C ILE L 285 68.15 20.79 -42.34
N GLY L 286 68.67 21.23 -41.20
CA GLY L 286 68.37 22.53 -40.66
C GLY L 286 69.48 23.52 -40.86
N THR L 287 69.11 24.78 -41.08
CA THR L 287 70.05 25.87 -41.28
C THR L 287 70.16 26.68 -40.00
N ASP L 288 71.39 26.98 -39.57
CA ASP L 288 71.64 27.86 -38.42
C ASP L 288 72.10 29.21 -38.95
N ILE L 289 71.21 30.21 -38.86
CA ILE L 289 71.41 31.49 -39.53
C ILE L 289 71.64 32.57 -38.47
N TYR L 290 72.87 33.05 -38.40
CA TYR L 290 73.24 34.12 -37.49
C TYR L 290 73.59 35.36 -38.31
N THR L 291 72.57 35.88 -38.97
CA THR L 291 72.66 37.21 -39.56
C THR L 291 71.28 37.87 -39.51
N SER L 292 71.30 39.19 -39.62
CA SER L 292 70.08 39.97 -39.75
C SER L 292 69.84 40.40 -41.19
N ASP L 293 70.85 40.31 -42.05
CA ASP L 293 70.79 40.89 -43.38
C ASP L 293 69.73 40.19 -44.24
N TYR L 294 68.85 40.98 -44.85
CA TYR L 294 67.77 40.42 -45.64
C TYR L 294 68.30 39.61 -46.81
N GLY L 295 69.26 40.16 -47.55
CA GLY L 295 69.78 39.45 -48.71
C GLY L 295 70.44 38.12 -48.36
N GLU L 296 71.18 38.09 -47.25
CA GLU L 296 71.90 36.87 -46.90
C GLU L 296 70.96 35.81 -46.35
N TYR L 297 70.12 36.19 -45.38
CA TYR L 297 69.10 35.31 -44.82
C TYR L 297 68.23 34.71 -45.92
N THR L 298 67.80 35.56 -46.86
CA THR L 298 66.96 35.12 -47.96
C THR L 298 67.74 34.22 -48.92
N LYS L 299 69.02 34.55 -49.16
CA LYS L 299 69.86 33.68 -49.98
C LYS L 299 70.02 32.29 -49.34
N VAL L 300 70.24 32.24 -48.02
CA VAL L 300 70.45 30.95 -47.36
C VAL L 300 69.20 30.08 -47.49
N ILE L 301 68.03 30.66 -47.17
CA ILE L 301 66.79 29.91 -47.25
C ILE L 301 66.58 29.37 -48.67
N GLY L 302 66.84 30.22 -49.67
CA GLY L 302 66.76 29.76 -51.05
C GLY L 302 67.63 28.56 -51.33
N GLN L 303 68.78 28.45 -50.65
CA GLN L 303 69.70 27.35 -50.89
C GLN L 303 69.15 26.03 -50.35
N TYR L 304 68.46 26.08 -49.21
CA TYR L 304 68.04 24.86 -48.51
C TYR L 304 66.57 24.52 -48.67
N ALA L 305 65.77 25.38 -49.32
CA ALA L 305 64.37 25.09 -49.57
C ALA L 305 64.30 24.46 -50.95
N ARG L 306 64.40 23.13 -50.98
CA ARG L 306 64.58 22.34 -52.19
C ARG L 306 63.48 21.29 -52.30
N PRO L 307 63.26 20.71 -53.49
CA PRO L 307 62.29 19.62 -53.60
C PRO L 307 62.61 18.43 -52.70
N ASP L 308 63.88 18.25 -52.33
CA ASP L 308 64.33 17.21 -51.42
C ASP L 308 64.60 17.72 -50.01
N ASN L 309 64.33 18.99 -49.72
CA ASN L 309 64.58 19.47 -48.37
C ASN L 309 63.71 20.66 -47.98
N PRO L 310 63.01 20.60 -46.85
CA PRO L 310 62.19 21.74 -46.42
C PRO L 310 63.03 22.84 -45.79
N ALA L 311 62.56 24.07 -45.92
CA ALA L 311 63.12 25.14 -45.11
C ALA L 311 62.84 24.85 -43.64
N TRP L 312 63.81 25.15 -42.80
CA TRP L 312 63.76 24.77 -41.38
C TRP L 312 64.93 25.46 -40.70
N VAL L 313 64.61 26.47 -39.91
CA VAL L 313 65.63 27.24 -39.21
C VAL L 313 65.79 26.57 -37.85
N SER L 314 66.85 25.77 -37.72
CA SER L 314 67.08 25.09 -36.46
C SER L 314 67.71 26.01 -35.42
N GLU L 315 68.25 27.15 -35.86
CA GLU L 315 68.88 28.12 -34.98
C GLU L 315 68.88 29.47 -35.67
N THR L 316 68.61 30.53 -34.90
CA THR L 316 68.85 31.88 -35.36
C THR L 316 69.10 32.75 -34.14
N GLY L 317 69.73 33.91 -34.37
CA GLY L 317 70.05 34.79 -33.27
C GLY L 317 68.80 35.22 -32.50
N PHE L 318 68.92 35.25 -31.17
CA PHE L 318 67.86 35.72 -30.28
C PHE L 318 67.94 37.23 -30.19
N GLU L 319 67.39 37.90 -31.20
CA GLU L 319 67.44 39.36 -31.27
C GLU L 319 66.20 39.84 -31.97
N ALA L 320 65.81 41.08 -31.66
CA ALA L 320 64.60 41.66 -32.26
C ALA L 320 64.67 41.60 -33.78
N ALA L 321 65.81 42.01 -34.36
CA ALA L 321 65.89 42.18 -35.80
C ALA L 321 65.76 40.88 -36.58
N THR L 322 65.65 39.73 -35.92
CA THR L 322 65.48 38.47 -36.61
C THR L 322 64.03 38.00 -36.63
N ALA L 323 63.14 38.68 -35.91
CA ALA L 323 61.77 38.22 -35.80
C ALA L 323 61.02 38.23 -37.13
N PRO L 324 61.21 39.19 -38.05
CA PRO L 324 60.44 39.14 -39.30
C PRO L 324 60.71 37.90 -40.13
N TYR L 325 61.86 37.25 -39.96
CA TYR L 325 62.17 36.14 -40.85
C TYR L 325 61.37 34.89 -40.53
N LEU L 326 60.69 34.84 -39.38
CA LEU L 326 59.75 33.75 -39.17
C LEU L 326 58.74 33.69 -40.32
N PHE L 327 58.32 34.86 -40.80
CA PHE L 327 57.28 34.90 -41.83
C PHE L 327 57.87 34.58 -43.21
N HIS L 328 59.09 35.03 -43.49
CA HIS L 328 59.71 34.64 -44.76
C HIS L 328 59.92 33.13 -44.83
N VAL L 329 60.38 32.54 -43.72
CA VAL L 329 60.61 31.10 -43.66
C VAL L 329 59.30 30.33 -43.93
N LEU L 330 58.25 30.65 -43.18
CA LEU L 330 56.97 29.97 -43.40
C LEU L 330 56.51 30.12 -44.84
N GLY L 331 56.70 31.31 -45.43
CA GLY L 331 56.33 31.60 -46.80
C GLY L 331 57.11 30.84 -47.86
N GLN L 332 58.25 30.27 -47.49
CA GLN L 332 58.98 29.40 -48.40
C GLN L 332 58.69 27.93 -48.15
N GLY L 333 57.55 27.63 -47.54
CA GLY L 333 57.16 26.28 -47.21
C GLY L 333 57.79 25.72 -45.95
N GLY L 334 58.52 26.53 -45.18
CA GLY L 334 59.26 26.00 -44.04
C GLY L 334 58.35 25.38 -42.99
N ILE L 335 58.91 24.42 -42.26
CA ILE L 335 58.18 23.68 -41.24
C ILE L 335 58.40 24.21 -39.83
N GLY L 336 59.40 25.07 -39.62
CA GLY L 336 59.71 25.53 -38.27
C GLY L 336 60.71 26.65 -38.23
N PHE L 337 60.81 27.25 -37.04
CA PHE L 337 61.63 28.44 -36.79
C PHE L 337 62.04 28.41 -35.32
N SER L 338 63.34 28.59 -35.04
CA SER L 338 63.87 28.48 -33.68
C SER L 338 64.77 29.67 -33.40
N VAL L 339 64.69 30.21 -32.18
CA VAL L 339 65.61 31.23 -31.69
C VAL L 339 66.56 30.55 -30.70
N PHE L 340 67.84 30.93 -30.72
CA PHE L 340 68.86 30.25 -29.93
C PHE L 340 69.34 31.06 -28.74
N GLY L 341 69.45 30.39 -27.58
CA GLY L 341 70.08 31.00 -26.43
C GLY L 341 69.19 31.95 -25.67
N ILE L 342 68.01 31.49 -25.26
CA ILE L 342 66.98 32.39 -24.75
C ILE L 342 67.02 32.60 -23.24
N ASP L 343 67.68 31.70 -22.49
CA ASP L 343 67.55 31.67 -21.04
C ASP L 343 68.77 32.27 -20.35
N GLY L 344 68.53 32.92 -19.22
CA GLY L 344 69.61 33.31 -18.35
C GLY L 344 70.51 34.43 -18.84
N ASN L 345 70.12 35.13 -19.90
CA ASN L 345 70.97 36.20 -20.43
C ASN L 345 70.98 37.41 -19.50
N PRO L 346 72.07 38.17 -19.50
CA PRO L 346 72.10 39.43 -18.71
C PRO L 346 71.05 40.41 -19.21
N ASP L 347 70.30 40.97 -18.27
CA ASP L 347 69.26 41.93 -18.60
C ASP L 347 69.84 43.11 -19.37
N SER L 348 69.19 43.45 -20.47
CA SER L 348 69.64 44.55 -21.32
C SER L 348 68.48 44.97 -22.20
N GLY L 349 68.59 46.19 -22.74
CA GLY L 349 67.63 46.61 -23.74
C GLY L 349 67.44 45.59 -24.83
N ALA L 350 68.55 45.12 -25.41
CA ALA L 350 68.47 44.21 -26.56
C ALA L 350 67.78 42.91 -26.20
N ASN L 351 68.11 42.35 -25.03
CA ASN L 351 67.48 41.09 -24.62
C ASN L 351 65.98 41.26 -24.41
N ARG L 352 65.55 42.35 -23.77
CA ARG L 352 64.12 42.55 -23.56
C ARG L 352 63.40 42.71 -24.89
N ALA L 353 64.05 43.37 -25.84
CA ALA L 353 63.45 43.54 -27.16
C ALA L 353 63.44 42.23 -27.94
N ALA L 354 64.41 41.34 -27.65
CA ALA L 354 64.35 40.01 -28.24
C ALA L 354 63.19 39.22 -27.68
N ILE L 355 62.97 39.31 -26.36
CA ILE L 355 61.86 38.59 -25.75
C ILE L 355 60.53 39.12 -26.27
N ALA L 356 60.38 40.44 -26.28
CA ALA L 356 59.12 41.03 -26.71
C ALA L 356 58.84 40.74 -28.19
N ALA L 357 59.86 40.86 -29.03
CA ALA L 357 59.63 40.65 -30.46
C ALA L 357 59.21 39.21 -30.74
N HIS L 358 59.93 38.25 -30.15
CA HIS L 358 59.68 36.85 -30.47
C HIS L 358 58.48 36.29 -29.73
N ALA L 359 58.28 36.65 -28.46
CA ALA L 359 57.04 36.24 -27.81
C ALA L 359 55.83 36.68 -28.62
N ALA L 360 55.92 37.85 -29.27
CA ALA L 360 54.75 38.40 -29.95
C ALA L 360 54.30 37.52 -31.10
N ASN L 361 55.19 37.17 -32.02
CA ASN L 361 54.65 36.43 -33.15
C ASN L 361 54.52 34.94 -32.85
N PHE L 362 55.21 34.41 -31.84
CA PHE L 362 54.81 33.10 -31.34
C PHE L 362 53.42 33.15 -30.74
N ARG L 363 53.13 34.19 -29.94
CA ARG L 363 51.77 34.39 -29.44
C ARG L 363 50.76 34.50 -30.57
N GLN L 364 51.15 35.14 -31.67
CA GLN L 364 50.21 35.42 -32.74
C GLN L 364 49.92 34.17 -33.57
N LEU L 365 50.94 33.37 -33.83
CA LEU L 365 50.83 32.22 -34.72
C LEU L 365 50.55 30.90 -34.00
N ALA L 366 50.96 30.75 -32.75
CA ALA L 366 50.74 29.48 -32.04
C ALA L 366 49.30 28.97 -32.10
N PRO L 367 48.25 29.78 -31.91
CA PRO L 367 46.89 29.24 -32.06
C PRO L 367 46.55 28.87 -33.49
N LEU L 368 47.36 29.27 -34.47
CA LEU L 368 47.10 29.03 -35.89
C LEU L 368 48.04 28.00 -36.50
N GLN L 369 48.85 27.31 -35.68
CA GLN L 369 49.98 26.57 -36.22
C GLN L 369 49.52 25.35 -37.03
N ARG L 370 48.44 24.68 -36.60
CA ARG L 370 47.89 23.57 -37.36
C ARG L 370 47.36 24.04 -38.71
N LEU L 371 46.52 25.08 -38.68
CA LEU L 371 46.02 25.67 -39.91
C LEU L 371 47.16 26.09 -40.82
N ILE L 372 48.17 26.77 -40.27
CA ILE L 372 49.30 27.21 -41.08
C ILE L 372 50.02 26.02 -41.69
N ALA L 373 50.21 24.96 -40.90
CA ALA L 373 51.02 23.84 -41.36
C ALA L 373 50.30 23.06 -42.45
N GLN L 374 48.99 22.84 -42.28
CA GLN L 374 48.21 22.19 -43.32
C GLN L 374 48.19 23.04 -44.59
N ALA L 375 47.92 24.34 -44.44
CA ALA L 375 47.94 25.22 -45.59
C ALA L 375 49.28 25.19 -46.31
N ASN L 376 50.38 25.10 -45.55
CA ASN L 376 51.70 25.12 -46.15
C ASN L 376 51.95 23.86 -46.97
N LEU L 377 51.48 22.71 -46.48
CA LEU L 377 51.63 21.47 -47.23
C LEU L 377 50.79 21.49 -48.50
N ASP L 378 49.59 22.06 -48.42
CA ASP L 378 48.69 22.15 -49.57
C ASP L 378 49.09 23.23 -50.56
N GLY L 379 50.17 23.98 -50.31
CA GLY L 379 50.49 25.11 -51.16
C GLY L 379 49.50 26.26 -51.12
N ARG L 380 48.81 26.47 -50.00
CA ARG L 380 47.84 27.54 -49.88
C ARG L 380 48.32 28.67 -48.97
N LEU L 381 49.57 28.64 -48.54
CA LEU L 381 50.11 29.61 -47.60
C LEU L 381 51.18 30.46 -48.28
N GLN L 382 51.02 31.78 -48.18
CA GLN L 382 52.07 32.70 -48.59
C GLN L 382 52.36 33.66 -47.45
N ALA L 383 53.63 34.04 -47.31
CA ALA L 383 54.03 34.95 -46.24
C ALA L 383 55.32 35.64 -46.63
N VAL L 384 55.49 36.88 -46.16
CA VAL L 384 56.62 37.70 -46.56
C VAL L 384 57.15 38.50 -45.36
N ALA L 385 58.44 38.80 -45.42
CA ALA L 385 59.09 39.71 -44.49
C ALA L 385 59.59 40.92 -45.28
N GLU L 386 59.58 42.09 -44.62
CA GLU L 386 59.90 43.33 -45.31
C GLU L 386 61.36 43.38 -45.76
N GLN L 387 61.56 43.84 -47.01
CA GLN L 387 62.89 44.08 -47.60
C GLN L 387 63.18 45.57 -47.61
N PRO L 388 64.32 45.97 -47.05
CA PRO L 388 64.60 47.41 -46.91
C PRO L 388 64.55 48.21 -48.20
N GLY L 389 65.02 47.68 -49.31
CA GLY L 389 64.93 48.54 -50.47
C GLY L 389 63.60 48.55 -51.20
N ALA L 390 62.71 47.59 -50.90
CA ALA L 390 61.54 47.32 -51.73
C ALA L 390 60.30 47.10 -50.86
N PRO L 391 59.66 48.17 -50.41
CA PRO L 391 58.59 48.02 -49.40
C PRO L 391 57.26 47.55 -49.95
N GLN L 392 57.24 46.91 -51.12
CA GLN L 392 56.02 46.34 -51.68
C GLN L 392 56.24 44.92 -52.16
N ARG L 393 55.19 44.10 -52.03
CA ARG L 393 55.16 42.73 -52.52
C ARG L 393 53.77 42.45 -53.09
N THR L 394 53.70 41.56 -54.09
CA THR L 394 52.44 41.16 -54.69
C THR L 394 52.26 39.65 -54.58
N LEU L 395 51.23 39.23 -53.89
CA LEU L 395 50.91 37.82 -53.69
C LEU L 395 49.78 37.44 -54.64
N ARG L 396 49.93 36.32 -55.35
CA ARG L 396 48.96 35.92 -56.36
C ARG L 396 48.21 34.67 -55.93
N PHE L 397 46.87 34.72 -56.02
CA PHE L 397 45.96 33.66 -55.62
C PHE L 397 44.97 33.39 -56.75
N GLY L 398 45.50 33.03 -57.92
CA GLY L 398 44.67 32.79 -59.08
C GLY L 398 43.96 34.04 -59.55
N ASP L 399 42.64 34.09 -59.36
CA ASP L 399 41.87 35.25 -59.80
C ASP L 399 42.20 36.50 -58.99
N TRP L 400 42.61 36.33 -57.74
CA TRP L 400 42.78 37.43 -56.82
C TRP L 400 44.26 37.68 -56.52
N GLU L 401 44.59 38.93 -56.19
CA GLU L 401 45.94 39.33 -55.82
C GLU L 401 45.89 40.20 -54.58
N ALA L 402 46.96 40.15 -53.79
CA ALA L 402 47.08 40.92 -52.55
C ALA L 402 48.33 41.77 -52.61
N LYS L 403 48.17 43.07 -52.39
CA LYS L 403 49.29 44.02 -52.41
C LYS L 403 49.66 44.36 -50.97
N VAL L 404 50.88 43.99 -50.59
CA VAL L 404 51.38 44.20 -49.24
C VAL L 404 52.29 45.41 -49.26
N SER L 405 51.94 46.42 -48.47
CA SER L 405 52.71 47.64 -48.37
C SER L 405 53.29 47.77 -46.97
N PHE L 406 54.50 48.29 -46.88
CA PHE L 406 55.19 48.47 -45.61
C PHE L 406 55.54 49.95 -45.43
N GLY L 407 55.28 50.47 -44.25
CA GLY L 407 55.54 51.86 -43.99
C GLY L 407 54.41 52.80 -44.35
N ALA L 408 53.24 52.27 -44.71
CA ALA L 408 52.05 53.09 -44.85
C ALA L 408 51.58 53.52 -43.47
N PRO L 409 50.82 54.61 -43.38
CA PRO L 409 50.17 54.95 -42.11
C PRO L 409 49.14 53.90 -41.76
N LEU L 410 48.82 53.84 -40.46
CA LEU L 410 47.77 52.92 -40.03
C LEU L 410 46.41 53.31 -40.60
N TRP L 411 46.28 54.54 -41.11
CA TRP L 411 45.03 55.00 -41.70
C TRP L 411 45.32 56.12 -42.69
N GLY L 412 44.54 56.16 -43.77
CA GLY L 412 44.67 57.20 -44.77
C GLY L 412 45.48 56.74 -45.96
N ASP L 413 45.75 57.70 -46.83
CA ASP L 413 46.47 57.43 -48.06
C ASP L 413 47.93 57.10 -47.79
N ALA L 414 48.42 56.07 -48.46
CA ALA L 414 49.86 55.84 -48.52
C ALA L 414 50.53 57.01 -49.24
N PRO L 415 51.76 57.34 -48.87
CA PRO L 415 52.49 58.37 -49.61
C PRO L 415 52.86 57.88 -51.00
N ALA L 416 53.24 58.84 -51.85
CA ALA L 416 53.61 58.51 -53.22
C ALA L 416 54.67 57.41 -53.25
N ILE L 417 55.74 57.60 -52.49
CA ILE L 417 56.83 56.65 -52.35
C ILE L 417 56.73 56.05 -50.95
N LEU L 418 56.52 54.74 -50.86
CA LEU L 418 56.49 54.09 -49.56
C LEU L 418 57.87 54.15 -48.91
N PRO L 419 57.97 54.54 -47.64
CA PRO L 419 59.28 54.67 -46.98
C PRO L 419 59.73 53.43 -46.19
N GLY L 420 58.94 52.37 -46.17
CA GLY L 420 59.23 51.24 -45.30
C GLY L 420 59.03 51.56 -43.83
N ASN L 421 59.12 50.55 -42.98
CA ASN L 421 59.17 50.79 -41.55
C ASN L 421 60.60 51.14 -41.14
N ASP L 422 60.72 51.99 -40.12
CA ASP L 422 62.04 52.47 -39.71
C ASP L 422 62.94 51.35 -39.22
N ASP L 423 62.37 50.32 -38.59
CA ASP L 423 63.12 49.18 -38.10
C ASP L 423 62.93 47.94 -38.96
N HIS L 424 62.26 48.08 -40.10
CA HIS L 424 62.07 47.00 -41.09
C HIS L 424 61.38 45.78 -40.49
N ALA L 425 60.45 46.00 -39.56
CA ALA L 425 59.79 44.94 -38.82
C ALA L 425 58.58 44.36 -39.53
N GLY L 426 58.22 44.88 -40.70
CA GLY L 426 56.98 44.46 -41.33
C GLY L 426 56.99 42.99 -41.70
N ARG L 427 55.82 42.38 -41.62
CA ARG L 427 55.65 40.98 -42.02
C ARG L 427 54.16 40.68 -42.14
N LEU L 428 53.83 39.78 -43.07
CA LEU L 428 52.44 39.42 -43.26
C LEU L 428 52.35 37.97 -43.70
N LEU L 429 51.20 37.36 -43.42
CA LEU L 429 50.95 35.97 -43.75
C LEU L 429 49.53 35.84 -44.28
N VAL L 430 49.36 35.10 -45.38
CA VAL L 430 48.05 34.88 -45.98
C VAL L 430 47.86 33.38 -46.16
N ALA L 431 46.77 32.85 -45.61
CA ALA L 431 46.36 31.46 -45.78
C ALA L 431 45.03 31.43 -46.54
N GLN L 432 45.04 30.85 -47.73
CA GLN L 432 43.81 30.70 -48.51
C GLN L 432 42.98 29.54 -47.94
N LEU L 433 41.81 29.88 -47.39
CA LEU L 433 40.93 28.89 -46.79
C LEU L 433 39.93 28.33 -47.76
N GLY L 434 39.56 29.11 -48.77
CA GLY L 434 38.71 28.64 -49.83
C GLY L 434 38.95 29.47 -51.07
N PRO L 435 38.16 29.23 -52.12
CA PRO L 435 38.35 29.99 -53.36
C PRO L 435 38.31 31.51 -53.15
N GLU L 436 37.49 32.00 -52.21
CA GLU L 436 37.32 33.44 -52.00
C GLU L 436 37.47 33.83 -50.54
N GLU L 437 38.14 33.01 -49.73
CA GLU L 437 38.28 33.26 -48.31
C GLU L 437 39.74 33.14 -47.90
N PHE L 438 40.19 34.06 -47.06
CA PHE L 438 41.58 34.18 -46.66
C PHE L 438 41.67 34.47 -45.16
N LEU L 439 42.76 34.00 -44.56
CA LEU L 439 43.14 34.33 -43.19
C LEU L 439 44.42 35.17 -43.23
N VAL L 440 44.42 36.30 -42.54
CA VAL L 440 45.49 37.27 -42.67
C VAL L 440 45.95 37.74 -41.29
N THR L 441 47.25 37.77 -41.08
CA THR L 441 47.80 38.31 -39.84
C THR L 441 49.24 38.74 -40.10
N GLY L 442 49.83 39.44 -39.14
CA GLY L 442 51.18 39.97 -39.29
C GLY L 442 51.39 41.20 -38.42
N THR L 443 52.39 42.00 -38.80
CA THR L 443 52.86 43.14 -38.03
C THR L 443 53.32 44.24 -38.97
N ALA L 444 52.95 45.49 -38.66
CA ALA L 444 53.39 46.69 -39.38
C ALA L 444 53.25 46.54 -40.89
N ALA L 445 52.03 46.21 -41.31
CA ALA L 445 51.78 45.88 -42.70
C ALA L 445 50.41 46.39 -43.13
N ARG L 446 50.27 46.65 -44.41
CA ARG L 446 48.99 46.90 -45.03
C ARG L 446 48.80 45.92 -46.17
N ILE L 447 47.59 45.41 -46.33
CA ILE L 447 47.28 44.51 -47.44
C ILE L 447 46.00 44.97 -48.12
N GLU L 448 45.98 44.86 -49.45
CA GLU L 448 44.83 45.21 -50.27
C GLU L 448 44.60 44.10 -51.28
N PHE L 449 43.39 43.53 -51.31
CA PHE L 449 43.04 42.49 -52.29
C PHE L 449 42.46 43.14 -53.53
N PHE L 450 42.72 42.49 -54.69
CA PHE L 450 42.36 43.00 -56.00
C PHE L 450 41.96 41.86 -56.91
N ARG L 451 40.88 42.05 -57.64
CA ARG L 451 40.44 41.08 -58.65
C ARG L 451 40.92 41.39 -60.05
N SER L 452 41.16 40.35 -60.84
CA SER L 452 41.34 40.46 -62.29
C SER L 452 40.44 39.44 -63.01
N ALA L 453 40.93 38.21 -63.17
CA ALA L 453 40.17 36.99 -63.49
C ALA L 453 39.64 36.74 -64.90
N ALA L 454 40.10 37.46 -65.95
CA ALA L 454 39.86 37.22 -67.39
C ALA L 454 38.37 37.35 -67.68
N ASP L 455 37.79 38.27 -66.85
CA ASP L 455 36.39 38.61 -66.57
C ASP L 455 36.14 40.04 -66.93
N THR L 456 34.88 40.34 -67.20
CA THR L 456 34.54 41.74 -67.17
C THR L 456 33.92 42.04 -65.83
N ARG L 457 34.45 41.29 -64.83
CA ARG L 457 33.82 41.00 -63.53
C ARG L 457 34.52 41.83 -62.40
N HIS L 458 33.72 42.40 -61.47
CA HIS L 458 34.15 43.47 -60.53
C HIS L 458 34.21 43.01 -59.08
N GLY L 459 35.38 43.20 -58.44
CA GLY L 459 35.65 42.63 -57.13
C GLY L 459 35.41 43.56 -55.95
N GLN L 460 35.08 42.94 -54.81
CA GLN L 460 34.72 43.71 -53.62
C GLN L 460 35.03 42.90 -52.35
N LEU L 461 35.13 43.61 -51.24
CA LEU L 461 35.07 42.98 -49.92
C LEU L 461 33.61 42.78 -49.51
N LEU L 462 33.28 41.57 -49.08
CA LEU L 462 31.95 41.24 -48.56
C LEU L 462 31.90 41.15 -47.05
N GLN L 463 32.92 40.55 -46.44
CA GLN L 463 32.95 40.37 -44.99
C GLN L 463 34.39 40.29 -44.56
N VAL L 464 34.73 41.03 -43.51
CA VAL L 464 36.05 41.01 -42.91
C VAL L 464 35.79 40.90 -41.42
N GLU L 465 36.18 39.77 -40.84
CA GLU L 465 35.99 39.54 -39.42
C GLU L 465 37.33 39.63 -38.70
N GLN L 466 37.35 40.38 -37.61
CA GLN L 466 38.45 40.32 -36.65
C GLN L 466 38.07 39.27 -35.61
N GLY L 467 38.96 38.32 -35.38
CA GLY L 467 38.60 37.23 -34.49
C GLY L 467 39.84 36.53 -33.98
N ARG L 468 39.60 35.61 -33.06
CA ARG L 468 40.66 34.78 -32.51
C ARG L 468 40.26 33.32 -32.72
N TYR L 469 41.26 32.44 -32.64
CA TYR L 469 41.04 30.99 -32.66
C TYR L 469 41.39 30.47 -31.27
N VAL L 470 40.40 29.95 -30.54
CA VAL L 470 40.63 29.62 -29.14
C VAL L 470 40.23 28.14 -28.98
N ASP L 471 41.26 27.25 -28.91
CA ASP L 471 41.18 25.78 -29.04
C ASP L 471 40.89 25.42 -30.52
N GLY L 472 41.18 26.27 -31.53
CA GLY L 472 40.70 26.03 -32.90
C GLY L 472 39.20 26.20 -33.01
N ARG L 473 38.69 27.21 -32.33
CA ARG L 473 37.34 27.70 -32.44
C ARG L 473 37.41 29.16 -32.89
N TRP L 474 36.67 29.50 -33.98
CA TRP L 474 36.75 30.84 -34.59
C TRP L 474 35.77 31.80 -33.93
N GLN L 475 36.31 32.70 -33.09
CA GLN L 475 35.53 33.63 -32.29
C GLN L 475 35.57 35.01 -32.95
N MET L 476 34.49 35.38 -33.67
CA MET L 476 34.35 36.72 -34.21
C MET L 476 34.22 37.82 -33.16
N GLU L 477 35.25 38.66 -32.99
CA GLU L 477 35.15 39.78 -32.05
C GLU L 477 34.29 40.91 -32.61
N ARG L 478 34.58 41.34 -33.84
CA ARG L 478 33.96 42.49 -34.49
C ARG L 478 34.06 42.30 -36.00
N GLN L 479 33.40 43.17 -36.74
CA GLN L 479 33.47 43.17 -38.20
C GLN L 479 34.05 44.48 -38.69
N LEU L 480 34.98 44.39 -39.64
CA LEU L 480 35.72 45.55 -40.12
C LEU L 480 35.09 46.12 -41.38
N ASN L 481 34.88 47.44 -41.37
CA ASN L 481 34.33 48.18 -42.50
C ASN L 481 34.69 49.64 -42.32
N GLY L 482 34.31 50.45 -43.33
CA GLY L 482 34.50 51.88 -43.23
C GLY L 482 35.96 52.25 -43.08
N ASP L 483 36.28 53.00 -42.02
CA ASP L 483 37.64 53.49 -41.80
C ASP L 483 38.64 52.34 -41.72
N GLN L 484 38.27 51.25 -41.05
CA GLN L 484 39.14 50.09 -40.91
C GLN L 484 39.28 49.27 -42.22
N THR L 485 38.64 49.70 -43.31
CA THR L 485 38.66 48.98 -44.58
C THR L 485 38.94 49.90 -45.76
N ASP L 486 38.81 51.23 -45.58
CA ASP L 486 38.96 52.15 -46.70
C ASP L 486 40.35 52.12 -47.31
N TYR L 487 41.37 51.89 -46.51
CA TYR L 487 42.74 51.97 -46.99
C TYR L 487 43.44 50.65 -46.70
N GLY L 488 42.83 49.56 -47.16
CA GLY L 488 43.35 48.24 -46.92
C GLY L 488 43.16 47.82 -45.47
N LEU L 489 43.72 46.65 -45.18
CA LEU L 489 43.72 46.08 -43.84
C LEU L 489 45.09 46.32 -43.23
N ASN L 490 45.12 47.03 -42.11
CA ASN L 490 46.35 47.56 -41.53
C ASN L 490 46.66 46.87 -40.21
N PHE L 491 47.88 46.33 -40.09
CA PHE L 491 48.31 45.64 -38.89
C PHE L 491 49.36 46.51 -38.20
N GLY L 492 49.04 46.95 -36.98
CA GLY L 492 49.94 47.82 -36.25
C GLY L 492 51.05 47.10 -35.52
N ARG L 493 51.17 47.37 -34.22
CA ARG L 493 52.23 46.84 -33.38
C ARG L 493 51.62 46.12 -32.18
N THR L 494 52.46 45.34 -31.50
CA THR L 494 52.03 44.71 -30.26
C THR L 494 51.99 45.75 -29.15
N ASP L 495 50.91 45.78 -28.37
CA ASP L 495 50.85 46.73 -27.26
C ASP L 495 51.77 46.26 -26.12
N ALA L 496 51.97 47.16 -25.15
CA ALA L 496 52.88 46.86 -24.05
C ALA L 496 52.42 45.66 -23.23
N ALA L 497 51.11 45.48 -23.10
CA ALA L 497 50.52 44.32 -22.45
C ALA L 497 50.79 43.01 -23.20
N GLY L 498 51.55 43.03 -24.29
CA GLY L 498 51.94 41.83 -25.00
C GLY L 498 50.99 41.34 -26.07
N GLN L 499 49.86 42.04 -26.31
CA GLN L 499 48.88 41.58 -27.30
C GLN L 499 49.32 41.88 -28.72
N PRO L 500 49.50 40.88 -29.58
CA PRO L 500 49.98 41.14 -30.95
C PRO L 500 48.85 41.61 -31.86
N PRO L 501 49.16 42.04 -33.07
CA PRO L 501 48.10 42.49 -33.98
C PRO L 501 47.11 41.36 -34.28
N PRO L 502 45.90 41.71 -34.70
CA PRO L 502 44.82 40.72 -34.74
C PRO L 502 44.98 39.73 -35.90
N VAL L 503 44.12 38.72 -35.87
CA VAL L 503 43.93 37.78 -36.97
C VAL L 503 42.62 38.13 -37.67
N LEU L 504 42.66 38.21 -38.99
CA LEU L 504 41.49 38.58 -39.78
C LEU L 504 41.08 37.45 -40.71
N ARG L 505 39.78 37.29 -40.87
CA ARG L 505 39.19 36.38 -41.83
C ARG L 505 38.51 37.23 -42.90
N VAL L 506 38.92 37.05 -44.15
CA VAL L 506 38.55 37.93 -45.25
C VAL L 506 37.84 37.10 -46.30
N ARG L 507 36.57 37.44 -46.57
CA ARG L 507 35.79 36.84 -47.64
C ARG L 507 35.61 37.87 -48.74
N VAL L 508 35.94 37.51 -49.96
CA VAL L 508 35.79 38.38 -51.10
C VAL L 508 34.73 37.79 -52.03
N GLY L 509 34.44 38.56 -53.06
CA GLY L 509 33.46 38.12 -54.02
C GLY L 509 33.40 39.18 -55.09
N SER L 510 32.18 39.54 -55.52
CA SER L 510 32.02 40.47 -56.63
C SER L 510 30.60 40.68 -57.12
N TYR L 511 30.54 41.43 -58.20
CA TYR L 511 29.28 41.97 -58.65
C TYR L 511 29.34 42.56 -60.06
N GLU M 2 -7.79 -38.65 -40.18
CA GLU M 2 -6.87 -39.09 -41.24
C GLU M 2 -5.59 -38.26 -41.18
N GLU M 3 -4.67 -38.49 -42.12
CA GLU M 3 -3.33 -37.93 -42.00
C GLU M 3 -3.34 -36.40 -41.95
N LEU M 4 -2.33 -35.85 -41.31
CA LEU M 4 -2.15 -34.40 -41.30
C LEU M 4 -1.75 -33.91 -42.69
N PRO M 5 -2.38 -32.85 -43.20
CA PRO M 5 -1.92 -32.28 -44.48
C PRO M 5 -0.45 -31.92 -44.40
N ARG M 6 0.27 -32.19 -45.48
CA ARG M 6 1.72 -32.18 -45.43
C ARG M 6 2.27 -31.79 -46.80
N PHE M 7 3.32 -30.98 -46.80
CA PHE M 7 4.03 -30.63 -48.03
C PHE M 7 5.19 -31.60 -48.24
N PHE M 8 5.39 -32.00 -49.50
CA PHE M 8 6.25 -33.13 -49.81
C PHE M 8 7.14 -32.81 -51.00
N THR M 9 8.42 -33.16 -50.88
CA THR M 9 9.42 -32.93 -51.92
C THR M 9 10.11 -34.25 -52.21
N GLN M 10 10.22 -34.59 -53.49
CA GLN M 10 10.82 -35.85 -53.92
C GLN M 10 11.38 -35.65 -55.31
N ASN M 11 12.71 -35.73 -55.43
CA ASN M 11 13.40 -35.75 -56.73
C ASN M 11 13.27 -34.42 -57.48
N GLY M 12 13.22 -33.31 -56.75
CA GLY M 12 13.01 -32.02 -57.37
C GLY M 12 11.57 -31.70 -57.72
N ARG M 13 10.64 -32.62 -57.48
CA ARG M 13 9.22 -32.41 -57.70
C ARG M 13 8.53 -32.21 -56.35
N HIS M 14 7.31 -31.67 -56.38
CA HIS M 14 6.60 -31.31 -55.17
C HIS M 14 5.14 -31.75 -55.25
N ALA M 15 4.50 -31.81 -54.09
CA ALA M 15 3.09 -32.13 -53.98
C ALA M 15 2.60 -31.72 -52.59
N LEU M 16 1.38 -31.23 -52.52
CA LEU M 16 0.71 -31.05 -51.24
C LEU M 16 -0.10 -32.31 -50.96
N LEU M 17 0.24 -32.98 -49.86
CA LEU M 17 -0.44 -34.20 -49.47
C LEU M 17 -1.64 -33.86 -48.59
N VAL M 18 -2.82 -34.32 -49.00
CA VAL M 18 -4.05 -34.03 -48.27
C VAL M 18 -4.84 -35.31 -48.16
N ASP M 19 -5.14 -35.73 -46.93
CA ASP M 19 -5.78 -37.00 -46.67
C ASP M 19 -4.97 -38.14 -47.28
N GLY M 20 -3.65 -38.01 -47.24
CA GLY M 20 -2.73 -39.08 -47.61
C GLY M 20 -2.33 -39.14 -49.07
N ALA M 21 -2.93 -38.35 -49.94
CA ALA M 21 -2.61 -38.37 -51.36
C ALA M 21 -2.30 -36.96 -51.85
N PRO M 22 -1.63 -36.83 -53.00
CA PRO M 22 -1.42 -35.50 -53.58
C PRO M 22 -2.74 -34.79 -53.84
N TYR M 23 -2.71 -33.46 -53.74
CA TYR M 23 -3.89 -32.60 -53.79
C TYR M 23 -3.57 -31.35 -54.60
N THR M 24 -4.42 -31.03 -55.57
CA THR M 24 -4.26 -29.83 -56.39
C THR M 24 -5.27 -28.78 -55.93
N ILE M 25 -4.76 -27.62 -55.50
CA ILE M 25 -5.63 -26.58 -54.97
C ILE M 25 -6.23 -25.78 -56.12
N LEU M 26 -7.55 -25.70 -56.14
CA LEU M 26 -8.30 -24.89 -57.10
C LEU M 26 -9.11 -23.94 -56.23
N ALA M 27 -8.57 -22.74 -56.00
CA ALA M 27 -9.00 -21.90 -54.91
C ALA M 27 -9.59 -20.58 -55.40
N ALA M 28 -10.43 -19.99 -54.55
CA ALA M 28 -10.97 -18.65 -54.73
C ALA M 28 -10.82 -17.92 -53.40
N GLN M 29 -10.30 -16.70 -53.45
CA GLN M 29 -10.10 -15.89 -52.26
C GLN M 29 -11.17 -14.82 -52.15
N LEU M 30 -11.71 -14.64 -50.95
CA LEU M 30 -12.65 -13.55 -50.67
C LEU M 30 -11.89 -12.22 -50.58
N HIS M 31 -12.63 -11.12 -50.72
CA HIS M 31 -12.01 -9.81 -50.55
C HIS M 31 -11.54 -9.64 -49.09
N ASN M 32 -10.61 -8.69 -48.91
CA ASN M 32 -9.94 -8.54 -47.63
C ASN M 32 -10.92 -8.41 -46.47
N SER M 33 -12.03 -7.70 -46.69
CA SER M 33 -12.97 -7.38 -45.61
C SER M 33 -14.22 -8.26 -45.63
N SER M 34 -14.14 -9.46 -46.19
CA SER M 34 -15.31 -10.31 -46.34
C SER M 34 -15.37 -11.46 -45.34
N ALA M 35 -14.35 -11.61 -44.49
CA ALA M 35 -14.30 -12.72 -43.53
C ALA M 35 -14.97 -12.32 -42.20
N TRP M 36 -16.27 -12.02 -42.31
CA TRP M 36 -17.08 -11.65 -41.16
C TRP M 36 -18.39 -12.45 -41.20
N PRO M 37 -18.92 -12.85 -40.04
CA PRO M 37 -20.01 -13.85 -40.04
C PRO M 37 -21.21 -13.48 -40.89
N ALA M 38 -21.57 -12.20 -40.97
CA ALA M 38 -22.74 -11.80 -41.75
C ALA M 38 -22.48 -11.87 -43.26
N VAL M 39 -21.22 -11.91 -43.68
CA VAL M 39 -20.83 -11.82 -45.07
C VAL M 39 -20.52 -13.21 -45.61
N LEU M 40 -19.99 -14.07 -44.75
CA LEU M 40 -19.49 -15.38 -45.19
C LEU M 40 -20.50 -16.22 -45.96
N PRO M 41 -21.76 -16.37 -45.54
CA PRO M 41 -22.67 -17.30 -46.24
C PRO M 41 -22.86 -16.92 -47.70
N PRO M 42 -23.26 -15.68 -48.03
CA PRO M 42 -23.36 -15.34 -49.45
C PRO M 42 -22.00 -15.35 -50.14
N ALA M 43 -20.94 -14.95 -49.44
CA ALA M 43 -19.61 -15.01 -50.04
C ALA M 43 -19.24 -16.45 -50.39
N LEU M 44 -19.37 -17.37 -49.43
CA LEU M 44 -18.97 -18.75 -49.67
C LEU M 44 -19.83 -19.42 -50.73
N ASP M 45 -21.08 -18.98 -50.86
CA ASP M 45 -21.94 -19.53 -51.91
C ASP M 45 -21.41 -19.15 -53.29
N GLN M 46 -20.85 -17.95 -53.42
CA GLN M 46 -20.23 -17.58 -54.69
C GLN M 46 -18.99 -18.42 -54.96
N VAL M 47 -18.25 -18.81 -53.91
CA VAL M 47 -17.13 -19.70 -54.11
C VAL M 47 -17.61 -21.05 -54.62
N VAL M 48 -18.70 -21.57 -54.07
CA VAL M 48 -19.24 -22.82 -54.59
C VAL M 48 -19.62 -22.68 -56.06
N ALA M 49 -20.22 -21.54 -56.44
CA ALA M 49 -20.60 -21.32 -57.83
C ALA M 49 -19.41 -21.38 -58.79
N LEU M 50 -18.22 -21.06 -58.30
CA LEU M 50 -16.99 -21.19 -59.08
C LEU M 50 -16.46 -22.60 -59.11
N HIS M 51 -17.11 -23.54 -58.38
CA HIS M 51 -16.67 -24.92 -58.29
C HIS M 51 -15.25 -25.04 -57.76
N ALA M 52 -14.84 -24.11 -56.89
CA ALA M 52 -13.54 -24.21 -56.27
C ALA M 52 -13.56 -25.30 -55.21
N ASN M 53 -12.40 -25.90 -54.95
CA ASN M 53 -12.34 -26.87 -53.86
C ASN M 53 -11.77 -26.29 -52.58
N THR M 54 -11.24 -25.08 -52.63
CA THR M 54 -10.64 -24.41 -51.49
C THR M 54 -11.05 -22.94 -51.49
N VAL M 55 -11.20 -22.37 -50.29
CA VAL M 55 -11.42 -20.95 -50.11
C VAL M 55 -10.24 -20.38 -49.35
N GLU M 56 -9.71 -19.26 -49.82
CA GLU M 56 -8.69 -18.51 -49.10
C GLU M 56 -9.37 -17.33 -48.42
N ALA M 57 -9.17 -17.21 -47.11
CA ALA M 57 -9.88 -16.21 -46.33
C ALA M 57 -9.02 -15.81 -45.14
N PRO M 58 -9.00 -14.54 -44.78
CA PRO M 58 -8.09 -14.08 -43.71
C PRO M 58 -8.65 -14.24 -42.32
N VAL M 59 -7.71 -14.35 -41.37
CA VAL M 59 -7.98 -14.19 -39.95
C VAL M 59 -7.28 -12.92 -39.53
N TYR M 60 -8.05 -11.94 -39.05
CA TYR M 60 -7.50 -10.63 -38.73
C TYR M 60 -7.00 -10.63 -37.29
N TRP M 61 -5.69 -10.38 -37.11
CA TRP M 61 -5.15 -10.21 -35.77
C TRP M 61 -5.98 -9.22 -34.97
N GLU M 62 -6.43 -8.15 -35.64
CA GLU M 62 -7.29 -7.12 -35.03
C GLU M 62 -8.42 -7.72 -34.20
N GLN M 63 -9.25 -8.57 -34.83
CA GLN M 63 -10.40 -9.12 -34.13
C GLN M 63 -10.07 -10.38 -33.36
N PHE M 64 -8.95 -11.04 -33.68
CA PHE M 64 -8.65 -12.31 -33.03
C PHE M 64 -8.05 -12.12 -31.64
N GLU M 65 -7.28 -11.04 -31.42
CA GLU M 65 -6.75 -10.71 -30.09
C GLU M 65 -7.14 -9.27 -29.74
N PRO M 66 -8.41 -9.04 -29.38
CA PRO M 66 -8.85 -7.66 -29.09
C PRO M 66 -8.20 -7.05 -27.86
N ALA M 67 -7.70 -7.85 -26.92
CA ALA M 67 -6.95 -7.36 -25.78
C ALA M 67 -5.81 -8.35 -25.52
N PRO M 68 -4.68 -7.87 -24.96
CA PRO M 68 -3.53 -8.78 -24.77
C PRO M 68 -3.90 -10.04 -24.02
N GLY M 69 -3.60 -11.21 -24.60
CA GLY M 69 -3.88 -12.47 -23.95
C GLY M 69 -5.29 -13.02 -24.11
N ARG M 70 -6.26 -12.20 -24.55
CA ARG M 70 -7.63 -12.64 -24.72
C ARG M 70 -7.93 -12.83 -26.20
N PHE M 71 -8.37 -14.03 -26.58
CA PHE M 71 -8.53 -14.40 -27.97
C PHE M 71 -10.00 -14.67 -28.30
N ASP M 72 -10.42 -14.21 -29.47
CA ASP M 72 -11.80 -14.29 -29.94
C ASP M 72 -11.82 -15.12 -31.21
N THR M 73 -12.49 -16.27 -31.17
CA THR M 73 -12.48 -17.20 -32.28
C THR M 73 -13.76 -17.15 -33.12
N THR M 74 -14.54 -16.07 -33.01
CA THR M 74 -15.87 -16.06 -33.63
C THR M 74 -15.78 -16.14 -35.15
N ASN M 75 -14.90 -15.34 -35.75
CA ASN M 75 -14.79 -15.33 -37.20
C ASN M 75 -14.20 -16.64 -37.73
N VAL M 76 -13.09 -17.10 -37.13
CA VAL M 76 -12.44 -18.30 -37.65
C VAL M 76 -13.35 -19.52 -37.50
N ASP M 77 -14.19 -19.55 -36.46
CA ASP M 77 -15.12 -20.66 -36.30
C ASP M 77 -16.22 -20.61 -37.35
N ALA M 78 -16.72 -19.40 -37.63
CA ALA M 78 -17.73 -19.23 -38.66
C ALA M 78 -17.20 -19.58 -40.05
N LEU M 79 -15.94 -19.23 -40.33
CA LEU M 79 -15.33 -19.60 -41.61
C LEU M 79 -15.28 -21.11 -41.77
N ILE M 80 -14.68 -21.79 -40.79
CA ILE M 80 -14.55 -23.24 -40.88
C ILE M 80 -15.93 -23.89 -40.91
N ALA M 81 -16.88 -23.35 -40.14
CA ALA M 81 -18.24 -23.88 -40.19
C ALA M 81 -18.82 -23.73 -41.59
N GLY M 82 -18.67 -22.55 -42.19
CA GLY M 82 -19.28 -22.31 -43.47
C GLY M 82 -18.69 -23.18 -44.57
N ALA M 83 -17.37 -23.38 -44.52
CA ALA M 83 -16.74 -24.26 -45.50
C ALA M 83 -17.22 -25.70 -45.33
N ARG M 84 -17.25 -26.20 -44.08
CA ARG M 84 -17.66 -27.58 -43.86
C ARG M 84 -19.05 -27.83 -44.38
N LYS M 85 -19.96 -26.87 -44.18
CA LYS M 85 -21.31 -27.00 -44.68
C LYS M 85 -21.36 -27.05 -46.21
N ARG M 86 -20.45 -26.36 -46.88
CA ARG M 86 -20.43 -26.28 -48.33
C ARG M 86 -19.42 -27.23 -48.97
N GLY M 87 -18.73 -28.05 -48.16
CA GLY M 87 -17.80 -29.03 -48.69
C GLY M 87 -16.48 -28.47 -49.15
N LEU M 88 -16.00 -27.41 -48.52
CA LEU M 88 -14.79 -26.72 -48.96
C LEU M 88 -13.66 -26.96 -47.99
N ARG M 89 -12.46 -27.16 -48.53
CA ARG M 89 -11.26 -27.04 -47.73
C ARG M 89 -10.89 -25.57 -47.62
N VAL M 90 -10.05 -25.23 -46.65
CA VAL M 90 -9.78 -23.85 -46.28
C VAL M 90 -8.29 -23.58 -46.28
N ALA M 91 -7.89 -22.49 -46.92
CA ALA M 91 -6.54 -21.95 -46.83
C ALA M 91 -6.63 -20.67 -46.00
N LEU M 92 -5.96 -20.67 -44.85
CA LEU M 92 -6.15 -19.67 -43.82
C LEU M 92 -5.04 -18.63 -43.90
N LEU M 93 -5.43 -17.36 -44.02
CA LEU M 93 -4.49 -16.26 -44.19
C LEU M 93 -4.38 -15.49 -42.89
N TRP M 94 -3.20 -15.53 -42.27
CA TRP M 94 -2.95 -14.86 -40.99
C TRP M 94 -2.53 -13.42 -41.27
N PHE M 95 -3.48 -12.49 -41.20
CA PHE M 95 -3.15 -11.07 -41.39
C PHE M 95 -2.55 -10.54 -40.08
N GLY M 96 -1.23 -10.73 -39.92
CA GLY M 96 -0.55 -10.34 -38.70
C GLY M 96 0.20 -9.02 -38.78
N SER M 97 1.50 -9.02 -38.46
CA SER M 97 2.24 -7.76 -38.45
C SER M 97 2.32 -7.13 -39.84
N TRP M 98 2.10 -7.93 -40.89
CA TRP M 98 2.26 -7.48 -42.26
C TRP M 98 1.06 -7.89 -43.10
N LYS M 99 0.44 -6.89 -43.73
CA LYS M 99 -0.51 -7.10 -44.82
C LYS M 99 -0.19 -6.05 -45.87
N ASN M 100 0.21 -6.51 -47.06
CA ASN M 100 0.65 -5.63 -48.14
C ASN M 100 1.72 -4.64 -47.66
N GLY M 101 2.66 -5.16 -46.87
CA GLY M 101 3.79 -4.39 -46.40
C GLY M 101 3.51 -3.37 -45.31
N GLN M 102 2.37 -3.46 -44.63
CA GLN M 102 1.97 -2.47 -43.64
C GLN M 102 1.27 -3.17 -42.47
N MET M 103 1.05 -2.41 -41.40
CA MET M 103 0.61 -2.96 -40.11
C MET M 103 -0.85 -2.71 -39.81
N HIS M 104 -1.70 -2.55 -40.83
CA HIS M 104 -3.06 -2.08 -40.59
C HIS M 104 -3.97 -3.11 -39.95
N TYR M 105 -3.53 -4.36 -39.83
CA TYR M 105 -4.35 -5.39 -39.19
C TYR M 105 -3.86 -5.75 -37.80
N VAL M 106 -2.77 -5.14 -37.35
CA VAL M 106 -2.25 -5.26 -36.00
C VAL M 106 -3.29 -4.72 -35.02
N PRO M 107 -3.43 -5.30 -33.82
CA PRO M 107 -4.51 -4.89 -32.91
C PRO M 107 -4.37 -3.45 -32.44
N GLU M 108 -5.50 -2.91 -31.96
CA GLU M 108 -5.54 -1.51 -31.53
C GLU M 108 -4.59 -1.24 -30.38
N TRP M 109 -4.47 -2.18 -29.44
CA TRP M 109 -3.59 -1.98 -28.31
C TRP M 109 -2.12 -2.00 -28.70
N ILE M 110 -1.80 -2.36 -29.94
CA ILE M 110 -0.44 -2.17 -30.45
C ILE M 110 -0.33 -0.86 -31.23
N LYS M 111 -1.34 -0.53 -32.02
CA LYS M 111 -1.34 0.74 -32.75
C LYS M 111 -1.24 1.94 -31.81
N ARG M 112 -1.82 1.85 -30.61
CA ARG M 112 -1.81 2.97 -29.67
C ARG M 112 -0.47 3.16 -28.99
N ASP M 113 0.36 2.13 -28.93
CA ASP M 113 1.56 2.12 -28.10
C ASP M 113 2.80 2.01 -29.00
N GLU M 114 3.14 3.10 -29.67
CA GLU M 114 4.35 3.11 -30.50
C GLU M 114 5.61 2.93 -29.67
N ALA M 115 5.56 3.25 -28.37
CA ALA M 115 6.75 3.15 -27.55
C ALA M 115 7.12 1.69 -27.27
N THR M 116 6.12 0.88 -26.95
CA THR M 116 6.36 -0.55 -26.72
C THR M 116 6.57 -1.28 -28.04
N TYR M 117 5.85 -0.87 -29.08
CA TYR M 117 5.80 -1.56 -30.37
C TYR M 117 6.23 -0.58 -31.46
N PRO M 118 7.53 -0.33 -31.57
CA PRO M 118 7.98 0.74 -32.47
C PRO M 118 7.73 0.43 -33.95
N ARG M 119 7.56 1.50 -34.71
CA ARG M 119 7.44 1.49 -36.16
C ARG M 119 8.81 1.75 -36.79
N MET M 120 9.00 1.28 -38.01
CA MET M 120 10.21 1.59 -38.74
C MET M 120 10.35 3.10 -38.91
N ARG M 121 11.58 3.56 -39.02
CA ARG M 121 11.87 4.93 -39.38
C ARG M 121 12.45 4.98 -40.78
N ASP M 122 11.97 5.93 -41.58
CA ASP M 122 12.40 6.03 -42.96
C ASP M 122 13.69 6.87 -43.02
N ALA M 123 14.21 7.05 -44.24
CA ALA M 123 15.48 7.73 -44.43
C ALA M 123 15.49 9.17 -43.92
N ASN M 124 14.32 9.77 -43.68
CA ASN M 124 14.23 11.12 -43.15
C ASN M 124 14.00 11.15 -41.65
N GLY M 125 13.82 9.99 -41.03
CA GLY M 125 13.57 9.89 -39.60
C GLY M 125 12.11 9.80 -39.21
N GLU M 126 11.19 9.84 -40.17
CA GLU M 126 9.75 9.83 -40.01
C GLU M 126 9.23 8.39 -39.91
N PRO M 127 8.28 8.14 -39.02
CA PRO M 127 7.70 6.80 -38.92
C PRO M 127 6.90 6.46 -40.16
N VAL M 128 6.69 5.16 -40.35
CA VAL M 128 5.87 4.63 -41.42
C VAL M 128 4.96 3.56 -40.83
N ASP M 129 4.02 3.07 -41.63
CA ASP M 129 3.03 2.11 -41.17
C ASP M 129 3.55 0.67 -41.22
N VAL M 130 4.74 0.44 -40.69
CA VAL M 130 5.32 -0.89 -40.63
C VAL M 130 5.91 -1.11 -39.24
N LEU M 131 5.57 -2.24 -38.60
CA LEU M 131 6.24 -2.60 -37.37
C LEU M 131 7.73 -2.79 -37.63
N SER M 132 8.54 -2.31 -36.70
CA SER M 132 9.98 -2.50 -36.82
C SER M 132 10.33 -3.98 -36.64
N PRO M 133 11.12 -4.57 -37.54
CA PRO M 133 11.51 -5.97 -37.40
C PRO M 133 12.72 -6.22 -36.51
N HIS M 134 13.20 -5.18 -35.80
CA HIS M 134 14.43 -5.26 -35.01
C HIS M 134 14.20 -5.12 -33.50
N VAL M 135 12.95 -5.16 -33.03
CA VAL M 135 12.63 -5.07 -31.61
C VAL M 135 11.86 -6.32 -31.19
N ALA M 136 12.32 -6.96 -30.11
CA ALA M 136 11.78 -8.25 -29.71
C ALA M 136 10.27 -8.20 -29.45
N ALA M 137 9.77 -7.05 -28.99
CA ALA M 137 8.37 -6.97 -28.57
C ALA M 137 7.42 -7.29 -29.72
N ASN M 138 7.72 -6.77 -30.92
CA ASN M 138 6.80 -6.97 -32.05
C ASN M 138 6.74 -8.44 -32.44
N VAL M 139 7.90 -9.02 -32.78
CA VAL M 139 7.92 -10.39 -33.28
C VAL M 139 7.32 -11.35 -32.26
N GLN M 140 7.58 -11.11 -30.98
CA GLN M 140 7.05 -11.99 -29.95
C GLN M 140 5.53 -11.84 -29.82
N ALA M 141 5.03 -10.62 -29.97
CA ALA M 141 3.57 -10.45 -29.92
C ALA M 141 2.89 -11.17 -31.08
N ASP M 142 3.51 -11.13 -32.27
CA ASP M 142 2.99 -11.85 -33.42
C ASP M 142 3.07 -13.36 -33.21
N ALA M 143 4.25 -13.83 -32.79
CA ALA M 143 4.43 -15.27 -32.55
C ALA M 143 3.39 -15.80 -31.57
N ARG M 144 3.24 -15.13 -30.43
CA ARG M 144 2.31 -15.58 -29.40
C ARG M 144 0.89 -15.72 -29.94
N ALA M 145 0.43 -14.72 -30.71
CA ALA M 145 -0.93 -14.74 -31.23
C ALA M 145 -1.11 -15.82 -32.29
N PHE M 146 -0.10 -15.98 -33.17
CA PHE M 146 -0.16 -17.05 -34.16
C PHE M 146 -0.21 -18.41 -33.48
N THR M 147 0.57 -18.58 -32.40
CA THR M 147 0.56 -19.83 -31.66
C THR M 147 -0.84 -20.13 -31.11
N ALA M 148 -1.53 -19.11 -30.61
CA ALA M 148 -2.87 -19.33 -30.10
C ALA M 148 -3.81 -19.72 -31.23
N LEU M 149 -3.62 -19.14 -32.41
CA LEU M 149 -4.47 -19.45 -33.55
C LEU M 149 -4.28 -20.90 -33.99
N MET M 150 -3.03 -21.34 -34.07
CA MET M 150 -2.78 -22.73 -34.43
C MET M 150 -3.26 -23.68 -33.33
N GLN M 151 -2.98 -23.35 -32.06
CA GLN M 151 -3.45 -24.18 -30.95
C GLN M 151 -4.96 -24.34 -30.98
N HIS M 152 -5.69 -23.25 -31.22
CA HIS M 152 -7.13 -23.37 -31.41
C HIS M 152 -7.44 -24.25 -32.60
N LEU M 153 -6.65 -24.11 -33.68
CA LEU M 153 -6.93 -24.84 -34.91
C LEU M 153 -6.84 -26.35 -34.70
N ARG M 154 -5.81 -26.80 -33.97
CA ARG M 154 -5.69 -28.22 -33.64
C ARG M 154 -6.87 -28.68 -32.79
N LYS M 155 -7.23 -27.89 -31.78
CA LYS M 155 -8.38 -28.24 -30.95
C LYS M 155 -9.63 -28.48 -31.80
N ILE M 156 -9.89 -27.61 -32.77
CA ILE M 156 -11.21 -27.64 -33.46
C ILE M 156 -11.16 -28.33 -34.83
N ASP M 157 -9.97 -28.52 -35.41
CA ASP M 157 -9.85 -29.06 -36.75
C ASP M 157 -8.83 -30.20 -36.85
N GLY M 158 -8.26 -30.65 -35.72
CA GLY M 158 -7.20 -31.63 -35.74
C GLY M 158 -7.61 -33.00 -36.24
N ASP M 159 -8.90 -33.29 -36.26
CA ASP M 159 -9.42 -34.52 -36.83
C ASP M 159 -9.95 -34.35 -38.25
N ARG M 160 -10.70 -33.27 -38.50
CA ARG M 160 -11.36 -33.07 -39.79
C ARG M 160 -10.42 -32.47 -40.83
N HIS M 161 -9.48 -31.63 -40.40
CA HIS M 161 -8.49 -31.03 -41.29
C HIS M 161 -9.14 -30.21 -42.38
N THR M 162 -10.21 -29.50 -42.03
CA THR M 162 -10.83 -28.58 -42.98
C THR M 162 -9.82 -27.53 -43.46
N VAL M 163 -8.98 -27.03 -42.56
CA VAL M 163 -7.93 -26.09 -42.95
C VAL M 163 -6.74 -26.88 -43.50
N ILE M 164 -6.33 -26.53 -44.72
CA ILE M 164 -5.37 -27.34 -45.46
C ILE M 164 -3.97 -26.74 -45.43
N VAL M 165 -3.85 -25.42 -45.53
CA VAL M 165 -2.58 -24.71 -45.48
C VAL M 165 -2.81 -23.44 -44.67
N VAL M 166 -1.71 -22.78 -44.32
CA VAL M 166 -1.80 -21.53 -43.57
C VAL M 166 -0.78 -20.55 -44.12
N GLN M 167 -1.25 -19.38 -44.51
CA GLN M 167 -0.41 -18.32 -45.03
C GLN M 167 0.02 -17.44 -43.87
N VAL M 168 1.32 -17.44 -43.58
CA VAL M 168 1.87 -16.67 -42.47
C VAL M 168 2.16 -15.27 -43.00
N GLU M 169 1.43 -14.28 -42.48
CA GLU M 169 1.45 -12.92 -42.99
C GLU M 169 0.86 -12.89 -44.40
N ASN M 170 0.82 -11.71 -45.01
CA ASN M 170 0.26 -11.51 -46.33
C ASN M 170 1.08 -10.44 -47.04
N GLU M 171 1.82 -10.85 -48.08
CA GLU M 171 2.75 -9.99 -48.80
C GLU M 171 3.62 -9.20 -47.83
N PRO M 172 4.52 -9.83 -47.10
CA PRO M 172 5.33 -9.10 -46.11
C PRO M 172 6.42 -8.26 -46.77
N GLY M 173 7.04 -7.40 -45.95
CA GLY M 173 8.03 -6.43 -46.36
C GLY M 173 7.66 -5.04 -45.87
N ALA M 174 8.37 -4.03 -46.38
CA ALA M 174 8.22 -2.66 -45.91
C ALA M 174 7.77 -1.76 -47.04
N ILE M 175 6.73 -0.96 -46.77
CA ILE M 175 6.27 0.09 -47.65
C ILE M 175 6.59 1.44 -47.00
N GLY M 176 7.23 2.32 -47.77
CA GLY M 176 7.59 3.64 -47.29
C GLY M 176 9.06 3.83 -46.98
N THR M 177 9.85 2.76 -47.00
CA THR M 177 11.28 2.81 -46.74
C THR M 177 11.90 1.53 -47.26
N VAL M 178 13.22 1.57 -47.44
CA VAL M 178 13.92 0.33 -47.81
C VAL M 178 14.28 -0.46 -46.56
N ARG M 179 14.78 0.20 -45.53
CA ARG M 179 15.17 -0.47 -44.30
C ARG M 179 14.87 0.43 -43.11
N ASP M 180 14.96 -0.15 -41.91
CA ASP M 180 14.74 0.59 -40.68
C ASP M 180 15.92 1.51 -40.38
N HIS M 181 15.61 2.78 -40.11
CA HIS M 181 16.61 3.76 -39.68
C HIS M 181 16.47 4.12 -38.21
N GLY M 182 15.60 3.45 -37.46
CA GLY M 182 15.58 3.57 -36.03
C GLY M 182 16.89 3.09 -35.41
N PRO M 183 17.09 3.35 -34.12
CA PRO M 183 18.37 2.94 -33.51
C PRO M 183 18.64 1.45 -33.57
N ALA M 184 17.67 0.59 -33.26
CA ALA M 184 17.90 -0.85 -33.33
C ALA M 184 18.25 -1.29 -34.75
N GLY M 185 17.57 -0.73 -35.74
CA GLY M 185 17.86 -1.08 -37.13
C GLY M 185 19.21 -0.56 -37.59
N GLU M 186 19.57 0.66 -37.20
CA GLU M 186 20.88 1.20 -37.54
C GLU M 186 22.00 0.37 -36.93
N ALA M 187 21.77 -0.17 -35.74
CA ALA M 187 22.77 -1.01 -35.07
C ALA M 187 22.98 -2.30 -35.83
N ALA M 188 21.91 -3.04 -36.08
CA ALA M 188 22.01 -4.33 -36.78
C ALA M 188 22.64 -4.16 -38.16
N PHE M 189 22.27 -3.09 -38.87
CA PHE M 189 22.84 -2.85 -40.20
C PHE M 189 24.34 -2.58 -40.12
N ALA M 190 24.83 -2.07 -38.99
CA ALA M 190 26.27 -1.91 -38.81
C ALA M 190 26.97 -3.23 -38.51
N GLN M 191 26.23 -4.26 -38.11
CA GLN M 191 26.81 -5.56 -37.87
C GLN M 191 27.01 -6.32 -39.17
N PRO M 192 27.96 -7.26 -39.19
CA PRO M 192 28.14 -8.10 -40.38
C PRO M 192 26.92 -8.97 -40.65
N VAL M 193 26.99 -9.66 -41.78
CA VAL M 193 25.98 -10.63 -42.17
C VAL M 193 26.14 -11.89 -41.31
N PRO M 194 25.05 -12.44 -40.76
CA PRO M 194 25.16 -13.70 -40.02
C PRO M 194 25.88 -14.77 -40.82
N ALA M 195 26.72 -15.55 -40.13
CA ALA M 195 27.61 -16.49 -40.81
C ALA M 195 26.86 -17.62 -41.49
N ALA M 196 25.79 -18.14 -40.84
CA ALA M 196 25.00 -19.20 -41.47
C ALA M 196 24.34 -18.71 -42.76
N ILE M 197 24.02 -17.42 -42.83
CA ILE M 197 23.47 -16.85 -44.05
C ILE M 197 24.52 -16.79 -45.14
N ALA M 198 25.69 -16.19 -44.85
CA ALA M 198 26.76 -16.12 -45.82
C ALA M 198 27.20 -17.50 -46.29
N ALA M 199 27.13 -18.50 -45.41
CA ALA M 199 27.47 -19.87 -45.79
C ALA M 199 26.44 -20.43 -46.76
N ALA M 200 25.15 -20.33 -46.40
CA ALA M 200 24.08 -20.89 -47.22
C ALA M 200 24.03 -20.29 -48.61
N LEU M 201 24.61 -19.11 -48.82
CA LEU M 201 24.66 -18.47 -50.12
C LEU M 201 26.02 -18.66 -50.81
N GLY M 202 26.91 -19.46 -50.24
CA GLY M 202 28.22 -19.69 -50.82
C GLY M 202 29.10 -18.46 -50.83
N LYS M 203 29.00 -17.64 -49.78
CA LYS M 203 29.65 -16.34 -49.75
C LYS M 203 30.64 -16.27 -48.59
N PRO M 204 31.65 -15.39 -48.68
CA PRO M 204 32.56 -15.19 -47.54
C PRO M 204 31.88 -14.40 -46.44
N ALA M 205 32.56 -14.21 -45.31
CA ALA M 205 32.07 -13.28 -44.31
C ALA M 205 32.29 -11.85 -44.79
N GLY M 206 31.45 -10.94 -44.32
CA GLY M 206 31.60 -9.55 -44.68
C GLY M 206 30.36 -8.75 -44.35
N SER M 207 30.47 -7.44 -44.55
CA SER M 207 29.37 -6.53 -44.32
C SER M 207 28.30 -6.71 -45.39
N TRP M 208 27.15 -6.06 -45.17
CA TRP M 208 26.08 -6.14 -46.15
C TRP M 208 26.52 -5.52 -47.47
N GLN M 209 27.24 -4.40 -47.41
CA GLN M 209 27.71 -3.75 -48.63
C GLN M 209 28.70 -4.64 -49.39
N GLN M 210 29.51 -5.42 -48.67
CA GLN M 210 30.52 -6.24 -49.32
C GLN M 210 29.93 -7.49 -49.97
N LEU M 211 28.86 -8.06 -49.41
CA LEU M 211 28.23 -9.25 -49.97
C LEU M 211 27.06 -8.95 -50.91
N PHE M 212 26.53 -7.73 -50.90
CA PHE M 212 25.36 -7.41 -51.70
C PHE M 212 25.46 -6.08 -52.46
N GLY M 213 26.54 -5.33 -52.29
CA GLY M 213 26.76 -4.16 -53.12
C GLY M 213 25.63 -3.15 -52.99
N ALA M 214 25.09 -2.74 -54.14
CA ALA M 214 24.04 -1.72 -54.14
C ALA M 214 22.75 -2.19 -53.48
N GLU M 215 22.55 -3.51 -53.38
CA GLU M 215 21.36 -4.09 -52.73
C GLU M 215 21.56 -4.30 -51.24
N ALA M 216 22.58 -3.68 -50.64
CA ALA M 216 22.91 -3.93 -49.24
C ALA M 216 21.71 -3.68 -48.31
N ALA M 217 21.06 -2.52 -48.47
CA ALA M 217 19.92 -2.22 -47.61
C ALA M 217 18.75 -3.17 -47.86
N GLU M 218 18.45 -3.44 -49.13
CA GLU M 218 17.27 -4.27 -49.41
C GLU M 218 17.50 -5.72 -48.99
N ALA M 219 18.71 -6.25 -49.15
CA ALA M 219 19.00 -7.59 -48.67
C ALA M 219 18.95 -7.66 -47.15
N PHE M 220 19.45 -6.62 -46.48
CA PHE M 220 19.34 -6.53 -45.02
C PHE M 220 17.90 -6.65 -44.55
N ASN M 221 17.01 -5.83 -45.13
CA ASN M 221 15.63 -5.84 -44.67
C ASN M 221 14.93 -7.14 -45.06
N ALA M 222 15.34 -7.75 -46.19
CA ALA M 222 14.79 -9.04 -46.56
C ALA M 222 15.08 -10.07 -45.47
N HIS M 223 16.33 -10.11 -44.99
CA HIS M 223 16.68 -11.03 -43.91
C HIS M 223 15.90 -10.71 -42.65
N ALA M 224 15.90 -9.44 -42.23
CA ALA M 224 15.17 -9.03 -41.03
C ALA M 224 13.71 -9.44 -41.10
N THR M 225 13.08 -9.25 -42.26
CA THR M 225 11.69 -9.66 -42.43
C THR M 225 11.56 -11.18 -42.38
N ALA M 226 12.48 -11.89 -43.02
CA ALA M 226 12.40 -13.35 -43.04
C ALA M 226 12.65 -13.95 -41.66
N ALA M 227 13.70 -13.49 -40.97
CA ALA M 227 14.00 -14.00 -39.64
C ALA M 227 12.84 -13.76 -38.67
N TYR M 228 12.22 -12.58 -38.75
CA TYR M 228 11.02 -12.27 -37.99
C TYR M 228 9.93 -13.31 -38.24
N ILE M 229 9.62 -13.58 -39.51
CA ILE M 229 8.59 -14.54 -39.86
C ILE M 229 9.00 -15.96 -39.47
N GLU M 230 10.30 -16.25 -39.49
CA GLU M 230 10.75 -17.58 -39.10
C GLU M 230 10.40 -17.88 -37.64
N GLN M 231 10.52 -16.87 -36.77
CA GLN M 231 10.10 -17.04 -35.39
C GLN M 231 8.61 -17.35 -35.29
N VAL M 232 7.79 -16.49 -35.90
CA VAL M 232 6.34 -16.70 -35.90
C VAL M 232 5.99 -18.07 -36.47
N ALA M 233 6.66 -18.46 -37.56
CA ALA M 233 6.36 -19.73 -38.21
C ALA M 233 6.71 -20.91 -37.31
N ALA M 234 7.94 -20.93 -36.78
CA ALA M 234 8.37 -22.00 -35.89
C ALA M 234 7.39 -22.17 -34.72
N ALA M 235 7.07 -21.07 -34.04
CA ALA M 235 6.15 -21.14 -32.90
C ALA M 235 4.80 -21.74 -33.32
N GLY M 236 4.34 -21.42 -34.52
CA GLY M 236 3.13 -22.06 -35.02
C GLY M 236 3.34 -23.52 -35.31
N LYS M 237 4.53 -23.87 -35.82
CA LYS M 237 4.84 -25.26 -36.13
C LYS M 237 4.80 -26.12 -34.87
N ARG M 238 5.28 -25.60 -33.74
CA ARG M 238 5.27 -26.39 -32.51
C ARG M 238 3.86 -26.66 -32.00
N ALA M 239 2.92 -25.78 -32.31
CA ALA M 239 1.56 -26.00 -31.83
C ALA M 239 0.81 -26.98 -32.71
N TYR M 240 1.01 -26.88 -34.03
CA TYR M 240 0.19 -27.58 -35.01
C TYR M 240 0.85 -27.46 -36.38
N PRO M 241 1.65 -28.43 -36.79
CA PRO M 241 2.56 -28.23 -37.92
C PRO M 241 1.89 -28.47 -39.28
N LEU M 242 0.81 -27.71 -39.53
CA LEU M 242 0.22 -27.63 -40.85
C LEU M 242 1.23 -27.04 -41.83
N PRO M 243 1.05 -27.26 -43.13
CA PRO M 243 1.91 -26.60 -44.11
C PRO M 243 1.74 -25.09 -44.04
N LEU M 244 2.85 -24.37 -44.20
CA LEU M 244 2.87 -22.93 -44.05
C LEU M 244 3.53 -22.31 -45.28
N TYR M 245 3.00 -21.17 -45.72
CA TYR M 245 3.56 -20.51 -46.90
C TYR M 245 3.40 -19.01 -46.76
N VAL M 246 4.18 -18.27 -47.55
CA VAL M 246 3.99 -16.83 -47.68
C VAL M 246 3.77 -16.49 -49.14
N ASN M 247 3.02 -15.41 -49.36
CA ASN M 247 2.69 -14.88 -50.68
C ASN M 247 3.48 -13.60 -50.93
N THR M 248 3.79 -13.35 -52.19
CA THR M 248 4.77 -12.33 -52.55
C THR M 248 4.16 -11.29 -53.48
N TRP M 249 4.23 -10.03 -53.06
CA TRP M 249 4.03 -8.88 -53.94
C TRP M 249 5.32 -8.72 -54.74
N LEU M 250 5.24 -8.98 -56.04
CA LEU M 250 6.43 -9.36 -56.78
C LEU M 250 7.22 -8.15 -57.28
N ARG M 251 8.50 -8.39 -57.57
CA ARG M 251 9.33 -7.49 -58.36
C ARG M 251 9.17 -7.91 -59.81
N TYR M 252 8.17 -7.32 -60.49
CA TYR M 252 7.80 -7.67 -61.85
C TYR M 252 7.20 -6.44 -62.50
N LYS M 253 6.76 -6.59 -63.75
CA LYS M 253 6.11 -5.52 -64.49
C LYS M 253 6.95 -4.24 -64.53
N GLY M 254 8.27 -4.36 -64.36
CA GLY M 254 9.09 -3.17 -64.33
C GLY M 254 9.14 -2.45 -62.99
N LYS M 255 8.54 -3.01 -61.94
CA LYS M 255 8.69 -2.44 -60.61
C LYS M 255 10.15 -2.54 -60.16
N ARG M 256 10.72 -1.41 -59.73
CA ARG M 256 12.15 -1.32 -59.46
C ARG M 256 12.51 -0.69 -58.11
N TYR M 257 11.56 -0.12 -57.38
CA TYR M 257 11.87 0.73 -56.22
C TYR M 257 11.36 0.07 -54.94
N PRO M 258 12.20 -0.69 -54.25
CA PRO M 258 11.74 -1.34 -53.01
C PRO M 258 11.33 -0.31 -51.98
N GLY M 259 10.16 -0.52 -51.37
CA GLY M 259 9.58 0.44 -50.49
C GLY M 259 8.46 1.25 -51.11
N MET M 260 8.45 1.39 -52.44
CA MET M 260 7.33 2.10 -53.05
C MET M 260 6.69 1.32 -54.19
N ASP M 261 7.48 0.61 -54.99
CA ASP M 261 6.95 -0.26 -56.03
C ASP M 261 6.44 -1.57 -55.45
N TYR M 262 7.09 -2.04 -54.39
CA TYR M 262 6.84 -3.34 -53.81
C TYR M 262 7.46 -3.35 -52.42
N PRO M 263 6.95 -4.16 -51.50
CA PRO M 263 7.43 -4.09 -50.12
C PRO M 263 8.88 -4.54 -49.99
N SER M 264 9.76 -3.62 -49.61
CA SER M 264 11.18 -3.95 -49.50
C SER M 264 11.39 -5.12 -48.57
N GLY M 265 11.96 -6.21 -49.09
CA GLY M 265 12.34 -7.32 -48.26
C GLY M 265 11.38 -8.49 -48.18
N GLY M 266 10.33 -8.52 -48.99
CA GLY M 266 9.55 -9.73 -49.17
C GLY M 266 10.33 -10.76 -49.97
N ALA M 267 9.66 -11.87 -50.27
CA ALA M 267 10.33 -12.99 -50.93
C ALA M 267 10.49 -12.75 -52.44
N THR M 268 11.03 -11.60 -52.82
CA THR M 268 11.16 -11.25 -54.23
C THR M 268 12.34 -11.97 -54.88
N VAL M 269 12.33 -11.97 -56.22
CA VAL M 269 13.25 -12.82 -56.99
C VAL M 269 14.71 -12.45 -56.71
N ASN M 270 15.00 -11.17 -56.48
CA ASN M 270 16.38 -10.72 -56.29
C ASN M 270 16.93 -11.05 -54.89
N VAL M 271 16.11 -11.62 -54.01
CA VAL M 271 16.55 -11.97 -52.66
C VAL M 271 15.98 -13.33 -52.27
N PHE M 272 15.66 -14.17 -53.27
CA PHE M 272 14.89 -15.38 -52.98
C PHE M 272 15.71 -16.38 -52.16
N ALA M 273 16.94 -16.67 -52.59
CA ALA M 273 17.74 -17.66 -51.88
C ALA M 273 18.08 -17.18 -50.48
N LEU M 274 18.39 -15.89 -50.33
CA LEU M 274 18.57 -15.32 -48.99
C LEU M 274 17.31 -15.51 -48.15
N TRP M 275 16.16 -15.08 -48.66
CA TRP M 275 14.92 -15.17 -47.89
C TRP M 275 14.70 -16.59 -47.38
N ARG M 276 14.93 -17.59 -48.23
CA ARG M 276 14.57 -18.96 -47.89
C ARG M 276 15.58 -19.60 -46.94
N ALA M 277 16.83 -19.16 -46.97
CA ALA M 277 17.81 -19.67 -46.01
C ALA M 277 17.35 -19.42 -44.58
N ALA M 278 16.76 -18.25 -44.34
CA ALA M 278 16.34 -17.87 -43.00
C ALA M 278 14.97 -18.38 -42.61
N THR M 279 14.28 -19.15 -43.45
CA THR M 279 12.89 -19.55 -43.18
C THR M 279 12.69 -21.05 -43.39
N PRO M 280 13.40 -21.90 -42.63
CA PRO M 280 13.16 -23.35 -42.74
C PRO M 280 11.79 -23.77 -42.25
N SER M 281 11.15 -22.99 -41.37
CA SER M 281 9.80 -23.31 -40.92
C SER M 281 8.72 -22.93 -41.93
N ILE M 282 9.09 -22.27 -43.03
CA ILE M 282 8.17 -21.94 -44.11
C ILE M 282 8.40 -22.95 -45.24
N ASP M 283 7.33 -23.52 -45.76
CA ASP M 283 7.47 -24.67 -46.65
C ASP M 283 7.59 -24.28 -48.14
N PHE M 284 6.87 -23.25 -48.58
CA PHE M 284 6.95 -22.82 -49.97
C PHE M 284 6.47 -21.39 -50.10
N ILE M 285 6.71 -20.80 -51.27
CA ILE M 285 6.41 -19.39 -51.55
C ILE M 285 5.42 -19.31 -52.69
N GLY M 286 4.33 -18.56 -52.49
CA GLY M 286 3.36 -18.32 -53.54
C GLY M 286 3.57 -16.99 -54.24
N THR M 287 3.14 -16.92 -55.49
CA THR M 287 3.28 -15.74 -56.34
C THR M 287 1.92 -15.08 -56.56
N ASP M 288 1.85 -13.78 -56.33
CA ASP M 288 0.64 -12.99 -56.60
C ASP M 288 0.85 -12.29 -57.94
N ILE M 289 0.26 -12.85 -58.99
CA ILE M 289 0.50 -12.40 -60.36
C ILE M 289 -0.73 -11.64 -60.83
N TYR M 290 -0.58 -10.33 -61.00
CA TYR M 290 -1.68 -9.52 -61.52
C TYR M 290 -1.30 -8.97 -62.88
N THR M 291 -1.14 -9.88 -63.84
CA THR M 291 -0.95 -9.52 -65.24
C THR M 291 -1.70 -10.55 -66.08
N SER M 292 -2.02 -10.15 -67.30
CA SER M 292 -2.58 -11.06 -68.28
C SER M 292 -1.55 -11.43 -69.35
N ASP M 293 -0.45 -10.71 -69.41
CA ASP M 293 0.53 -10.86 -70.47
C ASP M 293 1.21 -12.22 -70.40
N TYR M 294 1.19 -12.96 -71.52
CA TYR M 294 1.79 -14.30 -71.54
C TYR M 294 3.26 -14.26 -71.14
N GLY M 295 4.03 -13.34 -71.71
CA GLY M 295 5.45 -13.30 -71.42
C GLY M 295 5.72 -13.06 -69.95
N GLU M 296 5.07 -12.06 -69.37
CA GLU M 296 5.34 -11.69 -67.98
C GLU M 296 4.86 -12.76 -67.02
N TYR M 297 3.67 -13.32 -67.26
CA TYR M 297 3.17 -14.40 -66.41
C TYR M 297 4.11 -15.61 -66.45
N THR M 298 4.51 -16.00 -67.65
CA THR M 298 5.40 -17.15 -67.83
C THR M 298 6.75 -16.90 -67.18
N LYS M 299 7.29 -15.69 -67.35
CA LYS M 299 8.58 -15.34 -66.76
C LYS M 299 8.56 -15.49 -65.24
N VAL M 300 7.48 -15.02 -64.60
CA VAL M 300 7.37 -15.09 -63.14
C VAL M 300 7.33 -16.54 -62.68
N ILE M 301 6.46 -17.35 -63.28
CA ILE M 301 6.38 -18.76 -62.92
C ILE M 301 7.74 -19.44 -63.06
N GLY M 302 8.46 -19.11 -64.14
CA GLY M 302 9.80 -19.65 -64.29
C GLY M 302 10.72 -19.29 -63.14
N GLN M 303 10.55 -18.08 -62.58
CA GLN M 303 11.42 -17.63 -61.49
C GLN M 303 11.18 -18.41 -60.21
N TYR M 304 9.94 -18.83 -59.95
CA TYR M 304 9.61 -19.45 -58.68
C TYR M 304 9.37 -20.95 -58.77
N ALA M 305 9.22 -21.52 -59.96
CA ALA M 305 9.23 -22.97 -60.11
C ALA M 305 10.68 -23.43 -60.08
N ARG M 306 11.09 -24.00 -58.96
CA ARG M 306 12.48 -24.29 -58.65
C ARG M 306 12.57 -25.66 -58.01
N PRO M 307 13.78 -26.24 -57.90
CA PRO M 307 13.90 -27.50 -57.15
C PRO M 307 13.52 -27.35 -55.69
N ASP M 308 13.66 -26.15 -55.13
CA ASP M 308 13.34 -25.87 -53.74
C ASP M 308 12.00 -25.17 -53.56
N ASN M 309 11.26 -24.91 -54.64
CA ASN M 309 9.95 -24.29 -54.52
C ASN M 309 8.99 -24.71 -55.63
N PRO M 310 7.76 -25.06 -55.30
CA PRO M 310 6.80 -25.41 -56.35
C PRO M 310 6.08 -24.18 -56.91
N ALA M 311 5.66 -24.32 -58.17
CA ALA M 311 4.79 -23.30 -58.76
C ALA M 311 3.49 -23.27 -57.97
N TRP M 312 3.12 -22.09 -57.50
CA TRP M 312 1.94 -21.98 -56.65
C TRP M 312 1.44 -20.55 -56.75
N VAL M 313 0.30 -20.37 -57.43
CA VAL M 313 -0.27 -19.05 -57.67
C VAL M 313 -1.27 -18.80 -56.53
N SER M 314 -0.83 -18.03 -55.55
CA SER M 314 -1.69 -17.73 -54.40
C SER M 314 -2.69 -16.64 -54.71
N GLU M 315 -2.42 -15.81 -55.73
CA GLU M 315 -3.36 -14.77 -56.15
C GLU M 315 -3.15 -14.48 -57.62
N THR M 316 -4.26 -14.25 -58.34
CA THR M 316 -4.23 -13.79 -59.71
C THR M 316 -5.54 -13.06 -59.97
N GLY M 317 -5.52 -12.14 -60.93
CA GLY M 317 -6.70 -11.30 -61.16
C GLY M 317 -7.92 -12.14 -61.48
N PHE M 318 -9.06 -11.73 -60.94
CA PHE M 318 -10.33 -12.40 -61.24
C PHE M 318 -10.87 -11.81 -62.55
N GLU M 319 -10.35 -12.34 -63.65
CA GLU M 319 -10.75 -11.91 -64.98
C GLU M 319 -10.65 -13.09 -65.92
N ALA M 320 -11.38 -13.03 -67.02
CA ALA M 320 -11.44 -14.15 -67.96
C ALA M 320 -10.08 -14.39 -68.61
N ALA M 321 -9.34 -13.33 -68.89
CA ALA M 321 -8.06 -13.44 -69.58
C ALA M 321 -6.99 -14.13 -68.75
N THR M 322 -7.28 -14.48 -67.49
CA THR M 322 -6.31 -15.17 -66.65
C THR M 322 -6.65 -16.67 -66.50
N ALA M 323 -7.79 -17.11 -67.02
CA ALA M 323 -8.15 -18.53 -66.94
C ALA M 323 -7.21 -19.48 -67.66
N PRO M 324 -6.60 -19.15 -68.81
CA PRO M 324 -5.69 -20.14 -69.45
C PRO M 324 -4.47 -20.48 -68.61
N TYR M 325 -4.10 -19.64 -67.66
CA TYR M 325 -2.83 -19.84 -66.98
C TYR M 325 -2.89 -20.92 -65.90
N LEU M 326 -4.09 -21.34 -65.50
CA LEU M 326 -4.19 -22.52 -64.63
C LEU M 326 -3.51 -23.72 -65.30
N PHE M 327 -3.71 -23.87 -66.61
CA PHE M 327 -3.08 -24.97 -67.32
C PHE M 327 -1.57 -24.78 -67.43
N HIS M 328 -1.11 -23.54 -67.63
CA HIS M 328 0.33 -23.31 -67.64
C HIS M 328 0.95 -23.64 -66.28
N VAL M 329 0.28 -23.24 -65.19
CA VAL M 329 0.84 -23.46 -63.85
C VAL M 329 0.90 -24.95 -63.53
N LEU M 330 -0.15 -25.70 -63.86
CA LEU M 330 -0.11 -27.14 -63.63
C LEU M 330 1.00 -27.80 -64.43
N GLY M 331 1.25 -27.30 -65.64
CA GLY M 331 2.27 -27.89 -66.51
C GLY M 331 3.69 -27.57 -66.10
N GLN M 332 3.89 -26.67 -65.15
CA GLN M 332 5.20 -26.46 -64.54
C GLN M 332 5.29 -27.14 -63.19
N GLY M 333 4.46 -28.16 -62.95
CA GLY M 333 4.42 -28.84 -61.67
C GLY M 333 3.63 -28.16 -60.59
N GLY M 334 2.83 -27.13 -60.91
CA GLY M 334 2.20 -26.33 -59.89
C GLY M 334 1.25 -27.15 -59.03
N ILE M 335 1.18 -26.80 -57.75
CA ILE M 335 0.28 -27.49 -56.84
C ILE M 335 -1.09 -26.82 -56.73
N GLY M 336 -1.21 -25.54 -57.12
CA GLY M 336 -2.50 -24.89 -57.01
C GLY M 336 -2.57 -23.58 -57.78
N PHE M 337 -3.80 -23.09 -57.93
CA PHE M 337 -4.10 -21.87 -58.67
C PHE M 337 -5.32 -21.22 -58.05
N SER M 338 -5.26 -19.88 -57.89
CA SER M 338 -6.21 -19.14 -57.04
C SER M 338 -6.55 -17.80 -57.66
N VAL M 339 -7.86 -17.50 -57.75
CA VAL M 339 -8.38 -16.22 -58.22
C VAL M 339 -8.76 -15.37 -57.00
N PHE M 340 -8.38 -14.10 -57.02
CA PHE M 340 -8.57 -13.21 -55.88
C PHE M 340 -9.76 -12.28 -56.07
N GLY M 341 -10.58 -12.18 -55.03
CA GLY M 341 -11.62 -11.16 -54.94
C GLY M 341 -12.88 -11.49 -55.70
N ILE M 342 -13.48 -12.65 -55.43
CA ILE M 342 -14.57 -13.12 -56.28
C ILE M 342 -15.94 -12.66 -55.83
N ASP M 343 -16.09 -12.20 -54.60
CA ASP M 343 -17.40 -12.03 -53.97
C ASP M 343 -17.83 -10.58 -53.97
N GLY M 344 -19.08 -10.34 -54.35
CA GLY M 344 -19.71 -9.06 -54.15
C GLY M 344 -19.34 -7.98 -55.14
N ASN M 345 -18.63 -8.32 -56.22
CA ASN M 345 -18.25 -7.29 -57.17
C ASN M 345 -19.48 -6.74 -57.89
N PRO M 346 -19.43 -5.48 -58.33
CA PRO M 346 -20.55 -4.93 -59.09
C PRO M 346 -20.75 -5.70 -60.39
N ASP M 347 -22.02 -5.91 -60.75
CA ASP M 347 -22.32 -6.67 -61.96
C ASP M 347 -21.78 -5.94 -63.18
N SER M 348 -21.10 -6.68 -64.05
CA SER M 348 -20.61 -6.14 -65.31
C SER M 348 -20.33 -7.31 -66.23
N GLY M 349 -20.22 -7.00 -67.52
CA GLY M 349 -19.83 -8.04 -68.47
C GLY M 349 -18.51 -8.68 -68.07
N ALA M 350 -17.55 -7.85 -67.63
CA ALA M 350 -16.25 -8.37 -67.22
C ALA M 350 -16.39 -9.37 -66.09
N ASN M 351 -17.23 -9.06 -65.10
CA ASN M 351 -17.37 -9.92 -63.93
C ASN M 351 -18.10 -11.22 -64.27
N ARG M 352 -19.17 -11.13 -65.05
CA ARG M 352 -19.82 -12.34 -65.52
C ARG M 352 -18.85 -13.18 -66.35
N ALA M 353 -18.02 -12.52 -67.17
CA ALA M 353 -17.04 -13.25 -67.96
C ALA M 353 -16.04 -13.97 -67.06
N ALA M 354 -15.60 -13.29 -65.99
CA ALA M 354 -14.65 -13.87 -65.06
C ALA M 354 -15.24 -15.08 -64.35
N ILE M 355 -16.51 -14.99 -63.93
CA ILE M 355 -17.16 -16.13 -63.28
C ILE M 355 -17.25 -17.29 -64.26
N ALA M 356 -17.80 -17.04 -65.45
CA ALA M 356 -18.01 -18.10 -66.42
C ALA M 356 -16.71 -18.83 -66.76
N ALA M 357 -15.64 -18.09 -67.03
CA ALA M 357 -14.42 -18.73 -67.52
C ALA M 357 -13.74 -19.56 -66.44
N HIS M 358 -13.70 -19.04 -65.21
CA HIS M 358 -13.01 -19.76 -64.14
C HIS M 358 -13.87 -20.88 -63.58
N ALA M 359 -15.17 -20.63 -63.41
CA ALA M 359 -16.07 -21.71 -63.03
C ALA M 359 -15.92 -22.88 -63.99
N ALA M 360 -15.77 -22.59 -65.29
CA ALA M 360 -15.71 -23.65 -66.30
C ALA M 360 -14.55 -24.60 -66.05
N ASN M 361 -13.34 -24.08 -65.85
CA ASN M 361 -12.26 -25.06 -65.76
C ASN M 361 -12.04 -25.59 -64.34
N PHE M 362 -12.55 -24.92 -63.31
CA PHE M 362 -12.63 -25.59 -62.01
C PHE M 362 -13.67 -26.71 -62.05
N ARG M 363 -14.81 -26.47 -62.68
CA ARG M 363 -15.76 -27.53 -62.95
C ARG M 363 -15.15 -28.64 -63.78
N GLN M 364 -14.24 -28.29 -64.70
CA GLN M 364 -13.65 -29.29 -65.57
C GLN M 364 -12.63 -30.14 -64.83
N LEU M 365 -11.78 -29.52 -64.03
CA LEU M 365 -10.66 -30.23 -63.44
C LEU M 365 -10.91 -30.74 -62.02
N ALA M 366 -11.86 -30.16 -61.28
CA ALA M 366 -12.16 -30.65 -59.93
C ALA M 366 -12.41 -32.15 -59.87
N PRO M 367 -13.22 -32.77 -60.74
CA PRO M 367 -13.36 -34.24 -60.67
C PRO M 367 -12.10 -34.99 -61.02
N LEU M 368 -11.03 -34.30 -61.41
CA LEU M 368 -9.80 -34.95 -61.84
C LEU M 368 -8.62 -34.59 -60.95
N GLN M 369 -8.81 -33.77 -59.91
CA GLN M 369 -7.68 -33.14 -59.25
C GLN M 369 -6.75 -34.15 -58.61
N ARG M 370 -7.30 -35.26 -58.09
CA ARG M 370 -6.48 -36.28 -57.47
C ARG M 370 -5.58 -36.95 -58.49
N LEU M 371 -6.15 -37.30 -59.64
CA LEU M 371 -5.36 -37.88 -60.72
C LEU M 371 -4.31 -36.90 -61.23
N ILE M 372 -4.67 -35.62 -61.34
CA ILE M 372 -3.76 -34.61 -61.88
C ILE M 372 -2.60 -34.37 -60.91
N ALA M 373 -2.91 -34.25 -59.62
CA ALA M 373 -1.87 -33.99 -58.62
C ALA M 373 -0.87 -35.14 -58.56
N GLN M 374 -1.37 -36.38 -58.61
CA GLN M 374 -0.47 -37.53 -58.58
C GLN M 374 0.42 -37.57 -59.82
N ALA M 375 -0.19 -37.41 -61.00
CA ALA M 375 0.61 -37.40 -62.22
C ALA M 375 1.64 -36.28 -62.20
N ASN M 376 1.29 -35.13 -61.61
CA ASN M 376 2.24 -34.02 -61.49
C ASN M 376 3.41 -34.38 -60.61
N LEU M 377 3.15 -35.01 -59.46
CA LEU M 377 4.23 -35.50 -58.61
C LEU M 377 5.11 -36.50 -59.35
N ASP M 378 4.49 -37.44 -60.06
CA ASP M 378 5.19 -38.49 -60.81
C ASP M 378 5.87 -37.98 -62.08
N GLY M 379 5.80 -36.69 -62.37
CA GLY M 379 6.35 -36.16 -63.61
C GLY M 379 5.61 -36.56 -64.86
N ARG M 380 4.37 -37.06 -64.73
CA ARG M 380 3.59 -37.60 -65.83
C ARG M 380 2.53 -36.65 -66.34
N LEU M 381 2.60 -35.38 -65.98
CA LEU M 381 1.58 -34.40 -66.36
C LEU M 381 2.21 -33.29 -67.17
N GLN M 382 1.69 -33.04 -68.37
CA GLN M 382 2.07 -31.91 -69.18
C GLN M 382 0.82 -31.10 -69.51
N ALA M 383 0.90 -29.78 -69.36
CA ALA M 383 -0.20 -28.92 -69.74
C ALA M 383 0.39 -27.61 -70.25
N VAL M 384 -0.33 -26.97 -71.18
CA VAL M 384 0.12 -25.72 -71.79
C VAL M 384 -1.03 -24.72 -71.86
N ALA M 385 -0.65 -23.47 -72.03
CA ALA M 385 -1.57 -22.37 -72.33
C ALA M 385 -1.19 -21.78 -73.69
N GLU M 386 -2.18 -21.30 -74.42
CA GLU M 386 -1.95 -20.70 -75.73
C GLU M 386 -1.06 -19.47 -75.62
N GLN M 387 -0.02 -19.40 -76.47
CA GLN M 387 0.83 -18.23 -76.61
C GLN M 387 0.45 -17.45 -77.86
N PRO M 388 0.15 -16.14 -77.74
CA PRO M 388 -0.29 -15.38 -78.92
C PRO M 388 0.58 -15.52 -80.16
N GLY M 389 1.89 -15.39 -80.04
CA GLY M 389 2.71 -15.44 -81.23
C GLY M 389 2.92 -16.82 -81.83
N ALA M 390 2.72 -17.88 -81.04
CA ALA M 390 3.11 -19.23 -81.44
C ALA M 390 2.00 -20.20 -81.08
N PRO M 391 1.07 -20.45 -82.01
CA PRO M 391 -0.10 -21.27 -81.67
C PRO M 391 0.11 -22.78 -81.75
N GLN M 392 1.34 -23.26 -81.54
CA GLN M 392 1.62 -24.70 -81.61
C GLN M 392 2.63 -25.13 -80.55
N ARG M 393 2.39 -26.30 -79.95
CA ARG M 393 3.27 -26.85 -78.92
C ARG M 393 3.41 -28.36 -79.13
N THR M 394 4.59 -28.87 -78.78
CA THR M 394 4.88 -30.29 -78.91
C THR M 394 5.16 -30.88 -77.54
N LEU M 395 4.36 -31.87 -77.15
CA LEU M 395 4.48 -32.54 -75.86
C LEU M 395 5.04 -33.93 -76.09
N ARG M 396 6.19 -34.22 -75.46
CA ARG M 396 6.95 -35.44 -75.71
C ARG M 396 6.70 -36.46 -74.61
N PHE M 397 6.35 -37.68 -75.01
CA PHE M 397 6.09 -38.79 -74.10
C PHE M 397 6.87 -40.02 -74.55
N GLY M 398 8.18 -39.85 -74.71
CA GLY M 398 9.01 -40.96 -75.14
C GLY M 398 8.71 -41.37 -76.58
N ASP M 399 8.15 -42.57 -76.75
CA ASP M 399 7.86 -43.08 -78.08
C ASP M 399 6.76 -42.29 -78.78
N TRP M 400 5.97 -41.54 -78.03
CA TRP M 400 4.83 -40.81 -78.57
C TRP M 400 5.03 -39.33 -78.36
N GLU M 401 4.44 -38.54 -79.27
CA GLU M 401 4.42 -37.10 -79.17
C GLU M 401 2.99 -36.61 -79.40
N ALA M 402 2.70 -35.43 -78.87
CA ALA M 402 1.41 -34.78 -79.03
C ALA M 402 1.63 -33.40 -79.63
N LYS M 403 0.96 -33.13 -80.74
CA LYS M 403 1.00 -31.82 -81.38
C LYS M 403 -0.25 -31.04 -80.98
N VAL M 404 -0.07 -29.94 -80.25
CA VAL M 404 -1.19 -29.12 -79.78
C VAL M 404 -1.30 -27.89 -80.67
N SER M 405 -2.47 -27.68 -81.25
CA SER M 405 -2.72 -26.56 -82.16
C SER M 405 -3.85 -25.69 -81.62
N PHE M 406 -3.72 -24.38 -81.84
CA PHE M 406 -4.68 -23.39 -81.39
C PHE M 406 -5.19 -22.60 -82.59
N GLY M 407 -6.50 -22.34 -82.60
CA GLY M 407 -7.08 -21.68 -83.76
C GLY M 407 -7.39 -22.59 -84.93
N ALA M 408 -7.38 -23.90 -84.73
CA ALA M 408 -7.85 -24.76 -85.81
C ALA M 408 -9.38 -24.86 -85.74
N PRO M 409 -10.03 -25.15 -86.87
CA PRO M 409 -11.49 -25.36 -86.82
C PRO M 409 -11.81 -26.58 -85.97
N LEU M 410 -13.02 -26.57 -85.40
CA LEU M 410 -13.47 -27.73 -84.63
C LEU M 410 -13.50 -29.00 -85.48
N TRP M 411 -13.54 -28.88 -86.80
CA TRP M 411 -13.50 -30.02 -87.70
C TRP M 411 -12.87 -29.59 -89.02
N GLY M 412 -12.16 -30.52 -89.63
CA GLY M 412 -11.57 -30.28 -90.94
C GLY M 412 -10.11 -29.86 -90.86
N ASP M 413 -9.57 -29.59 -92.05
CA ASP M 413 -8.15 -29.28 -92.18
C ASP M 413 -7.80 -27.98 -91.46
N ALA M 414 -6.70 -28.00 -90.71
CA ALA M 414 -6.14 -26.78 -90.20
C ALA M 414 -5.66 -25.92 -91.37
N PRO M 415 -5.69 -24.59 -91.24
CA PRO M 415 -5.14 -23.73 -92.30
C PRO M 415 -3.62 -23.78 -92.30
N ALA M 416 -3.05 -23.37 -93.43
CA ALA M 416 -1.59 -23.44 -93.61
C ALA M 416 -0.87 -22.69 -92.50
N ILE M 417 -1.35 -21.49 -92.16
CA ILE M 417 -0.85 -20.74 -91.02
C ILE M 417 -1.94 -20.75 -89.95
N LEU M 418 -1.64 -21.34 -88.80
CA LEU M 418 -2.57 -21.32 -87.69
C LEU M 418 -2.72 -19.90 -87.17
N PRO M 419 -3.94 -19.36 -87.07
CA PRO M 419 -4.12 -17.99 -86.59
C PRO M 419 -4.26 -17.87 -85.08
N GLY M 420 -4.28 -18.99 -84.35
CA GLY M 420 -4.63 -18.98 -82.94
C GLY M 420 -6.09 -18.61 -82.73
N ASN M 421 -6.50 -18.65 -81.47
CA ASN M 421 -7.83 -18.20 -81.08
C ASN M 421 -7.86 -16.67 -80.98
N ASP M 422 -9.01 -16.10 -81.30
CA ASP M 422 -9.13 -14.64 -81.25
C ASP M 422 -8.92 -14.11 -79.84
N ASP M 423 -9.44 -14.81 -78.84
CA ASP M 423 -9.29 -14.42 -77.45
C ASP M 423 -8.15 -15.15 -76.74
N HIS M 424 -7.36 -15.93 -77.47
CA HIS M 424 -6.16 -16.59 -76.95
C HIS M 424 -6.48 -17.48 -75.75
N ALA M 425 -7.68 -18.03 -75.70
CA ALA M 425 -8.13 -18.78 -74.53
C ALA M 425 -7.72 -20.24 -74.55
N GLY M 426 -6.89 -20.66 -75.48
CA GLY M 426 -6.63 -22.08 -75.65
C GLY M 426 -5.80 -22.63 -74.51
N ARG M 427 -6.08 -23.88 -74.14
CA ARG M 427 -5.31 -24.59 -73.13
C ARG M 427 -5.58 -26.08 -73.29
N LEU M 428 -4.62 -26.88 -72.82
CA LEU M 428 -4.75 -28.33 -72.92
C LEU M 428 -3.83 -29.00 -71.91
N LEU M 429 -4.35 -30.05 -71.30
CA LEU M 429 -3.64 -30.85 -70.30
C LEU M 429 -3.58 -32.29 -70.77
N VAL M 430 -2.46 -32.96 -70.51
CA VAL M 430 -2.27 -34.36 -70.87
C VAL M 430 -1.65 -35.07 -69.68
N ALA M 431 -2.33 -36.09 -69.18
CA ALA M 431 -1.83 -36.96 -68.11
C ALA M 431 -1.55 -38.33 -68.69
N GLN M 432 -0.28 -38.77 -68.56
CA GLN M 432 0.09 -40.11 -69.00
C GLN M 432 -0.32 -41.11 -67.92
N LEU M 433 -1.28 -41.98 -68.25
CA LEU M 433 -1.75 -42.98 -67.30
C LEU M 433 -0.94 -44.27 -67.41
N GLY M 434 -0.56 -44.65 -68.62
CA GLY M 434 0.20 -45.84 -68.85
C GLY M 434 1.14 -45.70 -70.04
N PRO M 435 1.87 -46.77 -70.36
CA PRO M 435 2.80 -46.69 -71.51
C PRO M 435 2.12 -46.31 -72.82
N GLU M 436 0.82 -46.57 -72.97
CA GLU M 436 0.12 -46.20 -74.19
C GLU M 436 -1.28 -45.67 -73.89
N GLU M 437 -1.44 -44.96 -72.77
CA GLU M 437 -2.74 -44.42 -72.38
C GLU M 437 -2.60 -43.01 -71.87
N PHE M 438 -3.52 -42.14 -72.27
CA PHE M 438 -3.47 -40.71 -71.95
C PHE M 438 -4.85 -40.21 -71.60
N LEU M 439 -4.89 -39.22 -70.70
CA LEU M 439 -6.08 -38.47 -70.37
C LEU M 439 -5.88 -37.03 -70.81
N VAL M 440 -6.82 -36.51 -71.58
CA VAL M 440 -6.68 -35.20 -72.23
C VAL M 440 -7.93 -34.39 -71.94
N THR M 441 -7.74 -33.11 -71.65
CA THR M 441 -8.85 -32.17 -71.59
C THR M 441 -8.29 -30.76 -71.74
N GLY M 442 -9.20 -29.81 -71.90
CA GLY M 442 -8.83 -28.41 -72.08
C GLY M 442 -9.95 -27.66 -72.79
N THR M 443 -9.54 -26.59 -73.47
CA THR M 443 -10.47 -25.63 -74.07
C THR M 443 -9.81 -25.03 -75.31
N ALA M 444 -10.59 -24.93 -76.39
CA ALA M 444 -10.18 -24.28 -77.64
C ALA M 444 -8.85 -24.82 -78.15
N ALA M 445 -8.78 -26.15 -78.28
CA ALA M 445 -7.52 -26.78 -78.63
C ALA M 445 -7.76 -28.02 -79.49
N ARG M 446 -6.81 -28.28 -80.38
CA ARG M 446 -6.69 -29.53 -81.11
C ARG M 446 -5.41 -30.24 -80.69
N ILE M 447 -5.46 -31.57 -80.58
CA ILE M 447 -4.28 -32.36 -80.23
C ILE M 447 -4.23 -33.59 -81.15
N GLU M 448 -3.02 -33.88 -81.68
CA GLU M 448 -2.79 -35.03 -82.55
C GLU M 448 -1.58 -35.81 -82.06
N PHE M 449 -1.76 -37.10 -81.84
CA PHE M 449 -0.70 -37.97 -81.32
C PHE M 449 0.08 -38.61 -82.46
N PHE M 450 1.39 -38.80 -82.23
CA PHE M 450 2.31 -39.29 -83.25
C PHE M 450 3.35 -40.21 -82.63
N ARG M 451 3.67 -41.30 -83.31
CA ARG M 451 4.63 -42.29 -82.85
C ARG M 451 5.93 -42.19 -83.65
N SER M 452 7.06 -42.35 -82.97
CA SER M 452 8.38 -42.41 -83.63
C SER M 452 9.13 -43.68 -83.22
N ALA M 453 9.81 -43.62 -82.06
CA ALA M 453 10.17 -44.75 -81.21
C ALA M 453 11.36 -45.59 -81.70
N ALA M 454 11.91 -45.31 -82.88
CA ALA M 454 13.01 -46.09 -83.47
C ALA M 454 12.59 -47.52 -83.79
N ASP M 455 11.29 -47.73 -84.03
CA ASP M 455 10.79 -48.99 -84.55
C ASP M 455 10.75 -48.92 -86.07
N THR M 456 10.39 -50.03 -86.68
CA THR M 456 9.80 -50.03 -88.01
C THR M 456 8.28 -50.03 -87.95
N ARG M 457 7.72 -50.02 -86.74
CA ARG M 457 6.29 -50.12 -86.52
C ARG M 457 5.61 -48.77 -86.81
N HIS M 458 4.29 -48.81 -86.90
CA HIS M 458 3.49 -47.64 -87.22
C HIS M 458 2.47 -47.41 -86.12
N GLY M 459 2.34 -46.16 -85.67
CA GLY M 459 1.39 -45.85 -84.63
C GLY M 459 -0.03 -45.78 -85.15
N GLN M 460 -0.99 -46.01 -84.25
CA GLN M 460 -2.39 -45.91 -84.62
C GLN M 460 -3.22 -45.66 -83.37
N LEU M 461 -4.41 -45.12 -83.59
CA LEU M 461 -5.37 -44.91 -82.52
C LEU M 461 -6.18 -46.19 -82.33
N LEU M 462 -6.29 -46.64 -81.08
CA LEU M 462 -7.08 -47.82 -80.77
C LEU M 462 -8.44 -47.50 -80.17
N GLN M 463 -8.50 -46.61 -79.17
CA GLN M 463 -9.76 -46.32 -78.48
C GLN M 463 -9.70 -44.92 -77.88
N VAL M 464 -10.75 -44.13 -78.12
CA VAL M 464 -10.92 -42.80 -77.52
C VAL M 464 -12.28 -42.78 -76.83
N GLU M 465 -12.27 -42.76 -75.49
CA GLU M 465 -13.50 -42.72 -74.71
C GLU M 465 -13.74 -41.31 -74.20
N GLN M 466 -14.92 -40.77 -74.52
CA GLN M 466 -15.38 -39.51 -73.96
C GLN M 466 -16.23 -39.80 -72.73
N GLY M 467 -15.89 -39.18 -71.62
CA GLY M 467 -16.66 -39.43 -70.41
C GLY M 467 -16.27 -38.52 -69.27
N ARG M 468 -16.76 -38.87 -68.08
CA ARG M 468 -16.59 -38.07 -66.87
C ARG M 468 -16.21 -38.98 -65.71
N TYR M 469 -15.61 -38.38 -64.69
CA TYR M 469 -15.27 -39.08 -63.46
C TYR M 469 -16.32 -38.74 -62.41
N VAL M 470 -17.09 -39.73 -61.97
CA VAL M 470 -18.13 -39.54 -60.97
C VAL M 470 -17.67 -40.21 -59.68
N ASP M 471 -17.29 -39.39 -58.70
CA ASP M 471 -16.80 -39.84 -57.39
C ASP M 471 -15.50 -40.62 -57.49
N GLY M 472 -14.75 -40.44 -58.57
CA GLY M 472 -13.56 -41.25 -58.81
C GLY M 472 -13.78 -42.46 -59.68
N ARG M 473 -14.95 -42.57 -60.33
CA ARG M 473 -15.28 -43.66 -61.22
C ARG M 473 -15.41 -43.13 -62.64
N TRP M 474 -14.72 -43.76 -63.58
CA TRP M 474 -14.79 -43.34 -64.98
C TRP M 474 -16.12 -43.78 -65.57
N GLN M 475 -16.83 -42.83 -66.17
CA GLN M 475 -18.12 -43.09 -66.79
C GLN M 475 -18.00 -42.75 -68.26
N MET M 476 -18.05 -43.77 -69.11
CA MET M 476 -17.99 -43.58 -70.55
C MET M 476 -19.35 -43.12 -71.07
N GLU M 477 -19.37 -42.02 -71.80
CA GLU M 477 -20.56 -41.52 -72.47
C GLU M 477 -20.64 -42.05 -73.90
N ARG M 478 -19.53 -41.97 -74.63
CA ARG M 478 -19.46 -42.40 -76.02
C ARG M 478 -18.00 -42.69 -76.36
N GLN M 479 -17.81 -43.28 -77.54
CA GLN M 479 -16.48 -43.51 -78.10
C GLN M 479 -16.31 -42.68 -79.36
N LEU M 480 -15.15 -42.02 -79.47
CA LEU M 480 -14.89 -41.11 -80.57
C LEU M 480 -14.15 -41.83 -81.70
N ASN M 481 -14.65 -41.63 -82.92
CA ASN M 481 -14.10 -42.22 -84.14
C ASN M 481 -14.72 -41.50 -85.31
N GLY M 482 -14.20 -41.75 -86.50
CA GLY M 482 -14.72 -41.10 -87.69
C GLY M 482 -14.42 -39.60 -87.67
N ASP M 483 -15.47 -38.80 -87.86
CA ASP M 483 -15.30 -37.36 -87.94
C ASP M 483 -14.61 -36.80 -86.71
N GLN M 484 -14.97 -37.32 -85.53
CA GLN M 484 -14.47 -36.84 -84.24
C GLN M 484 -13.02 -37.19 -84.01
N THR M 485 -12.41 -37.91 -84.93
CA THR M 485 -11.03 -38.37 -84.81
C THR M 485 -10.18 -38.08 -86.04
N ASP M 486 -10.79 -37.81 -87.19
CA ASP M 486 -10.05 -37.62 -88.44
C ASP M 486 -9.07 -36.46 -88.35
N TYR M 487 -9.43 -35.41 -87.63
CA TYR M 487 -8.59 -34.23 -87.61
C TYR M 487 -8.18 -33.92 -86.18
N GLY M 488 -7.61 -34.94 -85.52
CA GLY M 488 -7.25 -34.83 -84.13
C GLY M 488 -8.46 -34.72 -83.21
N LEU M 489 -8.16 -34.63 -81.92
CA LEU M 489 -9.17 -34.45 -80.89
C LEU M 489 -9.34 -32.97 -80.64
N ASN M 490 -10.57 -32.46 -80.83
CA ASN M 490 -10.85 -31.03 -80.82
C ASN M 490 -11.68 -30.69 -79.60
N PHE M 491 -11.22 -29.70 -78.84
CA PHE M 491 -11.95 -29.20 -77.67
C PHE M 491 -12.45 -27.79 -77.98
N GLY M 492 -13.76 -27.62 -77.92
CA GLY M 492 -14.34 -26.32 -78.17
C GLY M 492 -14.59 -25.52 -76.91
N ARG M 493 -15.82 -25.07 -76.75
CA ARG M 493 -16.15 -24.08 -75.76
C ARG M 493 -17.21 -24.61 -74.81
N THR M 494 -17.25 -24.00 -73.63
CA THR M 494 -18.31 -24.26 -72.68
C THR M 494 -19.63 -23.79 -73.26
N ASP M 495 -20.68 -24.60 -73.10
CA ASP M 495 -21.97 -24.12 -73.56
C ASP M 495 -22.58 -23.15 -72.55
N ALA M 496 -23.71 -22.56 -72.94
CA ALA M 496 -24.37 -21.59 -72.06
C ALA M 496 -24.85 -22.22 -70.76
N ALA M 497 -25.17 -23.52 -70.76
CA ALA M 497 -25.61 -24.21 -69.55
C ALA M 497 -24.48 -24.55 -68.60
N GLY M 498 -23.27 -24.04 -68.83
CA GLY M 498 -22.17 -24.25 -67.93
C GLY M 498 -21.30 -25.47 -68.18
N GLN M 499 -21.67 -26.35 -69.10
CA GLN M 499 -20.91 -27.60 -69.28
C GLN M 499 -19.61 -27.35 -70.04
N PRO M 500 -18.46 -27.71 -69.49
CA PRO M 500 -17.17 -27.43 -70.16
C PRO M 500 -16.86 -28.48 -71.20
N PRO M 501 -15.79 -28.30 -71.98
CA PRO M 501 -15.39 -29.32 -72.98
C PRO M 501 -15.12 -30.67 -72.34
N PRO M 502 -15.14 -31.75 -73.10
CA PRO M 502 -15.12 -33.09 -72.50
C PRO M 502 -13.74 -33.50 -72.01
N VAL M 503 -13.73 -34.64 -71.33
CA VAL M 503 -12.51 -35.32 -70.89
C VAL M 503 -12.38 -36.61 -71.70
N LEU M 504 -11.21 -36.83 -72.28
CA LEU M 504 -10.99 -37.95 -73.18
C LEU M 504 -9.93 -38.89 -72.62
N ARG M 505 -10.20 -40.18 -72.71
CA ARG M 505 -9.24 -41.23 -72.38
C ARG M 505 -8.77 -41.85 -73.68
N VAL M 506 -7.48 -41.69 -73.97
CA VAL M 506 -6.91 -42.07 -75.26
C VAL M 506 -6.01 -43.28 -75.08
N ARG M 507 -6.25 -44.33 -75.86
CA ARG M 507 -5.41 -45.52 -75.86
C ARG M 507 -4.87 -45.72 -77.27
N VAL M 508 -3.55 -45.80 -77.39
CA VAL M 508 -2.88 -45.89 -78.67
C VAL M 508 -2.24 -47.27 -78.82
N GLY M 509 -1.68 -47.52 -80.00
CA GLY M 509 -1.07 -48.80 -80.29
C GLY M 509 -0.22 -48.73 -81.53
N SER M 510 0.22 -49.89 -82.01
CA SER M 510 1.10 -49.94 -83.16
C SER M 510 0.87 -51.25 -83.93
N TYR M 511 1.38 -51.27 -85.15
CA TYR M 511 1.23 -52.45 -86.01
C TYR M 511 2.41 -52.58 -86.97
N GLU N 2 38.32 -56.65 65.61
CA GLU N 2 37.36 -56.21 66.62
C GLU N 2 35.94 -56.56 66.17
N GLU N 3 34.95 -56.05 66.91
CA GLU N 3 33.56 -56.45 66.70
C GLU N 3 33.08 -56.07 65.30
N LEU N 4 32.19 -56.88 64.77
CA LEU N 4 31.52 -56.56 63.52
C LEU N 4 30.67 -55.31 63.69
N PRO N 5 30.63 -54.42 62.70
CA PRO N 5 29.67 -53.31 62.74
C PRO N 5 28.24 -53.84 62.78
N ARG N 6 27.39 -53.19 63.57
CA ARG N 6 26.12 -53.80 63.90
C ARG N 6 25.11 -52.72 64.31
N PHE N 7 23.98 -52.67 63.60
CA PHE N 7 22.92 -51.73 63.94
C PHE N 7 22.18 -52.18 65.20
N PHE N 8 21.89 -51.23 66.10
CA PHE N 8 21.39 -51.54 67.43
C PHE N 8 20.18 -50.68 67.74
N THR N 9 19.16 -51.29 68.37
CA THR N 9 17.92 -50.61 68.74
C THR N 9 17.55 -50.96 70.17
N GLN N 10 17.24 -49.93 70.96
CA GLN N 10 17.00 -50.08 72.39
C GLN N 10 16.06 -48.98 72.84
N ASN N 11 14.88 -49.36 73.34
CA ASN N 11 13.94 -48.43 73.98
C ASN N 11 13.54 -47.31 73.02
N GLY N 12 13.33 -47.65 71.75
CA GLY N 12 12.98 -46.67 70.74
C GLY N 12 14.12 -45.82 70.22
N ARG N 13 15.33 -45.98 70.76
CA ARG N 13 16.50 -45.22 70.32
C ARG N 13 17.44 -46.15 69.56
N HIS N 14 18.22 -45.57 68.64
CA HIS N 14 19.03 -46.34 67.73
C HIS N 14 20.48 -45.88 67.77
N ALA N 15 21.36 -46.74 67.27
CA ALA N 15 22.77 -46.42 67.14
C ALA N 15 23.42 -47.43 66.22
N LEU N 16 24.35 -46.94 65.39
CA LEU N 16 25.26 -47.81 64.68
C LEU N 16 26.46 -48.09 65.56
N LEU N 17 26.63 -49.35 65.95
CA LEU N 17 27.78 -49.82 66.71
C LEU N 17 28.94 -50.11 65.76
N VAL N 18 30.04 -49.38 65.94
CA VAL N 18 31.26 -49.54 65.15
C VAL N 18 32.41 -49.71 66.11
N ASP N 19 33.17 -50.81 65.93
CA ASP N 19 34.24 -51.17 66.85
C ASP N 19 33.72 -51.19 68.29
N GLY N 20 32.53 -51.74 68.46
CA GLY N 20 31.95 -51.96 69.77
C GLY N 20 31.28 -50.78 70.41
N ALA N 21 31.24 -49.62 69.78
CA ALA N 21 30.72 -48.42 70.40
C ALA N 21 29.84 -47.66 69.42
N PRO N 22 28.92 -46.82 69.92
CA PRO N 22 28.13 -45.97 69.02
C PRO N 22 29.02 -45.06 68.17
N TYR N 23 28.57 -44.82 66.95
CA TYR N 23 29.37 -44.16 65.92
C TYR N 23 28.45 -43.27 65.09
N THR N 24 28.83 -41.99 64.95
CA THR N 24 28.07 -41.02 64.21
C THR N 24 28.72 -40.82 62.85
N ILE N 25 28.03 -41.23 61.80
CA ILE N 25 28.56 -41.08 60.45
C ILE N 25 28.50 -39.61 60.04
N LEU N 26 29.63 -39.08 59.60
CA LEU N 26 29.72 -37.74 59.02
C LEU N 26 30.34 -37.96 57.65
N ALA N 27 29.50 -38.01 56.62
CA ALA N 27 29.86 -38.63 55.35
C ALA N 27 29.81 -37.64 54.19
N ALA N 28 30.70 -37.87 53.22
CA ALA N 28 30.66 -37.24 51.91
C ALA N 28 30.59 -38.31 50.84
N GLN N 29 29.72 -38.14 49.86
CA GLN N 29 29.54 -39.10 48.78
C GLN N 29 30.16 -38.58 47.48
N LEU N 30 30.87 -39.47 46.77
CA LEU N 30 31.40 -39.13 45.46
C LEU N 30 30.28 -39.06 44.42
N HIS N 31 30.58 -38.43 43.29
CA HIS N 31 29.65 -38.44 42.17
C HIS N 31 29.56 -39.85 41.59
N ASN N 32 28.44 -40.12 40.91
CA ASN N 32 28.13 -41.48 40.47
C ASN N 32 29.27 -42.12 39.69
N SER N 33 29.93 -41.36 38.83
CA SER N 33 30.95 -41.90 37.95
C SER N 33 32.38 -41.66 38.45
N SER N 34 32.54 -41.53 39.77
CA SER N 34 33.85 -41.22 40.33
C SER N 34 34.51 -42.41 41.03
N ALA N 35 33.87 -43.57 41.05
CA ALA N 35 34.44 -44.77 41.67
C ALA N 35 35.21 -45.58 40.63
N TRP N 36 36.23 -44.95 40.06
CA TRP N 36 37.11 -45.55 39.07
C TRP N 36 38.56 -45.29 39.47
N PRO N 37 39.42 -46.35 39.51
CA PRO N 37 40.78 -46.21 40.07
C PRO N 37 41.53 -44.93 39.77
N ALA N 38 41.48 -44.45 38.52
CA ALA N 38 42.17 -43.23 38.15
C ALA N 38 41.56 -41.98 38.79
N VAL N 39 40.35 -42.10 39.35
CA VAL N 39 39.64 -40.94 39.89
C VAL N 39 39.66 -40.90 41.42
N LEU N 40 39.74 -42.05 42.11
CA LEU N 40 39.64 -42.05 43.57
C LEU N 40 40.69 -41.19 44.29
N PRO N 41 41.99 -41.22 43.94
CA PRO N 41 42.98 -40.50 44.76
C PRO N 41 42.65 -39.02 44.88
N PRO N 42 42.43 -38.28 43.78
CA PRO N 42 41.99 -36.89 43.98
C PRO N 42 40.60 -36.80 44.60
N ALA N 43 39.68 -37.69 44.22
CA ALA N 43 38.34 -37.65 44.76
C ALA N 43 38.32 -37.88 46.26
N LEU N 44 39.03 -38.91 46.74
CA LEU N 44 39.08 -39.15 48.17
C LEU N 44 39.88 -38.10 48.92
N ASP N 45 40.82 -37.43 48.23
CA ASP N 45 41.50 -36.32 48.87
C ASP N 45 40.52 -35.20 49.22
N GLN N 46 39.56 -34.94 48.35
CA GLN N 46 38.54 -33.93 48.63
C GLN N 46 37.60 -34.36 49.75
N VAL N 47 37.50 -35.66 50.02
CA VAL N 47 36.72 -36.09 51.16
C VAL N 47 37.47 -35.84 52.45
N VAL N 48 38.80 -35.95 52.43
CA VAL N 48 39.62 -35.61 53.59
C VAL N 48 39.54 -34.12 53.87
N ALA N 49 39.62 -33.29 52.84
CA ALA N 49 39.51 -31.84 52.99
C ALA N 49 38.17 -31.41 53.57
N LEU N 50 37.17 -32.30 53.54
CA LEU N 50 35.92 -32.02 54.22
C LEU N 50 35.89 -32.53 55.64
N HIS N 51 36.93 -33.27 56.06
CA HIS N 51 37.05 -33.81 57.41
C HIS N 51 35.94 -34.80 57.74
N ALA N 52 35.42 -35.46 56.72
CA ALA N 52 34.42 -36.51 56.90
C ALA N 52 35.08 -37.79 57.41
N ASN N 53 34.35 -38.55 58.23
CA ASN N 53 34.86 -39.82 58.70
C ASN N 53 34.48 -40.98 57.79
N THR N 54 33.54 -40.77 56.87
CA THR N 54 33.04 -41.81 55.99
C THR N 54 32.95 -41.28 54.57
N VAL N 55 33.32 -42.10 53.59
CA VAL N 55 33.07 -41.83 52.19
C VAL N 55 32.08 -42.86 51.65
N GLU N 56 31.03 -42.36 51.00
CA GLU N 56 30.02 -43.20 50.36
C GLU N 56 30.38 -43.30 48.87
N ALA N 57 30.57 -44.53 48.39
CA ALA N 57 30.93 -44.70 47.01
C ALA N 57 30.23 -45.94 46.46
N PRO N 58 30.01 -45.99 45.15
CA PRO N 58 29.29 -47.12 44.57
C PRO N 58 30.20 -48.20 43.98
N VAL N 59 29.78 -49.46 44.12
CA VAL N 59 30.27 -50.57 43.30
C VAL N 59 29.25 -50.78 42.20
N TYR N 60 29.71 -50.75 40.95
CA TYR N 60 28.84 -50.93 39.80
C TYR N 60 28.72 -52.41 39.44
N TRP N 61 27.51 -52.93 39.50
CA TRP N 61 27.26 -54.29 39.01
C TRP N 61 27.78 -54.46 37.59
N GLU N 62 27.62 -53.43 36.76
CA GLU N 62 28.16 -53.42 35.40
C GLU N 62 29.62 -53.88 35.33
N GLN N 63 30.50 -53.32 36.16
CA GLN N 63 31.90 -53.72 36.11
C GLN N 63 32.24 -54.86 37.07
N PHE N 64 31.39 -55.12 38.07
CA PHE N 64 31.69 -56.12 39.08
C PHE N 64 31.43 -57.55 38.60
N GLU N 65 30.47 -57.74 37.69
CA GLU N 65 30.21 -59.04 37.07
C GLU N 65 30.19 -58.87 35.57
N PRO N 66 31.34 -58.64 34.95
CA PRO N 66 31.35 -58.30 33.51
C PRO N 66 30.92 -59.45 32.63
N ALA N 67 31.00 -60.69 33.12
CA ALA N 67 30.47 -61.89 32.46
C ALA N 67 29.81 -62.77 33.52
N PRO N 68 28.79 -63.54 33.14
CA PRO N 68 28.01 -64.27 34.16
C PRO N 68 28.91 -65.19 34.98
N GLY N 69 28.94 -64.97 36.30
CA GLY N 69 29.71 -65.77 37.21
C GLY N 69 31.13 -65.32 37.44
N ARG N 70 31.74 -64.61 36.48
CA ARG N 70 33.09 -64.08 36.65
C ARG N 70 33.02 -62.67 37.26
N PHE N 71 33.80 -62.44 38.30
CA PHE N 71 33.73 -61.20 39.06
C PHE N 71 35.05 -60.45 39.00
N ASP N 72 34.97 -59.12 38.99
CA ASP N 72 36.12 -58.23 38.96
C ASP N 72 36.08 -57.34 40.20
N THR N 73 37.10 -57.45 41.04
CA THR N 73 37.16 -56.67 42.26
C THR N 73 38.10 -55.49 42.16
N THR N 74 38.52 -55.10 40.94
CA THR N 74 39.47 -54.00 40.81
C THR N 74 38.98 -52.75 41.54
N ASN N 75 37.74 -52.33 41.26
CA ASN N 75 37.28 -51.04 41.75
C ASN N 75 37.01 -51.07 43.26
N VAL N 76 36.29 -52.10 43.73
CA VAL N 76 36.01 -52.17 45.17
C VAL N 76 37.31 -52.25 45.97
N ASP N 77 38.34 -52.88 45.41
CA ASP N 77 39.62 -52.98 46.11
C ASP N 77 40.31 -51.61 46.18
N ALA N 78 40.33 -50.86 45.08
CA ALA N 78 40.94 -49.53 45.08
C ALA N 78 40.21 -48.58 46.02
N LEU N 79 38.89 -48.70 46.11
CA LEU N 79 38.14 -47.87 47.04
C LEU N 79 38.56 -48.15 48.48
N ILE N 80 38.65 -49.43 48.85
CA ILE N 80 39.00 -49.77 50.22
C ILE N 80 40.47 -49.50 50.49
N ALA N 81 41.34 -49.66 49.49
CA ALA N 81 42.73 -49.27 49.66
C ALA N 81 42.83 -47.76 49.91
N GLY N 82 42.19 -46.95 49.07
CA GLY N 82 42.27 -45.51 49.23
C GLY N 82 41.73 -45.04 50.56
N ALA N 83 40.65 -45.65 51.03
CA ALA N 83 40.06 -45.23 52.29
C ALA N 83 40.95 -45.57 53.47
N ARG N 84 41.63 -46.72 53.40
CA ARG N 84 42.54 -47.11 54.47
C ARG N 84 43.74 -46.19 54.53
N LYS N 85 44.28 -45.82 53.38
CA LYS N 85 45.41 -44.91 53.30
C LYS N 85 45.07 -43.50 53.80
N ARG N 86 43.79 -43.11 53.76
CA ARG N 86 43.36 -41.78 54.20
C ARG N 86 42.59 -41.82 55.51
N GLY N 87 42.61 -42.95 56.21
CA GLY N 87 41.95 -43.07 57.50
C GLY N 87 40.43 -43.03 57.45
N LEU N 88 39.82 -43.39 56.33
CA LEU N 88 38.37 -43.28 56.17
C LEU N 88 37.69 -44.63 56.34
N ARG N 89 36.55 -44.62 57.03
CA ARG N 89 35.59 -45.69 56.92
C ARG N 89 34.80 -45.55 55.62
N VAL N 90 34.13 -46.63 55.21
CA VAL N 90 33.47 -46.70 53.91
C VAL N 90 32.03 -47.13 54.07
N ALA N 91 31.12 -46.43 53.37
CA ALA N 91 29.74 -46.87 53.19
C ALA N 91 29.57 -47.30 51.74
N LEU N 92 29.39 -48.60 51.52
CA LEU N 92 29.41 -49.19 50.18
C LEU N 92 28.01 -49.23 49.58
N LEU N 93 27.86 -48.65 48.37
CA LEU N 93 26.56 -48.50 47.72
C LEU N 93 26.48 -49.47 46.54
N TRP N 94 25.57 -50.44 46.64
CA TRP N 94 25.44 -51.51 45.64
C TRP N 94 24.53 -51.03 44.51
N PHE N 95 25.14 -50.64 43.39
CA PHE N 95 24.40 -50.18 42.21
C PHE N 95 23.99 -51.41 41.39
N GLY N 96 22.91 -52.05 41.83
CA GLY N 96 22.48 -53.31 41.27
C GLY N 96 21.37 -53.23 40.24
N SER N 97 20.25 -53.91 40.49
CA SER N 97 19.12 -53.87 39.57
C SER N 97 18.59 -52.45 39.42
N TRP N 98 18.52 -51.71 40.53
CA TRP N 98 17.95 -50.37 40.56
C TRP N 98 19.00 -49.33 40.88
N LYS N 99 18.99 -48.24 40.09
CA LYS N 99 19.61 -46.98 40.48
C LYS N 99 18.68 -45.88 40.00
N ASN N 100 18.18 -45.07 40.93
CA ASN N 100 17.23 -44.00 40.62
C ASN N 100 16.03 -44.56 39.85
N GLY N 101 15.57 -45.73 40.28
CA GLY N 101 14.43 -46.39 39.68
C GLY N 101 14.65 -46.95 38.30
N GLN N 102 15.90 -47.15 37.89
CA GLN N 102 16.21 -47.63 36.56
C GLN N 102 17.36 -48.62 36.62
N MET N 103 17.57 -49.34 35.52
CA MET N 103 18.44 -50.50 35.45
C MET N 103 19.71 -50.26 34.65
N HIS N 104 20.26 -49.04 34.74
CA HIS N 104 21.34 -48.67 33.84
C HIS N 104 22.70 -49.23 34.25
N TYR N 105 22.84 -49.69 35.50
CA TYR N 105 24.11 -50.23 35.96
C TYR N 105 24.16 -51.76 35.90
N VAL N 106 23.03 -52.37 35.57
CA VAL N 106 22.89 -53.81 35.35
C VAL N 106 23.81 -54.26 34.23
N PRO N 107 24.51 -55.39 34.34
CA PRO N 107 25.58 -55.71 33.38
C PRO N 107 25.08 -55.76 31.94
N GLU N 108 26.04 -55.61 31.01
CA GLU N 108 25.70 -55.66 29.60
C GLU N 108 25.00 -56.96 29.23
N TRP N 109 25.48 -58.09 29.74
CA TRP N 109 24.88 -59.36 29.34
C TRP N 109 23.48 -59.55 29.87
N ILE N 110 23.00 -58.70 30.78
CA ILE N 110 21.57 -58.66 31.08
C ILE N 110 20.85 -57.67 30.18
N LYS N 111 21.49 -56.54 29.90
CA LYS N 111 20.89 -55.56 28.98
C LYS N 111 20.65 -56.17 27.60
N ARG N 112 21.51 -57.09 27.18
CA ARG N 112 21.43 -57.64 25.84
C ARG N 112 20.36 -58.72 25.70
N ASP N 113 19.76 -59.19 26.80
CA ASP N 113 18.87 -60.37 26.78
C ASP N 113 17.56 -60.03 27.49
N GLU N 114 16.67 -59.32 26.79
CA GLU N 114 15.39 -58.98 27.38
C GLU N 114 14.50 -60.19 27.54
N ALA N 115 14.78 -61.29 26.84
CA ALA N 115 13.95 -62.48 26.98
C ALA N 115 14.21 -63.17 28.31
N THR N 116 15.49 -63.37 28.67
CA THR N 116 15.82 -63.99 29.95
C THR N 116 15.55 -63.04 31.11
N TYR N 117 15.88 -61.76 30.95
CA TYR N 117 15.74 -60.76 32.00
C TYR N 117 14.70 -59.74 31.54
N PRO N 118 13.43 -59.98 31.82
CA PRO N 118 12.37 -59.11 31.27
C PRO N 118 12.29 -57.76 31.99
N ARG N 119 12.07 -56.71 31.20
CA ARG N 119 11.78 -55.37 31.71
C ARG N 119 10.30 -55.25 32.04
N MET N 120 10.00 -54.33 32.95
CA MET N 120 8.60 -53.99 33.20
C MET N 120 7.95 -53.45 31.92
N ARG N 121 6.63 -53.57 31.86
CA ARG N 121 5.81 -53.01 30.78
C ARG N 121 4.89 -51.95 31.36
N ASP N 122 4.79 -50.81 30.66
CA ASP N 122 3.95 -49.73 31.16
C ASP N 122 2.49 -49.96 30.75
N ALA N 123 1.62 -49.00 31.10
CA ALA N 123 0.19 -49.15 30.86
C ALA N 123 -0.15 -49.21 29.37
N ASN N 124 0.77 -48.81 28.48
CA ASN N 124 0.55 -48.96 27.04
C ASN N 124 1.18 -50.22 26.47
N GLY N 125 1.82 -51.05 27.31
CA GLY N 125 2.53 -52.23 26.86
C GLY N 125 3.97 -52.01 26.44
N GLU N 126 4.47 -50.78 26.55
CA GLU N 126 5.84 -50.47 26.16
C GLU N 126 6.82 -50.80 27.28
N PRO N 127 8.01 -51.28 26.95
CA PRO N 127 9.01 -51.57 27.98
C PRO N 127 9.59 -50.29 28.55
N VAL N 128 10.08 -50.39 29.79
CA VAL N 128 10.77 -49.27 30.43
C VAL N 128 12.15 -49.75 30.89
N ASP N 129 12.99 -48.81 31.28
CA ASP N 129 14.31 -49.16 31.75
C ASP N 129 14.28 -49.57 33.21
N VAL N 130 13.40 -50.53 33.54
CA VAL N 130 13.35 -51.14 34.85
C VAL N 130 13.24 -52.64 34.67
N LEU N 131 14.06 -53.39 35.40
CA LEU N 131 13.92 -54.83 35.43
C LEU N 131 12.60 -55.21 36.08
N SER N 132 11.96 -56.24 35.55
CA SER N 132 10.71 -56.69 36.14
C SER N 132 10.96 -57.27 37.54
N PRO N 133 10.18 -56.89 38.54
CA PRO N 133 10.30 -57.47 39.88
C PRO N 133 9.52 -58.78 40.08
N HIS N 134 8.93 -59.34 39.03
CA HIS N 134 8.05 -60.49 39.15
C HIS N 134 8.61 -61.74 38.48
N VAL N 135 9.84 -61.68 37.97
CA VAL N 135 10.47 -62.83 37.33
C VAL N 135 11.70 -63.23 38.13
N ALA N 136 11.77 -64.51 38.49
CA ALA N 136 12.83 -65.00 39.37
C ALA N 136 14.22 -64.82 38.75
N ALA N 137 14.32 -64.83 37.42
CA ALA N 137 15.64 -64.73 36.79
C ALA N 137 16.36 -63.45 37.21
N ASN N 138 15.61 -62.36 37.39
CA ASN N 138 16.23 -61.08 37.74
C ASN N 138 16.66 -61.05 39.19
N VAL N 139 15.73 -61.29 40.12
CA VAL N 139 16.05 -61.21 41.54
C VAL N 139 17.15 -62.18 41.93
N GLN N 140 17.31 -63.28 41.18
CA GLN N 140 18.32 -64.25 41.51
C GLN N 140 19.69 -63.85 40.99
N ALA N 141 19.74 -63.23 39.81
CA ALA N 141 21.01 -62.70 39.30
C ALA N 141 21.57 -61.65 40.24
N ASP N 142 20.72 -60.74 40.71
CA ASP N 142 21.14 -59.72 41.67
C ASP N 142 21.65 -60.35 42.96
N ALA N 143 20.79 -61.14 43.63
CA ALA N 143 21.17 -61.74 44.91
C ALA N 143 22.43 -62.58 44.79
N ARG N 144 22.68 -63.14 43.59
CA ARG N 144 23.91 -63.88 43.37
C ARG N 144 25.12 -62.96 43.35
N ALA N 145 25.00 -61.82 42.67
CA ALA N 145 26.13 -60.89 42.58
C ALA N 145 26.36 -60.16 43.89
N PHE N 146 25.29 -59.81 44.61
CA PHE N 146 25.47 -59.21 45.93
C PHE N 146 26.21 -60.17 46.86
N THR N 147 25.85 -61.45 46.81
CA THR N 147 26.52 -62.43 47.68
C THR N 147 28.01 -62.48 47.39
N ALA N 148 28.39 -62.53 46.11
CA ALA N 148 29.81 -62.53 45.77
C ALA N 148 30.51 -61.29 46.31
N LEU N 149 29.84 -60.13 46.26
CA LEU N 149 30.43 -58.92 46.81
C LEU N 149 30.55 -59.00 48.32
N MET N 150 29.51 -59.48 48.99
CA MET N 150 29.55 -59.62 50.44
C MET N 150 30.53 -60.70 50.88
N GLN N 151 30.71 -61.75 50.07
CA GLN N 151 31.73 -62.75 50.38
C GLN N 151 33.13 -62.15 50.17
N HIS N 152 33.33 -61.46 49.05
CA HIS N 152 34.60 -60.77 48.87
C HIS N 152 34.82 -59.72 49.95
N LEU N 153 33.74 -59.20 50.52
CA LEU N 153 33.85 -58.21 51.57
C LEU N 153 34.19 -58.83 52.92
N ARG N 154 33.88 -60.11 53.12
CA ARG N 154 34.37 -60.77 54.32
C ARG N 154 35.83 -61.18 54.16
N LYS N 155 36.30 -61.35 52.91
CA LYS N 155 37.64 -61.86 52.72
C LYS N 155 38.69 -60.79 53.03
N ILE N 156 38.57 -59.62 52.41
CA ILE N 156 39.61 -58.61 52.51
C ILE N 156 39.30 -57.55 53.55
N ASP N 157 38.14 -57.65 54.23
CA ASP N 157 37.74 -56.66 55.21
C ASP N 157 37.12 -57.26 56.47
N GLY N 158 37.21 -58.57 56.70
CA GLY N 158 36.56 -59.15 57.86
C GLY N 158 37.22 -58.78 59.17
N ASP N 159 38.52 -58.51 59.15
CA ASP N 159 39.25 -58.08 60.33
C ASP N 159 39.25 -56.56 60.46
N ARG N 160 39.55 -55.86 59.36
CA ARG N 160 39.77 -54.42 59.44
C ARG N 160 38.46 -53.67 59.62
N HIS N 161 37.41 -54.09 58.93
CA HIS N 161 36.10 -53.45 59.00
C HIS N 161 36.15 -52.02 58.48
N THR N 162 36.92 -51.82 57.40
CA THR N 162 36.88 -50.53 56.72
C THR N 162 35.46 -50.20 56.27
N VAL N 163 34.76 -51.18 55.69
CA VAL N 163 33.39 -50.98 55.24
C VAL N 163 32.47 -51.08 56.44
N ILE N 164 31.68 -50.04 56.67
CA ILE N 164 30.94 -49.87 57.91
C ILE N 164 29.46 -50.16 57.73
N VAL N 165 28.91 -49.84 56.56
CA VAL N 165 27.52 -50.13 56.20
C VAL N 165 27.52 -50.43 54.71
N VAL N 166 26.42 -51.03 54.24
CA VAL N 166 26.23 -51.30 52.83
C VAL N 166 24.82 -50.88 52.43
N GLN N 167 24.72 -50.16 51.31
CA GLN N 167 23.44 -49.72 50.76
C GLN N 167 23.02 -50.70 49.67
N VAL N 168 21.91 -51.39 49.90
CA VAL N 168 21.36 -52.36 48.96
C VAL N 168 20.50 -51.61 47.94
N GLU N 169 20.95 -51.58 46.69
CA GLU N 169 20.32 -50.81 45.62
C GLU N 169 20.44 -49.32 45.92
N ASN N 170 20.03 -48.47 44.97
CA ASN N 170 20.09 -47.03 45.16
C ASN N 170 18.79 -46.42 44.65
N GLU N 171 18.05 -45.79 45.57
CA GLU N 171 16.74 -45.20 45.31
C GLU N 171 15.91 -46.15 44.46
N PRO N 172 15.46 -47.26 45.03
CA PRO N 172 14.81 -48.29 44.22
C PRO N 172 13.35 -47.92 43.93
N GLY N 173 12.76 -48.69 43.01
CA GLY N 173 11.41 -48.47 42.55
C GLY N 173 11.38 -48.39 41.05
N ALA N 174 10.24 -47.96 40.52
CA ALA N 174 10.01 -47.93 39.08
C ALA N 174 9.82 -46.51 38.61
N ILE N 175 10.64 -46.10 37.64
CA ILE N 175 10.44 -44.89 36.85
C ILE N 175 9.88 -45.30 35.49
N GLY N 176 8.77 -44.69 35.10
CA GLY N 176 8.14 -44.95 33.82
C GLY N 176 6.80 -45.66 33.91
N THR N 177 6.47 -46.23 35.06
CA THR N 177 5.20 -46.90 35.28
C THR N 177 4.97 -47.02 36.78
N VAL N 178 3.70 -47.24 37.14
CA VAL N 178 3.38 -47.46 38.55
C VAL N 178 3.55 -48.93 38.91
N ARG N 179 3.16 -49.84 38.01
CA ARG N 179 3.31 -51.27 38.26
C ARG N 179 3.55 -51.99 36.94
N ASP N 180 3.98 -53.26 37.05
CA ASP N 180 4.35 -54.03 35.88
C ASP N 180 3.11 -54.60 35.19
N HIS N 181 2.98 -54.35 33.88
CA HIS N 181 1.82 -54.79 33.10
C HIS N 181 2.12 -55.97 32.21
N GLY N 182 3.33 -56.49 32.26
CA GLY N 182 3.66 -57.76 31.65
C GLY N 182 2.89 -58.89 32.30
N PRO N 183 3.02 -60.09 31.72
CA PRO N 183 2.17 -61.21 32.17
C PRO N 183 2.39 -61.58 33.63
N ALA N 184 3.65 -61.77 34.05
CA ALA N 184 3.90 -62.16 35.43
C ALA N 184 3.38 -61.11 36.40
N GLY N 185 3.55 -59.83 36.06
CA GLY N 185 3.03 -58.78 36.93
C GLY N 185 1.51 -58.76 36.97
N GLU N 186 0.87 -58.86 35.79
CA GLU N 186 -0.59 -58.87 35.74
C GLU N 186 -1.16 -60.04 36.54
N ALA N 187 -0.55 -61.21 36.41
CA ALA N 187 -0.94 -62.36 37.23
C ALA N 187 -0.89 -62.01 38.70
N ALA N 188 0.28 -61.60 39.19
CA ALA N 188 0.47 -61.38 40.62
C ALA N 188 -0.46 -60.30 41.15
N PHE N 189 -0.69 -59.24 40.36
CA PHE N 189 -1.62 -58.20 40.77
C PHE N 189 -3.03 -58.75 40.99
N ALA N 190 -3.41 -59.78 40.22
CA ALA N 190 -4.74 -60.40 40.36
C ALA N 190 -4.85 -61.27 41.60
N GLN N 191 -3.73 -61.74 42.14
CA GLN N 191 -3.71 -62.50 43.37
C GLN N 191 -3.99 -61.61 44.58
N PRO N 192 -4.44 -62.19 45.70
CA PRO N 192 -4.67 -61.36 46.90
C PRO N 192 -3.36 -60.87 47.48
N VAL N 193 -3.47 -59.90 48.38
CA VAL N 193 -2.31 -59.43 49.10
C VAL N 193 -1.68 -60.63 49.78
N PRO N 194 -0.37 -60.84 49.65
CA PRO N 194 0.26 -61.93 50.41
C PRO N 194 -0.17 -61.80 51.85
N ALA N 195 -0.70 -62.90 52.38
CA ALA N 195 -1.20 -62.91 53.74
C ALA N 195 -0.21 -62.21 54.68
N ALA N 196 1.07 -62.56 54.60
CA ALA N 196 2.10 -62.13 55.55
C ALA N 196 2.01 -60.64 55.87
N ILE N 197 1.57 -59.85 54.90
CA ILE N 197 1.57 -58.41 54.95
C ILE N 197 0.31 -57.88 55.62
N ALA N 198 -0.80 -58.57 55.41
CA ALA N 198 -2.09 -58.07 55.84
C ALA N 198 -2.16 -57.78 57.34
N ALA N 199 -1.54 -58.61 58.21
CA ALA N 199 -1.57 -58.36 59.66
C ALA N 199 -0.41 -57.54 60.17
N ALA N 200 0.73 -57.61 59.52
CA ALA N 200 1.73 -56.58 59.70
C ALA N 200 1.10 -55.19 59.69
N LEU N 201 0.04 -54.99 58.91
CA LEU N 201 -0.54 -53.68 58.76
C LEU N 201 -1.91 -53.49 59.46
N GLY N 202 -2.44 -54.47 60.23
CA GLY N 202 -3.73 -54.31 60.86
C GLY N 202 -4.93 -54.41 59.94
N LYS N 203 -4.85 -55.28 58.92
CA LYS N 203 -5.81 -55.30 57.82
C LYS N 203 -6.32 -56.70 57.54
N PRO N 204 -7.64 -56.88 57.41
CA PRO N 204 -8.18 -58.19 56.98
C PRO N 204 -7.56 -58.66 55.66
N ALA N 205 -7.84 -59.90 55.26
CA ALA N 205 -7.39 -60.35 53.96
C ALA N 205 -8.25 -59.75 52.84
N GLY N 206 -7.68 -59.74 51.64
CA GLY N 206 -8.36 -59.14 50.51
C GLY N 206 -7.40 -58.95 49.36
N SER N 207 -7.88 -58.24 48.33
CA SER N 207 -7.03 -57.89 47.21
C SER N 207 -6.44 -56.49 47.43
N TRP N 208 -5.59 -56.06 46.50
CA TRP N 208 -4.90 -54.79 46.64
C TRP N 208 -5.87 -53.63 46.67
N GLN N 209 -6.94 -53.69 45.86
CA GLN N 209 -7.89 -52.57 45.81
C GLN N 209 -8.70 -52.45 47.09
N GLN N 210 -8.95 -53.56 47.79
CA GLN N 210 -9.77 -53.52 48.99
C GLN N 210 -8.98 -53.06 50.20
N LEU N 211 -7.69 -53.39 50.26
CA LEU N 211 -6.84 -52.98 51.37
C LEU N 211 -6.14 -51.65 51.13
N PHE N 212 -6.03 -51.20 49.88
CA PHE N 212 -5.25 -50.01 49.56
C PHE N 212 -5.96 -48.99 48.66
N GLY N 213 -7.22 -49.21 48.31
CA GLY N 213 -8.00 -48.20 47.61
C GLY N 213 -7.31 -47.70 46.36
N ALA N 214 -7.19 -46.38 46.26
CA ALA N 214 -6.58 -45.79 45.07
C ALA N 214 -5.09 -46.09 44.98
N GLU N 215 -4.45 -46.48 46.09
CA GLU N 215 -3.02 -46.76 46.10
C GLU N 215 -2.70 -48.21 45.74
N ALA N 216 -3.70 -48.97 45.29
CA ALA N 216 -3.52 -50.40 45.07
C ALA N 216 -2.32 -50.71 44.17
N ALA N 217 -2.24 -50.08 43.00
CA ALA N 217 -1.15 -50.38 42.08
C ALA N 217 0.21 -49.96 42.63
N GLU N 218 0.27 -48.87 43.40
CA GLU N 218 1.54 -48.42 43.96
C GLU N 218 1.96 -49.27 45.16
N ALA N 219 1.02 -49.59 46.05
CA ALA N 219 1.33 -50.50 47.15
C ALA N 219 1.77 -51.85 46.61
N PHE N 220 1.12 -52.34 45.56
CA PHE N 220 1.51 -53.61 44.96
C PHE N 220 2.97 -53.59 44.52
N ASN N 221 3.35 -52.58 43.74
CA ASN N 221 4.73 -52.49 43.27
C ASN N 221 5.69 -52.19 44.42
N ALA N 222 5.24 -51.48 45.45
CA ALA N 222 6.09 -51.33 46.63
C ALA N 222 6.47 -52.68 47.20
N HIS N 223 5.48 -53.56 47.37
CA HIS N 223 5.75 -54.88 47.93
C HIS N 223 6.65 -55.70 47.01
N ALA N 224 6.39 -55.63 45.70
CA ALA N 224 7.24 -56.36 44.75
C ALA N 224 8.69 -55.89 44.85
N THR N 225 8.89 -54.58 45.00
CA THR N 225 10.24 -54.05 45.07
C THR N 225 10.89 -54.34 46.41
N ALA N 226 10.14 -54.24 47.52
CA ALA N 226 10.69 -54.57 48.82
C ALA N 226 11.04 -56.05 48.93
N ALA N 227 10.13 -56.92 48.49
CA ALA N 227 10.38 -58.36 48.57
C ALA N 227 11.54 -58.78 47.67
N TYR N 228 11.65 -58.15 46.49
CA TYR N 228 12.80 -58.39 45.63
C TYR N 228 14.10 -58.03 46.34
N ILE N 229 14.10 -56.89 47.04
CA ILE N 229 15.31 -56.47 47.74
C ILE N 229 15.56 -57.37 48.95
N GLU N 230 14.49 -57.77 49.64
CA GLU N 230 14.64 -58.67 50.78
C GLU N 230 15.40 -59.92 50.40
N GLN N 231 15.14 -60.46 49.20
CA GLN N 231 15.89 -61.63 48.75
C GLN N 231 17.38 -61.31 48.63
N VAL N 232 17.72 -60.28 47.86
CA VAL N 232 19.11 -59.89 47.70
C VAL N 232 19.75 -59.60 49.05
N ALA N 233 19.03 -58.90 49.93
CA ALA N 233 19.60 -58.52 51.22
C ALA N 233 19.94 -59.76 52.06
N ALA N 234 18.96 -60.63 52.26
CA ALA N 234 19.18 -61.82 53.10
C ALA N 234 20.30 -62.69 52.54
N ALA N 235 20.42 -62.78 51.21
CA ALA N 235 21.56 -63.49 50.64
C ALA N 235 22.86 -62.86 51.11
N GLY N 236 22.97 -61.53 50.99
CA GLY N 236 24.17 -60.86 51.46
C GLY N 236 24.35 -61.00 52.96
N LYS N 237 23.25 -61.07 53.71
CA LYS N 237 23.35 -61.23 55.15
C LYS N 237 23.98 -62.57 55.53
N ARG N 238 23.67 -63.63 54.77
CA ARG N 238 24.30 -64.93 55.03
C ARG N 238 25.81 -64.88 54.79
N ALA N 239 26.24 -64.19 53.72
CA ALA N 239 27.67 -64.17 53.39
C ALA N 239 28.47 -63.32 54.37
N TYR N 240 27.88 -62.23 54.89
CA TYR N 240 28.61 -61.25 55.69
C TYR N 240 27.67 -60.24 56.30
N PRO N 241 27.15 -60.48 57.49
CA PRO N 241 26.02 -59.67 57.97
C PRO N 241 26.35 -58.24 58.41
N LEU N 242 27.04 -57.45 57.57
CA LEU N 242 27.17 -56.00 57.80
C LEU N 242 25.79 -55.35 57.91
N PRO N 243 25.70 -54.14 58.47
CA PRO N 243 24.43 -53.43 58.45
C PRO N 243 24.03 -53.05 57.02
N LEU N 244 22.73 -53.08 56.76
CA LEU N 244 22.21 -52.88 55.42
C LEU N 244 21.07 -51.87 55.45
N TYR N 245 21.12 -50.92 54.50
CA TYR N 245 20.09 -49.90 54.38
C TYR N 245 19.81 -49.62 52.91
N VAL N 246 18.67 -48.96 52.67
CA VAL N 246 18.32 -48.45 51.35
C VAL N 246 17.98 -46.97 51.48
N ASN N 247 18.28 -46.22 50.42
CA ASN N 247 18.02 -44.78 50.34
C ASN N 247 16.79 -44.50 49.47
N THR N 248 16.03 -43.48 49.86
CA THR N 248 14.71 -43.22 49.31
C THR N 248 14.70 -41.89 48.57
N TRP N 249 14.46 -41.95 47.26
CA TRP N 249 13.98 -40.80 46.51
C TRP N 249 12.55 -40.51 46.97
N LEU N 250 12.39 -39.47 47.77
CA LEU N 250 11.23 -39.29 48.63
C LEU N 250 10.00 -38.81 47.85
N ARG N 251 8.84 -38.93 48.51
CA ARG N 251 7.60 -38.28 48.11
C ARG N 251 7.51 -37.00 48.94
N TYR N 252 8.04 -35.91 48.39
CA TYR N 252 8.13 -34.64 49.09
C TYR N 252 8.09 -33.54 48.03
N LYS N 253 8.09 -32.28 48.51
CA LYS N 253 8.08 -31.10 47.62
C LYS N 253 6.93 -31.13 46.63
N GLY N 254 5.77 -31.59 47.08
CA GLY N 254 4.62 -31.68 46.20
C GLY N 254 4.70 -32.73 45.12
N LYS N 255 5.75 -33.55 45.09
CA LYS N 255 5.79 -34.68 44.18
C LYS N 255 4.62 -35.62 44.48
N ARG N 256 3.83 -35.93 43.44
CA ARG N 256 2.58 -36.64 43.60
C ARG N 256 2.43 -37.85 42.70
N TYR N 257 3.26 -38.01 41.68
CA TYR N 257 2.99 -38.94 40.60
C TYR N 257 4.00 -40.08 40.59
N PRO N 258 3.69 -41.23 41.18
CA PRO N 258 4.64 -42.34 41.19
C PRO N 258 4.94 -42.79 39.76
N GLY N 259 6.21 -43.06 39.50
CA GLY N 259 6.67 -43.40 38.18
C GLY N 259 7.19 -42.23 37.38
N MET N 260 6.81 -41.01 37.74
CA MET N 260 7.43 -39.88 37.06
C MET N 260 7.97 -38.82 38.01
N ASP N 261 7.29 -38.58 39.14
CA ASP N 261 7.81 -37.68 40.16
C ASP N 261 8.91 -38.35 40.97
N TYR N 262 8.70 -39.62 41.29
CA TYR N 262 9.58 -40.41 42.15
C TYR N 262 9.38 -41.87 41.79
N PRO N 263 10.36 -42.73 42.10
CA PRO N 263 10.24 -44.14 41.70
C PRO N 263 9.06 -44.78 42.41
N SER N 264 8.18 -45.40 41.63
CA SER N 264 7.02 -46.06 42.21
C SER N 264 7.47 -47.29 42.97
N GLY N 265 7.05 -47.40 44.23
CA GLY N 265 7.39 -48.55 45.03
C GLY N 265 8.67 -48.46 45.82
N GLY N 266 9.29 -47.28 45.90
CA GLY N 266 10.36 -47.08 46.85
C GLY N 266 9.80 -46.97 48.24
N ALA N 267 10.69 -46.83 49.21
CA ALA N 267 10.25 -46.77 50.60
C ALA N 267 9.70 -45.39 50.95
N THR N 268 8.80 -44.87 50.11
CA THR N 268 8.23 -43.55 50.37
C THR N 268 7.30 -43.60 51.57
N VAL N 269 6.95 -42.40 52.07
CA VAL N 269 6.26 -42.29 53.35
C VAL N 269 4.90 -42.99 53.30
N ASN N 270 4.23 -42.96 52.13
CA ASN N 270 2.87 -43.47 52.06
C ASN N 270 2.79 -45.00 52.10
N VAL N 271 3.93 -45.68 52.02
CA VAL N 271 3.96 -47.15 51.95
C VAL N 271 4.98 -47.71 52.93
N PHE N 272 5.38 -46.90 53.93
CA PHE N 272 6.59 -47.19 54.68
C PHE N 272 6.46 -48.48 55.48
N ALA N 273 5.42 -48.56 56.33
CA ALA N 273 5.18 -49.77 57.12
C ALA N 273 5.12 -51.00 56.22
N LEU N 274 4.35 -50.91 55.13
CA LEU N 274 4.35 -51.94 54.09
C LEU N 274 5.76 -52.36 53.71
N TRP N 275 6.55 -51.40 53.20
CA TRP N 275 7.88 -51.68 52.69
C TRP N 275 8.78 -52.34 53.73
N ARG N 276 8.56 -52.04 55.02
CA ARG N 276 9.43 -52.57 56.07
C ARG N 276 9.00 -53.97 56.48
N ALA N 277 7.70 -54.24 56.49
CA ALA N 277 7.23 -55.61 56.74
C ALA N 277 7.90 -56.61 55.82
N ALA N 278 8.21 -56.22 54.59
CA ALA N 278 8.80 -57.13 53.61
C ALA N 278 10.33 -57.06 53.57
N THR N 279 10.98 -56.43 54.54
CA THR N 279 12.43 -56.27 54.49
C THR N 279 13.03 -56.41 55.88
N PRO N 280 12.91 -57.60 56.50
CA PRO N 280 13.59 -57.79 57.80
C PRO N 280 15.09 -57.88 57.68
N SER N 281 15.63 -58.19 56.49
CA SER N 281 17.07 -58.19 56.26
C SER N 281 17.61 -56.82 55.93
N ILE N 282 16.80 -55.77 56.03
CA ILE N 282 17.22 -54.39 55.84
C ILE N 282 17.04 -53.67 57.16
N ASP N 283 18.12 -53.08 57.65
CA ASP N 283 18.15 -52.62 59.03
C ASP N 283 17.52 -51.25 59.20
N PHE N 284 17.82 -50.29 58.31
CA PHE N 284 17.20 -48.98 58.40
C PHE N 284 17.10 -48.36 57.00
N ILE N 285 16.34 -47.27 56.91
CA ILE N 285 16.08 -46.56 55.64
C ILE N 285 16.73 -45.19 55.69
N GLY N 286 17.28 -44.75 54.55
CA GLY N 286 17.92 -43.45 54.43
C GLY N 286 17.08 -42.49 53.60
N THR N 287 17.08 -41.22 54.00
CA THR N 287 16.38 -40.17 53.27
C THR N 287 17.36 -39.35 52.45
N ASP N 288 17.00 -39.09 51.20
CA ASP N 288 17.75 -38.23 50.29
C ASP N 288 16.98 -36.91 50.18
N ILE N 289 17.37 -35.94 50.99
CA ILE N 289 16.67 -34.66 51.13
C ILE N 289 17.43 -33.61 50.32
N TYR N 290 16.84 -33.18 49.21
CA TYR N 290 17.45 -32.15 48.38
C TYR N 290 16.63 -30.88 48.44
N THR N 291 16.41 -30.38 49.65
CA THR N 291 15.81 -29.07 49.83
C THR N 291 16.59 -28.32 50.90
N SER N 292 16.36 -27.02 50.92
CA SER N 292 16.95 -26.13 51.91
C SER N 292 15.90 -25.49 52.80
N ASP N 293 14.62 -25.67 52.49
CA ASP N 293 13.53 -25.10 53.27
C ASP N 293 13.46 -25.77 54.64
N TYR N 294 13.41 -24.95 55.70
CA TYR N 294 13.34 -25.51 57.05
C TYR N 294 12.08 -26.35 57.24
N GLY N 295 10.93 -25.82 56.84
CA GLY N 295 9.69 -26.56 57.00
C GLY N 295 9.73 -27.93 56.35
N GLU N 296 10.24 -27.99 55.12
CA GLU N 296 10.19 -29.24 54.37
C GLU N 296 11.28 -30.21 54.80
N TYR N 297 12.48 -29.71 55.12
CA TYR N 297 13.51 -30.58 55.68
C TYR N 297 13.06 -31.16 57.01
N THR N 298 12.47 -30.33 57.86
CA THR N 298 12.00 -30.78 59.16
C THR N 298 10.89 -31.81 59.03
N LYS N 299 9.98 -31.60 58.07
CA LYS N 299 8.85 -32.50 57.90
C LYS N 299 9.31 -33.89 57.46
N VAL N 300 10.33 -33.96 56.60
CA VAL N 300 10.83 -35.25 56.15
C VAL N 300 11.44 -36.02 57.31
N ILE N 301 12.24 -35.35 58.14
CA ILE N 301 12.88 -36.02 59.27
C ILE N 301 11.83 -36.49 60.26
N GLY N 302 10.77 -35.69 60.46
CA GLY N 302 9.69 -36.14 61.31
C GLY N 302 9.04 -37.43 60.82
N GLN N 303 9.01 -37.63 59.50
CA GLN N 303 8.35 -38.79 58.92
C GLN N 303 9.19 -40.06 59.12
N TYR N 304 10.51 -39.93 59.05
CA TYR N 304 11.41 -41.07 59.04
C TYR N 304 12.11 -41.32 60.38
N ALA N 305 11.92 -40.46 61.38
CA ALA N 305 12.52 -40.66 62.70
C ALA N 305 11.51 -41.37 63.59
N ARG N 306 11.42 -42.69 63.39
CA ARG N 306 10.38 -43.49 64.03
C ARG N 306 10.97 -44.44 65.08
N PRO N 307 10.15 -44.91 66.02
CA PRO N 307 10.59 -46.00 66.91
C PRO N 307 11.23 -47.18 66.20
N ASP N 308 10.78 -47.50 64.98
CA ASP N 308 11.36 -48.57 64.20
C ASP N 308 12.42 -48.09 63.21
N ASN N 309 12.79 -46.81 63.24
CA ASN N 309 13.69 -46.30 62.20
C ASN N 309 14.39 -45.03 62.66
N PRO N 310 15.70 -44.93 62.48
CA PRO N 310 16.44 -43.75 62.92
C PRO N 310 16.56 -42.72 61.81
N ALA N 311 16.59 -41.44 62.21
CA ALA N 311 16.91 -40.40 61.24
C ALA N 311 18.29 -40.64 60.70
N TRP N 312 18.39 -40.73 59.38
CA TRP N 312 19.66 -41.04 58.73
C TRP N 312 19.59 -40.41 57.34
N VAL N 313 20.33 -39.31 57.17
CA VAL N 313 20.34 -38.57 55.92
C VAL N 313 21.41 -39.21 55.03
N SER N 314 20.98 -40.00 54.05
CA SER N 314 21.95 -40.65 53.19
C SER N 314 22.45 -39.73 52.08
N GLU N 315 21.69 -38.70 51.72
CA GLU N 315 22.09 -37.74 50.69
C GLU N 315 21.43 -36.39 50.95
N THR N 316 22.21 -35.32 50.84
CA THR N 316 21.68 -33.96 50.91
C THR N 316 22.54 -33.07 50.03
N GLY N 317 21.95 -31.98 49.57
CA GLY N 317 22.63 -31.14 48.60
C GLY N 317 23.92 -30.55 49.16
N PHE N 318 24.97 -30.60 48.35
CA PHE N 318 26.28 -30.03 48.70
C PHE N 318 26.22 -28.53 48.47
N GLU N 319 25.65 -27.83 49.45
CA GLU N 319 25.48 -26.38 49.44
C GLU N 319 25.53 -25.88 50.87
N ALA N 320 25.97 -24.63 51.03
CA ALA N 320 26.17 -24.08 52.37
C ALA N 320 24.86 -24.02 53.16
N ALA N 321 23.75 -23.72 52.49
CA ALA N 321 22.50 -23.54 53.24
C ALA N 321 21.98 -24.83 53.86
N THR N 322 22.60 -25.97 53.59
CA THR N 322 22.21 -27.23 54.20
C THR N 322 23.04 -27.59 55.43
N ALA N 323 24.13 -26.88 55.70
CA ALA N 323 24.97 -27.22 56.84
C ALA N 323 24.28 -27.16 58.20
N PRO N 324 23.32 -26.26 58.45
CA PRO N 324 22.65 -26.30 59.74
C PRO N 324 21.86 -27.57 60.02
N TYR N 325 21.46 -28.33 58.99
CA TYR N 325 20.55 -29.44 59.27
C TYR N 325 21.27 -30.67 59.82
N LEU N 326 22.60 -30.75 59.67
CA LEU N 326 23.36 -31.76 60.42
C LEU N 326 23.00 -31.71 61.91
N PHE N 327 22.82 -30.51 62.46
CA PHE N 327 22.50 -30.36 63.88
C PHE N 327 21.05 -30.71 64.17
N HIS N 328 20.13 -30.44 63.23
CA HIS N 328 18.74 -30.88 63.41
C HIS N 328 18.63 -32.39 63.35
N VAL N 329 19.36 -33.03 62.43
CA VAL N 329 19.29 -34.48 62.29
C VAL N 329 19.80 -35.18 63.54
N LEU N 330 20.92 -34.71 64.10
CA LEU N 330 21.44 -35.29 65.33
C LEU N 330 20.46 -35.12 66.48
N GLY N 331 19.84 -33.93 66.60
CA GLY N 331 18.85 -33.64 67.62
C GLY N 331 17.55 -34.41 67.54
N GLN N 332 17.35 -35.20 66.48
CA GLN N 332 16.28 -36.17 66.40
C GLN N 332 16.82 -37.60 66.47
N GLY N 333 17.87 -37.81 67.27
CA GLY N 333 18.50 -39.11 67.40
C GLY N 333 19.29 -39.58 66.20
N GLY N 334 19.36 -38.80 65.14
CA GLY N 334 20.01 -39.20 63.91
C GLY N 334 21.36 -39.86 64.07
N ILE N 335 21.61 -40.90 63.26
CA ILE N 335 22.87 -41.62 63.36
C ILE N 335 23.91 -41.12 62.35
N GLY N 336 23.54 -40.26 61.42
CA GLY N 336 24.51 -39.83 60.43
C GLY N 336 23.95 -38.77 59.51
N PHE N 337 24.84 -38.22 58.70
CA PHE N 337 24.56 -37.10 57.81
C PHE N 337 25.56 -37.13 56.66
N SER N 338 25.07 -36.88 55.43
CA SER N 338 25.87 -37.10 54.24
C SER N 338 25.59 -36.01 53.21
N VAL N 339 26.64 -35.48 52.60
CA VAL N 339 26.54 -34.51 51.51
C VAL N 339 26.94 -35.22 50.22
N PHE N 340 26.17 -34.97 49.15
CA PHE N 340 26.34 -35.69 47.90
C PHE N 340 27.06 -34.85 46.85
N GLY N 341 27.90 -35.53 46.07
CA GLY N 341 28.50 -34.94 44.88
C GLY N 341 29.56 -33.89 45.16
N ILE N 342 30.54 -34.24 46.00
CA ILE N 342 31.48 -33.25 46.51
C ILE N 342 32.70 -33.04 45.61
N ASP N 343 32.99 -33.97 44.72
CA ASP N 343 34.28 -34.04 44.05
C ASP N 343 34.22 -33.55 42.61
N GLY N 344 35.20 -32.74 42.24
CA GLY N 344 35.37 -32.34 40.85
C GLY N 344 34.40 -31.31 40.33
N ASN N 345 33.65 -30.64 41.21
CA ASN N 345 32.70 -29.64 40.74
C ASN N 345 33.41 -28.43 40.15
N PRO N 346 32.80 -27.76 39.18
CA PRO N 346 33.40 -26.53 38.64
C PRO N 346 33.54 -25.46 39.71
N ASP N 347 34.71 -24.83 39.75
CA ASP N 347 34.96 -23.79 40.74
C ASP N 347 33.90 -22.69 40.63
N SER N 348 33.35 -22.30 41.77
CA SER N 348 32.29 -21.30 41.86
C SER N 348 32.18 -20.84 43.32
N GLY N 349 31.65 -19.63 43.49
CA GLY N 349 31.48 -19.12 44.84
C GLY N 349 30.61 -20.04 45.69
N ALA N 350 29.58 -20.63 45.08
CA ALA N 350 28.72 -21.56 45.80
C ALA N 350 29.49 -22.80 46.25
N ASN N 351 30.32 -23.35 45.37
CA ASN N 351 31.04 -24.58 45.71
C ASN N 351 32.06 -24.35 46.81
N ARG N 352 32.82 -23.25 46.72
CA ARG N 352 33.72 -22.88 47.81
C ARG N 352 32.96 -22.71 49.12
N ALA N 353 31.77 -22.09 49.05
CA ALA N 353 30.98 -21.92 50.27
C ALA N 353 30.53 -23.26 50.82
N ALA N 354 30.16 -24.21 49.93
CA ALA N 354 29.74 -25.53 50.37
C ALA N 354 30.87 -26.27 51.06
N ILE N 355 32.05 -26.29 50.42
CA ILE N 355 33.23 -26.88 51.05
C ILE N 355 33.44 -26.28 52.43
N ALA N 356 33.54 -24.96 52.50
CA ALA N 356 33.88 -24.29 53.76
C ALA N 356 32.85 -24.57 54.85
N ALA N 357 31.56 -24.47 54.52
CA ALA N 357 30.55 -24.61 55.56
C ALA N 357 30.48 -26.05 56.07
N HIS N 358 30.64 -27.03 55.18
CA HIS N 358 30.55 -28.43 55.59
C HIS N 358 31.85 -28.95 56.17
N ALA N 359 32.99 -28.53 55.66
CA ALA N 359 34.23 -28.82 56.36
C ALA N 359 34.19 -28.28 57.78
N ALA N 360 33.52 -27.13 58.00
CA ALA N 360 33.57 -26.47 59.29
C ALA N 360 32.94 -27.31 60.39
N ASN N 361 31.75 -27.85 60.16
CA ASN N 361 31.14 -28.57 61.26
C ASN N 361 31.55 -30.04 61.29
N PHE N 362 32.01 -30.60 60.17
CA PHE N 362 32.67 -31.89 60.25
C PHE N 362 33.97 -31.78 61.04
N ARG N 363 34.73 -30.70 60.83
CA ARG N 363 35.92 -30.47 61.64
C ARG N 363 35.58 -30.26 63.10
N GLN N 364 34.41 -29.67 63.37
CA GLN N 364 34.03 -29.35 64.74
C GLN N 364 33.58 -30.60 65.49
N LEU N 365 32.79 -31.46 64.84
CA LEU N 365 32.15 -32.56 65.54
C LEU N 365 32.91 -33.89 65.43
N ALA N 366 33.73 -34.08 64.40
CA ALA N 366 34.48 -35.33 64.26
C ALA N 366 35.25 -35.72 65.53
N PRO N 367 35.97 -34.83 66.20
CA PRO N 367 36.62 -35.23 67.46
C PRO N 367 35.64 -35.48 68.59
N LEU N 368 34.34 -35.35 68.34
CA LEU N 368 33.32 -35.49 69.35
C LEU N 368 32.34 -36.60 69.03
N GLN N 369 32.53 -37.28 67.89
CA GLN N 369 31.48 -38.13 67.34
C GLN N 369 31.15 -39.28 68.29
N ARG N 370 32.17 -39.93 68.84
CA ARG N 370 31.93 -41.00 69.80
C ARG N 370 31.09 -40.51 70.97
N LEU N 371 31.49 -39.39 71.57
CA LEU N 371 30.73 -38.84 72.69
C LEU N 371 29.30 -38.50 72.27
N ILE N 372 29.14 -37.92 71.08
CA ILE N 372 27.81 -37.51 70.60
C ILE N 372 26.96 -38.74 70.33
N ALA N 373 27.49 -39.71 69.57
CA ALA N 373 26.72 -40.92 69.27
C ALA N 373 26.22 -41.59 70.54
N GLN N 374 27.09 -41.73 71.54
CA GLN N 374 26.69 -42.40 72.79
C GLN N 374 25.63 -41.57 73.53
N ALA N 375 25.84 -40.27 73.64
CA ALA N 375 24.82 -39.45 74.28
C ALA N 375 23.50 -39.51 73.53
N ASN N 376 23.57 -39.69 72.20
CA ASN N 376 22.34 -39.84 71.42
C ASN N 376 21.60 -41.11 71.82
N LEU N 377 22.30 -42.26 71.79
CA LEU N 377 21.68 -43.52 72.17
C LEU N 377 21.05 -43.44 73.56
N ASP N 378 21.73 -42.78 74.49
CA ASP N 378 21.25 -42.67 75.86
C ASP N 378 20.14 -41.63 76.04
N GLY N 379 19.72 -40.97 74.98
CA GLY N 379 18.75 -39.90 75.13
C GLY N 379 19.28 -38.70 75.89
N ARG N 380 20.58 -38.44 75.82
CA ARG N 380 21.20 -37.32 76.50
C ARG N 380 21.62 -36.21 75.54
N LEU N 381 21.31 -36.36 74.25
CA LEU N 381 21.70 -35.38 73.26
C LEU N 381 20.49 -34.57 72.83
N GLN N 382 20.69 -33.26 72.72
CA GLN N 382 19.72 -32.35 72.15
C GLN N 382 20.46 -31.40 71.21
N ALA N 383 19.87 -31.14 70.05
CA ALA N 383 20.49 -30.22 69.10
C ALA N 383 19.41 -29.61 68.21
N VAL N 384 19.75 -28.47 67.61
CA VAL N 384 18.76 -27.60 66.99
C VAL N 384 19.44 -26.83 65.86
N ALA N 385 18.68 -26.59 64.80
CA ALA N 385 19.02 -25.67 63.73
C ALA N 385 18.10 -24.45 63.79
N GLU N 386 18.57 -23.34 63.22
CA GLU N 386 17.85 -22.08 63.32
C GLU N 386 16.66 -22.07 62.37
N GLN N 387 15.49 -21.69 62.90
CA GLN N 387 14.29 -21.60 62.09
C GLN N 387 14.01 -20.14 61.74
N PRO N 388 13.93 -19.80 60.44
CA PRO N 388 13.70 -18.41 60.03
C PRO N 388 12.64 -17.62 60.79
N GLY N 389 11.49 -18.20 61.08
CA GLY N 389 10.46 -17.40 61.71
C GLY N 389 10.58 -17.25 63.21
N ALA N 390 11.27 -18.18 63.86
CA ALA N 390 11.28 -18.28 65.32
C ALA N 390 12.72 -18.47 65.78
N PRO N 391 13.39 -17.40 66.15
CA PRO N 391 14.83 -17.49 66.42
C PRO N 391 15.18 -17.87 67.84
N GLN N 392 14.31 -18.61 68.54
CA GLN N 392 14.57 -19.01 69.90
C GLN N 392 14.04 -20.41 70.17
N ARG N 393 14.80 -21.18 70.95
CA ARG N 393 14.45 -22.55 71.30
C ARG N 393 14.77 -22.79 72.76
N THR N 394 14.00 -23.68 73.39
CA THR N 394 14.18 -24.06 74.78
C THR N 394 14.49 -25.54 74.88
N LEU N 395 15.68 -25.87 75.40
CA LEU N 395 16.10 -27.24 75.60
C LEU N 395 15.99 -27.57 77.09
N ARG N 396 15.24 -28.63 77.41
CA ARG N 396 14.94 -28.98 78.80
C ARG N 396 15.78 -30.17 79.25
N PHE N 397 16.36 -30.04 80.44
CA PHE N 397 17.25 -31.04 81.03
C PHE N 397 16.87 -31.30 82.47
N GLY N 398 15.58 -31.47 82.71
CA GLY N 398 15.10 -31.73 84.05
C GLY N 398 15.10 -30.47 84.90
N ASP N 399 16.01 -30.40 85.87
CA ASP N 399 16.08 -29.23 86.73
C ASP N 399 16.61 -27.99 86.01
N TRP N 400 17.33 -28.18 84.91
CA TRP N 400 17.97 -27.09 84.17
C TRP N 400 17.36 -26.97 82.77
N GLU N 401 17.37 -25.74 82.26
CA GLU N 401 16.86 -25.42 80.94
C GLU N 401 17.87 -24.56 80.20
N ALA N 402 18.00 -24.79 78.90
CA ALA N 402 18.85 -24.00 78.01
C ALA N 402 17.98 -23.18 77.08
N LYS N 403 18.26 -21.87 77.00
CA LYS N 403 17.58 -20.95 76.09
C LYS N 403 18.55 -20.60 74.97
N VAL N 404 18.22 -21.02 73.75
CA VAL N 404 19.08 -20.82 72.58
C VAL N 404 18.52 -19.68 71.73
N SER N 405 19.38 -18.72 71.40
CA SER N 405 19.00 -17.54 70.66
C SER N 405 19.86 -17.41 69.42
N PHE N 406 19.26 -16.90 68.36
CA PHE N 406 19.95 -16.71 67.10
C PHE N 406 19.85 -15.25 66.68
N GLY N 407 20.94 -14.73 66.12
CA GLY N 407 20.95 -13.34 65.73
C GLY N 407 21.22 -12.35 66.84
N ALA N 408 21.63 -12.80 68.01
CA ALA N 408 22.07 -11.92 69.07
C ALA N 408 23.51 -11.49 68.82
N PRO N 409 23.93 -10.35 69.34
CA PRO N 409 25.33 -9.94 69.16
C PRO N 409 26.27 -10.89 69.89
N LEU N 410 27.52 -10.91 69.44
CA LEU N 410 28.50 -11.77 70.08
C LEU N 410 28.80 -11.33 71.51
N TRP N 411 28.41 -10.10 71.87
CA TRP N 411 28.57 -9.60 73.23
C TRP N 411 27.53 -8.51 73.47
N GLY N 412 27.01 -8.46 74.69
CA GLY N 412 26.05 -7.43 75.07
C GLY N 412 24.61 -7.93 75.06
N ASP N 413 23.71 -6.99 75.33
CA ASP N 413 22.30 -7.30 75.43
C ASP N 413 21.72 -7.77 74.10
N ALA N 414 20.77 -8.67 74.19
CA ALA N 414 20.01 -9.03 73.00
C ALA N 414 18.95 -7.96 72.75
N PRO N 415 18.65 -7.67 71.49
CA PRO N 415 17.54 -6.75 71.21
C PRO N 415 16.23 -7.29 71.75
N ALA N 416 15.24 -6.41 71.84
CA ALA N 416 13.92 -6.81 72.28
C ALA N 416 13.35 -7.92 71.38
N ILE N 417 13.50 -7.77 70.07
CA ILE N 417 13.07 -8.77 69.10
C ILE N 417 14.31 -9.36 68.43
N LEU N 418 14.52 -10.65 68.61
CA LEU N 418 15.65 -11.31 67.95
C LEU N 418 15.44 -11.34 66.44
N PRO N 419 16.41 -10.92 65.64
CA PRO N 419 16.22 -10.86 64.18
C PRO N 419 16.69 -12.09 63.44
N GLY N 420 17.18 -13.11 64.14
CA GLY N 420 17.79 -14.25 63.49
C GLY N 420 19.09 -13.87 62.83
N ASN N 421 19.80 -14.87 62.32
CA ASN N 421 20.97 -14.61 61.49
C ASN N 421 20.54 -14.36 60.06
N ASP N 422 21.23 -13.45 59.39
CA ASP N 422 20.84 -13.06 58.03
C ASP N 422 20.86 -14.26 57.08
N ASP N 423 21.83 -15.16 57.24
CA ASP N 423 21.90 -16.37 56.44
C ASP N 423 21.33 -17.57 57.16
N HIS N 424 20.64 -17.35 58.29
CA HIS N 424 19.94 -18.41 59.03
C HIS N 424 20.85 -19.61 59.29
N ALA N 425 22.14 -19.37 59.48
CA ALA N 425 23.11 -20.45 59.64
C ALA N 425 23.20 -20.99 61.06
N GLY N 426 22.38 -20.49 61.99
CA GLY N 426 22.56 -20.83 63.38
C GLY N 426 22.29 -22.30 63.66
N ARG N 427 23.06 -22.85 64.60
CA ARG N 427 22.91 -24.22 65.08
C ARG N 427 23.67 -24.36 66.38
N LEU N 428 23.21 -25.30 67.20
CA LEU N 428 23.84 -25.59 68.49
C LEU N 428 23.53 -27.02 68.87
N LEU N 429 24.36 -27.54 69.78
CA LEU N 429 24.27 -28.90 70.27
C LEU N 429 24.59 -28.90 71.76
N VAL N 430 23.81 -29.63 72.54
CA VAL N 430 24.06 -29.80 73.97
C VAL N 430 24.03 -31.29 74.28
N ALA N 431 25.13 -31.80 74.83
CA ALA N 431 25.23 -33.15 75.35
C ALA N 431 25.32 -33.10 76.88
N GLN N 432 24.41 -33.81 77.55
CA GLN N 432 24.45 -33.86 79.01
C GLN N 432 25.41 -34.96 79.45
N LEU N 433 26.46 -34.56 80.18
CA LEU N 433 27.51 -35.46 80.63
C LEU N 433 27.31 -35.92 82.06
N GLY N 434 26.57 -35.16 82.86
CA GLY N 434 26.27 -35.53 84.21
C GLY N 434 25.08 -34.73 84.67
N PRO N 435 24.63 -34.96 85.90
CA PRO N 435 23.49 -34.18 86.42
C PRO N 435 23.64 -32.67 86.23
N GLU N 436 24.85 -32.13 86.38
CA GLU N 436 25.05 -30.69 86.30
C GLU N 436 26.19 -30.31 85.37
N GLU N 437 26.49 -31.13 84.37
CA GLU N 437 27.58 -30.90 83.47
C GLU N 437 27.11 -31.13 82.03
N PHE N 438 27.46 -30.19 81.15
CA PHE N 438 27.03 -30.20 79.76
C PHE N 438 28.21 -29.90 78.84
N LEU N 439 28.16 -30.48 77.64
CA LEU N 439 29.02 -30.10 76.53
C LEU N 439 28.18 -29.33 75.51
N VAL N 440 28.74 -28.24 74.97
CA VAL N 440 28.00 -27.32 74.11
C VAL N 440 28.91 -26.89 72.96
N THR N 441 28.37 -26.86 71.75
CA THR N 441 29.11 -26.37 70.59
C THR N 441 28.14 -26.08 69.45
N GLY N 442 28.61 -25.29 68.48
CA GLY N 442 27.75 -24.94 67.37
C GLY N 442 28.29 -23.73 66.63
N THR N 443 27.39 -23.06 65.92
CA THR N 443 27.73 -21.93 65.07
C THR N 443 26.63 -20.88 65.17
N ALA N 444 27.04 -19.61 65.35
CA ALA N 444 26.13 -18.46 65.23
C ALA N 444 24.95 -18.55 66.20
N ALA N 445 25.25 -18.89 67.45
CA ALA N 445 24.21 -19.13 68.44
C ALA N 445 24.63 -18.53 69.79
N ARG N 446 23.63 -18.20 70.60
CA ARG N 446 23.79 -17.88 72.02
C ARG N 446 22.94 -18.84 72.84
N ILE N 447 23.50 -19.31 73.98
CA ILE N 447 22.79 -20.21 74.89
C ILE N 447 22.95 -19.69 76.31
N GLU N 448 21.87 -19.76 77.08
CA GLU N 448 21.84 -19.36 78.48
C GLU N 448 21.16 -20.45 79.29
N PHE N 449 21.80 -20.88 80.38
CA PHE N 449 21.23 -21.92 81.23
C PHE N 449 20.43 -21.30 82.36
N PHE N 450 19.40 -22.04 82.81
CA PHE N 450 18.47 -21.57 83.84
C PHE N 450 18.03 -22.73 84.71
N ARG N 451 17.88 -22.46 86.00
CA ARG N 451 17.48 -23.45 86.99
C ARG N 451 16.07 -23.15 87.48
N SER N 452 15.25 -24.21 87.61
CA SER N 452 13.92 -24.11 88.24
C SER N 452 13.82 -25.09 89.41
N ALA N 453 13.58 -26.37 89.09
CA ALA N 453 13.84 -27.53 89.94
C ALA N 453 12.98 -27.65 91.19
N ALA N 454 12.05 -26.72 91.44
CA ALA N 454 11.18 -26.77 92.62
C ALA N 454 11.97 -26.73 93.92
N ASP N 455 13.15 -26.13 93.89
CA ASP N 455 13.90 -25.80 95.09
C ASP N 455 13.52 -24.41 95.57
N THR N 456 14.10 -24.03 96.70
CA THR N 456 14.29 -22.63 97.02
C THR N 456 15.67 -22.16 96.60
N ARG N 457 16.47 -23.04 96.01
CA ARG N 457 17.86 -22.78 95.68
C ARG N 457 17.97 -22.00 94.37
N HIS N 458 19.11 -21.32 94.20
CA HIS N 458 19.38 -20.48 93.05
C HIS N 458 20.49 -21.10 92.21
N GLY N 459 20.29 -21.15 90.89
CA GLY N 459 21.31 -21.70 90.02
C GLY N 459 22.41 -20.71 89.73
N GLN N 460 23.60 -21.26 89.45
CA GLN N 460 24.72 -20.40 89.10
C GLN N 460 25.68 -21.17 88.22
N LEU N 461 26.48 -20.42 87.47
CA LEU N 461 27.59 -20.98 86.73
C LEU N 461 28.75 -21.27 87.68
N LEU N 462 29.38 -22.43 87.50
CA LEU N 462 30.55 -22.78 88.31
C LEU N 462 31.84 -22.83 87.51
N GLN N 463 31.85 -23.42 86.30
CA GLN N 463 33.09 -23.53 85.54
C GLN N 463 32.78 -23.80 84.07
N VAL N 464 33.27 -22.92 83.19
CA VAL N 464 33.14 -23.07 81.74
C VAL N 464 34.55 -23.22 81.19
N GLU N 465 34.87 -24.41 80.71
CA GLU N 465 36.15 -24.66 80.05
C GLU N 465 35.95 -24.64 78.54
N GLN N 466 36.77 -23.83 77.87
CA GLN N 466 36.88 -23.85 76.43
C GLN N 466 38.07 -24.73 76.06
N GLY N 467 37.85 -25.71 75.20
CA GLY N 467 38.93 -26.61 74.88
C GLY N 467 38.59 -27.49 73.72
N ARG N 468 39.42 -28.51 73.51
CA ARG N 468 39.26 -29.43 72.40
C ARG N 468 39.49 -30.85 72.90
N TYR N 469 39.05 -31.82 72.08
CA TYR N 469 39.26 -33.24 72.34
C TYR N 469 40.35 -33.75 71.40
N VAL N 470 41.50 -34.12 71.95
CA VAL N 470 42.61 -34.64 71.17
C VAL N 470 42.72 -36.13 71.49
N ASP N 471 42.46 -36.97 70.48
CA ASP N 471 42.55 -38.42 70.60
C ASP N 471 41.66 -38.97 71.71
N GLY N 472 40.61 -38.24 72.09
CA GLY N 472 39.77 -38.63 73.21
C GLY N 472 40.17 -38.03 74.54
N ARG N 473 41.02 -37.00 74.54
CA ARG N 473 41.51 -36.38 75.75
C ARG N 473 41.12 -34.90 75.75
N TRP N 474 40.42 -34.47 76.79
CA TRP N 474 39.98 -33.09 76.88
C TRP N 474 41.16 -32.17 77.17
N GLN N 475 41.37 -31.19 76.30
CA GLN N 475 42.48 -30.25 76.41
C GLN N 475 41.91 -28.87 76.68
N MET N 476 41.92 -28.44 77.94
CA MET N 476 41.47 -27.09 78.28
C MET N 476 42.40 -26.04 77.66
N GLU N 477 41.82 -25.07 76.97
CA GLU N 477 42.55 -23.91 76.45
C GLU N 477 42.47 -22.70 77.39
N ARG N 478 41.27 -22.37 77.85
CA ARG N 478 41.05 -21.26 78.77
C ARG N 478 39.79 -21.57 79.56
N GLN N 479 39.48 -20.71 80.52
CA GLN N 479 38.21 -20.79 81.24
C GLN N 479 37.43 -19.51 80.97
N LEU N 480 36.13 -19.64 80.72
CA LEU N 480 35.32 -18.52 80.30
C LEU N 480 34.57 -17.93 81.49
N ASN N 481 34.72 -16.62 81.67
CA ASN N 481 34.04 -15.88 82.72
C ASN N 481 33.94 -14.43 82.27
N GLY N 482 33.32 -13.59 83.10
CA GLY N 482 33.28 -12.17 82.79
C GLY N 482 32.57 -11.87 81.49
N ASP N 483 33.21 -11.05 80.66
CA ASP N 483 32.60 -10.66 79.38
C ASP N 483 32.14 -11.86 78.58
N GLN N 484 32.95 -12.92 78.54
CA GLN N 484 32.64 -14.14 77.79
C GLN N 484 31.53 -14.96 78.42
N THR N 485 30.96 -14.49 79.52
CA THR N 485 29.92 -15.22 80.25
C THR N 485 28.72 -14.36 80.64
N ASP N 486 28.88 -13.03 80.71
CA ASP N 486 27.81 -12.15 81.18
C ASP N 486 26.54 -12.29 80.35
N TYR N 487 26.68 -12.46 79.04
CA TYR N 487 25.53 -12.50 78.15
C TYR N 487 25.47 -13.87 77.48
N GLY N 488 25.47 -14.91 78.30
CA GLY N 488 25.39 -16.26 77.81
C GLY N 488 26.69 -16.67 77.12
N LEU N 489 26.68 -17.90 76.66
CA LEU N 489 27.81 -18.43 75.91
C LEU N 489 27.51 -18.24 74.43
N ASN N 490 28.45 -17.61 73.72
CA ASN N 490 28.21 -17.15 72.36
C ASN N 490 29.17 -17.82 71.40
N PHE N 491 28.63 -18.38 70.32
CA PHE N 491 29.43 -19.00 69.28
C PHE N 491 29.29 -18.17 68.02
N GLY N 492 30.43 -17.81 67.43
CA GLY N 492 30.44 -16.98 66.25
C GLY N 492 30.57 -17.77 64.98
N ARG N 493 31.65 -17.52 64.25
CA ARG N 493 31.81 -18.02 62.90
C ARG N 493 33.20 -18.64 62.76
N THR N 494 33.32 -19.48 61.75
CA THR N 494 34.63 -20.04 61.43
C THR N 494 35.52 -18.95 60.86
N ASP N 495 36.78 -18.92 61.31
CA ASP N 495 37.71 -17.97 60.72
C ASP N 495 38.15 -18.43 59.34
N ALA N 496 38.86 -17.55 58.62
CA ALA N 496 39.32 -17.89 57.28
C ALA N 496 40.34 -19.03 57.30
N ALA N 497 41.00 -19.25 58.43
CA ALA N 497 41.97 -20.32 58.61
C ALA N 497 41.34 -21.69 58.87
N GLY N 498 40.02 -21.82 58.68
CA GLY N 498 39.33 -23.08 58.82
C GLY N 498 38.93 -23.48 60.23
N GLN N 499 39.21 -22.65 61.25
CA GLN N 499 38.97 -23.06 62.64
C GLN N 499 37.54 -22.76 63.06
N PRO N 500 36.78 -23.76 63.48
CA PRO N 500 35.36 -23.55 63.77
C PRO N 500 35.17 -22.99 65.18
N PRO N 501 33.95 -22.60 65.54
CA PRO N 501 33.70 -22.11 66.91
C PRO N 501 34.07 -23.15 67.95
N PRO N 502 34.23 -22.74 69.21
CA PRO N 502 34.86 -23.63 70.19
C PRO N 502 33.89 -24.69 70.71
N VAL N 503 34.47 -25.65 71.46
CA VAL N 503 33.70 -26.60 72.25
C VAL N 503 33.84 -26.19 73.71
N LEU N 504 32.71 -26.14 74.40
CA LEU N 504 32.66 -25.70 75.79
C LEU N 504 32.23 -26.83 76.69
N ARG N 505 32.84 -26.90 77.87
CA ARG N 505 32.43 -27.80 78.94
C ARG N 505 31.85 -26.94 80.04
N VAL N 506 30.58 -27.17 80.39
CA VAL N 506 29.85 -26.28 81.28
C VAL N 506 29.47 -27.05 82.55
N ARG N 507 29.79 -26.48 83.69
CA ARG N 507 29.46 -27.06 84.99
C ARG N 507 28.66 -26.05 85.79
N VAL N 508 27.45 -26.44 86.20
CA VAL N 508 26.55 -25.56 86.92
C VAL N 508 26.35 -26.08 88.34
N GLY N 509 25.77 -25.25 89.17
CA GLY N 509 25.50 -25.61 90.54
C GLY N 509 24.41 -24.73 91.11
N SER N 510 24.31 -24.75 92.43
CA SER N 510 23.28 -24.02 93.15
C SER N 510 23.82 -23.45 94.46
N TYR N 511 23.01 -22.61 95.09
CA TYR N 511 23.32 -22.10 96.43
C TYR N 511 22.04 -21.76 97.16
N GLU O 2 60.23 -39.74 5.15
CA GLU O 2 58.91 -40.31 4.90
C GLU O 2 58.32 -39.62 3.68
N GLU O 3 57.05 -39.84 3.40
CA GLU O 3 56.48 -39.35 2.15
C GLU O 3 56.42 -37.84 2.11
N LEU O 4 56.37 -37.37 0.89
CA LEU O 4 56.11 -35.99 0.65
C LEU O 4 54.72 -35.62 1.14
N PRO O 5 54.57 -34.47 1.79
CA PRO O 5 53.23 -33.93 2.03
C PRO O 5 52.50 -33.73 0.71
N ARG O 6 51.20 -34.03 0.71
CA ARG O 6 50.50 -34.16 -0.56
C ARG O 6 49.00 -33.92 -0.36
N PHE O 7 48.43 -33.04 -1.19
CA PHE O 7 46.99 -32.79 -1.17
C PHE O 7 46.26 -33.86 -1.98
N PHE O 8 45.08 -34.28 -1.50
CA PHE O 8 44.40 -35.46 -2.02
C PHE O 8 42.90 -35.21 -2.13
N THR O 9 42.32 -35.62 -3.25
CA THR O 9 40.88 -35.52 -3.50
C THR O 9 40.33 -36.90 -3.87
N GLN O 10 39.26 -37.31 -3.19
CA GLN O 10 38.64 -38.61 -3.43
C GLN O 10 37.14 -38.51 -3.19
N ASN O 11 36.35 -38.71 -4.24
CA ASN O 11 34.89 -38.79 -4.14
C ASN O 11 34.29 -37.48 -3.63
N GLY O 12 34.80 -36.36 -4.16
CA GLY O 12 34.39 -35.05 -3.68
C GLY O 12 34.81 -34.73 -2.26
N ARG O 13 35.56 -35.61 -1.60
CA ARG O 13 36.15 -35.32 -0.29
C ARG O 13 37.64 -35.06 -0.43
N HIS O 14 38.19 -34.35 0.54
CA HIS O 14 39.56 -33.86 0.46
C HIS O 14 40.30 -34.20 1.74
N ALA O 15 41.62 -34.05 1.69
CA ALA O 15 42.50 -34.27 2.83
C ALA O 15 43.89 -33.80 2.46
N LEU O 16 44.65 -33.38 3.47
CA LEU O 16 46.07 -33.10 3.30
C LEU O 16 46.84 -34.26 3.89
N LEU O 17 47.65 -34.91 3.06
CA LEU O 17 48.39 -36.11 3.46
C LEU O 17 49.77 -35.70 3.98
N VAL O 18 50.03 -36.03 5.24
CA VAL O 18 51.26 -35.62 5.91
C VAL O 18 51.85 -36.84 6.58
N ASP O 19 53.03 -37.26 6.12
CA ASP O 19 53.68 -38.49 6.58
C ASP O 19 52.80 -39.70 6.28
N GLY O 20 52.11 -39.65 5.13
CA GLY O 20 51.36 -40.77 4.61
C GLY O 20 49.92 -40.90 5.02
N ALA O 21 49.41 -40.01 5.87
CA ALA O 21 48.08 -40.13 6.45
C ALA O 21 47.40 -38.77 6.48
N PRO O 22 46.06 -38.73 6.54
CA PRO O 22 45.37 -37.45 6.65
C PRO O 22 45.82 -36.68 7.89
N TYR O 23 45.87 -35.35 7.75
CA TYR O 23 46.40 -34.44 8.75
C TYR O 23 45.46 -33.25 8.88
N THR O 24 45.09 -32.90 10.12
CA THR O 24 44.27 -31.73 10.39
C THR O 24 45.17 -30.59 10.88
N ILE O 25 45.23 -29.51 10.11
CA ILE O 25 46.05 -28.36 10.48
C ILE O 25 45.33 -27.55 11.55
N LEU O 26 46.01 -27.32 12.68
CA LEU O 26 45.53 -26.48 13.77
C LEU O 26 46.60 -25.40 13.94
N ALA O 27 46.43 -24.29 13.22
CA ALA O 27 47.48 -23.32 12.97
C ALA O 27 47.36 -22.06 13.83
N ALA O 28 48.47 -21.33 13.91
CA ALA O 28 48.49 -19.97 14.42
C ALA O 28 49.54 -19.20 13.63
N GLN O 29 49.13 -18.09 13.02
CA GLN O 29 50.03 -17.25 12.23
C GLN O 29 50.64 -16.15 13.09
N LEU O 30 51.92 -15.87 12.86
CA LEU O 30 52.55 -14.73 13.49
C LEU O 30 52.14 -13.45 12.78
N HIS O 31 52.40 -12.32 13.43
CA HIS O 31 52.14 -11.04 12.78
C HIS O 31 53.08 -10.88 11.60
N ASN O 32 52.77 -9.89 10.74
CA ASN O 32 53.45 -9.79 9.45
C ASN O 32 54.96 -9.62 9.60
N SER O 33 55.39 -8.83 10.58
CA SER O 33 56.79 -8.48 10.75
C SER O 33 57.44 -9.24 11.90
N SER O 34 56.89 -10.40 12.25
CA SER O 34 57.43 -11.17 13.35
C SER O 34 58.43 -12.23 12.90
N ALA O 35 58.61 -12.41 11.59
CA ALA O 35 59.49 -13.46 11.06
C ALA O 35 60.93 -12.95 10.91
N TRP O 36 61.52 -12.60 12.06
CA TRP O 36 62.90 -12.15 12.16
C TRP O 36 63.58 -12.85 13.33
N PRO O 37 64.83 -13.27 13.16
CA PRO O 37 65.42 -14.24 14.10
C PRO O 37 65.39 -13.80 15.54
N ALA O 38 65.44 -12.50 15.82
CA ALA O 38 65.36 -12.02 17.20
C ALA O 38 63.95 -12.16 17.77
N VAL O 39 62.94 -12.18 16.92
CA VAL O 39 61.54 -12.26 17.36
C VAL O 39 61.03 -13.70 17.42
N LEU O 40 61.58 -14.61 16.62
CA LEU O 40 61.00 -15.94 16.48
C LEU O 40 60.92 -16.73 17.79
N PRO O 41 61.94 -16.79 18.62
CA PRO O 41 61.87 -17.66 19.83
C PRO O 41 60.73 -17.29 20.76
N PRO O 42 60.57 -16.01 21.15
CA PRO O 42 59.36 -15.69 21.94
C PRO O 42 58.07 -15.86 21.15
N ALA O 43 58.03 -15.45 19.88
CA ALA O 43 56.83 -15.62 19.07
C ALA O 43 56.43 -17.08 18.99
N LEU O 44 57.38 -17.95 18.60
CA LEU O 44 57.07 -19.37 18.46
C LEU O 44 56.74 -20.03 19.79
N ASP O 45 57.21 -19.47 20.91
CA ASP O 45 56.80 -20.01 22.20
C ASP O 45 55.31 -19.78 22.44
N GLN O 46 54.80 -18.61 22.04
CA GLN O 46 53.39 -18.33 22.19
C GLN O 46 52.55 -19.25 21.31
N VAL O 47 53.03 -19.55 20.10
CA VAL O 47 52.37 -20.56 19.28
C VAL O 47 52.27 -21.89 20.04
N VAL O 48 53.33 -22.26 20.76
CA VAL O 48 53.29 -23.51 21.53
C VAL O 48 52.26 -23.40 22.64
N ALA O 49 52.14 -22.24 23.27
CA ALA O 49 51.21 -22.09 24.38
C ALA O 49 49.77 -22.22 23.93
N LEU O 50 49.49 -21.92 22.65
CA LEU O 50 48.20 -22.18 22.00
C LEU O 50 48.01 -23.64 21.62
N HIS O 51 49.04 -24.48 21.77
CA HIS O 51 48.99 -25.91 21.47
C HIS O 51 48.74 -26.18 19.99
N ALA O 52 49.05 -25.20 19.14
CA ALA O 52 48.92 -25.40 17.70
C ALA O 52 49.84 -26.53 17.25
N ASN O 53 49.50 -27.15 16.11
CA ASN O 53 50.43 -28.08 15.50
C ASN O 53 51.18 -27.48 14.31
N THR O 54 50.80 -26.28 13.88
CA THR O 54 51.39 -25.64 12.71
C THR O 54 51.53 -24.16 13.00
N VAL O 55 52.66 -23.58 12.61
CA VAL O 55 52.83 -22.13 12.60
C VAL O 55 52.79 -21.66 11.15
N GLU O 56 52.05 -20.59 10.90
CA GLU O 56 52.05 -19.91 9.62
C GLU O 56 52.94 -18.67 9.76
N ALA O 57 53.93 -18.54 8.90
CA ALA O 57 54.83 -17.41 9.00
C ALA O 57 55.34 -17.07 7.61
N PRO O 58 55.64 -15.80 7.36
CA PRO O 58 56.02 -15.39 6.01
C PRO O 58 57.52 -15.44 5.77
N VAL O 59 57.86 -15.60 4.49
CA VAL O 59 59.20 -15.40 3.99
C VAL O 59 59.13 -14.19 3.08
N TYR O 60 59.94 -13.18 3.37
CA TYR O 60 59.87 -11.91 2.67
C TYR O 60 60.79 -11.95 1.47
N TRP O 61 60.23 -11.64 0.29
CA TRP O 61 61.06 -11.49 -0.90
C TRP O 61 62.08 -10.36 -0.74
N GLU O 62 61.74 -9.33 0.06
CA GLU O 62 62.64 -8.22 0.32
C GLU O 62 63.99 -8.69 0.85
N GLN O 63 63.98 -9.55 1.86
CA GLN O 63 65.21 -10.02 2.47
C GLN O 63 65.72 -11.30 1.84
N PHE O 64 64.90 -12.01 1.07
CA PHE O 64 65.34 -13.29 0.52
C PHE O 64 66.24 -13.06 -0.69
N GLU O 65 65.91 -12.07 -1.52
CA GLU O 65 66.73 -11.70 -2.68
C GLU O 65 67.14 -10.24 -2.55
N PRO O 66 68.06 -9.92 -1.64
CA PRO O 66 68.48 -8.50 -1.48
C PRO O 66 69.13 -7.91 -2.71
N ALA O 67 69.61 -8.77 -3.62
CA ALA O 67 70.22 -8.36 -4.88
C ALA O 67 69.89 -9.42 -5.94
N PRO O 68 69.63 -9.00 -7.18
CA PRO O 68 69.33 -9.95 -8.26
C PRO O 68 70.26 -11.17 -8.24
N GLY O 69 69.68 -12.35 -8.10
CA GLY O 69 70.44 -13.58 -8.15
C GLY O 69 71.13 -13.99 -6.88
N ARG O 70 71.18 -13.12 -5.86
CA ARG O 70 71.81 -13.46 -4.59
C ARG O 70 70.73 -13.66 -3.53
N PHE O 71 70.73 -14.84 -2.91
CA PHE O 71 69.66 -15.29 -2.03
C PHE O 71 70.16 -15.42 -0.60
N ASP O 72 69.39 -14.88 0.34
CA ASP O 72 69.70 -14.93 1.77
C ASP O 72 68.68 -15.84 2.44
N THR O 73 69.14 -16.92 3.07
CA THR O 73 68.24 -17.87 3.70
C THR O 73 68.19 -17.74 5.23
N THR O 74 68.72 -16.64 5.78
CA THR O 74 68.85 -16.52 7.24
C THR O 74 67.50 -16.73 7.93
N ASN O 75 66.48 -16.01 7.47
CA ASN O 75 65.20 -16.01 8.17
C ASN O 75 64.47 -17.34 8.01
N VAL O 76 64.51 -17.93 6.81
CA VAL O 76 63.86 -19.23 6.60
C VAL O 76 64.45 -20.27 7.52
N ASP O 77 65.79 -20.38 7.50
CA ASP O 77 66.47 -21.41 8.28
C ASP O 77 66.17 -21.25 9.76
N ALA O 78 66.08 -20.00 10.23
CA ALA O 78 65.69 -19.75 11.61
C ALA O 78 64.26 -20.18 11.89
N LEU O 79 63.35 -19.93 10.94
CA LEU O 79 61.96 -20.33 11.10
C LEU O 79 61.84 -21.85 11.18
N ILE O 80 62.52 -22.57 10.29
CA ILE O 80 62.45 -24.02 10.33
C ILE O 80 63.18 -24.56 11.55
N ALA O 81 64.33 -23.98 11.88
CA ALA O 81 65.04 -24.38 13.11
C ALA O 81 64.14 -24.18 14.32
N GLY O 82 63.59 -22.97 14.49
CA GLY O 82 62.72 -22.71 15.62
C GLY O 82 61.56 -23.69 15.72
N ALA O 83 60.98 -24.06 14.58
CA ALA O 83 59.84 -24.95 14.60
C ALA O 83 60.24 -26.35 15.03
N ARG O 84 61.30 -26.87 14.42
CA ARG O 84 61.77 -28.21 14.75
C ARG O 84 62.04 -28.34 16.24
N LYS O 85 62.69 -27.32 16.83
CA LYS O 85 62.99 -27.34 18.25
C LYS O 85 61.72 -27.40 19.09
N ARG O 86 60.62 -26.81 18.61
CA ARG O 86 59.37 -26.76 19.35
C ARG O 86 58.35 -27.79 18.89
N GLY O 87 58.73 -28.70 18.00
CA GLY O 87 57.84 -29.79 17.62
C GLY O 87 56.75 -29.42 16.65
N LEU O 88 56.89 -28.30 15.94
CA LEU O 88 55.83 -27.74 15.12
C LEU O 88 56.09 -28.04 13.65
N ARG O 89 54.99 -28.23 12.92
CA ARG O 89 55.05 -28.15 11.47
C ARG O 89 54.93 -26.69 11.04
N VAL O 90 55.26 -26.41 9.79
CA VAL O 90 55.38 -25.05 9.29
C VAL O 90 54.53 -24.90 8.04
N ALA O 91 53.74 -23.83 7.99
CA ALA O 91 53.05 -23.41 6.78
C ALA O 91 53.69 -22.10 6.32
N LEU O 92 54.52 -22.19 5.28
CA LEU O 92 55.35 -21.09 4.81
C LEU O 92 54.59 -20.20 3.84
N LEU O 93 54.67 -18.88 4.05
CA LEU O 93 53.93 -17.91 3.24
C LEU O 93 54.91 -17.10 2.39
N TRP O 94 54.74 -17.18 1.07
CA TRP O 94 55.61 -16.45 0.14
C TRP O 94 55.07 -15.04 -0.03
N PHE O 95 55.73 -14.06 0.58
CA PHE O 95 55.32 -12.67 0.42
C PHE O 95 56.01 -12.11 -0.82
N GLY O 96 55.50 -12.51 -1.98
CA GLY O 96 56.15 -12.15 -3.23
C GLY O 96 55.66 -10.87 -3.86
N SER O 97 55.11 -10.98 -5.08
CA SER O 97 54.67 -9.79 -5.78
C SER O 97 53.39 -9.22 -5.17
N TRP O 98 52.61 -10.05 -4.49
CA TRP O 98 51.37 -9.61 -3.88
C TRP O 98 51.37 -9.93 -2.40
N LYS O 99 51.10 -8.90 -1.60
CA LYS O 99 50.71 -9.05 -0.20
C LYS O 99 49.60 -8.04 0.01
N ASN O 100 48.39 -8.55 0.30
CA ASN O 100 47.20 -7.70 0.45
C ASN O 100 46.98 -6.84 -0.79
N GLY O 101 47.08 -7.46 -1.97
CA GLY O 101 46.84 -6.75 -3.21
C GLY O 101 47.82 -5.64 -3.52
N GLN O 102 49.04 -5.71 -2.98
CA GLN O 102 50.04 -4.68 -3.16
C GLN O 102 51.42 -5.32 -3.17
N MET O 103 52.43 -4.54 -3.57
CA MET O 103 53.78 -5.03 -3.82
C MET O 103 54.80 -4.54 -2.81
N HIS O 104 54.43 -4.34 -1.55
CA HIS O 104 55.34 -3.72 -0.61
C HIS O 104 56.46 -4.63 -0.15
N TYR O 105 56.34 -5.96 -0.34
CA TYR O 105 57.40 -6.88 0.05
C TYR O 105 58.34 -7.22 -1.11
N VAL O 106 58.06 -6.69 -2.29
CA VAL O 106 58.95 -6.81 -3.46
C VAL O 106 60.31 -6.20 -3.14
N PRO O 107 61.42 -6.75 -3.64
CA PRO O 107 62.74 -6.22 -3.28
C PRO O 107 62.96 -4.77 -3.70
N GLU O 108 63.94 -4.15 -3.04
CA GLU O 108 64.19 -2.74 -3.25
C GLU O 108 64.66 -2.47 -4.68
N TRP O 109 65.47 -3.37 -5.24
CA TRP O 109 65.95 -3.16 -6.59
C TRP O 109 64.82 -3.17 -7.61
N ILE O 110 63.73 -3.91 -7.34
CA ILE O 110 62.56 -3.78 -8.19
C ILE O 110 61.85 -2.46 -7.93
N LYS O 111 61.73 -2.06 -6.67
CA LYS O 111 61.05 -0.82 -6.31
C LYS O 111 61.74 0.40 -6.94
N ARG O 112 63.05 0.32 -7.15
CA ARG O 112 63.83 1.43 -7.66
C ARG O 112 63.65 1.64 -9.16
N ASP O 113 63.11 0.65 -9.87
CA ASP O 113 63.23 0.54 -11.33
C ASP O 113 61.83 0.30 -11.90
N GLU O 114 61.03 1.36 -11.93
CA GLU O 114 59.69 1.25 -12.50
C GLU O 114 59.73 0.99 -14.01
N ALA O 115 60.82 1.33 -14.69
CA ALA O 115 60.90 1.09 -16.12
C ALA O 115 61.00 -0.40 -16.43
N THR O 116 61.97 -1.08 -15.80
CA THR O 116 62.09 -2.52 -15.98
C THR O 116 60.89 -3.25 -15.38
N TYR O 117 60.37 -2.75 -14.24
CA TYR O 117 59.32 -3.41 -13.47
C TYR O 117 58.14 -2.46 -13.36
N PRO O 118 57.34 -2.31 -14.44
CA PRO O 118 56.19 -1.40 -14.41
C PRO O 118 55.14 -1.72 -13.36
N ARG O 119 54.46 -0.66 -12.92
CA ARG O 119 53.35 -0.67 -11.99
C ARG O 119 52.03 -0.53 -12.75
N MET O 120 50.98 -1.20 -12.25
CA MET O 120 49.65 -1.02 -12.81
C MET O 120 49.27 0.46 -12.80
N ARG O 121 48.54 0.84 -13.85
CA ARG O 121 48.04 2.19 -13.99
C ARG O 121 46.54 2.18 -13.75
N ASP O 122 46.03 3.17 -13.04
CA ASP O 122 44.61 3.17 -12.71
C ASP O 122 43.84 3.84 -13.86
N ALA O 123 42.53 4.05 -13.66
CA ALA O 123 41.72 4.68 -14.69
C ALA O 123 42.14 6.12 -14.95
N ASN O 124 42.89 6.72 -14.05
CA ASN O 124 43.38 8.07 -14.28
C ASN O 124 44.78 8.10 -14.83
N GLY O 125 45.35 6.93 -15.14
CA GLY O 125 46.69 6.86 -15.70
C GLY O 125 47.82 7.05 -14.71
N GLU O 126 47.51 7.17 -13.42
CA GLU O 126 48.36 7.30 -12.24
C GLU O 126 48.77 5.93 -11.72
N PRO O 127 50.03 5.77 -11.33
CA PRO O 127 50.48 4.46 -10.84
C PRO O 127 49.78 4.09 -9.54
N VAL O 128 49.83 2.79 -9.22
CA VAL O 128 49.41 2.31 -7.91
C VAL O 128 50.47 1.38 -7.37
N ASP O 129 50.26 0.91 -6.15
CA ASP O 129 51.26 0.05 -5.50
C ASP O 129 51.02 -1.41 -5.82
N VAL O 130 50.81 -1.70 -7.10
CA VAL O 130 50.68 -3.07 -7.60
C VAL O 130 51.52 -3.21 -8.85
N LEU O 131 52.26 -4.33 -8.93
CA LEU O 131 53.03 -4.67 -10.12
C LEU O 131 52.07 -5.07 -11.24
N SER O 132 52.41 -4.72 -12.47
CA SER O 132 51.54 -5.03 -13.59
C SER O 132 51.57 -6.53 -13.89
N PRO O 133 50.42 -7.18 -14.03
CA PRO O 133 50.40 -8.61 -14.37
C PRO O 133 50.55 -8.90 -15.86
N HIS O 134 50.94 -7.91 -16.65
CA HIS O 134 50.99 -8.04 -18.11
C HIS O 134 52.38 -7.84 -18.70
N VAL O 135 53.42 -7.71 -17.89
CA VAL O 135 54.78 -7.59 -18.42
C VAL O 135 55.60 -8.77 -17.92
N ALA O 136 56.42 -9.31 -18.82
CA ALA O 136 57.13 -10.55 -18.53
C ALA O 136 58.13 -10.36 -17.41
N ALA O 137 58.66 -9.13 -17.25
CA ALA O 137 59.74 -8.85 -16.30
C ALA O 137 59.33 -9.12 -14.84
N ASN O 138 58.05 -8.96 -14.50
CA ASN O 138 57.66 -9.25 -13.11
C ASN O 138 57.55 -10.70 -12.82
N VAL O 139 56.79 -11.42 -13.65
CA VAL O 139 56.43 -12.76 -13.27
C VAL O 139 57.65 -13.69 -13.28
N GLN O 140 58.61 -13.48 -14.19
CA GLN O 140 59.81 -14.32 -14.16
C GLN O 140 60.69 -13.96 -12.97
N ALA O 141 60.76 -12.66 -12.63
CA ALA O 141 61.37 -12.25 -11.37
C ALA O 141 60.78 -13.05 -10.21
N ASP O 142 59.44 -13.01 -10.06
CA ASP O 142 58.77 -13.73 -8.98
C ASP O 142 59.00 -15.23 -9.10
N ALA O 143 58.73 -15.80 -10.28
CA ALA O 143 58.89 -17.25 -10.45
C ALA O 143 60.33 -17.68 -10.18
N ARG O 144 61.30 -16.91 -10.68
CA ARG O 144 62.71 -17.25 -10.45
C ARG O 144 63.01 -17.31 -8.95
N ALA O 145 62.64 -16.26 -8.22
CA ALA O 145 62.86 -16.24 -6.78
C ALA O 145 62.16 -17.39 -6.09
N PHE O 146 60.89 -17.64 -6.44
CA PHE O 146 60.15 -18.71 -5.79
C PHE O 146 60.79 -20.06 -6.06
N THR O 147 61.34 -20.25 -7.27
CA THR O 147 62.10 -21.47 -7.55
C THR O 147 63.25 -21.63 -6.57
N ALA O 148 64.03 -20.57 -6.39
CA ALA O 148 65.18 -20.65 -5.50
C ALA O 148 64.77 -20.96 -4.07
N LEU O 149 63.66 -20.37 -3.62
CA LEU O 149 63.12 -20.73 -2.31
C LEU O 149 62.79 -22.21 -2.23
N MET O 150 61.98 -22.71 -3.18
CA MET O 150 61.59 -24.12 -3.15
C MET O 150 62.80 -25.04 -3.26
N GLN O 151 63.73 -24.76 -4.18
CA GLN O 151 64.95 -25.56 -4.25
C GLN O 151 65.65 -25.60 -2.90
N HIS O 152 65.81 -24.44 -2.27
CA HIS O 152 66.46 -24.40 -0.97
C HIS O 152 65.67 -25.19 0.07
N LEU O 153 64.34 -25.17 -0.03
CA LEU O 153 63.51 -25.97 0.88
C LEU O 153 63.80 -27.46 0.73
N ARG O 154 63.88 -27.95 -0.51
CA ARG O 154 64.15 -29.37 -0.70
C ARG O 154 65.52 -29.77 -0.17
N LYS O 155 66.52 -28.88 -0.32
CA LYS O 155 67.86 -29.21 0.15
C LYS O 155 67.89 -29.44 1.66
N ILE O 156 67.26 -28.58 2.45
CA ILE O 156 67.34 -28.72 3.90
C ILE O 156 66.15 -29.44 4.51
N ASP O 157 65.00 -29.46 3.85
CA ASP O 157 63.79 -30.03 4.43
C ASP O 157 63.23 -31.21 3.63
N GLY O 158 63.97 -31.73 2.66
CA GLY O 158 63.43 -32.80 1.82
C GLY O 158 63.21 -34.11 2.55
N ASP O 159 63.99 -34.37 3.60
CA ASP O 159 63.81 -35.59 4.36
C ASP O 159 62.91 -35.40 5.57
N ARG O 160 62.94 -34.21 6.19
CA ARG O 160 62.17 -34.00 7.41
C ARG O 160 60.75 -33.57 7.11
N HIS O 161 60.56 -32.70 6.12
CA HIS O 161 59.25 -32.16 5.77
C HIS O 161 58.65 -31.38 6.94
N THR O 162 59.47 -30.54 7.57
CA THR O 162 58.93 -29.59 8.54
C THR O 162 57.91 -28.66 7.88
N VAL O 163 58.24 -28.16 6.69
CA VAL O 163 57.30 -27.34 5.93
C VAL O 163 56.26 -28.26 5.30
N ILE O 164 54.99 -28.00 5.61
CA ILE O 164 53.92 -28.89 5.25
C ILE O 164 53.08 -28.38 4.09
N VAL O 165 52.98 -27.06 3.90
CA VAL O 165 52.32 -26.43 2.79
C VAL O 165 53.04 -25.13 2.51
N VAL O 166 52.68 -24.47 1.41
CA VAL O 166 53.29 -23.20 1.03
C VAL O 166 52.22 -22.32 0.38
N GLN O 167 52.08 -21.09 0.89
CA GLN O 167 51.15 -20.14 0.35
C GLN O 167 51.87 -19.31 -0.70
N VAL O 168 51.39 -19.36 -1.93
CA VAL O 168 52.01 -18.64 -3.04
C VAL O 168 51.36 -17.27 -3.09
N GLU O 169 52.14 -16.22 -2.84
CA GLU O 169 51.66 -14.86 -2.66
C GLU O 169 50.84 -14.76 -1.38
N ASN O 170 50.18 -13.62 -1.18
CA ASN O 170 49.31 -13.40 -0.02
C ASN O 170 48.23 -12.43 -0.44
N GLU O 171 46.97 -12.86 -0.37
CA GLU O 171 45.79 -12.10 -0.78
C GLU O 171 46.01 -11.34 -2.08
N PRO O 172 46.25 -12.03 -3.20
CA PRO O 172 46.61 -11.35 -4.45
C PRO O 172 45.43 -10.63 -5.07
N GLY O 173 45.74 -9.83 -6.09
CA GLY O 173 44.80 -8.94 -6.75
C GLY O 173 45.28 -7.51 -6.68
N ALA O 174 44.42 -6.60 -7.11
CA ALA O 174 44.78 -5.20 -7.29
C ALA O 174 44.08 -4.31 -6.27
N ILE O 175 44.85 -3.46 -5.57
CA ILE O 175 44.30 -2.40 -4.72
C ILE O 175 44.68 -1.07 -5.37
N GLY O 176 43.66 -0.27 -5.70
CA GLY O 176 43.84 1.00 -6.36
C GLY O 176 43.10 1.13 -7.67
N THR O 177 42.72 0.01 -8.28
CA THR O 177 42.14 0.03 -9.62
C THR O 177 41.51 -1.34 -9.85
N VAL O 178 40.59 -1.40 -10.83
CA VAL O 178 40.00 -2.69 -11.16
C VAL O 178 40.91 -3.48 -12.12
N ARG O 179 41.52 -2.80 -13.09
CA ARG O 179 42.41 -3.46 -14.04
C ARG O 179 43.54 -2.51 -14.42
N ASP O 180 44.61 -3.10 -14.96
CA ASP O 180 45.74 -2.31 -15.47
C ASP O 180 45.33 -1.52 -16.72
N HIS O 181 45.60 -0.22 -16.70
CA HIS O 181 45.41 0.65 -17.85
C HIS O 181 46.73 1.09 -18.49
N GLY O 182 47.85 0.44 -18.16
CA GLY O 182 49.09 0.59 -18.86
C GLY O 182 48.97 -0.03 -20.24
N PRO O 183 49.96 0.23 -21.11
CA PRO O 183 49.81 -0.21 -22.50
C PRO O 183 49.67 -1.73 -22.66
N ALA O 184 50.55 -2.54 -22.06
CA ALA O 184 50.37 -3.98 -22.07
C ALA O 184 48.93 -4.34 -21.67
N GLY O 185 48.45 -3.77 -20.56
CA GLY O 185 47.15 -4.14 -20.05
C GLY O 185 46.01 -3.74 -20.97
N GLU O 186 46.08 -2.53 -21.54
CA GLU O 186 45.07 -2.12 -22.50
C GLU O 186 45.05 -3.04 -23.72
N ALA O 187 46.23 -3.46 -24.17
CA ALA O 187 46.31 -4.37 -25.31
C ALA O 187 45.60 -5.68 -25.02
N ALA O 188 45.99 -6.35 -23.93
CA ALA O 188 45.41 -7.65 -23.62
C ALA O 188 43.91 -7.57 -23.37
N PHE O 189 43.42 -6.45 -22.84
CA PHE O 189 42.00 -6.30 -22.62
C PHE O 189 41.25 -6.22 -23.94
N ALA O 190 41.88 -5.65 -24.97
CA ALA O 190 41.29 -5.62 -26.31
C ALA O 190 41.35 -6.96 -27.03
N GLN O 191 42.07 -7.93 -26.50
CA GLN O 191 42.10 -9.27 -27.08
C GLN O 191 40.96 -10.11 -26.55
N PRO O 192 40.55 -11.12 -27.29
CA PRO O 192 39.46 -12.00 -26.82
C PRO O 192 39.89 -12.84 -25.63
N VAL O 193 38.90 -13.44 -24.99
CA VAL O 193 39.16 -14.36 -23.89
C VAL O 193 39.90 -15.60 -24.42
N PRO O 194 40.95 -16.07 -23.74
CA PRO O 194 41.60 -17.31 -24.17
C PRO O 194 40.60 -18.46 -24.32
N ALA O 195 40.76 -19.22 -25.40
CA ALA O 195 39.78 -20.26 -25.73
C ALA O 195 39.73 -21.34 -24.66
N ALA O 196 40.89 -21.70 -24.10
CA ALA O 196 40.88 -22.77 -23.10
C ALA O 196 40.14 -22.33 -21.84
N ILE O 197 40.15 -21.04 -21.53
CA ILE O 197 39.34 -20.53 -20.43
C ILE O 197 37.86 -20.62 -20.79
N ALA O 198 37.49 -20.05 -21.95
CA ALA O 198 36.08 -20.03 -22.37
C ALA O 198 35.52 -21.44 -22.38
N ALA O 199 36.29 -22.39 -22.89
CA ALA O 199 35.87 -23.78 -22.84
C ALA O 199 35.64 -24.23 -21.40
N ALA O 200 36.65 -24.05 -20.54
CA ALA O 200 36.56 -24.52 -19.16
C ALA O 200 35.31 -24.02 -18.44
N LEU O 201 34.80 -22.85 -18.82
CA LEU O 201 33.62 -22.27 -18.18
C LEU O 201 32.34 -22.61 -18.93
N GLY O 202 32.42 -23.44 -19.98
CA GLY O 202 31.27 -23.78 -20.79
C GLY O 202 30.68 -22.57 -21.49
N LYS O 203 31.53 -21.80 -22.16
CA LYS O 203 31.13 -20.52 -22.73
C LYS O 203 31.58 -20.47 -24.18
N PRO O 204 30.78 -19.85 -25.06
CA PRO O 204 31.25 -19.62 -26.43
C PRO O 204 32.47 -18.72 -26.44
N ALA O 205 33.09 -18.56 -27.60
CA ALA O 205 34.15 -17.58 -27.72
C ALA O 205 33.56 -16.18 -27.76
N GLY O 206 34.40 -15.19 -27.50
CA GLY O 206 33.96 -13.81 -27.49
C GLY O 206 34.88 -12.96 -26.64
N SER O 207 34.49 -11.69 -26.51
CA SER O 207 35.28 -10.69 -25.81
C SER O 207 34.99 -10.76 -24.31
N TRP O 208 35.74 -9.99 -23.52
CA TRP O 208 35.50 -9.96 -22.09
C TRP O 208 34.12 -9.36 -21.79
N GLN O 209 33.73 -8.33 -22.55
CA GLN O 209 32.40 -7.73 -22.40
C GLN O 209 31.29 -8.72 -22.74
N GLN O 210 31.53 -9.61 -23.70
CA GLN O 210 30.48 -10.53 -24.16
C GLN O 210 30.34 -11.75 -23.27
N LEU O 211 31.39 -12.14 -22.54
CA LEU O 211 31.30 -13.32 -21.68
C LEU O 211 31.05 -13.00 -20.22
N PHE O 212 31.36 -11.78 -19.78
CA PHE O 212 31.24 -11.45 -18.37
C PHE O 212 30.48 -10.14 -18.11
N GLY O 213 30.02 -9.45 -19.15
CA GLY O 213 29.10 -8.34 -18.96
C GLY O 213 29.74 -7.19 -18.20
N ALA O 214 29.03 -6.73 -17.16
CA ALA O 214 29.55 -5.68 -16.29
C ALA O 214 30.82 -6.11 -15.57
N GLU O 215 31.01 -7.42 -15.38
CA GLU O 215 32.20 -7.95 -14.72
C GLU O 215 33.37 -8.13 -15.68
N ALA O 216 33.37 -7.40 -16.79
CA ALA O 216 34.40 -7.58 -17.82
C ALA O 216 35.78 -7.27 -17.28
N ALA O 217 35.97 -6.05 -16.74
CA ALA O 217 37.29 -5.63 -16.30
C ALA O 217 37.78 -6.43 -15.10
N GLU O 218 36.86 -6.78 -14.19
CA GLU O 218 37.28 -7.55 -13.02
C GLU O 218 37.64 -8.98 -13.40
N ALA O 219 36.87 -9.61 -14.29
CA ALA O 219 37.21 -10.96 -14.72
C ALA O 219 38.53 -10.97 -15.49
N PHE O 220 38.77 -9.94 -16.30
CA PHE O 220 40.03 -9.80 -17.00
C PHE O 220 41.21 -9.80 -16.03
N ASN O 221 41.15 -8.93 -15.02
CA ASN O 221 42.25 -8.87 -14.06
C ASN O 221 42.31 -10.12 -13.20
N ALA O 222 41.18 -10.77 -12.95
CA ALA O 222 41.21 -12.00 -12.17
C ALA O 222 42.03 -13.07 -12.87
N HIS O 223 41.84 -13.20 -14.19
CA HIS O 223 42.62 -14.16 -14.97
C HIS O 223 44.09 -13.74 -15.03
N ALA O 224 44.35 -12.46 -15.32
CA ALA O 224 45.72 -11.93 -15.34
C ALA O 224 46.47 -12.27 -14.06
N THR O 225 45.84 -12.02 -12.91
CA THR O 225 46.45 -12.38 -11.62
C THR O 225 46.64 -13.88 -11.52
N ALA O 226 45.62 -14.65 -11.88
CA ALA O 226 45.69 -16.10 -11.71
C ALA O 226 46.74 -16.72 -12.64
N ALA O 227 46.81 -16.22 -13.88
CA ALA O 227 47.80 -16.72 -14.82
C ALA O 227 49.22 -16.43 -14.34
N TYR O 228 49.46 -15.18 -13.93
CA TYR O 228 50.71 -14.78 -13.29
C TYR O 228 51.12 -15.76 -12.19
N ILE O 229 50.22 -16.01 -11.24
CA ILE O 229 50.53 -16.90 -10.12
C ILE O 229 50.83 -18.31 -10.63
N GLU O 230 50.13 -18.75 -11.68
CA GLU O 230 50.32 -20.10 -12.21
C GLU O 230 51.75 -20.31 -12.69
N GLN O 231 52.30 -19.34 -13.43
CA GLN O 231 53.72 -19.39 -13.78
C GLN O 231 54.58 -19.61 -12.54
N VAL O 232 54.40 -18.76 -11.53
CA VAL O 232 55.20 -18.85 -10.32
C VAL O 232 55.01 -20.22 -9.67
N ALA O 233 53.76 -20.65 -9.53
CA ALA O 233 53.47 -21.90 -8.84
C ALA O 233 53.97 -23.10 -9.64
N ALA O 234 53.86 -23.04 -10.96
CA ALA O 234 54.39 -24.12 -11.80
C ALA O 234 55.91 -24.22 -11.66
N ALA O 235 56.61 -23.08 -11.68
CA ALA O 235 58.05 -23.09 -11.49
C ALA O 235 58.45 -23.72 -10.15
N GLY O 236 57.70 -23.43 -9.09
CA GLY O 236 58.03 -23.99 -7.80
C GLY O 236 57.74 -25.48 -7.71
N LYS O 237 56.73 -25.95 -8.46
CA LYS O 237 56.34 -27.36 -8.41
C LYS O 237 57.43 -28.26 -8.99
N ARG O 238 58.06 -27.83 -10.09
CA ARG O 238 59.18 -28.59 -10.65
C ARG O 238 60.30 -28.77 -9.63
N ALA O 239 60.60 -27.72 -8.85
CA ALA O 239 61.71 -27.78 -7.90
C ALA O 239 61.35 -28.60 -6.68
N TYR O 240 60.15 -28.42 -6.15
CA TYR O 240 59.77 -29.12 -4.93
C TYR O 240 58.25 -29.12 -4.81
N PRO O 241 57.55 -30.15 -5.33
CA PRO O 241 56.09 -30.10 -5.48
C PRO O 241 55.36 -30.31 -4.14
N LEU O 242 55.63 -29.42 -3.18
CA LEU O 242 54.83 -29.35 -1.97
C LEU O 242 53.44 -28.83 -2.31
N PRO O 243 52.44 -29.16 -1.49
CA PRO O 243 51.11 -28.57 -1.69
C PRO O 243 51.19 -27.04 -1.65
N LEU O 244 50.49 -26.41 -2.59
CA LEU O 244 50.49 -24.97 -2.75
C LEU O 244 49.07 -24.43 -2.63
N TYR O 245 48.91 -23.33 -1.90
CA TYR O 245 47.60 -22.69 -1.79
C TYR O 245 47.76 -21.17 -1.87
N VAL O 246 46.65 -20.49 -2.14
CA VAL O 246 46.57 -19.05 -2.04
C VAL O 246 45.44 -18.70 -1.08
N ASN O 247 45.54 -17.53 -0.46
CA ASN O 247 44.55 -17.05 0.49
C ASN O 247 43.84 -15.83 -0.10
N THR O 248 42.58 -15.66 0.30
CA THR O 248 41.66 -14.74 -0.35
C THR O 248 41.15 -13.70 0.65
N TRP O 249 41.44 -12.43 0.38
CA TRP O 249 40.70 -11.31 0.93
C TRP O 249 39.35 -11.28 0.21
N LEU O 250 38.31 -11.74 0.88
CA LEU O 250 37.07 -12.16 0.25
C LEU O 250 36.20 -10.98 -0.18
N ARG O 251 35.20 -11.29 -1.00
CA ARG O 251 34.06 -10.43 -1.29
C ARG O 251 32.95 -10.86 -0.33
N TYR O 252 32.90 -10.19 0.83
CA TYR O 252 31.94 -10.52 1.87
C TYR O 252 31.61 -9.23 2.62
N LYS O 253 30.80 -9.37 3.68
CA LYS O 253 30.45 -8.27 4.59
C LYS O 253 29.97 -7.03 3.84
N GLY O 254 29.30 -7.23 2.72
CA GLY O 254 28.88 -6.12 1.90
C GLY O 254 29.98 -5.42 1.12
N LYS O 255 31.17 -6.03 1.01
CA LYS O 255 32.20 -5.47 0.15
C LYS O 255 31.78 -5.64 -1.30
N ARG O 256 31.78 -4.52 -2.05
CA ARG O 256 31.25 -4.49 -3.41
C ARG O 256 32.21 -3.94 -4.45
N TYR O 257 33.31 -3.30 -4.07
CA TYR O 257 34.06 -2.48 -5.00
C TYR O 257 35.43 -3.07 -5.26
N PRO O 258 35.71 -3.54 -6.48
CA PRO O 258 37.06 -4.03 -6.79
C PRO O 258 38.11 -2.93 -6.74
N GLY O 259 39.23 -3.24 -6.11
CA GLY O 259 40.31 -2.30 -5.95
C GLY O 259 40.17 -1.37 -4.76
N MET O 260 39.01 -1.32 -4.12
CA MET O 260 39.04 -0.59 -2.86
C MET O 260 38.51 -1.40 -1.68
N ASP O 261 37.42 -2.16 -1.85
CA ASP O 261 36.91 -2.99 -0.76
C ASP O 261 37.72 -4.26 -0.60
N TYR O 262 38.18 -4.81 -1.71
CA TYR O 262 38.98 -6.03 -1.71
C TYR O 262 39.77 -6.07 -3.00
N PRO O 263 40.88 -6.82 -3.03
CA PRO O 263 41.75 -6.80 -4.22
C PRO O 263 41.00 -7.31 -5.44
N SER O 264 40.86 -6.43 -6.45
CA SER O 264 40.34 -6.83 -7.75
C SER O 264 41.13 -8.01 -8.30
N GLY O 265 40.46 -9.12 -8.52
CA GLY O 265 41.10 -10.24 -9.19
C GLY O 265 41.64 -11.35 -8.33
N GLY O 266 41.40 -11.33 -7.02
CA GLY O 266 41.72 -12.47 -6.19
C GLY O 266 40.71 -13.59 -6.38
N ALA O 267 40.97 -14.70 -5.72
CA ALA O 267 40.10 -15.86 -5.83
C ALA O 267 38.75 -15.62 -5.14
N THR O 268 38.11 -14.50 -5.44
CA THR O 268 36.83 -14.18 -4.84
C THR O 268 35.72 -15.07 -5.40
N VAL O 269 34.57 -15.06 -4.73
CA VAL O 269 33.50 -16.00 -5.07
C VAL O 269 32.96 -15.74 -6.48
N ASN O 270 32.88 -14.47 -6.89
CA ASN O 270 32.28 -14.17 -8.19
C ASN O 270 33.17 -14.50 -9.39
N VAL O 271 34.41 -14.98 -9.17
CA VAL O 271 35.31 -15.32 -10.27
C VAL O 271 36.03 -16.62 -9.96
N PHE O 272 35.47 -17.45 -9.07
CA PHE O 272 36.22 -18.59 -8.56
C PHE O 272 36.57 -19.58 -9.68
N ALA O 273 35.56 -20.04 -10.43
CA ALA O 273 35.82 -21.06 -11.44
C ALA O 273 36.76 -20.57 -12.53
N LEU O 274 36.72 -19.28 -12.85
CA LEU O 274 37.70 -18.69 -13.75
C LEU O 274 39.10 -18.78 -13.14
N TRP O 275 39.22 -18.39 -11.87
CA TRP O 275 40.53 -18.33 -11.22
C TRP O 275 41.15 -19.72 -11.09
N ARG O 276 40.34 -20.75 -10.84
CA ARG O 276 40.89 -22.09 -10.69
C ARG O 276 41.24 -22.70 -12.05
N ALA O 277 40.44 -22.40 -13.08
CA ALA O 277 40.75 -22.87 -14.42
C ALA O 277 42.16 -22.48 -14.83
N ALA O 278 42.58 -21.27 -14.46
CA ALA O 278 43.88 -20.74 -14.83
C ALA O 278 45.03 -21.24 -13.94
N THR O 279 44.75 -21.97 -12.87
CA THR O 279 45.76 -22.27 -11.85
C THR O 279 45.78 -23.74 -11.47
N PRO O 280 46.13 -24.62 -12.41
CA PRO O 280 46.21 -26.05 -12.04
C PRO O 280 47.39 -26.36 -11.16
N SER O 281 48.36 -25.46 -11.05
CA SER O 281 49.47 -25.68 -10.15
C SER O 281 49.14 -25.36 -8.70
N ILE O 282 48.01 -24.67 -8.45
CA ILE O 282 47.56 -24.33 -7.11
C ILE O 282 46.56 -25.39 -6.66
N ASP O 283 46.83 -26.02 -5.52
CA ASP O 283 46.07 -27.18 -5.11
C ASP O 283 44.74 -26.82 -4.45
N PHE O 284 44.71 -25.74 -3.67
CA PHE O 284 43.46 -25.30 -3.05
C PHE O 284 43.54 -23.83 -2.65
N ILE O 285 42.40 -23.31 -2.22
CA ILE O 285 42.22 -21.90 -1.88
C ILE O 285 41.83 -21.81 -0.41
N GLY O 286 42.34 -20.77 0.27
CA GLY O 286 42.01 -20.51 1.66
C GLY O 286 41.12 -19.28 1.83
N THR O 287 40.28 -19.31 2.86
CA THR O 287 39.46 -18.16 3.22
C THR O 287 40.04 -17.44 4.43
N ASP O 288 40.24 -16.12 4.29
CA ASP O 288 40.58 -15.24 5.42
C ASP O 288 39.26 -14.63 5.89
N ILE O 289 38.69 -15.15 6.98
CA ILE O 289 37.38 -14.74 7.48
C ILE O 289 37.54 -13.90 8.75
N TYR O 290 37.32 -12.60 8.64
CA TYR O 290 37.43 -11.71 9.78
C TYR O 290 36.06 -11.18 10.18
N THR O 291 35.18 -12.09 10.58
CA THR O 291 33.91 -11.75 11.18
C THR O 291 33.63 -12.78 12.27
N SER O 292 32.68 -12.45 13.13
CA SER O 292 32.20 -13.39 14.13
C SER O 292 30.78 -13.82 13.86
N ASP O 293 30.09 -13.16 12.91
CA ASP O 293 28.67 -13.40 12.70
C ASP O 293 28.45 -14.83 12.19
N TYR O 294 27.50 -15.53 12.82
CA TYR O 294 27.23 -16.91 12.43
C TYR O 294 26.82 -16.98 10.96
N GLY O 295 25.90 -16.11 10.54
CA GLY O 295 25.40 -16.18 9.19
C GLY O 295 26.48 -15.95 8.15
N GLU O 296 27.28 -14.92 8.35
CA GLU O 296 28.30 -14.57 7.36
C GLU O 296 29.45 -15.58 7.36
N TYR O 297 29.93 -15.96 8.54
CA TYR O 297 30.93 -17.02 8.62
C TYR O 297 30.46 -18.27 7.91
N THR O 298 29.25 -18.72 8.23
CA THR O 298 28.66 -19.90 7.62
C THR O 298 28.52 -19.74 6.11
N LYS O 299 28.06 -18.57 5.66
CA LYS O 299 27.84 -18.34 4.24
C LYS O 299 29.15 -18.42 3.46
N VAL O 300 30.24 -17.90 4.04
CA VAL O 300 31.53 -17.94 3.35
C VAL O 300 32.02 -19.38 3.22
N ILE O 301 31.94 -20.16 4.29
CA ILE O 301 32.37 -21.56 4.23
C ILE O 301 31.57 -22.32 3.20
N GLY O 302 30.25 -22.07 3.13
CA GLY O 302 29.45 -22.66 2.07
C GLY O 302 29.90 -22.29 0.68
N GLN O 303 30.41 -21.07 0.49
CA GLN O 303 30.87 -20.63 -0.82
C GLN O 303 32.11 -21.38 -1.28
N TYR O 304 32.99 -21.76 -0.36
CA TYR O 304 34.30 -22.30 -0.71
C TYR O 304 34.45 -23.79 -0.41
N ALA O 305 33.45 -24.41 0.22
CA ALA O 305 33.44 -25.86 0.44
C ALA O 305 32.79 -26.48 -0.78
N ARG O 306 33.62 -26.91 -1.72
CA ARG O 306 33.16 -27.34 -3.03
C ARG O 306 33.70 -28.72 -3.34
N PRO O 307 33.14 -29.40 -4.34
CA PRO O 307 33.74 -30.66 -4.78
C PRO O 307 35.15 -30.49 -5.32
N ASP O 308 35.49 -29.30 -5.83
CA ASP O 308 36.82 -29.00 -6.34
C ASP O 308 37.66 -28.18 -5.36
N ASN O 309 37.16 -27.94 -4.13
CA ASN O 309 37.93 -27.17 -3.15
C ASN O 309 37.53 -27.51 -1.72
N PRO O 310 38.50 -27.68 -0.81
CA PRO O 310 38.16 -27.98 0.59
C PRO O 310 37.96 -26.72 1.43
N ALA O 311 37.22 -26.89 2.52
CA ALA O 311 37.12 -25.84 3.53
C ALA O 311 38.48 -25.68 4.19
N TRP O 312 39.01 -24.46 4.16
CA TRP O 312 40.35 -24.23 4.71
C TRP O 312 40.43 -22.76 5.11
N VAL O 313 40.34 -22.51 6.41
CA VAL O 313 40.40 -21.16 6.96
C VAL O 313 41.88 -20.86 7.17
N SER O 314 42.45 -20.12 6.23
CA SER O 314 43.86 -19.78 6.33
C SER O 314 44.09 -18.66 7.33
N GLU O 315 43.08 -17.82 7.55
CA GLU O 315 43.12 -16.75 8.54
C GLU O 315 41.75 -16.54 9.15
N THR O 316 41.72 -16.28 10.46
CA THR O 316 40.53 -15.73 11.12
C THR O 316 40.99 -14.92 12.31
N GLY O 317 40.07 -14.12 12.83
CA GLY O 317 40.42 -13.19 13.90
C GLY O 317 40.82 -13.90 15.18
N PHE O 318 41.88 -13.39 15.81
CA PHE O 318 42.34 -13.93 17.09
C PHE O 318 41.47 -13.32 18.18
N GLU O 319 40.28 -13.89 18.35
CA GLU O 319 39.33 -13.46 19.37
C GLU O 319 38.54 -14.66 19.85
N ALA O 320 38.12 -14.61 21.11
CA ALA O 320 37.37 -15.70 21.71
C ALA O 320 36.17 -16.08 20.86
N ALA O 321 35.42 -15.07 20.39
CA ALA O 321 34.14 -15.27 19.73
C ALA O 321 34.25 -16.08 18.43
N THR O 322 35.45 -16.27 17.93
CA THR O 322 35.67 -16.98 16.68
C THR O 322 35.98 -18.46 16.88
N ALA O 323 36.30 -18.87 18.12
CA ALA O 323 36.68 -20.26 18.37
C ALA O 323 35.60 -21.30 18.11
N PRO O 324 34.30 -21.02 18.22
CA PRO O 324 33.33 -22.06 17.86
C PRO O 324 33.44 -22.54 16.42
N TYR O 325 33.84 -21.67 15.50
CA TYR O 325 33.78 -22.03 14.09
C TYR O 325 34.81 -23.07 13.70
N LEU O 326 35.83 -23.33 14.52
CA LEU O 326 36.68 -24.49 14.28
C LEU O 326 35.84 -25.74 14.08
N PHE O 327 34.83 -25.93 14.93
CA PHE O 327 33.98 -27.11 14.82
C PHE O 327 33.06 -27.02 13.61
N HIS O 328 32.64 -25.82 13.20
CA HIS O 328 31.85 -25.73 11.98
C HIS O 328 32.70 -26.03 10.74
N VAL O 329 33.95 -25.56 10.72
CA VAL O 329 34.79 -25.82 9.55
C VAL O 329 35.10 -27.30 9.43
N LEU O 330 35.44 -27.95 10.55
CA LEU O 330 35.68 -29.38 10.55
C LEU O 330 34.46 -30.17 10.12
N GLY O 331 33.25 -29.67 10.45
CA GLY O 331 32.03 -30.36 10.10
C GLY O 331 31.57 -30.16 8.68
N GLN O 332 32.26 -29.30 7.95
CA GLN O 332 32.09 -29.16 6.51
C GLN O 332 33.28 -29.78 5.77
N GLY O 333 33.89 -30.78 6.40
CA GLY O 333 35.02 -31.49 5.80
C GLY O 333 36.29 -30.69 5.69
N GLY O 334 36.44 -29.64 6.51
CA GLY O 334 37.61 -28.78 6.37
C GLY O 334 38.89 -29.48 6.77
N ILE O 335 40.00 -29.02 6.20
CA ILE O 335 41.30 -29.59 6.53
C ILE O 335 42.07 -28.80 7.58
N GLY O 336 41.77 -27.51 7.77
CA GLY O 336 42.54 -26.70 8.71
C GLY O 336 41.85 -25.41 9.11
N PHE O 337 42.32 -24.86 10.23
CA PHE O 337 41.77 -23.69 10.91
C PHE O 337 42.91 -22.89 11.50
N SER O 338 42.99 -21.59 11.21
CA SER O 338 44.13 -20.77 11.58
C SER O 338 43.69 -19.44 12.18
N VAL O 339 44.29 -19.08 13.32
CA VAL O 339 44.05 -17.80 13.99
C VAL O 339 45.23 -16.88 13.71
N PHE O 340 44.94 -15.63 13.35
CA PHE O 340 45.96 -14.70 12.87
C PHE O 340 46.41 -13.72 13.95
N GLY O 341 47.70 -13.38 13.93
CA GLY O 341 48.28 -12.32 14.73
C GLY O 341 48.26 -12.61 16.22
N ILE O 342 48.96 -13.67 16.65
CA ILE O 342 48.82 -14.16 18.02
C ILE O 342 49.91 -13.64 18.96
N ASP O 343 51.01 -13.11 18.43
CA ASP O 343 52.23 -12.91 19.20
C ASP O 343 52.45 -11.45 19.57
N GLY O 344 52.65 -11.19 20.86
CA GLY O 344 53.04 -9.86 21.32
C GLY O 344 51.99 -8.78 21.29
N ASN O 345 50.71 -9.14 21.39
CA ASN O 345 49.68 -8.14 21.45
C ASN O 345 49.69 -7.46 22.83
N PRO O 346 49.30 -6.19 22.90
CA PRO O 346 49.11 -5.54 24.22
C PRO O 346 48.21 -6.37 25.10
N ASP O 347 48.62 -6.53 26.36
CA ASP O 347 47.84 -7.34 27.29
C ASP O 347 46.47 -6.70 27.52
N SER O 348 45.44 -7.53 27.52
CA SER O 348 44.06 -7.07 27.66
C SER O 348 43.20 -8.26 28.05
N GLY O 349 42.00 -7.95 28.55
CA GLY O 349 41.05 -9.01 28.81
C GLY O 349 40.62 -9.75 27.55
N ALA O 350 40.52 -9.03 26.43
CA ALA O 350 40.16 -9.69 25.18
C ALA O 350 41.29 -10.57 24.66
N ASN O 351 42.53 -10.10 24.77
CA ASN O 351 43.65 -10.90 24.30
C ASN O 351 43.83 -12.14 25.17
N ARG O 352 43.66 -12.00 26.48
CA ARG O 352 43.74 -13.17 27.36
C ARG O 352 42.62 -14.16 27.04
N ALA O 353 41.41 -13.64 26.81
CA ALA O 353 40.29 -14.51 26.43
C ALA O 353 40.54 -15.19 25.08
N ALA O 354 41.19 -14.51 24.13
CA ALA O 354 41.48 -15.15 22.85
C ALA O 354 42.46 -16.31 23.04
N ILE O 355 43.54 -16.09 23.81
CA ILE O 355 44.48 -17.17 24.13
C ILE O 355 43.74 -18.33 24.77
N ALA O 356 42.90 -18.03 25.77
CA ALA O 356 42.26 -19.08 26.54
C ALA O 356 41.30 -19.91 25.70
N ALA O 357 40.50 -19.26 24.86
CA ALA O 357 39.49 -19.99 24.09
C ALA O 357 40.14 -20.87 23.04
N HIS O 358 41.18 -20.35 22.38
CA HIS O 358 41.77 -21.09 21.27
C HIS O 358 42.74 -22.15 21.76
N ALA O 359 43.53 -21.85 22.79
CA ALA O 359 44.32 -22.89 23.42
C ALA O 359 43.46 -24.07 23.83
N ALA O 360 42.31 -23.80 24.46
CA ALA O 360 41.44 -24.85 24.96
C ALA O 360 41.13 -25.88 23.89
N ASN O 361 40.64 -25.44 22.73
CA ASN O 361 40.18 -26.47 21.80
C ASN O 361 41.31 -27.03 20.96
N PHE O 362 42.39 -26.27 20.72
CA PHE O 362 43.58 -26.90 20.12
C PHE O 362 44.14 -27.96 21.05
N ARG O 363 44.08 -27.71 22.36
CA ARG O 363 44.54 -28.72 23.32
C ARG O 363 43.61 -29.92 23.36
N GLN O 364 42.33 -29.70 23.07
CA GLN O 364 41.35 -30.78 23.09
C GLN O 364 41.46 -31.64 21.84
N LEU O 365 41.69 -31.01 20.69
CA LEU O 365 41.65 -31.72 19.41
C LEU O 365 43.01 -32.16 18.90
N ALA O 366 44.11 -31.54 19.33
CA ALA O 366 45.43 -31.91 18.85
C ALA O 366 45.77 -33.39 19.03
N PRO O 367 45.50 -34.04 20.18
CA PRO O 367 45.75 -35.48 20.26
C PRO O 367 44.88 -36.28 19.32
N LEU O 368 43.73 -35.73 18.90
CA LEU O 368 42.76 -36.41 18.06
C LEU O 368 42.89 -36.07 16.59
N GLN O 369 43.83 -35.21 16.21
CA GLN O 369 43.80 -34.62 14.87
C GLN O 369 43.90 -35.67 13.78
N ARG O 370 44.65 -36.76 14.02
CA ARG O 370 44.77 -37.81 13.01
C ARG O 370 43.45 -38.53 12.81
N LEU O 371 42.85 -39.02 13.91
CA LEU O 371 41.55 -39.67 13.87
C LEU O 371 40.51 -38.78 13.22
N ILE O 372 40.56 -37.47 13.50
CA ILE O 372 39.58 -36.55 12.95
C ILE O 372 39.78 -36.37 11.46
N ALA O 373 41.03 -36.18 11.03
CA ALA O 373 41.33 -36.00 9.62
C ALA O 373 40.94 -37.24 8.80
N GLN O 374 41.14 -38.44 9.37
CA GLN O 374 40.78 -39.66 8.67
C GLN O 374 39.26 -39.79 8.56
N ALA O 375 38.55 -39.63 9.67
CA ALA O 375 37.09 -39.68 9.66
C ALA O 375 36.51 -38.66 8.68
N ASN O 376 37.12 -37.46 8.59
CA ASN O 376 36.64 -36.44 7.67
C ASN O 376 36.76 -36.92 6.22
N LEU O 377 37.93 -37.48 5.87
CA LEU O 377 38.13 -37.97 4.51
C LEU O 377 37.13 -39.05 4.16
N ASP O 378 36.87 -39.96 5.09
CA ASP O 378 35.92 -41.05 4.95
C ASP O 378 34.46 -40.60 5.08
N GLY O 379 34.20 -39.32 5.31
CA GLY O 379 32.83 -38.89 5.52
C GLY O 379 32.19 -39.45 6.77
N ARG O 380 32.99 -39.71 7.81
CA ARG O 380 32.49 -40.22 9.08
C ARG O 380 32.48 -39.18 10.19
N LEU O 381 32.69 -37.90 9.85
CA LEU O 381 32.85 -36.85 10.85
C LEU O 381 31.79 -35.78 10.67
N GLN O 382 31.05 -35.49 11.74
CA GLN O 382 30.07 -34.41 11.77
C GLN O 382 30.32 -33.51 12.98
N ALA O 383 30.28 -32.20 12.76
CA ALA O 383 30.59 -31.25 13.80
C ALA O 383 29.84 -29.95 13.54
N VAL O 384 29.47 -29.26 14.63
CA VAL O 384 28.58 -28.10 14.56
C VAL O 384 29.04 -27.02 15.54
N ALA O 385 28.74 -25.78 15.17
CA ALA O 385 28.90 -24.60 16.02
C ALA O 385 27.52 -24.05 16.38
N GLU O 386 27.40 -23.54 17.61
CA GLU O 386 26.12 -23.02 18.08
C GLU O 386 25.67 -21.81 17.26
N GLN O 387 24.37 -21.84 16.80
CA GLN O 387 23.73 -20.71 16.11
C GLN O 387 22.84 -19.96 17.08
N PRO O 388 22.98 -18.64 17.18
CA PRO O 388 22.21 -17.89 18.18
C PRO O 388 20.70 -18.18 18.18
N GLY O 389 20.06 -18.20 17.02
CA GLY O 389 18.61 -18.31 17.03
C GLY O 389 18.07 -19.72 17.17
N ALA O 390 18.88 -20.73 16.87
CA ALA O 390 18.44 -22.12 16.80
C ALA O 390 19.38 -22.99 17.64
N PRO O 391 19.10 -23.14 18.92
CA PRO O 391 20.05 -23.82 19.79
C PRO O 391 19.98 -25.34 19.74
N GLN O 392 19.55 -25.92 18.61
CA GLN O 392 19.40 -27.37 18.49
C GLN O 392 19.74 -27.82 17.08
N ARG O 393 20.47 -28.93 16.99
CA ARG O 393 20.90 -29.51 15.73
C ARG O 393 20.72 -31.03 15.80
N THR O 394 20.49 -31.64 14.64
CA THR O 394 20.32 -33.08 14.54
C THR O 394 21.40 -33.62 13.62
N LEU O 395 22.10 -34.66 14.07
CA LEU O 395 23.16 -35.30 13.30
C LEU O 395 22.74 -36.74 13.04
N ARG O 396 22.72 -37.13 11.77
CA ARG O 396 22.19 -38.43 11.35
C ARG O 396 23.32 -39.38 11.02
N PHE O 397 23.27 -40.58 11.60
CA PHE O 397 24.27 -41.61 11.41
C PHE O 397 23.60 -42.92 11.01
N GLY O 398 22.76 -42.84 9.98
CA GLY O 398 21.95 -43.98 9.58
C GLY O 398 20.94 -44.37 10.64
N ASP O 399 21.11 -45.56 11.23
CA ASP O 399 20.15 -46.05 12.22
C ASP O 399 20.12 -45.18 13.48
N TRP O 400 21.15 -44.38 13.71
CA TRP O 400 21.27 -43.60 14.92
C TRP O 400 21.27 -42.12 14.60
N GLU O 401 20.72 -41.32 15.52
CA GLU O 401 20.66 -39.87 15.41
C GLU O 401 21.14 -39.24 16.71
N ALA O 402 21.91 -38.16 16.58
CA ALA O 402 22.38 -37.38 17.73
C ALA O 402 21.66 -36.04 17.75
N LYS O 403 21.14 -35.66 18.91
CA LYS O 403 20.40 -34.41 19.09
C LYS O 403 21.23 -33.49 19.99
N VAL O 404 21.77 -32.43 19.39
CA VAL O 404 22.70 -31.53 20.07
C VAL O 404 21.93 -30.32 20.57
N SER O 405 22.03 -30.04 21.87
CA SER O 405 21.33 -28.94 22.50
C SER O 405 22.31 -27.98 23.17
N PHE O 406 22.09 -26.68 22.97
CA PHE O 406 22.93 -25.63 23.56
C PHE O 406 22.14 -24.83 24.58
N GLY O 407 22.75 -24.57 25.72
CA GLY O 407 22.13 -23.78 26.77
C GLY O 407 21.45 -24.61 27.84
N ALA O 408 21.45 -25.92 27.73
CA ALA O 408 20.86 -26.77 28.74
C ALA O 408 21.74 -26.76 29.99
N PRO O 409 21.18 -27.13 31.14
CA PRO O 409 22.03 -27.26 32.34
C PRO O 409 22.99 -28.44 32.17
N LEU O 410 24.10 -28.38 32.91
CA LEU O 410 25.05 -29.48 32.92
C LEU O 410 24.42 -30.76 33.46
N TRP O 411 23.40 -30.62 34.30
CA TRP O 411 22.64 -31.74 34.82
C TRP O 411 21.17 -31.34 34.94
N GLY O 412 20.28 -32.27 34.60
CA GLY O 412 18.86 -32.10 34.83
C GLY O 412 18.09 -31.86 33.54
N ASP O 413 16.78 -31.71 33.71
CA ASP O 413 15.89 -31.50 32.57
C ASP O 413 16.21 -30.22 31.82
N ALA O 414 16.21 -30.30 30.49
CA ALA O 414 16.33 -29.10 29.69
C ALA O 414 15.04 -28.29 29.78
N PRO O 415 15.11 -26.97 29.89
CA PRO O 415 13.88 -26.17 29.90
C PRO O 415 13.09 -26.39 28.63
N ALA O 416 11.78 -26.13 28.73
CA ALA O 416 10.90 -26.20 27.58
C ALA O 416 11.53 -25.53 26.37
N ILE O 417 12.04 -24.32 26.56
CA ILE O 417 12.66 -23.52 25.50
C ILE O 417 14.14 -23.41 25.80
N LEU O 418 14.98 -23.80 24.84
CA LEU O 418 16.43 -23.76 25.05
C LEU O 418 16.93 -22.34 24.83
N PRO O 419 17.63 -21.75 25.81
CA PRO O 419 18.05 -20.35 25.67
C PRO O 419 19.32 -20.14 24.89
N GLY O 420 20.02 -21.22 24.52
CA GLY O 420 21.36 -21.08 24.04
C GLY O 420 22.31 -20.68 25.15
N ASN O 421 23.59 -20.61 24.81
CA ASN O 421 24.59 -20.09 25.72
C ASN O 421 24.61 -18.57 25.63
N ASP O 422 24.94 -17.94 26.77
CA ASP O 422 24.98 -16.47 26.82
C ASP O 422 26.02 -15.92 25.87
N ASP O 423 27.15 -16.60 25.74
CA ASP O 423 28.20 -16.18 24.83
C ASP O 423 28.21 -16.97 23.52
N HIS O 424 27.24 -17.87 23.32
CA HIS O 424 27.09 -18.63 22.08
C HIS O 424 28.34 -19.45 21.75
N ALA O 425 29.00 -19.98 22.79
CA ALA O 425 30.25 -20.70 22.59
C ALA O 425 30.07 -22.19 22.38
N GLY O 426 28.83 -22.69 22.33
CA GLY O 426 28.63 -24.12 22.21
C GLY O 426 29.23 -24.65 20.92
N ARG O 427 29.76 -25.88 20.99
CA ARG O 427 30.26 -26.59 19.83
C ARG O 427 30.43 -28.04 20.22
N LEU O 428 30.33 -28.92 19.21
CA LEU O 428 30.42 -30.35 19.45
C LEU O 428 30.84 -31.03 18.16
N LEU O 429 31.45 -32.20 18.33
CA LEU O 429 32.03 -32.97 17.24
C LEU O 429 31.71 -34.44 17.49
N VAL O 430 31.31 -35.15 16.42
CA VAL O 430 31.03 -36.58 16.50
C VAL O 430 31.73 -37.27 15.33
N ALA O 431 32.60 -38.23 15.67
CA ALA O 431 33.28 -39.08 14.70
C ALA O 431 32.77 -40.50 14.89
N GLN O 432 32.36 -41.13 13.79
CA GLN O 432 31.79 -42.47 13.84
C GLN O 432 32.91 -43.51 13.67
N LEU O 433 33.14 -44.28 14.73
CA LEU O 433 34.27 -45.20 14.73
C LEU O 433 33.91 -46.58 14.20
N GLY O 434 32.75 -47.10 14.61
CA GLY O 434 32.22 -48.32 14.07
C GLY O 434 30.75 -48.16 13.76
N PRO O 435 30.04 -49.27 13.55
CA PRO O 435 28.59 -49.16 13.31
C PRO O 435 27.81 -48.74 14.54
N GLU O 436 28.34 -48.90 15.75
CA GLU O 436 27.62 -48.46 16.95
C GLU O 436 28.56 -47.84 17.98
N GLU O 437 29.62 -47.16 17.50
CA GLU O 437 30.65 -46.58 18.35
C GLU O 437 30.96 -45.17 17.85
N PHE O 438 30.92 -44.20 18.77
CA PHE O 438 31.11 -42.80 18.43
C PHE O 438 32.10 -42.15 19.37
N LEU O 439 32.90 -41.23 18.81
CA LEU O 439 33.78 -40.37 19.56
C LEU O 439 33.17 -38.97 19.57
N VAL O 440 32.98 -38.40 20.77
CA VAL O 440 32.25 -37.16 20.98
C VAL O 440 33.03 -36.22 21.90
N THR O 441 33.20 -34.97 21.48
CA THR O 441 33.87 -33.96 22.30
C THR O 441 33.41 -32.58 21.87
N GLY O 442 33.60 -31.60 22.76
CA GLY O 442 33.28 -30.22 22.44
C GLY O 442 33.23 -29.37 23.70
N THR O 443 32.49 -28.27 23.61
CA THR O 443 32.36 -27.27 24.67
C THR O 443 30.91 -26.83 24.78
N ALA O 444 30.39 -26.77 26.00
CA ALA O 444 29.11 -26.14 26.33
C ALA O 444 27.97 -26.67 25.46
N ALA O 445 27.81 -27.99 25.51
CA ALA O 445 26.88 -28.68 24.62
C ALA O 445 26.38 -29.94 25.30
N ARG O 446 25.14 -30.30 24.98
CA ARG O 446 24.54 -31.56 25.40
C ARG O 446 24.20 -32.37 24.16
N ILE O 447 24.47 -33.66 24.19
CA ILE O 447 24.17 -34.55 23.09
C ILE O 447 23.37 -35.74 23.61
N GLU O 448 22.42 -36.22 22.80
CA GLU O 448 21.58 -37.36 23.11
C GLU O 448 21.47 -38.22 21.86
N PHE O 449 21.67 -39.53 22.02
CA PHE O 449 21.60 -40.47 20.91
C PHE O 449 20.25 -41.16 20.88
N PHE O 450 19.76 -41.43 19.66
CA PHE O 450 18.42 -41.97 19.43
C PHE O 450 18.46 -42.95 18.25
N ARG O 451 17.76 -44.07 18.40
CA ARG O 451 17.75 -45.14 17.40
C ARG O 451 16.37 -45.22 16.75
N SER O 452 16.35 -45.32 15.43
CA SER O 452 15.12 -45.55 14.67
C SER O 452 15.19 -46.89 13.95
N ALA O 453 15.80 -46.89 12.77
CA ALA O 453 16.34 -48.07 12.07
C ALA O 453 15.34 -49.03 11.46
N ALA O 454 14.04 -48.72 11.45
CA ALA O 454 13.03 -49.59 10.84
C ALA O 454 13.08 -51.00 11.42
N ASP O 455 13.43 -51.08 12.70
CA ASP O 455 13.36 -52.33 13.43
C ASP O 455 12.09 -52.33 14.27
N THR O 456 11.88 -53.41 15.01
CA THR O 456 11.07 -53.39 16.21
C THR O 456 11.93 -53.26 17.47
N ARG O 457 13.25 -53.14 17.30
CA ARG O 457 14.19 -53.16 18.41
C ARG O 457 14.22 -51.80 19.09
N HIS O 458 14.78 -51.77 20.30
CA HIS O 458 14.92 -50.56 21.10
C HIS O 458 16.39 -50.26 21.34
N GLY O 459 16.80 -49.01 21.11
CA GLY O 459 18.17 -48.62 21.34
C GLY O 459 18.46 -48.36 22.81
N GLN O 460 19.74 -48.43 23.15
CA GLN O 460 20.15 -48.25 24.53
C GLN O 460 21.65 -47.96 24.58
N LEU O 461 22.07 -47.37 25.69
CA LEU O 461 23.47 -47.03 25.94
C LEU O 461 24.17 -48.20 26.61
N LEU O 462 25.34 -48.56 26.10
CA LEU O 462 26.07 -49.73 26.59
C LEU O 462 27.31 -49.36 27.38
N GLN O 463 28.17 -48.52 26.83
CA GLN O 463 29.40 -48.11 27.50
C GLN O 463 29.76 -46.72 27.05
N VAL O 464 29.94 -45.82 28.01
CA VAL O 464 30.46 -44.47 27.77
C VAL O 464 31.77 -44.36 28.53
N GLU O 465 32.84 -44.10 27.81
CA GLU O 465 34.18 -44.02 28.39
C GLU O 465 34.71 -42.60 28.28
N GLN O 466 35.00 -42.01 29.43
CA GLN O 466 35.65 -40.70 29.49
C GLN O 466 37.15 -40.89 29.65
N GLY O 467 37.92 -40.23 28.81
CA GLY O 467 39.36 -40.39 28.86
C GLY O 467 40.05 -39.53 27.84
N ARG O 468 41.27 -39.94 27.47
CA ARG O 468 42.14 -39.11 26.65
C ARG O 468 42.92 -40.01 25.71
N TYR O 469 43.58 -39.39 24.74
CA TYR O 469 44.50 -40.08 23.85
C TYR O 469 45.92 -39.62 24.18
N VAL O 470 46.77 -40.58 24.57
CA VAL O 470 48.16 -40.32 24.93
C VAL O 470 49.04 -41.06 23.92
N ASP O 471 49.67 -40.32 23.01
CA ASP O 471 50.58 -40.87 21.99
C ASP O 471 49.88 -41.80 21.02
N GLY O 472 48.57 -41.65 20.83
CA GLY O 472 47.81 -42.55 19.99
C GLY O 472 47.12 -43.66 20.74
N ARG O 473 47.17 -43.62 22.07
CA ARG O 473 46.65 -44.66 22.93
C ARG O 473 45.47 -44.13 23.72
N TRP O 474 44.36 -44.83 23.69
CA TRP O 474 43.19 -44.40 24.45
C TRP O 474 43.39 -44.73 25.93
N GLN O 475 43.18 -43.74 26.79
CA GLN O 475 43.39 -43.92 28.23
C GLN O 475 42.10 -43.63 28.96
N MET O 476 41.45 -44.68 29.44
CA MET O 476 40.18 -44.54 30.15
C MET O 476 40.44 -43.96 31.54
N GLU O 477 39.76 -42.86 31.84
CA GLU O 477 39.78 -42.27 33.17
C GLU O 477 38.62 -42.76 34.03
N ARG O 478 37.42 -42.78 33.47
CA ARG O 478 36.23 -43.28 34.18
C ARG O 478 35.18 -43.64 33.14
N GLN O 479 34.13 -44.30 33.59
CA GLN O 479 32.98 -44.63 32.76
C GLN O 479 31.76 -43.86 33.26
N LEU O 480 31.02 -43.25 32.33
CA LEU O 480 29.90 -42.38 32.64
C LEU O 480 28.58 -43.13 32.58
N ASN O 481 27.74 -42.92 33.60
CA ASN O 481 26.48 -43.61 33.76
C ASN O 481 25.73 -42.84 34.85
N GLY O 482 24.49 -43.25 35.12
CA GLY O 482 23.69 -42.59 36.14
C GLY O 482 23.50 -41.10 35.85
N ASP O 483 23.81 -40.28 36.87
CA ASP O 483 23.61 -38.83 36.77
C ASP O 483 24.24 -38.26 35.50
N GLN O 484 25.51 -38.62 35.23
CA GLN O 484 26.29 -38.14 34.08
C GLN O 484 25.77 -38.67 32.74
N THR O 485 24.69 -39.45 32.76
CA THR O 485 24.12 -40.06 31.57
C THR O 485 22.60 -39.91 31.49
N ASP O 486 21.93 -39.67 32.61
CA ASP O 486 20.47 -39.56 32.64
C ASP O 486 19.94 -38.49 31.68
N TYR O 487 20.69 -37.41 31.44
CA TYR O 487 20.21 -36.24 30.73
C TYR O 487 21.15 -35.90 29.58
N GLY O 488 21.47 -36.90 28.77
CA GLY O 488 22.42 -36.72 27.69
C GLY O 488 23.85 -36.67 28.21
N LEU O 489 24.76 -36.46 27.26
CA LEU O 489 26.17 -36.30 27.59
C LEU O 489 26.49 -34.81 27.53
N ASN O 490 27.03 -34.29 28.62
CA ASN O 490 27.11 -32.86 28.81
C ASN O 490 28.56 -32.41 28.89
N PHE O 491 28.91 -31.45 28.03
CA PHE O 491 30.24 -30.84 28.01
C PHE O 491 30.13 -29.41 28.54
N GLY O 492 30.97 -29.09 29.52
CA GLY O 492 30.92 -27.78 30.12
C GLY O 492 32.01 -26.85 29.63
N ARG O 493 32.83 -26.35 30.55
CA ARG O 493 33.84 -25.36 30.20
C ARG O 493 35.22 -25.85 30.60
N THR O 494 36.22 -25.20 30.02
CA THR O 494 37.58 -25.40 30.48
C THR O 494 37.75 -24.84 31.88
N ASP O 495 38.39 -25.59 32.76
CA ASP O 495 38.70 -25.05 34.09
C ASP O 495 39.91 -24.12 34.02
N ALA O 496 40.05 -23.28 35.05
CA ALA O 496 41.12 -22.27 35.04
C ALA O 496 42.50 -22.90 34.90
N ALA O 497 42.64 -24.20 35.19
CA ALA O 497 43.89 -24.93 35.06
C ALA O 497 44.19 -25.36 33.62
N GLY O 498 43.48 -24.81 32.63
CA GLY O 498 43.75 -25.08 31.23
C GLY O 498 43.24 -26.39 30.69
N GLN O 499 42.49 -27.17 31.46
CA GLN O 499 42.03 -28.48 31.01
C GLN O 499 40.66 -28.39 30.35
N PRO O 500 40.51 -28.82 29.10
CA PRO O 500 39.25 -28.64 28.38
C PRO O 500 38.21 -29.68 28.78
N PRO O 501 36.98 -29.57 28.26
CA PRO O 501 35.96 -30.61 28.50
C PRO O 501 36.35 -31.92 27.82
N PRO O 502 35.79 -33.04 28.26
CA PRO O 502 36.39 -34.34 27.97
C PRO O 502 36.13 -34.82 26.55
N VAL O 503 36.85 -35.90 26.21
CA VAL O 503 36.60 -36.68 25.01
C VAL O 503 35.94 -37.98 25.46
N LEU O 504 34.82 -38.32 24.83
CA LEU O 504 34.03 -39.49 25.20
C LEU O 504 34.03 -40.53 24.10
N ARG O 505 34.06 -41.80 24.51
CA ARG O 505 33.88 -42.93 23.61
C ARG O 505 32.55 -43.58 23.96
N VAL O 506 31.61 -43.57 23.02
CA VAL O 506 30.24 -43.99 23.25
C VAL O 506 29.97 -45.24 22.44
N ARG O 507 29.55 -46.30 23.12
CA ARG O 507 29.12 -47.54 22.46
C ARG O 507 27.64 -47.75 22.76
N VAL O 508 26.85 -47.98 21.72
CA VAL O 508 25.41 -48.17 21.82
C VAL O 508 25.07 -49.57 21.33
N GLY O 509 23.90 -50.06 21.76
CA GLY O 509 23.38 -51.33 21.30
C GLY O 509 21.88 -51.30 21.16
N SER O 510 21.24 -52.48 21.14
CA SER O 510 19.80 -52.56 21.02
C SER O 510 19.31 -53.81 21.76
N TYR O 511 17.99 -53.94 21.84
CA TYR O 511 17.36 -55.13 22.44
C TYR O 511 15.92 -55.36 21.91
N GLU P 2 -48.65 12.38 -28.77
CA GLU P 2 -47.28 12.84 -28.55
C GLU P 2 -47.21 14.35 -28.89
N GLU P 3 -46.04 14.99 -28.78
CA GLU P 3 -45.94 16.45 -28.90
C GLU P 3 -46.45 16.92 -30.26
N LEU P 4 -46.95 18.15 -30.28
CA LEU P 4 -47.34 18.76 -31.53
C LEU P 4 -46.11 19.01 -32.41
N PRO P 5 -46.20 18.77 -33.70
CA PRO P 5 -45.11 19.14 -34.61
C PRO P 5 -44.84 20.64 -34.49
N ARG P 6 -43.56 21.01 -34.53
CA ARG P 6 -43.19 22.35 -34.11
C ARG P 6 -41.87 22.78 -34.75
N PHE P 7 -41.88 23.93 -35.41
CA PHE P 7 -40.67 24.46 -36.01
C PHE P 7 -39.84 25.22 -34.98
N PHE P 8 -38.54 24.95 -34.97
CA PHE P 8 -37.64 25.38 -33.91
C PHE P 8 -36.42 26.07 -34.51
N THR P 9 -36.03 27.21 -33.91
CA THR P 9 -34.80 27.91 -34.28
C THR P 9 -33.97 28.16 -33.03
N GLN P 10 -32.67 27.95 -33.17
CA GLN P 10 -31.73 28.06 -32.05
C GLN P 10 -30.37 28.38 -32.62
N ASN P 11 -29.86 29.58 -32.31
CA ASN P 11 -28.50 29.94 -32.63
C ASN P 11 -28.25 29.99 -34.14
N GLY P 12 -29.22 30.52 -34.90
CA GLY P 12 -29.07 30.53 -36.34
C GLY P 12 -29.15 29.18 -37.02
N ARG P 13 -29.49 28.13 -36.29
CA ARG P 13 -29.75 26.81 -36.86
C ARG P 13 -31.20 26.44 -36.62
N HIS P 14 -31.75 25.65 -37.53
CA HIS P 14 -33.19 25.36 -37.52
C HIS P 14 -33.41 23.86 -37.43
N ALA P 15 -34.63 23.51 -37.07
CA ALA P 15 -35.05 22.11 -37.07
C ALA P 15 -36.57 22.08 -37.06
N LEU P 16 -37.12 21.05 -37.70
CA LEU P 16 -38.53 20.74 -37.56
C LEU P 16 -38.64 19.63 -36.52
N LEU P 17 -39.38 19.91 -35.44
CA LEU P 17 -39.55 18.98 -34.34
C LEU P 17 -40.78 18.12 -34.59
N VAL P 18 -40.59 16.82 -34.75
CA VAL P 18 -41.67 15.87 -34.95
C VAL P 18 -41.58 14.80 -33.89
N ASP P 19 -42.67 14.59 -33.16
CA ASP P 19 -42.70 13.65 -32.03
C ASP P 19 -41.59 13.94 -31.03
N GLY P 20 -41.27 15.22 -30.87
CA GLY P 20 -40.33 15.64 -29.84
C GLY P 20 -38.87 15.75 -30.25
N ALA P 21 -38.51 15.42 -31.49
CA ALA P 21 -37.12 15.38 -31.90
C ALA P 21 -36.98 15.97 -33.30
N PRO P 22 -35.76 16.38 -33.69
CA PRO P 22 -35.56 16.86 -35.07
C PRO P 22 -35.91 15.80 -36.11
N TYR P 23 -36.47 16.27 -37.22
CA TYR P 23 -36.99 15.40 -38.27
C TYR P 23 -36.55 15.97 -39.62
N THR P 24 -36.04 15.11 -40.51
CA THR P 24 -35.68 15.47 -41.87
C THR P 24 -36.75 14.96 -42.82
N ILE P 25 -37.42 15.89 -43.50
CA ILE P 25 -38.47 15.51 -44.45
C ILE P 25 -37.80 15.03 -45.73
N LEU P 26 -38.08 13.79 -46.12
CA LEU P 26 -37.67 13.21 -47.39
C LEU P 26 -38.97 12.90 -48.12
N ALA P 27 -39.38 13.80 -49.02
CA ALA P 27 -40.76 13.87 -49.47
C ALA P 27 -40.90 13.63 -50.97
N ALA P 28 -42.13 13.35 -51.39
CA ALA P 28 -42.51 13.20 -52.77
C ALA P 28 -43.91 13.77 -52.91
N GLN P 29 -44.10 14.66 -53.88
CA GLN P 29 -45.40 15.31 -54.08
C GLN P 29 -46.11 14.70 -55.28
N LEU P 30 -47.42 14.49 -55.12
CA LEU P 30 -48.28 14.03 -56.20
C LEU P 30 -48.60 15.19 -57.15
N HIS P 31 -48.96 14.85 -58.38
CA HIS P 31 -49.40 15.85 -59.35
C HIS P 31 -50.62 16.60 -58.80
N ASN P 32 -50.92 17.75 -59.41
CA ASN P 32 -51.92 18.65 -58.83
C ASN P 32 -53.27 17.97 -58.67
N SER P 33 -53.63 17.12 -59.63
CA SER P 33 -54.98 16.55 -59.68
C SER P 33 -55.02 15.09 -59.24
N SER P 34 -54.04 14.64 -58.45
CA SER P 34 -54.00 13.26 -58.00
C SER P 34 -54.69 13.03 -56.66
N ALA P 35 -55.03 14.11 -55.93
CA ALA P 35 -55.57 13.99 -54.58
C ALA P 35 -57.09 13.78 -54.63
N TRP P 36 -57.48 12.67 -55.26
CA TRP P 36 -58.86 12.24 -55.34
C TRP P 36 -58.96 10.77 -54.93
N PRO P 37 -60.08 10.37 -54.32
CA PRO P 37 -60.11 9.06 -53.66
C PRO P 37 -59.76 7.89 -54.57
N ALA P 38 -60.16 7.93 -55.85
CA ALA P 38 -59.90 6.80 -56.74
C ALA P 38 -58.44 6.74 -57.21
N VAL P 39 -57.68 7.83 -57.05
CA VAL P 39 -56.33 7.91 -57.55
C VAL P 39 -55.33 7.70 -56.40
N LEU P 40 -55.76 8.02 -55.19
CA LEU P 40 -54.81 8.07 -54.08
C LEU P 40 -54.16 6.73 -53.77
N PRO P 41 -54.86 5.60 -53.74
CA PRO P 41 -54.17 4.32 -53.41
C PRO P 41 -52.98 4.05 -54.33
N PRO P 42 -53.15 3.97 -55.65
CA PRO P 42 -51.96 3.71 -56.49
C PRO P 42 -50.96 4.85 -56.44
N ALA P 43 -51.42 6.11 -56.27
CA ALA P 43 -50.49 7.23 -56.16
C ALA P 43 -49.63 7.10 -54.92
N LEU P 44 -50.24 6.81 -53.78
CA LEU P 44 -49.49 6.69 -52.53
C LEU P 44 -48.56 5.48 -52.55
N ASP P 45 -48.98 4.39 -53.21
CA ASP P 45 -48.10 3.24 -53.38
C ASP P 45 -46.79 3.63 -54.06
N GLN P 46 -46.88 4.47 -55.09
CA GLN P 46 -45.69 4.94 -55.78
C GLN P 46 -44.83 5.81 -54.87
N VAL P 47 -45.45 6.52 -53.93
CA VAL P 47 -44.65 7.22 -52.93
C VAL P 47 -43.87 6.22 -52.09
N VAL P 48 -44.49 5.08 -51.77
CA VAL P 48 -43.83 4.07 -50.96
C VAL P 48 -42.64 3.49 -51.72
N ALA P 49 -42.79 3.26 -53.03
CA ALA P 49 -41.70 2.72 -53.84
C ALA P 49 -40.49 3.64 -53.89
N LEU P 50 -40.69 4.95 -53.67
CA LEU P 50 -39.60 5.91 -53.52
C LEU P 50 -39.00 5.92 -52.12
N HIS P 51 -39.61 5.21 -51.17
CA HIS P 51 -39.16 5.18 -49.78
C HIS P 51 -39.19 6.57 -49.16
N ALA P 52 -40.10 7.44 -49.61
CA ALA P 52 -40.26 8.73 -48.98
C ALA P 52 -40.85 8.55 -47.59
N ASN P 53 -40.52 9.46 -46.68
CA ASN P 53 -41.19 9.42 -45.38
C ASN P 53 -42.36 10.38 -45.30
N THR P 54 -42.55 11.25 -46.31
CA THR P 54 -43.61 12.25 -46.31
C THR P 54 -44.20 12.32 -47.71
N VAL P 55 -45.53 12.49 -47.80
CA VAL P 55 -46.20 12.77 -49.05
C VAL P 55 -46.73 14.19 -49.00
N GLU P 56 -46.50 14.95 -50.06
CA GLU P 56 -47.10 16.26 -50.24
C GLU P 56 -48.29 16.10 -51.18
N ALA P 57 -49.46 16.58 -50.75
CA ALA P 57 -50.69 16.38 -51.48
C ALA P 57 -51.59 17.57 -51.19
N PRO P 58 -52.35 18.04 -52.17
CA PRO P 58 -53.18 19.22 -51.95
C PRO P 58 -54.56 18.91 -51.40
N VAL P 59 -55.11 19.92 -50.75
CA VAL P 59 -56.54 20.02 -50.48
C VAL P 59 -57.04 21.17 -51.32
N TYR P 60 -58.04 20.90 -52.17
CA TYR P 60 -58.61 21.91 -53.06
C TYR P 60 -59.75 22.63 -52.38
N TRP P 61 -59.61 23.95 -52.24
CA TRP P 61 -60.71 24.77 -51.73
C TRP P 61 -62.00 24.50 -52.50
N GLU P 62 -61.89 24.32 -53.83
CA GLU P 62 -63.00 23.94 -54.71
C GLU P 62 -63.93 22.88 -54.11
N GLN P 63 -63.37 21.72 -53.75
CA GLN P 63 -64.17 20.64 -53.19
C GLN P 63 -64.29 20.71 -51.68
N PHE P 64 -63.42 21.44 -51.01
CA PHE P 64 -63.52 21.48 -49.56
C PHE P 64 -64.69 22.32 -49.10
N GLU P 65 -65.02 23.40 -49.81
CA GLU P 65 -66.17 24.25 -49.48
C GLU P 65 -67.05 24.38 -50.72
N PRO P 66 -67.81 23.34 -51.07
CA PRO P 66 -68.60 23.40 -52.32
C PRO P 66 -69.74 24.40 -52.25
N ALA P 67 -70.25 24.71 -51.06
CA ALA P 67 -71.17 25.81 -50.86
C ALA P 67 -70.70 26.63 -49.66
N PRO P 68 -71.05 27.94 -49.60
CA PRO P 68 -70.61 28.76 -48.47
C PRO P 68 -71.01 28.13 -47.13
N GLY P 69 -70.04 27.89 -46.26
CA GLY P 69 -70.29 27.37 -44.93
C GLY P 69 -70.38 25.87 -44.85
N ARG P 70 -70.53 25.15 -45.96
CA ARG P 70 -70.65 23.70 -45.94
C ARG P 70 -69.35 23.09 -46.43
N PHE P 71 -68.76 22.22 -45.62
CA PHE P 71 -67.43 21.70 -45.87
C PHE P 71 -67.47 20.19 -46.07
N ASP P 72 -66.75 19.72 -47.08
CA ASP P 72 -66.68 18.31 -47.48
C ASP P 72 -65.28 17.82 -47.18
N THR P 73 -65.17 16.90 -46.23
CA THR P 73 -63.88 16.33 -45.82
C THR P 73 -63.59 14.98 -46.47
N THR P 74 -64.24 14.66 -47.60
CA THR P 74 -64.04 13.35 -48.21
C THR P 74 -62.59 13.14 -48.62
N ASN P 75 -62.04 14.08 -49.38
CA ASN P 75 -60.70 13.90 -49.94
C ASN P 75 -59.63 13.95 -48.87
N VAL P 76 -59.69 14.95 -47.98
CA VAL P 76 -58.68 15.05 -46.94
C VAL P 76 -58.66 13.79 -46.09
N ASP P 77 -59.85 13.26 -45.77
CA ASP P 77 -59.92 12.06 -44.94
C ASP P 77 -59.35 10.85 -45.68
N ALA P 78 -59.56 10.78 -46.99
CA ALA P 78 -58.98 9.69 -47.76
C ALA P 78 -57.46 9.82 -47.85
N LEU P 79 -56.96 11.05 -47.99
CA LEU P 79 -55.51 11.26 -47.98
C LEU P 79 -54.89 10.79 -46.67
N ILE P 80 -55.41 11.26 -45.53
CA ILE P 80 -54.81 10.94 -44.23
C ILE P 80 -54.95 9.45 -43.94
N ALA P 81 -56.14 8.89 -44.20
CA ALA P 81 -56.31 7.45 -44.09
C ALA P 81 -55.33 6.69 -44.97
N GLY P 82 -55.13 7.17 -46.20
CA GLY P 82 -54.22 6.50 -47.11
C GLY P 82 -52.78 6.55 -46.66
N ALA P 83 -52.39 7.63 -45.99
CA ALA P 83 -51.00 7.75 -45.53
C ALA P 83 -50.76 6.94 -44.28
N ARG P 84 -51.76 6.88 -43.40
CA ARG P 84 -51.64 6.09 -42.17
C ARG P 84 -51.47 4.61 -42.49
N LYS P 85 -52.24 4.11 -43.47
CA LYS P 85 -52.15 2.70 -43.85
C LYS P 85 -50.79 2.36 -44.44
N ARG P 86 -50.10 3.33 -45.01
CA ARG P 86 -48.82 3.08 -45.67
C ARG P 86 -47.63 3.56 -44.84
N GLY P 87 -47.87 4.16 -43.68
CA GLY P 87 -46.79 4.61 -42.81
C GLY P 87 -46.16 5.92 -43.21
N LEU P 88 -46.91 6.80 -43.85
CA LEU P 88 -46.41 8.08 -44.35
C LEU P 88 -46.94 9.22 -43.49
N ARG P 89 -46.04 10.14 -43.14
CA ARG P 89 -46.43 11.46 -42.71
C ARG P 89 -46.93 12.26 -43.90
N VAL P 90 -47.71 13.30 -43.63
CA VAL P 90 -48.38 14.09 -44.66
C VAL P 90 -47.95 15.54 -44.53
N ALA P 91 -47.53 16.12 -45.65
CA ALA P 91 -47.40 17.57 -45.79
C ALA P 91 -48.60 18.02 -46.62
N LEU P 92 -49.55 18.70 -45.98
CA LEU P 92 -50.81 19.12 -46.58
C LEU P 92 -50.65 20.47 -47.27
N LEU P 93 -51.16 20.58 -48.50
CA LEU P 93 -51.06 21.79 -49.30
C LEU P 93 -52.45 22.41 -49.44
N TRP P 94 -52.59 23.65 -48.98
CA TRP P 94 -53.87 24.36 -49.04
C TRP P 94 -53.94 25.12 -50.36
N PHE P 95 -54.64 24.54 -51.34
CA PHE P 95 -54.85 25.19 -52.63
C PHE P 95 -56.00 26.18 -52.47
N GLY P 96 -55.70 27.34 -51.87
CA GLY P 96 -56.69 28.37 -51.63
C GLY P 96 -56.78 29.47 -52.66
N SER P 97 -56.65 30.73 -52.23
CA SER P 97 -56.84 31.86 -53.16
C SER P 97 -55.77 31.86 -54.25
N TRP P 98 -54.59 31.31 -53.99
CA TRP P 98 -53.49 31.34 -54.94
C TRP P 98 -52.99 29.92 -55.17
N LYS P 99 -52.82 29.58 -56.42
CA LYS P 99 -52.07 28.41 -56.82
C LYS P 99 -51.37 28.83 -58.11
N ASN P 100 -50.04 28.88 -58.08
CA ASN P 100 -49.24 29.40 -59.18
C ASN P 100 -49.68 30.80 -59.55
N GLY P 101 -49.95 31.63 -58.54
CA GLY P 101 -50.32 33.01 -58.77
C GLY P 101 -51.70 33.24 -59.35
N GLN P 102 -52.59 32.25 -59.30
CA GLN P 102 -53.91 32.38 -59.89
C GLN P 102 -54.96 31.78 -58.96
N MET P 103 -56.23 32.09 -59.23
CA MET P 103 -57.36 31.72 -58.40
C MET P 103 -58.12 30.50 -58.90
N HIS P 104 -57.48 29.61 -59.65
CA HIS P 104 -58.23 28.58 -60.35
C HIS P 104 -58.83 27.54 -59.41
N TYR P 105 -58.35 27.44 -58.17
CA TYR P 105 -58.86 26.46 -57.23
C TYR P 105 -59.89 27.03 -56.28
N VAL P 106 -60.24 28.30 -56.45
CA VAL P 106 -61.25 28.98 -55.66
C VAL P 106 -62.61 28.36 -55.95
N PRO P 107 -63.52 28.26 -54.98
CA PRO P 107 -64.79 27.56 -55.24
C PRO P 107 -65.64 28.23 -56.32
N GLU P 108 -66.54 27.43 -56.89
CA GLU P 108 -67.37 27.92 -57.99
C GLU P 108 -68.23 29.10 -57.57
N TRP P 109 -68.71 29.11 -56.32
CA TRP P 109 -69.56 30.22 -55.90
C TRP P 109 -68.78 31.52 -55.73
N ILE P 110 -67.46 31.48 -55.72
CA ILE P 110 -66.69 32.72 -55.81
C ILE P 110 -66.41 33.10 -57.25
N LYS P 111 -66.04 32.13 -58.08
CA LYS P 111 -65.80 32.39 -59.50
C LYS P 111 -67.01 33.01 -60.17
N ARG P 112 -68.22 32.68 -59.70
CA ARG P 112 -69.46 33.16 -60.27
C ARG P 112 -69.78 34.61 -59.88
N ASP P 113 -69.15 35.11 -58.82
CA ASP P 113 -69.52 36.40 -58.23
C ASP P 113 -68.29 37.31 -58.18
N GLU P 114 -67.99 37.94 -59.32
CA GLU P 114 -66.89 38.90 -59.34
C GLU P 114 -67.25 40.16 -58.55
N ALA P 115 -68.54 40.47 -58.44
CA ALA P 115 -68.92 41.69 -57.75
C ALA P 115 -68.58 41.60 -56.26
N THR P 116 -68.96 40.49 -55.62
CA THR P 116 -68.60 40.28 -54.23
C THR P 116 -67.12 39.97 -54.06
N TYR P 117 -66.56 39.18 -54.99
CA TYR P 117 -65.18 38.71 -54.90
C TYR P 117 -64.40 39.25 -56.10
N PRO P 118 -63.92 40.49 -56.02
CA PRO P 118 -63.30 41.13 -57.18
C PRO P 118 -61.97 40.50 -57.55
N ARG P 119 -61.71 40.48 -58.86
CA ARG P 119 -60.42 40.09 -59.39
C ARG P 119 -59.52 41.30 -59.50
N MET P 120 -58.21 41.06 -59.43
CA MET P 120 -57.25 42.10 -59.74
C MET P 120 -57.49 42.64 -61.15
N ARG P 121 -57.18 43.91 -61.33
CA ARG P 121 -57.16 44.52 -62.66
C ARG P 121 -55.71 44.73 -63.09
N ASP P 122 -55.48 44.60 -64.40
CA ASP P 122 -54.13 44.82 -64.93
C ASP P 122 -53.97 46.27 -65.37
N ALA P 123 -52.79 46.60 -65.89
CA ALA P 123 -52.51 47.98 -66.30
C ALA P 123 -53.45 48.49 -67.38
N ASN P 124 -54.14 47.61 -68.09
CA ASN P 124 -55.06 48.01 -69.15
C ASN P 124 -56.51 48.07 -68.68
N GLY P 125 -56.73 47.81 -67.39
CA GLY P 125 -58.04 47.85 -66.78
C GLY P 125 -58.82 46.57 -66.92
N GLU P 126 -58.23 45.52 -67.46
CA GLU P 126 -58.78 44.21 -67.71
C GLU P 126 -58.62 43.32 -66.47
N PRO P 127 -59.58 42.46 -66.17
CA PRO P 127 -59.39 41.53 -65.05
C PRO P 127 -58.36 40.47 -65.42
N VAL P 128 -57.82 39.82 -64.40
CA VAL P 128 -56.94 38.67 -64.57
C VAL P 128 -57.47 37.55 -63.69
N ASP P 129 -56.81 36.39 -63.75
CA ASP P 129 -57.23 35.26 -62.95
C ASP P 129 -56.59 35.28 -61.55
N VAL P 130 -56.75 36.41 -60.85
CA VAL P 130 -56.19 36.60 -59.53
C VAL P 130 -57.20 37.34 -58.66
N LEU P 131 -57.47 36.82 -57.47
CA LEU P 131 -58.34 37.53 -56.55
C LEU P 131 -57.64 38.78 -56.03
N SER P 132 -58.39 39.85 -55.90
CA SER P 132 -57.79 41.10 -55.45
C SER P 132 -57.35 40.98 -53.99
N PRO P 133 -56.14 41.38 -53.66
CA PRO P 133 -55.68 41.34 -52.26
C PRO P 133 -56.07 42.57 -51.44
N HIS P 134 -57.00 43.38 -51.92
CA HIS P 134 -57.34 44.65 -51.28
C HIS P 134 -58.80 44.74 -50.87
N VAL P 135 -59.57 43.67 -51.03
CA VAL P 135 -60.99 43.67 -50.68
C VAL P 135 -61.21 42.62 -49.59
N ALA P 136 -61.81 43.07 -48.48
CA ALA P 136 -61.92 42.24 -47.28
C ALA P 136 -62.64 40.92 -47.55
N ALA P 137 -63.59 40.92 -48.48
CA ALA P 137 -64.39 39.72 -48.69
C ALA P 137 -63.53 38.55 -49.14
N ASN P 138 -62.47 38.83 -49.92
CA ASN P 138 -61.63 37.75 -50.43
C ASN P 138 -60.81 37.10 -49.33
N VAL P 139 -60.10 37.90 -48.54
CA VAL P 139 -59.23 37.32 -47.51
C VAL P 139 -60.05 36.61 -46.44
N GLN P 140 -61.21 37.16 -46.08
CA GLN P 140 -62.03 36.57 -45.03
C GLN P 140 -62.60 35.22 -45.47
N ALA P 141 -62.97 35.10 -46.74
CA ALA P 141 -63.44 33.82 -47.25
C ALA P 141 -62.36 32.75 -47.13
N ASP P 142 -61.15 33.09 -47.57
CA ASP P 142 -60.02 32.19 -47.46
C ASP P 142 -59.75 31.81 -46.01
N ALA P 143 -59.56 32.81 -45.14
CA ALA P 143 -59.27 32.56 -43.74
C ALA P 143 -60.33 31.67 -43.08
N ARG P 144 -61.59 31.94 -43.40
CA ARG P 144 -62.67 31.17 -42.80
C ARG P 144 -62.57 29.68 -43.19
N ALA P 145 -62.33 29.40 -44.47
CA ALA P 145 -62.21 28.01 -44.91
C ALA P 145 -60.94 27.36 -44.41
N PHE P 146 -59.83 28.12 -44.35
CA PHE P 146 -58.61 27.54 -43.79
C PHE P 146 -58.80 27.21 -42.32
N THR P 147 -59.54 28.07 -41.60
CA THR P 147 -59.85 27.76 -40.21
C THR P 147 -60.65 26.47 -40.11
N ALA P 148 -61.62 26.30 -41.00
CA ALA P 148 -62.43 25.09 -40.98
C ALA P 148 -61.58 23.86 -41.26
N LEU P 149 -60.66 23.95 -42.22
CA LEU P 149 -59.75 22.84 -42.49
C LEU P 149 -58.91 22.53 -41.26
N MET P 150 -58.33 23.55 -40.66
CA MET P 150 -57.45 23.32 -39.52
C MET P 150 -58.23 22.78 -38.32
N GLN P 151 -59.43 23.32 -38.07
CA GLN P 151 -60.27 22.76 -37.01
C GLN P 151 -60.54 21.28 -37.26
N HIS P 152 -60.89 20.92 -38.51
CA HIS P 152 -61.14 19.52 -38.82
C HIS P 152 -59.89 18.68 -38.61
N LEU P 153 -58.72 19.25 -38.89
CA LEU P 153 -57.47 18.50 -38.73
C LEU P 153 -57.18 18.21 -37.27
N ARG P 154 -57.46 19.18 -36.38
CA ARG P 154 -57.27 18.96 -34.95
C ARG P 154 -58.16 17.83 -34.46
N LYS P 155 -59.38 17.75 -34.99
CA LYS P 155 -60.31 16.73 -34.53
C LYS P 155 -59.83 15.32 -34.90
N ILE P 156 -59.54 15.09 -36.19
CA ILE P 156 -59.20 13.75 -36.66
C ILE P 156 -57.72 13.41 -36.46
N ASP P 157 -56.86 14.41 -36.22
CA ASP P 157 -55.43 14.14 -36.21
C ASP P 157 -54.71 14.80 -35.06
N GLY P 158 -55.43 15.39 -34.09
CA GLY P 158 -54.77 16.09 -33.00
C GLY P 158 -53.90 15.20 -32.15
N ASP P 159 -54.19 13.90 -32.12
CA ASP P 159 -53.40 12.93 -31.35
C ASP P 159 -52.33 12.24 -32.19
N ARG P 160 -52.71 11.72 -33.36
CA ARG P 160 -51.78 10.96 -34.20
C ARG P 160 -50.69 11.84 -34.78
N HIS P 161 -51.06 13.04 -35.24
CA HIS P 161 -50.15 13.96 -35.92
C HIS P 161 -49.59 13.38 -37.21
N THR P 162 -50.45 12.67 -37.95
CA THR P 162 -50.07 12.23 -39.30
C THR P 162 -49.64 13.42 -40.15
N VAL P 163 -50.42 14.50 -40.11
CA VAL P 163 -50.08 15.71 -40.84
C VAL P 163 -48.99 16.46 -40.08
N ILE P 164 -47.85 16.69 -40.75
CA ILE P 164 -46.66 17.20 -40.11
C ILE P 164 -46.50 18.71 -40.32
N VAL P 165 -46.86 19.21 -41.51
CA VAL P 165 -46.73 20.62 -41.85
C VAL P 165 -47.88 20.95 -42.77
N VAL P 166 -48.18 22.23 -42.92
CA VAL P 166 -49.23 22.68 -43.82
C VAL P 166 -48.69 23.85 -44.62
N GLN P 167 -48.86 23.78 -45.94
CA GLN P 167 -48.51 24.87 -46.84
C GLN P 167 -49.72 25.76 -47.05
N VAL P 168 -49.56 27.05 -46.79
CA VAL P 168 -50.65 28.02 -46.91
C VAL P 168 -50.53 28.71 -48.26
N GLU P 169 -51.55 28.52 -49.11
CA GLU P 169 -51.53 28.86 -50.53
C GLU P 169 -50.48 28.02 -51.25
N ASN P 170 -50.31 28.23 -52.55
CA ASN P 170 -49.29 27.53 -53.33
C ASN P 170 -48.70 28.50 -54.33
N GLU P 171 -47.39 28.75 -54.25
CA GLU P 171 -46.67 29.71 -55.07
C GLU P 171 -47.51 31.00 -55.25
N PRO P 172 -47.81 31.71 -54.15
CA PRO P 172 -48.69 32.89 -54.26
C PRO P 172 -48.05 34.06 -54.99
N GLY P 173 -48.80 35.14 -55.14
CA GLY P 173 -48.45 36.28 -55.97
C GLY P 173 -49.45 36.43 -57.10
N ALA P 174 -49.11 37.30 -58.05
CA ALA P 174 -50.02 37.64 -59.13
C ALA P 174 -49.41 37.30 -60.49
N ILE P 175 -50.20 36.67 -61.36
CA ILE P 175 -49.85 36.43 -62.75
C ILE P 175 -50.80 37.25 -63.63
N GLY P 176 -50.23 38.06 -64.52
CA GLY P 176 -50.99 38.91 -65.40
C GLY P 176 -50.80 40.39 -65.13
N THR P 177 -50.35 40.75 -63.93
CA THR P 177 -50.13 42.14 -63.57
C THR P 177 -49.12 42.19 -62.43
N VAL P 178 -48.48 43.35 -62.28
CA VAL P 178 -47.54 43.55 -61.19
C VAL P 178 -48.28 43.95 -59.90
N ARG P 179 -49.33 44.77 -60.02
CA ARG P 179 -50.15 45.14 -58.87
C ARG P 179 -51.59 45.33 -59.35
N ASP P 180 -52.48 45.60 -58.39
CA ASP P 180 -53.91 45.73 -58.65
C ASP P 180 -54.25 47.16 -59.05
N HIS P 181 -54.92 47.31 -60.19
CA HIS P 181 -55.35 48.63 -60.65
C HIS P 181 -56.84 48.87 -60.45
N GLY P 182 -57.51 48.00 -59.72
CA GLY P 182 -58.85 48.29 -59.27
C GLY P 182 -58.83 49.45 -58.27
N PRO P 183 -59.99 50.08 -58.06
CA PRO P 183 -60.06 51.23 -57.14
C PRO P 183 -59.37 51.03 -55.79
N ALA P 184 -59.61 49.89 -55.11
CA ALA P 184 -59.00 49.67 -53.81
C ALA P 184 -57.47 49.60 -53.90
N GLY P 185 -56.97 48.83 -54.87
CA GLY P 185 -55.52 48.73 -55.04
C GLY P 185 -54.88 50.08 -55.37
N GLU P 186 -55.53 50.85 -56.24
CA GLU P 186 -55.07 52.20 -56.51
C GLU P 186 -55.05 53.05 -55.24
N ALA P 187 -56.14 53.00 -54.47
CA ALA P 187 -56.21 53.76 -53.24
C ALA P 187 -55.06 53.39 -52.31
N ALA P 188 -54.89 52.09 -52.04
CA ALA P 188 -53.85 51.62 -51.13
C ALA P 188 -52.44 51.91 -51.64
N PHE P 189 -52.25 51.90 -52.95
CA PHE P 189 -50.93 52.22 -53.50
C PHE P 189 -50.57 53.68 -53.26
N ALA P 190 -51.57 54.56 -53.20
CA ALA P 190 -51.30 55.98 -52.98
C ALA P 190 -51.06 56.33 -51.52
N GLN P 191 -51.39 55.45 -50.59
CA GLN P 191 -51.08 55.63 -49.19
C GLN P 191 -49.60 55.33 -48.95
N PRO P 192 -49.02 55.79 -47.85
CA PRO P 192 -47.60 55.53 -47.59
C PRO P 192 -47.38 54.07 -47.21
N VAL P 193 -46.12 53.73 -47.01
CA VAL P 193 -45.80 52.38 -46.52
C VAL P 193 -46.17 52.30 -45.04
N PRO P 194 -46.77 51.19 -44.59
CA PRO P 194 -47.03 51.02 -43.15
C PRO P 194 -45.78 51.25 -42.31
N ALA P 195 -45.94 52.02 -41.22
CA ALA P 195 -44.81 52.44 -40.41
C ALA P 195 -44.13 51.26 -39.73
N ALA P 196 -44.90 50.23 -39.37
CA ALA P 196 -44.29 49.04 -38.80
C ALA P 196 -43.37 48.36 -39.81
N ILE P 197 -43.81 48.30 -41.07
CA ILE P 197 -42.98 47.75 -42.13
C ILE P 197 -41.70 48.58 -42.29
N ALA P 198 -41.86 49.89 -42.46
CA ALA P 198 -40.70 50.76 -42.64
C ALA P 198 -39.69 50.59 -41.52
N ALA P 199 -40.18 50.49 -40.27
CA ALA P 199 -39.29 50.27 -39.13
C ALA P 199 -38.62 48.91 -39.23
N ALA P 200 -39.41 47.85 -39.46
CA ALA P 200 -38.87 46.49 -39.55
C ALA P 200 -37.74 46.37 -40.57
N LEU P 201 -37.78 47.14 -41.65
CA LEU P 201 -36.73 47.12 -42.66
C LEU P 201 -35.63 48.14 -42.40
N GLY P 202 -35.73 48.91 -41.31
CA GLY P 202 -34.76 49.95 -41.03
C GLY P 202 -34.83 51.14 -41.98
N LYS P 203 -36.03 51.48 -42.44
CA LYS P 203 -36.15 52.58 -43.36
C LYS P 203 -36.91 53.74 -42.74
N PRO P 204 -36.61 54.98 -43.10
CA PRO P 204 -37.50 56.09 -42.73
C PRO P 204 -38.88 55.92 -43.36
N ALA P 205 -39.84 56.72 -42.90
CA ALA P 205 -41.17 56.71 -43.50
C ALA P 205 -41.13 57.32 -44.91
N GLY P 206 -42.09 56.91 -45.72
CA GLY P 206 -42.18 57.45 -47.06
C GLY P 206 -43.17 56.66 -47.88
N SER P 207 -43.20 57.01 -49.17
CA SER P 207 -44.04 56.32 -50.14
C SER P 207 -43.37 55.02 -50.58
N TRP P 208 -44.11 54.26 -51.40
CA TRP P 208 -43.55 53.05 -52.01
C TRP P 208 -42.41 53.39 -52.96
N GLN P 209 -42.58 54.43 -53.78
CA GLN P 209 -41.53 54.86 -54.70
C GLN P 209 -40.29 55.33 -53.96
N GLN P 210 -40.47 55.96 -52.80
CA GLN P 210 -39.33 56.51 -52.07
C GLN P 210 -38.53 55.43 -51.37
N LEU P 211 -39.17 54.35 -50.93
CA LEU P 211 -38.53 53.32 -50.15
C LEU P 211 -38.07 52.12 -50.98
N PHE P 212 -38.45 52.05 -52.26
CA PHE P 212 -38.18 50.88 -53.07
C PHE P 212 -37.82 51.20 -54.51
N GLY P 213 -37.74 52.49 -54.88
CA GLY P 213 -37.28 52.86 -56.20
C GLY P 213 -38.12 52.22 -57.28
N ALA P 214 -37.44 51.68 -58.29
CA ALA P 214 -38.11 51.04 -59.41
C ALA P 214 -38.97 49.86 -59.00
N GLU P 215 -38.85 49.37 -57.77
CA GLU P 215 -39.57 48.19 -57.31
C GLU P 215 -40.83 48.54 -56.53
N ALA P 216 -41.35 49.76 -56.70
CA ALA P 216 -42.43 50.24 -55.85
C ALA P 216 -43.68 49.37 -55.97
N ALA P 217 -44.14 49.16 -57.22
CA ALA P 217 -45.36 48.39 -57.43
C ALA P 217 -45.20 46.95 -56.97
N GLU P 218 -44.03 46.37 -57.18
CA GLU P 218 -43.85 44.96 -56.87
C GLU P 218 -43.73 44.74 -55.36
N ALA P 219 -43.01 45.63 -54.67
CA ALA P 219 -42.99 45.56 -53.21
C ALA P 219 -44.39 45.81 -52.63
N PHE P 220 -45.12 46.77 -53.20
CA PHE P 220 -46.49 47.03 -52.77
C PHE P 220 -47.36 45.78 -52.88
N ASN P 221 -47.28 45.06 -54.01
CA ASN P 221 -48.08 43.85 -54.12
C ASN P 221 -47.49 42.70 -53.32
N ALA P 222 -46.16 42.69 -53.14
CA ALA P 222 -45.55 41.73 -52.23
C ALA P 222 -46.14 41.86 -50.83
N HIS P 223 -46.25 43.10 -50.34
CA HIS P 223 -46.80 43.31 -49.01
C HIS P 223 -48.30 42.97 -48.98
N ALA P 224 -49.04 43.33 -50.02
CA ALA P 224 -50.46 42.99 -50.05
C ALA P 224 -50.66 41.47 -50.05
N THR P 225 -49.82 40.73 -50.80
CA THR P 225 -49.95 39.27 -50.81
C THR P 225 -49.54 38.68 -49.47
N ALA P 226 -48.44 39.18 -48.89
CA ALA P 226 -47.99 38.68 -47.60
C ALA P 226 -49.02 38.96 -46.50
N ALA P 227 -49.60 40.17 -46.49
CA ALA P 227 -50.50 40.53 -45.40
C ALA P 227 -51.81 39.75 -45.48
N TYR P 228 -52.33 39.57 -46.70
CA TYR P 228 -53.46 38.68 -46.94
C TYR P 228 -53.19 37.28 -46.39
N ILE P 229 -52.00 36.75 -46.69
CA ILE P 229 -51.67 35.40 -46.23
C ILE P 229 -51.51 35.38 -44.71
N GLU P 230 -51.07 36.49 -44.10
CA GLU P 230 -50.89 36.53 -42.66
C GLU P 230 -52.21 36.36 -41.93
N GLN P 231 -53.27 37.01 -42.41
CA GLN P 231 -54.60 36.79 -41.83
C GLN P 231 -55.00 35.31 -41.91
N VAL P 232 -54.90 34.71 -43.09
CA VAL P 232 -55.31 33.31 -43.25
C VAL P 232 -54.49 32.41 -42.35
N ALA P 233 -53.17 32.62 -42.31
CA ALA P 233 -52.31 31.78 -41.49
C ALA P 233 -52.60 31.95 -40.01
N ALA P 234 -52.87 33.19 -39.58
CA ALA P 234 -53.17 33.45 -38.17
C ALA P 234 -54.48 32.79 -37.76
N ALA P 235 -55.47 32.79 -38.65
CA ALA P 235 -56.73 32.13 -38.33
C ALA P 235 -56.52 30.63 -38.16
N GLY P 236 -55.66 30.03 -38.98
CA GLY P 236 -55.36 28.62 -38.79
C GLY P 236 -54.60 28.36 -37.52
N LYS P 237 -53.67 29.27 -37.16
CA LYS P 237 -52.85 29.08 -35.98
C LYS P 237 -53.69 29.03 -34.71
N ARG P 238 -54.73 29.87 -34.63
CA ARG P 238 -55.64 29.80 -33.49
C ARG P 238 -56.37 28.47 -33.43
N ALA P 239 -56.76 27.93 -34.58
CA ALA P 239 -57.47 26.66 -34.58
C ALA P 239 -56.55 25.49 -34.23
N TYR P 240 -55.36 25.45 -34.83
CA TYR P 240 -54.48 24.29 -34.71
C TYR P 240 -53.07 24.65 -35.16
N PRO P 241 -52.18 25.07 -34.24
CA PRO P 241 -50.93 25.75 -34.64
C PRO P 241 -49.84 24.79 -35.11
N LEU P 242 -50.10 24.08 -36.20
CA LEU P 242 -49.09 23.29 -36.87
C LEU P 242 -48.07 24.22 -37.53
N PRO P 243 -46.87 23.69 -37.85
CA PRO P 243 -45.94 24.47 -38.68
C PRO P 243 -46.58 24.85 -40.01
N LEU P 244 -46.39 26.12 -40.39
CA LEU P 244 -46.95 26.68 -41.60
C LEU P 244 -45.83 27.26 -42.45
N TYR P 245 -45.81 26.93 -43.74
CA TYR P 245 -44.85 27.48 -44.68
C TYR P 245 -45.55 27.95 -45.95
N VAL P 246 -44.80 28.66 -46.80
CA VAL P 246 -45.25 28.94 -48.16
C VAL P 246 -44.11 28.59 -49.11
N ASN P 247 -44.48 28.10 -50.30
CA ASN P 247 -43.53 27.75 -51.35
C ASN P 247 -43.47 28.86 -52.39
N THR P 248 -42.32 28.99 -53.04
CA THR P 248 -42.04 30.15 -53.88
C THR P 248 -41.68 29.71 -55.29
N TRP P 249 -42.46 30.20 -56.26
CA TRP P 249 -42.04 30.29 -57.65
C TRP P 249 -40.99 31.40 -57.75
N LEU P 250 -39.75 31.04 -58.06
CA LEU P 250 -38.61 31.88 -57.75
C LEU P 250 -38.26 32.87 -58.87
N ARG P 251 -37.55 33.93 -58.47
CA ARG P 251 -36.92 34.87 -59.38
C ARG P 251 -35.50 34.36 -59.63
N TYR P 252 -35.37 33.48 -60.62
CA TYR P 252 -34.14 32.77 -60.92
C TYR P 252 -34.13 32.46 -62.42
N LYS P 253 -33.04 31.82 -62.87
CA LYS P 253 -32.85 31.44 -64.29
C LYS P 253 -33.05 32.64 -65.22
N GLY P 254 -32.67 33.83 -64.76
CA GLY P 254 -32.87 35.01 -65.58
C GLY P 254 -34.30 35.50 -65.69
N LYS P 255 -35.23 34.97 -64.89
CA LYS P 255 -36.58 35.52 -64.88
C LYS P 255 -36.53 36.93 -64.29
N ARG P 256 -37.12 37.89 -64.99
CA ARG P 256 -37.00 39.30 -64.61
C ARG P 256 -38.32 40.05 -64.55
N TYR P 257 -39.43 39.47 -64.96
CA TYR P 257 -40.65 40.24 -65.22
C TYR P 257 -41.76 39.77 -64.28
N PRO P 258 -41.91 40.41 -63.13
CA PRO P 258 -42.97 40.00 -62.19
C PRO P 258 -44.34 40.10 -62.86
N GLY P 259 -45.14 39.06 -62.70
CA GLY P 259 -46.43 38.96 -63.34
C GLY P 259 -46.45 38.11 -64.60
N MET P 260 -45.28 37.88 -65.22
CA MET P 260 -45.22 37.06 -66.43
C MET P 260 -44.21 35.93 -66.27
N ASP P 261 -43.00 36.27 -65.80
CA ASP P 261 -41.96 35.29 -65.49
C ASP P 261 -42.24 34.54 -64.20
N TYR P 262 -42.75 35.25 -63.20
CA TYR P 262 -43.01 34.69 -61.88
C TYR P 262 -44.11 35.51 -61.23
N PRO P 263 -44.84 34.94 -60.26
CA PRO P 263 -45.94 35.69 -59.64
C PRO P 263 -45.40 36.94 -58.96
N SER P 264 -45.94 38.09 -59.33
CA SER P 264 -45.57 39.33 -58.68
C SER P 264 -46.03 39.28 -57.23
N GLY P 265 -45.08 39.40 -56.31
CA GLY P 265 -45.42 39.51 -54.91
C GLY P 265 -45.34 38.24 -54.10
N GLY P 266 -44.84 37.15 -54.68
CA GLY P 266 -44.46 36.00 -53.88
C GLY P 266 -43.22 36.31 -53.06
N ALA P 267 -42.74 35.29 -52.36
CA ALA P 267 -41.59 35.44 -51.47
C ALA P 267 -40.27 35.31 -52.26
N THR P 268 -40.13 36.17 -53.25
CA THR P 268 -38.93 36.15 -54.06
C THR P 268 -37.78 36.87 -53.35
N VAL P 269 -36.56 36.62 -53.84
CA VAL P 269 -35.35 37.04 -53.14
C VAL P 269 -35.30 38.56 -52.99
N ASN P 270 -35.81 39.29 -53.98
CA ASN P 270 -35.73 40.76 -53.96
C ASN P 270 -36.74 41.42 -53.02
N VAL P 271 -37.69 40.67 -52.46
CA VAL P 271 -38.64 41.24 -51.51
C VAL P 271 -38.73 40.38 -50.25
N PHE P 272 -37.73 39.52 -50.03
CA PHE P 272 -37.87 38.51 -48.96
C PHE P 272 -38.09 39.14 -47.59
N ALA P 273 -37.23 40.08 -47.18
CA ALA P 273 -37.32 40.65 -45.83
C ALA P 273 -38.65 41.36 -45.62
N LEU P 274 -39.12 42.12 -46.61
CA LEU P 274 -40.43 42.75 -46.54
C LEU P 274 -41.54 41.72 -46.43
N TRP P 275 -41.44 40.61 -47.17
CA TRP P 275 -42.48 39.58 -47.15
C TRP P 275 -42.58 38.91 -45.78
N ARG P 276 -41.43 38.68 -45.13
CA ARG P 276 -41.44 38.00 -43.85
C ARG P 276 -41.86 38.92 -42.72
N ALA P 277 -41.56 40.21 -42.84
CA ALA P 277 -41.97 41.15 -41.80
C ALA P 277 -43.49 41.20 -41.67
N ALA P 278 -44.20 40.93 -42.76
CA ALA P 278 -45.66 40.94 -42.75
C ALA P 278 -46.27 39.59 -42.39
N THR P 279 -45.47 38.55 -42.18
CA THR P 279 -45.97 37.18 -42.00
C THR P 279 -45.36 36.50 -40.78
N PRO P 280 -45.62 37.00 -39.57
CA PRO P 280 -45.13 36.30 -38.38
C PRO P 280 -45.85 34.99 -38.11
N SER P 281 -47.00 34.76 -38.74
CA SER P 281 -47.70 33.49 -38.57
C SER P 281 -47.25 32.42 -39.54
N ILE P 282 -46.32 32.73 -40.45
CA ILE P 282 -45.71 31.75 -41.33
C ILE P 282 -44.31 31.47 -40.81
N ASP P 283 -43.97 30.18 -40.69
CA ASP P 283 -42.78 29.78 -39.96
C ASP P 283 -41.53 29.74 -40.84
N PHE P 284 -41.65 29.23 -42.07
CA PHE P 284 -40.50 29.22 -42.97
C PHE P 284 -40.97 29.21 -44.42
N ILE P 285 -40.04 29.45 -45.33
CA ILE P 285 -40.31 29.57 -46.76
C ILE P 285 -39.61 28.46 -47.50
N GLY P 286 -40.31 27.80 -48.42
CA GLY P 286 -39.73 26.78 -49.28
C GLY P 286 -39.45 27.29 -50.68
N THR P 287 -38.40 26.73 -51.28
CA THR P 287 -37.99 27.02 -52.66
C THR P 287 -38.39 25.90 -53.60
N ASP P 288 -39.06 26.25 -54.70
CA ASP P 288 -39.38 25.30 -55.78
C ASP P 288 -38.34 25.52 -56.86
N ILE P 289 -37.40 24.57 -56.98
CA ILE P 289 -36.22 24.72 -57.82
C ILE P 289 -36.33 23.73 -58.98
N TYR P 290 -36.58 24.26 -60.17
CA TYR P 290 -36.66 23.45 -61.38
C TYR P 290 -35.48 23.77 -62.29
N THR P 291 -34.29 23.41 -61.80
CA THR P 291 -33.07 23.44 -62.57
C THR P 291 -32.20 22.28 -62.12
N SER P 292 -31.19 21.98 -62.91
CA SER P 292 -30.20 20.97 -62.59
C SER P 292 -28.79 21.54 -62.60
N ASP P 293 -28.63 22.80 -63.01
CA ASP P 293 -27.33 23.44 -63.04
C ASP P 293 -26.82 23.69 -61.63
N TYR P 294 -25.60 23.24 -61.37
CA TYR P 294 -24.99 23.34 -60.06
C TYR P 294 -24.91 24.79 -59.58
N GLY P 295 -24.48 25.70 -60.46
CA GLY P 295 -24.37 27.10 -60.07
C GLY P 295 -25.71 27.69 -59.62
N GLU P 296 -26.76 27.47 -60.43
CA GLU P 296 -28.04 28.09 -60.13
C GLU P 296 -28.71 27.43 -58.92
N TYR P 297 -28.70 26.09 -58.88
CA TYR P 297 -29.23 25.38 -57.73
C TYR P 297 -28.56 25.86 -56.45
N THR P 298 -27.23 25.89 -56.46
CA THR P 298 -26.47 26.34 -55.30
C THR P 298 -26.79 27.80 -54.95
N LYS P 299 -26.91 28.66 -55.96
CA LYS P 299 -27.18 30.07 -55.72
C LYS P 299 -28.50 30.26 -54.99
N VAL P 300 -29.52 29.51 -55.39
CA VAL P 300 -30.84 29.67 -54.78
C VAL P 300 -30.82 29.23 -53.33
N ILE P 301 -30.10 28.14 -53.04
CA ILE P 301 -30.03 27.69 -51.64
C ILE P 301 -29.29 28.71 -50.79
N GLY P 302 -28.25 29.33 -51.32
CA GLY P 302 -27.59 30.38 -50.57
C GLY P 302 -28.48 31.58 -50.30
N GLN P 303 -29.41 31.87 -51.22
CA GLN P 303 -30.32 33.00 -51.04
C GLN P 303 -31.32 32.74 -49.92
N TYR P 304 -31.79 31.50 -49.77
CA TYR P 304 -32.86 31.21 -48.82
C TYR P 304 -32.39 30.51 -47.55
N ALA P 305 -31.12 30.09 -47.46
CA ALA P 305 -30.57 29.56 -46.22
C ALA P 305 -30.01 30.72 -45.42
N ARG P 306 -30.79 31.23 -44.47
CA ARG P 306 -30.52 32.47 -43.75
C ARG P 306 -30.66 32.21 -42.26
N PRO P 307 -30.13 33.11 -41.41
CA PRO P 307 -30.39 32.99 -39.97
C PRO P 307 -31.87 32.95 -39.63
N ASP P 308 -32.73 33.57 -40.45
CA ASP P 308 -34.16 33.62 -40.20
C ASP P 308 -34.96 32.66 -41.10
N ASN P 309 -34.28 31.78 -41.84
CA ASN P 309 -34.98 30.85 -42.73
C ASN P 309 -34.14 29.62 -43.04
N PRO P 310 -34.67 28.42 -42.89
CA PRO P 310 -33.90 27.23 -43.23
C PRO P 310 -33.93 26.95 -44.73
N ALA P 311 -32.90 26.25 -45.20
CA ALA P 311 -33.02 25.62 -46.50
C ALA P 311 -34.13 24.60 -46.42
N TRP P 312 -35.01 24.58 -47.43
CA TRP P 312 -36.13 23.64 -47.44
C TRP P 312 -36.62 23.62 -48.89
N VAL P 313 -36.26 22.56 -49.61
CA VAL P 313 -36.69 22.40 -50.99
C VAL P 313 -38.08 21.81 -50.96
N SER P 314 -39.08 22.65 -51.20
CA SER P 314 -40.47 22.21 -51.21
C SER P 314 -40.84 21.52 -52.52
N GLU P 315 -40.15 21.84 -53.61
CA GLU P 315 -40.37 21.19 -54.90
C GLU P 315 -39.06 21.17 -55.68
N THR P 316 -38.77 20.04 -56.32
CA THR P 316 -37.72 19.99 -57.33
C THR P 316 -38.14 19.00 -58.41
N GLY P 317 -37.50 19.10 -59.57
CA GLY P 317 -37.89 18.28 -60.70
C GLY P 317 -37.60 16.81 -60.51
N PHE P 318 -38.56 15.96 -60.89
CA PHE P 318 -38.44 14.51 -60.73
C PHE P 318 -37.63 13.95 -61.89
N GLU P 319 -36.31 14.02 -61.74
CA GLU P 319 -35.37 13.56 -62.75
C GLU P 319 -34.10 13.13 -62.06
N ALA P 320 -33.30 12.33 -62.76
CA ALA P 320 -32.14 11.72 -62.12
C ALA P 320 -31.11 12.76 -61.73
N ALA P 321 -30.95 13.81 -62.52
CA ALA P 321 -29.86 14.76 -62.31
C ALA P 321 -30.09 15.64 -61.08
N THR P 322 -31.27 15.60 -60.50
CA THR P 322 -31.56 16.42 -59.35
C THR P 322 -31.27 15.69 -58.04
N ALA P 323 -30.99 14.38 -58.09
CA ALA P 323 -30.78 13.61 -56.87
C ALA P 323 -29.51 13.99 -56.09
N PRO P 324 -28.41 14.45 -56.68
CA PRO P 324 -27.26 14.88 -55.84
C PRO P 324 -27.57 16.04 -54.90
N TYR P 325 -28.56 16.88 -55.21
CA TYR P 325 -28.77 18.09 -54.45
C TYR P 325 -29.49 17.84 -53.13
N LEU P 326 -29.99 16.64 -52.89
CA LEU P 326 -30.40 16.29 -51.54
C LEU P 326 -29.26 16.50 -50.56
N PHE P 327 -28.05 16.07 -50.94
CA PHE P 327 -26.92 16.17 -50.03
C PHE P 327 -26.43 17.62 -49.89
N HIS P 328 -26.45 18.38 -50.98
CA HIS P 328 -26.12 19.79 -50.88
C HIS P 328 -27.06 20.51 -49.93
N VAL P 329 -28.37 20.27 -50.06
CA VAL P 329 -29.34 20.96 -49.21
C VAL P 329 -29.15 20.58 -47.75
N LEU P 330 -28.99 19.29 -47.47
CA LEU P 330 -28.70 18.87 -46.10
C LEU P 330 -27.46 19.56 -45.56
N GLY P 331 -26.40 19.65 -46.37
CA GLY P 331 -25.15 20.28 -45.96
C GLY P 331 -25.20 21.78 -45.77
N GLN P 332 -26.34 22.43 -46.05
CA GLN P 332 -26.55 23.84 -45.71
C GLN P 332 -27.54 23.99 -44.58
N GLY P 333 -27.67 22.98 -43.73
CA GLY P 333 -28.62 23.02 -42.63
C GLY P 333 -30.06 22.75 -42.99
N GLY P 334 -30.33 22.18 -44.17
CA GLY P 334 -31.69 22.07 -44.64
C GLY P 334 -32.50 21.05 -43.84
N ILE P 335 -33.81 21.28 -43.78
CA ILE P 335 -34.71 20.42 -43.03
C ILE P 335 -35.47 19.43 -43.91
N GLY P 336 -35.33 19.51 -45.22
CA GLY P 336 -36.11 18.59 -46.05
C GLY P 336 -35.96 18.89 -47.52
N PHE P 337 -36.47 17.95 -48.32
CA PHE P 337 -36.22 17.85 -49.75
C PHE P 337 -37.35 17.07 -50.41
N SER P 338 -37.98 17.65 -51.44
CA SER P 338 -39.15 17.06 -52.09
C SER P 338 -38.96 16.98 -53.60
N VAL P 339 -39.41 15.86 -54.20
CA VAL P 339 -39.47 15.71 -55.66
C VAL P 339 -40.93 15.82 -56.09
N PHE P 340 -41.17 16.52 -57.20
CA PHE P 340 -42.52 16.87 -57.62
C PHE P 340 -43.02 15.98 -58.76
N GLY P 341 -44.32 15.64 -58.70
CA GLY P 341 -45.03 14.94 -59.76
C GLY P 341 -44.50 13.56 -60.03
N ILE P 342 -44.69 12.64 -59.07
CA ILE P 342 -44.04 11.34 -59.14
C ILE P 342 -44.96 10.27 -59.74
N ASP P 343 -46.26 10.45 -59.62
CA ASP P 343 -47.22 9.38 -59.83
C ASP P 343 -47.75 9.39 -61.25
N GLY P 344 -47.74 8.22 -61.88
CA GLY P 344 -48.46 8.01 -63.11
C GLY P 344 -47.88 8.65 -64.33
N ASN P 345 -46.58 8.94 -64.32
CA ASN P 345 -45.95 9.49 -65.52
C ASN P 345 -45.86 8.42 -66.60
N PRO P 346 -45.93 8.81 -67.87
CA PRO P 346 -45.72 7.84 -68.96
C PRO P 346 -44.36 7.18 -68.81
N ASP P 347 -44.34 5.85 -68.95
CA ASP P 347 -43.11 5.10 -68.78
C ASP P 347 -42.07 5.54 -69.81
N SER P 348 -40.85 5.73 -69.34
CA SER P 348 -39.76 6.19 -70.19
C SER P 348 -38.47 5.89 -69.46
N GLY P 349 -37.37 5.91 -70.20
CA GLY P 349 -36.07 5.78 -69.57
C GLY P 349 -35.81 6.86 -68.55
N ALA P 350 -36.20 8.10 -68.87
CA ALA P 350 -35.96 9.22 -67.96
C ALA P 350 -36.74 9.05 -66.66
N ASN P 351 -38.01 8.66 -66.77
CA ASN P 351 -38.84 8.45 -65.58
C ASN P 351 -38.34 7.28 -64.74
N ARG P 352 -37.94 6.18 -65.40
CA ARG P 352 -37.40 5.04 -64.66
C ARG P 352 -36.10 5.42 -63.95
N ALA P 353 -35.24 6.18 -64.63
CA ALA P 353 -34.00 6.63 -64.01
C ALA P 353 -34.29 7.63 -62.90
N ALA P 354 -35.41 8.34 -62.98
CA ALA P 354 -35.82 9.24 -61.91
C ALA P 354 -36.23 8.46 -60.68
N ILE P 355 -37.08 7.44 -60.85
CA ILE P 355 -37.48 6.62 -59.71
C ILE P 355 -36.25 5.99 -59.06
N ALA P 356 -35.38 5.40 -59.87
CA ALA P 356 -34.24 4.66 -59.33
C ALA P 356 -33.33 5.55 -58.51
N ALA P 357 -32.98 6.73 -59.05
CA ALA P 357 -32.06 7.62 -58.37
C ALA P 357 -32.65 8.15 -57.07
N HIS P 358 -33.92 8.57 -57.09
CA HIS P 358 -34.48 9.17 -55.89
C HIS P 358 -34.83 8.13 -54.85
N ALA P 359 -35.31 6.95 -55.29
CA ALA P 359 -35.47 5.83 -54.37
C ALA P 359 -34.16 5.47 -53.69
N ALA P 360 -33.06 5.41 -54.46
CA ALA P 360 -31.79 4.96 -53.92
C ALA P 360 -31.36 5.78 -52.73
N ASN P 361 -31.48 7.10 -52.79
CA ASN P 361 -30.93 7.83 -51.66
C ASN P 361 -31.96 8.14 -50.59
N PHE P 362 -33.27 8.07 -50.89
CA PHE P 362 -34.23 8.03 -49.77
C PHE P 362 -34.09 6.73 -49.01
N ARG P 363 -33.90 5.61 -49.72
CA ARG P 363 -33.68 4.34 -49.07
C ARG P 363 -32.40 4.34 -48.26
N GLN P 364 -31.38 5.06 -48.73
CA GLN P 364 -30.14 5.18 -47.97
C GLN P 364 -30.34 6.00 -46.70
N LEU P 365 -30.99 7.16 -46.81
CA LEU P 365 -31.01 8.09 -45.70
C LEU P 365 -32.23 7.97 -44.80
N ALA P 366 -33.34 7.38 -45.28
CA ALA P 366 -34.51 7.22 -44.42
C ALA P 366 -34.18 6.64 -43.03
N PRO P 367 -33.48 5.51 -42.90
CA PRO P 367 -33.21 4.99 -41.55
C PRO P 367 -32.27 5.87 -40.74
N LEU P 368 -31.68 6.89 -41.34
CA LEU P 368 -30.74 7.76 -40.66
C LEU P 368 -31.33 9.14 -40.38
N GLN P 369 -32.59 9.37 -40.74
CA GLN P 369 -33.10 10.73 -40.79
C GLN P 369 -33.16 11.36 -39.40
N ARG P 370 -33.39 10.57 -38.35
CA ARG P 370 -33.40 11.15 -37.01
C ARG P 370 -31.99 11.61 -36.63
N LEU P 371 -31.00 10.75 -36.88
CA LEU P 371 -29.62 11.11 -36.58
C LEU P 371 -29.16 12.30 -37.42
N ILE P 372 -29.45 12.27 -38.72
CA ILE P 372 -29.07 13.38 -39.59
C ILE P 372 -29.68 14.69 -39.09
N ALA P 373 -30.98 14.68 -38.78
CA ALA P 373 -31.64 15.92 -38.40
C ALA P 373 -31.08 16.49 -37.10
N GLN P 374 -30.80 15.63 -36.12
CA GLN P 374 -30.18 16.10 -34.88
C GLN P 374 -28.80 16.68 -35.15
N ALA P 375 -27.98 15.96 -35.91
CA ALA P 375 -26.65 16.45 -36.25
C ALA P 375 -26.71 17.81 -36.93
N ASN P 376 -27.73 18.02 -37.76
CA ASN P 376 -27.85 19.29 -38.48
C ASN P 376 -28.15 20.43 -37.52
N LEU P 377 -29.11 20.23 -36.61
CA LEU P 377 -29.43 21.25 -35.62
C LEU P 377 -28.23 21.57 -34.74
N ASP P 378 -27.45 20.55 -34.39
CA ASP P 378 -26.27 20.72 -33.54
C ASP P 378 -25.08 21.33 -34.27
N GLY P 379 -25.15 21.47 -35.58
CA GLY P 379 -24.02 21.91 -36.36
C GLY P 379 -22.97 20.84 -36.59
N ARG P 380 -23.32 19.57 -36.46
CA ARG P 380 -22.36 18.48 -36.59
C ARG P 380 -22.43 17.77 -37.94
N LEU P 381 -23.23 18.27 -38.88
CA LEU P 381 -23.44 17.64 -40.17
C LEU P 381 -22.88 18.48 -41.31
N GLN P 382 -22.09 17.85 -42.19
CA GLN P 382 -21.60 18.47 -43.43
C GLN P 382 -21.83 17.53 -44.60
N ALA P 383 -22.30 18.07 -45.71
CA ALA P 383 -22.66 17.25 -46.87
C ALA P 383 -22.52 18.08 -48.14
N VAL P 384 -22.28 17.40 -49.26
CA VAL P 384 -21.77 18.03 -50.47
C VAL P 384 -22.28 17.28 -51.71
N ALA P 385 -22.61 18.04 -52.75
CA ALA P 385 -22.89 17.49 -54.07
C ALA P 385 -21.74 17.79 -55.02
N GLU P 386 -21.54 16.89 -55.99
CA GLU P 386 -20.41 17.01 -56.89
C GLU P 386 -20.59 18.23 -57.78
N GLN P 387 -19.52 19.05 -57.89
CA GLN P 387 -19.55 20.20 -58.81
C GLN P 387 -18.78 19.87 -60.07
N PRO P 388 -19.35 20.12 -61.26
CA PRO P 388 -18.68 19.69 -62.50
C PRO P 388 -17.22 20.13 -62.63
N GLY P 389 -16.93 21.42 -62.49
CA GLY P 389 -15.57 21.86 -62.74
C GLY P 389 -14.58 21.54 -61.64
N ALA P 390 -15.07 21.21 -60.45
CA ALA P 390 -14.27 21.18 -59.23
C ALA P 390 -14.50 19.88 -58.48
N PRO P 391 -13.79 18.80 -58.84
CA PRO P 391 -14.12 17.48 -58.30
C PRO P 391 -13.53 17.17 -56.93
N GLN P 392 -13.29 18.19 -56.10
CA GLN P 392 -12.71 17.93 -54.78
C GLN P 392 -13.23 18.94 -53.77
N ARG P 393 -13.53 18.45 -52.57
CA ARG P 393 -13.97 19.29 -51.47
C ARG P 393 -13.23 18.89 -50.20
N THR P 394 -12.99 19.86 -49.34
CA THR P 394 -12.40 19.63 -48.03
C THR P 394 -13.42 19.99 -46.96
N LEU P 395 -13.64 19.05 -46.04
CA LEU P 395 -14.58 19.22 -44.93
C LEU P 395 -13.76 19.28 -43.65
N ARG P 396 -14.01 20.28 -42.81
CA ARG P 396 -13.18 20.55 -41.64
C ARG P 396 -13.92 20.22 -40.36
N PHE P 397 -13.33 19.35 -39.55
CA PHE P 397 -13.89 18.91 -38.28
C PHE P 397 -12.89 19.15 -37.15
N GLY P 398 -12.40 20.38 -37.06
CA GLY P 398 -11.40 20.73 -36.08
C GLY P 398 -10.06 20.07 -36.35
N ASP P 399 -9.67 19.16 -35.45
CA ASP P 399 -8.38 18.48 -35.56
C ASP P 399 -8.31 17.60 -36.79
N TRP P 400 -9.44 17.24 -37.37
CA TRP P 400 -9.50 16.32 -38.48
C TRP P 400 -10.11 17.02 -39.69
N GLU P 401 -9.73 16.54 -40.87
CA GLU P 401 -10.27 17.03 -42.13
C GLU P 401 -10.62 15.85 -43.02
N ALA P 402 -11.65 16.05 -43.83
CA ALA P 402 -12.09 15.05 -44.79
C ALA P 402 -11.86 15.59 -46.20
N LYS P 403 -11.16 14.82 -47.02
CA LYS P 403 -10.93 15.18 -48.41
C LYS P 403 -11.81 14.31 -49.29
N VAL P 404 -12.82 14.92 -49.91
CA VAL P 404 -13.78 14.22 -50.77
C VAL P 404 -13.32 14.35 -52.22
N SER P 405 -13.26 13.23 -52.93
CA SER P 405 -12.87 13.21 -54.33
C SER P 405 -13.95 12.51 -55.16
N PHE P 406 -14.26 13.09 -56.32
CA PHE P 406 -15.23 12.52 -57.26
C PHE P 406 -14.53 12.07 -58.52
N GLY P 407 -14.96 10.94 -59.06
CA GLY P 407 -14.38 10.39 -60.27
C GLY P 407 -13.15 9.53 -60.05
N ALA P 408 -12.77 9.25 -58.80
CA ALA P 408 -11.67 8.34 -58.54
C ALA P 408 -12.11 6.91 -58.84
N PRO P 409 -11.18 5.98 -59.02
CA PRO P 409 -11.57 4.57 -59.17
C PRO P 409 -12.08 4.03 -57.84
N LEU P 410 -12.91 2.99 -57.93
CA LEU P 410 -13.40 2.34 -56.72
C LEU P 410 -12.25 1.76 -55.90
N TRP P 411 -11.11 1.50 -56.55
CA TRP P 411 -9.92 1.03 -55.88
C TRP P 411 -8.71 1.52 -56.65
N GLY P 412 -7.62 1.79 -55.93
CA GLY P 412 -6.36 2.16 -56.55
C GLY P 412 -6.11 3.65 -56.52
N ASP P 413 -4.94 4.01 -57.05
CA ASP P 413 -4.50 5.41 -57.05
C ASP P 413 -5.43 6.28 -57.88
N ALA P 414 -5.80 7.41 -57.29
CA ALA P 414 -6.51 8.42 -58.06
C ALA P 414 -5.57 8.99 -59.13
N PRO P 415 -6.10 9.32 -60.30
CA PRO P 415 -5.24 9.93 -61.33
C PRO P 415 -4.79 11.31 -60.89
N ALA P 416 -3.70 11.77 -61.52
CA ALA P 416 -3.15 13.09 -61.18
C ALA P 416 -4.22 14.17 -61.27
N ILE P 417 -5.06 14.11 -62.29
CA ILE P 417 -6.15 15.06 -62.48
C ILE P 417 -7.45 14.30 -62.28
N LEU P 418 -8.25 14.71 -61.30
CA LEU P 418 -9.52 14.04 -61.08
C LEU P 418 -10.50 14.41 -62.19
N PRO P 419 -11.16 13.44 -62.82
CA PRO P 419 -12.05 13.75 -63.95
C PRO P 419 -13.49 13.98 -63.57
N GLY P 420 -13.87 13.77 -62.32
CA GLY P 420 -15.26 13.78 -61.93
C GLY P 420 -15.97 12.53 -62.42
N ASN P 421 -17.25 12.45 -62.08
CA ASN P 421 -18.09 11.39 -62.60
C ASN P 421 -18.70 11.85 -63.91
N ASP P 422 -18.84 10.92 -64.85
CA ASP P 422 -19.36 11.29 -66.17
C ASP P 422 -20.74 11.90 -66.06
N ASP P 423 -21.56 11.43 -65.11
CA ASP P 423 -22.90 11.97 -64.92
C ASP P 423 -22.98 12.93 -63.72
N HIS P 424 -21.86 13.19 -63.06
CA HIS P 424 -21.77 14.18 -61.97
C HIS P 424 -22.69 13.82 -60.82
N ALA P 425 -22.88 12.53 -60.58
CA ALA P 425 -23.81 12.04 -59.57
C ALA P 425 -23.21 11.97 -58.16
N GLY P 426 -21.97 12.40 -57.97
CA GLY P 426 -21.31 12.20 -56.70
C GLY P 426 -21.95 13.03 -55.59
N ARG P 427 -21.98 12.45 -54.39
CA ARG P 427 -22.49 13.12 -53.21
C ARG P 427 -22.00 12.37 -51.97
N LEU P 428 -21.81 13.11 -50.89
CA LEU P 428 -21.30 12.52 -49.66
C LEU P 428 -21.79 13.32 -48.47
N LEU P 429 -21.99 12.62 -47.36
CA LEU P 429 -22.49 13.20 -46.12
C LEU P 429 -21.59 12.72 -44.97
N VAL P 430 -21.25 13.65 -44.07
CA VAL P 430 -20.48 13.32 -42.88
C VAL P 430 -21.20 13.87 -41.66
N ALA P 431 -21.58 13.00 -40.74
CA ALA P 431 -22.14 13.36 -39.44
C ALA P 431 -21.11 13.04 -38.37
N GLN P 432 -20.70 14.06 -37.61
CA GLN P 432 -19.73 13.85 -36.53
C GLN P 432 -20.45 13.34 -35.29
N LEU P 433 -20.13 12.12 -34.87
CA LEU P 433 -20.78 11.48 -33.73
C LEU P 433 -20.07 11.70 -32.41
N GLY P 434 -18.76 11.87 -32.43
CA GLY P 434 -18.04 12.34 -31.27
C GLY P 434 -16.78 13.06 -31.70
N PRO P 435 -15.91 13.35 -30.74
CA PRO P 435 -14.61 13.95 -31.08
C PRO P 435 -13.79 13.16 -32.09
N GLU P 436 -13.93 11.83 -32.19
CA GLU P 436 -13.13 11.06 -33.13
C GLU P 436 -13.93 10.03 -33.90
N GLU P 437 -15.25 10.17 -33.99
CA GLU P 437 -16.14 9.21 -34.61
C GLU P 437 -17.00 9.94 -35.64
N PHE P 438 -17.13 9.32 -36.82
CA PHE P 438 -17.89 9.92 -37.90
C PHE P 438 -18.74 8.85 -38.57
N LEU P 439 -19.92 9.27 -39.03
CA LEU P 439 -20.78 8.47 -39.87
C LEU P 439 -20.71 9.03 -41.28
N VAL P 440 -20.57 8.14 -42.27
CA VAL P 440 -20.35 8.55 -43.65
C VAL P 440 -21.20 7.71 -44.59
N THR P 441 -21.77 8.36 -45.60
CA THR P 441 -22.49 7.67 -46.67
C THR P 441 -22.61 8.61 -47.87
N GLY P 442 -22.93 8.04 -49.02
CA GLY P 442 -23.10 8.81 -50.24
C GLY P 442 -23.11 7.90 -51.46
N THR P 443 -22.86 8.52 -52.61
CA THR P 443 -22.83 7.85 -53.90
C THR P 443 -21.67 8.39 -54.73
N ALA P 444 -20.94 7.47 -55.38
CA ALA P 444 -19.86 7.78 -56.33
C ALA P 444 -18.87 8.81 -55.77
N ALA P 445 -18.23 8.44 -54.66
CA ALA P 445 -17.38 9.38 -53.96
C ALA P 445 -16.27 8.64 -53.24
N ARG P 446 -15.17 9.35 -52.99
CA ARG P 446 -14.07 8.87 -52.17
C ARG P 446 -13.79 9.89 -51.07
N ILE P 447 -13.64 9.42 -49.83
CA ILE P 447 -13.30 10.28 -48.71
C ILE P 447 -12.04 9.75 -48.04
N GLU P 448 -11.15 10.67 -47.67
CA GLU P 448 -9.95 10.36 -46.90
C GLU P 448 -9.88 11.30 -45.71
N PHE P 449 -9.46 10.77 -44.57
CA PHE P 449 -9.39 11.52 -43.33
C PHE P 449 -7.94 11.90 -43.00
N PHE P 450 -7.74 13.14 -42.56
CA PHE P 450 -6.42 13.68 -42.29
C PHE P 450 -6.42 14.47 -40.99
N ARG P 451 -5.45 14.17 -40.12
CA ARG P 451 -5.27 14.85 -38.85
C ARG P 451 -4.18 15.92 -38.98
N SER P 452 -4.40 17.07 -38.34
CA SER P 452 -3.37 18.10 -38.24
C SER P 452 -3.09 18.41 -36.77
N ALA P 453 -3.90 19.29 -36.17
CA ALA P 453 -4.16 19.39 -34.73
C ALA P 453 -3.13 20.13 -33.88
N ALA P 454 -2.04 20.64 -34.46
CA ALA P 454 -0.96 21.29 -33.72
C ALA P 454 -0.35 20.38 -32.65
N ASP P 455 -0.50 19.07 -32.82
CA ASP P 455 0.21 18.08 -32.02
C ASP P 455 1.57 17.82 -32.65
N THR P 456 2.33 16.92 -32.01
CA THR P 456 3.37 16.16 -32.68
C THR P 456 2.90 14.76 -33.02
N ARG P 457 1.63 14.47 -32.79
CA ARG P 457 1.04 13.16 -32.93
C ARG P 457 0.66 12.89 -34.39
N HIS P 458 0.40 11.62 -34.69
CA HIS P 458 0.08 11.17 -36.03
C HIS P 458 -1.29 10.51 -36.05
N GLY P 459 -2.10 10.87 -37.04
CA GLY P 459 -3.42 10.29 -37.15
C GLY P 459 -3.40 8.89 -37.71
N GLN P 460 -4.44 8.12 -37.38
CA GLN P 460 -4.55 6.78 -37.91
C GLN P 460 -5.99 6.31 -37.82
N LEU P 461 -6.32 5.37 -38.69
CA LEU P 461 -7.61 4.70 -38.67
C LEU P 461 -7.59 3.60 -37.63
N LEU P 462 -8.65 3.54 -36.82
CA LEU P 462 -8.81 2.49 -35.82
C LEU P 462 -9.86 1.47 -36.18
N GLN P 463 -11.02 1.91 -36.65
CA GLN P 463 -12.14 1.00 -36.89
C GLN P 463 -13.10 1.64 -37.89
N VAL P 464 -13.38 0.90 -38.97
CA VAL P 464 -14.37 1.30 -39.97
C VAL P 464 -15.39 0.19 -40.05
N GLU P 465 -16.58 0.41 -39.50
CA GLU P 465 -17.65 -0.57 -39.52
C GLU P 465 -18.60 -0.26 -40.67
N GLN P 466 -18.92 -1.27 -41.47
CA GLN P 466 -19.93 -1.16 -42.52
C GLN P 466 -21.20 -1.84 -42.04
N GLY P 467 -22.32 -1.15 -42.15
CA GLY P 467 -23.57 -1.74 -41.73
C GLY P 467 -24.76 -0.86 -42.05
N ARG P 468 -25.80 -1.04 -41.25
CA ARG P 468 -27.09 -0.39 -41.46
C ARG P 468 -27.71 -0.09 -40.11
N TYR P 469 -28.70 0.80 -40.13
CA TYR P 469 -29.57 1.06 -38.99
C TYR P 469 -30.87 0.31 -39.22
N VAL P 470 -31.24 -0.55 -38.27
CA VAL P 470 -32.49 -1.31 -38.33
C VAL P 470 -33.27 -0.95 -37.07
N ASP P 471 -34.33 -0.16 -37.23
CA ASP P 471 -35.20 0.26 -36.13
C ASP P 471 -34.48 1.15 -35.13
N GLY P 472 -33.46 1.89 -35.58
CA GLY P 472 -32.67 2.69 -34.69
C GLY P 472 -31.55 1.96 -34.01
N ARG P 473 -31.18 0.78 -34.50
CA ARG P 473 -30.14 -0.05 -33.92
C ARG P 473 -29.08 -0.27 -34.99
N TRP P 474 -27.82 0.00 -34.64
CA TRP P 474 -26.73 -0.17 -35.60
C TRP P 474 -26.41 -1.65 -35.75
N GLN P 475 -26.31 -2.12 -36.99
CA GLN P 475 -26.04 -3.53 -37.28
C GLN P 475 -24.79 -3.63 -38.14
N MET P 476 -23.65 -3.94 -37.51
CA MET P 476 -22.43 -4.15 -38.27
C MET P 476 -22.58 -5.36 -39.20
N GLU P 477 -22.20 -5.17 -40.46
CA GLU P 477 -22.11 -6.26 -41.44
C GLU P 477 -20.68 -6.75 -41.59
N ARG P 478 -19.73 -5.84 -41.73
CA ARG P 478 -18.32 -6.17 -41.86
C ARG P 478 -17.51 -4.96 -41.39
N GLN P 479 -16.23 -5.19 -41.13
CA GLN P 479 -15.27 -4.12 -40.84
C GLN P 479 -14.34 -3.98 -42.02
N LEU P 480 -14.16 -2.74 -42.50
CA LEU P 480 -13.34 -2.48 -43.67
C LEU P 480 -11.89 -2.26 -43.25
N ASN P 481 -10.98 -2.88 -43.98
CA ASN P 481 -9.55 -2.71 -43.79
C ASN P 481 -8.86 -3.15 -45.08
N GLY P 482 -7.53 -3.09 -45.09
CA GLY P 482 -6.76 -3.54 -46.22
C GLY P 482 -7.12 -2.82 -47.51
N ASP P 483 -7.50 -3.60 -48.53
CA ASP P 483 -7.87 -3.03 -49.81
C ASP P 483 -8.94 -1.96 -49.66
N GLN P 484 -9.99 -2.27 -48.89
CA GLN P 484 -11.14 -1.37 -48.75
C GLN P 484 -10.82 -0.10 -47.98
N THR P 485 -9.59 0.05 -47.53
CA THR P 485 -9.16 1.20 -46.76
C THR P 485 -7.91 1.86 -47.33
N ASP P 486 -7.12 1.13 -48.11
CA ASP P 486 -5.83 1.61 -48.60
C ASP P 486 -5.94 2.91 -49.41
N TYR P 487 -7.08 3.13 -50.07
CA TYR P 487 -7.25 4.26 -50.97
C TYR P 487 -8.48 5.07 -50.59
N GLY P 488 -8.57 5.42 -49.30
CA GLY P 488 -9.75 6.09 -48.79
C GLY P 488 -10.95 5.16 -48.75
N LEU P 489 -12.07 5.71 -48.30
CA LEU P 489 -13.33 4.98 -48.28
C LEU P 489 -14.11 5.30 -49.54
N ASN P 490 -14.51 4.27 -50.27
CA ASN P 490 -15.06 4.42 -51.60
C ASN P 490 -16.52 3.97 -51.63
N PHE P 491 -17.39 4.86 -52.09
CA PHE P 491 -18.82 4.59 -52.28
C PHE P 491 -19.09 4.53 -53.78
N GLY P 492 -19.75 3.45 -54.21
CA GLY P 492 -20.02 3.27 -55.61
C GLY P 492 -21.45 3.57 -56.00
N ARG P 493 -22.09 2.61 -56.64
CA ARG P 493 -23.40 2.81 -57.23
C ARG P 493 -24.39 1.84 -56.61
N THR P 494 -25.66 2.20 -56.67
CA THR P 494 -26.72 1.27 -56.32
C THR P 494 -26.73 0.10 -57.28
N ASP P 495 -26.80 -1.12 -56.74
CA ASP P 495 -26.96 -2.29 -57.59
C ASP P 495 -28.39 -2.37 -58.14
N ALA P 496 -28.58 -3.24 -59.14
CA ALA P 496 -29.89 -3.32 -59.80
C ALA P 496 -30.98 -3.84 -58.87
N ALA P 497 -30.61 -4.48 -57.75
CA ALA P 497 -31.56 -4.93 -56.75
C ALA P 497 -31.95 -3.85 -55.75
N GLY P 498 -31.69 -2.57 -56.05
CA GLY P 498 -32.17 -1.45 -55.27
C GLY P 498 -31.30 -1.03 -54.09
N GLN P 499 -30.29 -1.81 -53.74
CA GLN P 499 -29.54 -1.55 -52.51
C GLN P 499 -28.50 -0.45 -52.71
N PRO P 500 -28.61 0.66 -51.99
CA PRO P 500 -27.70 1.79 -52.23
C PRO P 500 -26.31 1.52 -51.67
N PRO P 501 -25.36 2.43 -51.90
CA PRO P 501 -24.01 2.27 -51.30
C PRO P 501 -24.08 2.26 -49.79
N PRO P 502 -23.04 1.75 -49.10
CA PRO P 502 -23.16 1.47 -47.67
C PRO P 502 -23.12 2.72 -46.82
N VAL P 503 -23.49 2.53 -45.55
CA VAL P 503 -23.25 3.49 -44.48
C VAL P 503 -22.09 2.97 -43.65
N LEU P 504 -21.16 3.86 -43.32
CA LEU P 504 -19.93 3.51 -42.61
C LEU P 504 -19.82 4.29 -41.31
N ARG P 505 -19.33 3.62 -40.26
CA ARG P 505 -19.04 4.24 -38.97
C ARG P 505 -17.53 4.23 -38.79
N VAL P 506 -16.92 5.41 -38.77
CA VAL P 506 -15.49 5.57 -38.82
C VAL P 506 -15.00 6.09 -37.48
N ARG P 507 -14.00 5.42 -36.91
CA ARG P 507 -13.39 5.83 -35.65
C ARG P 507 -11.89 6.01 -35.89
N VAL P 508 -11.37 7.17 -35.54
CA VAL P 508 -9.97 7.50 -35.77
C VAL P 508 -9.28 7.68 -34.41
N GLY P 509 -7.95 7.68 -34.45
CA GLY P 509 -7.16 7.94 -33.27
C GLY P 509 -5.80 8.46 -33.64
N SER P 510 -4.91 8.57 -32.64
CA SER P 510 -3.57 9.07 -32.84
C SER P 510 -2.53 8.18 -32.17
N TYR P 511 -1.26 8.48 -32.43
CA TYR P 511 -0.14 7.81 -31.77
C TYR P 511 1.10 8.72 -31.79
#